data_3NNK
#
_entry.id   3NNK
#
_cell.length_a   142.150
_cell.length_b   149.203
_cell.length_c   197.996
_cell.angle_alpha   90.00
_cell.angle_beta   90.28
_cell.angle_gamma   90.00
#
_symmetry.space_group_name_H-M   'P 1 21 1'
#
loop_
_entity.id
_entity.type
_entity.pdbx_description
1 polymer 'Ureidoglycine-glyoxylate aminotransferase'
2 water water
#
_entity_poly.entity_id   1
_entity_poly.type   'polypeptide(L)'
_entity_poly.pdbx_seq_one_letter_code
;MDITQFSQLNPPSRLLMGPGPINADPRVLRAMSSQLIGQYDPAMTHYMNEVMALYRGVFRTENRWTMLVDGTSRAGIEAI
LVSAIRPGDKVLVPVFGRFGHLLCEIARRCRAEVHTIEVPWGEVFTPDQVEDAVKRIRPRLLLTVQGDTSTTMLQPLAEL
GEICRRYDALFYTDATASLGGNPLETDVWGLDAVSAGMQ(LLP)CLGGPSGTSPITLSARMEEAIRRRKCVEEGIRTDAH
RDGDEEMIYSNYFDLGMVMDYWGPERLNHHTEATTALFGARECARLILQEGLDYGIARHKLHGDALVKGIQAMGLETFGD
LKHKMNNVLGVVIPQGINGDQARKLMLEDFGIEIGTSFGPLHGKVWRIGTMGYNARKDCVMTTLSALEAVLNYLKFPTTQ
GAAMQAAWDHYRSER
;
_entity_poly.pdbx_strand_id   A,B,C,D,E,F,G,H,J,K,L,M,O,P,R,S
#
# COMPACT_ATOMS: atom_id res chain seq x y z
N MET A 1 21.29 40.48 35.83
CA MET A 1 21.06 39.00 35.75
C MET A 1 20.01 38.52 36.76
N ASP A 2 20.23 38.65 38.08
CA ASP A 2 21.47 39.12 38.69
C ASP A 2 22.21 37.92 39.29
N ILE A 3 22.76 38.06 40.49
CA ILE A 3 23.49 36.99 41.15
C ILE A 3 22.85 36.64 42.50
N THR A 4 22.04 37.57 43.01
CA THR A 4 21.36 37.40 44.30
C THR A 4 20.12 36.50 44.19
N GLN A 5 19.47 36.53 43.03
CA GLN A 5 18.27 35.71 42.81
C GLN A 5 18.58 34.22 42.59
N PHE A 6 19.86 33.92 42.38
CA PHE A 6 20.34 32.53 42.34
C PHE A 6 20.80 32.16 43.75
N SER A 7 19.96 31.41 44.46
CA SER A 7 20.20 31.09 45.86
C SER A 7 20.76 29.67 46.06
N GLN A 8 20.88 29.27 47.33
CA GLN A 8 21.29 27.92 47.69
C GLN A 8 20.34 26.88 47.10
N LEU A 9 20.86 25.68 46.88
CA LEU A 9 20.07 24.60 46.30
C LEU A 9 18.96 24.16 47.25
N ASN A 10 17.71 24.26 46.78
CA ASN A 10 16.55 23.91 47.59
C ASN A 10 15.41 23.29 46.77
N PRO A 11 15.53 21.99 46.45
CA PRO A 11 14.43 21.34 45.74
C PRO A 11 13.30 20.96 46.69
N PRO A 12 12.04 21.06 46.23
CA PRO A 12 10.87 20.69 47.02
C PRO A 12 10.88 19.22 47.42
N SER A 13 10.28 18.91 48.57
CA SER A 13 10.14 17.54 49.02
C SER A 13 9.17 16.80 48.11
N ARG A 14 9.62 15.66 47.59
CA ARG A 14 8.82 14.86 46.66
C ARG A 14 8.92 13.38 47.00
N LEU A 15 7.76 12.70 46.93
CA LEU A 15 7.73 11.25 46.92
C LEU A 15 7.57 10.82 45.46
N LEU A 16 8.65 10.29 44.90
CA LEU A 16 8.68 9.94 43.48
C LEU A 16 8.20 8.51 43.24
N MET A 17 6.95 8.40 42.79
CA MET A 17 6.34 7.12 42.48
C MET A 17 6.02 7.01 40.99
N GLY A 18 6.86 7.63 40.16
CA GLY A 18 6.75 7.54 38.72
C GLY A 18 7.67 6.47 38.16
N PRO A 19 7.91 6.49 36.83
CA PRO A 19 8.81 5.52 36.19
C PRO A 19 10.29 5.77 36.48
N GLY A 20 10.64 6.99 36.87
CA GLY A 20 12.04 7.36 37.13
C GLY A 20 12.36 8.78 36.71
N PRO A 21 13.33 9.43 37.39
CA PRO A 21 14.10 8.88 38.51
C PRO A 21 13.26 8.82 39.78
N ILE A 22 13.64 7.95 40.71
CA ILE A 22 12.94 7.85 41.99
C ILE A 22 13.86 8.33 43.12
N ASN A 23 13.29 8.53 44.31
CA ASN A 23 14.06 9.00 45.47
C ASN A 23 15.25 8.12 45.78
N ALA A 24 16.42 8.73 45.83
CA ALA A 24 17.65 8.01 46.18
C ALA A 24 17.66 7.70 47.67
N ASP A 25 18.33 6.60 48.04
CA ASP A 25 18.58 6.28 49.43
C ASP A 25 19.47 7.37 50.04
N PRO A 26 19.06 7.92 51.21
CA PRO A 26 19.82 8.96 51.91
C PRO A 26 21.29 8.65 52.15
N ARG A 27 21.62 7.40 52.45
CA ARG A 27 23.01 6.98 52.65
C ARG A 27 23.86 7.18 51.39
N VAL A 28 23.23 6.99 50.22
CA VAL A 28 23.88 7.21 48.94
C VAL A 28 24.18 8.70 48.73
N LEU A 29 23.20 9.54 49.07
CA LEU A 29 23.34 10.99 48.97
C LEU A 29 24.46 11.51 49.87
N ARG A 30 24.53 10.97 51.08
CA ARG A 30 25.57 11.35 52.05
C ARG A 30 26.96 10.93 51.55
N ALA A 31 27.07 9.71 51.03
CA ALA A 31 28.31 9.24 50.40
C ALA A 31 28.83 10.19 49.31
N MET A 32 27.91 10.71 48.50
CA MET A 32 28.25 11.66 47.42
C MET A 32 28.82 12.99 47.91
N SER A 33 28.54 13.35 49.16
CA SER A 33 29.00 14.63 49.72
C SER A 33 30.42 14.55 50.28
N SER A 34 31.02 13.38 50.18
CA SER A 34 32.36 13.12 50.72
C SER A 34 33.45 13.73 49.86
N GLN A 35 34.58 14.09 50.48
CA GLN A 35 35.70 14.71 49.78
C GLN A 35 36.36 13.77 48.77
N LEU A 36 37.09 14.34 47.83
CA LEU A 36 37.65 13.57 46.70
C LEU A 36 39.13 13.25 46.89
N ILE A 37 39.64 12.35 46.04
CA ILE A 37 41.07 12.05 45.96
C ILE A 37 41.55 12.06 44.51
N GLY A 38 42.86 11.98 44.32
CA GLY A 38 43.47 11.97 42.99
C GLY A 38 43.11 10.74 42.19
N GLN A 39 43.19 10.87 40.85
CA GLN A 39 42.80 9.79 39.93
C GLN A 39 43.40 8.43 40.27
N TYR A 40 44.69 8.42 40.61
CA TYR A 40 45.42 7.17 40.89
C TYR A 40 45.90 7.05 42.34
N ASP A 41 45.18 7.69 43.25
CA ASP A 41 45.44 7.51 44.68
C ASP A 41 45.14 6.06 45.02
N PRO A 42 46.05 5.39 45.77
CA PRO A 42 45.84 4.00 46.17
C PRO A 42 44.43 3.71 46.68
N ALA A 43 43.81 4.69 47.35
CA ALA A 43 42.43 4.56 47.82
C ALA A 43 41.40 4.57 46.70
N MET A 44 41.66 5.32 45.64
CA MET A 44 40.75 5.42 44.50
C MET A 44 40.75 4.15 43.64
N THR A 45 41.94 3.64 43.33
CA THR A 45 42.06 2.39 42.57
C THR A 45 41.54 1.22 43.40
N HIS A 46 41.61 1.36 44.72
CA HIS A 46 41.01 0.40 45.64
C HIS A 46 39.47 0.41 45.55
N TYR A 47 38.87 1.59 45.64
CA TYR A 47 37.41 1.71 45.59
C TYR A 47 36.84 1.24 44.25
N MET A 48 37.56 1.52 43.16
CA MET A 48 37.22 1.01 41.83
C MET A 48 37.15 -0.52 41.83
N ASN A 49 38.11 -1.15 42.50
CA ASN A 49 38.14 -2.61 42.65
C ASN A 49 36.99 -3.14 43.50
N GLU A 50 36.63 -2.39 44.54
CA GLU A 50 35.48 -2.70 45.37
C GLU A 50 34.20 -2.65 44.54
N VAL A 51 34.10 -1.63 43.68
CA VAL A 51 32.95 -1.46 42.79
C VAL A 51 32.83 -2.60 41.77
N MET A 52 33.96 -3.18 41.37
CA MET A 52 33.95 -4.32 40.46
C MET A 52 33.37 -5.57 41.15
N ALA A 53 33.98 -5.98 42.26
CA ALA A 53 33.52 -7.15 43.02
C ALA A 53 32.09 -7.01 43.52
N LEU A 54 31.75 -5.83 44.04
CA LEU A 54 30.40 -5.55 44.53
C LEU A 54 29.34 -5.71 43.44
N TYR A 55 29.65 -5.23 42.23
CA TYR A 55 28.70 -5.37 41.12
C TYR A 55 28.64 -6.75 40.48
N ARG A 56 29.63 -7.59 40.77
CA ARG A 56 29.56 -9.00 40.40
C ARG A 56 28.42 -9.68 41.17
N GLY A 57 28.19 -9.23 42.40
CA GLY A 57 27.11 -9.74 43.24
C GLY A 57 25.72 -9.32 42.78
N VAL A 58 25.56 -8.03 42.50
CA VAL A 58 24.26 -7.45 42.11
C VAL A 58 23.80 -7.97 40.75
N PHE A 59 24.73 -8.17 39.82
CA PHE A 59 24.43 -8.74 38.52
C PHE A 59 24.27 -10.27 38.56
N ARG A 60 24.81 -10.89 39.60
CA ARG A 60 24.84 -12.36 39.75
C ARG A 60 25.76 -13.00 38.70
N THR A 61 27.01 -12.55 38.67
CA THR A 61 28.01 -13.01 37.71
C THR A 61 29.40 -13.16 38.34
N GLU A 62 30.25 -13.95 37.69
CA GLU A 62 31.65 -14.08 38.08
C GLU A 62 32.53 -13.22 37.17
N ASN A 63 31.91 -12.59 36.17
CA ASN A 63 32.61 -11.78 35.16
C ASN A 63 33.65 -10.84 35.75
N ARG A 64 34.90 -11.04 35.35
CA ARG A 64 36.00 -10.16 35.74
C ARG A 64 35.70 -8.73 35.29
N TRP A 65 35.23 -8.58 34.06
CA TRP A 65 34.98 -7.26 33.48
C TRP A 65 33.60 -6.71 33.80
N THR A 66 33.43 -6.37 35.08
CA THR A 66 32.24 -5.71 35.59
C THR A 66 32.68 -4.36 36.14
N MET A 67 32.20 -3.29 35.51
CA MET A 67 32.69 -1.93 35.78
C MET A 67 31.60 -0.88 35.64
N LEU A 68 32.00 0.39 35.60
CA LEU A 68 31.06 1.49 35.40
C LEU A 68 31.32 2.28 34.13
N VAL A 69 30.24 2.70 33.48
CA VAL A 69 30.28 3.65 32.38
C VAL A 69 29.80 5.00 32.90
N ASP A 70 30.60 6.04 32.69
CA ASP A 70 30.27 7.39 33.18
C ASP A 70 29.28 8.08 32.24
N GLY A 71 28.00 7.93 32.54
CA GLY A 71 26.91 8.49 31.75
C GLY A 71 25.60 7.85 32.15
N THR A 72 24.48 8.44 31.73
CA THR A 72 23.16 7.90 32.06
C THR A 72 22.98 6.49 31.50
N SER A 73 21.97 5.77 31.98
CA SER A 73 21.74 4.36 31.62
C SER A 73 21.96 4.04 30.14
N ARG A 74 21.49 4.91 29.25
CA ARG A 74 21.60 4.68 27.81
C ARG A 74 23.01 4.91 27.23
N ALA A 75 23.90 5.46 28.05
CA ALA A 75 25.31 5.61 27.67
C ALA A 75 26.04 4.27 27.78
N GLY A 76 25.62 3.45 28.75
CA GLY A 76 26.13 2.10 28.87
C GLY A 76 25.61 1.21 27.76
N ILE A 77 24.36 1.45 27.36
CA ILE A 77 23.76 0.77 26.21
C ILE A 77 24.55 1.10 24.96
N GLU A 78 24.76 2.39 24.72
CA GLU A 78 25.52 2.84 23.57
C GLU A 78 26.95 2.32 23.64
N ALA A 79 27.56 2.41 24.83
CA ALA A 79 28.91 1.90 25.05
C ALA A 79 29.08 0.46 24.59
N ILE A 80 28.13 -0.40 24.99
CA ILE A 80 28.16 -1.82 24.65
C ILE A 80 27.91 -2.07 23.16
N LEU A 81 26.93 -1.37 22.60
CA LEU A 81 26.52 -1.60 21.22
C LEU A 81 27.46 -0.97 20.19
N VAL A 82 28.14 0.12 20.57
CA VAL A 82 29.14 0.74 19.70
C VAL A 82 30.40 -0.13 19.68
N SER A 83 30.69 -0.78 20.80
CA SER A 83 31.85 -1.66 20.93
C SER A 83 31.65 -3.04 20.30
N ALA A 84 30.41 -3.53 20.29
CA ALA A 84 30.10 -4.87 19.80
C ALA A 84 29.66 -4.93 18.33
N ILE A 85 29.24 -3.78 17.79
CA ILE A 85 28.73 -3.74 16.42
C ILE A 85 29.70 -3.07 15.44
N ARG A 86 30.27 -3.87 14.55
CA ARG A 86 30.94 -3.33 13.36
C ARG A 86 29.84 -2.94 12.38
N PRO A 87 30.06 -1.88 11.58
CA PRO A 87 29.09 -1.51 10.54
C PRO A 87 28.73 -2.69 9.63
N GLY A 88 27.45 -2.84 9.34
CA GLY A 88 26.96 -3.93 8.49
C GLY A 88 26.56 -5.16 9.28
N ASP A 89 27.04 -5.28 10.51
CA ASP A 89 26.69 -6.40 11.39
C ASP A 89 25.19 -6.50 11.61
N LYS A 90 24.70 -7.74 11.65
CA LYS A 90 23.26 -7.98 11.83
C LYS A 90 22.83 -8.06 13.29
N VAL A 91 21.67 -7.47 13.54
CA VAL A 91 21.14 -7.25 14.89
C VAL A 91 19.64 -7.56 14.95
N LEU A 92 19.24 -8.30 15.97
CA LEU A 92 17.82 -8.59 16.21
C LEU A 92 17.32 -7.93 17.48
N VAL A 93 16.23 -7.16 17.37
CA VAL A 93 15.62 -6.49 18.50
C VAL A 93 14.13 -6.83 18.63
N PRO A 94 13.78 -7.68 19.62
CA PRO A 94 12.37 -7.89 19.95
C PRO A 94 11.76 -6.68 20.66
N VAL A 95 11.04 -5.85 19.90
CA VAL A 95 10.39 -4.65 20.44
C VAL A 95 9.03 -5.00 21.05
N PHE A 96 8.86 -4.66 22.32
CA PHE A 96 7.58 -4.83 23.02
C PHE A 96 7.25 -3.61 23.88
N GLY A 97 7.84 -2.47 23.52
CA GLY A 97 7.61 -1.21 24.22
C GLY A 97 8.46 -0.07 23.65
N ARG A 98 8.36 1.09 24.28
CA ARG A 98 9.10 2.30 23.86
C ARG A 98 10.62 2.10 23.87
N PHE A 99 11.11 1.29 24.80
CA PHE A 99 12.56 1.12 24.96
C PHE A 99 13.19 0.11 24.00
N GLY A 100 12.36 -0.75 23.42
CA GLY A 100 12.80 -1.59 22.30
C GLY A 100 13.13 -0.72 21.11
N HIS A 101 12.43 0.40 21.00
CA HIS A 101 12.65 1.38 19.93
C HIS A 101 13.96 2.16 20.11
N LEU A 102 14.35 2.36 21.36
CA LEU A 102 15.64 3.00 21.67
C LEU A 102 16.80 2.13 21.20
N LEU A 103 16.69 0.83 21.43
CA LEU A 103 17.71 -0.14 21.01
C LEU A 103 17.90 -0.15 19.50
N CYS A 104 16.81 0.06 18.77
CA CYS A 104 16.84 0.14 17.30
C CYS A 104 17.62 1.35 16.82
N GLU A 105 17.34 2.51 17.41
CA GLU A 105 18.02 3.75 17.01
C GLU A 105 19.50 3.73 17.35
N ILE A 106 19.83 3.27 18.56
CA ILE A 106 21.23 3.11 18.94
C ILE A 106 21.96 2.18 17.97
N ALA A 107 21.36 1.04 17.66
CA ALA A 107 21.92 0.10 16.68
C ALA A 107 22.08 0.73 15.30
N ARG A 108 21.11 1.56 14.90
CA ARG A 108 21.14 2.28 13.63
C ARG A 108 22.35 3.23 13.51
N ARG A 109 22.67 3.92 14.61
CA ARG A 109 23.78 4.88 14.63
C ARG A 109 25.14 4.21 14.66
N CYS A 110 25.19 2.97 15.14
CA CYS A 110 26.38 2.12 15.07
C CYS A 110 26.55 1.56 13.66
N ARG A 111 25.67 1.98 12.75
CA ARG A 111 25.64 1.55 11.34
C ARG A 111 25.37 0.05 11.14
N ALA A 112 24.52 -0.51 11.99
CA ALA A 112 24.13 -1.92 11.88
C ALA A 112 22.88 -2.10 11.03
N GLU A 113 22.69 -3.30 10.49
CA GLU A 113 21.43 -3.69 9.87
C GLU A 113 20.47 -4.12 10.98
N VAL A 114 19.40 -3.36 11.16
CA VAL A 114 18.49 -3.55 12.29
C VAL A 114 17.24 -4.36 11.93
N HIS A 115 17.23 -5.61 12.37
CA HIS A 115 16.05 -6.47 12.25
C HIS A 115 15.26 -6.44 13.55
N THR A 116 13.94 -6.37 13.43
CA THR A 116 13.07 -6.31 14.60
C THR A 116 11.84 -7.21 14.48
N ILE A 117 11.41 -7.74 15.62
CA ILE A 117 10.13 -8.45 15.72
C ILE A 117 9.24 -7.78 16.77
N GLU A 118 7.92 -7.84 16.54
CA GLU A 118 6.97 -7.08 17.36
C GLU A 118 5.83 -7.90 17.96
N VAL A 119 5.59 -7.65 19.25
CA VAL A 119 4.33 -8.01 19.90
C VAL A 119 3.68 -6.71 20.38
N PRO A 120 2.36 -6.72 20.64
CA PRO A 120 1.75 -5.46 21.07
C PRO A 120 2.06 -5.10 22.52
N TRP A 121 1.88 -3.83 22.87
CA TRP A 121 1.90 -3.38 24.25
C TRP A 121 0.55 -3.76 24.85
N GLY A 122 0.52 -4.42 26.01
CA GLY A 122 1.72 -4.84 26.74
C GLY A 122 1.79 -6.36 26.82
N GLU A 123 2.20 -6.97 25.71
CA GLU A 123 2.45 -8.41 25.66
C GLU A 123 3.95 -8.67 25.67
N VAL A 124 4.31 -9.94 25.83
CA VAL A 124 5.70 -10.33 25.98
C VAL A 124 6.07 -11.42 24.96
N PHE A 125 7.36 -11.58 24.68
CA PHE A 125 7.81 -12.54 23.67
C PHE A 125 7.93 -13.97 24.20
N THR A 126 7.55 -14.92 23.34
CA THR A 126 7.74 -16.35 23.61
C THR A 126 9.12 -16.76 23.07
N PRO A 127 9.81 -17.70 23.76
CA PRO A 127 11.10 -18.22 23.30
C PRO A 127 11.11 -18.72 21.86
N ASP A 128 10.05 -19.42 21.46
CA ASP A 128 9.91 -19.92 20.08
C ASP A 128 9.92 -18.78 19.06
N GLN A 129 9.30 -17.67 19.43
CA GLN A 129 9.20 -16.49 18.56
C GLN A 129 10.54 -15.86 18.27
N VAL A 130 11.38 -15.73 19.30
CA VAL A 130 12.73 -15.18 19.13
C VAL A 130 13.62 -16.19 18.39
N GLU A 131 13.36 -17.47 18.61
CA GLU A 131 14.10 -18.55 17.95
C GLU A 131 13.82 -18.61 16.45
N ASP A 132 12.56 -18.42 16.07
CA ASP A 132 12.15 -18.34 14.66
C ASP A 132 12.77 -17.13 13.95
N ALA A 133 12.88 -16.04 14.69
CA ALA A 133 13.47 -14.80 14.17
C ALA A 133 14.99 -14.91 14.06
N VAL A 134 15.62 -15.57 15.04
CA VAL A 134 17.06 -15.82 15.01
C VAL A 134 17.42 -16.73 13.83
N LYS A 135 16.69 -17.83 13.69
CA LYS A 135 16.85 -18.74 12.56
C LYS A 135 16.76 -18.01 11.22
N ARG A 136 15.81 -17.07 11.13
CA ARG A 136 15.62 -16.26 9.93
C ARG A 136 16.82 -15.38 9.59
N ILE A 137 17.04 -14.34 10.40
CA ILE A 137 17.94 -13.26 10.03
C ILE A 137 19.44 -13.53 10.30
N ARG A 138 19.72 -14.54 11.14
CA ARG A 138 21.11 -14.90 11.49
C ARG A 138 21.86 -13.72 12.14
N PRO A 139 21.48 -13.36 13.38
CA PRO A 139 22.06 -12.15 13.98
C PRO A 139 23.39 -12.39 14.69
N ARG A 140 24.23 -11.35 14.72
CA ARG A 140 25.41 -11.34 15.56
C ARG A 140 24.99 -11.07 17.00
N LEU A 141 23.94 -10.25 17.15
CA LEU A 141 23.45 -9.82 18.46
C LEU A 141 21.94 -9.99 18.61
N LEU A 142 21.53 -10.51 19.76
CA LEU A 142 20.15 -10.41 20.20
C LEU A 142 20.08 -9.30 21.25
N LEU A 143 19.23 -8.31 21.01
CA LEU A 143 19.11 -7.16 21.89
C LEU A 143 17.72 -7.10 22.52
N THR A 144 17.69 -7.18 23.85
CA THR A 144 16.42 -7.10 24.56
C THR A 144 16.43 -6.01 25.63
N VAL A 145 15.24 -5.58 26.00
CA VAL A 145 15.01 -4.88 27.26
C VAL A 145 14.44 -5.96 28.18
N GLN A 146 14.95 -6.06 29.41
CA GLN A 146 14.37 -6.98 30.39
C GLN A 146 13.03 -6.44 30.89
N GLY A 147 13.05 -5.20 31.38
CA GLY A 147 11.84 -4.54 31.87
C GLY A 147 11.62 -3.20 31.21
N ASP A 148 10.53 -3.08 30.46
CA ASP A 148 10.20 -1.86 29.75
C ASP A 148 9.20 -1.03 30.56
N THR A 149 9.70 0.02 31.20
CA THR A 149 8.88 0.88 32.06
C THR A 149 7.70 1.51 31.33
N SER A 150 7.80 1.61 30.00
CA SER A 150 6.74 2.18 29.18
C SER A 150 5.46 1.35 29.17
N THR A 151 5.60 0.04 29.28
CA THR A 151 4.46 -0.88 29.25
C THR A 151 4.37 -1.74 30.53
N THR A 152 5.32 -1.54 31.44
CA THR A 152 5.42 -2.26 32.73
C THR A 152 5.70 -3.75 32.59
N MET A 153 6.02 -4.20 31.38
CA MET A 153 6.19 -5.62 31.10
C MET A 153 7.61 -6.11 31.34
N LEU A 154 7.71 -7.35 31.81
CA LEU A 154 8.99 -7.98 32.14
C LEU A 154 9.21 -9.19 31.25
N GLN A 155 10.17 -9.08 30.32
CA GLN A 155 10.48 -10.16 29.38
C GLN A 155 11.19 -11.32 30.09
N PRO A 156 10.63 -12.54 29.97
CA PRO A 156 11.33 -13.74 30.43
C PRO A 156 12.62 -13.92 29.63
N LEU A 157 13.73 -14.09 30.34
CA LEU A 157 15.05 -14.15 29.72
C LEU A 157 15.69 -15.54 29.83
N ALA A 158 15.29 -16.30 30.84
CA ALA A 158 15.88 -17.60 31.16
C ALA A 158 16.01 -18.58 30.00
N GLU A 159 14.99 -18.63 29.14
CA GLU A 159 14.99 -19.56 28.00
C GLU A 159 15.71 -19.00 26.77
N LEU A 160 16.05 -17.72 26.80
CA LEU A 160 16.62 -17.03 25.63
C LEU A 160 18.12 -17.26 25.43
N GLY A 161 18.86 -17.40 26.52
CA GLY A 161 20.32 -17.59 26.47
C GLY A 161 20.75 -18.85 25.76
N GLU A 162 20.01 -19.94 25.98
CA GLU A 162 20.28 -21.22 25.34
C GLU A 162 20.09 -21.16 23.82
N ILE A 163 18.99 -20.52 23.41
CA ILE A 163 18.71 -20.29 21.99
C ILE A 163 19.91 -19.62 21.32
N CYS A 164 20.43 -18.56 21.95
CA CYS A 164 21.59 -17.82 21.44
C CYS A 164 22.87 -18.65 21.37
N ARG A 165 22.98 -19.66 22.23
CA ARG A 165 24.15 -20.55 22.24
C ARG A 165 24.12 -21.57 21.09
N ARG A 166 22.93 -21.87 20.58
CA ARG A 166 22.78 -22.82 19.48
C ARG A 166 23.05 -22.18 18.11
N TYR A 167 22.77 -20.88 18.00
CA TYR A 167 22.89 -20.18 16.73
C TYR A 167 24.01 -19.13 16.71
N ASP A 168 24.78 -19.10 17.80
CA ASP A 168 25.98 -18.26 17.92
C ASP A 168 25.70 -16.75 17.89
N ALA A 169 24.57 -16.36 18.49
CA ALA A 169 24.24 -14.94 18.63
C ALA A 169 24.71 -14.45 20.00
N LEU A 170 25.24 -13.24 20.05
CA LEU A 170 25.62 -12.61 21.31
C LEU A 170 24.39 -12.03 21.99
N PHE A 171 24.24 -12.32 23.28
CA PHE A 171 23.02 -11.97 24.02
C PHE A 171 23.24 -10.81 24.99
N TYR A 172 22.63 -9.67 24.65
CA TYR A 172 22.64 -8.46 25.49
C TYR A 172 21.29 -8.19 26.10
N THR A 173 21.27 -7.54 27.27
CA THR A 173 20.02 -7.04 27.85
C THR A 173 20.13 -5.68 28.55
N ASP A 174 19.11 -4.86 28.36
CA ASP A 174 18.96 -3.59 29.07
C ASP A 174 18.17 -3.87 30.33
N ALA A 175 18.85 -3.78 31.49
CA ALA A 175 18.24 -4.13 32.77
C ALA A 175 18.17 -2.95 33.74
N THR A 176 18.33 -1.73 33.21
CA THR A 176 18.32 -0.50 34.02
C THR A 176 17.08 -0.40 34.92
N ALA A 177 15.94 -0.79 34.37
CA ALA A 177 14.67 -0.70 35.07
C ALA A 177 14.42 -1.89 36.00
N SER A 178 15.03 -3.03 35.68
CA SER A 178 14.74 -4.28 36.37
C SER A 178 15.71 -4.66 37.48
N LEU A 179 17.00 -4.38 37.30
CA LEU A 179 18.04 -4.79 38.26
C LEU A 179 17.74 -4.31 39.68
N GLY A 180 17.73 -5.25 40.62
CA GLY A 180 17.47 -4.95 42.03
C GLY A 180 16.02 -5.14 42.43
N GLY A 181 15.11 -5.06 41.46
CA GLY A 181 13.68 -5.21 41.72
C GLY A 181 13.11 -6.52 41.20
N ASN A 182 13.83 -7.13 40.26
CA ASN A 182 13.43 -8.38 39.61
C ASN A 182 14.63 -9.29 39.42
N PRO A 183 14.41 -10.61 39.32
CA PRO A 183 15.52 -11.55 39.10
C PRO A 183 16.29 -11.28 37.81
N LEU A 184 17.62 -11.37 37.90
CA LEU A 184 18.49 -11.33 36.74
C LEU A 184 19.73 -12.20 37.00
N GLU A 185 19.68 -13.43 36.51
CA GLU A 185 20.77 -14.38 36.67
C GLU A 185 21.69 -14.29 35.44
N THR A 186 22.60 -13.31 35.47
CA THR A 186 23.47 -13.00 34.32
C THR A 186 24.19 -14.24 33.78
N ASP A 187 25.00 -14.87 34.62
CA ASP A 187 25.79 -16.05 34.22
C ASP A 187 24.94 -17.31 34.02
N VAL A 188 23.90 -17.46 34.83
CA VAL A 188 23.02 -18.63 34.73
C VAL A 188 22.19 -18.60 33.46
N TRP A 189 21.81 -17.41 33.02
CA TRP A 189 21.03 -17.25 31.79
C TRP A 189 21.90 -17.01 30.55
N GLY A 190 23.22 -17.06 30.74
CA GLY A 190 24.18 -16.99 29.62
C GLY A 190 24.20 -15.67 28.86
N LEU A 191 24.16 -14.56 29.61
CA LEU A 191 24.22 -13.24 29.01
C LEU A 191 25.67 -12.82 28.72
N ASP A 192 25.83 -12.03 27.67
CA ASP A 192 27.14 -11.57 27.23
C ASP A 192 27.43 -10.15 27.70
N ALA A 193 26.37 -9.34 27.74
CA ALA A 193 26.47 -7.95 28.18
C ALA A 193 25.18 -7.51 28.86
N VAL A 194 25.32 -6.90 30.04
CA VAL A 194 24.19 -6.29 30.75
C VAL A 194 24.54 -4.84 31.07
N SER A 195 23.56 -3.95 30.95
CA SER A 195 23.72 -2.56 31.34
C SER A 195 22.55 -2.12 32.22
N ALA A 196 22.87 -1.36 33.27
CA ALA A 196 21.87 -0.94 34.24
C ALA A 196 21.88 0.57 34.47
N GLY A 197 21.04 1.02 35.39
CA GLY A 197 20.96 2.42 35.78
C GLY A 197 20.94 2.54 37.28
N MET A 198 21.11 3.75 37.78
CA MET A 198 21.13 4.00 39.21
C MET A 198 19.75 4.38 39.71
N GLN A 199 19.01 5.12 38.88
CA GLN A 199 17.83 5.87 39.31
C GLN A 199 16.52 5.10 39.48
N1 LLP A 200 16.30 1.91 29.90
C2 LLP A 200 15.15 1.45 30.42
C2' LLP A 200 14.73 0.06 30.10
C3 LLP A 200 14.38 2.23 31.30
O3 LLP A 200 13.22 1.75 31.79
C4 LLP A 200 14.81 3.51 31.61
C4' LLP A 200 13.96 4.40 32.50
C5 LLP A 200 16.00 3.97 31.03
C6 LLP A 200 16.74 3.14 30.17
C5' LLP A 200 16.55 5.36 31.29
OP4 LLP A 200 17.85 5.59 30.84
P LLP A 200 18.57 6.96 31.10
OP1 LLP A 200 17.55 8.10 31.01
OP2 LLP A 200 19.62 7.17 30.02
OP3 LLP A 200 19.23 6.95 32.45
N LLP A 200 16.58 3.77 39.42
CA LLP A 200 15.37 2.98 39.49
CB LLP A 200 15.12 2.12 38.23
CG LLP A 200 14.21 2.74 37.18
CD LLP A 200 14.85 3.50 36.04
CE LLP A 200 14.03 3.68 34.80
NZ LLP A 200 14.44 4.73 33.86
C LLP A 200 15.28 2.17 40.79
O LLP A 200 14.76 2.70 41.78
N CYS A 201 15.77 0.94 40.79
CA CYS A 201 15.72 0.08 41.98
C CYS A 201 17.00 0.12 42.81
N LEU A 202 18.05 0.76 42.28
CA LEU A 202 19.34 0.86 42.96
C LEU A 202 19.37 2.04 43.95
N GLY A 203 18.94 3.22 43.50
CA GLY A 203 18.65 4.37 44.37
C GLY A 203 19.78 5.19 44.98
N GLY A 204 20.50 5.97 44.18
CA GLY A 204 20.36 5.99 42.73
C GLY A 204 20.05 7.33 42.05
N PRO A 205 21.05 8.22 41.96
CA PRO A 205 20.89 9.38 41.08
C PRO A 205 21.37 9.04 39.66
N SER A 206 20.59 9.45 38.65
CA SER A 206 20.96 9.12 37.27
C SER A 206 22.31 9.74 36.90
N GLY A 207 23.01 9.09 35.98
CA GLY A 207 24.32 9.57 35.53
C GLY A 207 25.41 8.52 35.49
N THR A 208 25.07 7.30 35.90
CA THR A 208 26.00 6.17 35.86
C THR A 208 25.29 4.93 35.34
N SER A 209 25.99 4.17 34.49
CA SER A 209 25.48 2.91 33.98
C SER A 209 26.44 1.75 34.29
N PRO A 210 26.07 0.91 35.28
CA PRO A 210 26.85 -0.29 35.54
C PRO A 210 26.70 -1.28 34.39
N ILE A 211 27.81 -1.89 33.99
CA ILE A 211 27.80 -2.91 32.95
C ILE A 211 28.58 -4.15 33.37
N THR A 212 28.24 -5.28 32.78
CA THR A 212 29.03 -6.51 32.94
C THR A 212 29.20 -7.20 31.59
N LEU A 213 30.39 -7.75 31.36
CA LEU A 213 30.72 -8.36 30.08
C LEU A 213 31.28 -9.77 30.29
N SER A 214 30.71 -10.74 29.59
CA SER A 214 31.15 -12.14 29.67
C SER A 214 32.49 -12.32 28.98
N ALA A 215 33.16 -13.44 29.27
CA ALA A 215 34.46 -13.76 28.68
C ALA A 215 34.46 -13.72 27.15
N ARG A 216 33.34 -14.10 26.54
CA ARG A 216 33.20 -14.09 25.08
C ARG A 216 33.08 -12.67 24.51
N MET A 217 32.40 -11.79 25.25
CA MET A 217 32.25 -10.39 24.84
C MET A 217 33.56 -9.62 24.81
N GLU A 218 34.41 -9.82 25.83
CA GLU A 218 35.70 -9.14 25.88
C GLU A 218 36.58 -9.51 24.70
N GLU A 219 36.49 -10.78 24.27
CA GLU A 219 37.20 -11.27 23.10
C GLU A 219 36.77 -10.50 21.86
N ALA A 220 35.46 -10.31 21.70
CA ALA A 220 34.89 -9.56 20.58
C ALA A 220 35.30 -8.08 20.60
N ILE A 221 35.41 -7.50 21.79
CA ILE A 221 35.81 -6.10 21.94
C ILE A 221 37.31 -5.90 21.76
N ARG A 222 38.11 -6.82 22.32
CA ARG A 222 39.57 -6.77 22.18
C ARG A 222 40.07 -7.00 20.74
N ARG A 223 39.20 -7.59 19.90
CA ARG A 223 39.49 -7.71 18.47
C ARG A 223 39.45 -6.35 17.79
N ARG A 224 38.73 -5.40 18.39
CA ARG A 224 38.60 -4.05 17.86
C ARG A 224 39.56 -3.06 18.54
N LYS A 225 40.51 -3.58 19.31
CA LYS A 225 41.44 -2.77 20.08
C LYS A 225 42.13 -1.69 19.24
N CYS A 226 42.14 -0.48 19.79
CA CYS A 226 42.83 0.67 19.21
C CYS A 226 42.96 1.73 20.29
N VAL A 227 44.20 2.06 20.67
CA VAL A 227 44.44 2.95 21.80
C VAL A 227 44.55 4.41 21.32
N GLU A 228 43.89 5.31 22.05
CA GLU A 228 43.89 6.74 21.77
C GLU A 228 45.31 7.31 21.73
N GLU A 229 45.59 8.03 20.63
CA GLU A 229 46.90 8.59 20.29
C GLU A 229 47.71 9.17 21.45
N GLY A 230 47.07 9.98 22.28
CA GLY A 230 47.72 10.67 23.39
C GLY A 230 48.30 9.77 24.47
N ILE A 231 47.65 8.64 24.72
CA ILE A 231 48.09 7.67 25.72
C ILE A 231 48.59 6.38 25.08
N ARG A 232 48.93 6.46 23.81
CA ARG A 232 49.42 5.31 23.05
C ARG A 232 50.94 5.22 23.11
N THR A 233 51.44 4.00 23.34
CA THR A 233 52.88 3.73 23.37
C THR A 233 53.27 2.75 22.26
N ASP A 234 54.58 2.48 22.16
CA ASP A 234 55.11 1.57 21.14
C ASP A 234 54.76 0.10 21.40
N ALA A 235 54.46 -0.23 22.66
CA ALA A 235 54.04 -1.58 23.04
C ALA A 235 52.59 -1.87 22.67
N HIS A 236 51.81 -0.81 22.42
CA HIS A 236 50.41 -0.93 22.04
C HIS A 236 50.26 -1.28 20.56
N ARG A 237 49.30 -2.17 20.28
CA ARG A 237 48.93 -2.48 18.89
C ARG A 237 47.43 -2.64 18.72
N ASP A 238 46.98 -2.39 17.50
CA ASP A 238 45.56 -2.52 17.13
C ASP A 238 45.15 -3.99 17.07
N GLY A 239 43.85 -4.23 17.28
CA GLY A 239 43.28 -5.56 17.09
C GLY A 239 43.20 -5.92 15.62
N ASP A 240 42.64 -7.08 15.33
CA ASP A 240 42.54 -7.54 13.94
C ASP A 240 41.26 -7.05 13.24
N GLU A 241 40.49 -6.22 13.94
CA GLU A 241 39.25 -5.68 13.38
C GLU A 241 39.20 -4.16 13.49
N GLU A 242 38.25 -3.55 12.78
CA GLU A 242 38.11 -2.10 12.72
C GLU A 242 37.83 -1.49 14.09
N MET A 243 38.42 -0.31 14.31
CA MET A 243 38.25 0.43 15.56
C MET A 243 36.78 0.68 15.90
N ILE A 244 36.50 0.81 17.20
CA ILE A 244 35.19 1.23 17.67
C ILE A 244 35.04 2.72 17.37
N TYR A 245 33.94 3.08 16.69
CA TYR A 245 33.76 4.45 16.21
C TYR A 245 33.27 5.40 17.31
N SER A 246 34.14 5.58 18.31
CA SER A 246 33.90 6.41 19.48
C SER A 246 35.12 6.29 20.37
N ASN A 247 35.60 7.41 20.89
CA ASN A 247 36.69 7.40 21.87
C ASN A 247 36.18 7.11 23.28
N TYR A 248 35.08 7.77 23.64
CA TYR A 248 34.49 7.68 24.98
C TYR A 248 33.82 6.33 25.23
N PHE A 249 33.12 5.81 24.22
CA PHE A 249 32.39 4.55 24.34
C PHE A 249 33.17 3.32 23.87
N ASP A 250 34.48 3.49 23.64
CA ASP A 250 35.37 2.37 23.35
C ASP A 250 35.58 1.58 24.64
N LEU A 251 34.93 0.42 24.74
CA LEU A 251 34.95 -0.38 25.97
C LEU A 251 36.25 -1.14 26.23
N GLY A 252 37.10 -1.24 25.21
CA GLY A 252 38.43 -1.83 25.37
C GLY A 252 39.33 -1.00 26.25
N MET A 253 39.37 0.30 25.98
CA MET A 253 40.16 1.26 26.75
C MET A 253 39.62 1.46 28.16
N VAL A 254 38.29 1.46 28.29
CA VAL A 254 37.63 1.52 29.60
C VAL A 254 38.03 0.29 30.42
N MET A 255 38.00 -0.88 29.78
CA MET A 255 38.50 -2.12 30.38
C MET A 255 39.97 -2.01 30.80
N ASP A 256 40.76 -1.33 29.97
CA ASP A 256 42.18 -1.11 30.26
C ASP A 256 42.40 -0.13 31.42
N TYR A 257 41.47 0.82 31.57
CA TYR A 257 41.51 1.80 32.67
C TYR A 257 41.20 1.14 34.01
N TRP A 258 40.18 0.28 34.02
CA TRP A 258 39.76 -0.45 35.22
C TRP A 258 40.65 -1.64 35.54
N GLY A 259 41.51 -2.02 34.59
CA GLY A 259 42.44 -3.13 34.76
C GLY A 259 43.79 -2.69 35.32
N PRO A 260 44.68 -3.66 35.58
CA PRO A 260 46.00 -3.42 36.21
C PRO A 260 46.89 -2.40 35.52
N GLU A 261 46.73 -2.23 34.21
CA GLU A 261 47.52 -1.26 33.44
C GLU A 261 47.16 0.20 33.78
N ARG A 262 45.91 0.41 34.19
CA ARG A 262 45.41 1.74 34.62
C ARG A 262 45.56 2.81 33.53
N LEU A 263 45.47 2.37 32.27
CA LEU A 263 45.57 3.20 31.08
C LEU A 263 44.62 4.41 31.14
N ASN A 264 45.19 5.62 31.06
CA ASN A 264 44.48 6.87 31.35
C ASN A 264 43.43 7.29 30.31
N HIS A 265 42.29 6.60 30.32
CA HIS A 265 41.24 6.83 29.32
C HIS A 265 40.42 8.11 29.57
N HIS A 266 40.00 8.29 30.82
CA HIS A 266 39.27 9.48 31.26
C HIS A 266 39.45 9.64 32.76
N THR A 267 39.00 10.77 33.30
CA THR A 267 38.99 10.97 34.74
C THR A 267 37.67 10.43 35.31
N GLU A 268 37.74 9.24 35.90
CA GLU A 268 36.57 8.57 36.49
C GLU A 268 35.81 9.51 37.44
N ALA A 269 34.48 9.49 37.31
CA ALA A 269 33.61 10.32 38.13
C ALA A 269 33.65 9.87 39.59
N THR A 270 34.36 10.64 40.42
CA THR A 270 34.62 10.27 41.82
C THR A 270 33.33 10.20 42.65
N THR A 271 32.56 11.28 42.60
CA THR A 271 31.28 11.39 43.30
C THR A 271 30.31 10.27 42.90
N ALA A 272 30.09 10.14 41.59
CA ALA A 272 29.19 9.12 41.05
C ALA A 272 29.66 7.70 41.38
N LEU A 273 30.97 7.52 41.55
CA LEU A 273 31.54 6.24 41.95
C LEU A 273 31.28 5.94 43.43
N PHE A 274 31.25 6.98 44.25
CA PHE A 274 30.90 6.83 45.67
C PHE A 274 29.43 6.43 45.81
N GLY A 275 28.58 7.08 45.02
CA GLY A 275 27.15 6.78 44.97
C GLY A 275 26.88 5.37 44.50
N ALA A 276 27.46 5.02 43.36
CA ALA A 276 27.31 3.69 42.76
C ALA A 276 27.87 2.59 43.65
N ARG A 277 28.94 2.91 44.39
CA ARG A 277 29.52 2.00 45.36
C ARG A 277 28.52 1.69 46.48
N GLU A 278 27.85 2.73 46.98
CA GLU A 278 26.86 2.58 48.06
C GLU A 278 25.66 1.75 47.63
N CYS A 279 25.05 2.12 46.51
CA CYS A 279 23.88 1.43 45.98
C CYS A 279 24.06 -0.09 46.03
N ALA A 280 25.14 -0.57 45.42
CA ALA A 280 25.47 -2.00 45.41
C ALA A 280 25.77 -2.56 46.79
N ARG A 281 26.47 -1.76 47.61
CA ARG A 281 26.84 -2.15 48.96
C ARG A 281 25.59 -2.37 49.82
N LEU A 282 24.66 -1.42 49.77
CA LEU A 282 23.41 -1.49 50.51
C LEU A 282 22.53 -2.65 50.04
N ILE A 283 22.45 -2.82 48.72
CA ILE A 283 21.67 -3.92 48.13
C ILE A 283 22.15 -5.29 48.63
N LEU A 284 23.45 -5.44 48.79
CA LEU A 284 24.03 -6.71 49.24
C LEU A 284 24.07 -6.89 50.77
N GLN A 285 23.82 -5.81 51.52
CA GLN A 285 23.68 -5.89 52.97
C GLN A 285 22.31 -6.48 53.33
N GLU A 286 21.28 -5.98 52.67
CA GLU A 286 19.92 -6.50 52.77
C GLU A 286 19.83 -7.87 52.10
N GLY A 287 20.56 -8.02 50.99
CA GLY A 287 20.55 -9.25 50.20
C GLY A 287 19.66 -9.08 48.98
N LEU A 288 20.20 -9.41 47.81
CA LEU A 288 19.48 -9.27 46.55
C LEU A 288 18.15 -10.04 46.55
N ASP A 289 18.19 -11.29 47.03
CA ASP A 289 17.00 -12.13 47.16
C ASP A 289 15.88 -11.48 47.98
N TYR A 290 16.26 -10.73 49.02
CA TYR A 290 15.29 -10.01 49.84
C TYR A 290 14.90 -8.67 49.23
N GLY A 291 15.82 -8.07 48.47
CA GLY A 291 15.54 -6.85 47.72
C GLY A 291 14.45 -7.09 46.70
N ILE A 292 14.57 -8.19 45.96
CA ILE A 292 13.56 -8.58 44.97
C ILE A 292 12.22 -8.91 45.63
N ALA A 293 12.26 -9.67 46.72
CA ALA A 293 11.06 -10.07 47.47
C ALA A 293 10.29 -8.89 48.06
N ARG A 294 11.02 -7.84 48.44
CA ARG A 294 10.43 -6.60 48.96
C ARG A 294 9.67 -5.85 47.87
N HIS A 295 10.28 -5.71 46.70
CA HIS A 295 9.64 -5.07 45.54
C HIS A 295 8.36 -5.81 45.15
N LYS A 296 8.41 -7.14 45.16
CA LYS A 296 7.25 -7.98 44.86
C LYS A 296 6.11 -7.74 45.85
N LEU A 297 6.44 -7.73 47.14
CA LEU A 297 5.47 -7.55 48.22
C LEU A 297 4.72 -6.21 48.11
N HIS A 298 5.46 -5.12 48.04
CA HIS A 298 4.86 -3.78 47.97
C HIS A 298 4.26 -3.48 46.60
N GLY A 299 4.82 -4.11 45.56
CA GLY A 299 4.29 -4.00 44.20
C GLY A 299 2.92 -4.63 44.05
N ASP A 300 2.78 -5.84 44.61
CA ASP A 300 1.49 -6.56 44.63
C ASP A 300 0.46 -5.86 45.50
N ALA A 301 0.92 -5.26 46.59
CA ALA A 301 0.03 -4.51 47.50
C ALA A 301 -0.57 -3.30 46.80
N LEU A 302 0.18 -2.72 45.86
CA LEU A 302 -0.29 -1.58 45.07
C LEU A 302 -1.41 -1.99 44.10
N VAL A 303 -1.21 -3.09 43.38
CA VAL A 303 -2.21 -3.56 42.41
C VAL A 303 -3.50 -4.04 43.08
N LYS A 304 -3.37 -4.67 44.25
CA LYS A 304 -4.53 -5.12 45.03
C LYS A 304 -5.40 -3.95 45.49
N GLY A 305 -4.73 -2.88 45.94
CA GLY A 305 -5.41 -1.65 46.33
C GLY A 305 -6.03 -0.90 45.17
N ILE A 306 -5.32 -0.90 44.04
CA ILE A 306 -5.81 -0.28 42.80
C ILE A 306 -7.05 -1.00 42.27
N GLN A 307 -7.04 -2.34 42.32
CA GLN A 307 -8.15 -3.14 41.86
C GLN A 307 -9.39 -2.95 42.74
N ALA A 308 -9.18 -2.93 44.06
CA ALA A 308 -10.24 -2.64 45.01
C ALA A 308 -10.82 -1.25 44.82
N MET A 309 -9.98 -0.32 44.34
CA MET A 309 -10.39 1.06 44.07
C MET A 309 -11.32 1.16 42.84
N GLY A 310 -11.39 0.09 42.06
CA GLY A 310 -12.30 0.01 40.91
C GLY A 310 -11.68 0.38 39.59
N LEU A 311 -10.34 0.37 39.54
CA LEU A 311 -9.59 0.77 38.36
C LEU A 311 -9.13 -0.42 37.52
N GLU A 312 -8.94 -0.18 36.22
CA GLU A 312 -8.39 -1.18 35.31
C GLU A 312 -6.87 -1.04 35.25
N THR A 313 -6.21 -2.12 34.87
CA THR A 313 -4.75 -2.15 34.73
C THR A 313 -4.34 -2.49 33.29
N PHE A 314 -3.13 -2.10 32.92
CA PHE A 314 -2.63 -2.30 31.56
C PHE A 314 -1.77 -3.56 31.41
N GLY A 315 -1.99 -4.27 30.31
CA GLY A 315 -1.11 -5.37 29.91
C GLY A 315 -1.24 -6.66 30.69
N ASP A 316 -0.40 -7.62 30.32
CA ASP A 316 -0.40 -8.96 30.92
C ASP A 316 0.19 -8.93 32.33
N LEU A 317 -0.65 -9.26 33.32
CA LEU A 317 -0.25 -9.25 34.72
C LEU A 317 0.67 -10.42 35.07
N LYS A 318 0.63 -11.46 34.25
CA LYS A 318 1.47 -12.65 34.43
C LYS A 318 2.96 -12.29 34.38
N HIS A 319 3.29 -11.29 33.58
CA HIS A 319 4.68 -10.89 33.35
C HIS A 319 4.98 -9.45 33.77
N LYS A 320 4.09 -8.88 34.57
CA LYS A 320 4.26 -7.49 35.04
C LYS A 320 5.52 -7.35 35.89
N MET A 321 6.21 -6.22 35.73
CA MET A 321 7.36 -5.89 36.57
C MET A 321 6.93 -5.74 38.02
N ASN A 322 7.78 -6.18 38.93
CA ASN A 322 7.56 -6.01 40.37
C ASN A 322 7.52 -4.55 40.80
N ASN A 323 8.26 -3.71 40.07
CA ASN A 323 8.48 -2.31 40.48
C ASN A 323 7.57 -1.24 39.87
N VAL A 324 6.76 -1.59 38.88
CA VAL A 324 5.87 -0.62 38.24
C VAL A 324 4.47 -1.19 37.93
N LEU A 325 3.49 -0.31 37.83
CA LEU A 325 2.12 -0.68 37.50
C LEU A 325 1.50 0.31 36.52
N GLY A 326 0.81 -0.21 35.52
CA GLY A 326 0.04 0.61 34.58
C GLY A 326 -1.41 0.68 35.03
N VAL A 327 -1.90 1.90 35.25
CA VAL A 327 -3.27 2.12 35.72
C VAL A 327 -4.07 2.90 34.69
N VAL A 328 -5.16 2.29 34.20
CA VAL A 328 -6.00 2.90 33.17
C VAL A 328 -6.78 4.08 33.74
N ILE A 329 -6.54 5.26 33.17
CA ILE A 329 -7.25 6.48 33.56
C ILE A 329 -8.73 6.32 33.23
N PRO A 330 -9.60 6.40 34.25
CA PRO A 330 -11.03 6.26 34.00
C PRO A 330 -11.52 7.39 33.10
N GLN A 331 -12.69 7.21 32.49
CA GLN A 331 -13.30 8.27 31.70
C GLN A 331 -14.42 8.95 32.50
N GLY A 332 -14.63 10.25 32.32
CA GLY A 332 -13.79 11.10 31.49
C GLY A 332 -12.85 11.92 32.35
N ILE A 333 -12.12 11.23 33.22
CA ILE A 333 -11.15 11.83 34.12
C ILE A 333 -9.94 12.34 33.34
N ASN A 334 -9.48 13.53 33.68
CA ASN A 334 -8.27 14.10 33.11
C ASN A 334 -7.03 13.58 33.83
N GLY A 335 -6.16 12.91 33.09
CA GLY A 335 -4.92 12.33 33.62
C GLY A 335 -3.91 13.37 34.06
N ASP A 336 -3.76 14.41 33.24
CA ASP A 336 -2.84 15.52 33.54
C ASP A 336 -3.27 16.27 34.81
N GLN A 337 -4.58 16.42 34.98
CA GLN A 337 -5.14 17.09 36.16
C GLN A 337 -4.90 16.29 37.44
N ALA A 338 -5.02 14.97 37.34
CA ALA A 338 -4.74 14.08 38.46
C ALA A 338 -3.27 14.15 38.85
N ARG A 339 -2.39 14.11 37.85
CA ARG A 339 -0.95 14.26 38.03
C ARG A 339 -0.60 15.61 38.65
N LYS A 340 -1.23 16.67 38.15
CA LYS A 340 -1.06 18.02 38.67
C LYS A 340 -1.47 18.11 40.14
N LEU A 341 -2.58 17.47 40.49
CA LEU A 341 -3.09 17.49 41.86
C LEU A 341 -2.37 16.52 42.81
N MET A 342 -1.71 15.51 42.25
CA MET A 342 -0.88 14.61 43.05
C MET A 342 0.44 15.29 43.44
N LEU A 343 1.05 15.97 42.47
CA LEU A 343 2.31 16.67 42.67
C LEU A 343 2.13 17.91 43.55
N GLU A 344 1.30 18.84 43.09
CA GLU A 344 1.13 20.15 43.73
C GLU A 344 0.44 20.11 45.08
N ASP A 345 -0.34 19.07 45.34
CA ASP A 345 -1.15 18.99 46.56
C ASP A 345 -0.73 17.92 47.56
N PHE A 346 -0.07 16.86 47.10
CA PHE A 346 0.33 15.77 47.99
C PHE A 346 1.85 15.55 48.03
N GLY A 347 2.57 16.21 47.13
CA GLY A 347 4.02 16.04 47.01
C GLY A 347 4.38 14.65 46.52
N ILE A 348 3.49 14.06 45.72
CA ILE A 348 3.67 12.72 45.17
C ILE A 348 3.64 12.79 43.65
N GLU A 349 4.70 12.32 43.01
CA GLU A 349 4.75 12.29 41.56
C GLU A 349 4.39 10.90 41.03
N ILE A 350 3.37 10.86 40.19
CA ILE A 350 2.99 9.65 39.45
C ILE A 350 3.26 9.89 37.96
N GLY A 351 3.60 8.83 37.24
CA GLY A 351 4.02 8.95 35.86
C GLY A 351 2.91 9.01 34.83
N THR A 352 3.17 9.74 33.75
CA THR A 352 2.31 9.70 32.57
C THR A 352 2.93 8.73 31.56
N SER A 353 2.10 8.19 30.68
CA SER A 353 2.58 7.36 29.59
C SER A 353 2.78 8.21 28.35
N PHE A 354 3.96 8.09 27.74
CA PHE A 354 4.26 8.79 26.49
C PHE A 354 3.65 8.07 25.29
N GLY A 355 3.62 8.76 24.15
CA GLY A 355 3.22 8.17 22.87
C GLY A 355 1.78 7.71 22.77
N PRO A 356 1.57 6.45 22.35
CA PRO A 356 0.23 5.92 22.04
C PRO A 356 -0.57 5.54 23.29
N LEU A 357 -0.15 6.03 24.45
CA LEU A 357 -0.81 5.74 25.71
C LEU A 357 -1.02 6.97 26.59
N HIS A 358 -0.76 8.15 26.04
CA HIS A 358 -0.92 9.41 26.77
C HIS A 358 -2.38 9.72 27.06
N GLY A 359 -2.66 10.06 28.32
CA GLY A 359 -4.03 10.34 28.77
C GLY A 359 -4.87 9.10 28.90
N LYS A 360 -4.24 7.93 28.74
CA LYS A 360 -4.93 6.65 28.80
C LYS A 360 -4.51 5.84 30.03
N VAL A 361 -3.23 5.93 30.39
CA VAL A 361 -2.65 5.12 31.46
C VAL A 361 -1.62 5.91 32.26
N TRP A 362 -1.69 5.77 33.59
CA TRP A 362 -0.64 6.28 34.48
C TRP A 362 0.35 5.16 34.78
N ARG A 363 1.59 5.55 35.10
CA ARG A 363 2.61 4.59 35.51
C ARG A 363 3.07 4.89 36.93
N ILE A 364 2.65 4.04 37.87
CA ILE A 364 2.98 4.21 39.28
C ILE A 364 4.05 3.21 39.70
N GLY A 365 5.22 3.73 40.05
CA GLY A 365 6.35 2.90 40.43
C GLY A 365 6.56 2.79 41.93
N THR A 366 6.89 1.57 42.37
CA THR A 366 7.24 1.30 43.77
C THR A 366 8.67 0.76 43.80
N MET A 367 9.64 1.67 43.70
CA MET A 367 11.02 1.27 43.38
C MET A 367 12.05 1.55 44.48
N GLY A 368 13.06 0.68 44.54
CA GLY A 368 14.23 0.85 45.41
C GLY A 368 13.94 1.35 46.81
N TYR A 369 14.33 2.60 47.06
CA TYR A 369 14.15 3.22 48.36
C TYR A 369 12.68 3.49 48.68
N ASN A 370 11.87 3.71 47.65
CA ASN A 370 10.44 3.92 47.81
C ASN A 370 9.61 2.65 47.67
N ALA A 371 10.27 1.51 47.58
CA ALA A 371 9.59 0.22 47.64
C ALA A 371 9.36 -0.12 49.11
N ARG A 372 8.52 0.70 49.74
CA ARG A 372 8.22 0.56 51.16
C ARG A 372 6.71 0.55 51.38
N LYS A 373 6.29 -0.03 52.50
CA LYS A 373 4.89 -0.10 52.90
C LYS A 373 4.25 1.28 52.99
N ASP A 374 4.98 2.23 53.59
CA ASP A 374 4.46 3.58 53.83
C ASP A 374 4.35 4.42 52.55
N CYS A 375 5.10 4.05 51.53
CA CYS A 375 5.03 4.69 50.22
C CYS A 375 3.78 4.25 49.46
N VAL A 376 3.45 2.96 49.56
CA VAL A 376 2.28 2.40 48.90
C VAL A 376 1.00 3.01 49.48
N MET A 377 0.87 2.96 50.80
CA MET A 377 -0.26 3.52 51.53
C MET A 377 -0.58 4.96 51.17
N THR A 378 0.46 5.80 51.14
CA THR A 378 0.29 7.24 50.89
C THR A 378 -0.12 7.53 49.44
N THR A 379 0.42 6.77 48.49
CA THR A 379 0.08 6.96 47.07
C THR A 379 -1.38 6.57 46.79
N LEU A 380 -1.83 5.47 47.39
CA LEU A 380 -3.19 4.97 47.21
C LEU A 380 -4.25 5.94 47.76
N SER A 381 -4.03 6.39 49.00
CA SER A 381 -4.97 7.31 49.66
C SER A 381 -5.02 8.66 48.96
N ALA A 382 -3.88 9.13 48.48
CA ALA A 382 -3.80 10.38 47.72
C ALA A 382 -4.54 10.27 46.39
N LEU A 383 -4.39 9.13 45.71
CA LEU A 383 -5.07 8.88 44.44
C LEU A 383 -6.58 8.85 44.66
N GLU A 384 -7.03 8.05 45.63
CA GLU A 384 -8.45 7.95 45.97
C GLU A 384 -9.03 9.31 46.37
N ALA A 385 -8.25 10.09 47.12
CA ALA A 385 -8.66 11.43 47.52
C ALA A 385 -8.73 12.40 46.33
N VAL A 386 -7.79 12.28 45.40
CA VAL A 386 -7.79 13.09 44.18
C VAL A 386 -8.93 12.68 43.24
N LEU A 387 -9.10 11.37 43.06
CA LEU A 387 -10.13 10.83 42.18
C LEU A 387 -11.55 11.21 42.63
N ASN A 388 -11.85 10.98 43.91
CA ASN A 388 -13.16 11.30 44.49
C ASN A 388 -13.49 12.79 44.45
N TYR A 389 -12.45 13.62 44.60
CA TYR A 389 -12.58 15.08 44.52
C TYR A 389 -12.87 15.54 43.09
N LEU A 390 -12.38 14.77 42.12
CA LEU A 390 -12.71 14.99 40.71
C LEU A 390 -14.04 14.33 40.32
N LYS A 391 -14.76 13.83 41.33
CA LYS A 391 -16.09 13.23 41.19
C LYS A 391 -16.09 11.89 40.43
N PHE A 392 -15.27 10.96 40.91
CA PHE A 392 -15.27 9.58 40.43
C PHE A 392 -15.58 8.66 41.62
N PRO A 393 -16.67 7.87 41.52
CA PRO A 393 -17.14 7.06 42.64
C PRO A 393 -16.22 5.88 42.99
N THR A 394 -15.92 5.75 44.28
CA THR A 394 -15.19 4.60 44.81
C THR A 394 -15.92 4.09 46.05
N THR A 395 -15.77 2.80 46.34
CA THR A 395 -16.26 2.24 47.59
C THR A 395 -15.35 2.70 48.73
N GLN A 396 -15.95 3.28 49.76
CA GLN A 396 -15.21 3.90 50.86
C GLN A 396 -14.38 2.90 51.66
N GLY A 397 -13.09 3.18 51.75
CA GLY A 397 -12.15 2.36 52.52
C GLY A 397 -11.78 1.03 51.87
N ALA A 398 -12.25 0.82 50.64
CA ALA A 398 -12.04 -0.45 49.93
C ALA A 398 -10.59 -0.65 49.49
N ALA A 399 -10.01 0.37 48.85
CA ALA A 399 -8.64 0.33 48.37
C ALA A 399 -7.63 0.04 49.47
N MET A 400 -7.79 0.74 50.60
CA MET A 400 -6.90 0.59 51.75
C MET A 400 -7.08 -0.75 52.45
N GLN A 401 -8.33 -1.23 52.51
CA GLN A 401 -8.67 -2.52 53.10
C GLN A 401 -7.93 -3.67 52.41
N ALA A 402 -7.99 -3.70 51.08
CA ALA A 402 -7.33 -4.74 50.28
C ALA A 402 -5.81 -4.71 50.44
N ALA A 403 -5.25 -3.51 50.58
CA ALA A 403 -3.82 -3.33 50.79
C ALA A 403 -3.40 -3.76 52.20
N TRP A 404 -4.15 -3.31 53.20
CA TRP A 404 -3.93 -3.72 54.58
C TRP A 404 -4.06 -5.23 54.77
N ASP A 405 -5.05 -5.82 54.07
CA ASP A 405 -5.26 -7.27 54.10
C ASP A 405 -4.09 -8.04 53.51
N HIS A 406 -3.51 -7.51 52.44
CA HIS A 406 -2.36 -8.14 51.78
C HIS A 406 -1.13 -8.17 52.70
N TYR A 407 -0.86 -7.06 53.37
CA TYR A 407 0.27 -6.98 54.30
C TYR A 407 0.06 -7.85 55.53
N ARG A 408 -1.19 -7.99 55.96
CA ARG A 408 -1.55 -8.88 57.07
C ARG A 408 -1.30 -10.35 56.71
N SER A 409 -1.75 -10.75 55.53
CA SER A 409 -1.63 -12.14 55.06
C SER A 409 -0.18 -12.55 54.79
N GLU A 410 0.60 -11.61 54.26
CA GLU A 410 2.01 -11.86 53.92
C GLU A 410 2.92 -11.88 55.15
N ARG A 411 2.44 -11.32 56.26
CA ARG A 411 3.19 -11.31 57.52
C ARG A 411 2.75 -12.45 58.43
N ASP B 2 32.64 -11.64 51.86
CA ASP B 2 31.70 -11.09 52.87
C ASP B 2 31.49 -9.60 52.67
N ILE B 3 30.25 -9.15 52.85
CA ILE B 3 29.88 -7.74 52.65
C ILE B 3 30.15 -6.86 53.88
N THR B 4 30.51 -7.49 54.99
CA THR B 4 30.83 -6.78 56.23
C THR B 4 32.16 -6.00 56.16
N GLN B 5 33.09 -6.49 55.34
CA GLN B 5 34.37 -5.81 55.14
C GLN B 5 34.32 -4.77 54.01
N PHE B 6 33.10 -4.40 53.61
CA PHE B 6 32.86 -3.27 52.73
C PHE B 6 32.18 -2.17 53.56
N SER B 7 33.00 -1.34 54.19
CA SER B 7 32.52 -0.33 55.13
C SER B 7 32.13 0.96 54.44
N GLN B 8 31.59 1.91 55.22
CA GLN B 8 31.16 3.21 54.71
C GLN B 8 32.29 3.97 54.02
N LEU B 9 31.90 4.89 53.13
CA LEU B 9 32.86 5.68 52.38
C LEU B 9 33.73 6.52 53.31
N ASN B 10 35.04 6.34 53.20
CA ASN B 10 36.01 7.10 53.97
C ASN B 10 37.29 7.32 53.17
N PRO B 11 37.31 8.36 52.32
CA PRO B 11 38.53 8.68 51.60
C PRO B 11 39.49 9.46 52.49
N PRO B 12 40.81 9.25 52.32
CA PRO B 12 41.76 9.97 53.16
C PRO B 12 41.84 11.45 52.77
N SER B 13 42.20 12.29 53.73
CA SER B 13 42.37 13.73 53.47
C SER B 13 43.55 13.96 52.51
N ARG B 14 43.29 14.68 51.44
CA ARG B 14 44.30 14.93 50.42
C ARG B 14 44.30 16.38 49.97
N LEU B 15 45.48 16.99 49.92
CA LEU B 15 45.63 18.27 49.24
C LEU B 15 46.08 18.00 47.80
N LEU B 16 45.14 18.10 46.87
CA LEU B 16 45.40 17.78 45.48
C LEU B 16 45.98 18.99 44.72
N MET B 17 47.29 18.94 44.50
CA MET B 17 48.01 19.99 43.81
C MET B 17 48.67 19.45 42.54
N GLY B 18 48.04 18.42 41.98
CA GLY B 18 48.48 17.84 40.71
C GLY B 18 47.79 18.50 39.53
N PRO B 19 47.70 17.78 38.39
CA PRO B 19 47.04 18.33 37.20
C PRO B 19 45.51 18.23 37.23
N GLY B 20 44.98 17.43 38.16
CA GLY B 20 43.54 17.18 38.24
C GLY B 20 43.23 15.69 38.31
N PRO B 21 42.09 15.33 38.93
CA PRO B 21 41.10 16.20 39.56
C PRO B 21 41.65 16.85 40.83
N ILE B 22 41.07 17.96 41.25
CA ILE B 22 41.48 18.62 42.49
C ILE B 22 40.33 18.70 43.51
N ASN B 23 40.68 18.94 44.77
CA ASN B 23 39.71 19.01 45.86
C ASN B 23 38.56 19.94 45.53
N ALA B 24 37.34 19.46 45.78
CA ALA B 24 36.15 20.21 45.45
C ALA B 24 35.80 21.22 46.53
N ASP B 25 35.19 22.32 46.13
CA ASP B 25 34.67 23.30 47.08
C ASP B 25 33.54 22.65 47.87
N PRO B 26 33.62 22.71 49.21
CA PRO B 26 32.67 22.01 50.10
C PRO B 26 31.21 22.41 49.87
N ARG B 27 30.96 23.63 49.41
CA ARG B 27 29.59 24.06 49.10
C ARG B 27 29.00 23.25 47.95
N VAL B 28 29.84 22.88 46.99
CA VAL B 28 29.43 22.03 45.87
C VAL B 28 29.20 20.59 46.34
N LEU B 29 30.01 20.14 47.29
CA LEU B 29 29.85 18.80 47.89
C LEU B 29 28.53 18.69 48.64
N ARG B 30 28.20 19.73 49.39
CA ARG B 30 26.95 19.77 50.16
C ARG B 30 25.73 19.83 49.25
N ALA B 31 25.87 20.50 48.11
CA ALA B 31 24.81 20.56 47.09
C ALA B 31 24.44 19.19 46.53
N MET B 32 25.44 18.32 46.39
CA MET B 32 25.23 16.97 45.86
C MET B 32 24.50 16.03 46.82
N SER B 33 24.49 16.36 48.11
CA SER B 33 23.84 15.54 49.13
C SER B 33 22.33 15.78 49.19
N SER B 34 21.88 16.79 48.44
CA SER B 34 20.47 17.17 48.38
C SER B 34 19.62 16.11 47.68
N GLN B 35 18.35 16.02 48.06
CA GLN B 35 17.44 14.99 47.52
C GLN B 35 16.93 15.34 46.11
N LEU B 36 16.49 14.33 45.39
CA LEU B 36 16.16 14.43 43.97
C LEU B 36 14.69 14.73 43.71
N ILE B 37 14.43 15.42 42.60
CA ILE B 37 13.07 15.61 42.08
C ILE B 37 12.95 14.95 40.70
N GLY B 38 11.71 14.75 40.25
CA GLY B 38 11.43 14.10 38.97
C GLY B 38 12.03 14.83 37.78
N GLN B 39 12.20 14.11 36.68
CA GLN B 39 12.78 14.65 35.46
C GLN B 39 12.08 15.93 34.99
N TYR B 40 10.76 15.89 34.92
CA TYR B 40 9.97 17.00 34.40
C TYR B 40 9.26 17.82 35.48
N ASP B 41 9.79 17.76 36.70
CA ASP B 41 9.29 18.59 37.79
C ASP B 41 9.51 20.07 37.44
N PRO B 42 8.53 20.93 37.76
CA PRO B 42 8.68 22.38 37.58
C PRO B 42 9.97 22.95 38.18
N ALA B 43 10.48 22.28 39.22
CA ALA B 43 11.71 22.71 39.88
C ALA B 43 12.96 22.26 39.13
N MET B 44 12.89 21.11 38.47
CA MET B 44 14.02 20.57 37.72
C MET B 44 14.32 21.40 36.46
N THR B 45 13.27 21.75 35.72
CA THR B 45 13.42 22.55 34.50
C THR B 45 13.86 23.99 34.83
N HIS B 46 13.43 24.51 35.97
CA HIS B 46 13.86 25.82 36.44
C HIS B 46 15.35 25.85 36.78
N TYR B 47 15.81 24.83 37.49
CA TYR B 47 17.23 24.68 37.79
C TYR B 47 18.06 24.50 36.52
N MET B 48 17.51 23.76 35.56
CA MET B 48 18.13 23.61 34.25
C MET B 48 18.25 24.93 33.51
N ASN B 49 17.17 25.73 33.54
CA ASN B 49 17.17 27.05 32.92
C ASN B 49 18.12 28.01 33.61
N GLU B 50 18.25 27.88 34.93
CA GLU B 50 19.24 28.63 35.71
C GLU B 50 20.65 28.22 35.31
N VAL B 51 20.88 26.91 35.17
CA VAL B 51 22.18 26.39 34.74
C VAL B 51 22.62 26.99 33.41
N MET B 52 21.68 27.04 32.45
CA MET B 52 21.94 27.62 31.13
C MET B 52 22.37 29.09 31.22
N ALA B 53 21.66 29.84 32.05
CA ALA B 53 21.96 31.27 32.27
C ALA B 53 23.28 31.46 33.01
N LEU B 54 23.53 30.64 34.02
CA LEU B 54 24.74 30.74 34.84
C LEU B 54 26.01 30.50 34.04
N TYR B 55 26.01 29.49 33.17
CA TYR B 55 27.19 29.19 32.36
C TYR B 55 27.43 30.19 31.22
N ARG B 56 26.36 30.85 30.78
CA ARG B 56 26.46 31.97 29.84
C ARG B 56 27.33 33.08 30.43
N GLY B 57 27.23 33.27 31.75
CA GLY B 57 28.07 34.21 32.47
C GLY B 57 29.51 33.73 32.59
N VAL B 58 29.67 32.42 32.74
CA VAL B 58 30.99 31.80 32.87
C VAL B 58 31.77 31.83 31.56
N PHE B 59 31.12 31.38 30.48
CA PHE B 59 31.75 31.34 29.16
C PHE B 59 31.98 32.72 28.53
N ARG B 60 31.36 33.75 29.12
CA ARG B 60 31.34 35.10 28.56
C ARG B 60 30.68 35.10 27.17
N THR B 61 29.44 34.61 27.15
CA THR B 61 28.65 34.50 25.93
C THR B 61 27.18 34.84 26.17
N GLU B 62 26.44 35.03 25.08
CA GLU B 62 24.99 35.21 25.14
C GLU B 62 24.29 34.05 24.41
N ASN B 63 25.07 33.01 24.09
CA ASN B 63 24.57 31.84 23.35
C ASN B 63 23.42 31.16 24.09
N ARG B 64 22.27 31.08 23.42
CA ARG B 64 21.10 30.40 23.95
C ARG B 64 21.40 28.93 24.26
N TRP B 65 22.20 28.30 23.41
CA TRP B 65 22.54 26.89 23.58
C TRP B 65 23.82 26.66 24.38
N THR B 66 23.73 27.02 25.65
CA THR B 66 24.80 26.79 26.62
C THR B 66 24.24 25.85 27.70
N MET B 67 24.83 24.67 27.81
CA MET B 67 24.26 23.59 28.62
C MET B 67 25.28 22.54 29.06
N LEU B 68 24.80 21.39 29.53
CA LEU B 68 25.65 20.34 30.08
C LEU B 68 25.55 19.02 29.32
N VAL B 69 26.69 18.33 29.24
CA VAL B 69 26.74 16.97 28.74
C VAL B 69 27.01 16.05 29.93
N ASP B 70 26.22 14.98 30.05
CA ASP B 70 26.37 14.04 31.16
C ASP B 70 27.46 13.02 30.88
N GLY B 71 28.64 13.30 31.40
CA GLY B 71 29.86 12.54 31.14
C GLY B 71 31.04 13.46 31.39
N THR B 72 32.24 12.89 31.46
CA THR B 72 33.45 13.68 31.76
C THR B 72 33.81 14.63 30.62
N SER B 73 34.73 15.55 30.89
CA SER B 73 35.15 16.58 29.93
C SER B 73 35.17 16.13 28.46
N ARG B 74 35.83 15.01 28.18
CA ARG B 74 36.03 14.54 26.81
C ARG B 74 34.76 13.99 26.14
N ALA B 75 33.70 13.78 26.94
CA ALA B 75 32.40 13.40 26.40
C ALA B 75 31.74 14.59 25.73
N GLY B 76 31.93 15.77 26.31
CA GLY B 76 31.44 17.02 25.73
C GLY B 76 32.19 17.40 24.47
N ILE B 77 33.49 17.14 24.47
CA ILE B 77 34.31 17.29 23.26
C ILE B 77 33.76 16.36 22.18
N GLU B 78 33.57 15.10 22.53
CA GLU B 78 33.06 14.11 21.57
C GLU B 78 31.64 14.45 21.10
N ALA B 79 30.84 15.04 21.98
CA ALA B 79 29.49 15.48 21.62
C ALA B 79 29.54 16.58 20.54
N ILE B 80 30.42 17.55 20.73
CA ILE B 80 30.56 18.67 19.80
C ILE B 80 31.20 18.22 18.47
N LEU B 81 32.13 17.28 18.55
CA LEU B 81 32.79 16.78 17.34
C LEU B 81 31.90 15.86 16.51
N VAL B 82 31.18 14.95 17.18
CA VAL B 82 30.27 14.02 16.49
C VAL B 82 29.10 14.76 15.82
N SER B 83 28.63 15.82 16.45
CA SER B 83 27.49 16.59 15.94
C SER B 83 27.86 17.53 14.81
N ALA B 84 29.09 18.03 14.81
CA ALA B 84 29.56 18.98 13.81
C ALA B 84 30.19 18.29 12.59
N ILE B 85 30.84 17.15 12.81
CA ILE B 85 31.59 16.47 11.75
C ILE B 85 30.76 15.41 11.03
N ARG B 86 30.57 15.60 9.72
CA ARG B 86 30.11 14.53 8.83
C ARG B 86 31.33 13.74 8.38
N PRO B 87 31.15 12.45 8.05
CA PRO B 87 32.25 11.64 7.53
C PRO B 87 32.81 12.21 6.23
N GLY B 88 34.12 12.39 6.17
CA GLY B 88 34.78 12.98 5.00
C GLY B 88 35.21 14.43 5.22
N ASP B 89 34.53 15.10 6.15
CA ASP B 89 34.84 16.49 6.53
C ASP B 89 36.31 16.65 6.90
N LYS B 90 36.89 17.76 6.46
CA LYS B 90 38.27 18.09 6.80
C LYS B 90 38.34 18.88 8.10
N VAL B 91 39.26 18.47 8.96
CA VAL B 91 39.47 19.06 10.27
C VAL B 91 40.97 19.38 10.44
N LEU B 92 41.30 20.51 11.18
CA LEU B 92 42.68 20.95 11.45
C LEU B 92 42.84 21.04 12.96
N VAL B 93 43.86 20.36 13.47
CA VAL B 93 44.12 20.37 14.89
C VAL B 93 45.54 20.87 15.12
N PRO B 94 45.67 22.09 15.68
CA PRO B 94 46.96 22.56 16.16
C PRO B 94 47.38 21.79 17.41
N VAL B 95 48.42 20.95 17.27
CA VAL B 95 48.89 20.09 18.35
C VAL B 95 50.07 20.73 19.09
N PHE B 96 49.92 20.90 20.40
CA PHE B 96 51.00 21.40 21.27
C PHE B 96 51.08 20.67 22.61
N GLY B 97 50.53 19.45 22.64
CA GLY B 97 50.56 18.60 23.84
C GLY B 97 49.71 17.35 23.72
N ARG B 98 49.53 16.67 24.85
CA ARG B 98 48.79 15.40 24.92
C ARG B 98 47.33 15.50 24.46
N PHE B 99 46.66 16.61 24.82
CA PHE B 99 45.25 16.78 24.49
C PHE B 99 45.01 17.23 23.05
N GLY B 100 46.06 17.71 22.40
CA GLY B 100 46.02 17.96 20.96
C GLY B 100 45.78 16.64 20.24
N HIS B 101 46.45 15.59 20.71
CA HIS B 101 46.29 14.24 20.21
C HIS B 101 44.91 13.65 20.52
N LEU B 102 44.32 14.07 21.64
CA LEU B 102 42.97 13.64 22.01
C LEU B 102 41.95 14.11 20.98
N LEU B 103 42.05 15.37 20.57
CA LEU B 103 41.19 15.95 19.54
C LEU B 103 41.33 15.23 18.20
N CYS B 104 42.57 14.81 17.88
CA CYS B 104 42.84 14.05 16.66
C CYS B 104 42.11 12.71 16.64
N GLU B 105 42.20 11.98 17.75
CA GLU B 105 41.55 10.68 17.89
C GLU B 105 40.04 10.76 17.85
N ILE B 106 39.46 11.74 18.55
CA ILE B 106 38.01 11.91 18.57
C ILE B 106 37.47 12.25 17.18
N ALA B 107 38.15 13.18 16.50
CA ALA B 107 37.79 13.54 15.12
C ALA B 107 37.90 12.34 14.18
N ARG B 108 38.94 11.53 14.35
CA ARG B 108 39.15 10.32 13.55
C ARG B 108 37.99 9.33 13.68
N ARG B 109 37.46 9.19 14.89
CA ARG B 109 36.36 8.26 15.14
C ARG B 109 35.00 8.83 14.72
N CYS B 110 34.99 10.09 14.32
CA CYS B 110 33.86 10.70 13.63
C CYS B 110 34.01 10.55 12.11
N ARG B 111 35.05 9.81 11.71
CA ARG B 111 35.41 9.57 10.30
C ARG B 111 35.75 10.85 9.53
N ALA B 112 36.46 11.76 10.19
CA ALA B 112 36.94 12.97 9.57
C ALA B 112 38.34 12.76 9.00
N GLU B 113 38.74 13.63 8.08
CA GLU B 113 40.12 13.70 7.62
C GLU B 113 40.86 14.68 8.53
N VAL B 114 41.82 14.15 9.29
CA VAL B 114 42.54 14.93 10.29
C VAL B 114 43.84 15.51 9.74
N HIS B 115 43.92 16.84 9.71
CA HIS B 115 45.13 17.56 9.33
C HIS B 115 45.72 18.20 10.57
N THR B 116 47.04 18.17 10.69
CA THR B 116 47.72 18.69 11.88
C THR B 116 48.92 19.57 11.57
N ILE B 117 49.17 20.52 12.48
CA ILE B 117 50.43 21.24 12.56
C ILE B 117 50.93 21.10 14.00
N GLU B 118 52.24 21.17 14.19
CA GLU B 118 52.83 20.90 15.50
C GLU B 118 53.74 22.01 15.99
N VAL B 119 53.87 22.09 17.31
CA VAL B 119 54.95 22.82 17.98
C VAL B 119 55.46 21.94 19.12
N PRO B 120 56.77 22.03 19.45
CA PRO B 120 57.30 21.20 20.53
C PRO B 120 56.70 21.56 21.89
N TRP B 121 56.56 20.55 22.75
CA TRP B 121 56.24 20.76 24.16
C TRP B 121 57.43 21.51 24.76
N GLY B 122 57.22 22.70 25.31
CA GLY B 122 55.93 23.36 25.36
C GLY B 122 56.03 24.76 24.78
N GLU B 123 55.78 24.85 23.48
CA GLU B 123 55.66 26.13 22.80
C GLU B 123 54.19 26.38 22.46
N VAL B 124 53.92 27.50 21.81
CA VAL B 124 52.55 27.89 21.50
C VAL B 124 52.45 28.28 20.03
N PHE B 125 51.24 28.31 19.49
CA PHE B 125 51.04 28.69 18.08
C PHE B 125 50.91 30.20 17.87
N THR B 126 51.40 30.65 16.72
CA THR B 126 51.21 32.01 16.23
C THR B 126 49.90 32.03 15.44
N PRO B 127 49.19 33.18 15.45
CA PRO B 127 48.07 33.36 14.52
C PRO B 127 48.47 33.03 13.08
N ASP B 128 49.65 33.48 12.66
CA ASP B 128 50.17 33.22 11.32
C ASP B 128 50.34 31.72 11.01
N GLN B 129 50.89 30.98 11.96
CA GLN B 129 51.11 29.54 11.80
C GLN B 129 49.82 28.79 11.47
N VAL B 130 48.76 29.12 12.21
CA VAL B 130 47.45 28.48 12.00
C VAL B 130 46.70 29.06 10.81
N GLU B 131 47.00 30.32 10.47
CA GLU B 131 46.39 30.97 9.30
C GLU B 131 46.97 30.39 8.01
N ASP B 132 48.28 30.15 8.00
CA ASP B 132 48.93 29.48 6.87
C ASP B 132 48.33 28.10 6.62
N ALA B 133 48.02 27.39 7.70
CA ALA B 133 47.45 26.04 7.62
C ALA B 133 46.00 26.04 7.16
N VAL B 134 45.22 27.05 7.57
CA VAL B 134 43.82 27.18 7.16
C VAL B 134 43.71 27.44 5.65
N LYS B 135 44.56 28.33 5.14
CA LYS B 135 44.68 28.58 3.70
C LYS B 135 45.08 27.31 2.96
N ARG B 136 46.09 26.62 3.49
CA ARG B 136 46.63 25.41 2.88
C ARG B 136 45.59 24.30 2.68
N ILE B 137 44.85 23.97 3.74
CA ILE B 137 43.98 22.79 3.70
C ILE B 137 42.46 23.06 3.63
N ARG B 138 42.05 24.31 3.87
CA ARG B 138 40.63 24.69 3.89
C ARG B 138 39.77 23.78 4.79
N PRO B 139 39.96 23.89 6.11
CA PRO B 139 39.27 23.01 7.05
C PRO B 139 37.83 23.45 7.31
N ARG B 140 36.99 22.50 7.72
CA ARG B 140 35.64 22.83 8.17
C ARG B 140 35.68 23.27 9.64
N LEU B 141 36.44 22.54 10.44
CA LEU B 141 36.59 22.83 11.86
C LEU B 141 38.04 23.16 12.23
N LEU B 142 38.22 24.16 13.08
CA LEU B 142 39.50 24.37 13.76
C LEU B 142 39.37 23.84 15.19
N LEU B 143 40.21 22.87 15.53
CA LEU B 143 40.12 22.22 16.84
C LEU B 143 41.34 22.49 17.69
N THR B 144 41.15 23.30 18.72
CA THR B 144 42.24 23.77 19.56
C THR B 144 42.01 23.41 21.02
N VAL B 145 43.10 23.13 21.73
CA VAL B 145 43.10 23.09 23.18
C VAL B 145 43.50 24.50 23.61
N GLN B 146 42.86 25.04 24.65
CA GLN B 146 43.28 26.34 25.17
C GLN B 146 44.45 26.15 26.14
N GLY B 147 44.19 25.49 27.26
CA GLY B 147 45.23 25.17 28.22
C GLY B 147 45.48 23.67 28.25
N ASP B 148 46.70 23.28 27.89
CA ASP B 148 47.08 21.87 27.92
C ASP B 148 47.93 21.58 29.16
N THR B 149 47.29 20.96 30.16
CA THR B 149 47.93 20.65 31.45
C THR B 149 49.24 19.88 31.32
N SER B 150 49.31 18.98 30.33
CA SER B 150 50.49 18.15 30.11
C SER B 150 51.74 18.95 29.76
N THR B 151 51.56 20.19 29.32
CA THR B 151 52.67 21.08 28.97
C THR B 151 52.64 22.39 29.78
N THR B 152 51.53 22.63 30.47
CA THR B 152 51.27 23.88 31.23
C THR B 152 51.08 25.11 30.34
N MET B 153 50.93 24.89 29.03
CA MET B 153 50.88 25.98 28.06
C MET B 153 49.47 26.47 27.73
N LEU B 154 49.34 27.78 27.58
CA LEU B 154 48.07 28.43 27.28
C LEU B 154 48.13 29.06 25.89
N GLN B 155 47.33 28.50 24.97
CA GLN B 155 47.24 29.01 23.60
C GLN B 155 46.41 30.30 23.53
N PRO B 156 46.95 31.36 22.89
CA PRO B 156 46.16 32.56 22.63
C PRO B 156 45.11 32.31 21.56
N LEU B 157 43.85 32.60 21.89
CA LEU B 157 42.71 32.36 21.01
C LEU B 157 42.16 33.64 20.37
N ALA B 158 42.51 34.78 20.96
CA ALA B 158 41.95 36.09 20.58
C ALA B 158 41.99 36.40 19.07
N GLU B 159 43.14 36.17 18.44
CA GLU B 159 43.34 36.48 17.03
C GLU B 159 42.88 35.34 16.11
N LEU B 160 42.59 34.19 16.70
CA LEU B 160 42.19 33.00 15.94
C LEU B 160 40.73 33.04 15.47
N GLY B 161 39.93 33.88 16.10
CA GLY B 161 38.51 34.03 15.75
C GLY B 161 38.28 34.78 14.45
N GLU B 162 39.07 35.83 14.23
CA GLU B 162 39.03 36.58 12.98
C GLU B 162 39.57 35.79 11.80
N ILE B 163 40.55 34.92 12.08
CA ILE B 163 41.12 34.04 11.06
C ILE B 163 40.09 33.01 10.57
N CYS B 164 39.30 32.49 11.50
CA CYS B 164 38.25 31.52 11.17
C CYS B 164 37.07 32.13 10.42
N ARG B 165 36.67 33.33 10.85
CA ARG B 165 35.56 34.05 10.22
C ARG B 165 35.94 34.46 8.79
N ARG B 166 37.19 34.87 8.60
CA ARG B 166 37.72 35.25 7.28
C ARG B 166 37.67 34.09 6.27
N TYR B 167 38.14 32.93 6.69
CA TYR B 167 38.28 31.79 5.78
C TYR B 167 37.16 30.76 5.95
N ASP B 168 36.12 31.17 6.68
CA ASP B 168 34.86 30.43 6.81
C ASP B 168 34.99 29.05 7.46
N ALA B 169 35.75 28.98 8.55
CA ALA B 169 35.89 27.76 9.33
C ALA B 169 35.20 27.90 10.68
N LEU B 170 34.60 26.82 11.16
CA LEU B 170 34.01 26.80 12.50
C LEU B 170 35.12 26.60 13.53
N PHE B 171 35.11 27.46 14.56
CA PHE B 171 36.17 27.49 15.56
C PHE B 171 35.71 26.86 16.87
N TYR B 172 36.26 25.69 17.18
CA TYR B 172 36.03 25.02 18.46
C TYR B 172 37.28 25.07 19.34
N THR B 173 37.07 25.00 20.65
CA THR B 173 38.17 24.87 21.61
C THR B 173 37.79 24.04 22.84
N ASP B 174 38.76 23.29 23.36
CA ASP B 174 38.59 22.57 24.63
C ASP B 174 39.21 23.40 25.76
N ALA B 175 38.35 23.88 26.65
CA ALA B 175 38.78 24.77 27.73
C ALA B 175 38.58 24.18 29.13
N THR B 176 38.73 22.86 29.26
CA THR B 176 38.49 22.21 30.55
C THR B 176 39.51 22.60 31.61
N ALA B 177 40.75 22.85 31.20
CA ALA B 177 41.81 23.20 32.14
C ALA B 177 41.86 24.68 32.48
N SER B 178 41.54 25.53 31.50
CA SER B 178 41.72 26.98 31.62
C SER B 178 40.50 27.74 32.15
N LEU B 179 39.31 27.25 31.85
CA LEU B 179 38.07 27.94 32.24
C LEU B 179 38.00 28.15 33.75
N GLY B 180 37.67 29.37 34.14
CA GLY B 180 37.61 29.75 35.55
C GLY B 180 38.93 30.30 36.07
N GLY B 181 40.03 29.76 35.57
CA GLY B 181 41.37 30.18 35.98
C GLY B 181 42.10 31.02 34.95
N ASN B 182 41.47 31.23 33.79
CA ASN B 182 42.06 31.97 32.67
C ASN B 182 40.98 32.71 31.87
N PRO B 183 41.37 33.81 31.19
CA PRO B 183 40.41 34.55 30.36
C PRO B 183 39.87 33.72 29.20
N LEU B 184 38.57 33.78 28.99
CA LEU B 184 37.91 33.16 27.84
C LEU B 184 36.68 33.99 27.43
N GLU B 185 36.81 34.67 26.28
CA GLU B 185 35.76 35.54 25.77
C GLU B 185 35.10 34.91 24.54
N THR B 186 34.19 33.98 24.79
CA THR B 186 33.55 33.17 23.74
C THR B 186 33.01 34.00 22.56
N ASP B 187 32.24 35.03 22.87
CA ASP B 187 31.64 35.87 21.82
C ASP B 187 32.66 36.81 21.16
N VAL B 188 33.54 37.38 21.99
CA VAL B 188 34.53 38.36 21.53
C VAL B 188 35.60 37.70 20.63
N TRP B 189 35.86 36.42 20.87
CA TRP B 189 36.89 35.70 20.13
C TRP B 189 36.33 34.89 18.96
N GLY B 190 35.08 35.18 18.60
CA GLY B 190 34.42 34.53 17.45
C GLY B 190 34.35 33.01 17.55
N LEU B 191 34.18 32.51 18.77
CA LEU B 191 34.12 31.08 19.01
C LEU B 191 32.78 30.49 18.62
N ASP B 192 32.84 29.33 17.98
CA ASP B 192 31.64 28.63 17.51
C ASP B 192 31.16 27.57 18.50
N ALA B 193 32.10 26.98 19.24
CA ALA B 193 31.78 25.96 20.23
C ALA B 193 32.87 25.82 21.29
N VAL B 194 32.46 25.70 22.55
CA VAL B 194 33.38 25.47 23.66
C VAL B 194 32.86 24.35 24.55
N SER B 195 33.77 23.51 25.04
CA SER B 195 33.45 22.49 26.03
C SER B 195 34.47 22.53 27.15
N ALA B 196 34.02 22.25 28.37
CA ALA B 196 34.89 22.23 29.54
C ALA B 196 34.62 21.02 30.44
N GLY B 197 35.16 21.08 31.64
CA GLY B 197 34.95 20.07 32.66
C GLY B 197 34.75 20.72 34.01
N MET B 198 34.66 19.90 35.05
CA MET B 198 34.33 20.40 36.38
C MET B 198 35.52 20.37 37.34
N GLN B 199 36.39 19.37 37.17
CA GLN B 199 37.40 19.02 38.16
C GLN B 199 38.74 19.75 38.05
N1 LLP B 200 41.06 18.25 28.31
C2 LLP B 200 42.00 19.02 28.91
C2' LLP B 200 42.60 20.11 28.13
C3 LLP B 200 42.36 18.80 30.25
O3 LLP B 200 43.27 19.58 30.85
C4 LLP B 200 41.76 17.75 30.94
C4' LLP B 200 42.09 17.55 32.40
C5 LLP B 200 40.79 16.98 30.28
C6 LLP B 200 40.45 17.25 28.95
C5' LLP B 200 40.12 15.84 31.02
OP4 LLP B 200 39.27 14.98 30.33
P LLP B 200 38.38 14.00 31.20
OP1 LLP B 200 39.29 13.03 31.94
OP2 LLP B 200 37.45 13.23 30.29
OP3 LLP B 200 37.56 14.80 32.18
N LLP B 200 38.76 20.88 37.35
CA LLP B 200 39.99 21.64 37.22
CB LLP B 200 40.45 21.85 35.76
CG LLP B 200 41.55 20.93 35.26
CD LLP B 200 41.51 19.45 35.62
CE LLP B 200 42.06 18.45 34.66
NZ LLP B 200 41.89 18.76 33.23
C LLP B 200 39.85 22.92 38.04
O LLP B 200 40.19 22.90 39.23
N CYS B 201 39.35 24.00 37.44
CA CYS B 201 39.19 25.26 38.15
C CYS B 201 37.77 25.48 38.68
N LEU B 202 36.80 24.72 38.16
CA LEU B 202 35.39 24.90 38.54
C LEU B 202 35.07 24.38 39.95
N GLY B 203 35.39 23.11 40.22
CA GLY B 203 35.49 22.60 41.58
C GLY B 203 34.30 22.09 42.38
N GLY B 204 33.68 20.98 41.96
CA GLY B 204 34.05 20.26 40.75
C GLY B 204 34.62 18.86 40.89
N PRO B 205 33.74 17.84 41.01
CA PRO B 205 34.16 16.47 40.65
C PRO B 205 33.80 16.20 39.18
N SER B 206 34.60 15.36 38.51
CA SER B 206 34.35 15.05 37.11
C SER B 206 33.05 14.28 36.92
N GLY B 207 32.42 14.45 35.75
CA GLY B 207 31.16 13.77 35.44
C GLY B 207 30.19 14.61 34.65
N THR B 208 30.52 15.90 34.47
CA THR B 208 29.69 16.83 33.73
C THR B 208 30.56 17.67 32.79
N SER B 209 30.04 17.96 31.60
CA SER B 209 30.77 18.77 30.62
C SER B 209 29.97 19.99 30.16
N PRO B 210 30.30 21.18 30.71
CA PRO B 210 29.66 22.42 30.30
C PRO B 210 30.03 22.79 28.86
N ILE B 211 29.01 22.97 28.02
CA ILE B 211 29.23 23.34 26.62
C ILE B 211 28.46 24.61 26.24
N THR B 212 28.91 25.27 25.18
CA THR B 212 28.19 26.40 24.59
C THR B 212 28.34 26.38 23.06
N LEU B 213 27.23 26.62 22.36
CA LEU B 213 27.21 26.55 20.91
C LEU B 213 26.73 27.86 20.29
N SER B 214 27.53 28.42 19.39
CA SER B 214 27.18 29.67 18.72
C SER B 214 25.99 29.48 17.79
N ALA B 215 25.35 30.59 17.41
CA ALA B 215 24.25 30.56 16.45
C ALA B 215 24.61 29.81 15.17
N ARG B 216 25.85 29.97 14.71
CA ARG B 216 26.37 29.26 13.54
C ARG B 216 26.40 27.75 13.76
N MET B 217 26.90 27.32 14.91
CA MET B 217 27.01 25.89 15.24
C MET B 217 25.66 25.16 15.28
N GLU B 218 24.64 25.81 15.83
CA GLU B 218 23.32 25.18 15.96
C GLU B 218 22.65 24.95 14.60
N GLU B 219 22.88 25.84 13.64
CA GLU B 219 22.38 25.68 12.28
C GLU B 219 22.97 24.40 11.66
N ALA B 220 24.28 24.23 11.81
CA ALA B 220 24.99 23.06 11.31
C ALA B 220 24.53 21.75 11.95
N ILE B 221 24.17 21.81 13.23
CA ILE B 221 23.69 20.63 13.96
C ILE B 221 22.22 20.33 13.61
N ARG B 222 21.43 21.38 13.41
CA ARG B 222 20.02 21.25 13.02
C ARG B 222 19.83 20.65 11.62
N ARG B 223 20.78 20.91 10.72
CA ARG B 223 20.76 20.33 9.37
C ARG B 223 20.84 18.80 9.43
N ARG B 224 21.40 18.30 10.52
CA ARG B 224 21.64 16.87 10.72
C ARG B 224 20.50 16.20 11.50
N LYS B 225 19.40 16.93 11.69
CA LYS B 225 18.30 16.50 12.56
C LYS B 225 17.79 15.09 12.26
N CYS B 226 17.67 14.29 13.32
CA CYS B 226 17.18 12.93 13.26
C CYS B 226 16.77 12.50 14.66
N VAL B 227 15.47 12.58 14.95
CA VAL B 227 14.96 12.28 16.29
C VAL B 227 14.74 10.79 16.49
N GLU B 228 15.24 10.28 17.62
CA GLU B 228 15.12 8.88 18.03
C GLU B 228 13.66 8.39 17.94
N GLU B 229 13.48 7.22 17.34
CA GLU B 229 12.17 6.66 17.01
C GLU B 229 11.19 6.54 18.17
N GLY B 230 11.70 6.27 19.37
CA GLY B 230 10.87 6.16 20.57
C GLY B 230 10.24 7.48 21.00
N ILE B 231 10.96 8.58 20.74
CA ILE B 231 10.48 9.92 21.05
C ILE B 231 10.16 10.72 19.78
N ARG B 232 9.79 10.00 18.73
CA ARG B 232 9.47 10.60 17.45
C ARG B 232 7.95 10.70 17.25
N THR B 233 7.50 11.85 16.73
CA THR B 233 6.10 12.07 16.40
C THR B 233 5.95 12.47 14.92
N ASP B 234 4.72 12.48 14.43
CA ASP B 234 4.41 12.86 13.06
C ASP B 234 4.84 14.30 12.72
N ALA B 235 4.91 15.14 13.74
CA ALA B 235 5.31 16.53 13.59
C ALA B 235 6.83 16.72 13.41
N HIS B 236 7.56 15.61 13.25
CA HIS B 236 9.01 15.66 13.07
C HIS B 236 9.44 15.25 11.67
N ARG B 237 10.50 15.89 11.19
CA ARG B 237 11.10 15.58 9.88
C ARG B 237 12.63 15.72 9.92
N ASP B 238 13.31 14.80 9.26
CA ASP B 238 14.77 14.80 9.19
C ASP B 238 15.30 16.02 8.43
N GLY B 239 16.51 16.46 8.81
CA GLY B 239 17.16 17.57 8.13
C GLY B 239 17.75 17.19 6.79
N ASP B 240 18.32 18.17 6.08
CA ASP B 240 18.88 17.96 4.75
C ASP B 240 20.18 17.15 4.76
N GLU B 241 20.88 17.17 5.89
CA GLU B 241 22.17 16.46 6.04
C GLU B 241 22.00 15.06 6.65
N GLU B 242 23.08 14.28 6.58
CA GLU B 242 23.10 12.94 7.16
C GLU B 242 23.12 12.99 8.68
N MET B 243 22.56 11.96 9.31
CA MET B 243 22.41 11.91 10.76
C MET B 243 23.73 11.91 11.53
N ILE B 244 23.67 12.36 12.78
CA ILE B 244 24.80 12.31 13.71
C ILE B 244 24.92 10.88 14.22
N TYR B 245 26.10 10.29 14.05
CA TYR B 245 26.32 8.87 14.30
C TYR B 245 26.49 8.52 15.77
N SER B 246 25.53 8.98 16.57
CA SER B 246 25.45 8.70 18.00
C SER B 246 24.08 9.12 18.52
N ASN B 247 23.49 8.32 19.38
CA ASN B 247 22.24 8.68 20.04
C ASN B 247 22.48 9.59 21.24
N TYR B 248 23.33 9.13 22.15
CA TYR B 248 23.64 9.83 23.41
C TYR B 248 24.29 11.20 23.18
N PHE B 249 25.07 11.32 22.12
CA PHE B 249 25.84 12.54 21.85
C PHE B 249 25.27 13.43 20.74
N ASP B 250 24.08 13.11 20.23
CA ASP B 250 23.40 13.95 19.24
C ASP B 250 22.97 15.26 19.88
N LEU B 251 23.74 16.32 19.62
CA LEU B 251 23.49 17.63 20.23
C LEU B 251 22.23 18.32 19.72
N GLY B 252 21.69 17.85 18.60
CA GLY B 252 20.40 18.33 18.10
C GLY B 252 19.27 17.95 19.05
N MET B 253 19.36 16.74 19.58
CA MET B 253 18.35 16.22 20.52
C MET B 253 18.54 16.74 21.94
N VAL B 254 19.79 16.88 22.38
CA VAL B 254 20.11 17.42 23.70
C VAL B 254 19.58 18.85 23.81
N MET B 255 19.74 19.63 22.74
CA MET B 255 19.17 20.98 22.63
C MET B 255 17.66 20.97 22.86
N ASP B 256 16.96 20.02 22.23
CA ASP B 256 15.51 19.86 22.38
C ASP B 256 15.09 19.47 23.80
N TYR B 257 15.97 18.76 24.50
CA TYR B 257 15.74 18.36 25.88
C TYR B 257 15.91 19.54 26.83
N TRP B 258 16.82 20.45 26.47
CA TRP B 258 17.09 21.64 27.27
C TRP B 258 16.25 22.84 26.82
N GLY B 259 15.49 22.66 25.75
CA GLY B 259 14.61 23.71 25.22
C GLY B 259 13.18 23.63 25.71
N PRO B 260 12.26 24.38 25.07
CA PRO B 260 10.85 24.41 25.47
C PRO B 260 10.12 23.09 25.28
N GLU B 261 10.43 22.38 24.18
CA GLU B 261 9.76 21.11 23.85
C GLU B 261 10.01 20.03 24.90
N ARG B 262 11.19 20.07 25.52
CA ARG B 262 11.62 19.09 26.53
C ARG B 262 11.54 17.66 25.99
N LEU B 263 12.20 17.42 24.87
CA LEU B 263 12.22 16.12 24.22
C LEU B 263 13.00 15.12 25.07
N ASN B 264 12.37 14.00 25.43
CA ASN B 264 12.94 13.04 26.37
C ASN B 264 14.11 12.23 25.83
N HIS B 265 15.25 12.91 25.64
CA HIS B 265 16.46 12.29 25.11
C HIS B 265 17.14 11.38 26.14
N HIS B 266 17.19 11.83 27.39
CA HIS B 266 17.79 11.07 28.48
C HIS B 266 17.39 11.69 29.84
N THR B 267 17.62 10.94 30.93
CA THR B 267 17.34 11.44 32.27
C THR B 267 18.54 12.23 32.80
N GLU B 268 18.42 13.56 32.82
CA GLU B 268 19.47 14.45 33.28
C GLU B 268 19.99 14.05 34.67
N ALA B 269 21.31 13.98 34.79
CA ALA B 269 21.98 13.66 36.05
C ALA B 269 21.64 14.73 37.11
N THR B 270 20.68 14.41 37.97
CA THR B 270 20.13 15.37 38.94
C THR B 270 21.19 15.88 39.91
N THR B 271 21.92 14.93 40.51
CA THR B 271 22.95 15.24 41.51
C THR B 271 24.08 16.10 40.97
N ALA B 272 24.54 15.78 39.75
CA ALA B 272 25.66 16.49 39.12
C ALA B 272 25.27 17.91 38.69
N LEU B 273 24.02 18.07 38.27
CA LEU B 273 23.50 19.38 37.86
C LEU B 273 23.42 20.36 39.02
N PHE B 274 23.10 19.83 40.21
CA PHE B 274 23.15 20.62 41.45
C PHE B 274 24.57 21.13 41.71
N GLY B 275 25.55 20.26 41.47
CA GLY B 275 26.96 20.59 41.60
C GLY B 275 27.43 21.62 40.59
N ALA B 276 27.11 21.38 39.32
CA ALA B 276 27.42 22.32 38.23
C ALA B 276 26.69 23.65 38.39
N ARG B 277 25.49 23.60 38.94
CA ARG B 277 24.74 24.80 39.27
C ARG B 277 25.44 25.60 40.37
N GLU B 278 26.01 24.89 41.34
CA GLU B 278 26.76 25.53 42.43
C GLU B 278 28.08 26.11 41.94
N CYS B 279 28.84 25.29 41.19
CA CYS B 279 30.14 25.71 40.66
C CYS B 279 30.07 27.04 39.93
N ALA B 280 29.13 27.15 38.99
CA ALA B 280 28.92 28.37 38.22
C ALA B 280 28.47 29.52 39.10
N ARG B 281 27.57 29.24 40.04
CA ARG B 281 27.05 30.23 40.97
C ARG B 281 28.17 30.87 41.79
N LEU B 282 29.04 30.03 42.36
CA LEU B 282 30.15 30.47 43.22
C LEU B 282 31.16 31.34 42.46
N ILE B 283 31.54 30.89 41.26
CA ILE B 283 32.48 31.62 40.42
C ILE B 283 31.93 33.00 40.07
N LEU B 284 30.63 33.08 39.82
CA LEU B 284 29.98 34.35 39.49
C LEU B 284 29.67 35.21 40.72
N GLN B 285 29.57 34.57 41.88
CA GLN B 285 29.43 35.29 43.16
C GLN B 285 30.73 36.00 43.51
N GLU B 286 31.84 35.32 43.30
CA GLU B 286 33.18 35.90 43.44
C GLU B 286 33.44 36.89 42.31
N GLY B 287 32.90 36.58 41.13
CA GLY B 287 33.12 37.38 39.93
C GLY B 287 34.27 36.80 39.13
N LEU B 288 33.98 36.38 37.91
CA LEU B 288 34.96 35.71 37.03
C LEU B 288 36.30 36.45 36.91
N ASP B 289 36.23 37.77 36.80
CA ASP B 289 37.44 38.61 36.72
C ASP B 289 38.33 38.44 37.93
N TYR B 290 37.73 38.51 39.13
CA TYR B 290 38.45 38.31 40.39
C TYR B 290 38.95 36.87 40.54
N GLY B 291 38.12 35.91 40.12
CA GLY B 291 38.48 34.49 40.14
C GLY B 291 39.74 34.22 39.32
N ILE B 292 39.73 34.71 38.08
CA ILE B 292 40.91 34.63 37.20
C ILE B 292 42.13 35.30 37.85
N ALA B 293 41.91 36.49 38.40
CA ALA B 293 42.95 37.26 39.09
C ALA B 293 43.55 36.50 40.28
N ARG B 294 42.68 35.82 41.03
CA ARG B 294 43.10 35.00 42.18
C ARG B 294 44.01 33.86 41.73
N HIS B 295 43.58 33.13 40.70
CA HIS B 295 44.36 32.03 40.13
C HIS B 295 45.75 32.48 39.66
N LYS B 296 45.85 33.69 39.11
CA LYS B 296 47.14 34.24 38.69
C LYS B 296 48.06 34.53 39.86
N LEU B 297 47.51 35.12 40.93
CA LEU B 297 48.28 35.47 42.11
C LEU B 297 49.01 34.27 42.71
N HIS B 298 48.27 33.17 42.92
CA HIS B 298 48.83 31.98 43.57
C HIS B 298 49.72 31.18 42.62
N GLY B 299 49.40 31.21 41.33
CA GLY B 299 50.26 30.64 40.30
C GLY B 299 51.60 31.35 40.26
N ASP B 300 51.56 32.69 40.27
CA ASP B 300 52.76 33.53 40.32
C ASP B 300 53.57 33.34 41.60
N ALA B 301 52.87 33.14 42.72
CA ALA B 301 53.51 32.92 44.01
C ALA B 301 54.32 31.63 44.01
N LEU B 302 53.68 30.54 43.59
CA LEU B 302 54.30 29.21 43.52
C LEU B 302 55.58 29.21 42.69
N VAL B 303 55.51 29.80 41.50
CA VAL B 303 56.65 29.87 40.58
C VAL B 303 57.87 30.53 41.23
N LYS B 304 57.67 31.73 41.77
CA LYS B 304 58.73 32.48 42.45
C LYS B 304 59.43 31.66 43.52
N GLY B 305 58.63 30.97 44.34
CA GLY B 305 59.15 30.07 45.37
C GLY B 305 59.93 28.90 44.80
N ILE B 306 59.40 28.32 43.73
CA ILE B 306 60.07 27.22 43.02
C ILE B 306 61.40 27.68 42.41
N GLN B 307 61.39 28.87 41.80
CA GLN B 307 62.60 29.46 41.23
C GLN B 307 63.60 29.85 42.31
N ALA B 308 63.09 30.27 43.48
CA ALA B 308 63.93 30.57 44.63
C ALA B 308 64.43 29.30 45.32
N MET B 309 63.83 28.16 44.99
CA MET B 309 64.26 26.86 45.50
C MET B 309 65.44 26.32 44.67
N GLY B 310 65.82 27.05 43.63
CA GLY B 310 66.90 26.63 42.73
C GLY B 310 66.46 25.54 41.77
N LEU B 311 65.17 25.54 41.43
CA LEU B 311 64.60 24.58 40.51
C LEU B 311 64.34 25.20 39.14
N GLU B 312 64.66 24.46 38.09
CA GLU B 312 64.30 24.85 36.73
C GLU B 312 62.82 24.62 36.48
N THR B 313 62.26 25.35 35.52
CA THR B 313 60.86 25.18 35.13
C THR B 313 60.76 24.79 33.64
N PHE B 314 59.61 24.24 33.25
CA PHE B 314 59.39 23.79 31.89
C PHE B 314 58.49 24.74 31.10
N GLY B 315 58.82 24.91 29.82
CA GLY B 315 57.97 25.64 28.88
C GLY B 315 58.22 27.14 28.79
N ASP B 316 57.59 27.76 27.80
CA ASP B 316 57.62 29.20 27.59
C ASP B 316 56.76 29.87 28.66
N LEU B 317 57.41 30.52 29.62
CA LEU B 317 56.73 31.11 30.78
C LEU B 317 55.80 32.27 30.45
N LYS B 318 56.05 32.95 29.33
CA LYS B 318 55.18 34.03 28.84
C LYS B 318 53.75 33.55 28.60
N HIS B 319 53.61 32.28 28.24
CA HIS B 319 52.31 31.70 27.88
C HIS B 319 51.83 30.61 28.83
N LYS B 320 52.38 30.56 30.04
CA LYS B 320 52.02 29.54 31.03
C LYS B 320 50.59 29.72 31.54
N MET B 321 49.91 28.60 31.75
CA MET B 321 48.61 28.59 32.45
C MET B 321 48.76 29.15 33.85
N ASN B 322 47.75 29.87 34.32
CA ASN B 322 47.72 30.43 35.67
C ASN B 322 47.69 29.34 36.75
N ASN B 323 47.08 28.20 36.42
CA ASN B 323 46.77 27.17 37.41
C ASN B 323 47.63 25.91 37.36
N VAL B 324 48.70 25.94 36.56
CA VAL B 324 49.62 24.80 36.46
C VAL B 324 51.08 25.25 36.33
N LEU B 325 51.98 24.50 36.96
CA LEU B 325 53.42 24.74 36.82
C LEU B 325 54.13 23.44 36.48
N GLY B 326 55.02 23.49 35.49
CA GLY B 326 55.89 22.37 35.16
C GLY B 326 57.23 22.54 35.84
N VAL B 327 57.52 21.68 36.81
CA VAL B 327 58.75 21.78 37.59
C VAL B 327 59.73 20.67 37.21
N VAL B 328 60.89 21.07 36.70
CA VAL B 328 61.90 20.12 36.23
C VAL B 328 62.55 19.38 37.40
N ILE B 329 62.57 18.05 37.28
CA ILE B 329 63.11 17.17 38.32
C ILE B 329 64.64 17.14 38.25
N PRO B 330 65.31 17.55 39.35
CA PRO B 330 66.77 17.63 39.37
C PRO B 330 67.46 16.29 39.23
N GLN B 331 68.69 16.30 38.71
CA GLN B 331 69.58 15.15 38.64
C GLN B 331 69.73 14.45 39.99
N GLY B 332 69.47 13.15 40.03
CA GLY B 332 69.72 12.35 41.22
C GLY B 332 68.54 12.18 42.17
N ILE B 333 67.64 13.17 42.19
CA ILE B 333 66.40 13.07 42.95
C ILE B 333 65.39 12.28 42.14
N ASN B 334 64.82 11.23 42.75
CA ASN B 334 63.86 10.37 42.08
C ASN B 334 62.47 11.00 42.06
N GLY B 335 62.00 11.30 40.85
CA GLY B 335 60.70 11.96 40.64
C GLY B 335 59.52 11.25 41.27
N ASP B 336 59.47 9.93 41.11
CA ASP B 336 58.38 9.12 41.66
C ASP B 336 58.48 8.92 43.18
N GLN B 337 59.69 9.10 43.73
CA GLN B 337 59.90 8.93 45.17
C GLN B 337 59.49 10.17 45.97
N ALA B 338 59.70 11.35 45.37
CA ALA B 338 59.21 12.59 45.97
C ALA B 338 57.70 12.58 46.06
N ARG B 339 57.04 12.07 45.02
CA ARG B 339 55.58 11.89 44.99
C ARG B 339 55.06 11.00 46.11
N LYS B 340 55.69 9.84 46.30
CA LYS B 340 55.33 8.92 47.39
C LYS B 340 55.44 9.61 48.75
N LEU B 341 56.54 10.31 48.98
CA LEU B 341 56.76 11.02 50.24
C LEU B 341 55.84 12.23 50.43
N MET B 342 55.51 12.91 49.33
CA MET B 342 54.57 14.04 49.35
C MET B 342 53.14 13.60 49.71
N LEU B 343 52.74 12.44 49.20
CA LEU B 343 51.38 11.95 49.37
C LEU B 343 51.20 11.22 50.69
N GLU B 344 52.12 10.31 51.00
CA GLU B 344 52.01 9.45 52.18
C GLU B 344 52.38 10.15 53.48
N ASP B 345 53.36 11.05 53.42
CA ASP B 345 53.89 11.70 54.63
C ASP B 345 53.34 13.12 54.86
N PHE B 346 52.86 13.75 53.79
CA PHE B 346 52.31 15.12 53.89
C PHE B 346 50.85 15.19 53.47
N GLY B 347 50.38 14.15 52.78
CA GLY B 347 48.99 14.10 52.29
C GLY B 347 48.76 15.06 51.13
N ILE B 348 49.79 15.29 50.34
CA ILE B 348 49.74 16.23 49.22
C ILE B 348 50.07 15.53 47.91
N GLU B 349 49.19 15.67 46.94
CA GLU B 349 49.43 15.13 45.61
C GLU B 349 50.04 16.19 44.69
N ILE B 350 51.20 15.87 44.11
CA ILE B 350 51.73 16.62 42.99
C ILE B 350 51.74 15.71 41.76
N GLY B 351 51.61 16.31 40.58
CA GLY B 351 51.42 15.54 39.37
C GLY B 351 52.69 14.97 38.77
N THR B 352 52.59 13.73 38.29
CA THR B 352 53.61 13.15 37.44
C THR B 352 53.29 13.50 36.00
N SER B 353 54.33 13.59 35.17
CA SER B 353 54.15 13.79 33.74
C SER B 353 54.09 12.42 33.07
N PHE B 354 53.27 12.33 32.02
CA PHE B 354 53.27 11.15 31.15
C PHE B 354 53.98 11.47 29.85
N GLY B 355 54.32 10.44 29.08
CA GLY B 355 54.96 10.60 27.78
C GLY B 355 56.38 11.14 27.83
N PRO B 356 56.71 12.06 26.89
CA PRO B 356 58.07 12.60 26.71
C PRO B 356 58.59 13.48 27.86
N LEU B 357 57.92 13.44 29.01
CA LEU B 357 58.37 14.20 30.17
C LEU B 357 58.33 13.35 31.45
N HIS B 358 57.90 12.09 31.31
CA HIS B 358 57.81 11.16 32.44
C HIS B 358 59.17 10.94 33.09
N GLY B 359 59.26 11.29 34.37
CA GLY B 359 60.52 11.19 35.13
C GLY B 359 61.34 12.46 35.08
N LYS B 360 60.98 13.38 34.16
CA LYS B 360 61.74 14.61 33.95
C LYS B 360 61.10 15.85 34.57
N VAL B 361 59.76 15.85 34.66
CA VAL B 361 58.99 17.04 35.06
C VAL B 361 57.84 16.69 36.01
N TRP B 362 57.67 17.49 37.06
CA TRP B 362 56.48 17.44 37.91
C TRP B 362 55.48 18.50 37.46
N ARG B 363 54.20 18.20 37.61
CA ARG B 363 53.15 19.18 37.36
C ARG B 363 52.46 19.56 38.68
N ILE B 364 52.60 20.81 39.09
CA ILE B 364 51.95 21.30 40.30
C ILE B 364 50.87 22.32 39.95
N GLY B 365 49.63 22.01 40.34
CA GLY B 365 48.49 22.87 40.05
C GLY B 365 48.04 23.70 41.24
N THR B 366 47.53 24.90 40.94
CA THR B 366 46.87 25.75 41.93
C THR B 366 45.53 26.17 41.35
N MET B 367 44.53 25.29 41.49
CA MET B 367 43.26 25.45 40.78
C MET B 367 42.06 25.55 41.73
N GLY B 368 40.98 26.15 41.23
CA GLY B 368 39.72 26.30 41.96
C GLY B 368 39.82 26.57 43.44
N TYR B 369 39.32 25.63 44.23
CA TYR B 369 39.30 25.73 45.68
C TYR B 369 40.71 25.74 46.28
N ASN B 370 41.64 25.12 45.57
CA ASN B 370 43.04 25.03 46.02
C ASN B 370 43.92 26.18 45.53
N ALA B 371 43.33 27.10 44.78
CA ALA B 371 44.00 28.35 44.45
C ALA B 371 43.83 29.32 45.62
N ARG B 372 44.51 29.01 46.72
CA ARG B 372 44.55 29.83 47.92
C ARG B 372 46.00 29.98 48.35
N LYS B 373 46.25 30.96 49.22
CA LYS B 373 47.59 31.22 49.76
C LYS B 373 48.14 30.03 50.55
N ASP B 374 47.30 29.41 51.37
CA ASP B 374 47.74 28.34 52.26
C ASP B 374 48.09 27.02 51.57
N CYS B 375 47.45 26.76 50.43
CA CYS B 375 47.78 25.60 49.60
C CYS B 375 49.13 25.79 48.91
N VAL B 376 49.43 27.03 48.53
CA VAL B 376 50.71 27.39 47.93
C VAL B 376 51.85 27.25 48.96
N MET B 377 51.64 27.84 50.14
CA MET B 377 52.62 27.77 51.23
C MET B 377 52.92 26.35 51.69
N THR B 378 51.85 25.58 51.94
CA THR B 378 51.96 24.21 52.42
C THR B 378 52.79 23.34 51.45
N THR B 379 52.46 23.40 50.17
CA THR B 379 53.11 22.60 49.14
C THR B 379 54.59 22.98 48.95
N LEU B 380 54.89 24.27 49.00
CA LEU B 380 56.28 24.75 48.89
C LEU B 380 57.16 24.21 50.01
N SER B 381 56.72 24.38 51.26
CA SER B 381 57.47 23.91 52.43
C SER B 381 57.60 22.40 52.46
N ALA B 382 56.55 21.71 51.97
CA ALA B 382 56.53 20.25 51.91
C ALA B 382 57.52 19.70 50.88
N LEU B 383 57.51 20.27 49.68
CA LEU B 383 58.40 19.86 48.60
C LEU B 383 59.87 20.07 49.00
N GLU B 384 60.13 21.22 49.63
CA GLU B 384 61.47 21.57 50.11
C GLU B 384 61.95 20.58 51.18
N ALA B 385 61.07 20.27 52.12
CA ALA B 385 61.37 19.30 53.17
C ALA B 385 61.69 17.92 52.61
N VAL B 386 60.89 17.47 51.64
CA VAL B 386 61.09 16.17 50.97
C VAL B 386 62.41 16.16 50.18
N LEU B 387 62.65 17.21 49.40
CA LEU B 387 63.89 17.36 48.64
C LEU B 387 65.13 17.40 49.54
N ASN B 388 65.07 18.21 50.60
CA ASN B 388 66.17 18.30 51.58
C ASN B 388 66.52 16.95 52.19
N TYR B 389 65.49 16.24 52.65
CA TYR B 389 65.62 14.89 53.21
C TYR B 389 66.31 13.93 52.24
N LEU B 390 66.12 14.18 50.94
CA LEU B 390 66.72 13.37 49.88
C LEU B 390 68.08 13.92 49.41
N LYS B 391 68.74 14.71 50.26
CA LYS B 391 70.09 15.22 50.03
C LYS B 391 70.23 16.22 48.86
N PHE B 392 69.21 17.06 48.67
CA PHE B 392 69.27 18.12 47.65
C PHE B 392 69.33 19.50 48.30
N PRO B 393 70.52 20.15 48.27
CA PRO B 393 70.74 21.44 48.92
C PRO B 393 69.94 22.61 48.34
N THR B 394 69.31 23.36 49.23
CA THR B 394 68.66 24.62 48.90
C THR B 394 69.19 25.67 49.87
N THR B 395 68.98 26.95 49.57
CA THR B 395 69.34 28.02 50.49
C THR B 395 68.21 28.18 51.50
N GLN B 396 68.48 27.77 52.74
CA GLN B 396 67.48 27.74 53.82
C GLN B 396 66.66 29.02 53.86
N GLY B 397 65.34 28.87 53.69
CA GLY B 397 64.41 29.99 53.82
C GLY B 397 64.11 30.78 52.56
N ALA B 398 64.95 30.62 51.53
CA ALA B 398 64.85 31.42 50.30
C ALA B 398 63.57 31.19 49.50
N ALA B 399 63.11 29.95 49.45
CA ALA B 399 61.90 29.58 48.70
C ALA B 399 60.63 30.14 49.35
N MET B 400 60.59 30.13 50.68
CA MET B 400 59.47 30.70 51.42
C MET B 400 59.52 32.23 51.40
N GLN B 401 60.74 32.77 51.40
CA GLN B 401 60.97 34.21 51.36
C GLN B 401 60.39 34.84 50.09
N ALA B 402 60.72 34.26 48.94
CA ALA B 402 60.24 34.77 47.64
C ALA B 402 58.72 34.76 47.53
N ALA B 403 58.10 33.71 48.08
CA ALA B 403 56.64 33.62 48.13
C ALA B 403 56.06 34.68 49.06
N TRP B 404 56.58 34.75 50.29
CA TRP B 404 56.17 35.75 51.26
C TRP B 404 56.36 37.19 50.75
N ASP B 405 57.48 37.44 50.08
CA ASP B 405 57.75 38.74 49.47
C ASP B 405 56.76 39.06 48.35
N HIS B 406 56.34 38.05 47.60
CA HIS B 406 55.35 38.22 46.54
C HIS B 406 53.97 38.58 47.10
N TYR B 407 53.57 37.89 48.16
CA TYR B 407 52.26 38.12 48.80
C TYR B 407 52.20 39.47 49.52
N ARG B 408 53.29 39.82 50.20
CA ARG B 408 53.39 41.10 50.90
C ARG B 408 53.38 42.28 49.94
N SER B 409 54.04 42.10 48.79
CA SER B 409 54.12 43.15 47.76
C SER B 409 52.78 43.39 47.07
N GLU B 410 52.01 42.34 46.86
CA GLU B 410 50.74 42.44 46.14
C GLU B 410 49.60 42.93 47.05
N ARG B 411 49.81 42.90 48.35
CA ARG B 411 48.81 43.33 49.32
C ARG B 411 48.96 44.80 49.69
N ASP C 2 29.01 -7.71 69.06
CA ASP C 2 30.09 -7.35 68.10
C ASP C 2 29.96 -5.90 67.62
N ILE C 3 31.09 -5.31 67.22
CA ILE C 3 31.10 -3.94 66.70
C ILE C 3 30.52 -3.87 65.28
N THR C 4 30.74 -4.93 64.51
CA THR C 4 30.24 -5.02 63.13
C THR C 4 28.71 -5.00 63.05
N GLN C 5 28.06 -5.38 64.15
CA GLN C 5 26.59 -5.31 64.23
C GLN C 5 26.09 -3.90 64.58
N PHE C 6 27.02 -2.95 64.66
CA PHE C 6 26.70 -1.52 64.67
C PHE C 6 27.08 -0.95 63.32
N SER C 7 26.07 -0.54 62.55
CA SER C 7 26.30 -0.05 61.19
C SER C 7 26.07 1.46 61.06
N GLN C 8 26.29 1.97 59.85
CA GLN C 8 26.07 3.37 59.50
C GLN C 8 24.68 3.84 59.93
N LEU C 9 24.62 5.07 60.44
CA LEU C 9 23.36 5.69 60.86
C LEU C 9 22.35 5.69 59.70
N ASN C 10 21.20 5.07 59.93
CA ASN C 10 20.13 4.98 58.94
C ASN C 10 18.75 5.02 59.60
N PRO C 11 18.22 6.24 59.82
CA PRO C 11 16.89 6.41 60.41
C PRO C 11 15.79 6.36 59.34
N PRO C 12 14.61 5.81 59.70
CA PRO C 12 13.51 5.66 58.74
C PRO C 12 12.95 7.00 58.29
N SER C 13 12.45 7.03 57.05
CA SER C 13 11.77 8.20 56.51
C SER C 13 10.51 8.46 57.32
N ARG C 14 10.37 9.68 57.84
CA ARG C 14 9.27 10.04 58.72
C ARG C 14 8.69 11.40 58.38
N LEU C 15 7.38 11.53 58.52
CA LEU C 15 6.73 12.83 58.48
C LEU C 15 6.32 13.19 59.90
N LEU C 16 7.02 14.17 60.47
CA LEU C 16 6.84 14.52 61.88
C LEU C 16 5.79 15.62 62.06
N MET C 17 4.57 15.20 62.39
CA MET C 17 3.43 16.09 62.54
C MET C 17 2.91 16.06 63.97
N GLY C 18 3.80 15.73 64.91
CA GLY C 18 3.45 15.73 66.33
C GLY C 18 3.66 17.11 66.93
N PRO C 19 3.82 17.19 68.26
CA PRO C 19 4.06 18.46 68.92
C PRO C 19 5.54 18.87 68.86
N GLY C 20 6.34 18.09 68.13
CA GLY C 20 7.79 18.28 68.11
C GLY C 20 8.50 17.08 68.71
N PRO C 21 9.76 16.82 68.29
CA PRO C 21 10.49 17.62 67.30
C PRO C 21 9.94 17.37 65.90
N ILE C 22 10.00 18.37 65.05
CA ILE C 22 9.54 18.18 63.67
C ILE C 22 10.72 18.08 62.72
N ASN C 23 10.45 17.67 61.47
CA ASN C 23 11.49 17.53 60.47
C ASN C 23 12.28 18.81 60.25
N ALA C 24 13.59 18.70 60.10
CA ALA C 24 14.44 19.85 59.86
C ALA C 24 14.32 20.32 58.42
N ASP C 25 14.67 21.57 58.17
CA ASP C 25 14.81 22.07 56.82
C ASP C 25 16.07 21.43 56.23
N PRO C 26 15.97 20.89 55.00
CA PRO C 26 17.12 20.27 54.32
C PRO C 26 18.36 21.16 54.27
N ARG C 27 18.18 22.48 54.15
CA ARG C 27 19.29 23.43 54.16
C ARG C 27 20.03 23.47 55.50
N VAL C 28 19.30 23.21 56.58
CA VAL C 28 19.86 23.27 57.93
C VAL C 28 20.76 22.07 58.22
N LEU C 29 20.32 20.89 57.79
CA LEU C 29 21.10 19.66 57.95
C LEU C 29 22.41 19.69 57.17
N ARG C 30 22.35 20.24 55.95
CA ARG C 30 23.53 20.36 55.10
C ARG C 30 24.60 21.26 55.71
N ALA C 31 24.17 22.37 56.31
CA ALA C 31 25.06 23.31 56.97
C ALA C 31 25.77 22.68 58.18
N MET C 32 25.16 21.63 58.74
CA MET C 32 25.74 20.91 59.87
C MET C 32 26.89 19.99 59.46
N SER C 33 26.87 19.52 58.22
CA SER C 33 27.94 18.69 57.69
C SER C 33 29.19 19.51 57.34
N SER C 34 29.06 20.83 57.38
CA SER C 34 30.16 21.76 57.07
C SER C 34 31.33 21.61 58.05
N GLN C 35 32.54 21.84 57.55
CA GLN C 35 33.76 21.68 58.35
C GLN C 35 33.88 22.71 59.47
N LEU C 36 34.58 22.33 60.53
CA LEU C 36 34.71 23.17 61.72
C LEU C 36 35.84 24.18 61.60
N ILE C 37 35.81 25.17 62.50
CA ILE C 37 36.94 26.07 62.71
C ILE C 37 37.25 26.16 64.21
N GLY C 38 38.37 26.79 64.54
CA GLY C 38 38.77 26.98 65.93
C GLY C 38 37.86 27.92 66.67
N GLN C 39 37.84 27.79 67.99
CA GLN C 39 37.01 28.62 68.88
C GLN C 39 37.17 30.12 68.60
N TYR C 40 38.41 30.55 68.34
CA TYR C 40 38.72 31.97 68.21
C TYR C 40 39.16 32.41 66.81
N ASP C 41 38.76 31.65 65.80
CA ASP C 41 38.99 32.02 64.42
C ASP C 41 38.12 33.24 64.09
N PRO C 42 38.68 34.24 63.37
CA PRO C 42 37.91 35.41 62.96
C PRO C 42 36.60 35.07 62.24
N ALA C 43 36.57 33.91 61.57
CA ALA C 43 35.35 33.43 60.93
C ALA C 43 34.32 32.98 61.95
N MET C 44 34.78 32.36 63.04
CA MET C 44 33.89 31.91 64.12
C MET C 44 33.24 33.11 64.82
N THR C 45 34.05 34.12 65.14
CA THR C 45 33.54 35.31 65.82
C THR C 45 32.69 36.18 64.90
N HIS C 46 32.92 36.11 63.60
CA HIS C 46 32.05 36.76 62.62
C HIS C 46 30.70 36.05 62.55
N TYR C 47 30.73 34.72 62.58
CA TYR C 47 29.50 33.91 62.55
C TYR C 47 28.68 34.05 63.81
N MET C 48 29.35 34.20 64.95
CA MET C 48 28.65 34.49 66.21
C MET C 48 27.98 35.86 66.13
N ASN C 49 28.72 36.85 65.65
CA ASN C 49 28.19 38.21 65.45
C ASN C 49 27.01 38.25 64.48
N GLU C 50 27.03 37.38 63.49
CA GLU C 50 25.93 37.26 62.54
C GLU C 50 24.69 36.63 63.17
N VAL C 51 24.91 35.58 63.97
CA VAL C 51 23.82 34.89 64.68
C VAL C 51 23.09 35.85 65.62
N MET C 52 23.85 36.68 66.34
CA MET C 52 23.29 37.72 67.19
C MET C 52 22.39 38.63 66.36
N ALA C 53 22.95 39.19 65.29
CA ALA C 53 22.22 40.06 64.37
C ALA C 53 20.97 39.40 63.81
N LEU C 54 21.10 38.16 63.35
CA LEU C 54 19.99 37.42 62.74
C LEU C 54 18.84 37.16 63.71
N TYR C 55 19.17 36.82 64.95
CA TYR C 55 18.12 36.51 65.93
C TYR C 55 17.40 37.74 66.51
N ARG C 56 18.06 38.90 66.44
CA ARG C 56 17.42 40.18 66.74
C ARG C 56 16.24 40.41 65.80
N GLY C 57 16.38 39.94 64.56
CA GLY C 57 15.32 40.03 63.57
C GLY C 57 14.23 39.00 63.75
N VAL C 58 14.60 37.81 64.20
CA VAL C 58 13.63 36.75 64.49
C VAL C 58 12.82 37.10 65.74
N PHE C 59 13.50 37.56 66.79
CA PHE C 59 12.85 37.95 68.03
C PHE C 59 12.11 39.29 67.92
N ARG C 60 12.42 40.06 66.87
CA ARG C 60 11.88 41.42 66.67
C ARG C 60 12.36 42.34 67.78
N THR C 61 13.68 42.45 67.92
CA THR C 61 14.30 43.24 68.96
C THR C 61 15.57 43.93 68.49
N GLU C 62 15.98 44.96 69.22
CA GLU C 62 17.27 45.62 69.00
C GLU C 62 18.23 45.30 70.14
N ASN C 63 17.82 44.38 71.01
CA ASN C 63 18.64 43.94 72.14
C ASN C 63 20.05 43.55 71.71
N ARG C 64 21.04 44.28 72.21
CA ARG C 64 22.44 43.94 72.01
C ARG C 64 22.73 42.51 72.48
N TRP C 65 21.99 42.08 73.51
CA TRP C 65 22.24 40.76 74.11
C TRP C 65 21.25 39.68 73.67
N THR C 66 21.34 39.35 72.38
CA THR C 66 20.59 38.27 71.77
C THR C 66 21.59 37.22 71.28
N MET C 67 21.50 36.01 71.83
CA MET C 67 22.54 34.98 71.65
C MET C 67 22.02 33.55 71.87
N LEU C 68 22.93 32.59 71.83
CA LEU C 68 22.58 31.17 71.94
C LEU C 68 23.05 30.54 73.25
N VAL C 69 22.17 29.77 73.86
CA VAL C 69 22.53 28.89 74.96
C VAL C 69 22.70 27.47 74.40
N ASP C 70 23.88 26.90 74.62
CA ASP C 70 24.20 25.56 74.14
C ASP C 70 23.55 24.51 75.02
N GLY C 71 22.34 24.15 74.65
CA GLY C 71 21.54 23.19 75.40
C GLY C 71 20.14 23.21 74.86
N THR C 72 19.35 22.24 75.31
CA THR C 72 17.96 22.10 74.96
C THR C 72 17.13 23.36 75.31
N SER C 73 15.88 23.45 74.85
CA SER C 73 15.05 24.64 75.08
C SER C 73 14.95 25.03 76.56
N ARG C 74 14.71 24.04 77.42
CA ARG C 74 14.57 24.29 78.86
C ARG C 74 15.90 24.62 79.55
N ALA C 75 17.01 24.50 78.82
CA ALA C 75 18.31 24.94 79.31
C ALA C 75 18.45 26.45 79.17
N GLY C 76 17.90 26.99 78.07
CA GLY C 76 17.87 28.43 77.84
C GLY C 76 16.96 29.14 78.82
N ILE C 77 15.86 28.48 79.19
CA ILE C 77 14.98 28.95 80.25
C ILE C 77 15.75 28.99 81.57
N GLU C 78 16.34 27.85 81.93
CA GLU C 78 17.04 27.71 83.21
C GLU C 78 18.24 28.66 83.32
N ALA C 79 18.93 28.88 82.20
CA ALA C 79 20.00 29.88 82.15
C ALA C 79 19.47 31.25 82.58
N ILE C 80 18.30 31.62 82.08
CA ILE C 80 17.68 32.91 82.38
C ILE C 80 17.17 32.99 83.83
N LEU C 81 16.39 32.01 84.25
CA LEU C 81 15.83 32.00 85.60
C LEU C 81 16.91 31.97 86.67
N VAL C 82 17.94 31.14 86.47
CA VAL C 82 19.08 31.06 87.40
C VAL C 82 19.87 32.38 87.43
N SER C 83 19.89 33.09 86.30
CA SER C 83 20.63 34.36 86.20
C SER C 83 19.84 35.57 86.70
N ALA C 84 18.51 35.47 86.72
CA ALA C 84 17.65 36.59 87.12
C ALA C 84 17.17 36.49 88.55
N ILE C 85 16.86 35.28 89.00
CA ILE C 85 16.32 35.03 90.33
C ILE C 85 17.43 34.77 91.34
N ARG C 86 17.53 35.63 92.36
CA ARG C 86 18.36 35.36 93.53
C ARG C 86 17.53 34.51 94.49
N PRO C 87 18.20 33.71 95.34
CA PRO C 87 17.49 32.88 96.32
C PRO C 87 16.52 33.69 97.18
N GLY C 88 15.25 33.31 97.16
CA GLY C 88 14.21 33.98 97.94
C GLY C 88 13.21 34.76 97.11
N ASP C 89 13.73 35.61 96.21
CA ASP C 89 12.90 36.46 95.33
C ASP C 89 11.61 35.81 94.88
N LYS C 90 10.52 36.55 94.95
CA LYS C 90 9.20 36.06 94.55
C LYS C 90 9.06 35.97 93.03
N VAL C 91 8.20 35.04 92.59
CA VAL C 91 7.98 34.77 91.18
C VAL C 91 6.52 34.38 90.95
N LEU C 92 5.95 34.83 89.83
CA LEU C 92 4.59 34.47 89.45
C LEU C 92 4.52 33.75 88.12
N VAL C 93 3.89 32.58 88.13
CA VAL C 93 3.70 31.77 86.92
C VAL C 93 2.22 31.51 86.67
N PRO C 94 1.64 32.16 85.65
CA PRO C 94 0.28 31.85 85.23
C PRO C 94 0.23 30.53 84.46
N VAL C 95 -0.05 29.45 85.18
CA VAL C 95 -0.06 28.10 84.61
C VAL C 95 -1.31 27.84 83.77
N PHE C 96 -1.12 27.35 82.55
CA PHE C 96 -2.24 26.93 81.70
C PHE C 96 -1.97 25.62 80.94
N GLY C 97 -0.87 24.96 81.29
CA GLY C 97 -0.52 23.66 80.71
C GLY C 97 0.70 23.05 81.37
N ARG C 98 1.24 22.01 80.73
CA ARG C 98 2.40 21.28 81.24
C ARG C 98 3.63 22.17 81.43
N PHE C 99 3.88 23.06 80.48
CA PHE C 99 5.09 23.90 80.51
C PHE C 99 4.98 25.08 81.48
N GLY C 100 3.78 25.33 81.99
CA GLY C 100 3.60 26.23 83.12
C GLY C 100 4.17 25.59 84.37
N HIS C 101 4.00 24.28 84.48
CA HIS C 101 4.55 23.49 85.58
C HIS C 101 6.09 23.43 85.53
N LEU C 102 6.64 23.34 84.32
CA LEU C 102 8.10 23.32 84.12
C LEU C 102 8.77 24.59 84.64
N LEU C 103 8.16 25.73 84.35
CA LEU C 103 8.63 27.02 84.85
C LEU C 103 8.63 27.09 86.38
N CYS C 104 7.60 26.51 86.99
CA CYS C 104 7.48 26.45 88.45
C CYS C 104 8.67 25.70 89.07
N GLU C 105 9.03 24.58 88.46
CA GLU C 105 10.12 23.73 88.96
C GLU C 105 11.49 24.38 88.81
N ILE C 106 11.75 24.99 87.66
CA ILE C 106 13.02 25.65 87.41
C ILE C 106 13.26 26.76 88.44
N ALA C 107 12.22 27.56 88.69
CA ALA C 107 12.26 28.61 89.71
C ALA C 107 12.43 28.04 91.13
N ARG C 108 11.83 26.89 91.39
CA ARG C 108 12.00 26.18 92.67
C ARG C 108 13.47 25.80 92.90
N ARG C 109 14.10 25.28 91.84
CA ARG C 109 15.50 24.87 91.89
C ARG C 109 16.43 26.09 91.95
N CYS C 110 15.92 27.25 91.52
CA CYS C 110 16.62 28.52 91.64
C CYS C 110 16.50 29.09 93.06
N ARG C 111 15.75 28.38 93.91
CA ARG C 111 15.46 28.78 95.29
C ARG C 111 14.53 30.00 95.37
N ALA C 112 13.52 30.03 94.50
CA ALA C 112 12.52 31.09 94.51
C ALA C 112 11.23 30.66 95.17
N GLU C 113 10.54 31.61 95.78
CA GLU C 113 9.19 31.41 96.26
C GLU C 113 8.26 31.57 95.06
N VAL C 114 7.58 30.49 94.70
CA VAL C 114 6.80 30.47 93.47
C VAL C 114 5.30 30.64 93.74
N HIS C 115 4.73 31.67 93.12
CA HIS C 115 3.29 31.90 93.15
C HIS C 115 2.67 31.47 91.83
N THR C 116 1.48 30.89 91.90
CA THR C 116 0.80 30.41 90.70
C THR C 116 -0.64 30.89 90.62
N ILE C 117 -1.12 31.07 89.40
CA ILE C 117 -2.56 31.17 89.11
C ILE C 117 -2.92 30.12 88.07
N GLU C 118 -4.19 29.74 88.02
CA GLU C 118 -4.62 28.63 87.17
C GLU C 118 -5.88 28.91 86.37
N VAL C 119 -5.82 28.55 85.08
CA VAL C 119 -7.01 28.36 84.26
C VAL C 119 -7.01 26.89 83.81
N PRO C 120 -8.20 26.32 83.53
CA PRO C 120 -8.20 24.94 83.08
C PRO C 120 -7.64 24.76 81.67
N TRP C 121 -7.01 23.61 81.43
CA TRP C 121 -6.64 23.17 80.08
C TRP C 121 -7.96 22.96 79.32
N GLY C 122 -8.13 23.60 78.17
CA GLY C 122 -7.15 24.50 77.59
C GLY C 122 -7.76 25.88 77.38
N GLU C 123 -7.58 26.74 78.38
CA GLU C 123 -8.01 28.13 78.30
C GLU C 123 -6.83 29.07 78.44
N VAL C 124 -7.10 30.38 78.48
CA VAL C 124 -6.04 31.37 78.45
C VAL C 124 -6.32 32.53 79.43
N PHE C 125 -5.27 33.22 79.87
CA PHE C 125 -5.41 34.30 80.84
C PHE C 125 -5.77 35.65 80.22
N THR C 126 -6.72 36.33 80.85
CA THR C 126 -7.08 37.70 80.55
C THR C 126 -6.06 38.64 81.22
N PRO C 127 -5.74 39.79 80.60
CA PRO C 127 -4.87 40.78 81.22
C PRO C 127 -5.28 41.16 82.65
N ASP C 128 -6.58 41.22 82.92
CA ASP C 128 -7.09 41.55 84.26
C ASP C 128 -6.73 40.50 85.31
N GLN C 129 -6.82 39.23 84.93
CA GLN C 129 -6.51 38.11 85.83
C GLN C 129 -5.07 38.16 86.35
N VAL C 130 -4.12 38.44 85.46
CA VAL C 130 -2.70 38.47 85.84
C VAL C 130 -2.34 39.78 86.57
N GLU C 131 -3.05 40.87 86.26
CA GLU C 131 -2.82 42.15 86.95
C GLU C 131 -3.26 42.07 88.41
N ASP C 132 -4.42 41.43 88.64
CA ASP C 132 -4.91 41.19 90.00
C ASP C 132 -3.95 40.30 90.79
N ALA C 133 -3.31 39.35 90.10
CA ALA C 133 -2.30 38.50 90.71
C ALA C 133 -1.04 39.28 91.06
N VAL C 134 -0.61 40.14 90.14
CA VAL C 134 0.56 41.01 90.33
C VAL C 134 0.37 41.97 91.51
N LYS C 135 -0.77 42.68 91.52
CA LYS C 135 -1.13 43.55 92.63
C LYS C 135 -1.06 42.81 93.96
N ARG C 136 -1.55 41.57 93.96
CA ARG C 136 -1.67 40.75 95.17
C ARG C 136 -0.34 40.27 95.76
N ILE C 137 0.50 39.61 94.95
CA ILE C 137 1.72 39.00 95.49
C ILE C 137 3.00 39.81 95.27
N ARG C 138 2.97 40.75 94.32
CA ARG C 138 4.13 41.59 93.99
C ARG C 138 5.39 40.79 93.63
N PRO C 139 5.38 40.14 92.45
CA PRO C 139 6.55 39.35 92.08
C PRO C 139 7.67 40.23 91.53
N ARG C 140 8.91 39.70 91.58
CA ARG C 140 10.02 40.33 90.90
C ARG C 140 9.96 40.01 89.41
N LEU C 141 9.51 38.79 89.11
CA LEU C 141 9.42 38.28 87.74
C LEU C 141 8.02 37.77 87.43
N LEU C 142 7.53 38.07 86.24
CA LEU C 142 6.38 37.36 85.68
C LEU C 142 6.89 36.36 84.65
N LEU C 143 6.63 35.08 84.92
CA LEU C 143 7.15 34.00 84.09
C LEU C 143 6.02 33.31 83.33
N THR C 144 5.99 33.52 82.01
CA THR C 144 4.91 33.04 81.17
C THR C 144 5.39 32.13 80.05
N VAL C 145 4.49 31.27 79.58
CA VAL C 145 4.67 30.54 78.34
C VAL C 145 3.76 31.21 77.33
N GLN C 146 4.24 31.40 76.10
CA GLN C 146 3.38 31.97 75.06
C GLN C 146 2.58 30.88 74.38
N GLY C 147 3.27 29.86 73.86
CA GLY C 147 2.61 28.72 73.24
C GLY C 147 2.87 27.43 74.00
N ASP C 148 1.86 26.94 74.70
CA ASP C 148 1.98 25.67 75.42
C ASP C 148 1.45 24.51 74.57
N THR C 149 2.39 23.75 74.00
CA THR C 149 2.08 22.65 73.08
C THR C 149 1.28 21.50 73.69
N SER C 150 1.16 21.48 75.02
CA SER C 150 0.37 20.46 75.70
C SER C 150 -1.14 20.75 75.68
N THR C 151 -1.50 21.99 75.35
CA THR C 151 -2.91 22.40 75.25
C THR C 151 -3.26 23.05 73.91
N THR C 152 -2.23 23.32 73.11
CA THR C 152 -2.33 24.02 71.81
C THR C 152 -2.72 25.51 71.94
N MET C 153 -2.61 26.03 73.16
CA MET C 153 -3.05 27.40 73.46
C MET C 153 -1.94 28.44 73.37
N LEU C 154 -2.30 29.61 72.86
CA LEU C 154 -1.40 30.75 72.74
C LEU C 154 -1.85 31.82 73.74
N GLN C 155 -0.99 32.11 74.72
CA GLN C 155 -1.26 33.16 75.69
C GLN C 155 -1.00 34.53 75.06
N PRO C 156 -2.03 35.41 75.02
CA PRO C 156 -1.85 36.78 74.56
C PRO C 156 -0.95 37.59 75.49
N LEU C 157 0.08 38.20 74.91
CA LEU C 157 1.16 38.85 75.67
C LEU C 157 1.24 40.37 75.47
N ALA C 158 0.54 40.88 74.46
CA ALA C 158 0.64 42.29 74.04
C ALA C 158 0.36 43.31 75.15
N GLU C 159 -0.67 43.05 75.96
CA GLU C 159 -1.09 43.98 77.00
C GLU C 159 -0.32 43.78 78.31
N LEU C 160 0.19 42.56 78.51
CA LEU C 160 0.88 42.17 79.74
C LEU C 160 2.18 42.93 79.99
N GLY C 161 2.84 43.34 78.91
CA GLY C 161 4.09 44.11 79.00
C GLY C 161 3.92 45.43 79.71
N GLU C 162 2.86 46.16 79.36
CA GLU C 162 2.49 47.40 80.04
C GLU C 162 2.04 47.19 81.49
N ILE C 163 1.45 46.03 81.75
CA ILE C 163 1.06 45.64 83.11
C ILE C 163 2.31 45.48 83.99
N CYS C 164 3.34 44.84 83.43
CA CYS C 164 4.60 44.62 84.14
C CYS C 164 5.43 45.90 84.29
N ARG C 165 5.21 46.88 83.42
CA ARG C 165 5.92 48.16 83.48
C ARG C 165 5.41 49.05 84.61
N ARG C 166 4.08 49.08 84.78
CA ARG C 166 3.44 49.88 85.83
C ARG C 166 3.83 49.42 87.24
N TYR C 167 3.85 48.11 87.45
CA TYR C 167 4.15 47.53 88.76
C TYR C 167 5.59 47.03 88.86
N ASP C 168 6.39 47.39 87.86
CA ASP C 168 7.84 47.19 87.85
C ASP C 168 8.28 45.74 88.04
N ALA C 169 7.68 44.84 87.27
CA ALA C 169 8.04 43.43 87.28
C ALA C 169 8.70 43.03 85.97
N LEU C 170 9.72 42.17 86.07
CA LEU C 170 10.44 41.68 84.90
C LEU C 170 9.62 40.63 84.15
N PHE C 171 9.48 40.83 82.84
CA PHE C 171 8.57 40.04 82.01
C PHE C 171 9.34 39.05 81.13
N TYR C 172 9.16 37.76 81.42
CA TYR C 172 9.79 36.68 80.65
C TYR C 172 8.75 35.80 79.96
N THR C 173 9.04 35.41 78.72
CA THR C 173 8.20 34.43 78.02
C THR C 173 9.00 33.26 77.44
N ASP C 174 8.40 32.08 77.48
CA ASP C 174 8.97 30.87 76.92
C ASP C 174 8.32 30.61 75.56
N ALA C 175 8.97 31.09 74.51
CA ALA C 175 8.37 31.10 73.17
C ALA C 175 8.93 30.04 72.21
N THR C 176 9.38 28.91 72.75
CA THR C 176 10.02 27.87 71.92
C THR C 176 9.07 27.27 70.88
N ALA C 177 7.84 27.01 71.32
CA ALA C 177 6.83 26.38 70.47
C ALA C 177 6.18 27.35 69.49
N SER C 178 6.34 28.64 69.75
CA SER C 178 5.61 29.68 69.01
C SER C 178 6.46 30.57 68.11
N LEU C 179 7.74 30.72 68.45
CA LEU C 179 8.65 31.58 67.69
C LEU C 179 8.71 31.15 66.23
N GLY C 180 8.41 32.08 65.33
CA GLY C 180 8.41 31.82 63.90
C GLY C 180 7.06 31.38 63.33
N GLY C 181 6.17 30.93 64.21
CA GLY C 181 4.85 30.42 63.81
C GLY C 181 3.69 31.29 64.25
N ASN C 182 3.92 32.08 65.29
CA ASN C 182 2.93 33.01 65.83
C ASN C 182 3.60 34.36 66.12
N PRO C 183 2.82 35.46 66.16
CA PRO C 183 3.43 36.77 66.42
C PRO C 183 4.19 36.86 67.75
N LEU C 184 5.30 37.59 67.75
CA LEU C 184 6.07 37.87 68.97
C LEU C 184 6.95 39.11 68.79
N GLU C 185 6.45 40.25 69.27
CA GLU C 185 7.16 41.52 69.18
C GLU C 185 7.83 41.82 70.52
N THR C 186 9.08 41.38 70.65
CA THR C 186 9.81 41.45 71.93
C THR C 186 9.90 42.86 72.51
N ASP C 187 10.28 43.83 71.68
CA ASP C 187 10.41 45.22 72.12
C ASP C 187 9.06 45.91 72.26
N VAL C 188 8.21 45.77 71.26
CA VAL C 188 6.88 46.39 71.26
C VAL C 188 6.00 45.87 72.40
N TRP C 189 6.16 44.59 72.75
CA TRP C 189 5.42 43.98 73.85
C TRP C 189 6.14 44.11 75.20
N GLY C 190 7.30 44.77 75.20
CA GLY C 190 8.02 45.09 76.43
C GLY C 190 8.55 43.90 77.21
N LEU C 191 9.05 42.89 76.50
CA LEU C 191 9.63 41.72 77.13
C LEU C 191 11.06 41.96 77.59
N ASP C 192 11.42 41.34 78.71
CA ASP C 192 12.76 41.48 79.27
C ASP C 192 13.65 40.29 78.90
N ALA C 193 13.02 39.11 78.84
CA ALA C 193 13.73 37.88 78.49
C ALA C 193 12.83 36.97 77.67
N VAL C 194 13.38 36.44 76.57
CA VAL C 194 12.69 35.46 75.75
C VAL C 194 13.66 34.33 75.45
N SER C 195 13.20 33.09 75.60
CA SER C 195 13.99 31.92 75.25
C SER C 195 13.24 31.05 74.24
N ALA C 196 14.00 30.33 73.41
CA ALA C 196 13.40 29.53 72.34
C ALA C 196 14.01 28.13 72.20
N GLY C 197 13.66 27.48 71.09
CA GLY C 197 14.21 26.17 70.73
C GLY C 197 14.15 26.00 69.23
N MET C 198 14.84 24.98 68.72
CA MET C 198 14.99 24.80 67.28
C MET C 198 13.94 23.86 66.69
N GLN C 199 13.63 22.79 67.42
CA GLN C 199 12.89 21.65 66.90
C GLN C 199 11.41 21.86 66.55
N1 LLP C 200 9.19 24.96 75.99
C2 LLP C 200 7.95 24.92 75.44
C2' LLP C 200 7.00 25.99 75.75
C3 LLP C 200 7.57 23.87 74.59
O3 LLP C 200 6.34 23.85 74.05
C4 LLP C 200 8.49 22.87 74.28
C4' LLP C 200 8.09 21.73 73.39
C5 LLP C 200 9.76 22.95 74.90
C6 LLP C 200 10.09 24.01 75.75
C5' LLP C 200 10.79 21.89 74.60
OP4 LLP C 200 11.64 21.50 75.63
P LLP C 200 13.07 20.96 75.31
OP1 LLP C 200 13.09 19.45 75.48
OP2 LLP C 200 14.00 21.61 76.29
OP3 LLP C 200 13.51 21.32 73.90
N LLP C 200 10.88 23.05 66.86
CA LLP C 200 9.49 23.36 66.58
CB LLP C 200 8.76 24.08 67.75
CG LLP C 200 7.94 23.21 68.70
CD LLP C 200 8.69 22.39 69.73
CE LLP C 200 7.99 22.08 71.00
NZ LLP C 200 8.82 21.57 72.11
C LLP C 200 9.33 24.07 65.24
O LLP C 200 9.37 23.40 64.19
N CYS C 201 9.14 25.40 65.25
CA CYS C 201 8.91 26.16 64.02
C CYS C 201 10.20 26.55 63.28
N LEU C 202 11.32 26.58 64.00
CA LEU C 202 12.60 27.03 63.42
C LEU C 202 13.21 26.01 62.44
N GLY C 203 13.23 24.75 62.85
CA GLY C 203 13.52 23.62 61.95
C GLY C 203 14.95 23.34 61.51
N GLY C 204 15.78 22.80 62.41
CA GLY C 204 15.41 22.58 63.80
C GLY C 204 15.59 21.20 64.41
N PRO C 205 16.84 20.83 64.74
CA PRO C 205 17.03 19.76 65.72
C PRO C 205 17.26 20.35 67.12
N SER C 206 16.74 19.70 68.16
CA SER C 206 16.95 20.17 69.53
C SER C 206 18.44 20.17 69.87
N GLY C 207 18.81 20.99 70.85
CA GLY C 207 20.21 21.08 71.27
C GLY C 207 20.71 22.50 71.45
N THR C 208 19.95 23.46 70.93
CA THR C 208 20.29 24.89 71.03
C THR C 208 19.08 25.71 71.47
N SER C 209 19.32 26.69 72.33
CA SER C 209 18.27 27.59 72.79
C SER C 209 18.66 29.06 72.56
N PRO C 210 18.04 29.71 71.56
CA PRO C 210 18.24 31.15 71.37
C PRO C 210 17.57 31.96 72.47
N ILE C 211 18.27 32.98 72.96
CA ILE C 211 17.74 33.89 73.98
C ILE C 211 17.96 35.34 73.59
N THR C 212 17.10 36.22 74.08
CA THR C 212 17.30 37.66 74.01
C THR C 212 17.08 38.30 75.38
N LEU C 213 17.94 39.25 75.73
CA LEU C 213 17.86 39.93 77.03
C LEU C 213 17.75 41.43 76.83
N SER C 214 16.84 42.07 77.56
CA SER C 214 16.66 43.52 77.49
C SER C 214 17.75 44.24 78.26
N ALA C 215 17.85 45.56 78.05
CA ALA C 215 18.80 46.41 78.77
C ALA C 215 18.60 46.38 80.28
N ARG C 216 17.35 46.24 80.72
CA ARG C 216 17.02 46.12 82.14
C ARG C 216 17.52 44.79 82.70
N MET C 217 17.33 43.72 81.92
CA MET C 217 17.74 42.37 82.32
C MET C 217 19.24 42.18 82.51
N GLU C 218 20.02 42.62 81.52
CA GLU C 218 21.49 42.49 81.59
C GLU C 218 22.05 43.28 82.77
N GLU C 219 21.45 44.42 83.08
CA GLU C 219 21.80 45.22 84.23
C GLU C 219 21.59 44.43 85.53
N ALA C 220 20.48 43.71 85.60
CA ALA C 220 20.15 42.87 86.76
C ALA C 220 21.12 41.69 86.90
N ILE C 221 21.53 41.13 85.77
CA ILE C 221 22.48 40.01 85.75
C ILE C 221 23.91 40.49 86.05
N ARG C 222 24.24 41.70 85.61
CA ARG C 222 25.55 42.32 85.87
C ARG C 222 25.84 42.55 87.35
N ARG C 223 24.79 42.72 88.14
CA ARG C 223 24.91 42.90 89.60
C ARG C 223 25.41 41.62 90.27
N ARG C 224 25.32 40.51 89.56
CA ARG C 224 25.66 39.18 90.09
C ARG C 224 27.08 38.76 89.71
N LYS C 225 27.83 39.68 89.10
CA LYS C 225 29.15 39.40 88.54
C LYS C 225 30.09 38.65 89.49
N CYS C 226 30.67 37.56 88.98
CA CYS C 226 31.65 36.74 89.67
C CYS C 226 32.30 35.84 88.62
N VAL C 227 33.55 36.13 88.28
CA VAL C 227 34.23 35.48 87.16
C VAL C 227 35.01 34.22 87.61
N GLU C 228 34.81 33.15 86.85
CA GLU C 228 35.42 31.83 87.10
C GLU C 228 36.94 31.89 87.31
N GLU C 229 37.42 31.17 88.32
CA GLU C 229 38.80 31.25 88.81
C GLU C 229 39.88 30.93 87.79
N GLY C 230 39.61 29.99 86.88
CA GLY C 230 40.58 29.59 85.86
C GLY C 230 40.79 30.64 84.78
N ILE C 231 39.77 31.48 84.56
CA ILE C 231 39.82 32.54 83.55
C ILE C 231 39.73 33.95 84.18
N ARG C 232 39.86 34.00 85.50
CA ARG C 232 39.82 35.27 86.24
C ARG C 232 41.16 35.99 86.16
N THR C 233 41.12 37.30 85.96
CA THR C 233 42.32 38.14 85.97
C THR C 233 42.23 39.23 87.03
N ASP C 234 43.21 40.13 87.04
CA ASP C 234 43.25 41.25 87.98
C ASP C 234 42.19 42.32 87.69
N ALA C 235 41.63 42.27 86.49
CA ALA C 235 40.61 43.23 86.07
C ALA C 235 39.21 42.91 86.61
N HIS C 236 38.98 41.64 86.96
CA HIS C 236 37.63 41.16 87.27
C HIS C 236 37.20 41.36 88.72
N ARG C 237 36.28 42.31 88.91
CA ARG C 237 35.71 42.62 90.22
C ARG C 237 34.25 42.16 90.28
N ASP C 238 33.84 41.69 91.45
CA ASP C 238 32.50 41.14 91.65
C ASP C 238 31.41 42.21 91.70
N GLY C 239 30.20 41.83 91.31
CA GLY C 239 29.03 42.71 91.43
C GLY C 239 28.53 42.81 92.86
N ASP C 240 27.63 43.75 93.10
CA ASP C 240 27.15 44.04 94.46
C ASP C 240 26.17 43.00 95.03
N GLU C 241 25.52 42.23 94.14
CA GLU C 241 24.64 41.15 94.55
C GLU C 241 25.33 39.79 94.53
N GLU C 242 24.71 38.80 95.18
CA GLU C 242 25.29 37.46 95.30
C GLU C 242 25.45 36.77 93.94
N MET C 243 26.35 35.79 93.89
CA MET C 243 26.68 35.08 92.65
C MET C 243 25.51 34.25 92.10
N ILE C 244 25.57 33.99 90.79
CA ILE C 244 24.65 33.05 90.15
C ILE C 244 25.12 31.63 90.48
N TYR C 245 24.19 30.77 90.88
CA TYR C 245 24.54 29.43 91.37
C TYR C 245 24.61 28.36 90.26
N SER C 246 25.33 28.72 89.20
CA SER C 246 25.67 27.83 88.09
C SER C 246 26.82 28.46 87.32
N ASN C 247 27.80 27.64 86.92
CA ASN C 247 28.89 28.12 86.09
C ASN C 247 28.47 28.18 84.62
N TYR C 248 27.85 27.11 84.16
CA TYR C 248 27.46 26.95 82.76
C TYR C 248 26.32 27.87 82.37
N PHE C 249 25.43 28.16 83.31
CA PHE C 249 24.26 29.00 83.06
C PHE C 249 24.45 30.46 83.46
N ASP C 250 25.64 30.81 83.93
CA ASP C 250 25.95 32.19 84.31
C ASP C 250 25.95 33.07 83.06
N LEU C 251 24.80 33.67 82.78
CA LEU C 251 24.63 34.53 81.60
C LEU C 251 25.53 35.76 81.62
N GLY C 252 25.98 36.15 82.81
CA GLY C 252 26.99 37.20 82.95
C GLY C 252 28.28 36.85 82.24
N MET C 253 28.68 35.58 82.33
CA MET C 253 29.88 35.09 81.65
C MET C 253 29.65 34.77 80.18
N VAL C 254 28.45 34.26 79.87
CA VAL C 254 28.05 33.97 78.49
C VAL C 254 28.00 35.26 77.67
N MET C 255 27.45 36.32 78.25
CA MET C 255 27.46 37.65 77.62
C MET C 255 28.88 38.13 77.34
N ASP C 256 29.79 37.83 78.25
CA ASP C 256 31.20 38.20 78.10
C ASP C 256 31.93 37.36 77.06
N TYR C 257 31.39 36.17 76.77
CA TYR C 257 31.94 35.30 75.73
C TYR C 257 31.46 35.73 74.34
N TRP C 258 30.20 36.14 74.25
CA TRP C 258 29.59 36.55 72.99
C TRP C 258 29.93 37.99 72.61
N GLY C 259 30.34 38.78 73.62
CA GLY C 259 30.72 40.17 73.41
C GLY C 259 32.17 40.34 72.95
N PRO C 260 32.63 41.60 72.88
CA PRO C 260 33.94 41.97 72.31
C PRO C 260 35.16 41.43 73.06
N GLU C 261 35.00 41.06 74.32
CA GLU C 261 36.11 40.59 75.15
C GLU C 261 36.50 39.14 74.87
N ARG C 262 35.54 38.36 74.37
CA ARG C 262 35.73 36.93 74.06
C ARG C 262 36.20 36.10 75.27
N LEU C 263 35.62 36.39 76.44
CA LEU C 263 35.95 35.69 77.68
C LEU C 263 35.67 34.19 77.53
N ASN C 264 36.70 33.37 77.73
CA ASN C 264 36.61 31.92 77.48
C ASN C 264 35.81 31.16 78.52
N HIS C 265 34.49 31.17 78.34
CA HIS C 265 33.55 30.52 79.24
C HIS C 265 33.37 29.03 78.90
N HIS C 266 33.15 28.75 77.61
CA HIS C 266 33.01 27.38 77.10
C HIS C 266 33.26 27.35 75.59
N THR C 267 33.58 26.16 75.06
CA THR C 267 33.73 25.99 73.62
C THR C 267 32.36 25.98 72.94
N GLU C 268 32.05 27.06 72.23
CA GLU C 268 30.77 27.19 71.54
C GLU C 268 30.56 26.06 70.53
N ALA C 269 29.38 25.44 70.59
CA ALA C 269 29.03 24.33 69.72
C ALA C 269 29.02 24.77 68.26
N THR C 270 30.09 24.40 67.56
CA THR C 270 30.36 24.89 66.21
C THR C 270 29.29 24.49 65.21
N THR C 271 28.99 23.19 65.16
CA THR C 271 27.97 22.64 64.27
C THR C 271 26.56 23.14 64.61
N ALA C 272 26.25 23.16 65.90
CA ALA C 272 24.95 23.64 66.39
C ALA C 272 24.73 25.11 66.08
N LEU C 273 25.81 25.89 66.11
CA LEU C 273 25.77 27.30 65.73
C LEU C 273 25.42 27.45 64.25
N PHE C 274 26.02 26.61 63.40
CA PHE C 274 25.75 26.61 61.97
C PHE C 274 24.28 26.34 61.66
N GLY C 275 23.71 25.36 62.37
CA GLY C 275 22.29 25.05 62.26
C GLY C 275 21.44 26.23 62.70
N ALA C 276 21.78 26.80 63.85
CA ALA C 276 21.09 27.96 64.39
C ALA C 276 21.13 29.15 63.44
N ARG C 277 22.28 29.35 62.79
CA ARG C 277 22.45 30.42 61.81
C ARG C 277 21.49 30.27 60.62
N GLU C 278 21.42 29.06 60.06
CA GLU C 278 20.54 28.77 58.92
C GLU C 278 19.07 29.02 59.24
N CYS C 279 18.60 28.48 60.37
CA CYS C 279 17.21 28.62 60.79
C CYS C 279 16.75 30.08 60.75
N ALA C 280 17.56 30.98 61.31
CA ALA C 280 17.26 32.41 61.31
C ALA C 280 17.42 33.03 59.92
N ARG C 281 18.49 32.65 59.22
CA ARG C 281 18.75 33.15 57.87
C ARG C 281 17.63 32.78 56.91
N LEU C 282 17.11 31.56 57.04
CA LEU C 282 16.00 31.08 56.21
C LEU C 282 14.69 31.81 56.55
N ILE C 283 14.39 31.92 57.84
CA ILE C 283 13.17 32.59 58.31
C ILE C 283 13.09 34.04 57.83
N LEU C 284 14.23 34.73 57.83
CA LEU C 284 14.28 36.14 57.41
C LEU C 284 14.35 36.31 55.88
N GLN C 285 14.79 35.27 55.17
CA GLN C 285 14.77 35.26 53.70
C GLN C 285 13.34 35.19 53.17
N GLU C 286 12.53 34.35 53.82
CA GLU C 286 11.11 34.24 53.51
C GLU C 286 10.33 35.47 54.00
N GLY C 287 10.83 36.08 55.07
CA GLY C 287 10.11 37.14 55.76
C GLY C 287 9.34 36.54 56.92
N LEU C 288 9.45 37.17 58.09
CA LEU C 288 8.79 36.68 59.30
C LEU C 288 7.27 36.72 59.18
N ASP C 289 6.74 37.83 58.67
CA ASP C 289 5.30 38.00 58.45
C ASP C 289 4.75 36.93 57.51
N TYR C 290 5.46 36.68 56.41
CA TYR C 290 5.08 35.64 55.45
C TYR C 290 5.15 34.26 56.08
N GLY C 291 6.20 34.04 56.89
CA GLY C 291 6.38 32.79 57.63
C GLY C 291 5.23 32.49 58.58
N ILE C 292 4.80 33.51 59.31
CA ILE C 292 3.66 33.39 60.24
C ILE C 292 2.34 33.14 59.48
N ALA C 293 2.09 33.96 58.45
CA ALA C 293 0.90 33.83 57.61
C ALA C 293 0.75 32.41 57.06
N ARG C 294 1.86 31.83 56.63
CA ARG C 294 1.91 30.45 56.14
C ARG C 294 1.52 29.44 57.22
N HIS C 295 2.06 29.62 58.42
CA HIS C 295 1.73 28.78 59.57
C HIS C 295 0.24 28.82 59.91
N LYS C 296 -0.36 30.00 59.76
CA LYS C 296 -1.78 30.20 59.95
C LYS C 296 -2.59 29.43 58.90
N LEU C 297 -2.24 29.64 57.63
CA LEU C 297 -2.95 29.04 56.49
C LEU C 297 -3.08 27.52 56.58
N HIS C 298 -1.95 26.84 56.79
CA HIS C 298 -1.91 25.38 56.83
C HIS C 298 -2.51 24.80 58.10
N GLY C 299 -2.43 25.57 59.18
CA GLY C 299 -3.07 25.20 60.45
C GLY C 299 -4.58 25.27 60.34
N ASP C 300 -5.07 26.36 59.75
CA ASP C 300 -6.51 26.57 59.51
C ASP C 300 -7.11 25.50 58.59
N ALA C 301 -6.37 25.15 57.55
CA ALA C 301 -6.79 24.12 56.60
C ALA C 301 -6.92 22.77 57.28
N LEU C 302 -5.99 22.49 58.19
CA LEU C 302 -6.03 21.27 59.00
C LEU C 302 -7.27 21.26 59.90
N VAL C 303 -7.51 22.38 60.59
CA VAL C 303 -8.69 22.55 61.45
C VAL C 303 -9.98 22.24 60.69
N LYS C 304 -10.20 22.98 59.59
CA LYS C 304 -11.38 22.81 58.74
C LYS C 304 -11.49 21.40 58.15
N GLY C 305 -10.34 20.76 57.92
CA GLY C 305 -10.30 19.38 57.47
C GLY C 305 -10.67 18.40 58.57
N ILE C 306 -10.21 18.69 59.78
CA ILE C 306 -10.49 17.88 60.97
C ILE C 306 -11.97 17.95 61.37
N GLN C 307 -12.53 19.17 61.34
CA GLN C 307 -13.93 19.41 61.66
C GLN C 307 -14.89 18.74 60.67
N ALA C 308 -14.54 18.76 59.39
CA ALA C 308 -15.35 18.15 58.34
C ALA C 308 -15.25 16.62 58.33
N MET C 309 -14.26 16.08 59.03
CA MET C 309 -14.12 14.64 59.18
C MET C 309 -15.10 14.11 60.22
N GLY C 310 -15.63 15.02 61.04
CA GLY C 310 -16.57 14.68 62.10
C GLY C 310 -15.89 14.58 63.45
N LEU C 311 -14.66 15.09 63.53
CA LEU C 311 -13.88 15.07 64.75
C LEU C 311 -13.94 16.42 65.46
N GLU C 312 -14.12 16.37 66.77
CA GLU C 312 -14.16 17.57 67.61
C GLU C 312 -12.76 18.04 67.97
N THR C 313 -12.62 19.35 68.19
CA THR C 313 -11.32 19.94 68.51
C THR C 313 -11.27 20.42 69.95
N PHE C 314 -10.19 20.06 70.64
CA PHE C 314 -9.97 20.46 72.02
C PHE C 314 -9.52 21.92 72.12
N GLY C 315 -9.92 22.58 73.20
CA GLY C 315 -9.44 23.92 73.53
C GLY C 315 -10.25 25.06 72.95
N ASP C 316 -9.94 26.27 73.42
CA ASP C 316 -10.56 27.49 72.92
C ASP C 316 -9.91 27.87 71.59
N LEU C 317 -10.70 27.80 70.52
CA LEU C 317 -10.19 27.98 69.16
C LEU C 317 -9.71 29.39 68.82
N LYS C 318 -10.29 30.39 69.49
CA LYS C 318 -9.90 31.79 69.28
C LYS C 318 -8.42 32.03 69.56
N HIS C 319 -7.87 31.28 70.52
CA HIS C 319 -6.49 31.48 70.98
C HIS C 319 -5.55 30.31 70.67
N LYS C 320 -5.94 29.48 69.69
CA LYS C 320 -5.15 28.32 69.32
C LYS C 320 -3.85 28.74 68.62
N MET C 321 -2.77 28.02 68.91
CA MET C 321 -1.52 28.17 68.17
C MET C 321 -1.77 27.85 66.70
N ASN C 322 -1.18 28.66 65.82
CA ASN C 322 -1.25 28.42 64.38
C ASN C 322 -0.71 27.04 64.01
N ASN C 323 0.25 26.57 64.80
CA ASN C 323 1.07 25.42 64.45
C ASN C 323 0.72 24.10 65.14
N VAL C 324 -0.28 24.12 66.03
CA VAL C 324 -0.68 22.91 66.77
C VAL C 324 -2.21 22.82 66.88
N LEU C 325 -2.72 21.58 66.82
CA LEU C 325 -4.15 21.32 66.98
C LEU C 325 -4.35 20.09 67.87
N GLY C 326 -5.35 20.16 68.73
CA GLY C 326 -5.79 19.02 69.53
C GLY C 326 -7.02 18.38 68.93
N VAL C 327 -6.91 17.11 68.54
CA VAL C 327 -8.03 16.37 67.97
C VAL C 327 -8.50 15.32 68.97
N VAL C 328 -9.80 15.32 69.26
CA VAL C 328 -10.38 14.42 70.26
C VAL C 328 -10.65 13.04 69.68
N ILE C 329 -10.21 12.02 70.42
CA ILE C 329 -10.49 10.62 70.10
C ILE C 329 -11.94 10.31 70.47
N PRO C 330 -12.76 9.87 69.49
CA PRO C 330 -14.22 9.91 69.65
C PRO C 330 -14.84 8.70 70.36
N GLN C 331 -14.05 8.01 71.19
CA GLN C 331 -14.49 6.81 71.93
C GLN C 331 -14.78 5.62 71.03
N GLY C 332 -14.38 4.43 71.50
CA GLY C 332 -14.48 3.22 70.68
C GLY C 332 -13.19 3.02 69.89
N ILE C 333 -12.79 4.07 69.17
CA ILE C 333 -11.49 4.10 68.51
C ILE C 333 -10.39 4.30 69.55
N ASN C 334 -9.30 3.56 69.40
CA ASN C 334 -8.16 3.62 70.31
C ASN C 334 -7.11 4.61 69.82
N GLY C 335 -6.66 5.49 70.72
CA GLY C 335 -5.69 6.53 70.40
C GLY C 335 -4.30 6.03 70.07
N ASP C 336 -3.82 5.05 70.84
CA ASP C 336 -2.51 4.45 70.62
C ASP C 336 -2.50 3.56 69.38
N GLN C 337 -3.65 2.96 69.07
CA GLN C 337 -3.82 2.11 67.89
C GLN C 337 -3.80 2.94 66.61
N ALA C 338 -4.38 4.14 66.67
CA ALA C 338 -4.38 5.05 65.53
C ALA C 338 -2.97 5.62 65.30
N ARG C 339 -2.28 5.92 66.40
CA ARG C 339 -0.90 6.42 66.36
C ARG C 339 0.08 5.39 65.79
N LYS C 340 -0.07 4.13 66.21
CA LYS C 340 0.76 3.04 65.73
C LYS C 340 0.58 2.80 64.24
N LEU C 341 -0.67 2.86 63.77
CA LEU C 341 -0.97 2.66 62.35
C LEU C 341 -0.51 3.85 61.51
N MET C 342 -0.71 5.07 62.02
CA MET C 342 -0.22 6.27 61.35
C MET C 342 1.30 6.23 61.17
N LEU C 343 2.00 5.70 62.17
CA LEU C 343 3.46 5.63 62.16
C LEU C 343 4.00 4.45 61.35
N GLU C 344 3.56 3.24 61.69
CA GLU C 344 4.09 2.02 61.05
C GLU C 344 3.70 1.88 59.59
N ASP C 345 2.50 2.34 59.24
CA ASP C 345 1.93 2.09 57.91
C ASP C 345 1.99 3.28 56.96
N PHE C 346 2.03 4.50 57.51
CA PHE C 346 2.10 5.72 56.70
C PHE C 346 3.39 6.50 56.92
N GLY C 347 4.17 6.08 57.91
CA GLY C 347 5.40 6.78 58.28
C GLY C 347 5.15 8.19 58.79
N ILE C 348 3.98 8.39 59.41
CA ILE C 348 3.59 9.71 59.90
C ILE C 348 3.40 9.70 61.42
N GLU C 349 4.11 10.59 62.10
CA GLU C 349 3.97 10.74 63.53
C GLU C 349 2.92 11.80 63.88
N ILE C 350 1.85 11.36 64.53
CA ILE C 350 0.94 12.27 65.20
C ILE C 350 1.18 12.17 66.70
N GLY C 351 1.00 13.28 67.40
CA GLY C 351 1.31 13.35 68.82
C GLY C 351 0.28 12.70 69.71
N THR C 352 0.76 12.07 70.78
CA THR C 352 -0.09 11.65 71.88
C THR C 352 -0.17 12.79 72.89
N SER C 353 -1.08 12.67 73.84
CA SER C 353 -1.14 13.61 74.96
C SER C 353 -0.66 12.91 76.23
N PHE C 354 -0.25 13.69 77.22
CA PHE C 354 0.22 13.15 78.49
C PHE C 354 -0.61 13.67 79.66
N GLY C 355 -0.58 12.93 80.77
CA GLY C 355 -1.26 13.31 82.00
C GLY C 355 -2.78 13.23 81.90
N PRO C 356 -3.47 14.38 82.10
CA PRO C 356 -4.93 14.42 82.11
C PRO C 356 -5.56 14.12 80.74
N LEU C 357 -4.93 14.62 79.67
CA LEU C 357 -5.47 14.48 78.32
C LEU C 357 -5.02 13.20 77.62
N HIS C 358 -4.21 12.39 78.30
CA HIS C 358 -3.71 11.13 77.75
C HIS C 358 -4.84 10.14 77.51
N GLY C 359 -4.95 9.67 76.27
CA GLY C 359 -6.02 8.76 75.85
C GLY C 359 -7.25 9.49 75.34
N LYS C 360 -7.24 10.81 75.45
CA LYS C 360 -8.38 11.63 75.06
C LYS C 360 -8.11 12.47 73.81
N VAL C 361 -6.86 12.92 73.67
CA VAL C 361 -6.50 13.92 72.66
C VAL C 361 -5.23 13.56 71.88
N TRP C 362 -5.28 13.75 70.55
CA TRP C 362 -4.09 13.75 69.71
C TRP C 362 -3.64 15.18 69.46
N ARG C 363 -2.34 15.39 69.37
CA ARG C 363 -1.79 16.70 69.04
C ARG C 363 -1.12 16.68 67.67
N ILE C 364 -1.78 17.28 66.69
CA ILE C 364 -1.24 17.34 65.33
C ILE C 364 -0.64 18.71 65.05
N GLY C 365 0.66 18.71 64.73
CA GLY C 365 1.41 19.93 64.50
C GLY C 365 1.73 20.18 63.04
N THR C 366 1.73 21.45 62.66
CA THR C 366 2.05 21.88 61.31
C THR C 366 3.06 23.02 61.38
N MET C 367 4.32 22.67 61.63
CA MET C 367 5.35 23.65 61.97
C MET C 367 6.52 23.65 60.98
N GLY C 368 7.18 24.80 60.88
CA GLY C 368 8.41 24.97 60.11
C GLY C 368 8.40 24.44 58.70
N TYR C 369 9.32 23.52 58.42
CA TYR C 369 9.44 22.88 57.12
C TYR C 369 8.19 22.06 56.76
N ASN C 370 7.48 21.59 57.79
CA ASN C 370 6.29 20.78 57.59
C ASN C 370 4.98 21.58 57.62
N ALA C 371 5.09 22.90 57.63
CA ALA C 371 3.94 23.76 57.41
C ALA C 371 3.79 24.00 55.91
N ARG C 372 3.34 22.95 55.23
CA ARG C 372 3.06 22.98 53.79
C ARG C 372 1.71 22.35 53.53
N LYS C 373 1.17 22.58 52.33
CA LYS C 373 -0.09 22.00 51.90
C LYS C 373 -0.01 20.47 51.81
N ASP C 374 1.05 19.97 51.19
CA ASP C 374 1.20 18.53 50.97
C ASP C 374 1.32 17.74 52.28
N CYS C 375 1.92 18.35 53.29
CA CYS C 375 1.98 17.77 54.63
C CYS C 375 0.58 17.65 55.26
N VAL C 376 -0.21 18.71 55.12
CA VAL C 376 -1.59 18.73 55.63
C VAL C 376 -2.46 17.70 54.91
N MET C 377 -2.44 17.75 53.57
CA MET C 377 -3.15 16.80 52.72
C MET C 377 -2.82 15.34 53.06
N THR C 378 -1.54 15.06 53.22
CA THR C 378 -1.05 13.72 53.54
C THR C 378 -1.49 13.26 54.93
N THR C 379 -1.50 14.19 55.89
CA THR C 379 -1.93 13.90 57.26
C THR C 379 -3.43 13.63 57.31
N LEU C 380 -4.22 14.53 56.71
CA LEU C 380 -5.67 14.37 56.65
C LEU C 380 -6.10 13.08 55.95
N SER C 381 -5.43 12.76 54.83
CA SER C 381 -5.74 11.56 54.05
C SER C 381 -5.40 10.28 54.82
N ALA C 382 -4.20 10.24 55.39
CA ALA C 382 -3.74 9.11 56.19
C ALA C 382 -4.63 8.89 57.41
N LEU C 383 -4.97 9.99 58.07
CA LEU C 383 -5.83 9.96 59.26
C LEU C 383 -7.19 9.35 58.94
N GLU C 384 -7.85 9.87 57.90
CA GLU C 384 -9.18 9.41 57.51
C GLU C 384 -9.18 7.96 57.06
N ALA C 385 -8.09 7.54 56.40
CA ALA C 385 -7.95 6.15 55.95
C ALA C 385 -7.88 5.19 57.14
N VAL C 386 -7.07 5.55 58.14
CA VAL C 386 -6.88 4.74 59.34
C VAL C 386 -8.17 4.63 60.18
N LEU C 387 -8.83 5.78 60.39
CA LEU C 387 -10.09 5.82 61.13
C LEU C 387 -11.16 4.94 60.48
N ASN C 388 -11.31 5.07 59.16
CA ASN C 388 -12.25 4.24 58.39
C ASN C 388 -11.91 2.76 58.46
N TYR C 389 -10.62 2.45 58.41
CA TYR C 389 -10.12 1.07 58.56
C TYR C 389 -10.39 0.54 59.97
N LEU C 390 -10.41 1.45 60.94
CA LEU C 390 -10.78 1.13 62.32
C LEU C 390 -12.30 1.19 62.53
N LYS C 391 -13.04 1.16 61.42
CA LYS C 391 -14.52 1.13 61.42
C LYS C 391 -15.17 2.38 62.00
N PHE C 392 -14.56 3.53 61.76
CA PHE C 392 -15.13 4.82 62.17
C PHE C 392 -15.68 5.53 60.94
N PRO C 393 -17.02 5.62 60.82
CA PRO C 393 -17.67 6.25 59.66
C PRO C 393 -17.40 7.75 59.53
N THR C 394 -17.07 8.16 58.31
CA THR C 394 -16.92 9.57 57.94
C THR C 394 -17.59 9.73 56.57
N THR C 395 -18.05 10.95 56.27
CA THR C 395 -18.65 11.23 54.96
C THR C 395 -17.55 11.19 53.90
N GLN C 396 -17.71 10.30 52.92
CA GLN C 396 -16.69 10.06 51.90
C GLN C 396 -16.24 11.35 51.21
N GLY C 397 -14.95 11.64 51.33
CA GLY C 397 -14.33 12.79 50.67
C GLY C 397 -14.56 14.15 51.33
N ALA C 398 -15.34 14.17 52.42
CA ALA C 398 -15.72 15.43 53.07
C ALA C 398 -14.56 16.17 53.73
N ALA C 399 -13.65 15.43 54.35
CA ALA C 399 -12.49 16.01 55.03
C ALA C 399 -11.52 16.66 54.03
N MET C 400 -11.27 15.97 52.92
CA MET C 400 -10.39 16.49 51.88
C MET C 400 -11.02 17.66 51.11
N GLN C 401 -12.34 17.61 50.97
CA GLN C 401 -13.11 18.65 50.28
C GLN C 401 -12.96 20.02 50.94
N ALA C 402 -13.12 20.07 52.26
CA ALA C 402 -13.03 21.32 53.03
C ALA C 402 -11.64 21.93 53.01
N ALA C 403 -10.61 21.08 52.89
CA ALA C 403 -9.22 21.54 52.79
C ALA C 403 -8.94 22.19 51.43
N TRP C 404 -9.41 21.57 50.36
CA TRP C 404 -9.29 22.11 49.01
C TRP C 404 -10.02 23.45 48.85
N ASP C 405 -11.23 23.54 49.39
CA ASP C 405 -12.03 24.76 49.36
C ASP C 405 -11.33 25.92 50.10
N HIS C 406 -10.65 25.59 51.19
CA HIS C 406 -9.90 26.57 51.97
C HIS C 406 -8.70 27.09 51.19
N TYR C 407 -7.98 26.18 50.52
CA TYR C 407 -6.83 26.56 49.71
C TYR C 407 -7.24 27.29 48.42
N ARG C 408 -8.47 27.05 47.97
CA ARG C 408 -9.05 27.78 46.84
C ARG C 408 -9.42 29.21 47.23
N SER C 409 -10.06 29.34 48.40
CA SER C 409 -10.46 30.65 48.94
C SER C 409 -9.25 31.52 49.30
N GLU C 410 -8.19 30.87 49.80
CA GLU C 410 -6.98 31.56 50.22
C GLU C 410 -6.21 32.21 49.07
N ARG C 411 -6.51 31.78 47.84
CA ARG C 411 -5.90 32.37 46.65
C ARG C 411 -6.68 33.59 46.18
N ASP D 2 21.23 44.47 54.74
CA ASP D 2 20.40 43.62 53.83
C ASP D 2 20.57 42.14 54.15
N ILE D 3 19.46 41.41 54.15
CA ILE D 3 19.45 39.97 54.41
C ILE D 3 20.13 39.18 53.27
N THR D 4 20.36 39.85 52.15
CA THR D 4 20.98 39.25 50.98
C THR D 4 22.47 38.94 51.16
N GLN D 5 23.16 39.73 52.00
CA GLN D 5 24.59 39.55 52.25
C GLN D 5 24.89 38.53 53.36
N PHE D 6 23.86 37.79 53.76
CA PHE D 6 24.01 36.62 54.60
C PHE D 6 23.95 35.40 53.69
N SER D 7 25.13 34.94 53.27
CA SER D 7 25.23 33.80 52.36
C SER D 7 25.37 32.49 53.11
N GLN D 8 25.31 31.39 52.38
CA GLN D 8 25.43 30.03 52.94
C GLN D 8 26.69 29.88 53.79
N LEU D 9 26.66 28.91 54.70
CA LEU D 9 27.79 28.63 55.58
C LEU D 9 29.05 28.32 54.77
N ASN D 10 30.13 29.06 55.04
CA ASN D 10 31.37 28.89 54.32
C ASN D 10 32.63 29.12 55.16
N PRO D 11 32.90 28.20 56.11
CA PRO D 11 34.11 28.35 56.93
C PRO D 11 35.36 27.99 56.11
N PRO D 12 36.49 28.66 56.38
CA PRO D 12 37.71 28.36 55.64
C PRO D 12 38.32 27.02 56.08
N SER D 13 39.05 26.39 55.18
CA SER D 13 39.74 25.14 55.47
C SER D 13 40.83 25.36 56.51
N ARG D 14 40.94 24.43 57.45
CA ARG D 14 41.83 24.59 58.60
C ARG D 14 42.38 23.25 59.07
N LEU D 15 43.66 23.25 59.44
CA LEU D 15 44.24 22.15 60.20
C LEU D 15 44.36 22.64 61.64
N LEU D 16 43.50 22.11 62.51
CA LEU D 16 43.44 22.54 63.91
C LEU D 16 44.36 21.69 64.78
N MET D 17 45.53 22.24 65.09
CA MET D 17 46.53 21.54 65.89
C MET D 17 46.78 22.29 67.21
N GLY D 18 45.71 22.80 67.82
CA GLY D 18 45.79 23.41 69.14
C GLY D 18 45.22 22.46 70.17
N PRO D 19 44.85 22.98 71.36
CA PRO D 19 44.28 22.12 72.40
C PRO D 19 42.80 21.80 72.18
N GLY D 20 42.20 22.34 71.13
CA GLY D 20 40.79 22.11 70.82
C GLY D 20 40.01 23.40 70.60
N PRO D 21 38.91 23.33 69.82
CA PRO D 21 38.41 22.12 69.15
C PRO D 21 39.27 21.76 67.95
N ILE D 22 39.27 20.49 67.57
CA ILE D 22 40.02 20.04 66.40
C ILE D 22 39.08 19.55 65.30
N ASN D 23 39.59 19.48 64.06
CA ASN D 23 38.82 19.01 62.90
C ASN D 23 38.02 17.76 63.19
N ALA D 24 36.76 17.75 62.76
CA ALA D 24 35.90 16.59 62.94
C ALA D 24 36.21 15.52 61.89
N ASP D 25 36.01 14.25 62.26
CA ASP D 25 36.08 13.16 61.31
C ASP D 25 34.90 13.28 60.34
N PRO D 26 35.17 13.23 59.02
CA PRO D 26 34.15 13.42 57.98
C PRO D 26 32.96 12.46 58.07
N ARG D 27 33.14 11.30 58.70
CA ARG D 27 32.02 10.39 58.93
C ARG D 27 31.07 10.90 60.02
N VAL D 28 31.62 11.57 61.02
CA VAL D 28 30.81 12.20 62.07
C VAL D 28 30.01 13.37 61.49
N LEU D 29 30.65 14.14 60.61
CA LEU D 29 30.03 15.30 59.97
C LEU D 29 28.88 14.92 59.05
N ARG D 30 29.09 13.89 58.23
CA ARG D 30 28.07 13.38 57.30
C ARG D 30 26.87 12.80 58.05
N ALA D 31 27.14 12.12 59.16
CA ALA D 31 26.09 11.54 60.01
C ALA D 31 25.17 12.57 60.67
N MET D 32 25.67 13.80 60.79
CA MET D 32 24.90 14.90 61.35
C MET D 32 23.89 15.50 60.37
N SER D 33 24.13 15.30 59.08
CA SER D 33 23.23 15.81 58.03
C SER D 33 21.99 14.92 57.89
N SER D 34 22.00 13.76 58.54
CA SER D 34 20.90 12.80 58.48
C SER D 34 19.60 13.36 59.05
N GLN D 35 18.48 13.00 58.43
CA GLN D 35 17.15 13.48 58.84
C GLN D 35 16.71 12.88 60.18
N LEU D 36 15.88 13.65 60.88
CA LEU D 36 15.48 13.34 62.25
C LEU D 36 14.23 12.46 62.30
N ILE D 37 14.04 11.81 63.45
CA ILE D 37 12.78 11.14 63.79
C ILE D 37 12.26 11.72 65.11
N GLY D 38 11.04 11.33 65.47
CA GLY D 38 10.41 11.80 66.71
C GLY D 38 11.11 11.31 67.96
N GLN D 39 10.82 11.97 69.08
CA GLN D 39 11.49 11.70 70.36
C GLN D 39 11.45 10.23 70.77
N TYR D 40 10.32 9.58 70.57
CA TYR D 40 10.11 8.22 71.06
C TYR D 40 9.91 7.16 69.98
N ASP D 41 10.29 7.49 68.75
CA ASP D 41 10.30 6.55 67.63
C ASP D 41 11.16 5.33 68.00
N PRO D 42 10.70 4.11 67.68
CA PRO D 42 11.45 2.91 68.02
C PRO D 42 12.93 2.98 67.63
N ALA D 43 13.22 3.69 66.54
CA ALA D 43 14.59 3.89 66.05
C ALA D 43 15.40 4.81 66.95
N MET D 44 14.75 5.86 67.48
CA MET D 44 15.40 6.81 68.37
C MET D 44 15.75 6.19 69.71
N THR D 45 14.81 5.44 70.29
CA THR D 45 15.07 4.73 71.55
C THR D 45 16.14 3.66 71.34
N HIS D 46 16.14 3.04 70.17
CA HIS D 46 17.17 2.07 69.79
C HIS D 46 18.55 2.72 69.66
N TYR D 47 18.61 3.90 69.05
CA TYR D 47 19.86 4.62 68.90
C TYR D 47 20.41 5.11 70.24
N MET D 48 19.52 5.52 71.15
CA MET D 48 19.91 5.87 72.52
C MET D 48 20.51 4.69 73.26
N ASN D 49 19.89 3.51 73.09
CA ASN D 49 20.40 2.28 73.71
C ASN D 49 21.74 1.81 73.11
N GLU D 50 21.97 2.14 71.84
CA GLU D 50 23.23 1.84 71.18
C GLU D 50 24.36 2.74 71.69
N VAL D 51 24.05 4.02 71.93
CA VAL D 51 25.02 4.99 72.45
C VAL D 51 25.55 4.55 73.82
N MET D 52 24.66 4.01 74.66
CA MET D 52 25.03 3.50 75.97
C MET D 52 26.02 2.34 75.86
N ALA D 53 25.70 1.35 75.02
CA ALA D 53 26.55 0.18 74.82
C ALA D 53 27.93 0.50 74.25
N LEU D 54 27.98 1.45 73.31
CA LEU D 54 29.21 1.87 72.66
C LEU D 54 30.16 2.59 73.60
N TYR D 55 29.62 3.54 74.38
CA TYR D 55 30.43 4.34 75.30
C TYR D 55 30.86 3.57 76.54
N ARG D 56 30.14 2.49 76.86
CA ARG D 56 30.60 1.52 77.85
C ARG D 56 31.92 0.91 77.40
N GLY D 57 32.04 0.68 76.09
CA GLY D 57 33.27 0.18 75.50
C GLY D 57 34.39 1.22 75.52
N VAL D 58 34.06 2.45 75.14
CA VAL D 58 35.03 3.55 75.09
C VAL D 58 35.56 3.91 76.47
N PHE D 59 34.66 4.03 77.44
CA PHE D 59 35.03 4.31 78.83
C PHE D 59 35.71 3.13 79.53
N ARG D 60 35.55 1.93 78.96
CA ARG D 60 36.05 0.69 79.56
C ARG D 60 35.35 0.39 80.88
N THR D 61 34.02 0.25 80.79
CA THR D 61 33.18 0.05 81.97
C THR D 61 31.98 -0.83 81.65
N GLU D 62 31.40 -1.44 82.69
CA GLU D 62 30.17 -2.20 82.56
C GLU D 62 28.98 -1.41 83.12
N ASN D 63 29.27 -0.24 83.67
CA ASN D 63 28.26 0.64 84.27
C ASN D 63 26.98 0.72 83.45
N ARG D 64 25.86 0.40 84.08
CA ARG D 64 24.54 0.51 83.46
C ARG D 64 24.27 1.93 82.98
N TRP D 65 24.65 2.92 83.78
CA TRP D 65 24.38 4.32 83.45
C TRP D 65 25.53 5.02 82.75
N THR D 66 25.56 4.86 81.44
CA THR D 66 26.52 5.48 80.56
C THR D 66 25.72 6.17 79.47
N MET D 67 25.85 7.49 79.36
CA MET D 67 24.93 8.27 78.52
C MET D 67 25.52 9.59 78.04
N LEU D 68 24.64 10.49 77.62
CA LEU D 68 25.05 11.82 77.17
C LEU D 68 24.34 12.92 77.95
N VAL D 69 25.11 13.96 78.29
CA VAL D 69 24.55 15.24 78.72
C VAL D 69 24.54 16.13 77.49
N ASP D 70 23.39 16.76 77.23
CA ASP D 70 23.23 17.65 76.07
C ASP D 70 23.79 19.04 76.37
N GLY D 71 25.12 19.14 76.31
CA GLY D 71 25.84 20.39 76.54
C GLY D 71 27.31 20.15 76.32
N THR D 72 28.10 21.23 76.29
CA THR D 72 29.55 21.11 76.11
C THR D 72 30.18 20.38 77.29
N SER D 73 31.45 20.01 77.16
CA SER D 73 32.14 19.17 78.14
C SER D 73 31.90 19.56 79.61
N ARG D 74 31.93 20.86 79.91
CA ARG D 74 31.79 21.33 81.29
C ARG D 74 30.35 21.34 81.81
N ALA D 75 29.39 21.10 80.93
CA ALA D 75 28.01 20.85 81.33
C ALA D 75 27.92 19.45 81.95
N GLY D 76 28.67 18.51 81.38
CA GLY D 76 28.80 17.17 81.95
C GLY D 76 29.42 17.21 83.33
N ILE D 77 30.53 17.93 83.46
CA ILE D 77 31.16 18.15 84.76
C ILE D 77 30.13 18.65 85.77
N GLU D 78 29.47 19.75 85.42
CA GLU D 78 28.51 20.40 86.31
C GLU D 78 27.32 19.50 86.64
N ALA D 79 26.86 18.72 85.66
CA ALA D 79 25.79 17.74 85.88
C ALA D 79 26.17 16.73 86.95
N ILE D 80 27.39 16.19 86.85
CA ILE D 80 27.89 15.21 87.81
C ILE D 80 28.07 15.80 89.21
N LEU D 81 28.67 16.99 89.28
CA LEU D 81 28.93 17.65 90.56
C LEU D 81 27.64 18.06 91.28
N VAL D 82 26.75 18.75 90.55
CA VAL D 82 25.45 19.18 91.08
C VAL D 82 24.62 17.98 91.58
N SER D 83 24.79 16.83 90.93
CA SER D 83 24.08 15.60 91.30
C SER D 83 24.71 14.87 92.48
N ALA D 84 25.99 15.15 92.74
CA ALA D 84 26.75 14.44 93.78
C ALA D 84 27.09 15.31 94.98
N ILE D 85 26.93 16.63 94.83
CA ILE D 85 27.23 17.57 95.91
C ILE D 85 25.96 18.21 96.46
N ARG D 86 25.63 17.89 97.70
CA ARG D 86 24.66 18.68 98.46
C ARG D 86 25.42 19.85 99.06
N PRO D 87 24.76 21.01 99.21
CA PRO D 87 25.41 22.17 99.82
C PRO D 87 25.98 21.87 101.20
N GLY D 88 27.28 22.10 101.36
CA GLY D 88 27.97 21.81 102.61
C GLY D 88 28.97 20.68 102.52
N ASP D 89 28.73 19.75 101.60
CA ASP D 89 29.60 18.58 101.40
C ASP D 89 31.06 18.97 101.17
N LYS D 90 31.97 18.21 101.78
CA LYS D 90 33.40 18.44 101.62
C LYS D 90 33.92 17.76 100.36
N VAL D 91 34.63 18.55 99.56
CA VAL D 91 35.15 18.12 98.26
C VAL D 91 36.66 18.39 98.19
N LEU D 92 37.40 17.45 97.60
CA LEU D 92 38.84 17.61 97.42
C LEU D 92 39.21 17.69 95.95
N VAL D 93 39.90 18.78 95.58
CA VAL D 93 40.31 19.01 94.21
C VAL D 93 41.84 19.15 94.10
N PRO D 94 42.52 18.12 93.56
CA PRO D 94 43.95 18.25 93.27
C PRO D 94 44.15 19.13 92.04
N VAL D 95 44.77 20.29 92.25
CA VAL D 95 44.93 21.28 91.19
C VAL D 95 46.35 21.26 90.62
N PHE D 96 46.47 20.88 89.36
CA PHE D 96 47.76 20.92 88.64
C PHE D 96 47.70 21.79 87.38
N GLY D 97 46.58 22.52 87.22
CA GLY D 97 46.40 23.40 86.07
C GLY D 97 45.06 24.12 86.03
N ARG D 98 44.83 24.83 84.93
CA ARG D 98 43.64 25.67 84.72
C ARG D 98 42.32 24.96 85.02
N PHE D 99 42.19 23.71 84.56
CA PHE D 99 40.93 22.98 84.69
C PHE D 99 40.65 22.43 86.08
N GLY D 100 41.67 22.46 86.94
CA GLY D 100 41.50 22.18 88.37
C GLY D 100 40.73 23.33 89.04
N HIS D 101 41.01 24.55 88.58
CA HIS D 101 40.30 25.75 89.04
C HIS D 101 38.86 25.79 88.55
N LEU D 102 38.62 25.23 87.37
CA LEU D 102 37.25 25.11 86.84
C LEU D 102 36.40 24.24 87.75
N LEU D 103 36.97 23.12 88.20
CA LEU D 103 36.30 22.23 89.12
C LEU D 103 35.99 22.91 90.46
N CYS D 104 36.94 23.73 90.92
CA CYS D 104 36.77 24.52 92.14
C CYS D 104 35.56 25.45 92.06
N GLU D 105 35.46 26.18 90.95
CA GLU D 105 34.37 27.13 90.73
C GLU D 105 33.01 26.45 90.64
N ILE D 106 32.93 25.39 89.83
CA ILE D 106 31.70 24.62 89.69
C ILE D 106 31.27 24.08 91.06
N ALA D 107 32.21 23.45 91.76
CA ALA D 107 31.96 22.95 93.13
C ALA D 107 31.47 24.05 94.07
N ARG D 108 32.01 25.25 93.93
CA ARG D 108 31.60 26.39 94.75
C ARG D 108 30.20 26.89 94.39
N ARG D 109 29.85 26.81 93.10
CA ARG D 109 28.50 27.14 92.66
C ARG D 109 27.48 26.10 93.14
N CYS D 110 27.96 24.89 93.44
CA CYS D 110 27.15 23.84 94.05
C CYS D 110 27.07 24.01 95.56
N ARG D 111 27.81 24.99 96.08
CA ARG D 111 27.86 25.32 97.51
C ARG D 111 28.58 24.26 98.36
N ALA D 112 29.59 23.64 97.77
CA ALA D 112 30.43 22.66 98.47
C ALA D 112 31.47 23.34 99.33
N GLU D 113 32.07 22.57 100.24
CA GLU D 113 33.23 23.03 101.00
C GLU D 113 34.49 22.60 100.24
N VAL D 114 35.08 23.56 99.53
CA VAL D 114 36.18 23.26 98.61
C VAL D 114 37.54 23.23 99.30
N HIS D 115 38.15 22.05 99.33
CA HIS D 115 39.52 21.88 99.81
C HIS D 115 40.41 21.55 98.62
N THR D 116 41.55 22.23 98.53
CA THR D 116 42.44 22.06 97.38
C THR D 116 43.86 21.66 97.79
N ILE D 117 44.52 20.89 96.92
CA ILE D 117 45.97 20.72 96.98
C ILE D 117 46.58 21.11 95.64
N GLU D 118 47.79 21.66 95.68
CA GLU D 118 48.41 22.24 94.49
C GLU D 118 49.83 21.72 94.24
N VAL D 119 50.14 21.54 92.97
CA VAL D 119 51.52 21.41 92.50
C VAL D 119 51.71 22.44 91.38
N PRO D 120 52.97 22.86 91.12
CA PRO D 120 53.15 23.88 90.09
C PRO D 120 52.89 23.36 88.68
N TRP D 121 52.46 24.25 87.79
CA TRP D 121 52.40 23.99 86.36
C TRP D 121 53.83 23.89 85.86
N GLY D 122 54.19 22.82 85.14
CA GLY D 122 53.29 21.72 84.85
C GLY D 122 53.86 20.43 85.39
N GLU D 123 53.52 20.15 86.65
CA GLU D 123 53.89 18.89 87.30
C GLU D 123 52.62 18.12 87.66
N VAL D 124 52.80 16.99 88.33
CA VAL D 124 51.70 16.07 88.60
C VAL D 124 51.68 15.65 90.08
N PHE D 125 50.60 14.99 90.50
CA PHE D 125 50.46 14.53 91.89
C PHE D 125 50.89 13.09 92.11
N THR D 126 51.48 12.85 93.28
CA THR D 126 51.84 11.51 93.76
C THR D 126 50.63 10.93 94.49
N PRO D 127 50.39 9.61 94.37
CA PRO D 127 49.33 8.94 95.11
C PRO D 127 49.40 9.17 96.63
N ASP D 128 50.60 9.31 97.16
CA ASP D 128 50.82 9.62 98.58
C ASP D 128 50.31 11.03 98.94
N GLN D 129 50.52 11.98 98.03
CA GLN D 129 50.08 13.36 98.22
C GLN D 129 48.56 13.46 98.32
N VAL D 130 47.85 12.71 97.48
CA VAL D 130 46.38 12.70 97.50
C VAL D 130 45.84 11.84 98.64
N GLU D 131 46.67 10.93 99.16
CA GLU D 131 46.29 10.11 100.31
C GLU D 131 46.41 10.89 101.62
N ASP D 132 47.49 11.66 101.76
CA ASP D 132 47.67 12.56 102.90
C ASP D 132 46.55 13.58 103.00
N ALA D 133 46.11 14.10 101.86
CA ALA D 133 45.03 15.07 101.80
C ALA D 133 43.67 14.47 102.15
N VAL D 134 43.43 13.25 101.68
CA VAL D 134 42.19 12.50 101.97
C VAL D 134 42.07 12.11 103.45
N LYS D 135 43.21 11.90 104.10
CA LYS D 135 43.25 11.59 105.53
C LYS D 135 42.96 12.82 106.38
N ARG D 136 43.48 13.97 105.95
CA ARG D 136 43.32 15.25 106.64
C ARG D 136 41.88 15.74 106.60
N ILE D 137 41.48 16.30 105.46
CA ILE D 137 40.08 16.56 105.18
C ILE D 137 39.53 15.21 104.77
N ARG D 138 38.28 14.91 105.11
CA ARG D 138 37.70 13.63 104.76
C ARG D 138 36.59 13.87 103.75
N PRO D 139 36.94 13.94 102.46
CA PRO D 139 35.99 14.43 101.46
C PRO D 139 34.95 13.41 101.05
N ARG D 140 33.82 13.90 100.55
CA ARG D 140 32.84 13.06 99.88
C ARG D 140 33.38 12.67 98.51
N LEU D 141 33.83 13.67 97.76
CA LEU D 141 34.34 13.47 96.40
C LEU D 141 35.83 13.80 96.27
N LEU D 142 36.53 13.03 95.45
CA LEU D 142 37.83 13.43 94.94
C LEU D 142 37.64 13.87 93.49
N LEU D 143 37.83 15.16 93.25
CA LEU D 143 37.56 15.76 91.94
C LEU D 143 38.84 16.01 91.15
N THR D 144 39.15 15.08 90.24
CA THR D 144 40.38 15.14 89.47
C THR D 144 40.15 15.49 88.01
N VAL D 145 41.17 16.11 87.41
CA VAL D 145 41.27 16.24 85.97
C VAL D 145 42.32 15.21 85.55
N GLN D 146 42.02 14.38 84.57
CA GLN D 146 43.01 13.43 84.08
C GLN D 146 44.06 14.14 83.24
N GLY D 147 43.66 14.62 82.06
CA GLY D 147 44.53 15.40 81.20
C GLY D 147 44.14 16.86 81.18
N ASP D 148 45.07 17.74 81.57
CA ASP D 148 44.80 19.17 81.59
C ASP D 148 45.51 19.85 80.42
N THR D 149 44.73 20.20 79.39
CA THR D 149 45.26 20.79 78.15
C THR D 149 46.10 22.05 78.34
N SER D 150 45.88 22.77 79.43
CA SER D 150 46.61 24.02 79.68
C SER D 150 48.06 23.80 80.11
N THR D 151 48.34 22.62 80.65
CA THR D 151 49.69 22.28 81.12
C THR D 151 50.26 21.07 80.38
N THR D 152 49.45 20.47 79.51
CA THR D 152 49.79 19.27 78.73
C THR D 152 50.04 18.04 79.61
N MET D 153 49.74 18.15 80.90
CA MET D 153 50.04 17.11 81.87
C MET D 153 48.90 16.10 82.03
N LEU D 154 49.27 14.85 82.23
CA LEU D 154 48.33 13.74 82.38
C LEU D 154 48.50 13.13 83.77
N GLN D 155 47.54 13.41 84.66
CA GLN D 155 47.56 12.87 86.02
C GLN D 155 47.41 11.35 86.03
N PRO D 156 48.37 10.65 86.67
CA PRO D 156 48.20 9.21 86.91
C PRO D 156 46.99 8.94 87.79
N LEU D 157 46.11 8.07 87.32
CA LEU D 157 44.84 7.81 87.99
C LEU D 157 44.72 6.38 88.53
N ALA D 158 45.67 5.53 88.14
CA ALA D 158 45.62 4.10 88.45
C ALA D 158 45.57 3.77 89.95
N GLU D 159 46.45 4.38 90.72
CA GLU D 159 46.59 4.06 92.16
C GLU D 159 45.60 4.82 93.06
N LEU D 160 44.87 5.77 92.49
CA LEU D 160 44.00 6.67 93.26
C LEU D 160 42.66 6.05 93.67
N GLY D 161 42.14 5.16 92.82
CA GLY D 161 40.86 4.50 93.08
C GLY D 161 40.86 3.58 94.29
N GLU D 162 41.98 2.90 94.51
CA GLU D 162 42.22 2.10 95.71
C GLU D 162 42.18 2.96 96.97
N ILE D 163 42.83 4.13 96.89
CA ILE D 163 42.87 5.09 98.00
C ILE D 163 41.47 5.59 98.35
N CYS D 164 40.65 5.85 97.33
CA CYS D 164 39.30 6.35 97.52
C CYS D 164 38.34 5.32 98.13
N ARG D 165 38.59 4.03 97.86
CA ARG D 165 37.74 2.97 98.41
C ARG D 165 38.03 2.72 99.89
N ARG D 166 39.27 2.95 100.31
CA ARG D 166 39.69 2.75 101.69
C ARG D 166 39.05 3.76 102.64
N TYR D 167 38.92 5.01 102.19
CA TYR D 167 38.39 6.09 103.02
C TYR D 167 37.01 6.54 102.53
N ASP D 168 36.38 5.65 101.77
CA ASP D 168 35.00 5.81 101.30
C ASP D 168 34.74 7.16 100.60
N ALA D 169 35.63 7.51 99.68
CA ALA D 169 35.47 8.69 98.84
C ALA D 169 34.99 8.28 97.46
N LEU D 170 34.19 9.15 96.84
CA LEU D 170 33.73 8.95 95.47
C LEU D 170 34.74 9.58 94.51
N PHE D 171 35.14 8.80 93.50
CA PHE D 171 36.24 9.17 92.61
C PHE D 171 35.76 9.61 91.23
N TYR D 172 35.77 10.93 91.00
CA TYR D 172 35.40 11.50 89.70
C TYR D 172 36.62 12.04 88.97
N THR D 173 36.63 11.88 87.65
CA THR D 173 37.65 12.50 86.80
C THR D 173 37.08 13.27 85.61
N ASP D 174 37.80 14.30 85.18
CA ASP D 174 37.48 15.03 83.96
C ASP D 174 38.37 14.50 82.85
N ALA D 175 37.78 13.72 81.94
CA ALA D 175 38.55 13.07 80.88
C ALA D 175 38.26 13.59 79.47
N THR D 176 37.75 14.82 79.37
CA THR D 176 37.39 15.39 78.06
C THR D 176 38.60 15.49 77.12
N ALA D 177 39.74 15.87 77.68
CA ALA D 177 40.98 16.03 76.91
C ALA D 177 41.70 14.72 76.59
N SER D 178 41.50 13.71 77.44
CA SER D 178 42.34 12.51 77.41
C SER D 178 41.70 11.26 76.82
N LEU D 179 40.38 11.12 76.96
CA LEU D 179 39.66 9.95 76.46
C LEU D 179 39.93 9.73 74.97
N GLY D 180 40.19 8.48 74.60
CA GLY D 180 40.42 8.11 73.20
C GLY D 180 41.87 8.25 72.76
N GLY D 181 42.64 9.09 73.44
CA GLY D 181 44.04 9.31 73.10
C GLY D 181 45.01 8.88 74.18
N ASN D 182 44.45 8.46 75.31
CA ASN D 182 45.21 8.06 76.49
C ASN D 182 44.45 6.95 77.22
N PRO D 183 45.17 6.10 77.98
CA PRO D 183 44.47 5.04 78.73
C PRO D 183 43.54 5.59 79.80
N LEU D 184 42.29 5.11 79.79
CA LEU D 184 41.33 5.36 80.87
C LEU D 184 40.51 4.11 81.11
N GLU D 185 40.84 3.39 82.18
CA GLU D 185 40.10 2.21 82.58
C GLU D 185 39.19 2.59 83.74
N THR D 186 37.93 2.86 83.43
CA THR D 186 36.95 3.30 84.43
C THR D 186 36.81 2.31 85.58
N ASP D 187 36.54 1.06 85.26
CA ASP D 187 36.26 0.03 86.27
C ASP D 187 37.49 -0.48 87.01
N VAL D 188 38.56 -0.78 86.27
CA VAL D 188 39.79 -1.28 86.86
C VAL D 188 40.42 -0.28 87.84
N TRP D 189 40.22 1.01 87.58
CA TRP D 189 40.79 2.07 88.42
C TRP D 189 39.83 2.59 89.48
N GLY D 190 38.64 1.98 89.58
CA GLY D 190 37.67 2.30 90.61
C GLY D 190 37.03 3.68 90.49
N LEU D 191 36.83 4.13 89.25
CA LEU D 191 36.17 5.41 89.00
C LEU D 191 34.65 5.32 89.19
N ASP D 192 34.10 6.34 89.84
CA ASP D 192 32.67 6.39 90.12
C ASP D 192 31.93 7.25 89.11
N ALA D 193 32.60 8.28 88.63
CA ALA D 193 32.02 9.18 87.63
C ALA D 193 33.10 9.70 86.69
N VAL D 194 32.82 9.60 85.39
CA VAL D 194 33.70 10.17 84.38
C VAL D 194 32.86 11.07 83.48
N SER D 195 33.39 12.25 83.16
CA SER D 195 32.80 13.12 82.16
C SER D 195 33.82 13.40 81.06
N ALA D 196 33.34 13.48 79.83
CA ALA D 196 34.21 13.72 78.69
C ALA D 196 33.62 14.77 77.76
N GLY D 197 34.25 14.94 76.59
CA GLY D 197 33.79 15.86 75.56
C GLY D 197 33.99 15.23 74.19
N MET D 198 33.70 15.99 73.14
CA MET D 198 33.73 15.46 71.78
C MET D 198 34.91 16.00 70.97
N GLN D 199 35.30 17.24 71.25
CA GLN D 199 36.19 18.01 70.38
C GLN D 199 37.70 17.77 70.55
N1 LLP D 200 38.07 20.03 80.25
C2 LLP D 200 39.30 19.76 79.77
C2' LLP D 200 40.25 19.02 80.64
C3 LLP D 200 39.69 20.17 78.50
O3 LLP D 200 40.92 19.89 78.03
C4 LLP D 200 38.78 20.86 77.69
C4' LLP D 200 39.16 21.32 76.31
C5 LLP D 200 37.50 21.12 78.23
C6 LLP D 200 37.17 20.70 79.52
C5' LLP D 200 36.48 21.89 77.41
OP4 LLP D 200 35.17 21.92 77.86
P LLP D 200 34.04 22.65 77.03
OP1 LLP D 200 34.55 24.01 76.54
OP2 LLP D 200 32.85 22.86 77.94
OP3 LLP D 200 33.63 21.79 75.87
N LLP D 200 38.07 16.77 71.33
CA LLP D 200 39.47 16.45 71.53
CB LLP D 200 39.87 16.35 73.01
CG LLP D 200 39.50 17.51 73.92
CD LLP D 200 39.80 18.93 73.45
CE LLP D 200 39.26 20.05 74.26
NZ LLP D 200 39.99 20.41 75.49
C LLP D 200 39.82 15.25 70.67
O LLP D 200 40.00 15.41 69.45
N CYS D 201 39.91 14.06 71.28
CA CYS D 201 40.31 12.85 70.55
C CYS D 201 39.12 12.08 69.96
N LEU D 202 37.89 12.54 70.20
CA LEU D 202 36.69 11.82 69.76
C LEU D 202 36.30 12.15 68.31
N GLY D 203 36.15 13.44 68.00
CA GLY D 203 36.16 13.95 66.62
C GLY D 203 34.88 14.04 65.78
N GLY D 204 33.86 14.77 66.23
CA GLY D 204 33.86 15.47 67.50
C GLY D 204 33.76 16.98 67.44
N PRO D 205 32.57 17.52 67.13
CA PRO D 205 32.32 18.92 67.43
C PRO D 205 31.74 19.07 68.84
N SER D 206 32.03 20.18 69.51
CA SER D 206 31.56 20.38 70.88
C SER D 206 30.04 20.58 70.94
N GLY D 207 29.45 20.21 72.06
CA GLY D 207 28.00 20.29 72.24
C GLY D 207 27.40 19.10 72.98
N THR D 208 28.25 18.09 73.23
CA THR D 208 27.83 16.88 73.96
C THR D 208 28.89 16.50 74.99
N SER D 209 28.44 15.87 76.08
CA SER D 209 29.32 15.37 77.12
C SER D 209 28.93 13.94 77.51
N PRO D 210 29.67 12.95 77.00
CA PRO D 210 29.50 11.57 77.45
C PRO D 210 29.91 11.44 78.92
N ILE D 211 29.09 10.72 79.69
CA ILE D 211 29.36 10.49 81.10
C ILE D 211 29.08 9.03 81.47
N THR D 212 29.74 8.54 82.51
CA THR D 212 29.41 7.22 83.06
C THR D 212 29.42 7.27 84.59
N LEU D 213 28.42 6.62 85.19
CA LEU D 213 28.23 6.61 86.64
C LEU D 213 28.22 5.19 87.17
N SER D 214 29.00 4.95 88.23
CA SER D 214 29.07 3.63 88.87
C SER D 214 27.84 3.36 89.74
N ALA D 215 27.67 2.10 90.12
CA ALA D 215 26.58 1.69 91.01
C ALA D 215 26.58 2.46 92.34
N ARG D 216 27.78 2.73 92.88
CA ARG D 216 27.95 3.56 94.06
C ARG D 216 27.46 5.00 93.82
N MET D 217 27.86 5.56 92.68
CA MET D 217 27.45 6.90 92.27
C MET D 217 25.95 7.05 92.00
N GLU D 218 25.35 6.02 91.40
CA GLU D 218 23.92 6.08 91.10
C GLU D 218 23.07 6.05 92.36
N GLU D 219 23.57 5.42 93.43
CA GLU D 219 22.85 5.37 94.69
C GLU D 219 22.79 6.75 95.34
N ALA D 220 23.92 7.46 95.32
CA ALA D 220 24.01 8.81 95.89
C ALA D 220 23.02 9.78 95.23
N ILE D 221 22.80 9.59 93.94
CA ILE D 221 21.89 10.43 93.15
C ILE D 221 20.42 10.03 93.34
N ARG D 222 20.17 8.74 93.54
CA ARG D 222 18.82 8.23 93.83
C ARG D 222 18.29 8.66 95.19
N ARG D 223 19.20 9.00 96.11
CA ARG D 223 18.83 9.58 97.40
C ARG D 223 18.37 11.03 97.23
N ARG D 224 18.71 11.60 96.07
CA ARG D 224 18.41 12.99 95.76
C ARG D 224 17.16 13.12 94.88
N LYS D 225 16.55 11.98 94.56
CA LYS D 225 15.44 11.92 93.60
C LYS D 225 14.33 12.94 93.87
N CYS D 226 14.07 13.78 92.87
CA CYS D 226 12.95 14.73 92.90
C CYS D 226 12.51 15.02 91.48
N VAL D 227 11.36 14.46 91.10
CA VAL D 227 10.86 14.53 89.73
C VAL D 227 10.14 15.85 89.45
N GLU D 228 10.44 16.44 88.29
CA GLU D 228 9.85 17.70 87.83
C GLU D 228 8.33 17.66 87.80
N GLU D 229 7.72 18.69 88.39
CA GLU D 229 6.27 18.80 88.61
C GLU D 229 5.39 18.43 87.40
N GLY D 230 5.78 18.89 86.21
CA GLY D 230 5.01 18.65 84.99
C GLY D 230 4.94 17.21 84.54
N ILE D 231 5.92 16.40 84.94
CA ILE D 231 5.96 14.97 84.58
C ILE D 231 5.90 14.07 85.82
N ARG D 232 5.55 14.67 86.96
CA ARG D 232 5.41 13.94 88.21
C ARG D 232 4.04 13.25 88.26
N THR D 233 4.05 11.96 88.61
CA THR D 233 2.82 11.18 88.76
C THR D 233 2.55 10.87 90.23
N ASP D 234 1.43 10.20 90.48
CA ASP D 234 1.06 9.76 91.84
C ASP D 234 2.01 8.70 92.40
N ALA D 235 2.74 8.03 91.50
CA ALA D 235 3.64 6.93 91.87
C ALA D 235 5.10 7.37 92.03
N HIS D 236 5.37 8.66 91.92
CA HIS D 236 6.71 9.20 92.11
C HIS D 236 6.92 9.70 93.54
N ARG D 237 8.07 9.37 94.11
CA ARG D 237 8.42 9.83 95.45
C ARG D 237 9.88 10.26 95.57
N ASP D 238 10.13 11.20 96.47
CA ASP D 238 11.46 11.78 96.68
C ASP D 238 12.40 10.84 97.43
N GLY D 239 13.70 11.13 97.34
CA GLY D 239 14.72 10.41 98.10
C GLY D 239 14.90 10.96 99.49
N ASP D 240 15.82 10.35 100.25
CA ASP D 240 16.03 10.71 101.66
C ASP D 240 16.71 12.06 101.87
N GLU D 241 17.45 12.51 100.86
CA GLU D 241 18.25 13.73 100.96
C GLU D 241 17.72 14.84 100.07
N GLU D 242 18.22 16.06 100.28
CA GLU D 242 17.73 17.25 99.56
C GLU D 242 17.89 17.15 98.04
N MET D 243 16.99 17.82 97.33
CA MET D 243 16.95 17.79 95.87
C MET D 243 18.21 18.36 95.22
N ILE D 244 18.39 18.04 93.94
CA ILE D 244 19.44 18.61 93.11
C ILE D 244 19.00 20.00 92.64
N TYR D 245 19.85 21.00 92.86
CA TYR D 245 19.50 22.39 92.57
C TYR D 245 19.69 22.78 91.10
N SER D 246 19.01 22.02 90.25
CA SER D 246 18.93 22.25 88.81
C SER D 246 17.92 21.28 88.25
N ASN D 247 17.09 21.73 87.32
CA ASN D 247 16.18 20.83 86.62
C ASN D 247 16.90 20.16 85.45
N TYR D 248 17.70 20.95 84.74
CA TYR D 248 18.41 20.48 83.55
C TYR D 248 19.53 19.51 83.89
N PHE D 249 20.21 19.74 85.02
CA PHE D 249 21.35 18.92 85.41
C PHE D 249 21.05 17.86 86.47
N ASP D 250 19.77 17.69 86.82
CA ASP D 250 19.35 16.60 87.69
C ASP D 250 19.55 15.27 86.95
N LEU D 251 20.67 14.60 87.24
CA LEU D 251 21.05 13.38 86.53
C LEU D 251 20.16 12.19 86.82
N GLY D 252 19.44 12.23 87.94
CA GLY D 252 18.43 11.22 88.25
C GLY D 252 17.35 11.18 87.20
N MET D 253 16.85 12.35 86.82
CA MET D 253 15.83 12.47 85.78
C MET D 253 16.39 12.13 84.40
N VAL D 254 17.65 12.49 84.16
CA VAL D 254 18.33 12.15 82.91
C VAL D 254 18.47 10.63 82.79
N MET D 255 18.88 9.98 83.88
CA MET D 255 18.91 8.51 83.94
C MET D 255 17.55 7.90 83.64
N ASP D 256 16.49 8.48 84.21
CA ASP D 256 15.13 7.99 83.98
C ASP D 256 14.63 8.21 82.56
N TYR D 257 15.27 9.13 81.84
CA TYR D 257 14.99 9.36 80.42
C TYR D 257 15.65 8.27 79.56
N TRP D 258 16.86 7.87 79.94
CA TRP D 258 17.59 6.83 79.22
C TRP D 258 17.19 5.42 79.67
N GLY D 259 16.54 5.33 80.83
CA GLY D 259 16.08 4.05 81.36
C GLY D 259 14.74 3.62 80.79
N PRO D 260 14.28 2.40 81.18
CA PRO D 260 12.99 1.85 80.75
C PRO D 260 11.79 2.77 80.93
N GLU D 261 11.82 3.64 81.94
CA GLU D 261 10.71 4.56 82.21
C GLU D 261 10.49 5.58 81.08
N ARG D 262 11.57 5.95 80.39
CA ARG D 262 11.54 6.94 79.31
C ARG D 262 10.89 8.26 79.74
N LEU D 263 11.22 8.66 80.96
CA LEU D 263 10.74 9.88 81.61
C LEU D 263 11.09 11.13 80.80
N ASN D 264 10.08 11.93 80.46
CA ASN D 264 10.21 13.06 79.54
C ASN D 264 10.90 14.30 80.14
N HIS D 265 12.21 14.19 80.38
CA HIS D 265 13.01 15.26 80.96
C HIS D 265 13.27 16.40 79.98
N HIS D 266 13.60 16.04 78.73
CA HIS D 266 13.90 16.99 77.67
C HIS D 266 13.91 16.26 76.33
N THR D 267 13.87 17.00 75.24
CA THR D 267 14.02 16.41 73.92
C THR D 267 15.51 16.23 73.63
N GLU D 268 15.93 14.99 73.43
CA GLU D 268 17.31 14.64 73.15
C GLU D 268 17.78 15.27 71.84
N ALA D 269 19.02 15.75 71.82
CA ALA D 269 19.61 16.35 70.63
C ALA D 269 19.88 15.30 69.56
N THR D 270 18.87 15.07 68.72
CA THR D 270 18.88 14.01 67.71
C THR D 270 20.17 13.99 66.89
N THR D 271 20.54 15.15 66.35
CA THR D 271 21.72 15.31 65.52
C THR D 271 23.02 15.06 66.30
N ALA D 272 23.15 15.70 67.46
CA ALA D 272 24.31 15.53 68.32
C ALA D 272 24.44 14.07 68.81
N LEU D 273 23.31 13.39 68.95
CA LEU D 273 23.28 11.97 69.26
C LEU D 273 23.84 11.15 68.10
N PHE D 274 23.38 11.45 66.89
CA PHE D 274 23.91 10.83 65.67
C PHE D 274 25.42 11.02 65.58
N GLY D 275 25.87 12.23 65.90
CA GLY D 275 27.30 12.54 65.96
C GLY D 275 28.04 11.72 66.99
N ALA D 276 27.53 11.74 68.22
CA ALA D 276 28.14 11.00 69.34
C ALA D 276 28.23 9.50 69.09
N ARG D 277 27.17 8.92 68.53
CA ARG D 277 27.14 7.50 68.18
C ARG D 277 28.29 7.15 67.22
N GLU D 278 28.49 7.99 66.21
CA GLU D 278 29.54 7.78 65.21
C GLU D 278 30.95 7.83 65.78
N CYS D 279 31.21 8.79 66.67
CA CYS D 279 32.51 8.93 67.32
C CYS D 279 32.95 7.64 68.00
N ALA D 280 32.09 7.12 68.89
CA ALA D 280 32.37 5.88 69.62
C ALA D 280 32.46 4.69 68.68
N ARG D 281 31.62 4.67 67.65
CA ARG D 281 31.61 3.62 66.64
C ARG D 281 32.95 3.55 65.89
N LEU D 282 33.47 4.71 65.50
CA LEU D 282 34.77 4.81 64.84
C LEU D 282 35.89 4.36 65.77
N ILE D 283 35.85 4.85 67.01
CA ILE D 283 36.85 4.50 68.03
C ILE D 283 36.93 2.99 68.29
N LEU D 284 35.80 2.32 68.21
CA LEU D 284 35.73 0.87 68.47
C LEU D 284 35.95 -0.01 67.22
N GLN D 285 35.66 0.54 66.04
CA GLN D 285 36.01 -0.13 64.78
C GLN D 285 37.53 -0.23 64.63
N GLU D 286 38.22 0.86 64.97
CA GLU D 286 39.67 0.89 64.98
C GLU D 286 40.21 0.11 66.19
N GLY D 287 39.55 0.28 67.34
CA GLY D 287 40.00 -0.30 68.59
C GLY D 287 40.57 0.76 69.48
N LEU D 288 40.27 0.69 70.78
CA LEU D 288 40.72 1.68 71.75
C LEU D 288 42.24 1.64 71.93
N ASP D 289 42.78 0.45 72.17
CA ASP D 289 44.23 0.26 72.32
C ASP D 289 45.02 0.77 71.12
N TYR D 290 44.57 0.41 69.91
CA TYR D 290 45.19 0.87 68.67
C TYR D 290 45.06 2.38 68.50
N GLY D 291 43.88 2.91 68.85
CA GLY D 291 43.63 4.35 68.81
C GLY D 291 44.55 5.11 69.74
N ILE D 292 44.76 4.59 70.95
CA ILE D 292 45.69 5.18 71.91
C ILE D 292 47.12 5.07 71.41
N ALA D 293 47.47 3.91 70.84
CA ALA D 293 48.80 3.67 70.27
C ALA D 293 49.10 4.64 69.13
N ARG D 294 48.06 5.02 68.39
CA ARG D 294 48.17 5.99 67.31
C ARG D 294 48.52 7.38 67.83
N HIS D 295 47.83 7.81 68.88
CA HIS D 295 48.08 9.12 69.51
C HIS D 295 49.50 9.23 70.06
N LYS D 296 49.99 8.16 70.67
CA LYS D 296 51.34 8.10 71.21
C LYS D 296 52.39 8.26 70.10
N LEU D 297 52.20 7.53 69.00
CA LEU D 297 53.14 7.54 67.87
C LEU D 297 53.33 8.93 67.29
N HIS D 298 52.22 9.63 67.04
CA HIS D 298 52.28 10.95 66.41
C HIS D 298 52.63 12.07 67.38
N GLY D 299 52.23 11.91 68.63
CA GLY D 299 52.62 12.82 69.71
C GLY D 299 54.13 12.85 69.89
N ASP D 300 54.73 11.65 69.97
CA ASP D 300 56.18 11.50 70.13
C ASP D 300 56.96 12.02 68.92
N ALA D 301 56.48 11.71 67.73
CA ALA D 301 57.08 12.18 66.48
C ALA D 301 57.16 13.71 66.44
N LEU D 302 56.11 14.35 66.93
CA LEU D 302 56.06 15.81 67.02
C LEU D 302 57.09 16.33 68.03
N VAL D 303 57.18 15.67 69.19
CA VAL D 303 58.13 16.01 70.24
C VAL D 303 59.57 15.96 69.70
N LYS D 304 59.90 14.85 69.07
CA LYS D 304 61.25 14.63 68.52
C LYS D 304 61.57 15.59 67.38
N GLY D 305 60.54 15.99 66.65
CA GLY D 305 60.66 17.02 65.62
C GLY D 305 60.96 18.37 66.22
N ILE D 306 60.17 18.73 67.24
CA ILE D 306 60.32 20.00 67.95
C ILE D 306 61.68 20.13 68.65
N GLN D 307 62.12 19.03 69.28
CA GLN D 307 63.41 19.01 69.99
C GLN D 307 64.59 19.21 69.04
N ALA D 308 64.49 18.65 67.84
CA ALA D 308 65.54 18.80 66.82
C ALA D 308 65.51 20.17 66.14
N MET D 309 64.43 20.92 66.35
CA MET D 309 64.30 22.28 65.84
C MET D 309 64.97 23.28 66.79
N GLY D 310 65.59 22.75 67.85
CA GLY D 310 66.25 23.57 68.86
C GLY D 310 65.28 24.28 69.79
N LEU D 311 64.25 23.57 70.22
CA LEU D 311 63.20 24.15 71.05
C LEU D 311 63.00 23.42 72.37
N GLU D 312 62.92 24.20 73.45
CA GLU D 312 62.58 23.68 74.78
C GLU D 312 61.12 23.27 74.81
N THR D 313 60.80 22.29 75.66
CA THR D 313 59.42 21.87 75.87
C THR D 313 58.99 22.12 77.32
N PHE D 314 57.68 22.20 77.54
CA PHE D 314 57.13 22.49 78.86
C PHE D 314 56.72 21.24 79.61
N GLY D 315 56.90 21.28 80.93
CA GLY D 315 56.35 20.27 81.82
C GLY D 315 57.18 19.02 82.02
N ASP D 316 56.64 18.08 82.78
CA ASP D 316 57.27 16.82 83.08
C ASP D 316 56.89 15.80 82.01
N LEU D 317 57.77 15.65 81.01
CA LEU D 317 57.53 14.80 79.83
C LEU D 317 57.19 13.33 80.13
N LYS D 318 57.61 12.86 81.31
CA LYS D 318 57.26 11.51 81.78
C LYS D 318 55.75 11.34 81.92
N HIS D 319 55.04 12.45 82.10
CA HIS D 319 53.59 12.44 82.31
C HIS D 319 52.82 13.29 81.29
N LYS D 320 53.45 13.58 80.16
CA LYS D 320 52.81 14.36 79.10
C LYS D 320 51.72 13.57 78.39
N MET D 321 50.60 14.25 78.11
CA MET D 321 49.54 13.68 77.28
C MET D 321 50.08 13.30 75.91
N ASN D 322 49.56 12.21 75.35
CA ASN D 322 49.96 11.78 74.00
C ASN D 322 49.58 12.78 72.93
N ASN D 323 48.55 13.58 73.22
CA ASN D 323 47.91 14.43 72.22
C ASN D 323 48.12 15.95 72.38
N VAL D 324 48.95 16.36 73.34
CA VAL D 324 49.25 17.78 73.57
C VAL D 324 50.72 17.98 73.90
N LEU D 325 51.30 19.04 73.33
CA LEU D 325 52.72 19.38 73.55
C LEU D 325 52.89 20.86 73.85
N GLY D 326 53.58 21.17 74.95
CA GLY D 326 53.97 22.53 75.27
C GLY D 326 55.30 22.87 74.61
N VAL D 327 55.29 23.92 73.78
CA VAL D 327 56.50 24.35 73.08
C VAL D 327 56.89 25.76 73.53
N VAL D 328 58.06 25.86 74.18
CA VAL D 328 58.54 27.14 74.71
C VAL D 328 58.93 28.09 73.58
N ILE D 329 58.45 29.32 73.66
CA ILE D 329 58.75 30.37 72.68
C ILE D 329 60.19 30.88 72.83
N PRO D 330 61.01 30.71 71.78
CA PRO D 330 62.47 30.91 71.74
C PRO D 330 63.02 32.17 72.41
N GLN D 331 62.28 33.27 72.32
CA GLN D 331 62.67 34.59 72.85
C GLN D 331 63.29 35.48 71.77
N GLY D 332 62.83 36.72 71.70
CA GLY D 332 63.11 37.60 70.57
C GLY D 332 62.15 37.25 69.44
N ILE D 333 61.16 36.42 69.78
CA ILE D 333 60.16 35.95 68.84
C ILE D 333 58.77 36.21 69.42
N ASN D 334 57.93 36.91 68.67
CA ASN D 334 56.56 37.16 69.08
C ASN D 334 55.70 35.92 68.83
N GLY D 335 55.06 35.43 69.90
CA GLY D 335 54.21 34.24 69.83
C GLY D 335 52.93 34.45 69.04
N ASP D 336 52.27 35.58 69.27
CA ASP D 336 51.06 35.95 68.53
C ASP D 336 51.34 36.09 67.03
N GLN D 337 52.58 36.42 66.69
CA GLN D 337 52.99 36.60 65.30
C GLN D 337 53.18 35.27 64.57
N ALA D 338 53.79 34.30 65.26
CA ALA D 338 53.95 32.95 64.71
C ALA D 338 52.60 32.24 64.61
N ARG D 339 51.68 32.56 65.53
CA ARG D 339 50.31 32.05 65.49
C ARG D 339 49.52 32.63 64.33
N LYS D 340 49.69 33.93 64.09
CA LYS D 340 49.01 34.63 63.00
C LYS D 340 49.51 34.14 61.65
N LEU D 341 50.82 33.90 61.54
CA LEU D 341 51.41 33.45 60.29
C LEU D 341 51.07 31.99 59.96
N MET D 342 51.05 31.14 60.98
CA MET D 342 50.65 29.74 60.81
C MET D 342 49.22 29.63 60.29
N LEU D 343 48.33 30.46 60.82
CA LEU D 343 46.92 30.41 60.48
C LEU D 343 46.62 31.03 59.11
N GLU D 344 46.99 32.29 58.95
CA GLU D 344 46.63 33.06 57.76
C GLU D 344 47.35 32.61 56.50
N ASP D 345 48.57 32.09 56.66
CA ASP D 345 49.42 31.73 55.53
C ASP D 345 49.56 30.21 55.28
N PHE D 346 49.28 29.40 56.30
CA PHE D 346 49.37 27.94 56.16
C PHE D 346 48.05 27.22 56.43
N GLY D 347 47.12 27.92 57.08
CA GLY D 347 45.82 27.33 57.44
C GLY D 347 45.92 26.40 58.63
N ILE D 348 46.95 26.59 59.45
CA ILE D 348 47.18 25.76 60.63
C ILE D 348 47.02 26.57 61.91
N GLU D 349 46.07 26.18 62.75
CA GLU D 349 45.92 26.78 64.07
C GLU D 349 46.72 26.02 65.10
N ILE D 350 47.60 26.73 65.78
CA ILE D 350 48.25 26.21 66.99
C ILE D 350 47.79 27.06 68.16
N GLY D 351 47.78 26.49 69.35
CA GLY D 351 47.22 27.14 70.51
C GLY D 351 48.14 28.12 71.21
N THR D 352 47.56 29.20 71.72
CA THR D 352 48.23 30.05 72.69
C THR D 352 47.98 29.48 74.08
N SER D 353 48.78 29.89 75.05
CA SER D 353 48.55 29.53 76.44
C SER D 353 47.98 30.74 77.17
N PHE D 354 47.21 30.49 78.22
CA PHE D 354 46.57 31.57 78.97
C PHE D 354 47.28 31.86 80.28
N GLY D 355 47.06 33.08 80.79
CA GLY D 355 47.56 33.50 82.10
C GLY D 355 49.06 33.42 82.29
N PRO D 356 49.51 32.59 83.25
CA PRO D 356 50.92 32.49 83.65
C PRO D 356 51.85 31.89 82.58
N LEU D 357 51.32 31.69 81.37
CA LEU D 357 52.10 31.14 80.26
C LEU D 357 51.91 31.93 78.97
N HIS D 358 50.99 32.89 78.98
CA HIS D 358 50.67 33.68 77.78
C HIS D 358 51.89 34.44 77.26
N GLY D 359 52.29 34.11 76.03
CA GLY D 359 53.47 34.69 75.41
C GLY D 359 54.75 33.90 75.64
N LYS D 360 54.62 32.79 76.39
CA LYS D 360 55.78 31.96 76.74
C LYS D 360 55.71 30.58 76.09
N VAL D 361 54.51 30.01 75.97
CA VAL D 361 54.34 28.63 75.52
C VAL D 361 53.26 28.48 74.44
N TRP D 362 53.58 27.71 73.40
CA TRP D 362 52.61 27.27 72.39
C TRP D 362 52.04 25.91 72.76
N ARG D 363 50.81 25.65 72.38
CA ARG D 363 50.20 24.34 72.61
C ARG D 363 49.76 23.69 71.29
N ILE D 364 50.49 22.65 70.91
CA ILE D 364 50.25 21.94 69.65
C ILE D 364 49.64 20.56 69.90
N GLY D 365 48.40 20.39 69.48
CA GLY D 365 47.67 19.14 69.67
C GLY D 365 47.74 18.19 68.49
N THR D 366 47.69 16.89 68.78
CA THR D 366 47.62 15.85 67.77
C THR D 366 46.52 14.86 68.18
N MET D 367 45.29 15.17 67.82
CA MET D 367 44.12 14.50 68.40
C MET D 367 43.18 13.89 67.35
N GLY D 368 42.46 12.85 67.76
CA GLY D 368 41.42 12.21 66.96
C GLY D 368 41.75 12.06 65.49
N TYR D 369 40.97 12.75 64.66
CA TYR D 369 41.15 12.71 63.21
C TYR D 369 42.50 13.25 62.77
N ASN D 370 43.00 14.27 63.49
CA ASN D 370 44.28 14.90 63.16
C ASN D 370 45.51 14.22 63.77
N ALA D 371 45.29 13.14 64.52
CA ALA D 371 46.41 12.32 64.98
C ALA D 371 46.88 11.42 63.83
N ARG D 372 47.52 12.06 62.85
CA ARG D 372 48.06 11.39 61.67
C ARG D 372 49.48 11.85 61.41
N LYS D 373 50.21 11.10 60.60
CA LYS D 373 51.57 11.46 60.21
C LYS D 373 51.61 12.79 59.45
N ASP D 374 50.72 12.94 58.49
CA ASP D 374 50.72 14.12 57.61
C ASP D 374 50.36 15.43 58.29
N CYS D 375 49.50 15.36 59.31
CA CYS D 375 49.19 16.53 60.14
C CYS D 375 50.42 16.97 60.94
N VAL D 376 51.14 15.98 61.49
CA VAL D 376 52.37 16.24 62.25
C VAL D 376 53.46 16.82 61.35
N MET D 377 53.63 16.21 60.18
CA MET D 377 54.61 16.64 59.17
C MET D 377 54.36 18.04 58.61
N THR D 378 53.10 18.36 58.36
CA THR D 378 52.71 19.66 57.81
C THR D 378 52.91 20.77 58.84
N THR D 379 52.65 20.46 60.11
CA THR D 379 52.79 21.41 61.21
C THR D 379 54.26 21.73 61.50
N LEU D 380 55.10 20.69 61.54
CA LEU D 380 56.54 20.86 61.82
C LEU D 380 57.24 21.67 60.72
N SER D 381 56.96 21.33 59.46
CA SER D 381 57.52 22.06 58.32
C SER D 381 57.01 23.50 58.24
N ALA D 382 55.75 23.69 58.63
CA ALA D 382 55.16 25.03 58.68
C ALA D 382 55.74 25.88 59.80
N LEU D 383 55.83 25.30 61.01
CA LEU D 383 56.40 26.01 62.16
C LEU D 383 57.83 26.46 61.87
N GLU D 384 58.66 25.53 61.38
CA GLU D 384 60.04 25.84 61.04
C GLU D 384 60.16 26.96 60.01
N ALA D 385 59.36 26.87 58.94
CA ALA D 385 59.36 27.88 57.88
C ALA D 385 59.04 29.29 58.40
N VAL D 386 58.05 29.38 59.28
CA VAL D 386 57.65 30.65 59.89
C VAL D 386 58.76 31.22 60.78
N LEU D 387 59.43 30.34 61.53
CA LEU D 387 60.50 30.76 62.45
C LEU D 387 61.72 31.32 61.71
N ASN D 388 62.10 30.66 60.61
CA ASN D 388 63.21 31.12 59.76
C ASN D 388 62.92 32.48 59.13
N TYR D 389 61.66 32.68 58.75
CA TYR D 389 61.18 33.93 58.16
C TYR D 389 61.23 35.08 59.17
N LEU D 390 61.03 34.75 60.44
CA LEU D 390 61.12 35.72 61.54
C LEU D 390 62.50 35.72 62.20
N LYS D 391 63.48 35.13 61.50
CA LYS D 391 64.91 35.14 61.87
C LYS D 391 65.25 34.32 63.13
N PHE D 392 64.76 33.09 63.17
CA PHE D 392 65.18 32.11 64.18
C PHE D 392 65.93 30.97 63.49
N PRO D 393 67.27 30.97 63.61
CA PRO D 393 68.12 29.93 63.05
C PRO D 393 67.77 28.52 63.51
N THR D 394 67.71 27.59 62.55
CA THR D 394 67.54 26.17 62.82
C THR D 394 68.48 25.38 61.91
N THR D 395 68.95 24.24 62.39
CA THR D 395 69.78 23.35 61.58
C THR D 395 68.91 22.78 60.46
N GLN D 396 69.30 23.10 59.22
CA GLN D 396 68.54 22.74 58.02
C GLN D 396 68.29 21.23 57.91
N GLY D 397 67.03 20.84 58.05
CA GLY D 397 66.61 19.45 57.90
C GLY D 397 66.59 18.61 59.16
N ALA D 398 66.99 19.20 60.29
CA ALA D 398 67.10 18.46 61.56
C ALA D 398 65.74 18.07 62.14
N ALA D 399 64.85 19.05 62.27
CA ALA D 399 63.49 18.85 62.78
C ALA D 399 62.73 17.78 62.00
N MET D 400 62.84 17.86 60.67
CA MET D 400 62.17 16.93 59.78
C MET D 400 62.80 15.54 59.79
N GLN D 401 64.13 15.47 59.84
CA GLN D 401 64.86 14.21 59.90
C GLN D 401 64.44 13.36 61.11
N ALA D 402 64.44 13.97 62.29
CA ALA D 402 64.08 13.29 63.52
C ALA D 402 62.64 12.76 63.48
N ALA D 403 61.75 13.51 62.85
CA ALA D 403 60.36 13.08 62.65
C ALA D 403 60.29 11.82 61.78
N TRP D 404 61.02 11.83 60.67
CA TRP D 404 61.13 10.66 59.80
C TRP D 404 61.82 9.49 60.50
N ASP D 405 62.87 9.80 61.27
CA ASP D 405 63.62 8.80 62.03
C ASP D 405 62.73 8.05 63.03
N HIS D 406 61.85 8.79 63.71
CA HIS D 406 60.89 8.20 64.65
C HIS D 406 59.86 7.33 63.93
N TYR D 407 59.35 7.81 62.79
CA TYR D 407 58.37 7.06 61.99
C TYR D 407 58.98 5.81 61.35
N ARG D 408 60.27 5.88 61.02
CA ARG D 408 61.00 4.75 60.43
C ARG D 408 61.29 3.65 61.45
N SER D 409 61.78 4.05 62.62
CA SER D 409 62.19 3.12 63.68
C SER D 409 61.02 2.33 64.27
N GLU D 410 59.91 3.02 64.49
CA GLU D 410 58.72 2.42 65.12
C GLU D 410 58.01 1.38 64.24
N ARG D 411 58.22 1.48 62.93
CA ARG D 411 57.63 0.53 61.99
C ARG D 411 58.70 -0.04 61.04
N ASP E 2 -41.76 57.75 5.69
CA ASP E 2 -40.77 56.72 5.28
C ASP E 2 -39.34 57.19 5.55
N ILE E 3 -38.53 56.27 6.07
CA ILE E 3 -37.10 56.53 6.33
C ILE E 3 -36.30 56.65 5.03
N THR E 4 -36.74 55.94 4.00
CA THR E 4 -36.10 55.95 2.67
C THR E 4 -35.97 57.35 2.06
N GLN E 5 -36.82 58.27 2.50
CA GLN E 5 -36.81 59.65 2.00
C GLN E 5 -35.92 60.59 2.83
N PHE E 6 -35.28 60.05 3.86
CA PHE E 6 -34.25 60.76 4.61
C PHE E 6 -32.91 60.34 4.01
N SER E 7 -32.38 61.19 3.13
CA SER E 7 -31.18 60.84 2.37
C SER E 7 -29.89 61.31 3.04
N GLN E 8 -28.76 61.09 2.37
CA GLN E 8 -27.46 61.56 2.80
C GLN E 8 -27.45 63.08 2.93
N LEU E 9 -26.67 63.58 3.90
CA LEU E 9 -26.55 65.01 4.17
C LEU E 9 -26.03 65.74 2.94
N ASN E 10 -26.73 66.80 2.56
CA ASN E 10 -26.43 67.55 1.33
C ASN E 10 -26.77 69.03 1.45
N PRO E 11 -26.01 69.78 2.26
CA PRO E 11 -26.30 71.20 2.41
C PRO E 11 -25.80 71.98 1.20
N PRO E 12 -26.65 72.87 0.65
CA PRO E 12 -26.32 73.66 -0.54
C PRO E 12 -25.06 74.50 -0.36
N SER E 13 -24.38 74.77 -1.48
CA SER E 13 -23.21 75.63 -1.50
C SER E 13 -23.61 77.04 -1.09
N ARG E 14 -22.88 77.59 -0.12
CA ARG E 14 -23.21 78.89 0.45
C ARG E 14 -21.97 79.71 0.74
N LEU E 15 -21.99 80.97 0.31
CA LEU E 15 -20.98 81.93 0.73
C LEU E 15 -21.57 82.75 1.88
N LEU E 16 -21.19 82.40 3.10
CA LEU E 16 -21.76 83.00 4.30
C LEU E 16 -21.00 84.27 4.67
N MET E 17 -21.59 85.40 4.31
CA MET E 17 -20.98 86.72 4.51
C MET E 17 -21.83 87.58 5.44
N GLY E 18 -22.53 86.94 6.36
CA GLY E 18 -23.38 87.64 7.32
C GLY E 18 -22.66 87.90 8.63
N PRO E 19 -23.39 87.85 9.76
CA PRO E 19 -22.78 88.09 11.07
C PRO E 19 -22.25 86.82 11.73
N GLY E 20 -22.47 85.67 11.07
CA GLY E 20 -22.12 84.37 11.63
C GLY E 20 -23.32 83.45 11.74
N PRO E 21 -23.10 82.13 11.63
CA PRO E 21 -21.79 81.50 11.40
C PRO E 21 -21.34 81.62 9.94
N ILE E 22 -20.04 81.59 9.70
CA ILE E 22 -19.51 81.68 8.35
C ILE E 22 -18.84 80.36 7.93
N ASN E 23 -18.61 80.19 6.64
CA ASN E 23 -18.00 78.97 6.09
C ASN E 23 -16.76 78.53 6.88
N ALA E 24 -16.67 77.24 7.16
CA ALA E 24 -15.53 76.70 7.90
C ALA E 24 -14.32 76.52 6.99
N ASP E 25 -13.12 76.65 7.55
CA ASP E 25 -11.89 76.29 6.85
C ASP E 25 -11.91 74.78 6.56
N PRO E 26 -11.68 74.40 5.29
CA PRO E 26 -11.71 72.99 4.86
C PRO E 26 -10.84 72.05 5.69
N ARG E 27 -9.72 72.54 6.22
CA ARG E 27 -8.85 71.73 7.08
C ARG E 27 -9.49 71.39 8.43
N VAL E 28 -10.42 72.24 8.87
CA VAL E 28 -11.14 72.03 10.12
C VAL E 28 -12.23 70.98 9.94
N LEU E 29 -12.99 71.09 8.85
CA LEU E 29 -13.99 70.09 8.48
C LEU E 29 -13.35 68.71 8.33
N ARG E 30 -12.20 68.66 7.68
CA ARG E 30 -11.47 67.40 7.48
C ARG E 30 -10.99 66.82 8.82
N ALA E 31 -10.52 67.68 9.71
CA ALA E 31 -10.09 67.27 11.05
C ALA E 31 -11.21 66.59 11.84
N MET E 32 -12.44 67.01 11.60
CA MET E 32 -13.61 66.49 12.30
C MET E 32 -14.04 65.10 11.86
N SER E 33 -13.56 64.67 10.69
CA SER E 33 -13.89 63.36 10.14
C SER E 33 -12.96 62.25 10.65
N SER E 34 -12.02 62.62 11.51
CA SER E 34 -11.05 61.68 12.06
C SER E 34 -11.66 60.76 13.12
N GLN E 35 -11.10 59.56 13.26
CA GLN E 35 -11.58 58.56 14.22
C GLN E 35 -11.27 58.93 15.67
N LEU E 36 -12.08 58.41 16.59
CA LEU E 36 -12.02 58.81 17.99
C LEU E 36 -11.09 57.95 18.83
N ILE E 37 -10.73 58.45 20.01
CA ILE E 37 -10.00 57.69 21.02
C ILE E 37 -10.69 57.86 22.38
N GLY E 38 -10.36 56.99 23.33
CA GLY E 38 -10.96 57.00 24.65
C GLY E 38 -10.67 58.25 25.44
N GLN E 39 -11.50 58.49 26.46
CA GLN E 39 -11.41 59.68 27.30
C GLN E 39 -10.01 59.96 27.86
N TYR E 40 -9.36 58.92 28.38
CA TYR E 40 -8.05 59.07 29.01
C TYR E 40 -6.90 58.39 28.27
N ASP E 41 -7.10 58.15 26.98
CA ASP E 41 -6.03 57.69 26.10
C ASP E 41 -4.90 58.73 26.10
N PRO E 42 -3.63 58.28 26.21
CA PRO E 42 -2.48 59.18 26.21
C PRO E 42 -2.50 60.21 25.07
N ALA E 43 -3.15 59.86 23.96
CA ALA E 43 -3.27 60.77 22.81
C ALA E 43 -4.30 61.87 23.04
N MET E 44 -5.40 61.53 23.71
CA MET E 44 -6.45 62.49 24.02
C MET E 44 -5.96 63.54 25.01
N THR E 45 -5.24 63.09 26.03
CA THR E 45 -4.69 64.00 27.05
C THR E 45 -3.52 64.82 26.49
N HIS E 46 -2.82 64.25 25.52
CA HIS E 46 -1.78 64.98 24.79
C HIS E 46 -2.40 66.11 23.94
N TYR E 47 -3.48 65.80 23.23
CA TYR E 47 -4.15 66.78 22.39
C TYR E 47 -4.79 67.89 23.21
N MET E 48 -5.34 67.53 24.37
CA MET E 48 -5.91 68.50 25.31
C MET E 48 -4.87 69.50 25.82
N ASN E 49 -3.65 69.01 26.04
CA ASN E 49 -2.54 69.87 26.48
C ASN E 49 -2.03 70.80 25.38
N GLU E 50 -2.09 70.32 24.14
CA GLU E 50 -1.73 71.12 22.96
C GLU E 50 -2.71 72.28 22.79
N VAL E 51 -4.01 71.95 22.84
CA VAL E 51 -5.08 72.92 22.73
C VAL E 51 -4.89 74.06 23.73
N MET E 52 -4.44 73.70 24.94
CA MET E 52 -4.14 74.67 25.99
C MET E 52 -2.99 75.57 25.56
N ALA E 53 -1.92 74.97 25.05
CA ALA E 53 -0.74 75.71 24.58
C ALA E 53 -1.06 76.56 23.35
N LEU E 54 -1.94 76.06 22.50
CA LEU E 54 -2.32 76.74 21.27
C LEU E 54 -3.18 77.97 21.52
N TYR E 55 -4.15 77.84 22.44
CA TYR E 55 -5.06 78.96 22.73
C TYR E 55 -4.44 80.03 23.63
N ARG E 56 -3.42 79.64 24.41
CA ARG E 56 -2.57 80.60 25.12
C ARG E 56 -1.93 81.53 24.09
N GLY E 57 -1.61 80.97 22.92
CA GLY E 57 -1.05 81.74 21.81
C GLY E 57 -2.07 82.63 21.12
N VAL E 58 -3.28 82.11 20.92
CA VAL E 58 -4.36 82.85 20.27
C VAL E 58 -4.91 83.98 21.14
N PHE E 59 -5.06 83.72 22.44
CA PHE E 59 -5.55 84.74 23.38
C PHE E 59 -4.52 85.83 23.67
N ARG E 60 -3.24 85.51 23.44
CA ARG E 60 -2.11 86.35 23.85
C ARG E 60 -1.96 86.36 25.37
N THR E 61 -1.87 85.15 25.93
CA THR E 61 -1.76 84.98 27.38
C THR E 61 -0.76 83.90 27.77
N GLU E 62 -0.34 83.94 29.04
CA GLU E 62 0.51 82.90 29.62
C GLU E 62 -0.27 82.14 30.69
N ASN E 63 -1.56 82.46 30.82
CA ASN E 63 -2.44 81.80 31.79
C ASN E 63 -2.42 80.30 31.65
N ARG E 64 -2.12 79.62 32.76
CA ARG E 64 -2.13 78.15 32.81
C ARG E 64 -3.50 77.61 32.42
N TRP E 65 -4.56 78.28 32.87
CA TRP E 65 -5.92 77.81 32.65
C TRP E 65 -6.55 78.42 31.41
N THR E 66 -6.27 77.78 30.28
CA THR E 66 -6.79 78.15 28.98
C THR E 66 -7.33 76.88 28.35
N MET E 67 -8.64 76.82 28.15
CA MET E 67 -9.32 75.57 27.81
C MET E 67 -10.58 75.79 27.01
N LEU E 68 -11.24 74.69 26.64
CA LEU E 68 -12.48 74.72 25.88
C LEU E 68 -13.69 74.48 26.78
N VAL E 69 -14.79 75.17 26.47
CA VAL E 69 -16.08 74.90 27.10
C VAL E 69 -16.97 74.21 26.06
N ASP E 70 -17.44 73.01 26.40
CA ASP E 70 -18.29 72.23 25.50
C ASP E 70 -19.70 72.83 25.45
N GLY E 71 -19.92 73.62 24.41
CA GLY E 71 -21.14 74.40 24.24
C GLY E 71 -20.79 75.58 23.36
N THR E 72 -21.81 76.24 22.81
CA THR E 72 -21.60 77.40 21.94
C THR E 72 -21.02 78.59 22.71
N SER E 73 -20.82 79.71 22.03
CA SER E 73 -20.15 80.89 22.61
C SER E 73 -20.73 81.36 23.94
N ARG E 74 -22.06 81.46 24.02
CA ARG E 74 -22.72 81.96 25.24
C ARG E 74 -22.77 80.95 26.39
N ALA E 75 -22.23 79.76 26.14
CA ALA E 75 -22.03 78.77 27.20
C ALA E 75 -20.73 79.06 27.93
N GLY E 76 -19.75 79.60 27.20
CA GLY E 76 -18.48 80.05 27.78
C GLY E 76 -18.67 81.30 28.62
N ILE E 77 -19.55 82.19 28.15
CA ILE E 77 -19.96 83.36 28.92
C ILE E 77 -20.66 82.89 30.19
N GLU E 78 -21.67 82.03 30.03
CA GLU E 78 -22.45 81.53 31.16
C GLU E 78 -21.56 80.79 32.16
N ALA E 79 -20.69 79.93 31.65
CA ALA E 79 -19.74 79.20 32.50
C ALA E 79 -18.93 80.15 33.38
N ILE E 80 -18.29 81.13 32.75
CA ILE E 80 -17.45 82.11 33.44
C ILE E 80 -18.25 82.94 34.45
N LEU E 81 -19.41 83.41 34.02
CA LEU E 81 -20.24 84.29 34.87
C LEU E 81 -20.82 83.57 36.09
N VAL E 82 -21.32 82.35 35.89
CA VAL E 82 -21.86 81.55 37.00
C VAL E 82 -20.76 81.15 37.99
N SER E 83 -19.57 80.88 37.47
CA SER E 83 -18.41 80.53 38.30
C SER E 83 -17.84 81.73 39.06
N ALA E 84 -18.10 82.93 38.56
CA ALA E 84 -17.56 84.17 39.16
C ALA E 84 -18.56 84.91 40.04
N ILE E 85 -19.85 84.76 39.75
CA ILE E 85 -20.89 85.54 40.42
C ILE E 85 -21.58 84.76 41.54
N ARG E 86 -21.29 85.13 42.79
CA ARG E 86 -22.09 84.67 43.92
C ARG E 86 -23.38 85.47 43.96
N PRO E 87 -24.49 84.85 44.36
CA PRO E 87 -25.77 85.56 44.52
C PRO E 87 -25.61 86.88 45.28
N GLY E 88 -26.17 87.95 44.73
CA GLY E 88 -26.11 89.26 45.36
C GLY E 88 -24.85 90.06 45.08
N ASP E 89 -23.95 89.51 44.27
CA ASP E 89 -22.74 90.23 43.84
C ASP E 89 -23.09 91.29 42.81
N LYS E 90 -22.38 92.43 42.88
CA LYS E 90 -22.60 93.53 41.96
C LYS E 90 -21.81 93.36 40.66
N VAL E 91 -22.46 93.74 39.56
CA VAL E 91 -21.96 93.53 38.22
C VAL E 91 -22.21 94.79 37.39
N LEU E 92 -21.21 95.22 36.64
CA LEU E 92 -21.36 96.37 35.74
C LEU E 92 -21.24 95.96 34.27
N VAL E 93 -22.22 96.37 33.48
CA VAL E 93 -22.24 96.04 32.05
C VAL E 93 -22.42 97.31 31.19
N PRO E 94 -21.40 97.63 30.37
CA PRO E 94 -21.56 98.64 29.32
C PRO E 94 -22.32 98.08 28.10
N VAL E 95 -23.61 98.39 28.04
CA VAL E 95 -24.47 97.93 26.94
C VAL E 95 -24.39 98.91 25.77
N PHE E 96 -23.88 98.43 24.64
CA PHE E 96 -23.77 99.24 23.41
C PHE E 96 -24.20 98.44 22.18
N GLY E 97 -24.77 97.27 22.42
CA GLY E 97 -25.30 96.43 21.36
C GLY E 97 -26.26 95.39 21.92
N ARG E 98 -26.68 94.47 21.07
CA ARG E 98 -27.59 93.39 21.45
C ARG E 98 -26.95 92.44 22.46
N PHE E 99 -25.65 92.21 22.32
CA PHE E 99 -24.94 91.26 23.18
C PHE E 99 -24.58 91.83 24.56
N GLY E 100 -24.70 93.14 24.72
CA GLY E 100 -24.63 93.78 26.03
C GLY E 100 -25.83 93.36 26.86
N HIS E 101 -26.97 93.24 26.19
CA HIS E 101 -28.22 92.79 26.81
C HIS E 101 -28.18 91.31 27.19
N LEU E 102 -27.48 90.50 26.39
CA LEU E 102 -27.30 89.07 26.69
C LEU E 102 -26.47 88.87 27.95
N LEU E 103 -25.38 89.64 28.07
CA LEU E 103 -24.56 89.63 29.28
C LEU E 103 -25.39 89.95 30.53
N CYS E 104 -26.37 90.84 30.37
CA CYS E 104 -27.25 91.26 31.45
C CYS E 104 -28.18 90.14 31.93
N GLU E 105 -28.86 89.49 30.99
CA GLU E 105 -29.74 88.38 31.35
C GLU E 105 -28.97 87.23 31.97
N ILE E 106 -27.83 86.88 31.37
CA ILE E 106 -26.94 85.85 31.93
C ILE E 106 -26.53 86.22 33.36
N ALA E 107 -26.16 87.48 33.57
CA ALA E 107 -25.84 87.98 34.91
C ALA E 107 -27.04 87.88 35.86
N ARG E 108 -28.23 88.22 35.36
CA ARG E 108 -29.47 88.13 36.13
C ARG E 108 -29.82 86.69 36.53
N ARG E 109 -29.59 85.75 35.61
CA ARG E 109 -29.84 84.32 35.85
C ARG E 109 -28.92 83.78 36.96
N CYS E 110 -27.70 84.31 37.00
CA CYS E 110 -26.72 83.97 38.03
C CYS E 110 -27.10 84.57 39.40
N ARG E 111 -28.12 85.42 39.40
CA ARG E 111 -28.58 86.15 40.59
C ARG E 111 -27.59 87.24 41.01
N ALA E 112 -27.02 87.92 40.02
CA ALA E 112 -26.22 89.10 40.25
C ALA E 112 -27.11 90.34 40.27
N GLU E 113 -26.71 91.34 41.05
CA GLU E 113 -27.34 92.65 40.99
C GLU E 113 -26.73 93.40 39.81
N VAL E 114 -27.49 93.50 38.72
CA VAL E 114 -26.98 94.06 37.47
C VAL E 114 -27.05 95.59 37.47
N HIS E 115 -25.92 96.22 37.13
CA HIS E 115 -25.86 97.66 36.88
C HIS E 115 -25.36 97.90 35.46
N THR E 116 -25.95 98.89 34.78
CA THR E 116 -25.64 99.14 33.37
C THR E 116 -25.56 100.62 33.01
N ILE E 117 -24.54 100.96 32.23
CA ILE E 117 -24.48 102.25 31.54
C ILE E 117 -24.71 102.01 30.04
N GLU E 118 -25.13 103.05 29.33
CA GLU E 118 -25.49 102.90 27.91
C GLU E 118 -24.98 104.02 27.01
N VAL E 119 -24.76 103.65 25.75
CA VAL E 119 -24.56 104.60 24.65
C VAL E 119 -25.46 104.13 23.49
N PRO E 120 -25.85 105.04 22.58
CA PRO E 120 -26.71 104.60 21.48
C PRO E 120 -26.03 103.67 20.48
N TRP E 121 -26.85 102.85 19.81
CA TRP E 121 -26.38 102.06 18.67
C TRP E 121 -26.19 103.02 17.50
N GLY E 122 -25.02 103.00 16.86
CA GLY E 122 -23.90 102.14 17.24
C GLY E 122 -22.69 102.96 17.60
N GLU E 123 -22.55 103.28 18.88
CA GLU E 123 -21.42 104.04 19.38
C GLU E 123 -20.57 103.20 20.34
N VAL E 124 -19.51 103.79 20.85
CA VAL E 124 -18.57 103.10 21.73
C VAL E 124 -18.37 103.88 23.03
N PHE E 125 -17.92 103.20 24.08
CA PHE E 125 -17.71 103.82 25.38
C PHE E 125 -16.33 104.47 25.53
N THR E 126 -16.24 105.42 26.44
CA THR E 126 -15.00 106.13 26.76
C THR E 126 -14.46 105.57 28.09
N PRO E 127 -13.13 105.41 28.21
CA PRO E 127 -12.50 104.92 29.45
C PRO E 127 -12.90 105.72 30.71
N ASP E 128 -13.17 107.01 30.55
CA ASP E 128 -13.64 107.85 31.66
C ASP E 128 -15.09 107.54 32.03
N GLN E 129 -15.91 107.26 31.02
CA GLN E 129 -17.33 106.94 31.22
C GLN E 129 -17.51 105.68 32.08
N VAL E 130 -16.73 104.65 31.76
CA VAL E 130 -16.82 103.37 32.48
C VAL E 130 -16.22 103.45 33.88
N GLU E 131 -15.21 104.31 34.06
CA GLU E 131 -14.61 104.53 35.38
C GLU E 131 -15.60 105.23 36.32
N ASP E 132 -16.26 106.27 35.83
CA ASP E 132 -17.31 106.96 36.59
C ASP E 132 -18.38 105.96 37.03
N ALA E 133 -18.73 105.03 36.15
CA ALA E 133 -19.67 103.96 36.45
C ALA E 133 -19.15 103.02 37.54
N VAL E 134 -17.87 102.64 37.43
CA VAL E 134 -17.20 101.79 38.43
C VAL E 134 -17.21 102.46 39.81
N LYS E 135 -16.89 103.76 39.84
CA LYS E 135 -16.91 104.55 41.07
C LYS E 135 -18.31 104.59 41.72
N ARG E 136 -19.35 104.70 40.89
CA ARG E 136 -20.71 104.89 41.38
C ARG E 136 -21.36 103.65 42.03
N ILE E 137 -21.00 102.46 41.56
CA ILE E 137 -21.61 101.23 42.11
C ILE E 137 -20.62 100.29 42.83
N ARG E 138 -19.32 100.48 42.58
CA ARG E 138 -18.25 99.65 43.15
C ARG E 138 -18.50 98.15 42.89
N PRO E 139 -18.38 97.73 41.62
CA PRO E 139 -18.76 96.36 41.24
C PRO E 139 -17.65 95.34 41.47
N ARG E 140 -18.04 94.07 41.53
CA ARG E 140 -17.08 92.97 41.61
C ARG E 140 -16.59 92.64 40.21
N LEU E 141 -17.51 92.62 39.25
CA LEU E 141 -17.20 92.27 37.86
C LEU E 141 -17.48 93.42 36.89
N LEU E 142 -16.60 93.58 35.91
CA LEU E 142 -16.88 94.43 34.76
C LEU E 142 -17.06 93.56 33.53
N LEU E 143 -18.29 93.46 33.06
CA LEU E 143 -18.63 92.59 31.94
C LEU E 143 -18.78 93.40 30.67
N THR E 144 -18.01 93.03 29.65
CA THR E 144 -18.00 93.77 28.38
C THR E 144 -18.01 92.84 27.17
N VAL E 145 -18.62 93.31 26.10
CA VAL E 145 -18.47 92.71 24.78
C VAL E 145 -17.37 93.51 24.09
N GLN E 146 -16.45 92.83 23.40
CA GLN E 146 -15.43 93.54 22.64
C GLN E 146 -15.98 94.00 21.29
N GLY E 147 -16.48 93.03 20.52
CA GLY E 147 -17.12 93.33 19.25
C GLY E 147 -18.53 92.82 19.21
N ASP E 148 -19.49 93.73 19.04
CA ASP E 148 -20.90 93.38 18.97
C ASP E 148 -21.38 93.42 17.53
N THR E 149 -21.55 92.23 16.94
CA THR E 149 -21.91 92.10 15.53
C THR E 149 -23.24 92.77 15.18
N SER E 150 -24.08 92.99 16.18
CA SER E 150 -25.37 93.65 15.99
C SER E 150 -25.22 95.12 15.59
N THR E 151 -24.09 95.72 15.96
CA THR E 151 -23.82 97.13 15.65
C THR E 151 -22.52 97.31 14.87
N THR E 152 -21.78 96.22 14.69
CA THR E 152 -20.48 96.22 13.97
C THR E 152 -19.41 97.08 14.67
N MET E 153 -19.61 97.31 15.96
CA MET E 153 -18.73 98.20 16.73
C MET E 153 -17.72 97.45 17.59
N LEU E 154 -16.50 97.97 17.59
CA LEU E 154 -15.39 97.39 18.33
C LEU E 154 -15.01 98.30 19.50
N GLN E 155 -15.27 97.85 20.72
CA GLN E 155 -15.00 98.63 21.93
C GLN E 155 -13.53 98.54 22.33
N PRO E 156 -12.86 99.71 22.48
CA PRO E 156 -11.48 99.76 22.98
C PRO E 156 -11.39 99.18 24.39
N LEU E 157 -10.44 98.27 24.59
CA LEU E 157 -10.28 97.54 25.85
C LEU E 157 -8.91 97.75 26.49
N ALA E 158 -8.00 98.36 25.73
CA ALA E 158 -6.61 98.55 26.17
C ALA E 158 -6.47 99.45 27.41
N GLU E 159 -7.46 100.31 27.64
CA GLU E 159 -7.41 101.27 28.76
C GLU E 159 -8.34 100.88 29.91
N LEU E 160 -9.23 99.92 29.67
CA LEU E 160 -10.18 99.47 30.68
C LEU E 160 -9.56 98.54 31.74
N GLY E 161 -8.34 98.07 31.46
CA GLY E 161 -7.63 97.19 32.37
C GLY E 161 -7.03 97.90 33.58
N GLU E 162 -6.57 99.14 33.36
CA GLU E 162 -5.98 99.95 34.41
C GLU E 162 -6.98 100.32 35.51
N ILE E 163 -8.20 100.65 35.08
CA ILE E 163 -9.27 101.04 35.98
C ILE E 163 -9.69 99.88 36.89
N CYS E 164 -9.68 98.67 36.35
CA CYS E 164 -10.04 97.47 37.11
C CYS E 164 -8.99 97.06 38.15
N ARG E 165 -7.72 97.32 37.83
CA ARG E 165 -6.62 97.06 38.77
C ARG E 165 -6.60 98.09 39.90
N ARG E 166 -7.01 99.32 39.58
CA ARG E 166 -7.09 100.40 40.57
C ARG E 166 -8.23 100.21 41.56
N TYR E 167 -9.40 99.81 41.04
CA TYR E 167 -10.61 99.74 41.85
C TYR E 167 -10.99 98.33 42.33
N ASP E 168 -10.09 97.36 42.08
CA ASP E 168 -10.27 95.97 42.49
C ASP E 168 -11.50 95.30 41.86
N ALA E 169 -11.77 95.64 40.60
CA ALA E 169 -12.82 94.98 39.84
C ALA E 169 -12.23 93.88 38.99
N LEU E 170 -12.94 92.76 38.89
CA LEU E 170 -12.56 91.67 37.98
C LEU E 170 -13.04 92.00 36.57
N PHE E 171 -12.16 91.84 35.60
CA PHE E 171 -12.41 92.31 34.24
C PHE E 171 -12.63 91.16 33.25
N TYR E 172 -13.86 91.09 32.73
CA TYR E 172 -14.26 90.06 31.79
C TYR E 172 -14.55 90.65 30.41
N THR E 173 -14.24 89.90 29.36
CA THR E 173 -14.70 90.25 28.01
C THR E 173 -15.19 89.05 27.20
N ASP E 174 -16.27 89.29 26.45
CA ASP E 174 -16.74 88.38 25.43
C ASP E 174 -16.08 88.80 24.12
N ALA E 175 -15.31 87.88 23.52
CA ALA E 175 -14.53 88.19 22.33
C ALA E 175 -14.75 87.23 21.16
N THR E 176 -15.87 86.51 21.18
CA THR E 176 -16.19 85.53 20.13
C THR E 176 -16.21 86.13 18.72
N ALA E 177 -16.69 87.37 18.60
CA ALA E 177 -16.78 88.04 17.31
C ALA E 177 -15.46 88.68 16.87
N SER E 178 -14.65 89.10 17.84
CA SER E 178 -13.45 89.90 17.57
C SER E 178 -12.14 89.12 17.55
N LEU E 179 -12.07 88.05 18.36
CA LEU E 179 -10.85 87.23 18.43
C LEU E 179 -10.48 86.67 17.07
N GLY E 180 -9.25 86.92 16.64
CA GLY E 180 -8.75 86.43 15.36
C GLY E 180 -8.76 87.45 14.24
N GLY E 181 -9.70 88.38 14.30
CA GLY E 181 -9.81 89.45 13.30
C GLY E 181 -9.50 90.83 13.85
N ASN E 182 -9.38 90.91 15.18
CA ASN E 182 -9.11 92.16 15.88
C ASN E 182 -8.10 91.94 17.01
N PRO E 183 -7.31 92.97 17.36
CA PRO E 183 -6.34 92.83 18.44
C PRO E 183 -6.99 92.45 19.78
N LEU E 184 -6.33 91.55 20.51
CA LEU E 184 -6.72 91.19 21.86
C LEU E 184 -5.49 90.76 22.65
N GLU E 185 -4.98 91.67 23.47
CA GLU E 185 -3.81 91.39 24.31
C GLU E 185 -4.26 91.09 25.74
N THR E 186 -4.57 89.81 25.98
CA THR E 186 -5.16 89.36 27.25
C THR E 186 -4.30 89.72 28.48
N ASP E 187 -2.99 89.44 28.40
CA ASP E 187 -2.07 89.72 29.50
C ASP E 187 -1.82 91.21 29.69
N VAL E 188 -1.55 91.91 28.59
CA VAL E 188 -1.21 93.33 28.62
C VAL E 188 -2.37 94.23 29.02
N TRP E 189 -3.59 93.84 28.66
CA TRP E 189 -4.78 94.65 28.94
C TRP E 189 -5.43 94.32 30.29
N GLY E 190 -4.72 93.57 31.12
CA GLY E 190 -5.19 93.20 32.47
C GLY E 190 -6.54 92.49 32.50
N LEU E 191 -6.79 91.67 31.49
CA LEU E 191 -8.03 90.90 31.42
C LEU E 191 -7.96 89.65 32.29
N ASP E 192 -9.01 89.43 33.06
CA ASP E 192 -9.07 88.33 34.02
C ASP E 192 -9.74 87.08 33.43
N ALA E 193 -10.71 87.30 32.55
CA ALA E 193 -11.41 86.20 31.88
C ALA E 193 -11.87 86.62 30.49
N VAL E 194 -11.57 85.78 29.50
CA VAL E 194 -12.02 86.01 28.13
C VAL E 194 -12.68 84.74 27.60
N SER E 195 -13.88 84.90 27.05
CA SER E 195 -14.55 83.80 26.35
C SER E 195 -14.65 84.12 24.87
N ALA E 196 -14.78 83.07 24.05
CA ALA E 196 -14.80 83.23 22.61
C ALA E 196 -15.66 82.16 21.93
N GLY E 197 -15.54 82.09 20.60
CA GLY E 197 -16.32 81.15 19.79
C GLY E 197 -15.55 80.75 18.54
N MET E 198 -16.12 79.81 17.79
CA MET E 198 -15.44 79.25 16.63
C MET E 198 -15.93 79.85 15.33
N GLN E 199 -17.21 80.18 15.28
CA GLN E 199 -17.91 80.46 14.02
C GLN E 199 -17.76 81.88 13.44
N1 LLP E 200 -21.27 86.86 21.41
C2 LLP E 200 -20.98 87.71 20.41
C2' LLP E 200 -20.31 88.99 20.74
C3 LLP E 200 -21.28 87.39 19.08
O3 LLP E 200 -21.00 88.25 18.08
C4 LLP E 200 -21.88 86.17 18.80
C4' LLP E 200 -22.25 85.81 17.39
C5 LLP E 200 -22.17 85.31 19.88
C6 LLP E 200 -21.85 85.68 21.19
C5' LLP E 200 -22.84 83.97 19.63
OP4 LLP E 200 -23.07 83.11 20.70
P LLP E 200 -23.52 81.62 20.41
OP1 LLP E 200 -24.79 81.62 19.56
OP2 LLP E 200 -23.81 80.93 21.72
OP3 LLP E 200 -22.42 80.90 19.68
N LLP E 200 -16.83 82.66 13.97
CA LLP E 200 -16.61 84.00 13.47
CB LLP E 200 -16.72 85.11 14.55
CG LLP E 200 -18.08 85.75 14.76
CD LLP E 200 -19.12 84.95 15.54
CE LLP E 200 -20.42 85.61 15.83
NZ LLP E 200 -21.36 84.86 16.68
C LLP E 200 -15.30 84.05 12.70
O LLP E 200 -15.30 83.78 11.49
N CYS E 201 -14.20 84.38 13.38
CA CYS E 201 -12.89 84.52 12.71
C CYS E 201 -12.02 83.27 12.81
N LEU E 202 -12.39 82.33 13.68
CA LEU E 202 -11.62 81.10 13.86
C LEU E 202 -11.93 80.07 12.76
N GLY E 203 -13.22 79.83 12.53
CA GLY E 203 -13.71 79.11 11.34
C GLY E 203 -13.40 77.62 11.16
N GLY E 204 -14.01 76.76 11.97
CA GLY E 204 -14.86 77.15 13.08
C GLY E 204 -16.35 76.92 12.93
N PRO E 205 -16.80 75.66 13.09
CA PRO E 205 -18.23 75.42 13.31
C PRO E 205 -18.58 75.76 14.75
N SER E 206 -19.76 76.35 14.98
CA SER E 206 -20.19 76.67 16.34
C SER E 206 -20.37 75.38 17.13
N GLY E 207 -20.09 75.45 18.43
CA GLY E 207 -20.21 74.28 19.30
C GLY E 207 -19.18 74.22 20.42
N THR E 208 -18.21 75.14 20.36
CA THR E 208 -17.12 75.20 21.34
C THR E 208 -16.85 76.64 21.76
N SER E 209 -16.52 76.84 23.04
CA SER E 209 -16.19 78.16 23.55
C SER E 209 -14.85 78.19 24.27
N PRO E 210 -13.78 78.65 23.59
CA PRO E 210 -12.47 78.79 24.21
C PRO E 210 -12.47 79.88 25.28
N ILE E 211 -11.93 79.55 26.45
CA ILE E 211 -11.86 80.49 27.56
C ILE E 211 -10.45 80.55 28.15
N THR E 212 -10.14 81.65 28.83
CA THR E 212 -8.88 81.78 29.55
C THR E 212 -9.05 82.54 30.87
N LEU E 213 -8.39 82.06 31.91
CA LEU E 213 -8.57 82.60 33.26
C LEU E 213 -7.24 83.04 33.87
N SER E 214 -7.19 84.28 34.33
CA SER E 214 -6.01 84.82 35.00
C SER E 214 -5.81 84.15 36.36
N ALA E 215 -4.59 84.24 36.88
CA ALA E 215 -4.25 83.68 38.19
C ALA E 215 -5.17 84.18 39.32
N ARG E 216 -5.65 85.41 39.18
CA ARG E 216 -6.58 85.99 40.16
C ARG E 216 -7.98 85.40 40.02
N MET E 217 -8.42 85.19 38.78
CA MET E 217 -9.72 84.59 38.50
C MET E 217 -9.87 83.18 39.03
N GLU E 218 -8.82 82.37 38.88
CA GLU E 218 -8.86 80.99 39.34
C GLU E 218 -9.03 80.90 40.86
N GLU E 219 -8.42 81.84 41.58
CA GLU E 219 -8.55 81.90 43.04
C GLU E 219 -10.01 82.15 43.43
N ALA E 220 -10.65 83.14 42.81
CA ALA E 220 -12.06 83.46 43.06
C ALA E 220 -12.98 82.27 42.78
N ILE E 221 -12.52 81.36 41.90
CA ILE E 221 -13.27 80.15 41.57
C ILE E 221 -12.85 78.98 42.48
N ARG E 222 -11.56 78.91 42.83
CA ARG E 222 -11.05 77.91 43.77
C ARG E 222 -11.72 77.99 45.15
N ARG E 223 -12.10 79.21 45.55
CA ARG E 223 -12.80 79.44 46.82
C ARG E 223 -14.22 78.86 46.78
N ARG E 224 -14.72 78.62 45.58
CA ARG E 224 -16.07 78.09 45.35
C ARG E 224 -16.10 76.56 45.30
N LYS E 225 -14.92 75.94 45.38
CA LYS E 225 -14.76 74.48 45.17
C LYS E 225 -15.84 73.64 45.85
N CYS E 226 -16.48 72.79 45.04
CA CYS E 226 -17.44 71.81 45.51
C CYS E 226 -17.48 70.68 44.48
N VAL E 227 -16.76 69.60 44.78
CA VAL E 227 -16.64 68.48 43.85
C VAL E 227 -17.90 67.60 43.88
N GLU E 228 -18.42 67.31 42.68
CA GLU E 228 -19.62 66.50 42.49
C GLU E 228 -19.55 65.15 43.21
N GLU E 229 -20.61 64.85 43.94
CA GLU E 229 -20.75 63.67 44.81
C GLU E 229 -20.26 62.34 44.22
N GLY E 230 -20.51 62.14 42.93
CA GLY E 230 -20.17 60.88 42.25
C GLY E 230 -18.69 60.66 41.97
N ILE E 231 -17.91 61.74 42.06
CA ILE E 231 -16.47 61.69 41.83
C ILE E 231 -15.70 62.26 43.02
N ARG E 232 -16.43 62.65 44.06
CA ARG E 232 -15.85 63.16 45.28
C ARG E 232 -15.24 62.03 46.11
N THR E 233 -13.96 62.19 46.45
CA THR E 233 -13.25 61.23 47.29
C THR E 233 -13.05 61.79 48.69
N ASP E 234 -12.62 60.95 49.61
CA ASP E 234 -12.30 61.35 50.99
C ASP E 234 -11.26 62.47 51.07
N ALA E 235 -10.51 62.67 50.00
CA ALA E 235 -9.47 63.70 49.93
C ALA E 235 -9.97 65.09 49.55
N HIS E 236 -11.12 65.15 48.86
CA HIS E 236 -11.67 66.43 48.40
C HIS E 236 -12.33 67.23 49.53
N ARG E 237 -12.00 68.51 49.59
CA ARG E 237 -12.57 69.43 50.57
C ARG E 237 -13.06 70.70 49.90
N ASP E 238 -14.27 71.11 50.27
CA ASP E 238 -14.91 72.30 49.70
C ASP E 238 -14.13 73.58 49.99
N GLY E 239 -14.41 74.62 49.20
CA GLY E 239 -13.86 75.95 49.45
C GLY E 239 -14.58 76.61 50.62
N ASP E 240 -14.40 77.92 50.76
CA ASP E 240 -15.00 78.66 51.87
C ASP E 240 -16.16 79.56 51.43
N GLU E 241 -16.30 79.73 50.13
CA GLU E 241 -17.46 80.43 49.55
C GLU E 241 -18.44 79.40 49.02
N GLU E 242 -19.71 79.78 48.91
CA GLU E 242 -20.77 78.88 48.47
C GLU E 242 -20.45 78.19 47.14
N MET E 243 -21.09 77.05 46.90
CA MET E 243 -20.89 76.30 45.66
C MET E 243 -21.32 77.12 44.44
N ILE E 244 -20.83 76.72 43.27
CA ILE E 244 -21.29 77.26 42.01
C ILE E 244 -22.62 76.58 41.67
N TYR E 245 -23.62 77.37 41.30
CA TYR E 245 -24.97 76.84 41.07
C TYR E 245 -25.15 76.24 39.68
N SER E 246 -24.39 75.18 39.45
CA SER E 246 -24.35 74.42 38.20
C SER E 246 -23.25 73.39 38.33
N ASN E 247 -23.48 72.21 37.77
CA ASN E 247 -22.45 71.16 37.68
C ASN E 247 -21.66 71.30 36.40
N TYR E 248 -22.37 71.42 35.27
CA TYR E 248 -21.78 71.44 33.93
C TYR E 248 -20.86 72.65 33.71
N PHE E 249 -21.25 73.80 34.27
CA PHE E 249 -20.46 75.02 34.11
C PHE E 249 -19.59 75.36 35.33
N ASP E 250 -19.41 74.38 36.23
CA ASP E 250 -18.47 74.55 37.33
C ASP E 250 -17.05 74.52 36.77
N LEU E 251 -16.48 75.71 36.59
CA LEU E 251 -15.16 75.84 35.99
C LEU E 251 -14.04 75.35 36.89
N GLY E 252 -14.35 75.18 38.18
CA GLY E 252 -13.41 74.56 39.12
C GLY E 252 -13.17 73.11 38.76
N MET E 253 -14.26 72.39 38.52
CA MET E 253 -14.22 70.98 38.11
C MET E 253 -13.71 70.80 36.68
N VAL E 254 -14.02 71.77 35.81
CA VAL E 254 -13.50 71.79 34.45
C VAL E 254 -11.97 71.95 34.48
N MET E 255 -11.50 72.89 35.29
CA MET E 255 -10.07 73.07 35.51
C MET E 255 -9.40 71.78 36.00
N ASP E 256 -10.09 71.06 36.87
CA ASP E 256 -9.59 69.79 37.40
C ASP E 256 -9.56 68.66 36.35
N TYR E 257 -10.44 68.76 35.36
CA TYR E 257 -10.47 67.81 34.24
C TYR E 257 -9.31 68.03 33.28
N TRP E 258 -8.99 69.30 33.00
CA TRP E 258 -7.88 69.65 32.12
C TRP E 258 -6.53 69.62 32.84
N GLY E 259 -6.57 69.61 34.17
CA GLY E 259 -5.34 69.58 34.99
C GLY E 259 -4.78 68.18 35.20
N PRO E 260 -3.66 68.09 35.94
CA PRO E 260 -2.99 66.83 36.28
C PRO E 260 -3.86 65.82 37.04
N GLU E 261 -4.89 66.30 37.74
CA GLU E 261 -5.80 65.42 38.48
C GLU E 261 -6.68 64.58 37.56
N ARG E 262 -7.04 65.12 36.39
CA ARG E 262 -7.89 64.46 35.40
C ARG E 262 -9.24 64.03 35.99
N LEU E 263 -9.80 64.90 36.83
CA LEU E 263 -11.10 64.72 37.46
C LEU E 263 -12.18 64.47 36.41
N ASN E 264 -12.88 63.34 36.54
CA ASN E 264 -13.86 62.93 35.53
C ASN E 264 -15.16 63.74 35.58
N HIS E 265 -15.08 64.98 35.11
CA HIS E 265 -16.19 65.92 35.13
C HIS E 265 -17.24 65.58 34.07
N HIS E 266 -16.81 65.56 32.81
CA HIS E 266 -17.63 65.18 31.68
C HIS E 266 -16.74 64.52 30.63
N THR E 267 -17.36 63.90 29.63
CA THR E 267 -16.63 63.34 28.50
C THR E 267 -16.38 64.45 27.47
N GLU E 268 -15.13 64.89 27.37
CA GLU E 268 -14.74 65.96 26.45
C GLU E 268 -15.16 65.64 25.02
N ALA E 269 -15.77 66.61 24.35
CA ALA E 269 -16.22 66.47 22.97
C ALA E 269 -15.02 66.30 22.04
N THR E 270 -14.76 65.05 21.65
CA THR E 270 -13.57 64.67 20.89
C THR E 270 -13.43 65.41 19.57
N THR E 271 -14.49 65.35 18.76
CA THR E 271 -14.50 65.93 17.42
C THR E 271 -14.38 67.46 17.46
N ALA E 272 -15.17 68.09 18.32
CA ALA E 272 -15.10 69.53 18.54
C ALA E 272 -13.67 69.94 18.95
N LEU E 273 -13.03 69.12 19.77
CA LEU E 273 -11.65 69.35 20.19
C LEU E 273 -10.65 69.22 19.02
N PHE E 274 -10.92 68.30 18.10
CA PHE E 274 -10.12 68.17 16.89
C PHE E 274 -10.30 69.39 16.00
N GLY E 275 -11.52 69.92 15.95
CA GLY E 275 -11.82 71.17 15.24
C GLY E 275 -11.14 72.36 15.87
N ALA E 276 -11.28 72.51 17.19
CA ALA E 276 -10.72 73.64 17.93
C ALA E 276 -9.18 73.68 17.91
N ARG E 277 -8.56 72.51 17.96
CA ARG E 277 -7.11 72.40 17.84
C ARG E 277 -6.66 72.93 16.48
N GLU E 278 -7.42 72.58 15.44
CA GLU E 278 -7.11 72.98 14.07
C GLU E 278 -7.25 74.48 13.84
N CYS E 279 -8.43 75.03 14.13
CA CYS E 279 -8.67 76.46 14.03
C CYS E 279 -7.49 77.25 14.59
N ALA E 280 -7.07 76.90 15.80
CA ALA E 280 -5.96 77.56 16.49
C ALA E 280 -4.60 77.29 15.85
N ARG E 281 -4.43 76.08 15.31
CA ARG E 281 -3.18 75.70 14.67
C ARG E 281 -2.96 76.51 13.38
N LEU E 282 -4.03 76.70 12.62
CA LEU E 282 -4.00 77.47 11.37
C LEU E 282 -3.77 78.97 11.60
N ILE E 283 -4.44 79.52 12.62
CA ILE E 283 -4.26 80.92 13.00
C ILE E 283 -2.79 81.20 13.30
N LEU E 284 -2.17 80.30 14.08
CA LEU E 284 -0.77 80.43 14.47
C LEU E 284 0.20 80.07 13.36
N GLN E 285 -0.24 79.23 12.42
CA GLN E 285 0.55 78.90 11.22
C GLN E 285 0.65 80.10 10.28
N GLU E 286 -0.47 80.80 10.10
CA GLU E 286 -0.47 82.07 9.39
C GLU E 286 0.32 83.13 10.18
N GLY E 287 0.12 83.12 11.49
CA GLY E 287 0.65 84.15 12.37
C GLY E 287 -0.47 85.08 12.77
N LEU E 288 -0.58 85.38 14.06
CA LEU E 288 -1.71 86.14 14.60
C LEU E 288 -1.86 87.54 14.00
N ASP E 289 -0.77 88.29 13.94
CA ASP E 289 -0.78 89.65 13.40
C ASP E 289 -1.19 89.67 11.93
N TYR E 290 -0.64 88.73 11.14
CA TYR E 290 -1.00 88.56 9.75
C TYR E 290 -2.50 88.29 9.59
N GLY E 291 -3.02 87.44 10.47
CA GLY E 291 -4.45 87.10 10.49
C GLY E 291 -5.34 88.31 10.65
N ILE E 292 -4.99 89.18 11.60
CA ILE E 292 -5.74 90.42 11.85
C ILE E 292 -5.57 91.44 10.72
N ALA E 293 -4.34 91.56 10.22
CA ALA E 293 -4.02 92.45 9.09
C ALA E 293 -4.83 92.07 7.84
N ARG E 294 -4.98 90.77 7.62
CA ARG E 294 -5.79 90.24 6.51
C ARG E 294 -7.23 90.71 6.61
N HIS E 295 -7.81 90.62 7.81
CA HIS E 295 -9.19 91.05 8.06
C HIS E 295 -9.42 92.54 7.79
N LYS E 296 -8.50 93.37 8.29
CA LYS E 296 -8.55 94.81 8.08
C LYS E 296 -8.45 95.15 6.59
N LEU E 297 -7.58 94.43 5.88
CA LEU E 297 -7.40 94.60 4.45
C LEU E 297 -8.67 94.33 3.64
N HIS E 298 -9.38 93.26 3.98
CA HIS E 298 -10.58 92.86 3.25
C HIS E 298 -11.83 93.55 3.79
N GLY E 299 -11.79 93.96 5.05
CA GLY E 299 -12.83 94.80 5.63
C GLY E 299 -12.78 96.19 5.03
N ASP E 300 -11.56 96.71 4.88
CA ASP E 300 -11.30 98.04 4.30
C ASP E 300 -11.69 98.12 2.82
N ALA E 301 -11.46 97.03 2.09
CA ALA E 301 -11.81 96.96 0.67
C ALA E 301 -13.32 96.94 0.47
N LEU E 302 -14.02 96.29 1.40
CA LEU E 302 -15.47 96.19 1.36
C LEU E 302 -16.15 97.54 1.62
N VAL E 303 -15.69 98.25 2.65
CA VAL E 303 -16.25 99.57 3.00
C VAL E 303 -16.04 100.60 1.87
N LYS E 304 -14.93 100.47 1.16
CA LYS E 304 -14.66 101.33 0.01
C LYS E 304 -15.58 101.02 -1.18
N GLY E 305 -15.85 99.74 -1.41
CA GLY E 305 -16.73 99.30 -2.48
C GLY E 305 -18.18 99.71 -2.27
N ILE E 306 -18.61 99.67 -1.01
CA ILE E 306 -19.96 100.07 -0.61
C ILE E 306 -20.18 101.58 -0.76
N GLN E 307 -19.18 102.36 -0.34
CA GLN E 307 -19.25 103.82 -0.43
C GLN E 307 -19.34 104.32 -1.87
N ALA E 308 -18.52 103.75 -2.76
CA ALA E 308 -18.51 104.11 -4.17
C ALA E 308 -19.78 103.67 -4.90
N MET E 309 -20.47 102.68 -4.33
CA MET E 309 -21.76 102.21 -4.84
C MET E 309 -22.86 103.23 -4.53
N GLY E 310 -22.49 104.30 -3.81
CA GLY E 310 -23.42 105.33 -3.40
C GLY E 310 -24.29 104.91 -2.23
N LEU E 311 -23.67 104.24 -1.26
CA LEU E 311 -24.41 103.73 -0.10
C LEU E 311 -23.88 104.29 1.22
N GLU E 312 -24.81 104.57 2.13
CA GLU E 312 -24.47 105.07 3.46
C GLU E 312 -24.22 103.91 4.41
N THR E 313 -23.19 104.05 5.25
CA THR E 313 -22.85 103.04 6.24
C THR E 313 -23.43 103.40 7.62
N PHE E 314 -23.44 102.43 8.53
CA PHE E 314 -23.97 102.61 9.87
C PHE E 314 -22.87 102.57 10.92
N GLY E 315 -22.93 103.50 11.87
CA GLY E 315 -22.04 103.49 13.03
C GLY E 315 -20.77 104.31 12.90
N ASP E 316 -20.05 104.42 14.01
CA ASP E 316 -18.79 105.15 14.06
C ASP E 316 -17.65 104.33 13.44
N LEU E 317 -17.27 104.69 12.21
CA LEU E 317 -16.30 103.94 11.43
C LEU E 317 -14.88 103.95 12.01
N LYS E 318 -14.60 104.93 12.87
CA LYS E 318 -13.34 104.99 13.60
C LYS E 318 -13.15 103.76 14.48
N HIS E 319 -14.26 103.20 14.95
CA HIS E 319 -14.25 102.01 15.79
C HIS E 319 -15.01 100.84 15.17
N LYS E 320 -14.90 100.73 13.84
CA LYS E 320 -15.51 99.62 13.10
C LYS E 320 -14.75 98.33 13.35
N MET E 321 -15.48 97.23 13.53
CA MET E 321 -14.88 95.90 13.56
C MET E 321 -14.26 95.59 12.20
N ASN E 322 -13.05 95.01 12.22
CA ASN E 322 -12.33 94.68 11.00
C ASN E 322 -13.10 93.74 10.09
N ASN E 323 -13.88 92.84 10.68
CA ASN E 323 -14.52 91.74 9.98
C ASN E 323 -16.03 91.86 9.80
N VAL E 324 -16.60 93.01 10.17
CA VAL E 324 -18.04 93.27 9.97
C VAL E 324 -18.30 94.71 9.51
N LEU E 325 -19.42 94.92 8.82
CA LEU E 325 -19.82 96.25 8.35
C LEU E 325 -21.35 96.35 8.29
N GLY E 326 -21.87 97.47 8.76
CA GLY E 326 -23.30 97.76 8.69
C GLY E 326 -23.63 98.65 7.50
N VAL E 327 -24.42 98.14 6.57
CA VAL E 327 -24.79 98.86 5.35
C VAL E 327 -26.28 99.20 5.34
N VAL E 328 -26.59 100.49 5.30
CA VAL E 328 -27.96 100.99 5.35
C VAL E 328 -28.70 100.72 4.04
N ILE E 329 -29.88 100.11 4.15
CA ILE E 329 -30.73 99.81 3.01
C ILE E 329 -31.32 101.10 2.45
N PRO E 330 -30.97 101.43 1.19
CA PRO E 330 -31.52 102.63 0.56
C PRO E 330 -33.03 102.51 0.37
N GLN E 331 -33.69 103.65 0.25
CA GLN E 331 -35.10 103.69 -0.12
C GLN E 331 -35.20 103.71 -1.65
N GLY E 332 -36.19 103.02 -2.23
CA GLY E 332 -37.14 102.19 -1.50
C GLY E 332 -36.95 100.72 -1.87
N ILE E 333 -35.84 100.15 -1.41
CA ILE E 333 -35.53 98.75 -1.63
C ILE E 333 -35.91 97.94 -0.40
N ASN E 334 -36.66 96.86 -0.60
CA ASN E 334 -37.03 95.97 0.49
C ASN E 334 -35.86 95.07 0.89
N GLY E 335 -35.29 95.34 2.05
CA GLY E 335 -34.11 94.63 2.55
C GLY E 335 -34.22 93.12 2.55
N ASP E 336 -35.42 92.61 2.82
CA ASP E 336 -35.70 91.17 2.81
C ASP E 336 -35.64 90.58 1.40
N GLN E 337 -36.08 91.36 0.42
CA GLN E 337 -36.05 90.93 -0.99
C GLN E 337 -34.62 90.81 -1.49
N ALA E 338 -33.77 91.77 -1.12
CA ALA E 338 -32.36 91.76 -1.49
C ALA E 338 -31.63 90.56 -0.89
N ARG E 339 -32.01 90.17 0.33
CA ARG E 339 -31.49 88.98 0.98
C ARG E 339 -31.93 87.70 0.27
N LYS E 340 -33.21 87.64 -0.09
CA LYS E 340 -33.77 86.49 -0.80
C LYS E 340 -33.09 86.28 -2.15
N LEU E 341 -32.85 87.36 -2.88
CA LEU E 341 -32.21 87.30 -4.19
C LEU E 341 -30.73 86.92 -4.11
N MET E 342 -30.05 87.38 -3.07
CA MET E 342 -28.63 87.08 -2.88
C MET E 342 -28.38 85.61 -2.53
N LEU E 343 -29.32 85.03 -1.78
CA LEU E 343 -29.19 83.65 -1.29
C LEU E 343 -29.70 82.62 -2.29
N GLU E 344 -30.85 82.89 -2.88
CA GLU E 344 -31.49 81.96 -3.82
C GLU E 344 -30.95 82.07 -5.25
N ASP E 345 -30.29 83.19 -5.56
CA ASP E 345 -29.82 83.46 -6.93
C ASP E 345 -28.30 83.50 -7.07
N PHE E 346 -27.60 84.02 -6.06
CA PHE E 346 -26.14 84.15 -6.11
C PHE E 346 -25.45 83.21 -5.11
N GLY E 347 -26.25 82.54 -4.29
CA GLY E 347 -25.75 81.60 -3.28
C GLY E 347 -24.98 82.26 -2.15
N ILE E 348 -25.18 83.56 -1.96
CA ILE E 348 -24.46 84.34 -0.94
C ILE E 348 -25.40 84.78 0.17
N GLU E 349 -24.99 84.57 1.42
CA GLU E 349 -25.75 85.04 2.57
C GLU E 349 -25.17 86.32 3.14
N ILE E 350 -25.93 87.41 3.02
CA ILE E 350 -25.70 88.61 3.81
C ILE E 350 -26.71 88.61 4.94
N GLY E 351 -26.36 89.25 6.05
CA GLY E 351 -27.16 89.17 7.27
C GLY E 351 -28.26 90.21 7.42
N THR E 352 -29.33 89.82 8.11
CA THR E 352 -30.39 90.75 8.51
C THR E 352 -30.09 91.32 9.89
N SER E 353 -30.42 92.59 10.08
CA SER E 353 -30.27 93.22 11.40
C SER E 353 -31.49 92.93 12.25
N PHE E 354 -31.30 92.92 13.57
CA PHE E 354 -32.38 92.58 14.50
C PHE E 354 -32.75 93.70 15.47
N GLY E 355 -33.99 93.66 15.95
CA GLY E 355 -34.49 94.63 16.91
C GLY E 355 -34.74 96.00 16.30
N PRO E 356 -34.07 97.04 16.85
CA PRO E 356 -34.30 98.42 16.43
C PRO E 356 -33.70 98.80 15.07
N LEU E 357 -33.12 97.82 14.37
CA LEU E 357 -32.48 98.08 13.08
C LEU E 357 -32.93 97.13 11.96
N HIS E 358 -34.00 96.37 12.21
CA HIS E 358 -34.56 95.49 11.19
C HIS E 358 -35.22 96.32 10.10
N GLY E 359 -34.78 96.12 8.86
CA GLY E 359 -35.31 96.84 7.70
C GLY E 359 -34.52 98.08 7.35
N LYS E 360 -33.53 98.43 8.18
CA LYS E 360 -32.76 99.65 7.99
C LYS E 360 -31.30 99.38 7.62
N VAL E 361 -30.76 98.25 8.07
CA VAL E 361 -29.35 97.92 7.88
C VAL E 361 -29.15 96.44 7.51
N TRP E 362 -28.26 96.19 6.55
CA TRP E 362 -27.74 94.84 6.31
C TRP E 362 -26.43 94.70 7.07
N ARG E 363 -26.08 93.46 7.43
CA ARG E 363 -24.79 93.20 8.05
C ARG E 363 -23.96 92.26 7.18
N ILE E 364 -22.84 92.78 6.69
CA ILE E 364 -21.97 92.04 5.79
C ILE E 364 -20.62 91.79 6.45
N GLY E 365 -20.38 90.53 6.80
CA GLY E 365 -19.13 90.13 7.44
C GLY E 365 -18.11 89.58 6.47
N THR E 366 -16.84 89.80 6.80
CA THR E 366 -15.71 89.22 6.08
C THR E 366 -14.79 88.58 7.12
N MET E 367 -15.11 87.36 7.51
CA MET E 367 -14.48 86.72 8.66
C MET E 367 -13.72 85.43 8.30
N GLY E 368 -12.77 85.07 9.15
CA GLY E 368 -12.00 83.82 9.06
C GLY E 368 -11.59 83.39 7.67
N TYR E 369 -12.16 82.29 7.22
CA TYR E 369 -11.86 81.72 5.90
C TYR E 369 -12.38 82.60 4.76
N ASN E 370 -13.49 83.29 5.01
CA ASN E 370 -14.12 84.16 4.00
C ASN E 370 -13.55 85.58 3.94
N ALA E 371 -12.53 85.85 4.76
CA ALA E 371 -11.79 87.10 4.65
C ALA E 371 -10.73 86.95 3.56
N ARG E 372 -11.19 87.01 2.31
CA ARG E 372 -10.32 86.91 1.14
C ARG E 372 -10.71 87.96 0.12
N LYS E 373 -9.83 88.18 -0.86
CA LYS E 373 -10.06 89.11 -1.95
C LYS E 373 -11.28 88.71 -2.79
N ASP E 374 -11.39 87.41 -3.09
CA ASP E 374 -12.47 86.90 -3.94
C ASP E 374 -13.85 86.88 -3.29
N CYS E 375 -13.89 86.77 -1.96
CA CYS E 375 -15.15 86.83 -1.22
C CYS E 375 -15.74 88.24 -1.22
N VAL E 376 -14.90 89.23 -0.92
CA VAL E 376 -15.29 90.64 -0.93
C VAL E 376 -15.79 91.06 -2.32
N MET E 377 -15.18 90.46 -3.35
CA MET E 377 -15.44 90.86 -4.74
C MET E 377 -16.73 90.29 -5.31
N THR E 378 -16.98 88.99 -5.07
CA THR E 378 -18.22 88.34 -5.50
C THR E 378 -19.43 88.97 -4.80
N THR E 379 -19.26 89.27 -3.51
CA THR E 379 -20.33 89.88 -2.71
C THR E 379 -20.66 91.29 -3.21
N LEU E 380 -19.63 92.10 -3.46
CA LEU E 380 -19.81 93.47 -3.95
C LEU E 380 -20.41 93.54 -5.35
N SER E 381 -19.96 92.65 -6.24
CA SER E 381 -20.50 92.58 -7.59
C SER E 381 -21.94 92.06 -7.59
N ALA E 382 -22.21 91.09 -6.71
CA ALA E 382 -23.55 90.51 -6.58
C ALA E 382 -24.56 91.48 -5.98
N LEU E 383 -24.14 92.23 -4.97
CA LEU E 383 -25.02 93.22 -4.32
C LEU E 383 -25.45 94.29 -5.34
N GLU E 384 -24.50 94.77 -6.14
CA GLU E 384 -24.77 95.78 -7.15
C GLU E 384 -25.76 95.29 -8.21
N ALA E 385 -25.56 94.07 -8.69
CA ALA E 385 -26.41 93.47 -9.72
C ALA E 385 -27.85 93.31 -9.25
N VAL E 386 -28.02 92.90 -8.00
CA VAL E 386 -29.33 92.75 -7.38
C VAL E 386 -30.01 94.12 -7.21
N LEU E 387 -29.23 95.12 -6.79
CA LEU E 387 -29.72 96.48 -6.60
C LEU E 387 -30.20 97.12 -7.90
N ASN E 388 -29.46 96.91 -8.99
CA ASN E 388 -29.82 97.40 -10.32
C ASN E 388 -31.08 96.74 -10.85
N TYR E 389 -31.21 95.43 -10.60
CA TYR E 389 -32.39 94.65 -10.98
C TYR E 389 -33.63 95.10 -10.18
N LEU E 390 -33.38 95.73 -9.04
CA LEU E 390 -34.42 96.32 -8.20
C LEU E 390 -34.57 97.83 -8.43
N LYS E 391 -33.87 98.32 -9.46
CA LYS E 391 -33.98 99.72 -9.93
C LYS E 391 -33.34 100.78 -9.04
N PHE E 392 -32.36 100.38 -8.23
CA PHE E 392 -31.53 101.34 -7.49
C PHE E 392 -30.35 101.76 -8.36
N PRO E 393 -30.29 103.05 -8.73
CA PRO E 393 -29.24 103.54 -9.64
C PRO E 393 -27.86 103.57 -8.99
N THR E 394 -26.86 103.14 -9.74
CA THR E 394 -25.47 103.16 -9.30
C THR E 394 -24.59 103.67 -10.44
N THR E 395 -23.44 104.26 -10.09
CA THR E 395 -22.45 104.65 -11.08
C THR E 395 -21.74 103.39 -11.56
N GLN E 396 -22.01 103.02 -12.81
CA GLN E 396 -21.53 101.76 -13.38
C GLN E 396 -20.01 101.59 -13.23
N GLY E 397 -19.63 100.49 -12.58
CA GLY E 397 -18.23 100.11 -12.43
C GLY E 397 -17.43 100.94 -11.44
N ALA E 398 -18.11 101.78 -10.65
CA ALA E 398 -17.45 102.62 -9.66
C ALA E 398 -17.21 101.88 -8.35
N ALA E 399 -18.20 101.09 -7.94
CA ALA E 399 -18.09 100.26 -6.74
C ALA E 399 -16.95 99.25 -6.86
N MET E 400 -16.82 98.65 -8.05
CA MET E 400 -15.79 97.66 -8.32
C MET E 400 -14.39 98.27 -8.45
N GLN E 401 -14.30 99.42 -9.11
CA GLN E 401 -13.04 100.15 -9.28
C GLN E 401 -12.45 100.55 -7.93
N ALA E 402 -13.32 100.99 -7.01
CA ALA E 402 -12.92 101.36 -5.65
C ALA E 402 -12.36 100.16 -4.89
N ALA E 403 -12.96 98.99 -5.11
CA ALA E 403 -12.46 97.74 -4.53
C ALA E 403 -11.11 97.36 -5.13
N TRP E 404 -11.01 97.44 -6.46
CA TRP E 404 -9.75 97.18 -7.17
C TRP E 404 -8.63 98.15 -6.79
N ASP E 405 -9.00 99.42 -6.61
CA ASP E 405 -8.03 100.46 -6.26
C ASP E 405 -7.37 100.24 -4.90
N HIS E 406 -8.15 99.79 -3.92
CA HIS E 406 -7.63 99.51 -2.58
C HIS E 406 -6.60 98.38 -2.59
N TYR E 407 -6.93 97.27 -3.25
CA TYR E 407 -6.03 96.12 -3.32
C TYR E 407 -4.72 96.44 -4.03
N ARG E 408 -4.82 97.20 -5.13
CA ARG E 408 -3.64 97.66 -5.87
C ARG E 408 -2.79 98.63 -5.04
N SER E 409 -3.46 99.52 -4.30
CA SER E 409 -2.78 100.47 -3.42
C SER E 409 -2.03 99.76 -2.29
N GLU E 410 -2.75 98.88 -1.58
CA GLU E 410 -2.18 98.13 -0.45
C GLU E 410 -1.04 97.21 -0.88
N ARG E 411 -1.07 96.76 -2.13
CA ARG E 411 -0.01 95.90 -2.68
C ARG E 411 1.28 96.68 -2.91
N ASP F 2 7.87 75.90 19.35
CA ASP F 2 7.54 76.42 17.99
C ASP F 2 6.25 75.82 17.45
N ILE F 3 5.64 76.50 16.48
CA ILE F 3 4.41 76.06 15.83
C ILE F 3 4.67 74.95 14.79
N THR F 4 5.94 74.67 14.54
CA THR F 4 6.35 73.63 13.59
C THR F 4 6.16 72.21 14.14
N GLN F 5 6.11 72.09 15.47
CA GLN F 5 5.93 70.80 16.14
C GLN F 5 4.47 70.48 16.48
N PHE F 6 3.55 71.26 15.92
CA PHE F 6 2.12 70.98 16.00
C PHE F 6 1.63 70.58 14.61
N SER F 7 1.51 69.29 14.38
CA SER F 7 1.20 68.79 13.04
C SER F 7 -0.25 68.33 12.90
N GLN F 8 -0.61 68.04 11.65
CA GLN F 8 -1.86 67.40 11.27
C GLN F 8 -2.40 66.44 12.34
N LEU F 9 -3.70 66.58 12.63
CA LEU F 9 -4.38 65.75 13.61
C LEU F 9 -4.28 64.27 13.23
N ASN F 10 -3.83 63.46 14.18
CA ASN F 10 -3.52 62.06 13.92
C ASN F 10 -3.73 61.15 15.16
N PRO F 11 -5.00 60.81 15.46
CA PRO F 11 -5.26 59.91 16.57
C PRO F 11 -4.91 58.48 16.18
N PRO F 12 -4.40 57.68 17.15
CA PRO F 12 -4.08 56.29 16.85
C PRO F 12 -5.31 55.45 16.57
N SER F 13 -5.12 54.30 15.92
CA SER F 13 -6.20 53.37 15.66
C SER F 13 -6.54 52.62 16.94
N ARG F 14 -7.79 52.75 17.37
CA ARG F 14 -8.23 52.18 18.64
C ARG F 14 -9.56 51.43 18.49
N LEU F 15 -9.64 50.25 19.08
CA LEU F 15 -10.92 49.57 19.24
C LEU F 15 -11.42 49.86 20.65
N LEU F 16 -12.30 50.85 20.75
CA LEU F 16 -12.81 51.31 22.04
C LEU F 16 -13.90 50.38 22.56
N MET F 17 -13.52 49.53 23.51
CA MET F 17 -14.44 48.56 24.09
C MET F 17 -14.66 48.83 25.59
N GLY F 18 -14.54 50.10 25.98
CA GLY F 18 -14.74 50.50 27.37
C GLY F 18 -16.17 50.94 27.66
N PRO F 19 -16.36 51.79 28.68
CA PRO F 19 -17.71 52.25 29.02
C PRO F 19 -18.14 53.47 28.20
N GLY F 20 -17.21 54.01 27.43
CA GLY F 20 -17.44 55.23 26.66
C GLY F 20 -16.25 56.17 26.78
N PRO F 21 -15.97 56.96 25.73
CA PRO F 21 -16.66 56.93 24.43
C PRO F 21 -16.23 55.72 23.62
N ILE F 22 -17.05 55.34 22.63
CA ILE F 22 -16.71 54.25 21.74
C ILE F 22 -16.56 54.77 20.30
N ASN F 23 -16.02 53.95 19.41
CA ASN F 23 -15.80 54.35 18.02
C ASN F 23 -17.08 54.79 17.34
N ALA F 24 -17.00 55.90 16.59
CA ALA F 24 -18.13 56.42 15.85
C ALA F 24 -18.35 55.63 14.56
N ASP F 25 -19.60 55.56 14.12
CA ASP F 25 -19.93 55.03 12.80
C ASP F 25 -19.26 55.93 11.75
N PRO F 26 -18.52 55.32 10.79
CA PRO F 26 -17.81 56.07 9.77
C PRO F 26 -18.69 57.02 8.94
N ARG F 27 -19.94 56.64 8.72
CA ARG F 27 -20.90 57.50 8.01
C ARG F 27 -21.22 58.76 8.80
N VAL F 28 -21.20 58.63 10.13
CA VAL F 28 -21.40 59.77 11.03
C VAL F 28 -20.22 60.73 10.95
N LEU F 29 -19.00 60.19 11.00
CA LEU F 29 -17.77 60.98 10.88
C LEU F 29 -17.70 61.74 9.57
N ARG F 30 -18.00 61.05 8.47
CA ARG F 30 -17.97 61.67 7.14
C ARG F 30 -18.99 62.80 7.00
N ALA F 31 -20.19 62.60 7.56
CA ALA F 31 -21.23 63.62 7.56
C ALA F 31 -20.79 64.90 8.27
N MET F 32 -19.96 64.75 9.30
CA MET F 32 -19.42 65.88 10.06
C MET F 32 -18.42 66.74 9.28
N SER F 33 -17.90 66.20 8.18
CA SER F 33 -16.96 66.93 7.34
C SER F 33 -17.67 67.78 6.29
N SER F 34 -19.00 67.74 6.31
CA SER F 34 -19.83 68.48 5.37
C SER F 34 -19.79 69.99 5.64
N GLN F 35 -19.67 70.78 4.57
CA GLN F 35 -19.58 72.23 4.70
C GLN F 35 -20.90 72.82 5.20
N LEU F 36 -20.79 73.95 5.89
CA LEU F 36 -21.90 74.52 6.65
C LEU F 36 -22.76 75.48 5.85
N ILE F 37 -23.93 75.78 6.40
CA ILE F 37 -24.80 76.85 5.91
C ILE F 37 -25.11 77.81 7.07
N GLY F 38 -25.83 78.89 6.78
CA GLY F 38 -26.16 79.90 7.78
C GLY F 38 -27.15 79.39 8.81
N GLN F 39 -27.18 80.03 9.97
CA GLN F 39 -28.09 79.65 11.05
C GLN F 39 -29.55 79.59 10.61
N TYR F 40 -29.96 80.55 9.78
CA TYR F 40 -31.36 80.67 9.36
C TYR F 40 -31.63 80.34 7.90
N ASP F 41 -30.75 79.54 7.29
CA ASP F 41 -30.98 79.06 5.94
C ASP F 41 -32.16 78.09 5.95
N PRO F 42 -33.06 78.20 4.95
CA PRO F 42 -34.19 77.27 4.82
C PRO F 42 -33.76 75.80 4.88
N ALA F 43 -32.52 75.52 4.49
CA ALA F 43 -31.97 74.16 4.53
C ALA F 43 -31.59 73.76 5.96
N MET F 44 -31.08 74.70 6.73
CA MET F 44 -30.71 74.46 8.13
C MET F 44 -31.94 74.15 8.98
N THR F 45 -32.99 74.97 8.83
CA THR F 45 -34.24 74.76 9.55
C THR F 45 -34.95 73.48 9.11
N HIS F 46 -34.73 73.09 7.86
CA HIS F 46 -35.24 71.81 7.34
C HIS F 46 -34.61 70.62 8.04
N TYR F 47 -33.29 70.67 8.25
CA TYR F 47 -32.58 69.61 8.95
C TYR F 47 -32.89 69.58 10.44
N MET F 48 -33.24 70.73 11.01
CA MET F 48 -33.70 70.80 12.39
C MET F 48 -35.06 70.13 12.53
N ASN F 49 -35.89 70.24 11.50
CA ASN F 49 -37.18 69.54 11.44
C ASN F 49 -37.01 68.04 11.26
N GLU F 50 -36.08 67.64 10.39
CA GLU F 50 -35.75 66.23 10.17
C GLU F 50 -35.23 65.59 11.44
N VAL F 51 -34.30 66.26 12.11
CA VAL F 51 -33.74 65.79 13.39
C VAL F 51 -34.83 65.54 14.44
N MET F 52 -35.74 66.50 14.59
CA MET F 52 -36.86 66.39 15.53
C MET F 52 -37.67 65.12 15.26
N ALA F 53 -38.07 64.92 14.00
CA ALA F 53 -38.86 63.76 13.59
C ALA F 53 -38.08 62.45 13.74
N LEU F 54 -36.79 62.48 13.40
CA LEU F 54 -35.94 61.29 13.51
C LEU F 54 -35.84 60.78 14.94
N TYR F 55 -35.61 61.69 15.89
CA TYR F 55 -35.44 61.28 17.29
C TYR F 55 -36.73 60.87 17.99
N ARG F 56 -37.88 61.21 17.40
CA ARG F 56 -39.18 60.72 17.87
C ARG F 56 -39.26 59.20 17.71
N GLY F 57 -38.81 58.71 16.55
CA GLY F 57 -38.76 57.28 16.26
C GLY F 57 -37.74 56.52 17.07
N VAL F 58 -36.67 57.21 17.47
CA VAL F 58 -35.62 56.61 18.32
C VAL F 58 -36.07 56.56 19.78
N PHE F 59 -36.69 57.64 20.25
CA PHE F 59 -37.24 57.68 21.61
C PHE F 59 -38.52 56.85 21.74
N ARG F 60 -39.10 56.47 20.60
CA ARG F 60 -40.42 55.82 20.55
C ARG F 60 -41.49 56.70 21.20
N THR F 61 -41.56 57.94 20.72
CA THR F 61 -42.51 58.92 21.22
C THR F 61 -43.21 59.68 20.09
N GLU F 62 -44.31 60.35 20.43
CA GLU F 62 -45.00 61.26 19.51
C GLU F 62 -44.87 62.70 20.01
N ASN F 63 -44.00 62.91 21.00
CA ASN F 63 -43.78 64.24 21.58
C ASN F 63 -43.34 65.26 20.54
N ARG F 64 -44.09 66.35 20.46
CA ARG F 64 -43.75 67.46 19.58
C ARG F 64 -42.39 68.03 19.95
N TRP F 65 -42.14 68.19 21.24
CA TRP F 65 -40.90 68.82 21.71
C TRP F 65 -39.76 67.82 21.94
N THR F 66 -39.29 67.27 20.82
CA THR F 66 -38.12 66.41 20.80
C THR F 66 -37.04 67.14 20.00
N MET F 67 -35.88 67.37 20.63
CA MET F 67 -34.84 68.22 20.04
C MET F 67 -33.45 67.91 20.59
N LEU F 68 -32.47 68.74 20.21
CA LEU F 68 -31.08 68.60 20.67
C LEU F 68 -30.68 69.69 21.67
N VAL F 69 -29.76 69.34 22.56
CA VAL F 69 -29.10 70.30 23.44
C VAL F 69 -27.61 70.28 23.13
N ASP F 70 -27.04 71.46 22.86
CA ASP F 70 -25.64 71.58 22.48
C ASP F 70 -24.73 71.54 23.70
N GLY F 71 -24.29 70.33 24.02
CA GLY F 71 -23.48 70.04 25.19
C GLY F 71 -23.46 68.53 25.36
N THR F 72 -22.61 68.02 26.25
CA THR F 72 -22.49 66.58 26.45
C THR F 72 -23.77 65.99 27.05
N SER F 73 -23.78 64.68 27.29
CA SER F 73 -24.96 63.99 27.83
C SER F 73 -25.54 64.67 29.08
N ARG F 74 -24.67 65.01 30.03
CA ARG F 74 -25.11 65.59 31.30
C ARG F 74 -25.56 67.06 31.19
N ALA F 75 -25.25 67.70 30.07
CA ALA F 75 -25.78 69.02 29.77
C ALA F 75 -27.27 68.93 29.46
N GLY F 76 -27.66 67.83 28.82
CA GLY F 76 -29.07 67.53 28.55
C GLY F 76 -29.83 67.19 29.81
N ILE F 77 -29.18 66.45 30.72
CA ILE F 77 -29.74 66.19 32.05
C ILE F 77 -29.95 67.51 32.78
N GLU F 78 -28.89 68.33 32.83
CA GLU F 78 -28.92 69.60 33.54
C GLU F 78 -29.98 70.57 32.99
N ALA F 79 -30.08 70.64 31.66
CA ALA F 79 -31.08 71.48 31.00
C ALA F 79 -32.50 71.12 31.44
N ILE F 80 -32.79 69.82 31.47
CA ILE F 80 -34.11 69.33 31.84
C ILE F 80 -34.44 69.61 33.31
N LEU F 81 -33.48 69.33 34.19
CA LEU F 81 -33.70 69.50 35.63
C LEU F 81 -33.81 70.96 36.04
N VAL F 82 -32.89 71.80 35.56
CA VAL F 82 -32.92 73.24 35.88
C VAL F 82 -34.22 73.88 35.39
N SER F 83 -34.75 73.37 34.28
CA SER F 83 -35.99 73.88 33.69
C SER F 83 -37.25 73.30 34.35
N ALA F 84 -37.10 72.21 35.09
CA ALA F 84 -38.24 71.53 35.71
C ALA F 84 -38.30 71.74 37.23
N ILE F 85 -37.15 72.03 37.83
CA ILE F 85 -37.05 72.24 39.28
C ILE F 85 -36.99 73.72 39.64
N ARG F 86 -37.99 74.18 40.40
CA ARG F 86 -37.93 75.50 41.04
C ARG F 86 -37.20 75.34 42.37
N PRO F 87 -36.54 76.40 42.87
CA PRO F 87 -35.85 76.31 44.15
C PRO F 87 -36.81 75.93 45.29
N GLY F 88 -36.42 74.94 46.08
CA GLY F 88 -37.24 74.47 47.20
C GLY F 88 -38.05 73.22 46.92
N ASP F 89 -38.19 72.89 45.63
CA ASP F 89 -38.93 71.70 45.19
C ASP F 89 -38.33 70.40 45.72
N LYS F 90 -39.20 69.43 45.98
CA LYS F 90 -38.79 68.11 46.41
C LYS F 90 -38.52 67.21 45.21
N VAL F 91 -37.45 66.43 45.30
CA VAL F 91 -37.00 65.56 44.22
C VAL F 91 -36.61 64.19 44.80
N LEU F 92 -36.96 63.11 44.09
CA LEU F 92 -36.61 61.77 44.53
C LEU F 92 -35.71 61.04 43.53
N VAL F 93 -34.56 60.58 44.03
CA VAL F 93 -33.55 59.92 43.19
C VAL F 93 -33.26 58.49 43.68
N PRO F 94 -33.70 57.48 42.91
CA PRO F 94 -33.31 56.09 43.21
C PRO F 94 -31.86 55.85 42.83
N VAL F 95 -30.97 55.84 43.81
CA VAL F 95 -29.52 55.69 43.58
C VAL F 95 -29.10 54.23 43.55
N PHE F 96 -28.57 53.80 42.41
CA PHE F 96 -28.04 52.43 42.27
C PHE F 96 -26.67 52.39 41.59
N GLY F 97 -26.03 53.55 41.46
CA GLY F 97 -24.68 53.66 40.88
C GLY F 97 -24.13 55.07 40.86
N ARG F 98 -23.00 55.24 40.19
CA ARG F 98 -22.29 56.54 40.09
C ARG F 98 -23.16 57.65 39.53
N PHE F 99 -23.89 57.34 38.45
CA PHE F 99 -24.74 58.33 37.79
C PHE F 99 -26.03 58.59 38.55
N GLY F 100 -26.30 57.75 39.55
CA GLY F 100 -27.32 58.03 40.55
C GLY F 100 -26.92 59.23 41.37
N HIS F 101 -25.63 59.30 41.70
CA HIS F 101 -25.05 60.43 42.43
C HIS F 101 -24.96 61.70 41.59
N LEU F 102 -24.84 61.53 40.27
CA LEU F 102 -24.79 62.67 39.35
C LEU F 102 -26.11 63.43 39.35
N LEU F 103 -27.22 62.70 39.34
CA LEU F 103 -28.56 63.30 39.37
C LEU F 103 -28.81 64.07 40.68
N CYS F 104 -28.25 63.57 41.79
CA CYS F 104 -28.33 64.24 43.08
C CYS F 104 -27.64 65.60 43.07
N GLU F 105 -26.42 65.65 42.53
CA GLU F 105 -25.65 66.88 42.47
C GLU F 105 -26.24 67.92 41.52
N ILE F 106 -26.68 67.49 40.34
CA ILE F 106 -27.34 68.40 39.41
C ILE F 106 -28.60 68.99 40.06
N ALA F 107 -29.39 68.12 40.70
CA ALA F 107 -30.56 68.55 41.45
C ALA F 107 -30.23 69.53 42.57
N ARG F 108 -29.16 69.24 43.32
CA ARG F 108 -28.69 70.12 44.39
C ARG F 108 -28.37 71.53 43.90
N ARG F 109 -27.76 71.62 42.72
CA ARG F 109 -27.39 72.90 42.12
C ARG F 109 -28.62 73.66 41.59
N CYS F 110 -29.74 72.95 41.44
CA CYS F 110 -31.02 73.56 41.09
C CYS F 110 -31.74 74.04 42.36
N ARG F 111 -31.04 73.94 43.49
CA ARG F 111 -31.56 74.29 44.81
C ARG F 111 -32.82 73.49 45.15
N ALA F 112 -32.77 72.20 44.79
CA ALA F 112 -33.85 71.27 45.09
C ALA F 112 -33.57 70.55 46.40
N GLU F 113 -34.64 70.17 47.09
CA GLU F 113 -34.51 69.29 48.24
C GLU F 113 -34.43 67.86 47.72
N VAL F 114 -33.22 67.28 47.80
CA VAL F 114 -32.96 65.97 47.21
C VAL F 114 -33.22 64.85 48.22
N HIS F 115 -34.18 63.99 47.87
CA HIS F 115 -34.46 62.77 48.61
C HIS F 115 -33.95 61.59 47.79
N THR F 116 -33.41 60.57 48.46
CA THR F 116 -32.82 59.42 47.78
C THR F 116 -33.09 58.10 48.46
N ILE F 117 -33.13 57.03 47.67
CA ILE F 117 -33.10 55.65 48.17
C ILE F 117 -31.92 54.91 47.54
N GLU F 118 -31.42 53.89 48.23
CA GLU F 118 -30.21 53.20 47.79
C GLU F 118 -30.31 51.68 47.81
N VAL F 119 -29.88 51.07 46.71
CA VAL F 119 -29.59 49.64 46.66
C VAL F 119 -28.10 49.50 46.37
N PRO F 120 -27.45 48.42 46.84
CA PRO F 120 -26.02 48.31 46.63
C PRO F 120 -25.62 48.10 45.17
N TRP F 121 -24.37 48.43 44.84
CA TRP F 121 -23.78 48.09 43.56
C TRP F 121 -23.54 46.56 43.56
N GLY F 122 -24.13 45.85 42.60
CA GLY F 122 -24.99 46.43 41.58
C GLY F 122 -26.33 45.69 41.53
N GLU F 123 -27.29 46.19 42.31
CA GLU F 123 -28.64 45.66 42.29
C GLU F 123 -29.57 46.60 41.55
N VAL F 124 -30.86 46.27 41.54
CA VAL F 124 -31.86 47.11 40.89
C VAL F 124 -33.01 47.37 41.86
N PHE F 125 -33.77 48.44 41.62
CA PHE F 125 -34.92 48.76 42.45
C PHE F 125 -36.17 47.98 42.07
N THR F 126 -37.03 47.74 43.07
CA THR F 126 -38.35 47.19 42.85
C THR F 126 -39.33 48.36 42.69
N PRO F 127 -40.37 48.20 41.85
CA PRO F 127 -41.43 49.22 41.77
C PRO F 127 -42.08 49.51 43.12
N ASP F 128 -42.15 48.49 43.98
CA ASP F 128 -42.64 48.65 45.35
C ASP F 128 -41.77 49.59 46.16
N GLN F 129 -40.45 49.40 46.09
CA GLN F 129 -39.48 50.21 46.82
C GLN F 129 -39.59 51.69 46.47
N VAL F 130 -39.80 52.00 45.20
CA VAL F 130 -39.95 53.39 44.77
C VAL F 130 -41.34 53.96 45.06
N GLU F 131 -42.37 53.10 45.06
CA GLU F 131 -43.72 53.54 45.38
C GLU F 131 -43.84 53.94 46.85
N ASP F 132 -43.19 53.18 47.72
CA ASP F 132 -43.14 53.48 49.15
C ASP F 132 -42.53 54.85 49.39
N ALA F 133 -41.43 55.13 48.69
CA ALA F 133 -40.71 56.40 48.81
C ALA F 133 -41.52 57.57 48.23
N VAL F 134 -42.14 57.35 47.07
CA VAL F 134 -43.02 58.33 46.44
C VAL F 134 -44.17 58.69 47.39
N LYS F 135 -44.80 57.66 47.97
CA LYS F 135 -45.82 57.84 49.01
C LYS F 135 -45.29 58.68 50.17
N ARG F 136 -44.10 58.32 50.64
CA ARG F 136 -43.48 58.95 51.82
C ARG F 136 -43.18 60.43 51.65
N ILE F 137 -42.40 60.79 50.62
CA ILE F 137 -41.91 62.17 50.51
C ILE F 137 -42.65 63.03 49.47
N ARG F 138 -43.56 62.41 48.71
CA ARG F 138 -44.35 63.10 47.69
C ARG F 138 -43.52 64.03 46.78
N PRO F 139 -42.75 63.44 45.87
CA PRO F 139 -41.83 64.23 45.04
C PRO F 139 -42.53 64.94 43.89
N ARG F 140 -41.91 66.01 43.39
CA ARG F 140 -42.35 66.66 42.17
C ARG F 140 -41.75 65.92 40.98
N LEU F 141 -40.54 65.40 41.17
CA LEU F 141 -39.81 64.67 40.15
C LEU F 141 -39.33 63.31 40.67
N LEU F 142 -39.45 62.29 39.83
CA LEU F 142 -38.73 61.04 40.03
C LEU F 142 -37.61 61.01 38.99
N LEU F 143 -36.36 61.02 39.48
CA LEU F 143 -35.19 61.15 38.63
C LEU F 143 -34.39 59.84 38.55
N THR F 144 -34.52 59.15 37.41
CA THR F 144 -33.92 57.83 37.25
C THR F 144 -32.78 57.80 36.23
N VAL F 145 -31.83 56.91 36.48
CA VAL F 145 -30.89 56.49 35.46
C VAL F 145 -31.45 55.17 34.95
N GLN F 146 -31.48 54.98 33.63
CA GLN F 146 -31.90 53.69 33.10
C GLN F 146 -30.75 52.69 33.16
N GLY F 147 -29.70 52.95 32.39
CA GLY F 147 -28.50 52.13 32.42
C GLY F 147 -27.34 52.89 33.03
N ASP F 148 -26.80 52.36 34.13
CA ASP F 148 -25.66 52.95 34.82
C ASP F 148 -24.41 52.14 34.53
N THR F 149 -23.48 52.72 33.78
CA THR F 149 -22.28 52.02 33.30
C THR F 149 -21.31 51.59 34.39
N SER F 150 -21.33 52.28 35.53
CA SER F 150 -20.43 51.96 36.65
C SER F 150 -20.75 50.61 37.28
N THR F 151 -22.00 50.18 37.15
CA THR F 151 -22.47 48.91 37.72
C THR F 151 -22.94 47.94 36.63
N THR F 152 -23.22 48.48 35.44
CA THR F 152 -23.75 47.76 34.27
C THR F 152 -25.20 47.30 34.40
N MET F 153 -25.93 47.86 35.38
CA MET F 153 -27.31 47.46 35.64
C MET F 153 -28.32 48.32 34.89
N LEU F 154 -29.41 47.69 34.48
CA LEU F 154 -30.48 48.37 33.75
C LEU F 154 -31.75 48.38 34.59
N GLN F 155 -32.10 49.57 35.10
CA GLN F 155 -33.31 49.75 35.90
C GLN F 155 -34.58 49.69 35.04
N PRO F 156 -35.50 48.76 35.35
CA PRO F 156 -36.78 48.66 34.65
C PRO F 156 -37.67 49.87 34.93
N LEU F 157 -38.21 50.45 33.85
CA LEU F 157 -38.96 51.70 33.93
C LEU F 157 -40.44 51.55 33.55
N ALA F 158 -40.81 50.36 33.05
CA ALA F 158 -42.15 50.09 32.54
C ALA F 158 -43.26 50.24 33.59
N GLU F 159 -42.99 49.77 34.81
CA GLU F 159 -43.96 49.81 35.90
C GLU F 159 -43.90 51.13 36.67
N LEU F 160 -42.82 51.87 36.50
CA LEU F 160 -42.58 53.12 37.21
C LEU F 160 -43.41 54.29 36.66
N GLY F 161 -43.93 54.14 35.45
CA GLY F 161 -44.78 55.15 34.83
C GLY F 161 -46.16 55.22 35.47
N GLU F 162 -46.74 54.05 35.73
CA GLU F 162 -48.03 53.96 36.42
C GLU F 162 -47.98 54.56 37.81
N ILE F 163 -46.88 54.33 38.51
CA ILE F 163 -46.65 54.87 39.86
C ILE F 163 -46.61 56.40 39.83
N CYS F 164 -45.93 56.96 38.84
CA CYS F 164 -45.84 58.41 38.69
C CYS F 164 -47.18 59.04 38.30
N ARG F 165 -47.92 58.35 37.43
CA ARG F 165 -49.26 58.79 37.03
C ARG F 165 -50.23 58.81 38.22
N ARG F 166 -50.21 57.73 39.00
CA ARG F 166 -51.09 57.59 40.18
C ARG F 166 -50.83 58.63 41.27
N TYR F 167 -49.57 59.04 41.41
CA TYR F 167 -49.20 59.99 42.46
C TYR F 167 -48.85 61.37 41.89
N ASP F 168 -49.18 61.57 40.61
CA ASP F 168 -48.95 62.83 39.90
C ASP F 168 -47.50 63.35 40.07
N ALA F 169 -46.55 62.47 39.78
CA ALA F 169 -45.13 62.82 39.82
C ALA F 169 -44.54 62.83 38.42
N LEU F 170 -43.73 63.84 38.11
CA LEU F 170 -43.05 63.91 36.82
C LEU F 170 -41.92 62.91 36.74
N PHE F 171 -41.90 62.16 35.64
CA PHE F 171 -41.03 61.00 35.47
C PHE F 171 -39.94 61.27 34.43
N TYR F 172 -38.71 61.45 34.91
CA TYR F 172 -37.55 61.64 34.02
C TYR F 172 -36.60 60.45 34.12
N THR F 173 -35.89 60.18 33.02
CA THR F 173 -34.82 59.17 33.03
C THR F 173 -33.55 59.58 32.27
N ASP F 174 -32.41 59.11 32.78
CA ASP F 174 -31.13 59.27 32.11
C ASP F 174 -30.87 58.03 31.26
N ALA F 175 -30.99 58.19 29.94
CA ALA F 175 -30.86 57.06 29.02
C ALA F 175 -29.68 57.19 28.04
N THR F 176 -28.65 57.95 28.42
CA THR F 176 -27.49 58.14 27.55
C THR F 176 -26.70 56.85 27.33
N ALA F 177 -26.84 55.90 28.25
CA ALA F 177 -26.07 54.66 28.19
C ALA F 177 -26.81 53.50 27.54
N SER F 178 -28.15 53.57 27.52
CA SER F 178 -28.95 52.43 27.07
C SER F 178 -29.71 52.63 25.76
N LEU F 179 -30.04 53.88 25.43
CA LEU F 179 -30.77 54.19 24.20
C LEU F 179 -30.06 53.60 22.98
N GLY F 180 -30.80 52.84 22.17
CA GLY F 180 -30.24 52.20 20.98
C GLY F 180 -29.71 50.81 21.22
N GLY F 181 -29.40 50.51 22.48
CA GLY F 181 -28.91 49.19 22.87
C GLY F 181 -29.89 48.41 23.72
N ASN F 182 -30.88 49.12 24.26
CA ASN F 182 -31.84 48.55 25.19
C ASN F 182 -33.23 49.12 24.96
N PRO F 183 -34.30 48.35 25.29
CA PRO F 183 -35.67 48.85 25.14
C PRO F 183 -35.93 50.12 25.94
N LEU F 184 -36.51 51.12 25.26
CA LEU F 184 -37.01 52.33 25.90
C LEU F 184 -38.26 52.82 25.18
N GLU F 185 -39.40 52.65 25.84
CA GLU F 185 -40.69 53.08 25.28
C GLU F 185 -41.19 54.32 26.02
N THR F 186 -40.84 55.49 25.50
CA THR F 186 -41.05 56.77 26.19
C THR F 186 -42.52 57.08 26.52
N ASP F 187 -43.38 57.07 25.50
CA ASP F 187 -44.80 57.35 25.71
C ASP F 187 -45.51 56.21 26.42
N VAL F 188 -45.18 54.99 26.02
CA VAL F 188 -45.78 53.77 26.58
C VAL F 188 -45.46 53.60 28.07
N TRP F 189 -44.28 54.08 28.48
CA TRP F 189 -43.87 53.98 29.89
C TRP F 189 -44.16 55.23 30.71
N GLY F 190 -44.90 56.17 30.13
CA GLY F 190 -45.30 57.40 30.82
C GLY F 190 -44.12 58.25 31.27
N LEU F 191 -43.17 58.45 30.37
CA LEU F 191 -42.00 59.27 30.66
C LEU F 191 -42.25 60.71 30.27
N ASP F 192 -41.91 61.62 31.17
CA ASP F 192 -42.13 63.05 30.98
C ASP F 192 -40.90 63.73 30.37
N ALA F 193 -39.72 63.18 30.64
CA ALA F 193 -38.47 63.69 30.10
C ALA F 193 -37.44 62.58 29.93
N VAL F 194 -36.74 62.60 28.79
CA VAL F 194 -35.62 61.68 28.55
C VAL F 194 -34.47 62.46 27.93
N SER F 195 -33.26 62.23 28.45
CA SER F 195 -32.06 62.79 27.88
C SER F 195 -31.05 61.69 27.58
N ALA F 196 -30.33 61.83 26.49
CA ALA F 196 -29.32 60.87 26.10
C ALA F 196 -27.99 61.53 25.75
N GLY F 197 -27.18 60.83 24.97
CA GLY F 197 -25.88 61.31 24.50
C GLY F 197 -25.48 60.50 23.28
N MET F 198 -24.39 60.91 22.63
CA MET F 198 -24.02 60.32 21.35
C MET F 198 -23.00 59.18 21.45
N GLN F 199 -22.09 59.29 22.42
CA GLN F 199 -20.88 58.48 22.47
C GLN F 199 -21.01 57.03 22.98
N1 LLP F 200 -24.86 59.24 31.86
C2 LLP F 200 -24.64 57.90 31.90
C2' LLP F 200 -25.66 57.05 32.55
C3 LLP F 200 -23.49 57.34 31.33
O3 LLP F 200 -23.29 56.02 31.38
C4 LLP F 200 -22.56 58.18 30.72
C4' LLP F 200 -21.29 57.62 30.12
C5 LLP F 200 -22.82 59.56 30.70
C6 LLP F 200 -23.98 60.07 31.29
C5' LLP F 200 -21.85 60.54 30.06
OP4 LLP F 200 -22.08 61.89 30.29
P LLP F 200 -21.33 62.99 29.44
OP1 LLP F 200 -19.85 62.97 29.79
OP2 LLP F 200 -21.91 64.34 29.80
OP3 LLP F 200 -21.51 62.74 27.97
N LLP F 200 -22.24 56.55 23.13
CA LLP F 200 -22.47 55.22 23.66
CB LLP F 200 -23.34 55.21 24.94
CG LLP F 200 -22.60 55.05 26.26
CD LLP F 200 -22.66 56.22 27.25
CE LLP F 200 -21.39 56.55 27.97
NZ LLP F 200 -21.37 56.31 29.42
C LLP F 200 -23.00 54.27 22.59
O LLP F 200 -22.20 53.63 21.89
N CYS F 201 -24.32 54.18 22.45
CA CYS F 201 -24.92 53.31 21.43
C CYS F 201 -25.28 54.05 20.13
N LEU F 202 -25.35 55.38 20.19
CA LEU F 202 -25.78 56.18 19.04
C LEU F 202 -24.69 56.36 17.98
N GLY F 203 -23.45 56.54 18.43
CA GLY F 203 -22.25 56.41 17.59
C GLY F 203 -21.92 57.42 16.49
N GLY F 204 -21.58 58.65 16.85
CA GLY F 204 -21.60 59.13 18.23
C GLY F 204 -20.30 59.66 18.82
N PRO F 205 -19.90 60.89 18.45
CA PRO F 205 -18.94 61.59 19.30
C PRO F 205 -19.68 62.38 20.37
N SER F 206 -19.14 62.43 21.60
CA SER F 206 -19.78 63.20 22.66
C SER F 206 -19.85 64.70 22.29
N GLY F 207 -20.83 65.40 22.84
CA GLY F 207 -21.01 66.83 22.60
C GLY F 207 -22.42 67.25 22.23
N THR F 208 -23.34 66.27 22.19
CA THR F 208 -24.74 66.53 21.88
C THR F 208 -25.63 65.72 22.82
N SER F 209 -26.74 66.31 23.24
CA SER F 209 -27.70 65.61 24.08
C SER F 209 -29.13 65.71 23.54
N PRO F 210 -29.58 64.65 22.84
CA PRO F 210 -30.97 64.57 22.37
C PRO F 210 -31.94 64.43 23.54
N ILE F 211 -32.98 65.27 23.54
CA ILE F 211 -33.97 65.27 24.62
C ILE F 211 -35.40 65.22 24.08
N THR F 212 -36.28 64.55 24.83
CA THR F 212 -37.71 64.58 24.55
C THR F 212 -38.50 65.01 25.78
N LEU F 213 -39.56 65.77 25.56
CA LEU F 213 -40.38 66.29 26.65
C LEU F 213 -41.86 65.99 26.42
N SER F 214 -42.53 65.48 27.45
CA SER F 214 -43.96 65.18 27.35
C SER F 214 -44.78 66.47 27.31
N ALA F 215 -46.04 66.35 26.90
CA ALA F 215 -46.97 67.48 26.88
C ALA F 215 -47.06 68.13 28.26
N ARG F 216 -47.04 67.30 29.31
CA ARG F 216 -47.06 67.77 30.70
C ARG F 216 -45.82 68.60 31.03
N MET F 217 -44.67 68.17 30.51
CA MET F 217 -43.40 68.86 30.75
C MET F 217 -43.31 70.26 30.15
N GLU F 218 -43.70 70.40 28.89
CA GLU F 218 -43.68 71.72 28.22
C GLU F 218 -44.56 72.73 28.97
N GLU F 219 -45.68 72.25 29.51
CA GLU F 219 -46.59 73.07 30.31
C GLU F 219 -45.91 73.59 31.57
N ALA F 220 -45.20 72.70 32.27
CA ALA F 220 -44.47 73.06 33.49
C ALA F 220 -43.31 74.00 33.20
N ILE F 221 -42.73 73.89 32.01
CA ILE F 221 -41.64 74.77 31.57
C ILE F 221 -42.18 76.10 31.03
N ARG F 222 -43.37 76.08 30.41
CA ARG F 222 -44.01 77.29 29.88
C ARG F 222 -44.43 78.26 30.97
N ARG F 223 -44.85 77.73 32.13
CA ARG F 223 -45.20 78.56 33.29
C ARG F 223 -44.00 79.35 33.76
N ARG F 224 -42.82 78.88 33.38
CA ARG F 224 -41.54 79.47 33.76
C ARG F 224 -41.08 80.56 32.78
N LYS F 225 -41.85 80.77 31.71
CA LYS F 225 -41.44 81.64 30.60
C LYS F 225 -40.89 82.99 31.06
N CYS F 226 -39.67 83.27 30.61
CA CYS F 226 -38.99 84.54 30.81
C CYS F 226 -37.96 84.69 29.69
N VAL F 227 -38.33 85.43 28.64
CA VAL F 227 -37.49 85.56 27.46
C VAL F 227 -36.34 86.53 27.69
N GLU F 228 -35.16 86.15 27.17
CA GLU F 228 -33.92 86.93 27.29
C GLU F 228 -34.05 88.32 26.66
N GLU F 229 -33.46 89.32 27.31
CA GLU F 229 -33.67 90.74 27.02
C GLU F 229 -33.27 91.20 25.61
N GLY F 230 -32.20 90.64 25.08
CA GLY F 230 -31.68 91.03 23.76
C GLY F 230 -32.52 90.55 22.58
N ILE F 231 -33.45 89.64 22.86
CA ILE F 231 -34.32 89.06 21.83
C ILE F 231 -35.80 89.15 22.24
N ARG F 232 -36.04 89.72 23.42
CA ARG F 232 -37.39 89.97 23.93
C ARG F 232 -38.04 91.11 23.16
N THR F 233 -39.31 90.93 22.80
CA THR F 233 -40.06 91.96 22.09
C THR F 233 -41.19 92.52 22.96
N ASP F 234 -42.13 93.23 22.33
CA ASP F 234 -43.37 93.65 22.97
C ASP F 234 -44.35 92.48 23.07
N ALA F 235 -44.11 91.44 22.27
CA ALA F 235 -45.02 90.32 22.13
C ALA F 235 -44.78 89.16 23.10
N HIS F 236 -43.86 89.35 24.05
CA HIS F 236 -43.58 88.35 25.07
C HIS F 236 -43.90 88.85 26.48
N ARG F 237 -44.31 87.94 27.35
CA ARG F 237 -44.51 88.23 28.78
C ARG F 237 -44.27 87.01 29.66
N ASP F 238 -43.88 87.26 30.90
CA ASP F 238 -43.53 86.21 31.86
C ASP F 238 -44.72 85.31 32.21
N GLY F 239 -44.41 84.06 32.56
CA GLY F 239 -45.41 83.15 33.11
C GLY F 239 -45.61 83.43 34.59
N ASP F 240 -46.51 82.67 35.21
CA ASP F 240 -46.84 82.87 36.63
C ASP F 240 -45.69 82.54 37.57
N GLU F 241 -44.95 81.49 37.25
CA GLU F 241 -43.82 81.05 38.08
C GLU F 241 -42.53 81.78 37.77
N GLU F 242 -41.54 81.58 38.65
CA GLU F 242 -40.22 82.21 38.53
C GLU F 242 -39.42 81.64 37.34
N MET F 243 -38.35 82.35 36.98
CA MET F 243 -37.51 82.00 35.84
C MET F 243 -36.59 80.81 36.10
N ILE F 244 -36.24 80.11 35.03
CA ILE F 244 -35.23 79.05 35.06
C ILE F 244 -33.87 79.71 35.23
N TYR F 245 -33.10 79.25 36.23
CA TYR F 245 -31.87 79.93 36.61
C TYR F 245 -30.67 79.60 35.73
N SER F 246 -30.92 79.69 34.42
CA SER F 246 -29.90 79.58 33.38
C SER F 246 -30.43 80.22 32.11
N ASN F 247 -29.53 80.84 31.35
CA ASN F 247 -29.86 81.36 30.04
C ASN F 247 -29.76 80.26 28.99
N TYR F 248 -28.59 79.63 28.94
CA TYR F 248 -28.27 78.59 27.96
C TYR F 248 -29.10 77.32 28.14
N PHE F 249 -29.46 77.01 29.38
CA PHE F 249 -30.23 75.82 29.69
C PHE F 249 -31.74 76.06 29.88
N ASP F 250 -32.22 77.21 29.39
CA ASP F 250 -33.65 77.52 29.41
C ASP F 250 -34.32 76.76 28.25
N LEU F 251 -35.08 75.72 28.60
CA LEU F 251 -35.72 74.88 27.59
C LEU F 251 -36.98 75.54 27.00
N GLY F 252 -37.50 76.56 27.69
CA GLY F 252 -38.56 77.38 27.12
C GLY F 252 -38.06 78.09 25.87
N MET F 253 -36.85 78.63 25.97
CA MET F 253 -36.23 79.37 24.88
C MET F 253 -35.63 78.46 23.81
N VAL F 254 -35.24 77.25 24.21
CA VAL F 254 -34.77 76.24 23.24
C VAL F 254 -35.94 75.77 22.38
N MET F 255 -37.08 75.49 23.02
CA MET F 255 -38.30 75.11 22.31
C MET F 255 -38.73 76.16 21.28
N ASP F 256 -38.65 77.43 21.66
CA ASP F 256 -39.00 78.54 20.78
C ASP F 256 -38.01 78.73 19.62
N TYR F 257 -36.80 78.18 19.78
CA TYR F 257 -35.77 78.21 18.75
C TYR F 257 -35.94 77.07 17.74
N TRP F 258 -36.44 75.93 18.23
CA TRP F 258 -36.68 74.76 17.38
C TRP F 258 -38.10 74.75 16.80
N GLY F 259 -38.86 75.81 17.08
CA GLY F 259 -40.25 75.91 16.64
C GLY F 259 -40.50 76.99 15.59
N PRO F 260 -41.78 77.16 15.20
CA PRO F 260 -42.21 78.07 14.12
C PRO F 260 -41.71 79.51 14.27
N GLU F 261 -41.67 80.02 15.50
CA GLU F 261 -41.22 81.39 15.77
C GLU F 261 -39.72 81.59 15.48
N ARG F 262 -38.95 80.51 15.63
CA ARG F 262 -37.49 80.52 15.39
C ARG F 262 -36.76 81.60 16.20
N LEU F 263 -36.92 81.55 17.51
CA LEU F 263 -36.35 82.54 18.43
C LEU F 263 -34.84 82.33 18.59
N ASN F 264 -34.06 83.40 18.34
CA ASN F 264 -32.59 83.30 18.31
C ASN F 264 -31.93 83.14 19.68
N HIS F 265 -32.09 81.96 20.27
CA HIS F 265 -31.49 81.66 21.58
C HIS F 265 -29.99 81.49 21.50
N HIS F 266 -29.53 80.73 20.51
CA HIS F 266 -28.11 80.49 20.27
C HIS F 266 -27.92 79.95 18.85
N THR F 267 -26.67 79.98 18.38
CA THR F 267 -26.33 79.40 17.08
C THR F 267 -26.20 77.89 17.25
N GLU F 268 -27.13 77.14 16.65
CA GLU F 268 -27.11 75.68 16.72
C GLU F 268 -25.85 75.13 16.06
N ALA F 269 -25.20 74.18 16.74
CA ALA F 269 -23.97 73.56 16.27
C ALA F 269 -24.22 72.75 15.00
N THR F 270 -23.84 73.32 13.86
CA THR F 270 -24.22 72.79 12.54
C THR F 270 -23.68 71.37 12.28
N THR F 271 -22.37 71.22 12.49
CA THR F 271 -21.69 69.93 12.34
C THR F 271 -22.25 68.87 13.30
N ALA F 272 -22.41 69.24 14.56
CA ALA F 272 -22.94 68.34 15.58
C ALA F 272 -24.37 67.89 15.26
N LEU F 273 -25.13 68.78 14.64
CA LEU F 273 -26.48 68.46 14.19
C LEU F 273 -26.45 67.47 13.04
N PHE F 274 -25.50 67.66 12.11
CA PHE F 274 -25.31 66.73 10.99
C PHE F 274 -24.97 65.34 11.50
N GLY F 275 -24.14 65.29 12.54
CA GLY F 275 -23.76 64.05 13.21
C GLY F 275 -24.93 63.39 13.91
N ALA F 276 -25.64 64.17 14.72
CA ALA F 276 -26.81 63.68 15.45
C ALA F 276 -27.94 63.24 14.52
N ARG F 277 -28.04 63.90 13.36
CA ARG F 277 -29.00 63.54 12.34
C ARG F 277 -28.71 62.15 11.77
N GLU F 278 -27.42 61.87 11.52
CA GLU F 278 -26.97 60.60 10.97
C GLU F 278 -27.21 59.42 11.90
N CYS F 279 -26.75 59.53 13.15
CA CYS F 279 -26.95 58.49 14.16
C CYS F 279 -28.40 58.01 14.16
N ALA F 280 -29.33 58.96 14.27
CA ALA F 280 -30.76 58.66 14.26
C ALA F 280 -31.21 58.02 12.94
N ARG F 281 -30.73 58.57 11.82
CA ARG F 281 -31.07 58.07 10.49
C ARG F 281 -30.58 56.64 10.29
N LEU F 282 -29.36 56.36 10.73
CA LEU F 282 -28.75 55.03 10.60
C LEU F 282 -29.42 54.00 11.49
N ILE F 283 -29.74 54.39 12.72
CA ILE F 283 -30.45 53.51 13.66
C ILE F 283 -31.80 53.10 13.11
N LEU F 284 -32.56 54.07 12.61
CA LEU F 284 -33.90 53.83 12.08
C LEU F 284 -33.88 53.09 10.74
N GLN F 285 -32.75 53.18 10.02
CA GLN F 285 -32.53 52.43 8.79
C GLN F 285 -32.37 50.94 9.10
N GLU F 286 -31.51 50.65 10.07
CA GLU F 286 -31.34 49.29 10.58
C GLU F 286 -32.66 48.79 11.18
N GLY F 287 -33.39 49.70 11.80
CA GLY F 287 -34.57 49.37 12.59
C GLY F 287 -34.17 49.25 14.03
N LEU F 288 -34.88 49.98 14.89
CA LEU F 288 -34.55 50.06 16.32
C LEU F 288 -34.57 48.69 17.03
N ASP F 289 -35.62 47.91 16.78
CA ASP F 289 -35.74 46.56 17.34
C ASP F 289 -34.55 45.68 16.96
N TYR F 290 -34.14 45.75 15.69
CA TYR F 290 -32.99 45.00 15.18
C TYR F 290 -31.68 45.41 15.87
N GLY F 291 -31.49 46.71 16.05
CA GLY F 291 -30.32 47.25 16.73
C GLY F 291 -30.20 46.80 18.17
N ILE F 292 -31.33 46.82 18.89
CA ILE F 292 -31.41 46.35 20.28
C ILE F 292 -31.07 44.85 20.37
N ALA F 293 -31.61 44.08 19.45
CA ALA F 293 -31.34 42.64 19.35
C ALA F 293 -29.88 42.35 18.97
N ARG F 294 -29.26 43.28 18.25
CA ARG F 294 -27.85 43.19 17.90
C ARG F 294 -26.97 43.45 19.13
N HIS F 295 -27.36 44.43 19.94
CA HIS F 295 -26.68 44.70 21.20
C HIS F 295 -26.79 43.52 22.18
N LYS F 296 -27.95 42.86 22.16
CA LYS F 296 -28.14 41.67 23.00
C LYS F 296 -27.28 40.50 22.54
N LEU F 297 -27.40 40.15 21.26
CA LEU F 297 -26.61 39.05 20.68
C LEU F 297 -25.13 39.13 21.05
N HIS F 298 -24.49 40.25 20.72
CA HIS F 298 -23.06 40.43 20.92
C HIS F 298 -22.67 40.62 22.39
N GLY F 299 -23.58 41.23 23.16
CA GLY F 299 -23.43 41.34 24.61
C GLY F 299 -23.47 39.97 25.27
N ASP F 300 -24.41 39.13 24.84
CA ASP F 300 -24.55 37.76 25.33
C ASP F 300 -23.32 36.91 25.00
N ALA F 301 -22.81 37.07 23.79
CA ALA F 301 -21.62 36.36 23.33
C ALA F 301 -20.41 36.67 24.21
N LEU F 302 -20.25 37.95 24.56
CA LEU F 302 -19.18 38.40 25.44
C LEU F 302 -19.27 37.74 26.82
N VAL F 303 -20.47 37.71 27.39
CA VAL F 303 -20.72 37.05 28.67
C VAL F 303 -20.23 35.61 28.62
N LYS F 304 -20.74 34.84 27.66
CA LYS F 304 -20.39 33.43 27.49
C LYS F 304 -18.88 33.19 27.43
N GLY F 305 -18.19 33.96 26.58
CA GLY F 305 -16.74 33.87 26.45
C GLY F 305 -16.00 34.08 27.76
N ILE F 306 -16.39 35.14 28.48
CA ILE F 306 -15.80 35.49 29.77
C ILE F 306 -16.03 34.42 30.84
N GLN F 307 -17.25 33.87 30.88
CA GLN F 307 -17.59 32.79 31.82
C GLN F 307 -16.77 31.53 31.56
N ALA F 308 -16.55 31.22 30.29
CA ALA F 308 -15.75 30.07 29.88
C ALA F 308 -14.25 30.29 30.09
N MET F 309 -13.86 31.54 30.26
CA MET F 309 -12.47 31.90 30.56
C MET F 309 -12.16 31.68 32.06
N GLY F 310 -13.16 31.23 32.80
CA GLY F 310 -13.03 31.00 34.24
C GLY F 310 -13.04 32.28 35.04
N LEU F 311 -13.74 33.29 34.51
CA LEU F 311 -13.83 34.60 35.17
C LEU F 311 -15.22 34.84 35.73
N GLU F 312 -15.28 35.51 36.87
CA GLU F 312 -16.55 35.85 37.51
C GLU F 312 -17.08 37.20 37.03
N THR F 313 -18.38 37.40 37.21
CA THR F 313 -19.05 38.60 36.72
C THR F 313 -19.68 39.42 37.84
N PHE F 314 -19.64 40.75 37.69
CA PHE F 314 -20.23 41.67 38.65
C PHE F 314 -21.69 41.97 38.34
N GLY F 315 -22.49 42.11 39.39
CA GLY F 315 -23.89 42.53 39.28
C GLY F 315 -24.88 41.39 39.08
N ASP F 316 -26.16 41.72 39.22
CA ASP F 316 -27.24 40.79 38.94
C ASP F 316 -27.42 40.70 37.43
N LEU F 317 -27.06 39.56 36.86
CA LEU F 317 -27.08 39.36 35.41
C LEU F 317 -28.47 39.45 34.79
N LYS F 318 -29.50 39.20 35.58
CA LYS F 318 -30.90 39.25 35.13
C LYS F 318 -31.31 40.64 34.61
N HIS F 319 -30.64 41.68 35.11
CA HIS F 319 -30.96 43.06 34.73
C HIS F 319 -29.78 43.77 34.06
N LYS F 320 -28.84 43.00 33.54
CA LYS F 320 -27.62 43.56 32.95
C LYS F 320 -27.91 44.29 31.64
N MET F 321 -27.26 45.45 31.47
CA MET F 321 -27.34 46.20 30.22
C MET F 321 -26.83 45.35 29.07
N ASN F 322 -27.52 45.43 27.94
CA ASN F 322 -27.10 44.72 26.73
C ASN F 322 -25.70 45.10 26.26
N ASN F 323 -25.28 46.31 26.60
CA ASN F 323 -24.07 46.92 26.02
C ASN F 323 -22.83 47.01 26.92
N VAL F 324 -22.93 46.59 28.17
CA VAL F 324 -21.76 46.63 29.08
C VAL F 324 -21.66 45.38 29.96
N LEU F 325 -20.44 45.03 30.36
CA LEU F 325 -20.20 43.88 31.22
C LEU F 325 -19.21 44.24 32.34
N GLY F 326 -19.54 43.82 33.56
CA GLY F 326 -18.61 43.90 34.67
C GLY F 326 -17.88 42.58 34.83
N VAL F 327 -16.56 42.61 34.62
CA VAL F 327 -15.72 41.43 34.74
C VAL F 327 -14.76 41.58 35.91
N VAL F 328 -14.85 40.65 36.86
CA VAL F 328 -14.06 40.70 38.10
C VAL F 328 -12.59 40.36 37.83
N ILE F 329 -11.70 41.18 38.38
CA ILE F 329 -10.25 40.98 38.26
C ILE F 329 -9.80 39.78 39.12
N PRO F 330 -9.07 38.83 38.51
CA PRO F 330 -8.90 37.45 39.01
C PRO F 330 -8.00 37.22 40.24
N GLN F 331 -7.50 38.29 40.86
CA GLN F 331 -6.68 38.18 42.08
C GLN F 331 -5.30 37.61 41.77
N GLY F 332 -4.27 38.44 41.96
CA GLY F 332 -2.91 38.10 41.56
C GLY F 332 -2.55 38.73 40.22
N ILE F 333 -3.53 39.39 39.61
CA ILE F 333 -3.32 40.13 38.36
C ILE F 333 -3.61 41.61 38.57
N ASN F 334 -2.65 42.46 38.23
CA ASN F 334 -2.82 43.90 38.29
C ASN F 334 -3.75 44.35 37.18
N GLY F 335 -4.90 44.89 37.57
CA GLY F 335 -5.93 45.33 36.62
C GLY F 335 -5.48 46.41 35.67
N ASP F 336 -4.75 47.39 36.19
CA ASP F 336 -4.19 48.49 35.40
C ASP F 336 -3.13 48.02 34.40
N GLN F 337 -2.46 46.92 34.72
CA GLN F 337 -1.41 46.35 33.88
C GLN F 337 -1.99 45.64 32.65
N ALA F 338 -3.12 44.94 32.85
CA ALA F 338 -3.83 44.29 31.74
C ALA F 338 -4.41 45.33 30.80
N ARG F 339 -4.87 46.46 31.35
CA ARG F 339 -5.35 47.59 30.56
C ARG F 339 -4.23 48.19 29.71
N LYS F 340 -3.03 48.30 30.28
CA LYS F 340 -1.88 48.82 29.57
C LYS F 340 -1.51 47.96 28.36
N LEU F 341 -1.44 46.65 28.56
CA LEU F 341 -1.09 45.71 27.50
C LEU F 341 -2.13 45.65 26.39
N MET F 342 -3.40 45.72 26.77
CA MET F 342 -4.51 45.73 25.81
C MET F 342 -4.49 46.98 24.92
N LEU F 343 -4.20 48.12 25.53
CA LEU F 343 -4.18 49.40 24.82
C LEU F 343 -2.93 49.57 23.97
N GLU F 344 -1.76 49.24 24.55
CA GLU F 344 -0.49 49.51 23.90
C GLU F 344 -0.03 48.39 22.95
N ASP F 345 -0.44 47.16 23.23
CA ASP F 345 0.00 46.01 22.42
C ASP F 345 -1.10 45.43 21.52
N PHE F 346 -2.37 45.71 21.84
CA PHE F 346 -3.49 45.24 21.03
C PHE F 346 -4.33 46.37 20.46
N GLY F 347 -4.15 47.58 21.00
CA GLY F 347 -4.91 48.75 20.57
C GLY F 347 -6.37 48.70 20.97
N ILE F 348 -6.67 47.94 22.03
CA ILE F 348 -8.03 47.80 22.52
C ILE F 348 -8.14 48.43 23.92
N GLU F 349 -9.07 49.37 24.05
CA GLU F 349 -9.34 49.97 25.35
C GLU F 349 -10.45 49.21 26.06
N ILE F 350 -10.14 48.67 27.23
CA ILE F 350 -11.17 48.16 28.15
C ILE F 350 -11.29 49.09 29.34
N GLY F 351 -12.50 49.19 29.89
CA GLY F 351 -12.79 50.15 30.93
C GLY F 351 -12.29 49.78 32.31
N THR F 352 -11.68 50.76 32.98
CA THR F 352 -11.42 50.65 34.41
C THR F 352 -12.68 51.05 35.18
N SER F 353 -12.75 50.66 36.44
CA SER F 353 -13.81 51.12 37.32
C SER F 353 -13.26 52.18 38.25
N PHE F 354 -14.09 53.16 38.61
CA PHE F 354 -13.69 54.24 39.50
C PHE F 354 -14.38 54.12 40.85
N GLY F 355 -13.68 54.48 41.92
CA GLY F 355 -14.23 54.44 43.26
C GLY F 355 -14.21 53.07 43.90
N PRO F 356 -15.39 52.58 44.37
CA PRO F 356 -15.50 51.37 45.17
C PRO F 356 -15.26 50.05 44.42
N LEU F 357 -14.93 50.14 43.13
CA LEU F 357 -14.64 48.95 42.34
C LEU F 357 -13.30 49.05 41.60
N HIS F 358 -12.55 50.12 41.87
CA HIS F 358 -11.25 50.34 41.26
C HIS F 358 -10.24 49.27 41.68
N GLY F 359 -9.65 48.61 40.68
CA GLY F 359 -8.73 47.51 40.90
C GLY F 359 -9.43 46.16 41.08
N LYS F 360 -10.77 46.20 41.05
CA LYS F 360 -11.57 45.00 41.30
C LYS F 360 -12.37 44.53 40.08
N VAL F 361 -12.83 45.49 39.27
CA VAL F 361 -13.74 45.19 38.15
C VAL F 361 -13.33 45.90 36.85
N TRP F 362 -13.34 45.15 35.75
CA TRP F 362 -13.21 45.71 34.40
C TRP F 362 -14.59 45.92 33.79
N ARG F 363 -14.71 46.95 32.96
CA ARG F 363 -15.94 47.19 32.22
C ARG F 363 -15.70 47.09 30.71
N ILE F 364 -16.25 46.05 30.11
CA ILE F 364 -16.12 45.84 28.67
C ILE F 364 -17.44 46.11 27.97
N GLY F 365 -17.44 47.14 27.13
CA GLY F 365 -18.63 47.53 26.37
C GLY F 365 -18.63 46.97 24.97
N THR F 366 -19.82 46.69 24.47
CA THR F 366 -20.03 46.28 23.08
C THR F 366 -21.17 47.12 22.51
N MET F 367 -20.87 48.39 22.25
CA MET F 367 -21.90 49.39 21.95
C MET F 367 -21.85 49.89 20.52
N GLY F 368 -22.99 50.40 20.06
CA GLY F 368 -23.13 51.04 18.75
C GLY F 368 -22.46 50.33 17.60
N TYR F 369 -21.49 51.02 17.00
CA TYR F 369 -20.72 50.50 15.88
C TYR F 369 -19.89 49.28 16.26
N ASN F 370 -19.44 49.23 17.50
CA ASN F 370 -18.60 48.13 17.98
C ASN F 370 -19.38 46.90 18.50
N ALA F 371 -20.70 46.95 18.38
CA ALA F 371 -21.52 45.79 18.68
C ALA F 371 -21.53 44.88 17.44
N ARG F 372 -20.40 44.20 17.24
CA ARG F 372 -20.21 43.29 16.12
C ARG F 372 -19.41 42.06 16.57
N LYS F 373 -19.62 40.96 15.86
CA LYS F 373 -18.93 39.69 16.13
C LYS F 373 -17.41 39.84 16.15
N ASP F 374 -16.87 40.54 15.14
CA ASP F 374 -15.43 40.73 15.01
C ASP F 374 -14.80 41.58 16.12
N CYS F 375 -15.61 42.43 16.75
CA CYS F 375 -15.18 43.18 17.91
C CYS F 375 -15.12 42.30 19.16
N VAL F 376 -16.16 41.49 19.36
CA VAL F 376 -16.24 40.56 20.50
C VAL F 376 -15.08 39.55 20.46
N MET F 377 -14.90 38.92 19.30
CA MET F 377 -13.85 37.93 19.07
C MET F 377 -12.44 38.46 19.35
N THR F 378 -12.10 39.57 18.72
CA THR F 378 -10.78 40.20 18.88
C THR F 378 -10.51 40.60 20.34
N THR F 379 -11.54 41.15 21.00
CA THR F 379 -11.45 41.54 22.41
C THR F 379 -11.25 40.33 23.33
N LEU F 380 -12.02 39.27 23.11
CA LEU F 380 -11.90 38.03 23.89
C LEU F 380 -10.52 37.41 23.75
N SER F 381 -10.08 37.22 22.49
CA SER F 381 -8.78 36.63 22.19
C SER F 381 -7.62 37.48 22.72
N ALA F 382 -7.78 38.80 22.68
CA ALA F 382 -6.79 39.72 23.23
C ALA F 382 -6.71 39.65 24.76
N LEU F 383 -7.86 39.60 25.41
CA LEU F 383 -7.93 39.53 26.88
C LEU F 383 -7.24 38.27 27.40
N GLU F 384 -7.58 37.12 26.82
CA GLU F 384 -7.05 35.84 27.26
C GLU F 384 -5.53 35.73 27.08
N ALA F 385 -5.06 36.19 25.92
CA ALA F 385 -3.62 36.23 25.63
C ALA F 385 -2.85 37.03 26.68
N VAL F 386 -3.45 38.12 27.15
CA VAL F 386 -2.85 38.98 28.18
C VAL F 386 -2.82 38.27 29.54
N LEU F 387 -3.93 37.61 29.90
CA LEU F 387 -4.01 36.86 31.14
C LEU F 387 -3.09 35.65 31.17
N ASN F 388 -2.99 34.96 30.03
CA ASN F 388 -2.05 33.84 29.87
C ASN F 388 -0.59 34.29 29.90
N TYR F 389 -0.37 35.57 29.59
CA TYR F 389 0.95 36.18 29.63
C TYR F 389 1.26 36.67 31.04
N LEU F 390 0.20 37.09 31.75
CA LEU F 390 0.30 37.49 33.15
C LEU F 390 0.18 36.30 34.11
N LYS F 391 0.37 35.10 33.56
CA LYS F 391 0.43 33.84 34.32
C LYS F 391 -0.91 33.41 34.95
N PHE F 392 -2.01 33.82 34.34
CA PHE F 392 -3.34 33.36 34.75
C PHE F 392 -3.77 32.21 33.83
N PRO F 393 -3.95 31.01 34.41
CA PRO F 393 -4.32 29.82 33.63
C PRO F 393 -5.75 29.85 33.12
N THR F 394 -5.94 29.35 31.92
CA THR F 394 -7.26 29.17 31.32
C THR F 394 -7.26 27.86 30.55
N THR F 395 -8.43 27.23 30.42
CA THR F 395 -8.57 26.04 29.60
C THR F 395 -8.44 26.44 28.13
N GLN F 396 -7.46 25.85 27.45
CA GLN F 396 -7.13 26.23 26.08
C GLN F 396 -8.29 26.00 25.11
N GLY F 397 -8.83 27.10 24.59
CA GLY F 397 -9.89 27.05 23.59
C GLY F 397 -11.30 27.25 24.13
N ALA F 398 -11.47 27.10 25.44
CA ALA F 398 -12.79 27.13 26.08
C ALA F 398 -13.56 28.43 25.85
N ALA F 399 -12.87 29.56 26.02
CA ALA F 399 -13.49 30.89 25.92
C ALA F 399 -14.02 31.19 24.53
N MET F 400 -13.20 30.92 23.52
CA MET F 400 -13.57 31.18 22.13
C MET F 400 -14.63 30.19 21.63
N GLN F 401 -14.52 28.93 22.07
CA GLN F 401 -15.47 27.88 21.73
C GLN F 401 -16.90 28.26 22.13
N ALA F 402 -17.06 28.74 23.36
CA ALA F 402 -18.37 29.17 23.87
C ALA F 402 -18.94 30.33 23.06
N ALA F 403 -18.09 31.29 22.72
CA ALA F 403 -18.47 32.39 21.84
C ALA F 403 -18.86 31.88 20.47
N TRP F 404 -18.04 30.98 19.92
CA TRP F 404 -18.36 30.31 18.66
C TRP F 404 -19.63 29.46 18.76
N ASP F 405 -19.80 28.76 19.89
CA ASP F 405 -21.00 27.96 20.14
C ASP F 405 -22.26 28.82 20.17
N HIS F 406 -22.18 29.99 20.82
CA HIS F 406 -23.31 30.91 20.91
C HIS F 406 -23.71 31.50 19.56
N TYR F 407 -22.72 31.90 18.77
CA TYR F 407 -22.97 32.51 17.46
C TYR F 407 -23.55 31.55 16.43
N ARG F 408 -23.17 30.28 16.52
CA ARG F 408 -23.68 29.24 15.63
C ARG F 408 -25.12 28.84 15.98
N SER F 409 -25.39 28.74 17.28
CA SER F 409 -26.76 28.45 17.76
C SER F 409 -27.72 29.57 17.38
N GLU F 410 -27.26 30.81 17.51
CA GLU F 410 -28.05 31.99 17.19
C GLU F 410 -28.34 32.11 15.69
N ARG F 411 -27.40 31.65 14.86
CA ARG F 411 -27.54 31.72 13.41
C ARG F 411 -28.31 30.53 12.86
N ASP G 2 13.86 70.44 3.06
CA ASP G 2 13.04 70.73 4.27
C ASP G 2 11.64 70.16 4.12
N ILE G 3 11.45 68.97 4.70
CA ILE G 3 10.16 68.26 4.66
C ILE G 3 9.04 69.06 5.36
N THR G 4 9.44 69.88 6.33
CA THR G 4 8.51 70.67 7.15
C THR G 4 7.80 71.81 6.39
N GLN G 5 8.33 72.21 5.24
CA GLN G 5 7.66 73.24 4.43
C GLN G 5 6.59 72.65 3.52
N PHE G 6 6.57 71.32 3.43
CA PHE G 6 5.51 70.61 2.74
C PHE G 6 4.33 70.45 3.70
N SER G 7 3.38 71.37 3.60
CA SER G 7 2.26 71.47 4.54
C SER G 7 1.13 70.51 4.18
N GLN G 8 0.05 70.53 4.98
CA GLN G 8 -1.10 69.68 4.70
C GLN G 8 -1.87 70.21 3.50
N LEU G 9 -2.50 69.29 2.76
CA LEU G 9 -3.20 69.62 1.54
C LEU G 9 -4.23 70.73 1.77
N ASN G 10 -4.03 71.85 1.08
CA ASN G 10 -4.87 73.03 1.23
C ASN G 10 -5.02 73.77 -0.10
N PRO G 11 -5.87 73.25 -1.00
CA PRO G 11 -6.09 73.94 -2.27
C PRO G 11 -7.07 75.10 -2.11
N PRO G 12 -6.83 76.22 -2.82
CA PRO G 12 -7.71 77.37 -2.72
C PRO G 12 -9.10 77.09 -3.30
N SER G 13 -10.13 77.70 -2.72
CA SER G 13 -11.50 77.55 -3.19
C SER G 13 -11.65 78.18 -4.57
N ARG G 14 -12.20 77.40 -5.51
CA ARG G 14 -12.34 77.83 -6.90
C ARG G 14 -13.70 77.43 -7.46
N LEU G 15 -14.30 78.35 -8.23
CA LEU G 15 -15.47 78.03 -9.02
C LEU G 15 -15.00 77.66 -10.43
N LEU G 16 -15.15 76.39 -10.78
CA LEU G 16 -14.62 75.89 -12.04
C LEU G 16 -15.67 75.93 -13.15
N MET G 17 -15.61 76.99 -13.95
CA MET G 17 -16.57 77.23 -15.03
C MET G 17 -15.87 77.24 -16.38
N GLY G 18 -14.94 76.29 -16.56
CA GLY G 18 -14.17 76.18 -17.80
C GLY G 18 -14.55 74.94 -18.59
N PRO G 19 -13.60 74.39 -19.37
CA PRO G 19 -13.87 73.23 -20.21
C PRO G 19 -13.67 71.90 -19.47
N GLY G 20 -13.63 71.96 -18.13
CA GLY G 20 -13.28 70.80 -17.31
C GLY G 20 -11.80 70.86 -16.95
N PRO G 21 -11.42 70.28 -15.79
CA PRO G 21 -12.27 69.59 -14.82
C PRO G 21 -13.05 70.57 -13.97
N ILE G 22 -14.24 70.16 -13.51
CA ILE G 22 -15.05 71.05 -12.69
C ILE G 22 -15.18 70.55 -11.25
N ASN G 23 -15.69 71.41 -10.36
CA ASN G 23 -15.85 71.07 -8.94
C ASN G 23 -16.65 69.78 -8.75
N ALA G 24 -16.17 68.93 -7.86
CA ALA G 24 -16.86 67.69 -7.54
C ALA G 24 -18.04 67.96 -6.62
N ASP G 25 -19.06 67.10 -6.73
CA ASP G 25 -20.17 67.09 -5.79
C ASP G 25 -19.61 66.70 -4.41
N PRO G 26 -19.96 67.48 -3.37
CA PRO G 26 -19.45 67.22 -2.02
C PRO G 26 -19.73 65.81 -1.49
N ARG G 27 -20.80 65.16 -1.95
CA ARG G 27 -21.07 63.78 -1.57
C ARG G 27 -20.02 62.82 -2.11
N VAL G 28 -19.60 63.04 -3.35
CA VAL G 28 -18.59 62.21 -4.02
C VAL G 28 -17.24 62.25 -3.28
N LEU G 29 -16.80 63.47 -2.92
CA LEU G 29 -15.57 63.65 -2.15
C LEU G 29 -15.63 62.98 -0.78
N ARG G 30 -16.83 62.89 -0.21
CA ARG G 30 -17.01 62.24 1.08
C ARG G 30 -16.95 60.73 0.97
N ALA G 31 -17.39 60.19 -0.16
CA ALA G 31 -17.31 58.75 -0.42
C ALA G 31 -15.87 58.29 -0.60
N MET G 32 -15.00 59.21 -1.01
CA MET G 32 -13.59 58.91 -1.28
C MET G 32 -12.72 58.82 -0.02
N SER G 33 -13.14 59.51 1.04
CA SER G 33 -12.44 59.46 2.33
C SER G 33 -12.69 58.14 3.05
N SER G 34 -13.59 57.33 2.50
CA SER G 34 -14.01 56.07 3.09
C SER G 34 -12.90 55.01 3.12
N GLN G 35 -12.96 54.15 4.14
CA GLN G 35 -11.97 53.10 4.36
C GLN G 35 -12.03 52.02 3.29
N LEU G 36 -10.89 51.38 3.05
CA LEU G 36 -10.77 50.37 1.99
C LEU G 36 -11.20 48.99 2.49
N ILE G 37 -11.36 48.06 1.54
CA ILE G 37 -11.51 46.64 1.84
C ILE G 37 -10.62 45.81 0.90
N GLY G 38 -10.60 44.49 1.11
CA GLY G 38 -9.82 43.59 0.27
C GLY G 38 -10.34 43.50 -1.14
N GLN G 39 -9.43 43.18 -2.07
CA GLN G 39 -9.75 43.08 -3.50
C GLN G 39 -10.92 42.12 -3.79
N TYR G 40 -10.96 41.00 -3.08
CA TYR G 40 -11.99 39.98 -3.29
C TYR G 40 -12.93 39.81 -2.10
N ASP G 41 -13.13 40.90 -1.35
CA ASP G 41 -14.09 40.93 -0.26
C ASP G 41 -15.50 40.99 -0.86
N PRO G 42 -16.46 40.21 -0.30
CA PRO G 42 -17.84 40.22 -0.78
C PRO G 42 -18.47 41.62 -0.91
N ALA G 43 -17.98 42.58 -0.14
CA ALA G 43 -18.42 43.96 -0.24
C ALA G 43 -17.88 44.62 -1.52
N MET G 44 -16.60 44.39 -1.81
CA MET G 44 -15.95 44.97 -2.98
C MET G 44 -16.57 44.48 -4.29
N THR G 45 -16.79 43.17 -4.39
CA THR G 45 -17.37 42.57 -5.60
C THR G 45 -18.84 42.95 -5.76
N HIS G 46 -19.53 43.15 -4.65
CA HIS G 46 -20.93 43.60 -4.69
C HIS G 46 -21.04 45.06 -5.12
N TYR G 47 -20.11 45.89 -4.64
CA TYR G 47 -20.06 47.29 -5.06
C TYR G 47 -19.72 47.41 -6.55
N MET G 48 -18.91 46.48 -7.06
CA MET G 48 -18.60 46.40 -8.48
C MET G 48 -19.85 46.06 -9.30
N ASN G 49 -20.65 45.11 -8.81
CA ASN G 49 -21.90 44.72 -9.46
C ASN G 49 -22.96 45.83 -9.40
N GLU G 50 -22.93 46.61 -8.31
CA GLU G 50 -23.78 47.79 -8.19
C GLU G 50 -23.40 48.86 -9.20
N VAL G 51 -22.09 49.07 -9.38
CA VAL G 51 -21.56 50.02 -10.35
C VAL G 51 -21.96 49.67 -11.78
N MET G 52 -21.91 48.38 -12.10
CA MET G 52 -22.36 47.89 -13.40
C MET G 52 -23.84 48.21 -13.62
N ALA G 53 -24.67 47.88 -12.64
CA ALA G 53 -26.10 48.21 -12.69
C ALA G 53 -26.35 49.70 -12.82
N LEU G 54 -25.62 50.50 -12.04
CA LEU G 54 -25.80 51.96 -12.02
C LEU G 54 -25.49 52.66 -13.35
N TYR G 55 -24.35 52.34 -13.95
CA TYR G 55 -23.95 53.00 -15.20
C TYR G 55 -24.75 52.56 -16.42
N ARG G 56 -25.42 51.41 -16.32
CA ARG G 56 -26.40 50.99 -17.32
C ARG G 56 -27.56 51.99 -17.36
N GLY G 57 -27.93 52.51 -16.20
CA GLY G 57 -28.95 53.53 -16.07
C GLY G 57 -28.48 54.87 -16.63
N VAL G 58 -27.21 55.19 -16.41
CA VAL G 58 -26.61 56.44 -16.90
C VAL G 58 -26.45 56.41 -18.43
N PHE G 59 -25.95 55.29 -18.95
CA PHE G 59 -25.77 55.12 -20.39
C PHE G 59 -27.08 54.92 -21.14
N ARG G 60 -28.13 54.50 -20.43
CA ARG G 60 -29.39 54.03 -21.01
C ARG G 60 -29.11 52.80 -21.89
N THR G 61 -28.71 51.72 -21.22
CA THR G 61 -28.33 50.48 -21.89
C THR G 61 -28.65 49.25 -21.04
N GLU G 62 -28.68 48.09 -21.70
CA GLU G 62 -28.89 46.82 -21.00
C GLU G 62 -27.67 45.92 -21.18
N ASN G 63 -26.60 46.50 -21.72
CA ASN G 63 -25.36 45.78 -21.95
C ASN G 63 -24.81 45.18 -20.68
N ARG G 64 -24.72 43.85 -20.66
CA ARG G 64 -24.07 43.10 -19.61
C ARG G 64 -22.75 43.77 -19.22
N TRP G 65 -21.91 44.03 -20.23
CA TRP G 65 -20.58 44.57 -20.00
C TRP G 65 -20.54 46.09 -20.02
N THR G 66 -21.03 46.66 -18.93
CA THR G 66 -20.91 48.06 -18.62
C THR G 66 -20.07 48.12 -17.34
N MET G 67 -18.92 48.77 -17.41
CA MET G 67 -17.94 48.75 -16.30
C MET G 67 -17.00 49.96 -16.31
N LEU G 68 -15.96 49.92 -15.47
CA LEU G 68 -15.01 51.02 -15.36
C LEU G 68 -13.63 50.66 -15.89
N VAL G 69 -12.98 51.64 -16.52
CA VAL G 69 -11.57 51.56 -16.87
C VAL G 69 -10.78 52.48 -15.94
N ASP G 70 -9.79 51.91 -15.25
CA ASP G 70 -9.00 52.67 -14.28
C ASP G 70 -7.93 53.52 -14.97
N GLY G 71 -8.25 54.80 -15.12
CA GLY G 71 -7.39 55.77 -15.81
C GLY G 71 -8.25 56.92 -16.29
N THR G 72 -7.62 57.98 -16.79
CA THR G 72 -8.38 59.15 -17.25
C THR G 72 -9.22 58.79 -18.49
N SER G 73 -10.11 59.69 -18.90
CA SER G 73 -11.07 59.43 -19.97
C SER G 73 -10.46 58.76 -21.20
N ARG G 74 -9.34 59.31 -21.69
CA ARG G 74 -8.69 58.83 -22.91
C ARG G 74 -8.02 57.45 -22.74
N ALA G 75 -8.06 56.91 -21.53
CA ALA G 75 -7.59 55.55 -21.26
C ALA G 75 -8.68 54.55 -21.61
N GLY G 76 -9.91 54.87 -21.23
CA GLY G 76 -11.08 54.06 -21.61
C GLY G 76 -11.38 54.14 -23.09
N ILE G 77 -11.06 55.27 -23.70
CA ILE G 77 -11.10 55.42 -25.15
C ILE G 77 -10.05 54.50 -25.78
N GLU G 78 -8.84 54.51 -25.24
CA GLU G 78 -7.76 53.68 -25.76
C GLU G 78 -8.05 52.19 -25.55
N ALA G 79 -8.42 51.81 -24.33
CA ALA G 79 -8.79 50.43 -24.00
C ALA G 79 -9.77 49.82 -24.99
N ILE G 80 -10.79 50.58 -25.36
CA ILE G 80 -11.79 50.15 -26.35
C ILE G 80 -11.15 49.99 -27.72
N LEU G 81 -10.36 50.99 -28.14
CA LEU G 81 -9.74 50.98 -29.47
C LEU G 81 -8.68 49.90 -29.62
N VAL G 82 -7.85 49.70 -28.59
CA VAL G 82 -6.83 48.63 -28.63
C VAL G 82 -7.49 47.26 -28.69
N SER G 83 -8.64 47.11 -28.03
CA SER G 83 -9.37 45.84 -27.98
C SER G 83 -10.22 45.59 -29.22
N ALA G 84 -10.55 46.65 -29.95
CA ALA G 84 -11.41 46.54 -31.12
C ALA G 84 -10.65 46.52 -32.44
N ILE G 85 -9.49 47.15 -32.47
CA ILE G 85 -8.72 47.33 -33.71
C ILE G 85 -7.56 46.34 -33.84
N ARG G 86 -7.66 45.45 -34.83
CA ARG G 86 -6.53 44.62 -35.24
C ARG G 86 -5.63 45.45 -36.16
N PRO G 87 -4.31 45.24 -36.10
CA PRO G 87 -3.42 46.00 -36.98
C PRO G 87 -3.80 45.85 -38.45
N GLY G 88 -4.13 46.96 -39.09
CA GLY G 88 -4.53 46.95 -40.49
C GLY G 88 -5.98 47.38 -40.73
N ASP G 89 -6.83 47.20 -39.73
CA ASP G 89 -8.25 47.58 -39.81
C ASP G 89 -8.43 49.01 -40.27
N LYS G 90 -9.46 49.25 -41.08
CA LYS G 90 -9.81 50.61 -41.52
C LYS G 90 -10.72 51.29 -40.50
N VAL G 91 -10.56 52.61 -40.39
CA VAL G 91 -11.30 53.39 -39.40
C VAL G 91 -11.77 54.73 -39.98
N LEU G 92 -13.01 55.09 -39.70
CA LEU G 92 -13.54 56.41 -40.08
C LEU G 92 -13.77 57.28 -38.85
N VAL G 93 -13.10 58.43 -38.82
CA VAL G 93 -13.26 59.42 -37.77
C VAL G 93 -13.82 60.72 -38.35
N PRO G 94 -15.10 61.02 -38.06
CA PRO G 94 -15.62 62.36 -38.35
C PRO G 94 -15.03 63.38 -37.38
N VAL G 95 -14.07 64.16 -37.87
CA VAL G 95 -13.37 65.16 -37.05
C VAL G 95 -14.01 66.55 -37.21
N PHE G 96 -14.50 67.10 -36.10
CA PHE G 96 -15.04 68.46 -36.08
C PHE G 96 -14.46 69.30 -34.93
N GLY G 97 -13.41 68.79 -34.31
CA GLY G 97 -12.74 69.51 -33.22
C GLY G 97 -11.45 68.84 -32.77
N ARG G 98 -10.89 69.34 -31.67
CA ARG G 98 -9.62 68.87 -31.13
C ARG G 98 -9.61 67.38 -30.79
N PHE G 99 -10.76 66.86 -30.34
CA PHE G 99 -10.84 65.49 -29.87
C PHE G 99 -11.07 64.45 -30.96
N GLY G 100 -11.42 64.92 -32.16
CA GLY G 100 -11.44 64.06 -33.34
C GLY G 100 -10.03 63.68 -33.72
N HIS G 101 -9.09 64.59 -33.49
CA HIS G 101 -7.67 64.37 -33.71
C HIS G 101 -7.08 63.38 -32.70
N LEU G 102 -7.61 63.37 -31.48
CA LEU G 102 -7.16 62.42 -30.46
C LEU G 102 -7.49 60.99 -30.87
N LEU G 103 -8.76 60.77 -31.26
CA LEU G 103 -9.20 59.47 -31.76
C LEU G 103 -8.33 58.98 -32.91
N CYS G 104 -7.86 59.94 -33.74
CA CYS G 104 -6.95 59.63 -34.84
C CYS G 104 -5.61 59.10 -34.35
N GLU G 105 -5.04 59.77 -33.35
CA GLU G 105 -3.77 59.33 -32.77
C GLU G 105 -3.87 57.96 -32.10
N ILE G 106 -4.89 57.79 -31.25
CA ILE G 106 -5.12 56.51 -30.58
C ILE G 106 -5.27 55.38 -31.59
N ALA G 107 -6.01 55.62 -32.67
CA ALA G 107 -6.19 54.63 -33.75
C ALA G 107 -4.89 54.36 -34.51
N ARG G 108 -4.04 55.38 -34.66
CA ARG G 108 -2.74 55.20 -35.32
C ARG G 108 -1.81 54.33 -34.48
N ARG G 109 -1.78 54.60 -33.17
CA ARG G 109 -0.96 53.84 -32.22
C ARG G 109 -1.48 52.41 -32.07
N CYS G 110 -2.77 52.22 -32.40
CA CYS G 110 -3.37 50.89 -32.47
C CYS G 110 -3.02 50.16 -33.77
N ARG G 111 -2.45 50.91 -34.71
CA ARG G 111 -1.96 50.41 -36.01
C ARG G 111 -3.01 50.31 -37.12
N ALA G 112 -4.11 51.04 -36.95
CA ALA G 112 -5.18 51.09 -37.94
C ALA G 112 -4.80 51.97 -39.13
N GLU G 113 -5.45 51.74 -40.27
CA GLU G 113 -5.46 52.71 -41.35
C GLU G 113 -6.55 53.72 -41.02
N VAL G 114 -6.15 54.98 -40.83
CA VAL G 114 -7.07 56.01 -40.38
C VAL G 114 -7.54 56.88 -41.54
N HIS G 115 -8.83 56.79 -41.83
CA HIS G 115 -9.49 57.68 -42.76
C HIS G 115 -10.22 58.74 -41.96
N THR G 116 -10.26 59.96 -42.48
CA THR G 116 -10.93 61.07 -41.81
C THR G 116 -11.82 61.87 -42.76
N ILE G 117 -12.84 62.50 -42.18
CA ILE G 117 -13.58 63.55 -42.87
C ILE G 117 -13.61 64.78 -41.96
N GLU G 118 -13.85 65.95 -42.55
CA GLU G 118 -13.77 67.21 -41.81
C GLU G 118 -14.91 68.18 -42.10
N VAL G 119 -15.26 68.94 -41.06
CA VAL G 119 -16.05 70.16 -41.18
C VAL G 119 -15.29 71.21 -40.36
N PRO G 120 -15.53 72.51 -40.62
CA PRO G 120 -14.78 73.49 -39.84
C PRO G 120 -15.27 73.62 -38.40
N TRP G 121 -14.36 73.96 -37.48
CA TRP G 121 -14.72 74.38 -36.13
C TRP G 121 -15.55 75.66 -36.28
N GLY G 122 -16.74 75.72 -35.69
CA GLY G 122 -17.36 74.59 -34.99
C GLY G 122 -18.66 74.27 -35.68
N GLU G 123 -18.60 73.33 -36.62
CA GLU G 123 -19.77 72.88 -37.35
C GLU G 123 -20.04 71.40 -37.09
N VAL G 124 -21.18 70.91 -37.57
CA VAL G 124 -21.63 69.54 -37.32
C VAL G 124 -21.80 68.75 -38.62
N PHE G 125 -21.78 67.42 -38.51
CA PHE G 125 -21.99 66.53 -39.64
C PHE G 125 -23.46 66.18 -39.85
N THR G 126 -23.91 66.29 -41.10
CA THR G 126 -25.16 65.70 -41.54
C THR G 126 -24.92 64.18 -41.65
N PRO G 127 -25.94 63.36 -41.31
CA PRO G 127 -25.85 61.92 -41.50
C PRO G 127 -25.42 61.52 -42.92
N ASP G 128 -25.77 62.34 -43.91
CA ASP G 128 -25.42 62.11 -45.31
C ASP G 128 -23.91 62.15 -45.54
N GLN G 129 -23.23 63.05 -44.85
CA GLN G 129 -21.78 63.20 -44.98
C GLN G 129 -21.02 61.98 -44.45
N VAL G 130 -21.52 61.39 -43.36
CA VAL G 130 -20.87 60.21 -42.79
C VAL G 130 -21.22 58.93 -43.56
N GLU G 131 -22.41 58.88 -44.15
CA GLU G 131 -22.83 57.72 -44.93
C GLU G 131 -22.11 57.64 -46.27
N ASP G 132 -21.90 58.81 -46.89
CA ASP G 132 -21.10 58.91 -48.13
C ASP G 132 -19.68 58.41 -47.94
N ALA G 133 -19.07 58.79 -46.81
CA ALA G 133 -17.71 58.37 -46.48
C ALA G 133 -17.63 56.88 -46.18
N VAL G 134 -18.57 56.38 -45.37
CA VAL G 134 -18.70 54.95 -45.08
C VAL G 134 -18.83 54.14 -46.36
N LYS G 135 -19.66 54.64 -47.29
CA LYS G 135 -19.79 54.05 -48.62
C LYS G 135 -18.46 54.05 -49.37
N ARG G 136 -17.73 55.16 -49.26
CA ARG G 136 -16.46 55.32 -49.96
C ARG G 136 -15.33 54.44 -49.42
N ILE G 137 -15.19 54.36 -48.10
CA ILE G 137 -14.05 53.64 -47.51
C ILE G 137 -14.37 52.28 -46.86
N ARG G 138 -15.64 52.02 -46.59
CA ARG G 138 -16.09 50.79 -45.91
C ARG G 138 -15.25 50.48 -44.65
N PRO G 139 -15.42 51.29 -43.59
CA PRO G 139 -14.60 51.10 -42.40
C PRO G 139 -15.15 49.98 -41.51
N ARG G 140 -14.28 49.40 -40.71
CA ARG G 140 -14.72 48.42 -39.70
C ARG G 140 -15.34 49.16 -38.52
N LEU G 141 -14.85 50.38 -38.27
CA LEU G 141 -15.28 51.19 -37.14
C LEU G 141 -15.65 52.60 -37.57
N LEU G 142 -16.69 53.15 -36.95
CA LEU G 142 -16.93 54.58 -36.98
C LEU G 142 -16.55 55.14 -35.61
N LEU G 143 -15.67 56.13 -35.61
CA LEU G 143 -15.16 56.71 -34.36
C LEU G 143 -15.53 58.18 -34.26
N THR G 144 -16.50 58.49 -33.42
CA THR G 144 -17.02 59.85 -33.29
C THR G 144 -16.84 60.41 -31.88
N VAL G 145 -16.72 61.73 -31.81
CA VAL G 145 -16.87 62.46 -30.56
C VAL G 145 -18.30 62.99 -30.56
N GLN G 146 -19.04 62.79 -29.47
CA GLN G 146 -20.39 63.35 -29.37
C GLN G 146 -20.32 64.85 -29.11
N GLY G 147 -19.75 65.23 -27.97
CA GLY G 147 -19.55 66.64 -27.63
C GLY G 147 -18.08 66.96 -27.53
N ASP G 148 -17.62 67.87 -28.37
CA ASP G 148 -16.24 68.33 -28.35
C ASP G 148 -16.13 69.65 -27.60
N THR G 149 -15.33 69.67 -26.54
CA THR G 149 -15.20 70.85 -25.69
C THR G 149 -14.26 71.92 -26.23
N SER G 150 -13.66 71.65 -27.39
CA SER G 150 -12.82 72.65 -28.03
C SER G 150 -13.63 73.50 -29.02
N THR G 151 -14.85 73.06 -29.29
CA THR G 151 -15.74 73.75 -30.23
C THR G 151 -17.12 74.03 -29.63
N THR G 152 -17.41 73.38 -28.50
CA THR G 152 -18.72 73.42 -27.81
C THR G 152 -19.84 72.74 -28.60
N MET G 153 -19.47 72.06 -29.68
CA MET G 153 -20.44 71.49 -30.62
C MET G 153 -20.84 70.05 -30.28
N LEU G 154 -22.13 69.79 -30.42
CA LEU G 154 -22.71 68.49 -30.12
C LEU G 154 -23.10 67.79 -31.42
N GLN G 155 -22.39 66.71 -31.74
CA GLN G 155 -22.66 65.92 -32.94
C GLN G 155 -23.91 65.05 -32.74
N PRO G 156 -24.90 65.17 -33.65
CA PRO G 156 -26.06 64.27 -33.66
C PRO G 156 -25.64 62.84 -33.97
N LEU G 157 -26.09 61.91 -33.13
CA LEU G 157 -25.70 60.51 -33.19
C LEU G 157 -26.87 59.56 -33.46
N ALA G 158 -28.09 60.08 -33.33
CA ALA G 158 -29.31 59.27 -33.42
C ALA G 158 -29.51 58.64 -34.80
N GLU G 159 -29.28 59.42 -35.85
CA GLU G 159 -29.45 58.94 -37.23
C GLU G 159 -28.27 58.09 -37.71
N LEU G 160 -27.14 58.23 -37.02
CA LEU G 160 -25.89 57.55 -37.41
C LEU G 160 -25.85 56.04 -37.18
N GLY G 161 -26.47 55.59 -36.09
CA GLY G 161 -26.44 54.17 -35.70
C GLY G 161 -27.10 53.23 -36.70
N GLU G 162 -28.22 53.67 -37.27
CA GLU G 162 -28.92 52.90 -38.29
C GLU G 162 -28.16 52.82 -39.61
N ILE G 163 -27.37 53.86 -39.89
CA ILE G 163 -26.45 53.86 -41.03
C ILE G 163 -25.35 52.81 -40.83
N CYS G 164 -24.85 52.72 -39.60
CA CYS G 164 -23.80 51.77 -39.24
C CYS G 164 -24.25 50.30 -39.32
N ARG G 165 -25.50 50.05 -38.93
CA ARG G 165 -26.07 48.71 -39.00
C ARG G 165 -26.24 48.24 -40.44
N ARG G 166 -26.68 49.15 -41.32
CA ARG G 166 -26.93 48.85 -42.73
C ARG G 166 -25.67 48.47 -43.51
N TYR G 167 -24.52 49.01 -43.09
CA TYR G 167 -23.25 48.75 -43.77
C TYR G 167 -22.29 47.92 -42.93
N ASP G 168 -22.83 47.30 -41.87
CA ASP G 168 -22.08 46.41 -40.98
C ASP G 168 -20.84 47.10 -40.40
N ALA G 169 -21.06 48.19 -39.68
CA ALA G 169 -19.97 48.96 -39.05
C ALA G 169 -20.18 49.06 -37.54
N LEU G 170 -19.08 48.86 -36.80
CA LEU G 170 -19.09 49.02 -35.35
C LEU G 170 -19.05 50.49 -34.98
N PHE G 171 -20.09 50.95 -34.28
CA PHE G 171 -20.29 52.37 -33.98
C PHE G 171 -19.77 52.75 -32.60
N TYR G 172 -18.73 53.59 -32.57
CA TYR G 172 -18.17 54.08 -31.32
C TYR G 172 -18.32 55.61 -31.17
N THR G 173 -18.64 56.04 -29.94
CA THR G 173 -18.63 57.46 -29.60
C THR G 173 -17.91 57.77 -28.29
N ASP G 174 -17.34 58.96 -28.22
CA ASP G 174 -16.71 59.46 -26.99
C ASP G 174 -17.61 60.52 -26.35
N ALA G 175 -18.11 60.22 -25.16
CA ALA G 175 -19.09 61.08 -24.49
C ALA G 175 -18.65 61.64 -23.13
N THR G 176 -17.35 61.80 -22.93
CA THR G 176 -16.85 62.30 -21.63
C THR G 176 -17.36 63.71 -21.32
N ALA G 177 -17.51 64.51 -22.37
CA ALA G 177 -17.98 65.89 -22.23
C ALA G 177 -19.50 65.99 -22.11
N SER G 178 -20.22 65.06 -22.72
CA SER G 178 -21.67 65.17 -22.87
C SER G 178 -22.51 64.37 -21.87
N LEU G 179 -22.11 63.13 -21.60
CA LEU G 179 -22.88 62.20 -20.75
C LEU G 179 -23.35 62.84 -19.45
N GLY G 180 -24.66 62.70 -19.17
CA GLY G 180 -25.28 63.31 -17.99
C GLY G 180 -25.83 64.69 -18.27
N GLY G 181 -25.11 65.47 -19.06
CA GLY G 181 -25.52 66.83 -19.40
C GLY G 181 -26.32 66.95 -20.68
N ASN G 182 -26.18 65.93 -21.53
CA ASN G 182 -26.88 65.87 -22.82
C ASN G 182 -27.45 64.47 -23.04
N PRO G 183 -28.43 64.32 -23.96
CA PRO G 183 -29.00 62.99 -24.21
C PRO G 183 -28.03 62.02 -24.89
N LEU G 184 -28.03 60.78 -24.39
CA LEU G 184 -27.30 59.68 -25.02
C LEU G 184 -28.08 58.38 -24.85
N GLU G 185 -28.65 57.90 -25.94
CA GLU G 185 -29.41 56.65 -25.94
C GLU G 185 -28.57 55.52 -26.52
N THR G 186 -27.78 54.86 -25.67
CA THR G 186 -26.84 53.85 -26.10
C THR G 186 -27.48 52.74 -26.94
N ASP G 187 -28.42 52.00 -26.34
CA ASP G 187 -29.09 50.88 -27.02
C ASP G 187 -30.02 51.35 -28.14
N VAL G 188 -30.76 52.43 -27.89
CA VAL G 188 -31.72 52.96 -28.86
C VAL G 188 -31.06 53.55 -30.11
N TRP G 189 -29.84 54.03 -29.98
CA TRP G 189 -29.09 54.59 -31.11
C TRP G 189 -28.11 53.61 -31.75
N GLY G 190 -28.16 52.35 -31.32
CA GLY G 190 -27.32 51.30 -31.90
C GLY G 190 -25.82 51.48 -31.69
N LEU G 191 -25.46 52.08 -30.56
CA LEU G 191 -24.06 52.23 -30.18
C LEU G 191 -23.48 50.90 -29.75
N ASP G 192 -22.28 50.59 -30.27
CA ASP G 192 -21.60 49.34 -29.93
C ASP G 192 -20.61 49.52 -28.79
N ALA G 193 -20.03 50.71 -28.70
CA ALA G 193 -19.11 51.05 -27.62
C ALA G 193 -19.21 52.52 -27.25
N VAL G 194 -19.23 52.79 -25.94
CA VAL G 194 -19.19 54.16 -25.42
C VAL G 194 -18.20 54.23 -24.27
N SER G 195 -17.41 55.30 -24.24
CA SER G 195 -16.54 55.60 -23.10
C SER G 195 -16.79 57.03 -22.61
N ALA G 196 -16.55 57.26 -21.32
CA ALA G 196 -16.79 58.57 -20.72
C ALA G 196 -15.68 59.00 -19.76
N GLY G 197 -15.97 60.05 -18.99
CA GLY G 197 -15.08 60.55 -17.96
C GLY G 197 -15.86 61.01 -16.75
N MET G 198 -15.15 61.43 -15.71
CA MET G 198 -15.79 61.81 -14.45
C MET G 198 -15.89 63.32 -14.26
N GLN G 199 -14.95 64.05 -14.86
CA GLN G 199 -14.73 65.46 -14.53
C GLN G 199 -15.48 66.49 -15.40
N1 LLP G 200 -12.75 63.61 -24.40
C2 LLP G 200 -13.55 64.68 -24.59
C2' LLP G 200 -14.53 64.65 -25.70
C3 LLP G 200 -13.47 65.80 -23.75
O3 LLP G 200 -14.27 66.86 -23.94
C4 LLP G 200 -12.55 65.79 -22.70
C4' LLP G 200 -12.40 66.99 -21.79
C5 LLP G 200 -11.73 64.65 -22.55
C6 LLP G 200 -11.85 63.57 -23.42
C5' LLP G 200 -10.69 64.57 -21.44
OP4 LLP G 200 -9.71 63.58 -21.53
P LLP G 200 -8.98 63.07 -20.22
OP1 LLP G 200 -7.78 63.97 -19.94
OP2 LLP G 200 -8.52 61.65 -20.43
OP3 LLP G 200 -9.92 63.11 -19.05
N LLP G 200 -16.64 66.10 -15.92
CA LLP G 200 -17.44 67.00 -16.73
CB LLP G 200 -17.44 66.64 -18.24
CG LLP G 200 -16.48 67.39 -19.14
CD LLP G 200 -15.01 67.00 -19.10
CE LLP G 200 -14.14 67.52 -20.18
NZ LLP G 200 -12.83 66.87 -20.37
C LLP G 200 -18.84 67.16 -16.15
O LLP G 200 -19.08 68.13 -15.41
N CYS G 201 -19.75 66.23 -16.44
CA CYS G 201 -21.11 66.32 -15.91
C CYS G 201 -21.38 65.35 -14.76
N LEU G 202 -20.47 64.41 -14.55
CA LEU G 202 -20.64 63.35 -13.54
C LEU G 202 -20.18 63.78 -12.14
N GLY G 203 -19.04 64.46 -12.09
CA GLY G 203 -18.58 65.22 -10.91
C GLY G 203 -18.31 64.56 -9.57
N GLY G 204 -17.19 63.85 -9.43
CA GLY G 204 -16.29 63.54 -10.53
C GLY G 204 -14.95 64.25 -10.58
N PRO G 205 -13.90 63.63 -10.00
CA PRO G 205 -12.52 63.96 -10.38
C PRO G 205 -12.04 63.02 -11.49
N SER G 206 -11.11 63.49 -12.33
CA SER G 206 -10.57 62.65 -13.39
C SER G 206 -9.78 61.47 -12.80
N GLY G 207 -9.67 60.39 -13.58
CA GLY G 207 -8.94 59.20 -13.14
C GLY G 207 -9.70 57.89 -13.34
N THR G 208 -10.97 58.00 -13.71
CA THR G 208 -11.81 56.84 -14.01
C THR G 208 -12.49 57.06 -15.37
N SER G 209 -12.66 55.97 -16.12
CA SER G 209 -13.36 56.03 -17.40
C SER G 209 -14.44 54.95 -17.46
N PRO G 210 -15.70 55.33 -17.20
CA PRO G 210 -16.81 54.39 -17.32
C PRO G 210 -17.07 54.04 -18.78
N ILE G 211 -17.20 52.75 -19.06
CA ILE G 211 -17.43 52.27 -20.43
C ILE G 211 -18.60 51.29 -20.51
N THR G 212 -19.09 51.07 -21.72
CA THR G 212 -20.10 50.05 -22.00
C THR G 212 -19.92 49.47 -23.41
N LEU G 213 -20.13 48.16 -23.54
CA LEU G 213 -19.92 47.45 -24.79
C LEU G 213 -21.09 46.51 -25.09
N SER G 214 -21.60 46.58 -26.32
CA SER G 214 -22.72 45.72 -26.74
C SER G 214 -22.27 44.27 -26.97
N ALA G 215 -23.24 43.38 -27.15
CA ALA G 215 -22.98 41.96 -27.43
C ALA G 215 -22.10 41.74 -28.67
N ARG G 216 -22.27 42.62 -29.66
CA ARG G 216 -21.47 42.58 -30.89
C ARG G 216 -19.99 42.86 -30.59
N MET G 217 -19.74 43.84 -29.72
CA MET G 217 -18.39 44.18 -29.28
C MET G 217 -17.75 43.07 -28.46
N GLU G 218 -18.50 42.53 -27.50
CA GLU G 218 -17.97 41.46 -26.64
C GLU G 218 -17.58 40.23 -27.46
N GLU G 219 -18.27 40.01 -28.58
CA GLU G 219 -17.89 38.96 -29.53
C GLU G 219 -16.56 39.30 -30.20
N ALA G 220 -16.47 40.52 -30.74
CA ALA G 220 -15.27 40.99 -31.44
C ALA G 220 -14.03 40.98 -30.56
N ILE G 221 -14.21 41.27 -29.28
CA ILE G 221 -13.11 41.29 -28.31
C ILE G 221 -12.77 39.88 -27.80
N ARG G 222 -13.77 39.02 -27.68
CA ARG G 222 -13.57 37.63 -27.27
C ARG G 222 -12.79 36.78 -28.30
N ARG G 223 -12.88 37.15 -29.58
CA ARG G 223 -12.11 36.50 -30.64
C ARG G 223 -10.61 36.67 -30.40
N ARG G 224 -10.25 37.75 -29.72
CA ARG G 224 -8.86 38.10 -29.42
C ARG G 224 -8.39 37.49 -28.10
N LYS G 225 -8.90 36.30 -27.77
CA LYS G 225 -8.61 35.68 -26.48
C LYS G 225 -7.12 35.39 -26.29
N CYS G 226 -6.67 35.65 -25.06
CA CYS G 226 -5.27 35.55 -24.66
C CYS G 226 -5.19 36.05 -23.22
N VAL G 227 -4.92 35.12 -22.30
CA VAL G 227 -4.86 35.45 -20.88
C VAL G 227 -3.40 35.52 -20.42
N GLU G 228 -3.11 36.55 -19.61
CA GLU G 228 -1.80 36.78 -19.02
C GLU G 228 -1.23 35.50 -18.39
N GLU G 229 0.04 35.21 -18.70
CA GLU G 229 0.70 33.96 -18.33
C GLU G 229 0.78 33.69 -16.83
N GLY G 230 0.88 34.76 -16.03
CA GLY G 230 0.99 34.66 -14.58
C GLY G 230 -0.30 34.27 -13.87
N ILE G 231 -1.43 34.46 -14.56
CA ILE G 231 -2.75 34.10 -14.02
C ILE G 231 -3.45 33.06 -14.90
N ARG G 232 -2.65 32.34 -15.69
CA ARG G 232 -3.15 31.39 -16.66
C ARG G 232 -3.22 29.98 -16.09
N THR G 233 -4.43 29.44 -16.00
CA THR G 233 -4.65 28.05 -15.59
C THR G 233 -4.66 27.16 -16.84
N ASP G 234 -4.76 25.85 -16.65
CA ASP G 234 -4.78 24.89 -17.75
C ASP G 234 -6.14 24.86 -18.48
N ALA G 235 -7.16 25.47 -17.88
CA ALA G 235 -8.51 25.49 -18.43
C ALA G 235 -8.73 26.56 -19.51
N HIS G 236 -7.87 27.57 -19.53
CA HIS G 236 -8.00 28.70 -20.45
C HIS G 236 -7.43 28.42 -21.85
N ARG G 237 -8.03 29.03 -22.86
CA ARG G 237 -7.53 28.95 -24.25
C ARG G 237 -7.78 30.22 -25.06
N ASP G 238 -6.91 30.46 -26.04
CA ASP G 238 -6.98 31.63 -26.91
C ASP G 238 -8.09 31.51 -27.95
N GLY G 239 -8.48 32.64 -28.54
CA GLY G 239 -9.53 32.68 -29.55
C GLY G 239 -9.01 32.35 -30.94
N ASP G 240 -9.40 33.14 -31.93
CA ASP G 240 -8.97 32.94 -33.31
C ASP G 240 -8.30 34.17 -33.95
N GLU G 241 -8.59 35.36 -33.43
CA GLU G 241 -7.90 36.57 -33.85
C GLU G 241 -6.62 36.80 -33.04
N GLU G 242 -5.75 37.65 -33.54
CA GLU G 242 -4.49 37.97 -32.85
C GLU G 242 -4.75 38.71 -31.53
N MET G 243 -3.79 38.60 -30.61
CA MET G 243 -3.92 39.21 -29.28
C MET G 243 -4.03 40.74 -29.33
N ILE G 244 -4.60 41.31 -28.28
CA ILE G 244 -4.64 42.75 -28.10
C ILE G 244 -3.27 43.20 -27.57
N TYR G 245 -2.74 44.29 -28.11
CA TYR G 245 -1.36 44.71 -27.82
C TYR G 245 -1.26 45.66 -26.61
N SER G 246 -1.90 45.23 -25.53
CA SER G 246 -1.79 45.87 -24.23
C SER G 246 -2.16 44.82 -23.19
N ASN G 247 -1.54 44.92 -22.02
CA ASN G 247 -1.94 44.07 -20.89
C ASN G 247 -3.01 44.78 -20.08
N TYR G 248 -2.72 46.02 -19.69
CA TYR G 248 -3.61 46.84 -18.86
C TYR G 248 -4.92 47.18 -19.56
N PHE G 249 -4.87 47.36 -20.88
CA PHE G 249 -6.04 47.76 -21.67
C PHE G 249 -6.72 46.62 -22.44
N ASP G 250 -6.35 45.37 -22.14
CA ASP G 250 -6.99 44.21 -22.75
C ASP G 250 -8.37 44.01 -22.14
N LEU G 251 -9.39 44.55 -22.80
CA LEU G 251 -10.76 44.54 -22.28
C LEU G 251 -11.36 43.15 -22.07
N GLY G 252 -10.88 42.17 -22.84
CA GLY G 252 -11.28 40.77 -22.65
C GLY G 252 -10.93 40.28 -21.26
N MET G 253 -9.75 40.67 -20.78
CA MET G 253 -9.28 40.34 -19.44
C MET G 253 -10.00 41.16 -18.38
N VAL G 254 -10.24 42.44 -18.68
CA VAL G 254 -10.97 43.34 -17.78
C VAL G 254 -12.39 42.80 -17.54
N MET G 255 -13.04 42.35 -18.61
CA MET G 255 -14.37 41.74 -18.52
C MET G 255 -14.37 40.55 -17.56
N ASP G 256 -13.35 39.70 -17.67
CA ASP G 256 -13.20 38.53 -16.80
C ASP G 256 -13.06 38.91 -15.33
N TYR G 257 -12.46 40.08 -15.08
CA TYR G 257 -12.30 40.64 -13.74
C TYR G 257 -13.63 41.12 -13.16
N TRP G 258 -14.48 41.68 -14.02
CA TRP G 258 -15.79 42.20 -13.63
C TRP G 258 -16.90 41.14 -13.67
N GLY G 259 -16.64 40.06 -14.40
CA GLY G 259 -17.58 38.93 -14.48
C GLY G 259 -17.45 38.01 -13.28
N PRO G 260 -18.24 36.92 -13.26
CA PRO G 260 -18.31 36.04 -12.08
C PRO G 260 -17.02 35.25 -11.82
N GLU G 261 -16.12 35.24 -12.79
CA GLU G 261 -14.85 34.52 -12.68
C GLU G 261 -13.86 35.20 -11.73
N ARG G 262 -13.84 36.54 -11.76
CA ARG G 262 -12.92 37.36 -10.94
C ARG G 262 -11.45 37.14 -11.28
N LEU G 263 -11.18 36.92 -12.58
CA LEU G 263 -9.82 36.77 -13.10
C LEU G 263 -8.95 37.95 -12.66
N ASN G 264 -7.83 37.65 -12.01
CA ASN G 264 -6.99 38.67 -11.38
C ASN G 264 -6.17 39.49 -12.36
N HIS G 265 -6.80 40.52 -12.93
CA HIS G 265 -6.13 41.39 -13.90
C HIS G 265 -5.32 42.51 -13.26
N HIS G 266 -5.95 43.28 -12.38
CA HIS G 266 -5.31 44.38 -11.65
C HIS G 266 -6.11 44.64 -10.37
N THR G 267 -5.49 45.33 -9.42
CA THR G 267 -6.22 45.76 -8.22
C THR G 267 -7.09 46.94 -8.62
N GLU G 268 -8.40 46.74 -8.58
CA GLU G 268 -9.36 47.80 -8.90
C GLU G 268 -9.18 48.99 -7.96
N ALA G 269 -9.25 50.19 -8.51
CA ALA G 269 -9.06 51.43 -7.76
C ALA G 269 -10.21 51.64 -6.76
N THR G 270 -9.97 51.24 -5.52
CA THR G 270 -11.01 51.16 -4.48
C THR G 270 -11.69 52.49 -4.18
N THR G 271 -10.89 53.52 -3.96
CA THR G 271 -11.40 54.86 -3.67
C THR G 271 -12.10 55.46 -4.90
N ALA G 272 -11.53 55.25 -6.09
CA ALA G 272 -12.12 55.73 -7.32
C ALA G 272 -13.47 55.05 -7.61
N LEU G 273 -13.54 53.74 -7.35
CA LEU G 273 -14.80 53.00 -7.51
C LEU G 273 -15.90 53.56 -6.61
N PHE G 274 -15.53 54.02 -5.42
CA PHE G 274 -16.46 54.71 -4.54
C PHE G 274 -16.92 56.05 -5.14
N GLY G 275 -15.99 56.82 -5.69
CA GLY G 275 -16.30 58.08 -6.36
C GLY G 275 -17.22 57.91 -7.56
N ALA G 276 -16.90 56.95 -8.42
CA ALA G 276 -17.73 56.63 -9.58
C ALA G 276 -19.11 56.12 -9.19
N ARG G 277 -19.19 55.43 -8.05
CA ARG G 277 -20.46 54.90 -7.55
C ARG G 277 -21.42 56.01 -7.14
N GLU G 278 -20.90 57.01 -6.41
CA GLU G 278 -21.72 58.16 -5.98
C GLU G 278 -22.25 58.96 -7.16
N CYS G 279 -21.36 59.32 -8.09
CA CYS G 279 -21.72 60.08 -9.29
C CYS G 279 -22.98 59.50 -9.96
N ALA G 280 -22.94 58.22 -10.28
CA ALA G 280 -24.07 57.53 -10.93
C ALA G 280 -25.30 57.45 -10.03
N ARG G 281 -25.08 57.19 -8.74
CA ARG G 281 -26.15 57.11 -7.76
C ARG G 281 -26.92 58.43 -7.66
N LEU G 282 -26.18 59.54 -7.58
CA LEU G 282 -26.77 60.88 -7.51
C LEU G 282 -27.52 61.25 -8.79
N ILE G 283 -26.94 60.94 -9.94
CA ILE G 283 -27.58 61.16 -11.23
C ILE G 283 -28.92 60.43 -11.31
N LEU G 284 -28.94 59.16 -10.91
CA LEU G 284 -30.15 58.35 -10.96
C LEU G 284 -31.14 58.70 -9.84
N GLN G 285 -30.63 59.29 -8.76
CA GLN G 285 -31.48 59.85 -7.69
C GLN G 285 -32.21 61.08 -8.19
N GLU G 286 -31.46 62.03 -8.76
CA GLU G 286 -32.04 63.19 -9.40
C GLU G 286 -32.98 62.77 -10.54
N GLY G 287 -32.53 61.81 -11.33
CA GLY G 287 -33.22 61.41 -12.56
C GLY G 287 -32.41 61.92 -13.74
N LEU G 288 -32.09 61.04 -14.67
CA LEU G 288 -31.23 61.39 -15.81
C LEU G 288 -31.85 62.46 -16.71
N ASP G 289 -33.15 62.33 -16.96
CA ASP G 289 -33.89 63.31 -17.78
C ASP G 289 -33.87 64.71 -17.16
N TYR G 290 -34.12 64.78 -15.85
CA TYR G 290 -34.11 66.05 -15.12
C TYR G 290 -32.72 66.68 -15.05
N GLY G 291 -31.70 65.83 -14.95
CA GLY G 291 -30.31 66.27 -14.97
C GLY G 291 -29.95 66.95 -16.28
N ILE G 292 -30.37 66.34 -17.39
CA ILE G 292 -30.19 66.94 -18.72
C ILE G 292 -30.95 68.27 -18.84
N ALA G 293 -32.22 68.28 -18.41
CA ALA G 293 -33.05 69.48 -18.39
C ALA G 293 -32.38 70.61 -17.61
N ARG G 294 -31.79 70.25 -16.46
CA ARG G 294 -31.05 71.19 -15.62
C ARG G 294 -29.90 71.84 -16.40
N HIS G 295 -29.13 71.02 -17.11
CA HIS G 295 -28.00 71.51 -17.90
C HIS G 295 -28.44 72.42 -19.04
N LYS G 296 -29.62 72.14 -19.60
CA LYS G 296 -30.20 72.97 -20.66
C LYS G 296 -30.57 74.35 -20.12
N LEU G 297 -31.29 74.38 -19.01
CA LEU G 297 -31.77 75.63 -18.40
C LEU G 297 -30.65 76.63 -18.13
N HIS G 298 -29.63 76.16 -17.40
CA HIS G 298 -28.52 77.02 -16.98
C HIS G 298 -27.53 77.27 -18.11
N GLY G 299 -27.57 76.39 -19.12
CA GLY G 299 -26.84 76.60 -20.36
C GLY G 299 -27.48 77.74 -21.14
N ASP G 300 -28.78 77.62 -21.37
CA ASP G 300 -29.57 78.65 -22.07
C ASP G 300 -29.52 80.00 -21.37
N ALA G 301 -29.55 79.99 -20.03
CA ALA G 301 -29.49 81.20 -19.22
C ALA G 301 -28.20 81.97 -19.45
N LEU G 302 -27.09 81.24 -19.54
CA LEU G 302 -25.77 81.82 -19.81
C LEU G 302 -25.73 82.46 -21.18
N VAL G 303 -26.25 81.77 -22.19
CA VAL G 303 -26.29 82.27 -23.57
C VAL G 303 -26.90 83.68 -23.59
N LYS G 304 -28.10 83.81 -23.01
CA LYS G 304 -28.85 85.05 -23.00
C LYS G 304 -28.10 86.18 -22.29
N GLY G 305 -27.52 85.87 -21.13
CA GLY G 305 -26.71 86.83 -20.39
C GLY G 305 -25.51 87.30 -21.17
N ILE G 306 -24.86 86.38 -21.86
CA ILE G 306 -23.71 86.68 -22.71
C ILE G 306 -24.10 87.50 -23.94
N GLN G 307 -25.20 87.11 -24.59
CA GLN G 307 -25.74 87.84 -25.75
C GLN G 307 -26.10 89.28 -25.38
N ALA G 308 -26.90 89.44 -24.33
CA ALA G 308 -27.35 90.76 -23.87
C ALA G 308 -26.23 91.60 -23.26
N MET G 309 -25.08 90.98 -23.01
CA MET G 309 -23.89 91.71 -22.55
C MET G 309 -23.16 92.34 -23.74
N GLY G 310 -23.62 92.03 -24.95
CA GLY G 310 -23.04 92.56 -26.17
C GLY G 310 -21.86 91.73 -26.64
N LEU G 311 -21.99 90.42 -26.53
CA LEU G 311 -20.92 89.50 -26.89
C LEU G 311 -21.35 88.51 -27.97
N GLU G 312 -20.41 88.19 -28.86
CA GLU G 312 -20.64 87.21 -29.92
C GLU G 312 -20.40 85.80 -29.36
N THR G 313 -21.19 84.84 -29.81
CA THR G 313 -20.98 83.45 -29.46
C THR G 313 -20.42 82.67 -30.64
N PHE G 314 -19.59 81.66 -30.36
CA PHE G 314 -18.90 80.89 -31.39
C PHE G 314 -19.65 79.60 -31.76
N GLY G 315 -19.73 79.33 -33.07
CA GLY G 315 -20.26 78.07 -33.57
C GLY G 315 -21.75 78.05 -33.85
N ASP G 316 -22.20 76.93 -34.42
CA ASP G 316 -23.61 76.71 -34.76
C ASP G 316 -24.41 76.40 -33.50
N LEU G 317 -25.23 77.35 -33.07
CA LEU G 317 -25.96 77.27 -31.80
C LEU G 317 -27.02 76.16 -31.77
N LYS G 318 -27.51 75.77 -32.95
CA LYS G 318 -28.46 74.66 -33.07
C LYS G 318 -27.96 73.39 -32.39
N HIS G 319 -26.67 73.10 -32.56
CA HIS G 319 -26.05 71.90 -32.01
C HIS G 319 -25.03 72.22 -30.92
N LYS G 320 -25.39 73.15 -30.04
CA LYS G 320 -24.52 73.52 -28.92
C LYS G 320 -24.76 72.59 -27.73
N MET G 321 -23.69 72.23 -27.05
CA MET G 321 -23.77 71.44 -25.83
C MET G 321 -24.48 72.24 -24.74
N ASN G 322 -25.36 71.58 -24.00
CA ASN G 322 -26.07 72.20 -22.88
C ASN G 322 -25.10 72.80 -21.85
N ASN G 323 -23.92 72.19 -21.76
CA ASN G 323 -23.00 72.44 -20.65
C ASN G 323 -21.80 73.34 -20.95
N VAL G 324 -21.62 73.77 -22.19
CA VAL G 324 -20.51 74.65 -22.57
C VAL G 324 -20.90 75.72 -23.61
N LEU G 325 -20.26 76.89 -23.52
CA LEU G 325 -20.50 78.02 -24.41
C LEU G 325 -19.17 78.63 -24.87
N GLY G 326 -19.07 78.93 -26.16
CA GLY G 326 -17.93 79.65 -26.70
C GLY G 326 -18.22 81.15 -26.77
N VAL G 327 -17.41 81.94 -26.07
CA VAL G 327 -17.61 83.39 -26.00
C VAL G 327 -16.45 84.11 -26.70
N VAL G 328 -16.79 84.88 -27.73
CA VAL G 328 -15.79 85.60 -28.52
C VAL G 328 -15.19 86.76 -27.73
N ILE G 329 -13.86 86.87 -27.78
CA ILE G 329 -13.14 87.96 -27.12
C ILE G 329 -13.14 89.20 -28.02
N PRO G 330 -13.90 90.24 -27.62
CA PRO G 330 -14.00 91.46 -28.40
C PRO G 330 -12.64 92.10 -28.61
N GLN G 331 -12.39 92.57 -29.83
CA GLN G 331 -11.12 93.19 -30.20
C GLN G 331 -10.77 94.33 -29.24
N GLY G 332 -9.53 94.36 -28.78
CA GLY G 332 -9.09 95.37 -27.82
C GLY G 332 -9.03 94.86 -26.39
N ILE G 333 -9.71 93.73 -26.14
CA ILE G 333 -9.68 93.09 -24.84
C ILE G 333 -8.68 91.93 -24.83
N ASN G 334 -7.94 91.82 -23.74
CA ASN G 334 -6.91 90.79 -23.59
C ASN G 334 -7.47 89.53 -22.93
N GLY G 335 -7.60 88.47 -23.72
CA GLY G 335 -8.18 87.20 -23.27
C GLY G 335 -7.53 86.63 -22.03
N ASP G 336 -6.20 86.62 -22.02
CA ASP G 336 -5.41 86.12 -20.89
C ASP G 336 -5.59 86.98 -19.64
N GLN G 337 -5.75 88.30 -19.83
CA GLN G 337 -5.89 89.24 -18.72
C GLN G 337 -7.23 89.06 -17.99
N ALA G 338 -8.30 88.90 -18.75
CA ALA G 338 -9.63 88.66 -18.17
C ALA G 338 -9.64 87.37 -17.35
N ARG G 339 -8.99 86.34 -17.88
CA ARG G 339 -8.84 85.05 -17.20
C ARG G 339 -8.07 85.18 -15.88
N LYS G 340 -7.01 85.98 -15.90
CA LYS G 340 -6.17 86.21 -14.72
C LYS G 340 -6.95 86.90 -13.60
N LEU G 341 -7.75 87.91 -13.96
CA LEU G 341 -8.54 88.67 -13.00
C LEU G 341 -9.75 87.90 -12.49
N MET G 342 -10.26 86.98 -13.32
CA MET G 342 -11.36 86.11 -12.92
C MET G 342 -10.91 85.05 -11.91
N LEU G 343 -9.73 84.49 -12.14
CA LEU G 343 -9.18 83.45 -11.28
C LEU G 343 -8.59 84.04 -9.99
N GLU G 344 -7.81 85.10 -10.13
CA GLU G 344 -7.10 85.68 -8.98
C GLU G 344 -7.96 86.60 -8.11
N ASP G 345 -8.91 87.31 -8.72
CA ASP G 345 -9.74 88.26 -7.97
C ASP G 345 -11.14 87.76 -7.63
N PHE G 346 -11.69 86.87 -8.45
CA PHE G 346 -13.03 86.34 -8.22
C PHE G 346 -13.06 84.85 -7.87
N GLY G 347 -11.92 84.18 -8.04
CA GLY G 347 -11.80 82.75 -7.75
C GLY G 347 -12.53 81.86 -8.74
N ILE G 348 -12.86 82.40 -9.91
CA ILE G 348 -13.61 81.66 -10.93
C ILE G 348 -12.71 81.34 -12.12
N GLU G 349 -12.66 80.07 -12.50
CA GLU G 349 -11.92 79.65 -13.68
C GLU G 349 -12.81 79.63 -14.91
N ILE G 350 -12.39 80.35 -15.95
CA ILE G 350 -12.99 80.23 -17.27
C ILE G 350 -11.92 79.73 -18.23
N GLY G 351 -12.33 78.97 -19.23
CA GLY G 351 -11.40 78.29 -20.11
C GLY G 351 -10.83 79.16 -21.21
N THR G 352 -9.52 79.04 -21.41
CA THR G 352 -8.88 79.53 -22.63
C THR G 352 -9.14 78.52 -23.73
N SER G 353 -9.02 78.97 -24.98
CA SER G 353 -9.02 78.05 -26.10
C SER G 353 -7.58 77.78 -26.48
N PHE G 354 -7.31 76.55 -26.92
CA PHE G 354 -6.02 76.22 -27.53
C PHE G 354 -6.25 76.03 -29.03
N GLY G 355 -5.15 75.98 -29.79
CA GLY G 355 -5.23 75.80 -31.24
C GLY G 355 -5.63 77.06 -31.99
N PRO G 356 -6.44 76.92 -33.05
CA PRO G 356 -6.84 78.03 -33.92
C PRO G 356 -7.68 79.13 -33.25
N LEU G 357 -8.25 78.83 -32.08
CA LEU G 357 -9.12 79.77 -31.38
C LEU G 357 -8.44 80.43 -30.17
N HIS G 358 -7.18 80.08 -29.95
CA HIS G 358 -6.39 80.60 -28.83
C HIS G 358 -6.30 82.13 -28.84
N GLY G 359 -6.79 82.74 -27.76
CA GLY G 359 -6.81 84.19 -27.62
C GLY G 359 -8.00 84.87 -28.28
N LYS G 360 -8.86 84.07 -28.90
CA LYS G 360 -10.02 84.60 -29.63
C LYS G 360 -11.35 84.24 -28.95
N VAL G 361 -11.41 83.07 -28.32
CA VAL G 361 -12.63 82.55 -27.70
C VAL G 361 -12.39 82.07 -26.27
N TRP G 362 -13.36 82.34 -25.39
CA TRP G 362 -13.38 81.74 -24.06
C TRP G 362 -14.37 80.58 -24.00
N ARG G 363 -14.03 79.56 -23.23
CA ARG G 363 -14.92 78.43 -23.01
C ARG G 363 -15.44 78.40 -21.58
N ILE G 364 -16.71 78.77 -21.41
CA ILE G 364 -17.35 78.78 -20.10
C ILE G 364 -18.27 77.57 -19.96
N GLY G 365 -17.96 76.74 -18.97
CA GLY G 365 -18.72 75.53 -18.69
C GLY G 365 -19.76 75.73 -17.60
N THR G 366 -20.87 75.02 -17.74
CA THR G 366 -21.94 74.99 -16.75
C THR G 366 -22.35 73.53 -16.57
N MET G 367 -21.44 72.73 -16.00
CA MET G 367 -21.58 71.28 -15.98
C MET G 367 -21.71 70.72 -14.57
N GLY G 368 -22.39 69.57 -14.47
CA GLY G 368 -22.48 68.79 -13.23
C GLY G 368 -22.96 69.58 -12.04
N TYR G 369 -22.26 69.42 -10.92
CA TYR G 369 -22.56 70.13 -9.68
C TYR G 369 -22.62 71.64 -9.86
N ASN G 370 -21.87 72.15 -10.85
CA ASN G 370 -21.84 73.58 -11.17
C ASN G 370 -22.93 74.02 -12.15
N ALA G 371 -23.78 73.09 -12.58
CA ALA G 371 -24.95 73.46 -13.39
C ALA G 371 -26.06 73.96 -12.48
N ARG G 372 -25.82 75.12 -11.86
CA ARG G 372 -26.78 75.75 -10.95
C ARG G 372 -27.00 77.21 -11.31
N LYS G 373 -28.09 77.77 -10.81
CA LYS G 373 -28.45 79.17 -11.02
C LYS G 373 -27.40 80.13 -10.43
N ASP G 374 -26.90 79.80 -9.25
CA ASP G 374 -25.94 80.66 -8.54
C ASP G 374 -24.56 80.67 -9.16
N CYS G 375 -24.20 79.60 -9.85
CA CYS G 375 -22.95 79.54 -10.60
C CYS G 375 -23.04 80.40 -11.85
N VAL G 376 -24.20 80.35 -12.51
CA VAL G 376 -24.49 81.18 -13.68
C VAL G 376 -24.51 82.66 -13.31
N MET G 377 -25.23 83.01 -12.25
CA MET G 377 -25.34 84.40 -11.78
C MET G 377 -24.00 85.00 -11.36
N THR G 378 -23.22 84.22 -10.60
CA THR G 378 -21.90 84.65 -10.13
C THR G 378 -20.93 84.88 -11.29
N THR G 379 -20.98 84.01 -12.30
CA THR G 379 -20.07 84.10 -13.44
C THR G 379 -20.42 85.29 -14.34
N LEU G 380 -21.71 85.45 -14.63
CA LEU G 380 -22.20 86.55 -15.47
C LEU G 380 -21.82 87.92 -14.91
N SER G 381 -21.96 88.08 -13.59
CA SER G 381 -21.67 89.36 -12.93
C SER G 381 -20.18 89.64 -12.82
N ALA G 382 -19.38 88.57 -12.64
CA ALA G 382 -17.92 88.70 -12.52
C ALA G 382 -17.27 89.03 -13.86
N LEU G 383 -17.76 88.42 -14.94
CA LEU G 383 -17.26 88.70 -16.28
C LEU G 383 -17.53 90.16 -16.64
N GLU G 384 -18.78 90.59 -16.47
CA GLU G 384 -19.18 91.97 -16.75
C GLU G 384 -18.35 92.97 -15.95
N ALA G 385 -18.11 92.64 -14.68
CA ALA G 385 -17.27 93.48 -13.81
C ALA G 385 -15.83 93.55 -14.31
N VAL G 386 -15.29 92.40 -14.74
CA VAL G 386 -13.93 92.34 -15.31
C VAL G 386 -13.84 93.12 -16.62
N LEU G 387 -14.85 92.97 -17.48
CA LEU G 387 -14.92 93.66 -18.76
C LEU G 387 -15.05 95.18 -18.60
N ASN G 388 -16.01 95.62 -17.79
CA ASN G 388 -16.19 97.04 -17.46
C ASN G 388 -14.92 97.65 -16.87
N TYR G 389 -14.26 96.88 -16.01
CA TYR G 389 -12.99 97.28 -15.41
C TYR G 389 -11.90 97.44 -16.46
N LEU G 390 -11.92 96.57 -17.47
CA LEU G 390 -10.94 96.62 -18.56
C LEU G 390 -11.36 97.57 -19.69
N LYS G 391 -12.27 98.50 -19.36
CA LYS G 391 -12.77 99.53 -20.28
C LYS G 391 -13.52 98.97 -21.51
N PHE G 392 -14.31 97.92 -21.31
CA PHE G 392 -15.22 97.43 -22.34
C PHE G 392 -16.63 97.91 -22.02
N PRO G 393 -17.30 98.56 -22.99
CA PRO G 393 -18.62 99.16 -22.73
C PRO G 393 -19.74 98.13 -22.68
N THR G 394 -20.56 98.19 -21.62
CA THR G 394 -21.75 97.36 -21.50
C THR G 394 -22.95 98.23 -21.09
N THR G 395 -24.15 97.76 -21.37
CA THR G 395 -25.37 98.44 -20.98
C THR G 395 -25.76 97.99 -19.57
N GLN G 396 -25.44 98.84 -18.59
CA GLN G 396 -25.60 98.51 -17.17
C GLN G 396 -26.90 97.79 -16.84
N GLY G 397 -26.76 96.57 -16.31
CA GLY G 397 -27.91 95.78 -15.86
C GLY G 397 -28.56 94.87 -16.90
N ALA G 398 -28.30 95.13 -18.18
CA ALA G 398 -28.94 94.40 -19.28
C ALA G 398 -28.67 92.89 -19.27
N ALA G 399 -27.41 92.52 -19.02
CA ALA G 399 -26.99 91.11 -19.02
C ALA G 399 -27.65 90.29 -17.91
N MET G 400 -27.64 90.83 -16.70
CA MET G 400 -28.26 90.17 -15.54
C MET G 400 -29.78 90.05 -15.72
N GLN G 401 -30.39 91.11 -16.23
CA GLN G 401 -31.82 91.16 -16.53
C GLN G 401 -32.23 89.99 -17.42
N ALA G 402 -31.49 89.79 -18.51
CA ALA G 402 -31.76 88.71 -19.47
C ALA G 402 -31.74 87.33 -18.83
N ALA G 403 -30.79 87.12 -17.92
CA ALA G 403 -30.69 85.87 -17.16
C ALA G 403 -31.87 85.70 -16.21
N TRP G 404 -32.17 86.77 -15.47
CA TRP G 404 -33.32 86.80 -14.56
C TRP G 404 -34.65 86.58 -15.28
N ASP G 405 -34.80 87.22 -16.44
CA ASP G 405 -35.98 87.06 -17.29
C ASP G 405 -36.14 85.61 -17.74
N HIS G 406 -35.02 84.96 -18.04
CA HIS G 406 -35.02 83.55 -18.44
C HIS G 406 -35.48 82.62 -17.32
N TYR G 407 -34.93 82.81 -16.12
CA TYR G 407 -35.29 82.00 -14.96
C TYR G 407 -36.75 82.21 -14.52
N ARG G 408 -37.20 83.46 -14.57
CA ARG G 408 -38.59 83.80 -14.26
C ARG G 408 -39.56 83.19 -15.26
N SER G 409 -39.17 83.19 -16.54
CA SER G 409 -39.99 82.63 -17.62
C SER G 409 -40.14 81.11 -17.53
N GLU G 410 -39.01 80.42 -17.30
CA GLU G 410 -38.99 78.96 -17.26
C GLU G 410 -39.44 78.38 -15.92
N ARG G 411 -40.43 79.02 -15.30
CA ARG G 411 -40.97 78.59 -14.00
C ARG G 411 -42.44 78.96 -13.84
N ASP H 2 -35.31 49.46 -8.27
CA ASP H 2 -35.49 50.70 -7.44
C ASP H 2 -34.13 51.28 -7.04
N ILE H 3 -33.97 52.58 -7.26
CA ILE H 3 -32.72 53.29 -6.96
C ILE H 3 -32.54 53.55 -5.46
N THR H 4 -33.62 53.42 -4.70
CA THR H 4 -33.63 53.70 -3.27
C THR H 4 -32.89 52.66 -2.41
N GLN H 5 -32.64 51.48 -2.98
CA GLN H 5 -31.91 50.43 -2.26
C GLN H 5 -30.40 50.46 -2.54
N PHE H 6 -29.96 51.50 -3.25
CA PHE H 6 -28.55 51.83 -3.37
C PHE H 6 -28.24 52.89 -2.32
N SER H 7 -27.93 52.45 -1.10
CA SER H 7 -27.66 53.36 0.01
C SER H 7 -26.29 54.01 -0.12
N GLN H 8 -25.97 54.91 0.82
CA GLN H 8 -24.67 55.58 0.85
C GLN H 8 -23.54 54.55 1.02
N LEU H 9 -22.31 54.98 0.73
CA LEU H 9 -21.16 54.10 0.83
C LEU H 9 -20.88 53.68 2.27
N ASN H 10 -20.78 52.37 2.50
CA ASN H 10 -20.60 51.81 3.84
C ASN H 10 -19.80 50.50 3.85
N PRO H 11 -18.47 50.58 3.71
CA PRO H 11 -17.64 49.38 3.78
C PRO H 11 -17.48 48.88 5.21
N PRO H 12 -17.49 47.55 5.42
CA PRO H 12 -17.28 47.02 6.75
C PRO H 12 -15.83 47.20 7.22
N SER H 13 -15.65 47.29 8.54
CA SER H 13 -14.32 47.42 9.13
C SER H 13 -13.48 46.18 8.84
N ARG H 14 -12.29 46.40 8.28
CA ARG H 14 -11.40 45.32 7.92
C ARG H 14 -9.97 45.61 8.34
N LEU H 15 -9.33 44.62 8.96
CA LEU H 15 -7.90 44.68 9.19
C LEU H 15 -7.23 43.89 8.07
N LEU H 16 -6.60 44.62 7.15
CA LEU H 16 -6.03 44.02 5.94
C LEU H 16 -4.59 43.57 6.12
N MET H 17 -4.43 42.26 6.33
CA MET H 17 -3.11 41.66 6.55
C MET H 17 -2.81 40.64 5.45
N GLY H 18 -3.22 40.97 4.22
CA GLY H 18 -2.97 40.11 3.08
C GLY H 18 -1.82 40.63 2.23
N PRO H 19 -1.75 40.19 0.95
CA PRO H 19 -0.68 40.65 0.08
C PRO H 19 -0.99 42.01 -0.55
N GLY H 20 -2.11 42.62 -0.17
CA GLY H 20 -2.56 43.89 -0.74
C GLY H 20 -3.91 43.77 -1.41
N PRO H 21 -4.70 44.87 -1.45
CA PRO H 21 -4.39 46.17 -0.87
C PRO H 21 -4.55 46.16 0.64
N ILE H 22 -3.79 47.01 1.33
CA ILE H 22 -3.89 47.09 2.79
C ILE H 22 -4.54 48.41 3.21
N ASN H 23 -4.99 48.48 4.46
CA ASN H 23 -5.64 49.67 5.01
C ASN H 23 -4.85 50.95 4.73
N ALA H 24 -5.56 51.96 4.26
CA ALA H 24 -4.94 53.26 3.98
C ALA H 24 -4.75 54.06 5.25
N ASP H 25 -3.67 54.85 5.28
CA ASP H 25 -3.43 55.80 6.35
C ASP H 25 -4.55 56.85 6.34
N PRO H 26 -5.20 57.08 7.50
CA PRO H 26 -6.32 58.01 7.63
C PRO H 26 -6.03 59.42 7.09
N ARG H 27 -4.79 59.89 7.24
CA ARG H 27 -4.40 61.20 6.70
C ARG H 27 -4.43 61.25 5.17
N VAL H 28 -4.24 60.10 4.54
CA VAL H 28 -4.32 60.00 3.08
C VAL H 28 -5.78 60.02 2.63
N LEU H 29 -6.62 59.23 3.30
CA LEU H 29 -8.05 59.17 3.01
C LEU H 29 -8.70 60.56 3.09
N ARG H 30 -8.39 61.30 4.13
CA ARG H 30 -8.94 62.65 4.34
C ARG H 30 -8.49 63.63 3.26
N ALA H 31 -7.19 63.60 2.91
CA ALA H 31 -6.66 64.48 1.87
C ALA H 31 -7.35 64.28 0.51
N MET H 32 -7.81 63.06 0.27
CA MET H 32 -8.58 62.75 -0.95
C MET H 32 -9.97 63.38 -0.94
N SER H 33 -10.50 63.66 0.25
CA SER H 33 -11.83 64.27 0.38
C SER H 33 -11.83 65.76 0.04
N SER H 34 -10.66 66.28 -0.31
CA SER H 34 -10.48 67.71 -0.54
C SER H 34 -11.05 68.17 -1.89
N GLN H 35 -11.52 69.41 -1.93
CA GLN H 35 -12.10 70.00 -3.13
C GLN H 35 -11.02 70.29 -4.18
N LEU H 36 -11.43 70.31 -5.44
CA LEU H 36 -10.52 70.31 -6.58
C LEU H 36 -10.32 71.70 -7.17
N ILE H 37 -9.24 71.85 -7.94
CA ILE H 37 -9.00 73.04 -8.73
C ILE H 37 -8.81 72.68 -10.21
N GLY H 38 -8.65 73.69 -11.06
CA GLY H 38 -8.50 73.48 -12.50
C GLY H 38 -7.17 72.86 -12.89
N GLN H 39 -7.13 72.29 -14.09
CA GLN H 39 -5.96 71.58 -14.60
C GLN H 39 -4.68 72.42 -14.59
N TYR H 40 -4.79 73.68 -14.98
CA TYR H 40 -3.62 74.56 -15.07
C TYR H 40 -3.62 75.70 -14.05
N ASP H 41 -4.22 75.46 -12.89
CA ASP H 41 -4.19 76.40 -11.78
C ASP H 41 -2.79 76.37 -11.17
N PRO H 42 -2.25 77.54 -10.79
CA PRO H 42 -0.92 77.63 -10.16
C PRO H 42 -0.75 76.67 -8.98
N ALA H 43 -1.83 76.43 -8.23
CA ALA H 43 -1.80 75.50 -7.11
C ALA H 43 -1.67 74.04 -7.58
N MET H 44 -2.37 73.71 -8.66
CA MET H 44 -2.29 72.37 -9.25
C MET H 44 -0.90 72.07 -9.79
N THR H 45 -0.27 73.07 -10.41
CA THR H 45 1.09 72.93 -10.92
C THR H 45 2.13 72.96 -9.80
N HIS H 46 1.80 73.65 -8.70
CA HIS H 46 2.66 73.68 -7.51
C HIS H 46 2.70 72.32 -6.82
N TYR H 47 1.55 71.66 -6.72
CA TYR H 47 1.46 70.33 -6.11
C TYR H 47 2.10 69.23 -6.97
N MET H 48 1.99 69.40 -8.28
CA MET H 48 2.66 68.50 -9.23
C MET H 48 4.18 68.53 -9.05
N ASN H 49 4.75 69.73 -8.95
CA ASN H 49 6.17 69.90 -8.71
C ASN H 49 6.62 69.42 -7.34
N GLU H 50 5.71 69.52 -6.36
CA GLU H 50 5.93 68.99 -5.02
C GLU H 50 5.97 67.48 -5.01
N VAL H 51 5.02 66.85 -5.72
CA VAL H 51 4.97 65.39 -5.87
C VAL H 51 6.27 64.84 -6.45
N MET H 52 6.83 65.56 -7.42
CA MET H 52 8.11 65.19 -8.04
C MET H 52 9.24 65.19 -7.01
N ALA H 53 9.38 66.29 -6.27
CA ALA H 53 10.43 66.45 -5.26
C ALA H 53 10.33 65.43 -4.13
N LEU H 54 9.09 65.11 -3.74
CA LEU H 54 8.84 64.17 -2.65
C LEU H 54 9.17 62.73 -3.03
N TYR H 55 8.77 62.32 -4.24
CA TYR H 55 9.04 60.96 -4.70
C TYR H 55 10.49 60.74 -5.12
N ARG H 56 11.19 61.82 -5.44
CA ARG H 56 12.65 61.81 -5.57
C ARG H 56 13.24 61.34 -4.24
N GLY H 57 12.70 61.86 -3.14
CA GLY H 57 13.11 61.47 -1.79
C GLY H 57 12.79 60.03 -1.45
N VAL H 58 11.57 59.59 -1.79
CA VAL H 58 11.10 58.24 -1.49
C VAL H 58 11.86 57.18 -2.29
N PHE H 59 12.08 57.45 -3.58
CA PHE H 59 12.86 56.55 -4.43
C PHE H 59 14.36 56.59 -4.13
N ARG H 60 14.79 57.61 -3.39
CA ARG H 60 16.22 57.89 -3.15
C ARG H 60 16.94 58.20 -4.46
N THR H 61 16.49 59.26 -5.11
CA THR H 61 17.01 59.65 -6.42
C THR H 61 17.06 61.16 -6.58
N GLU H 62 17.93 61.60 -7.48
CA GLU H 62 18.00 63.01 -7.89
C GLU H 62 17.50 63.13 -9.32
N ASN H 63 16.88 62.07 -9.83
CA ASN H 63 16.30 62.05 -11.17
C ASN H 63 15.26 63.14 -11.38
N ARG H 64 15.46 63.93 -12.43
CA ARG H 64 14.53 64.99 -12.80
C ARG H 64 13.14 64.44 -13.09
N TRP H 65 13.08 63.34 -13.85
CA TRP H 65 11.80 62.78 -14.28
C TRP H 65 11.22 61.74 -13.34
N THR H 66 10.74 62.23 -12.20
CA THR H 66 10.03 61.42 -11.21
C THR H 66 8.61 61.96 -11.12
N MET H 67 7.62 61.10 -11.38
CA MET H 67 6.23 61.53 -11.53
C MET H 67 5.21 60.41 -11.32
N LEU H 68 3.95 60.70 -11.63
CA LEU H 68 2.87 59.74 -11.51
C LEU H 68 2.31 59.32 -12.87
N VAL H 69 1.94 58.05 -12.95
CA VAL H 69 1.16 57.52 -14.07
C VAL H 69 -0.25 57.25 -13.55
N ASP H 70 -1.25 57.80 -14.24
CA ASP H 70 -2.64 57.67 -13.81
C ASP H 70 -3.20 56.28 -14.12
N GLY H 71 -3.01 55.37 -13.16
CA GLY H 71 -3.41 53.97 -13.28
C GLY H 71 -2.73 53.14 -12.22
N THR H 72 -3.21 51.92 -12.00
CA THR H 72 -2.69 51.03 -10.95
C THR H 72 -1.21 50.67 -11.21
N SER H 73 -0.60 49.95 -10.25
CA SER H 73 0.85 49.66 -10.30
C SER H 73 1.33 49.14 -11.65
N ARG H 74 0.59 48.20 -12.25
CA ARG H 74 1.01 47.61 -13.53
C ARG H 74 0.79 48.52 -14.73
N ALA H 75 0.10 49.64 -14.54
CA ALA H 75 0.00 50.66 -15.57
C ALA H 75 1.33 51.39 -15.72
N GLY H 76 2.02 51.55 -14.59
CA GLY H 76 3.36 52.15 -14.57
C GLY H 76 4.41 51.21 -15.13
N ILE H 77 4.25 49.92 -14.84
CA ILE H 77 5.10 48.89 -15.45
C ILE H 77 4.94 48.98 -16.96
N GLU H 78 3.70 48.88 -17.42
CA GLU H 78 3.40 48.90 -18.85
C GLU H 78 3.88 50.18 -19.53
N ALA H 79 3.68 51.31 -18.87
CA ALA H 79 4.12 52.61 -19.40
C ALA H 79 5.62 52.63 -19.67
N ILE H 80 6.41 52.19 -18.68
CA ILE H 80 7.86 52.13 -18.80
C ILE H 80 8.31 51.16 -19.89
N LEU H 81 7.67 49.99 -19.95
CA LEU H 81 8.03 48.97 -20.94
C LEU H 81 7.63 49.40 -22.36
N VAL H 82 6.37 49.82 -22.52
CA VAL H 82 5.87 50.31 -23.82
C VAL H 82 6.73 51.47 -24.34
N SER H 83 7.27 52.29 -23.42
CA SER H 83 8.09 53.44 -23.79
C SER H 83 9.54 53.07 -24.14
N ALA H 84 10.08 52.05 -23.49
CA ALA H 84 11.50 51.68 -23.65
C ALA H 84 11.74 50.55 -24.65
N ILE H 85 10.67 49.85 -25.03
CA ILE H 85 10.76 48.71 -25.94
C ILE H 85 10.24 49.02 -27.34
N ARG H 86 11.15 49.02 -28.31
CA ARG H 86 10.74 48.96 -29.72
C ARG H 86 10.46 47.50 -30.04
N PRO H 87 9.48 47.23 -30.92
CA PRO H 87 9.24 45.84 -31.33
C PRO H 87 10.51 45.17 -31.83
N GLY H 88 10.76 43.95 -31.35
CA GLY H 88 11.97 43.21 -31.72
C GLY H 88 13.12 43.34 -30.72
N ASP H 89 13.07 44.37 -29.88
CA ASP H 89 14.09 44.60 -28.85
C ASP H 89 14.21 43.42 -27.90
N LYS H 90 15.43 43.16 -27.46
CA LYS H 90 15.71 42.06 -26.54
C LYS H 90 15.55 42.50 -25.09
N VAL H 91 14.98 41.61 -24.29
CA VAL H 91 14.64 41.87 -22.90
C VAL H 91 14.95 40.63 -22.08
N LEU H 92 15.53 40.84 -20.89
CA LEU H 92 15.84 39.74 -19.98
C LEU H 92 15.07 39.86 -18.66
N VAL H 93 14.24 38.86 -18.38
CA VAL H 93 13.45 38.83 -17.15
C VAL H 93 13.86 37.65 -16.26
N PRO H 94 14.48 37.95 -15.10
CA PRO H 94 14.68 36.91 -14.08
C PRO H 94 13.37 36.66 -13.33
N VAL H 95 12.75 35.52 -13.62
CA VAL H 95 11.46 35.17 -13.02
C VAL H 95 11.65 34.33 -11.76
N PHE H 96 11.27 34.90 -10.62
CA PHE H 96 11.31 34.16 -9.35
C PHE H 96 9.95 34.06 -8.67
N GLY H 97 8.91 34.51 -9.37
CA GLY H 97 7.53 34.42 -8.88
C GLY H 97 6.50 34.74 -9.94
N ARG H 98 5.26 34.93 -9.49
CA ARG H 98 4.15 35.28 -10.38
C ARG H 98 4.39 36.58 -11.14
N PHE H 99 4.96 37.57 -10.46
CA PHE H 99 5.19 38.89 -11.07
C PHE H 99 6.33 38.93 -12.08
N GLY H 100 7.20 37.93 -12.03
CA GLY H 100 8.17 37.71 -13.11
C GLY H 100 7.44 37.36 -14.39
N HIS H 101 6.40 36.52 -14.27
CA HIS H 101 5.55 36.13 -15.39
C HIS H 101 4.68 37.28 -15.90
N LEU H 102 4.39 38.26 -15.04
CA LEU H 102 3.68 39.47 -15.45
C LEU H 102 4.55 40.34 -16.36
N LEU H 103 5.82 40.52 -15.96
CA LEU H 103 6.78 41.28 -16.75
C LEU H 103 7.03 40.66 -18.12
N CYS H 104 6.95 39.32 -18.20
CA CYS H 104 7.05 38.60 -19.46
C CYS H 104 5.87 38.88 -20.38
N GLU H 105 4.68 38.98 -19.78
CA GLU H 105 3.46 39.20 -20.55
C GLU H 105 3.33 40.60 -21.11
N ILE H 106 3.64 41.60 -20.28
CA ILE H 106 3.60 43.00 -20.69
C ILE H 106 4.63 43.24 -21.80
N ALA H 107 5.82 42.66 -21.64
CA ALA H 107 6.88 42.74 -22.64
C ALA H 107 6.50 42.05 -23.96
N ARG H 108 5.73 40.96 -23.86
CA ARG H 108 5.25 40.23 -25.03
C ARG H 108 4.27 41.07 -25.83
N ARG H 109 3.40 41.80 -25.12
CA ARG H 109 2.41 42.70 -25.75
C ARG H 109 3.10 43.87 -26.44
N CYS H 110 4.24 44.30 -25.89
CA CYS H 110 5.10 45.32 -26.50
C CYS H 110 5.85 44.79 -27.71
N ARG H 111 5.68 43.49 -27.99
CA ARG H 111 6.35 42.81 -29.10
C ARG H 111 7.88 42.77 -28.95
N ALA H 112 8.33 42.46 -27.73
CA ALA H 112 9.75 42.31 -27.45
C ALA H 112 10.15 40.85 -27.56
N GLU H 113 11.42 40.61 -27.87
CA GLU H 113 11.97 39.26 -27.79
C GLU H 113 12.29 38.98 -26.33
N VAL H 114 11.45 38.15 -25.71
CA VAL H 114 11.50 37.92 -24.27
C VAL H 114 12.42 36.75 -23.91
N HIS H 115 13.53 37.05 -23.24
CA HIS H 115 14.43 36.04 -22.71
C HIS H 115 14.29 36.00 -21.19
N THR H 116 14.17 34.80 -20.64
CA THR H 116 13.94 34.63 -19.21
C THR H 116 15.01 33.77 -18.53
N ILE H 117 15.11 33.90 -17.22
CA ILE H 117 15.82 32.95 -16.37
C ILE H 117 14.97 32.66 -15.12
N GLU H 118 15.05 31.45 -14.61
CA GLU H 118 14.17 31.00 -13.54
C GLU H 118 14.90 30.39 -12.35
N VAL H 119 14.33 30.61 -11.16
CA VAL H 119 14.68 29.84 -9.96
C VAL H 119 13.37 29.33 -9.37
N PRO H 120 13.44 28.32 -8.48
CA PRO H 120 12.19 27.86 -7.85
C PRO H 120 11.63 28.87 -6.85
N TRP H 121 10.34 28.76 -6.58
CA TRP H 121 9.69 29.48 -5.49
C TRP H 121 10.04 28.74 -4.20
N GLY H 122 10.50 29.45 -3.18
CA GLY H 122 10.82 30.87 -3.25
C GLY H 122 12.29 31.07 -3.00
N GLU H 123 13.08 30.94 -4.06
CA GLU H 123 14.51 31.24 -4.02
C GLU H 123 14.76 32.60 -4.67
N VAL H 124 16.02 33.01 -4.70
CA VAL H 124 16.40 34.31 -5.22
C VAL H 124 17.56 34.17 -6.21
N PHE H 125 17.83 35.21 -6.99
CA PHE H 125 18.94 35.19 -7.95
C PHE H 125 20.25 35.72 -7.38
N THR H 126 21.35 35.10 -7.80
CA THR H 126 22.71 35.52 -7.49
C THR H 126 23.13 36.51 -8.58
N PRO H 127 23.94 37.53 -8.23
CA PRO H 127 24.50 38.46 -9.22
C PRO H 127 25.18 37.74 -10.39
N ASP H 128 25.91 36.67 -10.10
CA ASP H 128 26.57 35.85 -11.11
C ASP H 128 25.58 35.27 -12.12
N GLN H 129 24.42 34.85 -11.62
CA GLN H 129 23.36 34.26 -12.45
C GLN H 129 22.86 35.23 -13.51
N VAL H 130 22.55 36.46 -13.10
CA VAL H 130 22.09 37.49 -14.05
C VAL H 130 23.22 37.91 -15.01
N GLU H 131 24.45 37.91 -14.50
CA GLU H 131 25.63 38.27 -15.30
C GLU H 131 25.88 37.25 -16.42
N ASP H 132 25.77 35.97 -16.09
CA ASP H 132 25.83 34.89 -17.09
C ASP H 132 24.83 35.13 -18.22
N ALA H 133 23.57 35.35 -17.85
CA ALA H 133 22.49 35.57 -18.81
C ALA H 133 22.70 36.82 -19.66
N VAL H 134 23.03 37.94 -19.02
CA VAL H 134 23.29 39.20 -19.72
C VAL H 134 24.34 39.05 -20.83
N LYS H 135 25.42 38.34 -20.54
CA LYS H 135 26.46 38.04 -21.51
C LYS H 135 25.93 37.21 -22.68
N ARG H 136 25.16 36.18 -22.35
CA ARG H 136 24.57 35.28 -23.34
C ARG H 136 23.69 36.00 -24.35
N ILE H 137 22.67 36.71 -23.86
CA ILE H 137 21.63 37.24 -24.74
C ILE H 137 21.80 38.71 -25.16
N ARG H 138 22.71 39.42 -24.51
CA ARG H 138 22.97 40.84 -24.82
C ARG H 138 21.69 41.66 -24.97
N PRO H 139 20.94 41.83 -23.86
CA PRO H 139 19.64 42.47 -23.95
C PRO H 139 19.72 44.00 -23.85
N ARG H 140 18.64 44.67 -24.27
CA ARG H 140 18.54 46.11 -24.13
C ARG H 140 18.13 46.48 -22.71
N LEU H 141 17.21 45.69 -22.16
CA LEU H 141 16.66 45.91 -20.82
C LEU H 141 16.86 44.70 -19.92
N LEU H 142 17.19 44.96 -18.65
CA LEU H 142 17.02 43.95 -17.61
C LEU H 142 15.80 44.35 -16.80
N LEU H 143 14.76 43.52 -16.88
CA LEU H 143 13.49 43.81 -16.22
C LEU H 143 13.26 42.87 -15.05
N THR H 144 13.40 43.42 -13.84
CA THR H 144 13.35 42.64 -12.61
C THR H 144 12.19 43.05 -11.70
N VAL H 145 11.78 42.12 -10.84
CA VAL H 145 10.92 42.44 -9.70
C VAL H 145 11.85 42.51 -8.49
N GLN H 146 11.64 43.48 -7.61
CA GLN H 146 12.38 43.51 -6.36
C GLN H 146 11.68 42.62 -5.34
N GLY H 147 10.48 43.04 -4.91
CA GLY H 147 9.67 42.25 -4.00
C GLY H 147 8.52 41.58 -4.72
N ASP H 148 8.55 40.24 -4.77
CA ASP H 148 7.46 39.49 -5.36
C ASP H 148 6.60 38.87 -4.27
N THR H 149 5.40 39.43 -4.10
CA THR H 149 4.49 39.04 -3.02
C THR H 149 4.02 37.60 -3.11
N SER H 150 3.96 37.06 -4.32
CA SER H 150 3.53 35.68 -4.54
C SER H 150 4.42 34.65 -3.85
N THR H 151 5.67 35.03 -3.60
CA THR H 151 6.65 34.16 -2.93
C THR H 151 7.17 34.76 -1.62
N THR H 152 6.85 36.02 -1.37
CA THR H 152 7.36 36.81 -0.23
C THR H 152 8.87 37.06 -0.32
N MET H 153 9.43 36.88 -1.52
CA MET H 153 10.88 36.96 -1.73
C MET H 153 11.35 38.32 -2.26
N LEU H 154 12.52 38.75 -1.76
CA LEU H 154 13.09 40.06 -2.05
C LEU H 154 14.43 39.90 -2.78
N GLN H 155 14.43 40.22 -4.08
CA GLN H 155 15.63 40.10 -4.92
C GLN H 155 16.66 41.17 -4.60
N PRO H 156 17.91 40.76 -4.30
CA PRO H 156 19.00 41.71 -4.10
C PRO H 156 19.28 42.48 -5.38
N LEU H 157 19.29 43.81 -5.28
CA LEU H 157 19.47 44.68 -6.44
C LEU H 157 20.72 45.54 -6.35
N ALA H 158 21.40 45.49 -5.22
CA ALA H 158 22.59 46.31 -4.97
C ALA H 158 23.73 46.02 -5.93
N GLU H 159 23.91 44.75 -6.29
CA GLU H 159 25.03 44.33 -7.15
C GLU H 159 24.69 44.30 -8.64
N LEU H 160 23.39 44.29 -8.95
CA LEU H 160 22.90 44.19 -10.34
C LEU H 160 23.11 45.47 -11.14
N GLY H 161 23.30 46.59 -10.45
CA GLY H 161 23.50 47.89 -11.10
C GLY H 161 24.83 48.02 -11.83
N GLU H 162 25.89 47.52 -11.19
CA GLU H 162 27.22 47.53 -11.79
C GLU H 162 27.36 46.60 -12.99
N ILE H 163 26.69 45.45 -12.93
CA ILE H 163 26.66 44.48 -14.03
C ILE H 163 26.04 45.11 -15.28
N CYS H 164 24.84 45.68 -15.12
CA CYS H 164 24.11 46.30 -16.23
C CYS H 164 24.90 47.38 -16.97
N ARG H 165 25.69 48.14 -16.23
CA ARG H 165 26.47 49.26 -16.78
C ARG H 165 27.64 48.80 -17.64
N ARG H 166 28.28 47.69 -17.24
CA ARG H 166 29.39 47.11 -17.98
C ARG H 166 29.00 46.64 -19.38
N TYR H 167 27.72 46.28 -19.55
CA TYR H 167 27.24 45.69 -20.80
C TYR H 167 26.25 46.58 -21.53
N ASP H 168 26.06 47.80 -21.01
CA ASP H 168 25.15 48.79 -21.58
C ASP H 168 23.72 48.25 -21.65
N ALA H 169 23.26 47.72 -20.53
CA ALA H 169 21.88 47.27 -20.38
C ALA H 169 21.14 48.23 -19.46
N LEU H 170 19.89 48.55 -19.81
CA LEU H 170 19.05 49.39 -18.96
C LEU H 170 18.44 48.58 -17.83
N PHE H 171 18.59 49.10 -16.60
CA PHE H 171 18.20 48.39 -15.40
C PHE H 171 16.85 48.89 -14.86
N TYR H 172 15.84 48.02 -14.92
CA TYR H 172 14.50 48.33 -14.41
C TYR H 172 14.07 47.36 -13.31
N THR H 173 13.33 47.89 -12.34
CA THR H 173 12.73 47.05 -11.31
C THR H 173 11.29 47.45 -10.96
N ASP H 174 10.51 46.45 -10.55
CA ASP H 174 9.16 46.67 -10.04
C ASP H 174 9.20 46.68 -8.51
N ALA H 175 8.98 47.84 -7.92
CA ALA H 175 9.11 48.00 -6.47
C ALA H 175 7.81 48.35 -5.75
N THR H 176 6.66 47.98 -6.34
CA THR H 176 5.36 48.31 -5.75
C THR H 176 5.17 47.66 -4.39
N ALA H 177 5.61 46.41 -4.28
CA ALA H 177 5.44 45.61 -3.07
C ALA H 177 6.49 45.93 -2.00
N SER H 178 7.60 46.54 -2.42
CA SER H 178 8.76 46.70 -1.55
C SER H 178 9.01 48.12 -1.05
N LEU H 179 8.86 49.10 -1.94
CA LEU H 179 9.17 50.51 -1.65
C LEU H 179 8.46 51.00 -0.40
N GLY H 180 9.22 51.65 0.49
CA GLY H 180 8.69 52.18 1.75
C GLY H 180 8.92 51.26 2.92
N GLY H 181 9.01 49.95 2.64
CA GLY H 181 9.19 48.95 3.68
C GLY H 181 10.45 48.13 3.54
N ASN H 182 11.18 48.34 2.44
CA ASN H 182 12.43 47.65 2.15
C ASN H 182 13.41 48.61 1.48
N PRO H 183 14.73 48.41 1.70
CA PRO H 183 15.72 49.29 1.07
C PRO H 183 15.60 49.37 -0.45
N LEU H 184 15.57 50.60 -0.97
CA LEU H 184 15.66 50.86 -2.40
C LEU H 184 16.45 52.14 -2.63
N GLU H 185 17.66 51.99 -3.15
CA GLU H 185 18.53 53.12 -3.46
C GLU H 185 18.66 53.25 -4.97
N THR H 186 17.79 54.06 -5.57
CA THR H 186 17.73 54.18 -7.03
C THR H 186 19.05 54.61 -7.67
N ASP H 187 19.64 55.70 -7.17
CA ASP H 187 20.85 56.27 -7.74
C ASP H 187 22.11 55.45 -7.43
N VAL H 188 22.22 54.97 -6.20
CA VAL H 188 23.40 54.23 -5.74
C VAL H 188 23.48 52.84 -6.36
N TRP H 189 22.33 52.29 -6.75
CA TRP H 189 22.27 50.96 -7.35
C TRP H 189 22.17 51.01 -8.88
N GLY H 190 22.47 52.18 -9.45
CA GLY H 190 22.47 52.39 -10.90
C GLY H 190 21.19 51.92 -11.57
N LEU H 191 20.05 52.31 -11.02
CA LEU H 191 18.75 51.96 -11.59
C LEU H 191 18.28 53.03 -12.58
N ASP H 192 17.70 52.57 -13.69
CA ASP H 192 17.27 53.45 -14.77
C ASP H 192 15.79 53.78 -14.72
N ALA H 193 15.00 52.80 -14.27
CA ALA H 193 13.56 52.99 -14.12
C ALA H 193 13.02 52.18 -12.94
N VAL H 194 12.20 52.83 -12.13
CA VAL H 194 11.50 52.16 -11.03
C VAL H 194 10.03 52.54 -11.10
N SER H 195 9.15 51.54 -10.96
CA SER H 195 7.72 51.80 -10.82
C SER H 195 7.22 51.20 -9.51
N ALA H 196 6.20 51.82 -8.93
CA ALA H 196 5.65 51.40 -7.66
C ALA H 196 4.14 51.51 -7.61
N GLY H 197 3.57 51.23 -6.44
CA GLY H 197 2.14 51.35 -6.22
C GLY H 197 1.85 52.00 -4.88
N MET H 198 0.57 52.19 -4.57
CA MET H 198 0.17 52.87 -3.34
C MET H 198 -0.27 51.88 -2.27
N GLN H 199 -0.93 50.81 -2.68
CA GLN H 199 -1.70 49.94 -1.78
C GLN H 199 -0.90 48.89 -1.01
N1 LLP H 200 3.64 44.39 -8.62
C2 LLP H 200 3.96 43.67 -7.52
C2' LLP H 200 5.34 43.15 -7.40
C3 LLP H 200 3.01 43.43 -6.51
O3 LLP H 200 3.33 42.68 -5.44
C4 LLP H 200 1.72 43.94 -6.66
C4' LLP H 200 0.68 43.69 -5.62
C5 LLP H 200 1.44 44.69 -7.83
C6 LLP H 200 2.42 44.91 -8.80
C5' LLP H 200 0.05 45.27 -8.03
OP4 LLP H 200 -0.25 45.86 -9.26
P LLP H 200 -1.64 46.56 -9.46
OP1 LLP H 200 -2.74 45.59 -9.06
OP2 LLP H 200 -1.79 46.92 -10.92
OP3 LLP H 200 -1.73 47.81 -8.62
N LLP H 200 0.42 49.01 -1.02
CA LLP H 200 1.28 48.07 -0.31
CB LLP H 200 2.37 47.45 -1.21
CG LLP H 200 1.92 46.76 -2.49
CD LLP H 200 1.43 45.33 -2.37
CE LLP H 200 0.60 44.81 -3.50
NZ LLP H 200 1.10 43.62 -4.20
C LLP H 200 1.83 48.76 0.92
O LLP H 200 1.14 48.82 1.95
N CYS H 201 3.06 49.28 0.84
CA CYS H 201 3.71 49.93 1.98
C CYS H 201 3.45 51.44 2.04
N LEU H 202 2.92 52.00 0.97
CA LEU H 202 2.74 53.46 0.88
C LEU H 202 1.48 53.97 1.58
N GLY H 203 0.36 53.28 1.38
CA GLY H 203 -0.86 53.46 2.16
C GLY H 203 -1.73 54.70 1.94
N GLY H 204 -2.45 54.76 0.83
CA GLY H 204 -2.38 53.76 -0.23
C GLY H 204 -3.67 53.10 -0.70
N PRO H 205 -4.47 53.80 -1.53
CA PRO H 205 -5.43 53.10 -2.39
C PRO H 205 -4.83 52.91 -3.78
N SER H 206 -5.15 51.80 -4.43
CA SER H 206 -4.62 51.55 -5.79
C SER H 206 -5.24 52.54 -6.78
N GLY H 207 -4.51 52.81 -7.86
CA GLY H 207 -4.96 53.74 -8.90
C GLY H 207 -3.89 54.69 -9.38
N THR H 208 -2.70 54.62 -8.77
CA THR H 208 -1.57 55.49 -9.11
C THR H 208 -0.25 54.73 -9.04
N SER H 209 0.62 54.95 -10.02
CA SER H 209 1.93 54.31 -10.05
C SER H 209 3.05 55.36 -10.05
N PRO H 210 3.67 55.60 -8.87
CA PRO H 210 4.84 56.47 -8.82
C PRO H 210 6.00 55.85 -9.59
N ILE H 211 6.59 56.62 -10.50
CA ILE H 211 7.72 56.17 -11.30
C ILE H 211 8.88 57.14 -11.26
N THR H 212 10.08 56.65 -11.59
CA THR H 212 11.25 57.52 -11.77
C THR H 212 12.11 57.05 -12.93
N LEU H 213 12.62 57.99 -13.71
CA LEU H 213 13.40 57.70 -14.91
C LEU H 213 14.76 58.40 -14.88
N SER H 214 15.82 57.64 -15.16
CA SER H 214 17.19 58.17 -15.13
C SER H 214 17.51 59.00 -16.38
N ALA H 215 18.62 59.73 -16.33
CA ALA H 215 19.12 60.51 -17.47
C ALA H 215 19.26 59.65 -18.74
N ARG H 216 19.75 58.41 -18.57
CA ARG H 216 19.84 57.44 -19.67
C ARG H 216 18.46 57.06 -20.21
N MET H 217 17.52 56.77 -19.30
CA MET H 217 16.18 56.33 -19.67
C MET H 217 15.37 57.36 -20.47
N GLU H 218 15.46 58.63 -20.07
CA GLU H 218 14.75 59.69 -20.78
C GLU H 218 15.36 59.95 -22.17
N GLU H 219 16.65 59.67 -22.32
CA GLU H 219 17.30 59.77 -23.63
C GLU H 219 16.74 58.71 -24.59
N ALA H 220 16.46 57.53 -24.05
CA ALA H 220 15.86 56.44 -24.82
C ALA H 220 14.43 56.77 -25.26
N ILE H 221 13.67 57.42 -24.37
CA ILE H 221 12.27 57.73 -24.64
C ILE H 221 12.11 58.94 -25.58
N ARG H 222 12.97 59.95 -25.43
CA ARG H 222 12.99 61.12 -26.33
C ARG H 222 13.27 60.76 -27.80
N ARG H 223 13.98 59.65 -28.02
CA ARG H 223 14.25 59.13 -29.37
C ARG H 223 12.97 58.68 -30.05
N ARG H 224 11.95 58.36 -29.25
CA ARG H 224 10.68 57.86 -29.76
C ARG H 224 9.59 58.94 -29.74
N LYS H 225 10.00 60.19 -29.51
CA LYS H 225 9.07 61.31 -29.44
C LYS H 225 8.12 61.39 -30.65
N CYS H 226 6.83 61.38 -30.35
CA CYS H 226 5.79 61.61 -31.34
C CYS H 226 4.61 62.27 -30.62
N VAL H 227 4.46 63.58 -30.83
CA VAL H 227 3.47 64.37 -30.12
C VAL H 227 2.07 64.20 -30.71
N GLU H 228 1.12 63.83 -29.85
CA GLU H 228 -0.27 63.57 -30.23
C GLU H 228 -0.87 64.68 -31.10
N GLU H 229 -1.40 64.26 -32.26
CA GLU H 229 -1.95 65.12 -33.31
C GLU H 229 -2.75 66.34 -32.84
N GLY H 230 -3.56 66.17 -31.80
CA GLY H 230 -4.42 67.25 -31.30
C GLY H 230 -3.69 68.36 -30.57
N ILE H 231 -2.50 68.06 -30.05
CA ILE H 231 -1.70 69.02 -29.30
C ILE H 231 -0.32 69.22 -29.93
N ARG H 232 -0.23 68.93 -31.22
CA ARG H 232 1.02 69.06 -31.98
C ARG H 232 1.10 70.43 -32.65
N THR H 233 2.27 71.05 -32.56
CA THR H 233 2.52 72.36 -33.16
C THR H 233 3.49 72.25 -34.34
N ASP H 234 3.88 73.39 -34.90
CA ASP H 234 4.89 73.44 -35.95
C ASP H 234 6.31 73.29 -35.41
N ALA H 235 6.46 73.44 -34.09
CA ALA H 235 7.74 73.29 -33.43
C ALA H 235 8.05 71.82 -33.10
N HIS H 236 7.02 70.98 -33.07
CA HIS H 236 7.18 69.58 -32.71
C HIS H 236 7.72 68.72 -33.85
N ARG H 237 8.77 67.97 -33.53
CA ARG H 237 9.40 67.06 -34.49
C ARG H 237 9.67 65.71 -33.83
N ASP H 238 9.49 64.65 -34.60
CA ASP H 238 9.68 63.28 -34.12
C ASP H 238 11.14 62.96 -33.86
N GLY H 239 11.37 61.94 -33.04
CA GLY H 239 12.71 61.45 -32.76
C GLY H 239 13.21 60.51 -33.84
N ASP H 240 14.45 60.05 -33.69
CA ASP H 240 15.10 59.19 -34.69
C ASP H 240 14.54 57.76 -34.73
N GLU H 241 13.69 57.41 -33.76
CA GLU H 241 13.17 56.05 -33.65
C GLU H 241 11.64 55.97 -33.67
N GLU H 242 11.13 54.76 -33.91
CA GLU H 242 9.70 54.53 -34.06
C GLU H 242 8.90 54.96 -32.84
N MET H 243 7.68 55.43 -33.09
CA MET H 243 6.78 55.89 -32.05
C MET H 243 6.43 54.81 -31.03
N ILE H 244 6.08 55.24 -29.83
CA ILE H 244 5.59 54.36 -28.78
C ILE H 244 4.14 54.01 -29.14
N TYR H 245 3.84 52.71 -29.17
CA TYR H 245 2.51 52.25 -29.60
C TYR H 245 1.46 52.33 -28.49
N SER H 246 1.28 53.56 -28.00
CA SER H 246 0.25 53.91 -27.00
C SER H 246 0.25 55.42 -26.83
N ASN H 247 -0.93 56.02 -26.86
CA ASN H 247 -1.06 57.45 -26.58
C ASN H 247 -0.97 57.71 -25.08
N TYR H 248 -1.68 56.90 -24.31
CA TYR H 248 -1.83 57.10 -22.87
C TYR H 248 -0.58 56.73 -22.07
N PHE H 249 0.13 55.70 -22.51
CA PHE H 249 1.34 55.23 -21.82
C PHE H 249 2.64 55.75 -22.42
N ASP H 250 2.53 56.68 -23.36
CA ASP H 250 3.69 57.36 -23.95
C ASP H 250 4.27 58.31 -22.92
N LEU H 251 5.38 57.89 -22.30
CA LEU H 251 5.99 58.64 -21.20
C LEU H 251 6.69 59.92 -21.62
N GLY H 252 7.05 60.01 -22.90
CA GLY H 252 7.64 61.22 -23.45
C GLY H 252 6.68 62.39 -23.40
N MET H 253 5.42 62.11 -23.69
CA MET H 253 4.35 63.09 -23.61
C MET H 253 3.89 63.33 -22.18
N VAL H 254 4.01 62.30 -21.34
CA VAL H 254 3.73 62.42 -19.91
C VAL H 254 4.81 63.30 -19.26
N MET H 255 6.06 63.08 -19.64
CA MET H 255 7.18 63.94 -19.23
C MET H 255 6.92 65.39 -19.59
N ASP H 256 6.45 65.62 -20.82
CA ASP H 256 6.13 66.97 -21.29
C ASP H 256 5.04 67.63 -20.45
N TYR H 257 4.02 66.85 -20.06
CA TYR H 257 2.92 67.33 -19.22
C TYR H 257 3.43 67.85 -17.86
N TRP H 258 4.25 67.05 -17.20
CA TRP H 258 4.81 67.41 -15.89
C TRP H 258 5.92 68.46 -15.99
N GLY H 259 6.54 68.54 -17.17
CA GLY H 259 7.60 69.51 -17.42
C GLY H 259 7.08 70.91 -17.73
N PRO H 260 8.00 71.89 -17.88
CA PRO H 260 7.68 73.31 -18.06
C PRO H 260 6.81 73.66 -19.28
N GLU H 261 6.77 72.78 -20.29
CA GLU H 261 5.92 72.99 -21.45
C GLU H 261 4.45 72.80 -21.10
N ARG H 262 4.19 71.94 -20.12
CA ARG H 262 2.84 71.65 -19.62
C ARG H 262 1.91 71.13 -20.73
N LEU H 263 2.49 70.40 -21.67
CA LEU H 263 1.79 69.81 -22.81
C LEU H 263 0.56 69.02 -22.35
N ASN H 264 -0.59 69.33 -22.93
CA ASN H 264 -1.88 68.83 -22.45
C ASN H 264 -2.15 67.36 -22.81
N HIS H 265 -1.39 66.46 -22.21
CA HIS H 265 -1.49 65.03 -22.50
C HIS H 265 -2.81 64.42 -22.00
N HIS H 266 -3.08 64.60 -20.71
CA HIS H 266 -4.32 64.14 -20.09
C HIS H 266 -4.68 65.06 -18.92
N THR H 267 -5.86 64.85 -18.34
CA THR H 267 -6.25 65.57 -17.14
C THR H 267 -5.78 64.77 -15.93
N GLU H 268 -4.73 65.28 -15.28
CA GLU H 268 -4.16 64.63 -14.09
C GLU H 268 -5.24 64.38 -13.05
N ALA H 269 -5.27 63.14 -12.54
CA ALA H 269 -6.21 62.74 -11.50
C ALA H 269 -5.96 63.56 -10.23
N THR H 270 -6.78 64.60 -10.04
CA THR H 270 -6.58 65.58 -8.98
C THR H 270 -6.58 64.96 -7.57
N THR H 271 -7.53 64.06 -7.33
CA THR H 271 -7.70 63.44 -6.02
C THR H 271 -6.60 62.40 -5.72
N ALA H 272 -6.31 61.56 -6.71
CA ALA H 272 -5.24 60.56 -6.61
C ALA H 272 -3.87 61.21 -6.44
N LEU H 273 -3.73 62.43 -6.95
CA LEU H 273 -2.52 63.22 -6.76
C LEU H 273 -2.38 63.70 -5.31
N PHE H 274 -3.49 64.13 -4.70
CA PHE H 274 -3.50 64.48 -3.27
C PHE H 274 -3.17 63.26 -2.43
N GLY H 275 -3.70 62.10 -2.84
CA GLY H 275 -3.40 60.82 -2.21
C GLY H 275 -1.91 60.53 -2.27
N ALA H 276 -1.35 60.52 -3.48
CA ALA H 276 0.07 60.27 -3.70
C ALA H 276 0.98 61.24 -2.95
N ARG H 277 0.60 62.51 -2.94
CA ARG H 277 1.33 63.55 -2.21
C ARG H 277 1.42 63.22 -0.72
N GLU H 278 0.28 62.88 -0.09
CA GLU H 278 0.24 62.57 1.33
C GLU H 278 1.13 61.37 1.69
N CYS H 279 1.03 60.30 0.91
CA CYS H 279 1.83 59.09 1.13
C CYS H 279 3.33 59.38 1.21
N ALA H 280 3.85 60.13 0.25
CA ALA H 280 5.27 60.50 0.23
C ALA H 280 5.63 61.40 1.41
N ARG H 281 4.75 62.36 1.70
CA ARG H 281 4.92 63.30 2.80
C ARG H 281 4.99 62.59 4.14
N LEU H 282 4.09 61.63 4.36
CA LEU H 282 4.03 60.88 5.62
C LEU H 282 5.26 60.00 5.84
N ILE H 283 5.78 59.43 4.75
CA ILE H 283 6.99 58.61 4.78
C ILE H 283 8.23 59.45 5.10
N LEU H 284 8.35 60.62 4.49
CA LEU H 284 9.53 61.48 4.71
C LEU H 284 9.51 62.23 6.05
N GLN H 285 8.31 62.47 6.59
CA GLN H 285 8.16 63.04 7.95
C GLN H 285 8.70 62.09 9.01
N GLU H 286 8.35 60.80 8.86
CA GLU H 286 8.88 59.76 9.72
C GLU H 286 10.36 59.54 9.41
N GLY H 287 10.70 59.58 8.13
CA GLY H 287 12.03 59.24 7.65
C GLY H 287 11.99 57.84 7.08
N LEU H 288 12.44 57.70 5.83
CA LEU H 288 12.38 56.42 5.12
C LEU H 288 13.10 55.28 5.86
N ASP H 289 14.27 55.57 6.41
CA ASP H 289 15.04 54.60 7.18
C ASP H 289 14.27 54.08 8.38
N TYR H 290 13.52 54.98 9.03
CA TYR H 290 12.69 54.60 10.17
C TYR H 290 11.46 53.81 9.74
N GLY H 291 10.88 54.19 8.59
CA GLY H 291 9.80 53.44 7.98
C GLY H 291 10.20 52.01 7.67
N ILE H 292 11.36 51.86 7.03
CA ILE H 292 11.94 50.54 6.74
C ILE H 292 12.19 49.74 8.02
N ALA H 293 12.86 50.36 8.99
CA ALA H 293 13.16 49.72 10.28
C ALA H 293 11.88 49.25 10.97
N ARG H 294 10.82 50.04 10.87
CA ARG H 294 9.51 49.69 11.44
C ARG H 294 8.92 48.43 10.79
N HIS H 295 9.01 48.35 9.46
CA HIS H 295 8.56 47.18 8.71
C HIS H 295 9.32 45.90 9.09
N LYS H 296 10.63 46.05 9.32
CA LYS H 296 11.48 44.93 9.74
C LYS H 296 11.12 44.45 11.15
N LEU H 297 10.94 45.40 12.06
CA LEU H 297 10.58 45.08 13.45
C LEU H 297 9.33 44.22 13.54
N HIS H 298 8.25 44.68 12.89
CA HIS H 298 6.95 44.01 12.97
C HIS H 298 6.87 42.76 12.10
N GLY H 299 7.62 42.73 11.00
CA GLY H 299 7.73 41.55 10.16
C GLY H 299 8.40 40.41 10.88
N ASP H 300 9.50 40.70 11.55
CA ASP H 300 10.26 39.72 12.33
C ASP H 300 9.50 39.20 13.56
N ALA H 301 8.74 40.10 14.19
CA ALA H 301 7.91 39.74 15.34
C ALA H 301 6.87 38.71 14.94
N LEU H 302 6.27 38.91 13.77
CA LEU H 302 5.27 37.99 13.23
C LEU H 302 5.88 36.62 12.92
N VAL H 303 7.10 36.61 12.37
CA VAL H 303 7.81 35.37 12.08
C VAL H 303 7.95 34.53 13.35
N LYS H 304 8.48 35.13 14.40
CA LYS H 304 8.73 34.44 15.67
C LYS H 304 7.44 33.91 16.32
N GLY H 305 6.36 34.68 16.21
CA GLY H 305 5.04 34.24 16.65
C GLY H 305 4.60 33.01 15.90
N ILE H 306 4.62 33.11 14.57
CA ILE H 306 4.30 32.00 13.68
C ILE H 306 5.18 30.77 13.96
N GLN H 307 6.48 30.99 14.10
CA GLN H 307 7.44 29.92 14.39
C GLN H 307 7.17 29.21 15.71
N ALA H 308 6.84 29.99 16.74
CA ALA H 308 6.49 29.44 18.06
C ALA H 308 5.11 28.79 18.06
N MET H 309 4.27 29.18 17.11
CA MET H 309 2.94 28.59 16.92
C MET H 309 3.05 27.15 16.38
N GLY H 310 4.27 26.74 16.03
CA GLY H 310 4.52 25.40 15.51
C GLY H 310 4.32 25.29 14.00
N LEU H 311 4.12 26.43 13.36
CA LEU H 311 3.89 26.48 11.91
C LEU H 311 5.19 26.65 11.14
N GLU H 312 5.26 25.97 10.00
CA GLU H 312 6.39 26.10 9.07
C GLU H 312 6.21 27.34 8.21
N THR H 313 7.33 27.93 7.79
CA THR H 313 7.30 29.09 6.90
C THR H 313 7.83 28.74 5.52
N PHE H 314 7.44 29.55 4.52
CA PHE H 314 7.80 29.31 3.13
C PHE H 314 8.95 30.19 2.66
N GLY H 315 9.83 29.62 1.86
CA GLY H 315 10.89 30.38 1.19
C GLY H 315 12.16 30.58 1.99
N ASP H 316 13.09 31.32 1.40
CA ASP H 316 14.40 31.58 1.99
C ASP H 316 14.34 32.86 2.83
N LEU H 317 14.23 32.68 4.14
CA LEU H 317 14.05 33.78 5.10
C LEU H 317 15.20 34.78 5.11
N LYS H 318 16.39 34.35 4.71
CA LYS H 318 17.54 35.24 4.54
C LYS H 318 17.25 36.35 3.54
N HIS H 319 16.19 36.17 2.76
CA HIS H 319 15.80 37.12 1.71
C HIS H 319 14.30 37.44 1.70
N LYS H 320 13.63 37.21 2.82
CA LYS H 320 12.22 37.55 2.99
C LYS H 320 12.03 39.07 2.92
N MET H 321 10.91 39.49 2.32
CA MET H 321 10.47 40.88 2.41
C MET H 321 10.11 41.18 3.85
N ASN H 322 10.43 42.39 4.31
CA ASN H 322 10.10 42.82 5.67
C ASN H 322 8.59 42.80 5.94
N ASN H 323 7.81 42.89 4.87
CA ASN H 323 6.38 43.17 4.97
C ASN H 323 5.45 42.06 4.50
N VAL H 324 6.01 40.92 4.12
CA VAL H 324 5.21 39.76 3.69
C VAL H 324 5.82 38.46 4.24
N LEU H 325 4.95 37.54 4.65
CA LEU H 325 5.37 36.27 5.23
C LEU H 325 4.54 35.12 4.66
N GLY H 326 5.23 34.08 4.21
CA GLY H 326 4.58 32.84 3.74
C GLY H 326 4.44 31.86 4.88
N VAL H 327 3.20 31.48 5.17
CA VAL H 327 2.90 30.53 6.24
C VAL H 327 2.34 29.24 5.65
N VAL H 328 3.00 28.12 5.95
CA VAL H 328 2.61 26.81 5.42
C VAL H 328 1.40 26.25 6.18
N ILE H 329 0.30 26.05 5.47
CA ILE H 329 -0.94 25.47 6.02
C ILE H 329 -0.65 24.05 6.54
N PRO H 330 -0.80 23.85 7.87
CA PRO H 330 -0.27 22.70 8.63
C PRO H 330 -0.55 21.30 8.09
N GLN H 331 -1.76 21.05 7.60
CA GLN H 331 -2.22 19.73 7.12
C GLN H 331 -3.38 19.18 7.97
N GLY H 332 -4.43 18.75 7.29
CA GLY H 332 -5.70 18.45 7.95
C GLY H 332 -6.48 19.74 8.14
N ILE H 333 -5.81 20.86 7.87
CA ILE H 333 -6.38 22.19 8.01
C ILE H 333 -6.82 22.69 6.64
N ASN H 334 -8.08 23.12 6.55
CA ASN H 334 -8.59 23.74 5.33
C ASN H 334 -8.24 25.22 5.32
N GLY H 335 -7.42 25.61 4.35
CA GLY H 335 -6.93 26.98 4.22
C GLY H 335 -8.01 28.02 3.95
N ASP H 336 -9.02 27.62 3.18
CA ASP H 336 -10.19 28.47 2.91
C ASP H 336 -11.03 28.72 4.15
N GLN H 337 -11.08 27.72 5.04
CA GLN H 337 -11.86 27.81 6.27
C GLN H 337 -11.25 28.78 7.27
N ALA H 338 -9.92 28.78 7.36
CA ALA H 338 -9.20 29.71 8.22
C ALA H 338 -9.42 31.15 7.74
N ARG H 339 -9.26 31.37 6.43
CA ARG H 339 -9.50 32.67 5.81
C ARG H 339 -10.91 33.21 6.03
N LYS H 340 -11.90 32.32 5.93
CA LYS H 340 -13.30 32.68 6.14
C LYS H 340 -13.58 33.08 7.60
N LEU H 341 -13.08 32.27 8.53
CA LEU H 341 -13.26 32.55 9.97
C LEU H 341 -12.49 33.80 10.40
N MET H 342 -11.29 33.98 9.86
CA MET H 342 -10.49 35.18 10.11
C MET H 342 -11.20 36.43 9.62
N LEU H 343 -11.84 36.34 8.45
CA LEU H 343 -12.50 37.48 7.84
C LEU H 343 -13.87 37.77 8.45
N GLU H 344 -14.74 36.75 8.50
CA GLU H 344 -16.11 36.93 8.94
C GLU H 344 -16.26 37.02 10.46
N ASP H 345 -15.36 36.37 11.19
CA ASP H 345 -15.44 36.34 12.65
C ASP H 345 -14.46 37.26 13.37
N PHE H 346 -13.38 37.66 12.69
CA PHE H 346 -12.38 38.54 13.29
C PHE H 346 -12.18 39.85 12.53
N GLY H 347 -12.73 39.94 11.32
CA GLY H 347 -12.58 41.12 10.49
C GLY H 347 -11.16 41.28 9.95
N ILE H 348 -10.41 40.19 9.97
CA ILE H 348 -9.01 40.21 9.55
C ILE H 348 -8.82 39.40 8.28
N GLU H 349 -8.41 40.07 7.21
CA GLU H 349 -8.08 39.39 5.97
C GLU H 349 -6.61 39.00 5.94
N ILE H 350 -6.36 37.71 5.77
CA ILE H 350 -5.04 37.19 5.40
C ILE H 350 -5.14 36.63 3.99
N GLY H 351 -4.02 36.60 3.28
CA GLY H 351 -4.02 36.24 1.87
C GLY H 351 -3.91 34.75 1.57
N THR H 352 -4.62 34.32 0.52
CA THR H 352 -4.41 33.00 -0.04
C THR H 352 -3.24 33.09 -1.04
N SER H 353 -2.72 31.93 -1.44
CA SER H 353 -1.69 31.87 -2.46
C SER H 353 -2.30 31.41 -3.77
N PHE H 354 -1.98 32.10 -4.86
CA PHE H 354 -2.49 31.74 -6.18
C PHE H 354 -1.50 30.89 -6.96
N GLY H 355 -2.00 30.12 -7.91
CA GLY H 355 -1.16 29.29 -8.78
C GLY H 355 -0.75 27.97 -8.15
N PRO H 356 0.56 27.65 -8.21
CA PRO H 356 1.09 26.37 -7.76
C PRO H 356 1.12 26.21 -6.23
N LEU H 357 1.01 27.31 -5.51
CA LEU H 357 1.06 27.28 -4.04
C LEU H 357 -0.33 27.28 -3.40
N HIS H 358 -1.37 27.22 -4.23
CA HIS H 358 -2.74 27.32 -3.71
C HIS H 358 -3.14 26.16 -2.79
N GLY H 359 -3.70 26.50 -1.65
CA GLY H 359 -4.12 25.53 -0.65
C GLY H 359 -3.02 25.08 0.28
N LYS H 360 -1.79 25.51 0.01
CA LYS H 360 -0.63 25.10 0.78
C LYS H 360 -0.05 26.23 1.64
N VAL H 361 -0.25 27.47 1.19
CA VAL H 361 0.38 28.64 1.83
C VAL H 361 -0.60 29.80 2.05
N TRP H 362 -0.55 30.39 3.25
CA TRP H 362 -1.18 31.69 3.51
C TRP H 362 -0.16 32.80 3.35
N ARG H 363 -0.63 34.00 3.05
CA ARG H 363 0.24 35.17 3.01
C ARG H 363 -0.24 36.26 3.97
N ILE H 364 0.52 36.46 5.05
CA ILE H 364 0.22 37.48 6.04
C ILE H 364 1.16 38.69 5.85
N GLY H 365 0.58 39.82 5.46
CA GLY H 365 1.34 41.04 5.25
C GLY H 365 1.31 41.98 6.44
N THR H 366 2.43 42.68 6.65
CA THR H 366 2.55 43.71 7.68
C THR H 366 3.12 44.98 7.04
N MET H 367 2.24 45.78 6.44
CA MET H 367 2.66 46.85 5.54
C MET H 367 2.10 48.21 5.92
N GLY H 368 2.76 49.26 5.45
CA GLY H 368 2.34 50.65 5.57
C GLY H 368 1.76 51.03 6.92
N TYR H 369 0.50 51.44 6.91
CA TYR H 369 -0.22 51.82 8.13
C TYR H 369 -0.39 50.64 9.10
N ASN H 370 -0.51 49.43 8.54
CA ASN H 370 -0.69 48.22 9.35
C ASN H 370 0.61 47.59 9.84
N ALA H 371 1.75 48.20 9.51
CA ALA H 371 3.02 47.81 10.12
C ALA H 371 3.06 48.36 11.55
N ARG H 372 2.22 47.78 12.40
CA ARG H 372 2.10 48.17 13.80
C ARG H 372 2.12 46.92 14.68
N LYS H 373 2.47 47.11 15.95
CA LYS H 373 2.49 46.03 16.92
C LYS H 373 1.08 45.45 17.13
N ASP H 374 0.10 46.33 17.31
CA ASP H 374 -1.28 45.93 17.57
C ASP H 374 -1.94 45.20 16.39
N CYS H 375 -1.40 45.41 15.18
CA CYS H 375 -1.83 44.65 14.01
C CYS H 375 -1.26 43.23 14.04
N VAL H 376 -0.03 43.11 14.55
CA VAL H 376 0.65 41.82 14.65
C VAL H 376 0.07 40.97 15.78
N MET H 377 -0.12 41.59 16.94
CA MET H 377 -0.74 40.94 18.09
C MET H 377 -2.15 40.43 17.82
N THR H 378 -2.99 41.30 17.26
CA THR H 378 -4.38 40.97 16.95
C THR H 378 -4.46 39.77 16.00
N THR H 379 -3.59 39.77 14.99
CA THR H 379 -3.56 38.74 13.95
C THR H 379 -3.05 37.39 14.49
N LEU H 380 -2.01 37.42 15.33
CA LEU H 380 -1.46 36.19 15.91
C LEU H 380 -2.43 35.49 16.84
N SER H 381 -3.13 36.27 17.67
CA SER H 381 -4.15 35.73 18.58
C SER H 381 -5.39 35.27 17.83
N ALA H 382 -5.69 35.94 16.71
CA ALA H 382 -6.82 35.58 15.87
C ALA H 382 -6.56 34.26 15.14
N LEU H 383 -5.38 34.14 14.53
CA LEU H 383 -4.98 32.93 13.83
C LEU H 383 -4.92 31.72 14.76
N GLU H 384 -4.32 31.90 15.94
CA GLU H 384 -4.19 30.84 16.93
C GLU H 384 -5.56 30.35 17.42
N ALA H 385 -6.47 31.30 17.69
CA ALA H 385 -7.83 30.97 18.10
C ALA H 385 -8.59 30.16 17.05
N VAL H 386 -8.33 30.46 15.77
CA VAL H 386 -8.97 29.77 14.66
C VAL H 386 -8.44 28.35 14.48
N LEU H 387 -7.12 28.19 14.55
CA LEU H 387 -6.47 26.89 14.40
C LEU H 387 -6.84 25.94 15.54
N ASN H 388 -6.85 26.46 16.77
CA ASN H 388 -7.28 25.70 17.95
C ASN H 388 -8.74 25.27 17.85
N TYR H 389 -9.57 26.14 17.28
CA TYR H 389 -10.98 25.85 17.04
C TYR H 389 -11.13 24.74 16.00
N LEU H 390 -10.17 24.69 15.07
CA LEU H 390 -10.13 23.68 14.03
C LEU H 390 -9.25 22.48 14.44
N LYS H 391 -8.98 22.38 15.75
CA LYS H 391 -8.30 21.23 16.38
C LYS H 391 -6.86 21.02 15.88
N PHE H 392 -6.15 22.11 15.66
CA PHE H 392 -4.71 22.09 15.47
C PHE H 392 -4.06 22.45 16.81
N PRO H 393 -3.43 21.45 17.46
CA PRO H 393 -2.81 21.71 18.76
C PRO H 393 -1.65 22.70 18.66
N THR H 394 -1.65 23.66 19.57
CA THR H 394 -0.53 24.58 19.76
C THR H 394 -0.19 24.60 21.24
N THR H 395 1.03 25.00 21.57
CA THR H 395 1.41 25.18 22.96
C THR H 395 0.85 26.50 23.47
N GLN H 396 -0.13 26.41 24.37
CA GLN H 396 -0.80 27.57 24.95
C GLN H 396 0.17 28.67 25.36
N GLY H 397 -0.07 29.88 24.85
CA GLY H 397 0.68 31.07 25.25
C GLY H 397 1.98 31.33 24.52
N ALA H 398 2.60 30.27 24.00
CA ALA H 398 3.96 30.33 23.43
C ALA H 398 4.11 31.24 22.21
N ALA H 399 3.10 31.22 21.32
CA ALA H 399 3.11 32.04 20.12
C ALA H 399 3.18 33.54 20.44
N MET H 400 2.36 33.96 21.40
CA MET H 400 2.34 35.34 21.85
C MET H 400 3.53 35.67 22.74
N GLN H 401 4.07 34.65 23.42
CA GLN H 401 5.26 34.80 24.25
C GLN H 401 6.48 35.20 23.41
N ALA H 402 6.68 34.51 22.29
CA ALA H 402 7.77 34.79 21.37
C ALA H 402 7.63 36.17 20.74
N ALA H 403 6.38 36.55 20.44
CA ALA H 403 6.07 37.87 19.91
C ALA H 403 6.42 38.96 20.91
N TRP H 404 5.98 38.79 22.17
CA TRP H 404 6.30 39.72 23.24
C TRP H 404 7.81 39.79 23.52
N ASP H 405 8.48 38.65 23.51
CA ASP H 405 9.92 38.58 23.77
C ASP H 405 10.75 39.35 22.75
N HIS H 406 10.33 39.29 21.48
CA HIS H 406 10.97 40.03 20.41
C HIS H 406 10.77 41.54 20.58
N TYR H 407 9.55 41.95 20.92
CA TYR H 407 9.23 43.35 21.18
C TYR H 407 9.92 43.89 22.44
N ARG H 408 10.16 43.00 23.40
CA ARG H 408 10.86 43.36 24.64
C ARG H 408 12.35 43.58 24.41
N SER H 409 12.96 42.67 23.63
CA SER H 409 14.40 42.71 23.38
C SER H 409 14.85 43.76 22.37
N GLU H 410 13.90 44.26 21.57
CA GLU H 410 14.21 45.22 20.51
C GLU H 410 14.16 46.68 20.97
N ARG H 411 13.83 46.89 22.25
CA ARG H 411 13.79 48.22 22.84
C ARG H 411 14.22 48.19 24.30
N ASP I 2 -41.19 12.36 -30.15
CA ASP I 2 -42.20 11.60 -30.94
C ASP I 2 -42.04 10.10 -30.72
N ILE I 3 -43.02 9.33 -31.20
CA ILE I 3 -43.02 7.87 -31.05
C ILE I 3 -42.21 7.16 -32.15
N THR I 4 -42.26 7.70 -33.36
CA THR I 4 -41.53 7.14 -34.51
C THR I 4 -40.02 7.02 -34.27
N GLN I 5 -39.50 7.84 -33.36
CA GLN I 5 -38.07 7.80 -33.00
C GLN I 5 -37.75 6.81 -31.87
N PHE I 6 -38.70 5.94 -31.55
CA PHE I 6 -38.45 4.78 -30.70
C PHE I 6 -38.43 3.54 -31.58
N SER I 7 -37.24 3.14 -31.98
CA SER I 7 -37.06 2.03 -32.91
C SER I 7 -36.95 0.70 -32.17
N GLN I 8 -36.93 -0.39 -32.92
CA GLN I 8 -36.76 -1.72 -32.38
C GLN I 8 -35.47 -1.81 -31.56
N LEU I 9 -35.41 -2.81 -30.69
CA LEU I 9 -34.26 -3.06 -29.84
C LEU I 9 -33.00 -3.30 -30.68
N ASN I 10 -31.90 -2.66 -30.31
CA ASN I 10 -30.63 -2.79 -31.03
C ASN I 10 -29.38 -2.56 -30.16
N PRO I 11 -29.07 -3.51 -29.25
CA PRO I 11 -27.86 -3.39 -28.46
C PRO I 11 -26.62 -3.59 -29.33
N PRO I 12 -25.55 -2.82 -29.08
CA PRO I 12 -24.31 -3.02 -29.83
C PRO I 12 -23.61 -4.30 -29.40
N SER I 13 -22.85 -4.90 -30.31
CA SER I 13 -22.08 -6.10 -30.00
C SER I 13 -21.09 -5.80 -28.88
N ARG I 14 -21.15 -6.60 -27.82
CA ARG I 14 -20.33 -6.38 -26.64
C ARG I 14 -19.74 -7.67 -26.09
N LEU I 15 -18.43 -7.65 -25.88
CA LEU I 15 -17.75 -8.74 -25.19
C LEU I 15 -17.60 -8.34 -23.72
N LEU I 16 -18.51 -8.82 -22.89
CA LEU I 16 -18.57 -8.44 -21.49
C LEU I 16 -17.61 -9.26 -20.64
N MET I 17 -16.45 -8.69 -20.38
CA MET I 17 -15.38 -9.34 -19.62
C MET I 17 -15.15 -8.64 -18.28
N GLY I 18 -16.23 -8.14 -17.69
CA GLY I 18 -16.16 -7.43 -16.42
C GLY I 18 -16.64 -8.28 -15.24
N PRO I 19 -17.01 -7.63 -14.13
CA PRO I 19 -17.48 -8.36 -12.95
C PRO I 19 -18.94 -8.83 -13.06
N GLY I 20 -19.64 -8.36 -14.09
CA GLY I 20 -21.05 -8.69 -14.29
C GLY I 20 -21.86 -7.47 -14.70
N PRO I 21 -22.94 -7.67 -15.50
CA PRO I 21 -23.42 -8.95 -16.05
C PRO I 21 -22.51 -9.46 -17.16
N ILE I 22 -22.69 -10.71 -17.59
CA ILE I 22 -21.90 -11.22 -18.71
C ILE I 22 -22.78 -11.66 -19.90
N ASN I 23 -22.16 -11.80 -21.07
CA ASN I 23 -22.86 -12.29 -22.27
C ASN I 23 -23.61 -13.59 -22.01
N ALA I 24 -24.89 -13.59 -22.38
CA ALA I 24 -25.74 -14.75 -22.21
C ALA I 24 -25.43 -15.81 -23.26
N ASP I 25 -25.54 -17.07 -22.84
CA ASP I 25 -25.47 -18.20 -23.77
C ASP I 25 -26.64 -18.09 -24.73
N PRO I 26 -26.35 -18.08 -26.06
CA PRO I 26 -27.39 -17.92 -27.08
C PRO I 26 -28.56 -18.91 -26.95
N ARG I 27 -28.30 -20.13 -26.47
CA ARG I 27 -29.37 -21.10 -26.21
C ARG I 27 -30.35 -20.60 -25.15
N VAL I 28 -29.84 -19.84 -24.19
CA VAL I 28 -30.67 -19.23 -23.14
C VAL I 28 -31.50 -18.08 -23.71
N LEU I 29 -30.88 -17.28 -24.59
CA LEU I 29 -31.56 -16.18 -25.26
C LEU I 29 -32.69 -16.69 -26.15
N ARG I 30 -32.41 -17.77 -26.88
CA ARG I 30 -33.40 -18.36 -27.78
C ARG I 30 -34.60 -18.95 -27.03
N ALA I 31 -34.32 -19.61 -25.90
CA ALA I 31 -35.35 -20.22 -25.06
C ALA I 31 -36.32 -19.19 -24.47
N MET I 32 -35.84 -17.97 -24.27
CA MET I 32 -36.65 -16.86 -23.74
C MET I 32 -37.70 -16.36 -24.72
N SER I 33 -37.41 -16.49 -26.02
CA SER I 33 -38.32 -16.02 -27.07
C SER I 33 -39.51 -16.94 -27.27
N SER I 34 -39.53 -18.06 -26.54
CA SER I 34 -40.58 -19.05 -26.64
C SER I 34 -41.93 -18.55 -26.10
N GLN I 35 -43.02 -19.05 -26.70
CA GLN I 35 -44.39 -18.69 -26.32
C GLN I 35 -44.74 -19.15 -24.90
N LEU I 36 -45.68 -18.45 -24.27
CA LEU I 36 -46.02 -18.69 -22.87
C LEU I 36 -47.20 -19.63 -22.70
N ILE I 37 -47.28 -20.27 -21.54
CA ILE I 37 -48.46 -21.02 -21.15
C ILE I 37 -49.06 -20.44 -19.87
N GLY I 38 -50.18 -21.01 -19.43
CA GLY I 38 -50.86 -20.55 -18.22
C GLY I 38 -50.11 -20.94 -16.97
N GLN I 39 -50.45 -20.28 -15.86
CA GLN I 39 -49.80 -20.48 -14.57
C GLN I 39 -49.89 -21.93 -14.08
N TYR I 40 -51.09 -22.51 -14.14
CA TYR I 40 -51.31 -23.87 -13.63
C TYR I 40 -51.53 -24.88 -14.75
N ASP I 41 -51.04 -24.53 -15.93
CA ASP I 41 -50.97 -25.45 -17.06
C ASP I 41 -50.02 -26.58 -16.69
N PRO I 42 -50.42 -27.84 -16.98
CA PRO I 42 -49.61 -29.03 -16.66
C PRO I 42 -48.19 -29.01 -17.21
N ALA I 43 -47.94 -28.16 -18.21
CA ALA I 43 -46.60 -27.98 -18.77
C ALA I 43 -45.79 -27.02 -17.91
N MET I 44 -46.45 -26.00 -17.36
CA MET I 44 -45.79 -25.04 -16.47
C MET I 44 -45.36 -25.69 -15.16
N THR I 45 -46.24 -26.52 -14.58
CA THR I 45 -45.92 -27.17 -13.31
C THR I 45 -44.85 -28.25 -13.48
N HIS I 46 -44.82 -28.88 -14.65
CA HIS I 46 -43.76 -29.86 -14.95
C HIS I 46 -42.39 -29.19 -15.10
N TYR I 47 -42.35 -28.03 -15.77
CA TYR I 47 -41.12 -27.27 -15.92
C TYR I 47 -40.61 -26.73 -14.58
N MET I 48 -41.52 -26.24 -13.75
CA MET I 48 -41.19 -25.80 -12.39
C MET I 48 -40.52 -26.92 -11.61
N ASN I 49 -41.09 -28.13 -11.71
CA ASN I 49 -40.51 -29.33 -11.10
C ASN I 49 -39.13 -29.69 -11.65
N GLU I 50 -38.96 -29.50 -12.96
CA GLU I 50 -37.68 -29.77 -13.62
C GLU I 50 -36.61 -28.79 -13.14
N VAL I 51 -36.99 -27.52 -13.03
CA VAL I 51 -36.12 -26.47 -12.49
C VAL I 51 -35.62 -26.85 -11.10
N MET I 52 -36.50 -27.41 -10.28
CA MET I 52 -36.15 -27.86 -8.94
C MET I 52 -35.08 -28.96 -8.98
N ALA I 53 -35.35 -30.02 -9.74
CA ALA I 53 -34.41 -31.13 -9.89
C ALA I 53 -33.07 -30.65 -10.43
N LEU I 54 -33.12 -29.88 -11.51
CA LEU I 54 -31.92 -29.36 -12.17
C LEU I 54 -31.00 -28.61 -11.22
N TYR I 55 -31.56 -27.71 -10.43
CA TYR I 55 -30.75 -26.87 -9.53
C TYR I 55 -30.19 -27.59 -8.31
N ARG I 56 -30.87 -28.67 -7.89
CA ARG I 56 -30.32 -29.59 -6.89
C ARG I 56 -28.97 -30.11 -7.39
N GLY I 57 -28.94 -30.45 -8.68
CA GLY I 57 -27.70 -30.91 -9.34
C GLY I 57 -26.64 -29.82 -9.40
N VAL I 58 -27.06 -28.58 -9.66
CA VAL I 58 -26.16 -27.43 -9.74
C VAL I 58 -25.58 -27.06 -8.38
N PHE I 59 -26.44 -26.99 -7.37
CA PHE I 59 -26.00 -26.66 -6.00
C PHE I 59 -25.26 -27.81 -5.32
N ARG I 60 -25.43 -29.03 -5.85
CA ARG I 60 -24.92 -30.26 -5.25
C ARG I 60 -25.59 -30.53 -3.89
N THR I 61 -26.90 -30.73 -3.95
CA THR I 61 -27.72 -30.92 -2.76
C THR I 61 -28.89 -31.87 -3.05
N GLU I 62 -29.42 -32.47 -1.99
CA GLU I 62 -30.61 -33.31 -2.10
C GLU I 62 -31.85 -32.61 -1.55
N ASN I 63 -31.68 -31.36 -1.11
CA ASN I 63 -32.76 -30.55 -0.55
C ASN I 63 -34.02 -30.55 -1.40
N ARG I 64 -35.14 -30.89 -0.76
CA ARG I 64 -36.46 -30.82 -1.40
C ARG I 64 -36.73 -29.41 -1.90
N TRP I 65 -36.34 -28.41 -1.09
CA TRP I 65 -36.64 -27.02 -1.40
C TRP I 65 -35.53 -26.29 -2.14
N THR I 66 -35.41 -26.61 -3.43
CA THR I 66 -34.53 -25.91 -4.35
C THR I 66 -35.42 -25.25 -5.39
N MET I 67 -35.33 -23.93 -5.49
CA MET I 67 -36.29 -23.14 -6.27
C MET I 67 -35.72 -21.79 -6.69
N LEU I 68 -36.58 -20.94 -7.25
CA LEU I 68 -36.17 -19.62 -7.72
C LEU I 68 -36.98 -18.51 -7.09
N VAL I 69 -36.29 -17.42 -6.73
CA VAL I 69 -36.94 -16.18 -6.30
C VAL I 69 -36.93 -15.22 -7.49
N ASP I 70 -38.11 -14.69 -7.82
CA ASP I 70 -38.26 -13.78 -8.96
C ASP I 70 -37.77 -12.37 -8.64
N GLY I 71 -36.55 -12.09 -9.07
CA GLY I 71 -35.86 -10.83 -8.79
C GLY I 71 -34.38 -11.07 -8.99
N THR I 72 -33.59 -9.99 -9.02
CA THR I 72 -32.14 -10.11 -9.20
C THR I 72 -31.51 -10.82 -8.01
N SER I 73 -30.18 -11.03 -8.07
CA SER I 73 -29.50 -11.87 -7.07
C SER I 73 -29.78 -11.50 -5.61
N ARG I 74 -29.71 -10.21 -5.29
CA ARG I 74 -29.87 -9.76 -3.90
C ARG I 74 -31.31 -9.85 -3.38
N ALA I 75 -32.27 -9.99 -4.29
CA ALA I 75 -33.65 -10.29 -3.92
C ALA I 75 -33.72 -11.69 -3.30
N GLY I 76 -32.87 -12.59 -3.80
CA GLY I 76 -32.75 -13.94 -3.24
C GLY I 76 -32.05 -13.94 -1.89
N ILE I 77 -31.09 -13.05 -1.72
CA ILE I 77 -30.44 -12.84 -0.43
C ILE I 77 -31.48 -12.36 0.58
N GLU I 78 -32.16 -11.27 0.23
CA GLU I 78 -33.14 -10.65 1.09
C GLU I 78 -34.28 -11.61 1.46
N ALA I 79 -34.76 -12.37 0.48
CA ALA I 79 -35.80 -13.39 0.72
C ALA I 79 -35.38 -14.38 1.79
N ILE I 80 -34.14 -14.88 1.68
CA ILE I 80 -33.58 -15.80 2.67
C ILE I 80 -33.41 -15.12 4.03
N LEU I 81 -32.78 -13.94 4.04
CA LEU I 81 -32.50 -13.22 5.28
C LEU I 81 -33.77 -12.74 5.99
N VAL I 82 -34.75 -12.24 5.23
CA VAL I 82 -36.03 -11.79 5.80
C VAL I 82 -36.83 -12.97 6.39
N SER I 83 -36.66 -14.15 5.81
CA SER I 83 -37.33 -15.36 6.27
C SER I 83 -36.56 -16.07 7.39
N ALA I 84 -35.27 -15.76 7.49
CA ALA I 84 -34.40 -16.41 8.46
C ALA I 84 -34.24 -15.61 9.75
N ILE I 85 -34.34 -14.29 9.64
CA ILE I 85 -34.09 -13.39 10.77
C ILE I 85 -35.38 -12.86 11.36
N ARG I 86 -35.64 -13.18 12.62
CA ARG I 86 -36.65 -12.46 13.40
C ARG I 86 -36.01 -11.17 13.90
N PRO I 87 -36.81 -10.10 14.06
CA PRO I 87 -36.29 -8.87 14.68
C PRO I 87 -35.57 -9.17 15.99
N GLY I 88 -34.40 -8.58 16.18
CA GLY I 88 -33.60 -8.79 17.38
C GLY I 88 -32.67 -9.99 17.36
N ASP I 89 -32.83 -10.86 16.36
CA ASP I 89 -31.95 -12.03 16.21
C ASP I 89 -30.50 -11.61 15.93
N LYS I 90 -29.56 -12.33 16.52
CA LYS I 90 -28.14 -12.05 16.34
C LYS I 90 -27.59 -12.65 15.06
N VAL I 91 -26.69 -11.90 14.42
CA VAL I 91 -26.17 -12.24 13.10
C VAL I 91 -24.68 -11.91 12.99
N LEU I 92 -23.90 -12.85 12.47
CA LEU I 92 -22.48 -12.62 12.24
C LEU I 92 -22.15 -12.57 10.75
N VAL I 93 -21.47 -11.51 10.34
CA VAL I 93 -21.03 -11.35 8.95
C VAL I 93 -19.50 -11.17 8.88
N PRO I 94 -18.79 -12.20 8.38
CA PRO I 94 -17.37 -12.03 8.09
C PRO I 94 -17.20 -11.22 6.80
N VAL I 95 -16.76 -9.97 6.95
CA VAL I 95 -16.63 -9.04 5.82
C VAL I 95 -15.22 -9.06 5.21
N PHE I 96 -15.13 -9.48 3.96
CA PHE I 96 -13.86 -9.40 3.23
C PHE I 96 -13.91 -8.56 1.95
N GLY I 97 -15.08 -7.97 1.68
CA GLY I 97 -15.28 -7.10 0.53
C GLY I 97 -16.59 -6.33 0.56
N ARG I 98 -16.89 -5.63 -0.53
CA ARG I 98 -18.11 -4.82 -0.68
C ARG I 98 -19.39 -5.58 -0.40
N PHE I 99 -19.45 -6.83 -0.86
CA PHE I 99 -20.66 -7.65 -0.72
C PHE I 99 -20.90 -8.16 0.71
N GLY I 100 -19.85 -8.11 1.53
CA GLY I 100 -20.00 -8.35 2.97
C GLY I 100 -20.76 -7.20 3.62
N HIS I 101 -20.51 -5.99 3.12
CA HIS I 101 -21.21 -4.79 3.56
C HIS I 101 -22.68 -4.79 3.15
N LEU I 102 -22.99 -5.40 2.00
CA LEU I 102 -24.37 -5.54 1.52
C LEU I 102 -25.19 -6.49 2.40
N LEU I 103 -24.56 -7.58 2.84
CA LEU I 103 -25.20 -8.53 3.75
C LEU I 103 -25.47 -7.90 5.11
N CYS I 104 -24.60 -6.98 5.52
CA CYS I 104 -24.78 -6.20 6.76
C CYS I 104 -26.02 -5.32 6.69
N GLU I 105 -26.21 -4.68 5.53
CA GLU I 105 -27.37 -3.80 5.33
C GLU I 105 -28.69 -4.54 5.27
N ILE I 106 -28.72 -5.63 4.52
CA ILE I 106 -29.94 -6.44 4.39
C ILE I 106 -30.38 -6.96 5.75
N ALA I 107 -29.42 -7.44 6.55
CA ALA I 107 -29.68 -7.87 7.93
C ALA I 107 -30.19 -6.72 8.80
N ARG I 108 -29.66 -5.52 8.57
CA ARG I 108 -30.07 -4.33 9.31
C ARG I 108 -31.52 -3.91 9.01
N ARG I 109 -31.92 -4.04 7.74
CA ARG I 109 -33.30 -3.77 7.32
C ARG I 109 -34.25 -4.86 7.82
N CYS I 110 -33.70 -6.04 8.09
CA CYS I 110 -34.43 -7.15 8.71
C CYS I 110 -34.58 -6.97 10.22
N ARG I 111 -34.04 -5.86 10.74
CA ARG I 111 -34.10 -5.48 12.15
C ARG I 111 -33.31 -6.44 13.06
N ALA I 112 -32.19 -6.93 12.53
CA ALA I 112 -31.30 -7.83 13.27
C ALA I 112 -30.18 -7.08 13.96
N GLU I 113 -29.72 -7.62 15.08
CA GLU I 113 -28.50 -7.14 15.72
C GLU I 113 -27.32 -7.67 14.90
N VAL I 114 -26.69 -6.78 14.13
CA VAL I 114 -25.67 -7.17 13.17
C VAL I 114 -24.27 -7.09 13.77
N HIS I 115 -23.59 -8.24 13.81
CA HIS I 115 -22.18 -8.31 14.21
C HIS I 115 -21.30 -8.60 13.01
N THR I 116 -20.12 -8.01 13.01
CA THR I 116 -19.17 -8.18 11.90
C THR I 116 -17.74 -8.38 12.40
N ILE I 117 -16.98 -9.17 11.65
CA ILE I 117 -15.53 -9.23 11.79
C ILE I 117 -14.89 -8.90 10.44
N GLU I 118 -13.69 -8.33 10.48
CA GLU I 118 -13.04 -7.85 9.27
C GLU I 118 -11.63 -8.39 9.04
N VAL I 119 -11.35 -8.72 7.78
CA VAL I 119 -10.00 -8.92 7.28
C VAL I 119 -9.81 -7.96 6.11
N PRO I 120 -8.57 -7.47 5.88
CA PRO I 120 -8.40 -6.45 4.85
C PRO I 120 -8.61 -6.96 3.41
N TRP I 121 -9.08 -6.07 2.54
CA TRP I 121 -9.14 -6.34 1.11
C TRP I 121 -7.70 -6.40 0.59
N GLY I 122 -7.32 -7.48 -0.09
CA GLY I 122 -8.19 -8.61 -0.37
C GLY I 122 -7.60 -9.90 0.18
N GLU I 123 -7.84 -10.15 1.46
CA GLU I 123 -7.46 -11.38 2.12
C GLU I 123 -8.70 -12.24 2.36
N VAL I 124 -8.51 -13.34 3.08
CA VAL I 124 -9.60 -14.27 3.36
C VAL I 124 -9.61 -14.64 4.84
N PHE I 125 -10.77 -15.06 5.35
CA PHE I 125 -10.91 -15.48 6.73
C PHE I 125 -10.38 -16.89 6.96
N THR I 126 -9.76 -17.11 8.12
CA THR I 126 -9.34 -18.43 8.57
C THR I 126 -10.47 -19.01 9.44
N PRO I 127 -10.67 -20.34 9.39
CA PRO I 127 -11.61 -21.05 10.26
C PRO I 127 -11.64 -20.58 11.72
N ASP I 128 -10.48 -20.31 12.31
CA ASP I 128 -10.38 -19.91 13.70
C ASP I 128 -10.93 -18.52 13.98
N GLN I 129 -10.80 -17.62 13.00
CA GLN I 129 -11.27 -16.24 13.11
C GLN I 129 -12.79 -16.19 13.34
N VAL I 130 -13.52 -16.99 12.58
CA VAL I 130 -14.98 -17.02 12.70
C VAL I 130 -15.45 -17.83 13.91
N GLU I 131 -14.73 -18.90 14.25
CA GLU I 131 -15.07 -19.73 15.41
C GLU I 131 -14.94 -18.95 16.72
N ASP I 132 -13.91 -18.12 16.81
CA ASP I 132 -13.74 -17.21 17.96
C ASP I 132 -14.84 -16.17 18.01
N ALA I 133 -15.28 -15.71 16.85
CA ALA I 133 -16.38 -14.74 16.75
C ALA I 133 -17.71 -15.42 17.07
N VAL I 134 -17.94 -16.61 16.52
CA VAL I 134 -19.12 -17.41 16.83
C VAL I 134 -19.21 -17.64 18.34
N LYS I 135 -18.07 -17.98 18.96
CA LYS I 135 -17.96 -18.14 20.40
C LYS I 135 -18.26 -16.84 21.17
N ARG I 136 -17.78 -15.72 20.64
CA ARG I 136 -17.92 -14.42 21.32
C ARG I 136 -19.34 -13.85 21.29
N ILE I 137 -19.99 -13.87 20.13
CA ILE I 137 -21.28 -13.19 20.00
C ILE I 137 -22.51 -14.10 20.00
N ARG I 138 -22.31 -15.41 19.81
CA ARG I 138 -23.41 -16.40 19.84
C ARG I 138 -24.55 -16.10 18.86
N PRO I 139 -24.25 -16.06 17.55
CA PRO I 139 -25.27 -15.65 16.59
C PRO I 139 -26.23 -16.78 16.22
N ARG I 140 -27.38 -16.42 15.67
CA ARG I 140 -28.30 -17.39 15.08
C ARG I 140 -27.83 -17.76 13.66
N LEU I 141 -27.27 -16.77 12.98
CA LEU I 141 -26.83 -16.94 11.59
C LEU I 141 -25.38 -16.55 11.36
N LEU I 142 -24.69 -17.34 10.55
CA LEU I 142 -23.43 -16.92 9.95
C LEU I 142 -23.72 -16.58 8.50
N LEU I 143 -23.61 -15.30 8.16
CA LEU I 143 -23.93 -14.81 6.82
C LEU I 143 -22.66 -14.45 6.07
N THR I 144 -22.31 -15.28 5.10
CA THR I 144 -21.06 -15.14 4.35
C THR I 144 -21.31 -14.94 2.86
N VAL I 145 -20.32 -14.35 2.20
CA VAL I 145 -20.23 -14.33 0.75
C VAL I 145 -19.20 -15.41 0.40
N GLN I 146 -19.48 -16.22 -0.62
CA GLN I 146 -18.45 -17.14 -1.10
C GLN I 146 -17.43 -16.39 -1.96
N GLY I 147 -17.84 -16.04 -3.16
CA GLY I 147 -16.99 -15.28 -4.08
C GLY I 147 -17.38 -13.82 -4.17
N ASP I 148 -16.50 -12.94 -3.69
CA ASP I 148 -16.76 -11.51 -3.67
C ASP I 148 -16.02 -10.80 -4.81
N THR I 149 -16.76 -10.47 -5.87
CA THR I 149 -16.17 -9.88 -7.08
C THR I 149 -15.45 -8.55 -6.88
N SER I 150 -15.74 -7.88 -5.76
CA SER I 150 -15.09 -6.60 -5.45
C SER I 150 -13.61 -6.75 -5.10
N THR I 151 -13.24 -7.93 -4.62
CA THR I 151 -11.83 -8.21 -4.25
C THR I 151 -11.26 -9.41 -5.00
N THR I 152 -12.12 -10.15 -5.71
CA THR I 152 -11.78 -11.36 -6.46
C THR I 152 -11.37 -12.55 -5.57
N MET I 153 -11.70 -12.47 -4.29
CA MET I 153 -11.35 -13.52 -3.33
C MET I 153 -12.47 -14.55 -3.17
N LEU I 154 -12.06 -15.80 -2.92
CA LEU I 154 -12.96 -16.92 -2.72
C LEU I 154 -12.75 -17.48 -1.32
N GLN I 155 -13.76 -17.31 -0.46
CA GLN I 155 -13.71 -17.81 0.91
C GLN I 155 -13.86 -19.33 0.95
N PRO I 156 -12.93 -20.02 1.65
CA PRO I 156 -13.08 -21.46 1.94
C PRO I 156 -14.24 -21.70 2.91
N LEU I 157 -15.10 -22.65 2.59
CA LEU I 157 -16.35 -22.86 3.33
C LEU I 157 -16.46 -24.22 4.03
N ALA I 158 -15.73 -25.21 3.54
CA ALA I 158 -15.80 -26.58 4.07
C ALA I 158 -15.61 -26.63 5.59
N GLU I 159 -14.54 -26.00 6.07
CA GLU I 159 -14.23 -25.96 7.50
C GLU I 159 -15.17 -25.05 8.30
N LEU I 160 -15.74 -24.05 7.64
CA LEU I 160 -16.75 -23.18 8.26
C LEU I 160 -18.06 -23.94 8.53
N GLY I 161 -18.22 -25.07 7.85
CA GLY I 161 -19.39 -25.93 8.00
C GLY I 161 -19.49 -26.63 9.34
N GLU I 162 -18.41 -27.29 9.74
CA GLU I 162 -18.37 -28.01 11.03
C GLU I 162 -18.44 -27.06 12.23
N ILE I 163 -17.84 -25.88 12.10
CA ILE I 163 -17.89 -24.86 13.14
C ILE I 163 -19.36 -24.45 13.39
N CYS I 164 -20.08 -24.15 12.32
CA CYS I 164 -21.51 -23.82 12.41
C CYS I 164 -22.34 -24.96 12.98
N ARG I 165 -21.98 -26.20 12.63
CA ARG I 165 -22.68 -27.38 13.11
C ARG I 165 -22.26 -27.77 14.53
N ARG I 166 -21.10 -27.27 14.97
CA ARG I 166 -20.65 -27.43 16.35
C ARG I 166 -21.41 -26.54 17.31
N TYR I 167 -21.74 -25.33 16.87
CA TYR I 167 -22.34 -24.32 17.74
C TYR I 167 -23.81 -24.05 17.43
N ASP I 168 -24.37 -24.88 16.56
CA ASP I 168 -25.79 -24.84 16.19
C ASP I 168 -26.22 -23.48 15.61
N ALA I 169 -25.35 -22.88 14.80
CA ALA I 169 -25.67 -21.66 14.09
C ALA I 169 -26.04 -21.98 12.65
N LEU I 170 -27.03 -21.27 12.11
CA LEU I 170 -27.48 -21.47 10.74
C LEU I 170 -26.48 -20.86 9.74
N PHE I 171 -26.17 -21.62 8.69
CA PHE I 171 -25.09 -21.28 7.77
C PHE I 171 -25.60 -20.91 6.37
N TYR I 172 -25.40 -19.65 6.01
CA TYR I 172 -25.80 -19.13 4.69
C TYR I 172 -24.60 -18.60 3.91
N THR I 173 -24.62 -18.80 2.59
CA THR I 173 -23.66 -18.13 1.71
C THR I 173 -24.27 -17.53 0.45
N ASP I 174 -23.71 -16.40 0.02
CA ASP I 174 -24.08 -15.76 -1.24
C ASP I 174 -23.15 -16.26 -2.34
N ALA I 175 -23.70 -17.08 -3.24
CA ALA I 175 -22.90 -17.74 -4.26
C ALA I 175 -23.16 -17.26 -5.69
N THR I 176 -23.73 -16.07 -5.85
CA THR I 176 -24.11 -15.56 -7.18
C THR I 176 -22.92 -15.48 -8.12
N ALA I 177 -21.77 -15.07 -7.60
CA ALA I 177 -20.57 -14.85 -8.40
C ALA I 177 -19.73 -16.11 -8.61
N SER I 178 -19.90 -17.09 -7.74
CA SER I 178 -19.04 -18.27 -7.72
C SER I 178 -19.67 -19.53 -8.33
N LEU I 179 -20.99 -19.68 -8.17
CA LEU I 179 -21.70 -20.88 -8.59
C LEU I 179 -21.45 -21.22 -10.07
N GLY I 180 -21.00 -22.44 -10.32
CA GLY I 180 -20.75 -22.90 -11.69
C GLY I 180 -19.31 -22.75 -12.14
N GLY I 181 -18.63 -21.75 -11.61
CA GLY I 181 -17.22 -21.52 -11.92
C GLY I 181 -16.28 -22.00 -10.84
N ASN I 182 -16.84 -22.23 -9.64
CA ASN I 182 -16.08 -22.64 -8.46
C ASN I 182 -16.80 -23.77 -7.71
N PRO I 183 -16.04 -24.58 -6.93
CA PRO I 183 -16.67 -25.62 -6.11
C PRO I 183 -17.65 -25.08 -5.07
N LEU I 184 -18.78 -25.75 -4.93
CA LEU I 184 -19.75 -25.49 -3.86
C LEU I 184 -20.48 -26.78 -3.52
N GLU I 185 -19.97 -27.49 -2.52
CA GLU I 185 -20.59 -28.71 -2.06
C GLU I 185 -21.58 -28.37 -0.94
N THR I 186 -22.79 -28.01 -1.34
CA THR I 186 -23.83 -27.47 -0.44
C THR I 186 -24.13 -28.36 0.76
N ASP I 187 -24.46 -29.62 0.50
CA ASP I 187 -24.78 -30.58 1.56
C ASP I 187 -23.53 -31.03 2.32
N VAL I 188 -22.44 -31.27 1.59
CA VAL I 188 -21.18 -31.75 2.18
C VAL I 188 -20.52 -30.74 3.11
N TRP I 189 -20.73 -29.44 2.85
CA TRP I 189 -20.18 -28.39 3.70
C TRP I 189 -21.21 -27.86 4.70
N GLY I 190 -22.36 -28.51 4.77
CA GLY I 190 -23.40 -28.18 5.74
C GLY I 190 -23.99 -26.79 5.59
N LEU I 191 -24.34 -26.43 4.37
CA LEU I 191 -24.97 -25.13 4.09
C LEU I 191 -26.48 -25.20 4.29
N ASP I 192 -27.00 -24.25 5.04
CA ASP I 192 -28.43 -24.22 5.36
C ASP I 192 -29.22 -23.41 4.34
N ALA I 193 -28.59 -22.38 3.79
CA ALA I 193 -29.18 -21.59 2.71
C ALA I 193 -28.10 -21.09 1.75
N VAL I 194 -28.38 -21.19 0.46
CA VAL I 194 -27.50 -20.65 -0.58
C VAL I 194 -28.35 -19.87 -1.57
N SER I 195 -27.93 -18.65 -1.88
CA SER I 195 -28.56 -17.86 -2.92
C SER I 195 -27.60 -17.60 -4.08
N ALA I 196 -28.15 -17.46 -5.28
CA ALA I 196 -27.35 -17.32 -6.48
C ALA I 196 -27.93 -16.27 -7.44
N GLY I 197 -27.36 -16.20 -8.64
CA GLY I 197 -27.81 -15.30 -9.69
C GLY I 197 -27.49 -15.86 -11.06
N MET I 198 -28.04 -15.23 -12.10
CA MET I 198 -27.91 -15.76 -13.45
C MET I 198 -26.72 -15.20 -14.22
N GLN I 199 -26.49 -13.89 -14.07
CA GLN I 199 -25.63 -13.12 -14.96
C GLN I 199 -24.11 -13.28 -14.76
N1 LLP I 200 -23.72 -10.80 -5.06
C2 LLP I 200 -22.44 -10.93 -5.45
C2' LLP I 200 -21.47 -11.54 -4.51
C3 LLP I 200 -22.01 -10.49 -6.71
O3 LLP I 200 -20.72 -10.59 -7.09
C4 LLP I 200 -22.95 -9.91 -7.58
C4' LLP I 200 -22.53 -9.43 -8.93
C5 LLP I 200 -24.28 -9.82 -7.14
C6 LLP I 200 -24.64 -10.26 -5.86
C5' LLP I 200 -25.35 -9.21 -8.02
OP4 LLP I 200 -26.62 -9.09 -7.45
P LLP I 200 -27.80 -8.43 -8.25
OP1 LLP I 200 -27.39 -7.02 -8.69
OP2 LLP I 200 -29.00 -8.35 -7.34
OP3 LLP I 200 -28.13 -9.27 -9.46
N LLP I 200 -23.71 -14.30 -14.02
CA LLP I 200 -22.30 -14.52 -13.76
CB LLP I 200 -21.96 -14.53 -12.24
CG LLP I 200 -22.41 -13.33 -11.43
CD LLP I 200 -21.52 -12.09 -11.44
CE LLP I 200 -21.57 -11.21 -10.24
NZ LLP I 200 -22.75 -10.35 -10.08
C LLP I 200 -21.83 -15.77 -14.51
O LLP I 200 -21.63 -15.69 -15.73
N CYS I 201 -21.66 -16.88 -13.80
CA CYS I 201 -21.22 -18.13 -14.41
C CYS I 201 -22.36 -18.96 -15.02
N LEU I 202 -23.59 -18.70 -14.60
CA LEU I 202 -24.76 -19.46 -15.08
C LEU I 202 -25.13 -19.10 -16.53
N GLY I 203 -25.22 -17.80 -16.81
CA GLY I 203 -25.23 -17.28 -18.18
C GLY I 203 -26.49 -17.30 -19.02
N GLY I 204 -27.49 -16.49 -18.69
CA GLY I 204 -27.45 -15.60 -17.53
C GLY I 204 -27.79 -14.13 -17.78
N PRO I 205 -29.07 -13.81 -17.97
CA PRO I 205 -29.55 -12.43 -17.73
C PRO I 205 -30.03 -12.29 -16.29
N SER I 206 -29.77 -11.13 -15.67
CA SER I 206 -30.21 -10.91 -14.29
C SER I 206 -31.72 -10.78 -14.21
N GLY I 207 -32.30 -11.13 -13.07
CA GLY I 207 -33.75 -11.09 -12.89
C GLY I 207 -34.32 -12.31 -12.20
N THR I 208 -33.45 -13.28 -11.89
CA THR I 208 -33.82 -14.49 -11.15
C THR I 208 -32.73 -14.81 -10.14
N SER I 209 -33.12 -15.41 -9.02
CA SER I 209 -32.16 -15.90 -8.03
C SER I 209 -32.48 -17.34 -7.64
N PRO I 210 -31.62 -18.30 -8.06
CA PRO I 210 -31.77 -19.66 -7.58
C PRO I 210 -31.39 -19.77 -6.11
N ILE I 211 -32.25 -20.41 -5.32
CA ILE I 211 -31.98 -20.64 -3.90
C ILE I 211 -32.20 -22.11 -3.52
N THR I 212 -31.46 -22.56 -2.52
CA THR I 212 -31.69 -23.87 -1.92
C THR I 212 -31.71 -23.75 -0.40
N LEU I 213 -32.64 -24.46 0.24
CA LEU I 213 -32.80 -24.41 1.69
C LEU I 213 -32.73 -25.80 2.30
N SER I 214 -31.91 -25.95 3.34
CA SER I 214 -31.75 -27.22 4.03
C SER I 214 -32.99 -27.56 4.86
N ALA I 215 -33.10 -28.82 5.28
CA ALA I 215 -34.21 -29.28 6.11
C ALA I 215 -34.35 -28.49 7.43
N ARG I 216 -33.21 -28.05 7.97
CA ARG I 216 -33.19 -27.23 9.18
C ARG I 216 -33.71 -25.82 8.89
N MET I 217 -33.40 -25.30 7.71
CA MET I 217 -33.90 -24.00 7.26
C MET I 217 -35.40 -23.98 7.02
N GLU I 218 -35.92 -25.04 6.39
CA GLU I 218 -37.35 -25.13 6.10
C GLU I 218 -38.18 -25.22 7.38
N GLU I 219 -37.65 -25.87 8.40
CA GLU I 219 -38.31 -25.96 9.70
C GLU I 219 -38.34 -24.59 10.38
N ALA I 220 -37.26 -23.83 10.23
CA ALA I 220 -37.16 -22.47 10.75
C ALA I 220 -38.17 -21.53 10.08
N ILE I 221 -38.47 -21.79 8.81
CA ILE I 221 -39.40 -20.96 8.05
C ILE I 221 -40.86 -21.38 8.24
N ARG I 222 -41.10 -22.68 8.41
CA ARG I 222 -42.45 -23.20 8.70
C ARG I 222 -43.01 -22.70 10.03
N ARG I 223 -42.13 -22.48 11.00
CA ARG I 223 -42.53 -21.92 12.30
C ARG I 223 -43.05 -20.49 12.15
N ARG I 224 -42.70 -19.86 11.03
CA ARG I 224 -43.08 -18.49 10.73
C ARG I 224 -44.29 -18.42 9.78
N LYS I 225 -45.00 -19.54 9.63
CA LYS I 225 -46.12 -19.64 8.69
C LYS I 225 -47.23 -18.62 8.95
N CYS I 226 -47.58 -17.88 7.91
CA CYS I 226 -48.67 -16.91 7.93
C CYS I 226 -49.18 -16.70 6.50
N VAL I 227 -50.29 -17.35 6.18
CA VAL I 227 -50.84 -17.32 4.82
C VAL I 227 -51.55 -16.00 4.52
N GLU I 228 -51.18 -15.39 3.39
CA GLU I 228 -51.77 -14.15 2.88
C GLU I 228 -53.30 -14.25 2.75
N GLU I 229 -53.99 -13.21 3.23
CA GLU I 229 -55.45 -13.18 3.39
C GLU I 229 -56.25 -13.51 2.13
N GLY I 230 -55.75 -13.07 0.97
CA GLY I 230 -56.43 -13.30 -0.31
C GLY I 230 -56.48 -14.76 -0.74
N ILE I 231 -55.55 -15.55 -0.23
CA ILE I 231 -55.44 -16.98 -0.57
C ILE I 231 -55.51 -17.89 0.66
N ARG I 232 -55.90 -17.31 1.79
CA ARG I 232 -56.02 -18.04 3.04
C ARG I 232 -57.37 -18.73 3.15
N THR I 233 -57.34 -20.07 3.27
CA THR I 233 -58.54 -20.87 3.51
C THR I 233 -58.67 -21.19 4.99
N ASP I 234 -59.79 -21.80 5.38
CA ASP I 234 -60.04 -22.18 6.78
C ASP I 234 -59.07 -23.24 7.29
N ALA I 235 -58.52 -24.03 6.37
CA ALA I 235 -57.58 -25.10 6.71
C ALA I 235 -56.19 -24.63 7.12
N HIS I 236 -55.83 -23.40 6.74
CA HIS I 236 -54.53 -22.81 7.07
C HIS I 236 -54.45 -22.37 8.53
N ARG I 237 -53.23 -22.42 9.09
CA ARG I 237 -52.97 -21.93 10.44
C ARG I 237 -51.55 -21.39 10.59
N ASP I 238 -51.42 -20.35 11.41
CA ASP I 238 -50.13 -19.71 11.65
C ASP I 238 -49.19 -20.59 12.46
N GLY I 239 -47.90 -20.41 12.25
CA GLY I 239 -46.87 -21.04 13.07
C GLY I 239 -46.83 -20.39 14.44
N ASP I 240 -46.00 -20.93 15.33
CA ASP I 240 -45.90 -20.38 16.68
C ASP I 240 -44.99 -19.16 16.76
N GLU I 241 -44.23 -18.91 15.68
CA GLU I 241 -43.38 -17.72 15.61
C GLU I 241 -43.99 -16.63 14.72
N GLU I 242 -43.50 -15.41 14.89
CA GLU I 242 -44.01 -14.23 14.19
C GLU I 242 -43.89 -14.34 12.67
N MET I 243 -44.64 -13.50 11.97
CA MET I 243 -44.66 -13.50 10.51
C MET I 243 -43.37 -12.95 9.89
N ILE I 244 -43.06 -13.43 8.69
CA ILE I 244 -42.00 -12.87 7.86
C ILE I 244 -42.45 -11.48 7.40
N TYR I 245 -41.58 -10.48 7.56
CA TYR I 245 -41.96 -9.09 7.30
C TYR I 245 -41.83 -8.66 5.85
N SER I 246 -42.55 -9.40 5.00
CA SER I 246 -42.66 -9.17 3.57
C SER I 246 -43.66 -10.19 3.02
N ASN I 247 -44.52 -9.75 2.12
CA ASN I 247 -45.44 -10.68 1.43
C ASN I 247 -44.72 -11.40 0.31
N TYR I 248 -44.07 -10.62 -0.56
CA TYR I 248 -43.36 -11.12 -1.74
C TYR I 248 -42.19 -12.03 -1.39
N PHE I 249 -41.53 -11.77 -0.27
CA PHE I 249 -40.34 -12.53 0.14
C PHE I 249 -40.61 -13.58 1.21
N ASP I 250 -41.88 -13.87 1.47
CA ASP I 250 -42.28 -14.95 2.36
C ASP I 250 -41.96 -16.27 1.67
N LEU I 251 -40.80 -16.84 1.99
CA LEU I 251 -40.34 -18.10 1.39
C LEU I 251 -41.19 -19.29 1.83
N GLY I 252 -41.91 -19.13 2.95
CA GLY I 252 -42.88 -20.12 3.38
C GLY I 252 -43.97 -20.30 2.34
N MET I 253 -44.44 -19.18 1.79
CA MET I 253 -45.48 -19.19 0.77
C MET I 253 -44.95 -19.59 -0.61
N VAL I 254 -43.67 -19.27 -0.86
CA VAL I 254 -42.98 -19.66 -2.08
C VAL I 254 -42.84 -21.18 -2.13
N MET I 255 -42.47 -21.78 -1.00
CA MET I 255 -42.41 -23.24 -0.85
C MET I 255 -43.79 -23.88 -1.08
N ASP I 256 -44.84 -23.24 -0.56
CA ASP I 256 -46.22 -23.68 -0.76
C ASP I 256 -46.64 -23.62 -2.23
N TYR I 257 -46.10 -22.63 -2.94
CA TYR I 257 -46.38 -22.42 -4.36
C TYR I 257 -45.72 -23.47 -5.24
N TRP I 258 -44.42 -23.67 -5.07
CA TRP I 258 -43.65 -24.65 -5.83
C TRP I 258 -43.99 -26.09 -5.42
N GLY I 259 -44.50 -26.25 -4.20
CA GLY I 259 -44.87 -27.57 -3.68
C GLY I 259 -46.23 -28.04 -4.17
N PRO I 260 -46.63 -29.27 -3.76
CA PRO I 260 -47.87 -29.94 -4.19
C PRO I 260 -49.17 -29.17 -3.96
N GLU I 261 -49.21 -28.28 -2.96
CA GLU I 261 -50.40 -27.48 -2.69
C GLU I 261 -50.66 -26.42 -3.76
N ARG I 262 -49.58 -26.01 -4.45
CA ARG I 262 -49.63 -25.04 -5.55
C ARG I 262 -50.33 -23.72 -5.15
N LEU I 263 -50.04 -23.27 -3.93
CA LEU I 263 -50.65 -22.08 -3.34
C LEU I 263 -50.29 -20.81 -4.12
N ASN I 264 -51.31 -20.07 -4.55
CA ASN I 264 -51.14 -18.95 -5.48
C ASN I 264 -50.52 -17.68 -4.88
N HIS I 265 -49.21 -17.73 -4.60
CA HIS I 265 -48.52 -16.60 -3.99
C HIS I 265 -48.19 -15.49 -4.98
N HIS I 266 -47.68 -15.85 -6.15
CA HIS I 266 -47.40 -14.90 -7.23
C HIS I 266 -47.47 -15.62 -8.57
N THR I 267 -47.45 -14.86 -9.66
CA THR I 267 -47.39 -15.44 -10.99
C THR I 267 -45.93 -15.62 -11.38
N GLU I 268 -45.50 -16.87 -11.45
CA GLU I 268 -44.13 -17.21 -11.77
C GLU I 268 -43.71 -16.60 -13.10
N ALA I 269 -42.52 -16.01 -13.14
CA ALA I 269 -41.98 -15.42 -14.36
C ALA I 269 -41.75 -16.52 -15.38
N THR I 270 -42.67 -16.62 -16.34
CA THR I 270 -42.67 -17.70 -17.33
C THR I 270 -41.38 -17.71 -18.18
N THR I 271 -41.07 -16.55 -18.75
CA THR I 271 -39.91 -16.40 -19.63
C THR I 271 -38.60 -16.60 -18.88
N ALA I 272 -38.48 -15.97 -17.70
CA ALA I 272 -37.29 -16.08 -16.87
C ALA I 272 -37.05 -17.51 -16.38
N LEU I 273 -38.14 -18.25 -16.14
CA LEU I 273 -38.04 -19.66 -15.77
C LEU I 273 -37.40 -20.48 -16.88
N PHE I 274 -37.77 -20.20 -18.13
CA PHE I 274 -37.16 -20.84 -19.29
C PHE I 274 -35.66 -20.53 -19.35
N GLY I 275 -35.32 -19.27 -19.06
CA GLY I 275 -33.92 -18.84 -18.99
C GLY I 275 -33.16 -19.67 -17.97
N ALA I 276 -33.68 -19.71 -16.75
CA ALA I 276 -33.04 -20.41 -15.62
C ALA I 276 -32.96 -21.92 -15.84
N ARG I 277 -33.99 -22.48 -16.46
CA ARG I 277 -34.03 -23.91 -16.77
C ARG I 277 -32.90 -24.33 -17.70
N GLU I 278 -32.66 -23.54 -18.74
CA GLU I 278 -31.60 -23.82 -19.70
C GLU I 278 -30.21 -23.72 -19.08
N CYS I 279 -29.95 -22.63 -18.37
CA CYS I 279 -28.65 -22.39 -17.74
C CYS I 279 -28.16 -23.62 -16.99
N ALA I 280 -28.99 -24.11 -16.08
CA ALA I 280 -28.71 -25.33 -15.31
C ALA I 280 -28.59 -26.56 -16.22
N ARG I 281 -29.53 -26.69 -17.16
CA ARG I 281 -29.57 -27.83 -18.08
C ARG I 281 -28.29 -27.93 -18.91
N LEU I 282 -27.80 -26.78 -19.39
CA LEU I 282 -26.56 -26.71 -20.13
C LEU I 282 -25.36 -27.02 -19.26
N ILE I 283 -25.37 -26.52 -18.02
CA ILE I 283 -24.29 -26.74 -17.07
C ILE I 283 -24.13 -28.24 -16.73
N LEU I 284 -25.26 -28.94 -16.61
CA LEU I 284 -25.25 -30.37 -16.30
C LEU I 284 -24.94 -31.25 -17.51
N GLN I 285 -25.28 -30.76 -18.71
CA GLN I 285 -24.90 -31.42 -19.97
C GLN I 285 -23.38 -31.43 -20.13
N GLU I 286 -22.75 -30.32 -19.78
CA GLU I 286 -21.29 -30.22 -19.80
C GLU I 286 -20.72 -31.08 -18.68
N GLY I 287 -21.35 -31.01 -17.50
CA GLY I 287 -20.84 -31.65 -16.30
C GLY I 287 -20.28 -30.57 -15.41
N LEU I 288 -20.81 -30.48 -14.19
CA LEU I 288 -20.44 -29.40 -13.25
C LEU I 288 -18.94 -29.32 -12.98
N ASP I 289 -18.30 -30.46 -12.74
CA ASP I 289 -16.85 -30.51 -12.53
C ASP I 289 -16.08 -29.97 -13.73
N TYR I 290 -16.54 -30.33 -14.93
CA TYR I 290 -15.97 -29.83 -16.19
C TYR I 290 -16.16 -28.33 -16.34
N GLY I 291 -17.33 -27.84 -15.93
CA GLY I 291 -17.64 -26.41 -15.94
C GLY I 291 -16.68 -25.64 -15.05
N ILE I 292 -16.46 -26.17 -13.84
CA ILE I 292 -15.49 -25.63 -12.91
C ILE I 292 -14.07 -25.71 -13.48
N ALA I 293 -13.73 -26.87 -14.07
CA ALA I 293 -12.41 -27.10 -14.64
C ALA I 293 -12.09 -26.15 -15.81
N ARG I 294 -13.14 -25.83 -16.58
CA ARG I 294 -13.02 -24.90 -17.70
C ARG I 294 -12.74 -23.47 -17.22
N HIS I 295 -13.50 -23.02 -16.23
CA HIS I 295 -13.30 -21.69 -15.63
C HIS I 295 -11.89 -21.52 -15.08
N LYS I 296 -11.38 -22.56 -14.42
CA LYS I 296 -10.02 -22.55 -13.89
C LYS I 296 -8.98 -22.40 -15.00
N LEU I 297 -9.17 -23.11 -16.10
CA LEU I 297 -8.24 -23.08 -17.23
C LEU I 297 -8.06 -21.67 -17.82
N HIS I 298 -9.17 -21.01 -18.11
CA HIS I 298 -9.14 -19.66 -18.70
C HIS I 298 -8.83 -18.59 -17.67
N GLY I 299 -9.21 -18.84 -16.42
CA GLY I 299 -8.83 -17.98 -15.30
C GLY I 299 -7.32 -17.97 -15.14
N ASP I 300 -6.72 -19.17 -15.09
CA ASP I 300 -5.26 -19.32 -15.00
C ASP I 300 -4.54 -18.79 -16.23
N ALA I 301 -5.15 -18.95 -17.40
CA ALA I 301 -4.59 -18.47 -18.66
C ALA I 301 -4.53 -16.95 -18.67
N LEU I 302 -5.59 -16.31 -18.18
CA LEU I 302 -5.65 -14.85 -18.12
C LEU I 302 -4.59 -14.28 -17.19
N VAL I 303 -4.48 -14.84 -15.98
CA VAL I 303 -3.51 -14.38 -14.99
C VAL I 303 -2.06 -14.55 -15.48
N LYS I 304 -1.78 -15.63 -16.19
CA LYS I 304 -0.45 -15.88 -16.75
C LYS I 304 -0.04 -14.84 -17.80
N GLY I 305 -1.00 -14.42 -18.62
CA GLY I 305 -0.75 -13.41 -19.66
C GLY I 305 -0.60 -12.01 -19.10
N ILE I 306 -1.35 -11.73 -18.04
CA ILE I 306 -1.29 -10.45 -17.32
C ILE I 306 0.07 -10.26 -16.65
N GLN I 307 0.54 -11.31 -15.98
CA GLN I 307 1.84 -11.31 -15.29
C GLN I 307 3.00 -11.08 -16.27
N ALA I 308 2.93 -11.74 -17.43
CA ALA I 308 3.95 -11.63 -18.47
C ALA I 308 3.88 -10.31 -19.22
N MET I 309 2.76 -9.61 -19.05
CA MET I 309 2.57 -8.28 -19.62
C MET I 309 3.22 -7.22 -18.70
N GLY I 310 3.74 -7.67 -17.56
CA GLY I 310 4.41 -6.80 -16.61
C GLY I 310 3.48 -6.13 -15.63
N LEU I 311 2.23 -6.59 -15.58
CA LEU I 311 1.23 -6.02 -14.70
C LEU I 311 1.13 -6.79 -13.39
N GLU I 312 1.04 -6.06 -12.28
CA GLU I 312 0.86 -6.67 -10.97
C GLU I 312 -0.60 -7.09 -10.78
N THR I 313 -0.81 -8.04 -9.87
CA THR I 313 -2.16 -8.56 -9.59
C THR I 313 -2.57 -8.26 -8.16
N PHE I 314 -3.88 -8.07 -7.96
CA PHE I 314 -4.42 -7.76 -6.64
C PHE I 314 -4.77 -9.01 -5.85
N GLY I 315 -4.49 -8.97 -4.55
CA GLY I 315 -4.98 -9.97 -3.61
C GLY I 315 -4.13 -11.19 -3.41
N ASP I 316 -4.66 -12.12 -2.63
CA ASP I 316 -4.00 -13.39 -2.32
C ASP I 316 -4.39 -14.40 -3.38
N LEU I 317 -3.48 -14.62 -4.34
CA LEU I 317 -3.72 -15.52 -5.47
C LEU I 317 -4.03 -16.97 -5.07
N LYS I 318 -3.72 -17.31 -3.82
CA LYS I 318 -4.01 -18.64 -3.28
C LYS I 318 -5.52 -18.90 -3.10
N HIS I 319 -6.28 -17.82 -2.91
CA HIS I 319 -7.74 -17.93 -2.72
C HIS I 319 -8.53 -17.12 -3.76
N LYS I 320 -7.97 -16.97 -4.95
CA LYS I 320 -8.62 -16.22 -6.02
C LYS I 320 -9.76 -17.03 -6.62
N MET I 321 -10.88 -16.36 -6.89
CA MET I 321 -11.97 -16.94 -7.66
C MET I 321 -11.44 -17.39 -9.01
N ASN I 322 -11.93 -18.54 -9.49
CA ASN I 322 -11.57 -19.03 -10.83
C ASN I 322 -11.89 -18.02 -11.93
N ASN I 323 -12.97 -17.25 -11.74
CA ASN I 323 -13.59 -16.49 -12.81
C ASN I 323 -13.43 -14.97 -12.80
N VAL I 324 -12.62 -14.44 -11.89
CA VAL I 324 -12.36 -12.99 -11.86
C VAL I 324 -10.90 -12.71 -11.54
N LEU I 325 -10.35 -11.62 -12.10
CA LEU I 325 -8.96 -11.23 -11.85
C LEU I 325 -8.85 -9.75 -11.53
N GLY I 326 -8.21 -9.45 -10.41
CA GLY I 326 -7.86 -8.08 -10.05
C GLY I 326 -6.52 -7.71 -10.66
N VAL I 327 -6.53 -6.67 -11.50
CA VAL I 327 -5.32 -6.23 -12.19
C VAL I 327 -4.97 -4.79 -11.78
N VAL I 328 -3.77 -4.61 -11.24
CA VAL I 328 -3.33 -3.31 -10.71
C VAL I 328 -2.94 -2.35 -11.84
N ILE I 329 -3.48 -1.14 -11.78
CA ILE I 329 -3.24 -0.11 -12.78
C ILE I 329 -1.86 0.54 -12.57
N PRO I 330 -1.00 0.49 -13.61
CA PRO I 330 0.36 1.03 -13.51
C PRO I 330 0.36 2.56 -13.44
N GLN I 331 1.26 3.11 -12.64
CA GLN I 331 1.46 4.55 -12.59
C GLN I 331 2.42 4.94 -13.72
N GLY I 332 2.01 5.88 -14.57
CA GLY I 332 0.73 6.57 -14.48
C GLY I 332 -0.16 6.32 -15.69
N ILE I 333 -1.08 5.37 -15.53
CA ILE I 333 -2.07 5.07 -16.57
C ILE I 333 -3.44 5.45 -16.04
N ASN I 334 -4.20 6.18 -16.85
CA ASN I 334 -5.57 6.50 -16.51
C ASN I 334 -6.45 5.27 -16.71
N GLY I 335 -6.99 4.75 -15.60
CA GLY I 335 -7.81 3.55 -15.60
C GLY I 335 -9.09 3.70 -16.40
N ASP I 336 -9.73 4.87 -16.25
CA ASP I 336 -10.96 5.18 -16.96
C ASP I 336 -10.76 5.31 -18.47
N GLN I 337 -9.59 5.80 -18.88
CA GLN I 337 -9.25 5.94 -20.30
C GLN I 337 -9.06 4.58 -20.96
N ALA I 338 -8.33 3.69 -20.29
CA ALA I 338 -8.16 2.32 -20.75
C ALA I 338 -9.51 1.62 -20.87
N ARG I 339 -10.39 1.87 -19.91
CA ARG I 339 -11.76 1.35 -19.95
C ARG I 339 -12.57 1.90 -21.13
N LYS I 340 -12.38 3.17 -21.44
CA LYS I 340 -13.07 3.82 -22.55
C LYS I 340 -12.66 3.21 -23.89
N LEU I 341 -11.35 3.01 -24.08
CA LEU I 341 -10.81 2.52 -25.35
C LEU I 341 -11.12 1.05 -25.60
N MET I 342 -11.12 0.24 -24.54
CA MET I 342 -11.51 -1.16 -24.63
C MET I 342 -12.97 -1.31 -25.09
N LEU I 343 -13.82 -0.38 -24.66
CA LEU I 343 -15.25 -0.41 -24.97
C LEU I 343 -15.56 0.22 -26.32
N GLU I 344 -15.11 1.46 -26.51
CA GLU I 344 -15.43 2.21 -27.73
C GLU I 344 -14.70 1.72 -28.98
N ASP I 345 -13.48 1.19 -28.79
CA ASP I 345 -12.66 0.78 -29.92
C ASP I 345 -12.56 -0.73 -30.14
N PHE I 346 -12.72 -1.52 -29.07
CA PHE I 346 -12.62 -2.98 -29.19
C PHE I 346 -13.93 -3.72 -28.90
N GLY I 347 -14.93 -2.99 -28.42
CA GLY I 347 -16.22 -3.58 -28.08
C GLY I 347 -16.12 -4.59 -26.96
N ILE I 348 -15.17 -4.38 -26.07
CA ILE I 348 -14.94 -5.24 -24.90
C ILE I 348 -15.15 -4.42 -23.64
N GLU I 349 -15.90 -4.97 -22.69
CA GLU I 349 -16.07 -4.30 -21.40
C GLU I 349 -15.27 -4.99 -20.29
N ILE I 350 -14.23 -4.32 -19.82
CA ILE I 350 -13.55 -4.74 -18.60
C ILE I 350 -14.03 -3.85 -17.45
N GLY I 351 -13.94 -4.34 -16.22
CA GLY I 351 -14.55 -3.67 -15.09
C GLY I 351 -13.64 -2.78 -14.27
N THR I 352 -14.21 -1.67 -13.78
CA THR I 352 -13.57 -0.81 -12.80
C THR I 352 -13.77 -1.39 -11.39
N SER I 353 -13.17 -0.74 -10.40
CA SER I 353 -13.38 -1.08 -9.00
C SER I 353 -14.17 0.03 -8.32
N PHE I 354 -15.00 -0.35 -7.34
CA PHE I 354 -15.79 0.62 -6.60
C PHE I 354 -15.36 0.69 -5.13
N GLY I 355 -14.90 1.86 -4.72
CA GLY I 355 -14.48 2.10 -3.34
C GLY I 355 -12.99 2.41 -3.22
N PRO I 356 -12.34 1.83 -2.19
CA PRO I 356 -10.91 2.05 -1.92
C PRO I 356 -9.97 1.55 -3.03
N LEU I 357 -10.54 0.98 -4.09
CA LEU I 357 -9.74 0.47 -5.20
C LEU I 357 -10.02 1.16 -6.53
N HIS I 358 -10.92 2.15 -6.53
CA HIS I 358 -11.26 2.87 -7.76
C HIS I 358 -10.06 3.65 -8.31
N GLY I 359 -9.77 3.43 -9.59
CA GLY I 359 -8.63 4.07 -10.26
C GLY I 359 -7.32 3.34 -10.04
N LYS I 360 -7.36 2.27 -9.24
CA LYS I 360 -6.16 1.51 -8.89
C LYS I 360 -6.21 0.05 -9.35
N VAL I 361 -7.41 -0.54 -9.38
CA VAL I 361 -7.58 -1.94 -9.74
C VAL I 361 -8.62 -2.11 -10.85
N TRP I 362 -8.30 -2.96 -11.82
CA TRP I 362 -9.27 -3.40 -12.83
C TRP I 362 -9.78 -4.78 -12.47
N ARG I 363 -11.01 -5.06 -12.87
CA ARG I 363 -11.59 -6.39 -12.67
C ARG I 363 -11.98 -7.00 -14.01
N ILE I 364 -11.22 -8.00 -14.44
CA ILE I 364 -11.47 -8.73 -15.67
C ILE I 364 -12.04 -10.11 -15.35
N GLY I 365 -13.17 -10.45 -15.97
CA GLY I 365 -13.86 -11.70 -15.70
C GLY I 365 -13.86 -12.70 -16.85
N THR I 366 -13.83 -13.99 -16.47
CA THR I 366 -13.96 -15.09 -17.43
C THR I 366 -15.08 -16.01 -16.93
N MET I 367 -16.33 -15.62 -17.21
CA MET I 367 -17.49 -16.25 -16.61
C MET I 367 -18.42 -16.88 -17.65
N GLY I 368 -18.97 -18.04 -17.29
CA GLY I 368 -20.01 -18.71 -18.06
C GLY I 368 -19.70 -18.95 -19.52
N TYR I 369 -20.44 -18.27 -20.38
CA TYR I 369 -20.29 -18.39 -21.83
C TYR I 369 -18.99 -17.77 -22.33
N ASN I 370 -18.46 -16.79 -21.60
CA ASN I 370 -17.21 -16.14 -21.98
C ASN I 370 -15.97 -16.72 -21.32
N ALA I 371 -16.14 -17.84 -20.61
CA ALA I 371 -15.01 -18.65 -20.18
C ALA I 371 -14.59 -19.56 -21.32
N ARG I 372 -14.09 -18.94 -22.38
CA ARG I 372 -13.56 -19.63 -23.56
C ARG I 372 -12.20 -19.05 -23.90
N LYS I 373 -11.43 -19.79 -24.68
CA LYS I 373 -10.07 -19.41 -25.06
C LYS I 373 -10.04 -18.09 -25.84
N ASP I 374 -10.98 -17.93 -26.78
CA ASP I 374 -11.01 -16.75 -27.64
C ASP I 374 -11.31 -15.42 -26.93
N CYS I 375 -12.09 -15.49 -25.86
CA CYS I 375 -12.40 -14.30 -25.06
C CYS I 375 -11.17 -13.80 -24.28
N VAL I 376 -10.42 -14.75 -23.71
CA VAL I 376 -9.18 -14.44 -23.01
C VAL I 376 -8.15 -13.85 -23.98
N MET I 377 -7.98 -14.51 -25.13
CA MET I 377 -7.05 -14.10 -26.17
C MET I 377 -7.30 -12.70 -26.73
N THR I 378 -8.56 -12.39 -27.01
CA THR I 378 -8.95 -11.09 -27.56
C THR I 378 -8.83 -9.99 -26.50
N THR I 379 -9.13 -10.33 -25.25
CA THR I 379 -9.00 -9.40 -24.13
C THR I 379 -7.53 -9.08 -23.86
N LEU I 380 -6.69 -10.11 -23.86
CA LEU I 380 -5.25 -9.96 -23.62
C LEU I 380 -4.55 -9.16 -24.71
N SER I 381 -4.96 -9.36 -25.96
CA SER I 381 -4.36 -8.63 -27.08
C SER I 381 -4.85 -7.19 -27.15
N ALA I 382 -6.14 -6.99 -26.92
CA ALA I 382 -6.74 -5.65 -26.90
C ALA I 382 -6.19 -4.78 -25.75
N LEU I 383 -6.02 -5.40 -24.58
CA LEU I 383 -5.49 -4.71 -23.40
C LEU I 383 -4.08 -4.20 -23.67
N GLU I 384 -3.21 -5.07 -24.18
CA GLU I 384 -1.84 -4.72 -24.50
C GLU I 384 -1.77 -3.64 -25.58
N ALA I 385 -2.66 -3.72 -26.56
CA ALA I 385 -2.74 -2.73 -27.64
C ALA I 385 -3.08 -1.34 -27.12
N VAL I 386 -4.02 -1.26 -26.18
CA VAL I 386 -4.46 0.00 -25.58
C VAL I 386 -3.37 0.60 -24.68
N LEU I 387 -2.77 -0.25 -23.85
CA LEU I 387 -1.67 0.18 -22.96
C LEU I 387 -0.48 0.71 -23.76
N ASN I 388 -0.13 0.02 -24.84
CA ASN I 388 0.96 0.42 -25.73
C ASN I 388 0.67 1.75 -26.43
N TYR I 389 -0.58 1.94 -26.84
CA TYR I 389 -1.05 3.18 -27.45
C TYR I 389 -1.05 4.32 -26.44
N LEU I 390 -1.23 3.98 -25.17
CA LEU I 390 -1.13 4.92 -24.06
C LEU I 390 0.29 5.01 -23.49
N LYS I 391 1.26 4.52 -24.28
CA LYS I 391 2.68 4.61 -23.98
C LYS I 391 3.15 3.85 -22.72
N PHE I 392 2.66 2.61 -22.56
CA PHE I 392 3.16 1.71 -21.53
C PHE I 392 3.91 0.56 -22.18
N PRO I 393 5.24 0.48 -21.98
CA PRO I 393 6.06 -0.59 -22.55
C PRO I 393 5.73 -1.98 -22.02
N THR I 394 5.70 -2.94 -22.94
CA THR I 394 5.63 -4.36 -22.61
C THR I 394 6.64 -5.08 -23.50
N THR I 395 7.18 -6.19 -23.01
CA THR I 395 8.01 -7.06 -23.86
C THR I 395 7.11 -7.70 -24.92
N GLN I 396 7.50 -7.53 -26.17
CA GLN I 396 6.68 -7.91 -27.32
C GLN I 396 6.40 -9.42 -27.39
N GLY I 397 5.12 -9.76 -27.55
CA GLY I 397 4.69 -11.13 -27.73
C GLY I 397 4.72 -11.99 -26.48
N ALA I 398 5.21 -11.43 -25.38
CA ALA I 398 5.41 -12.17 -24.14
C ALA I 398 4.11 -12.56 -23.44
N ALA I 399 3.17 -11.62 -23.38
CA ALA I 399 1.86 -11.84 -22.75
C ALA I 399 1.08 -12.96 -23.45
N MET I 400 0.97 -12.85 -24.78
CA MET I 400 0.29 -13.85 -25.60
C MET I 400 1.02 -15.18 -25.60
N GLN I 401 2.35 -15.11 -25.52
CA GLN I 401 3.20 -16.31 -25.44
C GLN I 401 2.84 -17.15 -24.21
N ALA I 402 2.75 -16.49 -23.05
CA ALA I 402 2.43 -17.16 -21.79
C ALA I 402 1.03 -17.76 -21.78
N ALA I 403 0.08 -17.06 -22.41
CA ALA I 403 -1.28 -17.56 -22.54
C ALA I 403 -1.32 -18.82 -23.40
N TRP I 404 -0.74 -18.72 -24.59
CA TRP I 404 -0.59 -19.86 -25.51
C TRP I 404 0.16 -21.02 -24.87
N ASP I 405 1.18 -20.69 -24.06
CA ASP I 405 1.95 -21.69 -23.31
C ASP I 405 1.09 -22.45 -22.30
N HIS I 406 0.17 -21.74 -21.65
CA HIS I 406 -0.72 -22.38 -20.69
C HIS I 406 -1.70 -23.34 -21.36
N TYR I 407 -2.18 -22.98 -22.54
CA TYR I 407 -3.21 -23.76 -23.23
C TYR I 407 -2.73 -25.11 -23.78
N ARG I 408 -1.48 -25.16 -24.22
CA ARG I 408 -0.88 -26.41 -24.68
C ARG I 408 -0.33 -27.24 -23.52
N SER I 409 -0.06 -26.59 -22.39
CA SER I 409 0.37 -27.27 -21.17
C SER I 409 -0.77 -28.05 -20.51
N GLU I 410 -2.00 -27.58 -20.74
CA GLU I 410 -3.18 -28.24 -20.18
C GLU I 410 -3.99 -28.98 -21.24
N ARG I 411 -3.30 -29.51 -22.25
CA ARG I 411 -3.94 -30.26 -23.33
C ARG I 411 -3.20 -31.56 -23.64
N ASP J 2 -31.24 -39.01 -15.34
CA ASP J 2 -30.16 -38.46 -16.21
C ASP J 2 -30.51 -37.09 -16.76
N ILE J 3 -29.53 -36.41 -17.35
CA ILE J 3 -29.72 -35.09 -17.94
C ILE J 3 -30.29 -35.16 -19.36
N THR J 4 -30.00 -36.27 -20.04
CA THR J 4 -30.44 -36.50 -21.42
C THR J 4 -31.97 -36.49 -21.58
N GLN J 5 -32.67 -36.83 -20.50
CA GLN J 5 -34.14 -36.79 -20.49
C GLN J 5 -34.71 -35.40 -20.19
N PHE J 6 -33.82 -34.40 -20.12
CA PHE J 6 -34.22 -32.99 -20.05
C PHE J 6 -33.97 -32.36 -21.42
N SER J 7 -34.96 -32.46 -22.31
CA SER J 7 -34.84 -31.94 -23.66
C SER J 7 -35.17 -30.45 -23.76
N GLN J 8 -34.90 -29.87 -24.93
CA GLN J 8 -35.04 -28.42 -25.14
C GLN J 8 -36.45 -27.89 -24.84
N LEU J 9 -36.50 -26.61 -24.47
CA LEU J 9 -37.74 -25.91 -24.16
C LEU J 9 -38.74 -26.08 -25.30
N ASN J 10 -39.94 -26.55 -24.96
CA ASN J 10 -40.99 -26.79 -25.95
C ASN J 10 -42.38 -26.73 -25.31
N PRO J 11 -42.84 -25.52 -24.93
CA PRO J 11 -44.19 -25.42 -24.40
C PRO J 11 -45.22 -25.58 -25.51
N PRO J 12 -46.31 -26.32 -25.25
CA PRO J 12 -47.33 -26.53 -26.26
C PRO J 12 -48.11 -25.24 -26.53
N SER J 13 -48.68 -25.15 -27.73
CA SER J 13 -49.49 -24.00 -28.12
C SER J 13 -50.74 -23.90 -27.25
N ARG J 14 -50.92 -22.73 -26.66
CA ARG J 14 -52.08 -22.45 -25.81
C ARG J 14 -52.66 -21.09 -26.15
N LEU J 15 -53.98 -21.01 -26.21
CA LEU J 15 -54.67 -19.74 -26.33
C LEU J 15 -55.11 -19.32 -24.94
N LEU J 16 -54.38 -18.39 -24.34
CA LEU J 16 -54.65 -17.97 -22.97
C LEU J 16 -55.75 -16.92 -22.89
N MET J 17 -56.96 -17.40 -22.57
CA MET J 17 -58.13 -16.55 -22.42
C MET J 17 -58.64 -16.60 -20.98
N GLY J 18 -57.70 -16.64 -20.03
CA GLY J 18 -58.03 -16.64 -18.60
C GLY J 18 -57.81 -15.26 -18.01
N PRO J 19 -57.63 -15.19 -16.67
CA PRO J 19 -57.37 -13.92 -15.99
C PRO J 19 -55.89 -13.51 -16.02
N GLY J 20 -55.06 -14.32 -16.67
CA GLY J 20 -53.62 -14.07 -16.73
C GLY J 20 -52.81 -15.18 -16.11
N PRO J 21 -51.55 -15.36 -16.56
CA PRO J 21 -50.91 -14.61 -17.64
C PRO J 21 -51.52 -14.94 -19.00
N ILE J 22 -51.41 -14.04 -19.96
CA ILE J 22 -51.90 -14.32 -21.30
C ILE J 22 -50.76 -14.32 -22.33
N ASN J 23 -51.05 -14.78 -23.55
CA ASN J 23 -50.06 -14.86 -24.62
C ASN J 23 -49.31 -13.55 -24.85
N ALA J 24 -47.99 -13.66 -24.96
CA ALA J 24 -47.15 -12.51 -25.22
C ALA J 24 -47.24 -12.12 -26.70
N ASP J 25 -47.06 -10.82 -26.97
CA ASP J 25 -46.90 -10.33 -28.33
C ASP J 25 -45.58 -10.89 -28.86
N PRO J 26 -45.62 -11.56 -30.03
CA PRO J 26 -44.43 -12.15 -30.66
C PRO J 26 -43.24 -11.19 -30.80
N ARG J 27 -43.50 -9.90 -30.96
CA ARG J 27 -42.44 -8.89 -31.06
C ARG J 27 -41.73 -8.70 -29.72
N VAL J 28 -42.49 -8.74 -28.63
CA VAL J 28 -41.94 -8.69 -27.28
C VAL J 28 -41.05 -9.92 -27.03
N LEU J 29 -41.57 -11.09 -27.40
CA LEU J 29 -40.83 -12.35 -27.31
C LEU J 29 -39.48 -12.27 -28.02
N ARG J 30 -39.49 -11.81 -29.26
CA ARG J 30 -38.27 -11.70 -30.07
C ARG J 30 -37.28 -10.70 -29.48
N ALA J 31 -37.79 -9.61 -28.92
CA ALA J 31 -36.95 -8.59 -28.29
C ALA J 31 -36.23 -9.10 -27.04
N MET J 32 -36.78 -10.15 -26.43
CA MET J 32 -36.19 -10.78 -25.25
C MET J 32 -35.04 -11.73 -25.58
N SER J 33 -34.93 -12.12 -26.85
CA SER J 33 -33.87 -13.00 -27.31
C SER J 33 -32.62 -12.21 -27.69
N SER J 34 -32.71 -10.88 -27.62
CA SER J 34 -31.62 -9.99 -27.97
C SER J 34 -30.47 -10.10 -26.97
N GLN J 35 -29.23 -9.99 -27.46
CA GLN J 35 -28.05 -10.09 -26.60
C GLN J 35 -27.93 -8.93 -25.62
N LEU J 36 -27.07 -9.12 -24.62
CA LEU J 36 -26.98 -8.22 -23.49
C LEU J 36 -25.81 -7.25 -23.62
N ILE J 37 -25.97 -6.08 -23.01
CA ILE J 37 -24.88 -5.14 -22.83
C ILE J 37 -24.62 -4.96 -21.34
N GLY J 38 -23.55 -4.25 -21.01
CA GLY J 38 -23.19 -4.00 -19.62
C GLY J 38 -24.21 -3.17 -18.86
N GLN J 39 -24.07 -3.16 -17.54
CA GLN J 39 -24.99 -2.45 -16.65
C GLN J 39 -24.98 -0.94 -16.88
N TYR J 40 -23.78 -0.37 -17.05
CA TYR J 40 -23.61 1.08 -17.21
C TYR J 40 -23.17 1.50 -18.61
N ASP J 41 -23.29 0.57 -19.56
CA ASP J 41 -23.03 0.85 -20.97
C ASP J 41 -24.01 1.94 -21.42
N PRO J 42 -23.52 2.99 -22.11
CA PRO J 42 -24.38 4.11 -22.50
C PRO J 42 -25.67 3.68 -23.19
N ALA J 43 -25.63 2.54 -23.90
CA ALA J 43 -26.81 1.97 -24.54
C ALA J 43 -27.87 1.53 -23.54
N MET J 44 -27.43 0.95 -22.42
CA MET J 44 -28.32 0.48 -21.37
C MET J 44 -29.01 1.63 -20.63
N THR J 45 -28.23 2.63 -20.22
CA THR J 45 -28.76 3.79 -19.50
C THR J 45 -29.61 4.67 -20.42
N HIS J 46 -29.32 4.62 -21.71
CA HIS J 46 -30.15 5.27 -22.73
C HIS J 46 -31.50 4.56 -22.86
N TYR J 47 -31.46 3.23 -22.99
CA TYR J 47 -32.69 2.41 -23.06
C TYR J 47 -33.55 2.55 -21.80
N MET J 48 -32.88 2.69 -20.66
CA MET J 48 -33.56 2.93 -19.38
C MET J 48 -34.30 4.26 -19.39
N ASN J 49 -33.63 5.31 -19.85
CA ASN J 49 -34.26 6.62 -20.03
C ASN J 49 -35.42 6.56 -21.02
N GLU J 50 -35.24 5.77 -22.08
CA GLU J 50 -36.29 5.54 -23.08
C GLU J 50 -37.51 4.84 -22.47
N VAL J 51 -37.26 3.83 -21.64
CA VAL J 51 -38.31 3.09 -20.94
C VAL J 51 -39.10 3.99 -19.99
N MET J 52 -38.42 4.97 -19.39
CA MET J 52 -39.06 5.95 -18.53
C MET J 52 -40.02 6.83 -19.33
N ALA J 53 -39.56 7.31 -20.49
CA ALA J 53 -40.36 8.18 -21.34
C ALA J 53 -41.61 7.49 -21.87
N LEU J 54 -41.44 6.26 -22.35
CA LEU J 54 -42.55 5.48 -22.92
C LEU J 54 -43.65 5.20 -21.90
N TYR J 55 -43.26 4.89 -20.66
CA TYR J 55 -44.24 4.58 -19.62
C TYR J 55 -44.99 5.80 -19.07
N ARG J 56 -44.40 6.98 -19.28
CA ARG J 56 -45.10 8.24 -19.01
C ARG J 56 -46.33 8.37 -19.92
N GLY J 57 -46.19 7.93 -21.16
CA GLY J 57 -47.30 7.90 -22.12
C GLY J 57 -48.33 6.83 -21.83
N VAL J 58 -47.86 5.70 -21.31
CA VAL J 58 -48.74 4.58 -20.97
C VAL J 58 -49.58 4.88 -19.72
N PHE J 59 -48.92 5.35 -18.67
CA PHE J 59 -49.60 5.75 -17.43
C PHE J 59 -50.43 7.03 -17.59
N ARG J 60 -50.12 7.81 -18.62
CA ARG J 60 -50.70 9.14 -18.82
C ARG J 60 -50.28 10.08 -17.69
N THR J 61 -48.97 10.31 -17.60
CA THR J 61 -48.40 11.11 -16.53
C THR J 61 -47.22 11.96 -17.00
N GLU J 62 -46.89 12.98 -16.21
CA GLU J 62 -45.70 13.78 -16.41
C GLU J 62 -44.66 13.49 -15.34
N ASN J 63 -44.90 12.44 -14.55
CA ASN J 63 -44.02 12.07 -13.44
C ASN J 63 -42.62 11.69 -13.87
N ARG J 64 -41.64 12.43 -13.35
CA ARG J 64 -40.22 12.15 -13.57
C ARG J 64 -39.87 10.73 -13.14
N TRP J 65 -40.40 10.31 -11.99
CA TRP J 65 -40.08 9.00 -11.43
C TRP J 65 -41.05 7.91 -11.88
N THR J 66 -40.98 7.60 -13.18
CA THR J 66 -41.67 6.46 -13.75
C THR J 66 -40.62 5.47 -14.22
N MET J 67 -40.68 4.26 -13.68
CA MET J 67 -39.65 3.23 -13.90
C MET J 67 -40.20 1.83 -13.64
N LEU J 68 -39.31 0.84 -13.61
CA LEU J 68 -39.69 -0.55 -13.38
C LEU J 68 -39.10 -1.11 -12.10
N VAL J 69 -39.85 -1.98 -11.44
CA VAL J 69 -39.35 -2.73 -10.29
C VAL J 69 -39.15 -4.19 -10.72
N ASP J 70 -37.94 -4.71 -10.48
CA ASP J 70 -37.56 -6.05 -10.94
C ASP J 70 -38.18 -7.17 -10.11
N GLY J 71 -39.45 -7.44 -10.38
CA GLY J 71 -40.21 -8.52 -9.78
C GLY J 71 -41.56 -8.57 -10.44
N THR J 72 -42.37 -9.59 -10.13
CA THR J 72 -43.72 -9.67 -10.69
C THR J 72 -44.60 -8.54 -10.15
N SER J 73 -45.84 -8.45 -10.62
CA SER J 73 -46.72 -7.31 -10.33
C SER J 73 -46.76 -6.88 -8.86
N ARG J 74 -46.88 -7.85 -7.96
CA ARG J 74 -47.02 -7.54 -6.52
C ARG J 74 -45.71 -7.18 -5.81
N ALA J 75 -44.58 -7.32 -6.51
CA ALA J 75 -43.31 -6.80 -6.03
C ALA J 75 -43.33 -5.28 -6.09
N GLY J 76 -43.96 -4.76 -7.14
CA GLY J 76 -44.11 -3.32 -7.34
C GLY J 76 -45.12 -2.69 -6.39
N ILE J 77 -46.14 -3.46 -6.01
CA ILE J 77 -47.09 -3.03 -4.98
C ILE J 77 -46.38 -2.88 -3.63
N GLU J 78 -45.57 -3.87 -3.28
CA GLU J 78 -44.84 -3.85 -2.01
C GLU J 78 -43.76 -2.78 -2.00
N ALA J 79 -43.05 -2.62 -3.12
CA ALA J 79 -42.05 -1.56 -3.26
C ALA J 79 -42.63 -0.20 -2.86
N ILE J 80 -43.79 0.12 -3.42
CA ILE J 80 -44.48 1.38 -3.15
C ILE J 80 -44.93 1.48 -1.68
N LEU J 81 -45.49 0.39 -1.16
CA LEU J 81 -46.03 0.38 0.20
C LEU J 81 -44.94 0.39 1.28
N VAL J 82 -43.88 -0.40 1.10
CA VAL J 82 -42.78 -0.41 2.07
C VAL J 82 -42.06 0.95 2.10
N SER J 83 -42.07 1.63 0.96
CA SER J 83 -41.46 2.95 0.84
C SER J 83 -42.35 4.08 1.32
N ALA J 84 -43.67 3.83 1.39
CA ALA J 84 -44.63 4.86 1.78
C ALA J 84 -45.17 4.69 3.20
N ILE J 85 -45.01 3.50 3.77
CA ILE J 85 -45.56 3.19 5.09
C ILE J 85 -44.49 3.02 6.16
N ARG J 86 -44.44 3.96 7.11
CA ARG J 86 -43.66 3.79 8.33
C ARG J 86 -44.51 2.94 9.28
N PRO J 87 -43.87 2.17 10.17
CA PRO J 87 -44.66 1.43 11.16
C PRO J 87 -45.57 2.35 11.97
N GLY J 88 -46.83 1.97 12.10
CA GLY J 88 -47.82 2.76 12.85
C GLY J 88 -48.79 3.55 12.00
N ASP J 89 -48.42 3.81 10.75
CA ASP J 89 -49.25 4.58 9.81
C ASP J 89 -50.61 3.93 9.60
N LYS J 90 -51.64 4.78 9.47
CA LYS J 90 -52.98 4.30 9.16
C LYS J 90 -53.19 4.20 7.66
N VAL J 91 -53.80 3.09 7.25
CA VAL J 91 -54.00 2.79 5.83
C VAL J 91 -55.46 2.40 5.58
N LEU J 92 -56.03 2.90 4.48
CA LEU J 92 -57.39 2.58 4.09
C LEU J 92 -57.41 1.76 2.80
N VAL J 93 -58.14 0.64 2.85
CA VAL J 93 -58.27 -0.25 1.70
C VAL J 93 -59.74 -0.53 1.42
N PRO J 94 -60.28 0.01 0.31
CA PRO J 94 -61.61 -0.41 -0.13
C PRO J 94 -61.51 -1.79 -0.80
N VAL J 95 -62.09 -2.80 -0.13
CA VAL J 95 -62.00 -4.17 -0.61
C VAL J 95 -63.26 -4.57 -1.39
N PHE J 96 -63.07 -4.95 -2.66
CA PHE J 96 -64.18 -5.44 -3.48
C PHE J 96 -63.86 -6.77 -4.19
N GLY J 97 -62.74 -7.37 -3.83
CA GLY J 97 -62.31 -8.65 -4.40
C GLY J 97 -61.04 -9.20 -3.77
N ARG J 98 -60.53 -10.28 -4.37
CA ARG J 98 -59.33 -10.97 -3.87
C ARG J 98 -58.12 -10.04 -3.71
N PHE J 99 -57.97 -9.10 -4.64
CA PHE J 99 -56.81 -8.20 -4.62
C PHE J 99 -56.92 -7.05 -3.62
N GLY J 100 -58.12 -6.81 -3.11
CA GLY J 100 -58.32 -5.92 -1.98
C GLY J 100 -57.61 -6.47 -0.74
N HIS J 101 -57.73 -7.78 -0.55
CA HIS J 101 -57.11 -8.50 0.56
C HIS J 101 -55.58 -8.56 0.47
N LEU J 102 -55.07 -8.58 -0.76
CA LEU J 102 -53.62 -8.58 -1.00
C LEU J 102 -52.99 -7.28 -0.52
N LEU J 103 -53.65 -6.15 -0.78
CA LEU J 103 -53.23 -4.85 -0.27
C LEU J 103 -53.25 -4.83 1.25
N CYS J 104 -54.28 -5.45 1.84
CA CYS J 104 -54.42 -5.57 3.29
C CYS J 104 -53.24 -6.31 3.92
N GLU J 105 -52.82 -7.40 3.29
CA GLU J 105 -51.69 -8.20 3.78
C GLU J 105 -50.34 -7.52 3.61
N ILE J 106 -50.12 -6.93 2.44
CA ILE J 106 -48.86 -6.21 2.16
C ILE J 106 -48.68 -5.08 3.17
N ALA J 107 -49.74 -4.32 3.41
CA ALA J 107 -49.72 -3.23 4.40
C ALA J 107 -49.46 -3.72 5.82
N ARG J 108 -49.99 -4.91 6.16
CA ARG J 108 -49.76 -5.51 7.48
C ARG J 108 -48.27 -5.85 7.69
N ARG J 109 -47.65 -6.36 6.63
CA ARG J 109 -46.22 -6.68 6.66
C ARG J 109 -45.35 -5.42 6.73
N CYS J 110 -45.88 -4.31 6.21
CA CYS J 110 -45.26 -2.99 6.33
C CYS J 110 -45.46 -2.40 7.73
N ARG J 111 -46.23 -3.13 8.55
CA ARG J 111 -46.56 -2.76 9.93
C ARG J 111 -47.44 -1.51 10.04
N ALA J 112 -48.30 -1.33 9.04
CA ALA J 112 -49.33 -0.30 9.05
C ALA J 112 -50.55 -0.79 9.84
N GLU J 113 -51.32 0.16 10.37
CA GLU J 113 -52.63 -0.14 10.91
C GLU J 113 -53.62 -0.17 9.76
N VAL J 114 -54.20 -1.35 9.51
CA VAL J 114 -55.06 -1.55 8.34
C VAL J 114 -56.54 -1.35 8.66
N HIS J 115 -57.12 -0.31 8.05
CA HIS J 115 -58.56 -0.04 8.11
C HIS J 115 -59.18 -0.43 6.78
N THR J 116 -60.36 -1.05 6.82
CA THR J 116 -61.03 -1.54 5.62
C THR J 116 -62.52 -1.22 5.55
N ILE J 117 -63.00 -0.90 4.36
CA ILE J 117 -64.42 -0.91 4.05
C ILE J 117 -64.65 -1.91 2.90
N GLU J 118 -65.82 -2.57 2.92
CA GLU J 118 -66.09 -3.67 1.99
C GLU J 118 -67.43 -3.57 1.27
N VAL J 119 -67.44 -3.98 0.01
CA VAL J 119 -68.68 -4.24 -0.73
C VAL J 119 -68.69 -5.70 -1.21
N PRO J 120 -69.89 -6.26 -1.48
CA PRO J 120 -69.91 -7.67 -1.91
C PRO J 120 -69.49 -7.89 -3.36
N TRP J 121 -68.72 -8.95 -3.60
CA TRP J 121 -68.43 -9.45 -4.93
C TRP J 121 -69.78 -9.68 -5.65
N GLY J 122 -69.99 -9.07 -6.81
CA GLY J 122 -69.04 -8.17 -7.45
C GLY J 122 -69.64 -6.80 -7.65
N GLU J 123 -69.51 -5.97 -6.62
CA GLU J 123 -69.97 -4.58 -6.65
C GLU J 123 -68.78 -3.63 -6.65
N VAL J 124 -69.08 -2.34 -6.73
CA VAL J 124 -68.05 -1.32 -6.84
C VAL J 124 -68.32 -0.20 -5.82
N PHE J 125 -67.29 0.54 -5.44
CA PHE J 125 -67.41 1.57 -4.42
C PHE J 125 -67.94 2.91 -4.93
N THR J 126 -68.74 3.57 -4.10
CA THR J 126 -69.25 4.91 -4.33
C THR J 126 -68.22 5.91 -3.78
N PRO J 127 -68.07 7.07 -4.45
CA PRO J 127 -67.21 8.14 -3.93
C PRO J 127 -67.62 8.60 -2.53
N ASP J 128 -68.92 8.57 -2.24
CA ASP J 128 -69.44 8.88 -0.91
C ASP J 128 -69.06 7.82 0.13
N GLN J 129 -69.00 6.56 -0.30
CA GLN J 129 -68.63 5.46 0.59
C GLN J 129 -67.20 5.59 1.11
N VAL J 130 -66.30 6.07 0.25
CA VAL J 130 -64.89 6.18 0.60
C VAL J 130 -64.55 7.50 1.31
N GLU J 131 -65.26 8.57 0.98
CA GLU J 131 -65.05 9.86 1.64
C GLU J 131 -65.49 9.80 3.10
N ASP J 132 -66.62 9.11 3.33
CA ASP J 132 -67.10 8.84 4.69
C ASP J 132 -66.03 8.09 5.49
N ALA J 133 -65.36 7.15 4.84
CA ALA J 133 -64.28 6.37 5.47
C ALA J 133 -63.05 7.24 5.77
N VAL J 134 -62.53 7.92 4.75
CA VAL J 134 -61.40 8.85 4.90
C VAL J 134 -61.68 9.84 6.05
N LYS J 135 -62.87 10.44 6.05
CA LYS J 135 -63.31 11.34 7.11
C LYS J 135 -63.22 10.71 8.50
N ARG J 136 -63.69 9.47 8.61
CA ARG J 136 -63.79 8.77 9.89
C ARG J 136 -62.44 8.43 10.53
N ILE J 137 -61.50 7.91 9.75
CA ILE J 137 -60.23 7.44 10.32
C ILE J 137 -59.01 8.29 9.95
N ARG J 138 -59.13 9.12 8.93
CA ARG J 138 -58.03 9.98 8.46
C ARG J 138 -56.73 9.21 8.18
N PRO J 139 -56.69 8.45 7.06
CA PRO J 139 -55.52 7.64 6.75
C PRO J 139 -54.43 8.42 6.01
N ARG J 140 -53.20 7.90 6.07
CA ARG J 140 -52.09 8.47 5.30
C ARG J 140 -52.22 8.07 3.84
N LEU J 141 -52.71 6.85 3.59
CA LEU J 141 -52.82 6.27 2.25
C LEU J 141 -54.23 5.75 1.96
N LEU J 142 -54.69 5.97 0.74
CA LEU J 142 -55.81 5.22 0.20
C LEU J 142 -55.25 4.19 -0.78
N LEU J 143 -55.44 2.92 -0.46
CA LEU J 143 -54.91 1.83 -1.28
C LEU J 143 -56.04 1.16 -2.05
N THR J 144 -56.01 1.31 -3.37
CA THR J 144 -57.09 0.84 -4.23
C THR J 144 -56.62 -0.12 -5.30
N VAL J 145 -57.53 -1.02 -5.70
CA VAL J 145 -57.36 -1.82 -6.90
C VAL J 145 -58.32 -1.22 -7.92
N GLN J 146 -57.81 -0.92 -9.12
CA GLN J 146 -58.66 -0.38 -10.18
C GLN J 146 -59.53 -1.50 -10.77
N GLY J 147 -58.89 -2.52 -11.33
CA GLY J 147 -59.59 -3.67 -11.85
C GLY J 147 -59.19 -4.94 -11.12
N ASP J 148 -60.15 -5.58 -10.48
CA ASP J 148 -59.92 -6.84 -9.77
C ASP J 148 -60.44 -8.01 -10.60
N THR J 149 -59.51 -8.82 -11.12
CA THR J 149 -59.85 -9.94 -12.01
C THR J 149 -60.74 -11.01 -11.37
N SER J 150 -60.59 -11.21 -10.06
CA SER J 150 -61.37 -12.23 -9.34
C SER J 150 -62.87 -11.94 -9.32
N THR J 151 -63.25 -10.68 -9.54
CA THR J 151 -64.65 -10.28 -9.64
C THR J 151 -64.95 -9.58 -10.97
N THR J 152 -63.92 -9.40 -11.79
CA THR J 152 -64.02 -8.77 -13.12
C THR J 152 -64.52 -7.32 -13.08
N MET J 153 -64.59 -6.74 -11.88
CA MET J 153 -65.16 -5.40 -11.68
C MET J 153 -64.12 -4.29 -11.73
N LEU J 154 -64.53 -3.14 -12.27
CA LEU J 154 -63.65 -2.00 -12.50
C LEU J 154 -64.07 -0.81 -11.64
N GLN J 155 -63.21 -0.45 -10.68
CA GLN J 155 -63.47 0.66 -9.75
C GLN J 155 -63.27 2.02 -10.42
N PRO J 156 -64.29 2.90 -10.36
CA PRO J 156 -64.16 4.28 -10.83
C PRO J 156 -63.19 5.07 -9.95
N LEU J 157 -62.16 5.64 -10.58
CA LEU J 157 -61.07 6.32 -9.87
C LEU J 157 -61.10 7.85 -10.03
N ALA J 158 -61.91 8.34 -10.96
CA ALA J 158 -61.91 9.74 -11.37
C ALA J 158 -62.24 10.76 -10.27
N GLU J 159 -63.06 10.33 -9.30
CA GLU J 159 -63.51 11.23 -8.23
C GLU J 159 -62.76 11.07 -6.90
N LEU J 160 -62.06 9.95 -6.75
CA LEU J 160 -61.35 9.63 -5.51
C LEU J 160 -60.11 10.50 -5.26
N GLY J 161 -59.50 10.99 -6.34
CA GLY J 161 -58.32 11.86 -6.24
C GLY J 161 -58.63 13.21 -5.62
N GLU J 162 -59.76 13.78 -5.99
CA GLU J 162 -60.25 15.04 -5.41
C GLU J 162 -60.59 14.86 -3.93
N ILE J 163 -61.24 13.73 -3.62
CA ILE J 163 -61.56 13.35 -2.24
C ILE J 163 -60.29 13.24 -1.40
N CYS J 164 -59.23 12.72 -2.01
CA CYS J 164 -57.95 12.54 -1.33
C CYS J 164 -57.18 13.84 -1.12
N ARG J 165 -57.28 14.76 -2.07
CA ARG J 165 -56.62 16.06 -1.95
C ARG J 165 -57.29 16.93 -0.88
N ARG J 166 -58.62 16.84 -0.77
CA ARG J 166 -59.39 17.57 0.24
C ARG J 166 -58.98 17.20 1.67
N TYR J 167 -58.60 15.94 1.87
CA TYR J 167 -58.24 15.44 3.20
C TYR J 167 -56.76 15.08 3.32
N ASP J 168 -55.98 15.50 2.33
CA ASP J 168 -54.52 15.33 2.29
C ASP J 168 -54.08 13.88 2.56
N ALA J 169 -54.57 12.97 1.72
CA ALA J 169 -54.21 11.56 1.79
C ALA J 169 -53.59 11.13 0.47
N LEU J 170 -52.58 10.27 0.56
CA LEU J 170 -51.90 9.76 -0.64
C LEU J 170 -52.77 8.72 -1.34
N PHE J 171 -52.86 8.83 -2.66
CA PHE J 171 -53.73 7.99 -3.47
C PHE J 171 -52.93 7.00 -4.32
N TYR J 172 -53.02 5.73 -3.96
CA TYR J 172 -52.36 4.65 -4.71
C TYR J 172 -53.38 3.74 -5.38
N THR J 173 -53.01 3.18 -6.52
CA THR J 173 -53.81 2.13 -7.16
C THR J 173 -52.99 1.00 -7.77
N ASP J 174 -53.53 -0.20 -7.69
CA ASP J 174 -52.99 -1.36 -8.38
C ASP J 174 -53.72 -1.46 -9.73
N ALA J 175 -52.99 -1.20 -10.80
CA ALA J 175 -53.59 -1.12 -12.13
C ALA J 175 -53.11 -2.23 -13.07
N THR J 176 -52.52 -3.28 -12.50
CA THR J 176 -51.90 -4.36 -13.29
C THR J 176 -52.87 -5.04 -14.25
N ALA J 177 -54.11 -5.20 -13.81
CA ALA J 177 -55.13 -5.88 -14.61
C ALA J 177 -55.84 -4.96 -15.61
N SER J 178 -55.82 -3.65 -15.32
CA SER J 178 -56.59 -2.67 -16.09
C SER J 178 -55.78 -1.86 -17.11
N LEU J 179 -54.53 -1.55 -16.78
CA LEU J 179 -53.69 -0.69 -17.62
C LEU J 179 -53.58 -1.23 -19.05
N GLY J 180 -53.78 -0.36 -20.03
CA GLY J 180 -53.77 -0.75 -21.44
C GLY J 180 -55.13 -1.19 -21.93
N GLY J 181 -55.90 -1.84 -21.05
CA GLY J 181 -57.23 -2.34 -21.41
C GLY J 181 -58.35 -1.36 -21.13
N ASN J 182 -58.16 -0.53 -20.11
CA ASN J 182 -59.16 0.44 -19.66
C ASN J 182 -58.51 1.82 -19.48
N PRO J 183 -59.34 2.89 -19.39
CA PRO J 183 -58.76 4.22 -19.13
C PRO J 183 -58.08 4.33 -17.76
N LEU J 184 -56.94 5.03 -17.72
CA LEU J 184 -56.27 5.38 -16.47
C LEU J 184 -55.52 6.69 -16.64
N GLU J 185 -56.09 7.77 -16.08
CA GLU J 185 -55.51 9.11 -16.19
C GLU J 185 -54.79 9.49 -14.91
N THR J 186 -53.51 9.14 -14.83
CA THR J 186 -52.69 9.28 -13.62
C THR J 186 -52.64 10.71 -13.04
N ASP J 187 -52.26 11.67 -13.86
CA ASP J 187 -52.12 13.06 -13.40
C ASP J 187 -53.46 13.76 -13.23
N VAL J 188 -54.39 13.52 -14.15
CA VAL J 188 -55.70 14.16 -14.13
C VAL J 188 -56.54 13.69 -12.94
N TRP J 189 -56.45 12.40 -12.63
CA TRP J 189 -57.20 11.81 -11.52
C TRP J 189 -56.51 11.99 -10.16
N GLY J 190 -55.42 12.75 -10.13
CA GLY J 190 -54.73 13.11 -8.88
C GLY J 190 -54.04 11.96 -8.17
N LEU J 191 -53.63 10.95 -8.92
CA LEU J 191 -52.92 9.79 -8.38
C LEU J 191 -51.51 10.12 -7.91
N ASP J 192 -51.09 9.48 -6.83
CA ASP J 192 -49.77 9.70 -6.23
C ASP J 192 -48.79 8.58 -6.57
N ALA J 193 -49.30 7.36 -6.68
CA ALA J 193 -48.49 6.19 -7.03
C ALA J 193 -49.33 5.14 -7.73
N VAL J 194 -48.76 4.54 -8.78
CA VAL J 194 -49.42 3.48 -9.54
C VAL J 194 -48.42 2.35 -9.79
N SER J 195 -48.90 1.11 -9.67
CA SER J 195 -48.12 -0.06 -10.04
C SER J 195 -48.91 -0.89 -11.04
N ALA J 196 -48.20 -1.49 -11.99
CA ALA J 196 -48.82 -2.33 -13.01
C ALA J 196 -48.12 -3.69 -13.16
N GLY J 197 -48.38 -4.35 -14.29
CA GLY J 197 -47.80 -5.65 -14.60
C GLY J 197 -47.75 -5.89 -16.09
N MET J 198 -47.02 -6.92 -16.51
CA MET J 198 -46.79 -7.17 -17.92
C MET J 198 -47.76 -8.16 -18.53
N GLN J 199 -48.18 -9.15 -17.74
CA GLN J 199 -48.84 -10.35 -18.25
C GLN J 199 -50.36 -10.25 -18.51
N1 LLP J 200 -52.87 -7.37 -9.13
C2 LLP J 200 -54.02 -7.52 -9.84
C2' LLP J 200 -55.11 -6.52 -9.66
C3 LLP J 200 -54.17 -8.57 -10.75
O3 LLP J 200 -55.31 -8.73 -11.43
C4 LLP J 200 -53.13 -9.48 -10.90
C4' LLP J 200 -53.26 -10.64 -11.86
C5 LLP J 200 -51.96 -9.31 -10.13
C6 LLP J 200 -51.86 -8.21 -9.25
C5' LLP J 200 -50.80 -10.27 -10.27
OP4 LLP J 200 -49.66 -10.09 -9.48
P LLP J 200 -48.42 -11.06 -9.72
OP1 LLP J 200 -48.88 -12.51 -9.61
OP2 LLP J 200 -47.39 -10.79 -8.65
OP3 LLP J 200 -47.84 -10.80 -11.08
N LLP J 200 -50.91 -9.04 -18.41
CA LLP J 200 -52.33 -8.85 -18.57
CB LLP J 200 -53.01 -8.16 -17.37
CG LLP J 200 -53.51 -9.05 -16.25
CD LLP J 200 -52.55 -9.38 -15.11
CE LLP J 200 -52.88 -10.55 -14.24
NZ LLP J 200 -53.88 -10.34 -13.18
C LLP J 200 -52.66 -8.20 -19.92
O LLP J 200 -52.82 -8.93 -20.92
N CYS J 201 -52.74 -6.87 -19.97
CA CYS J 201 -53.05 -6.16 -21.21
C CYS J 201 -51.80 -5.66 -21.95
N LEU J 202 -50.64 -5.73 -21.30
CA LEU J 202 -49.39 -5.20 -21.86
C LEU J 202 -48.70 -6.18 -22.85
N GLY J 203 -48.59 -7.44 -22.45
CA GLY J 203 -48.29 -8.54 -23.37
C GLY J 203 -46.87 -8.88 -23.81
N GLY J 204 -45.99 -9.30 -22.90
CA GLY J 204 -46.28 -9.43 -21.48
C GLY J 204 -46.02 -10.78 -20.83
N PRO J 205 -44.74 -11.12 -20.61
CA PRO J 205 -44.46 -12.13 -19.60
C PRO J 205 -44.34 -11.47 -18.22
N SER J 206 -44.83 -12.11 -17.18
CA SER J 206 -44.73 -11.57 -15.83
C SER J 206 -43.27 -11.61 -15.36
N GLY J 207 -42.91 -10.72 -14.46
CA GLY J 207 -41.54 -10.62 -13.97
C GLY J 207 -41.04 -9.19 -13.91
N THR J 208 -41.90 -8.24 -14.27
CA THR J 208 -41.62 -6.81 -14.19
C THR J 208 -42.89 -6.09 -13.73
N SER J 209 -42.70 -5.04 -12.93
CA SER J 209 -43.81 -4.22 -12.46
C SER J 209 -43.52 -2.73 -12.69
N PRO J 210 -44.03 -2.17 -13.81
CA PRO J 210 -43.89 -0.74 -14.09
C PRO J 210 -44.62 0.08 -13.03
N ILE J 211 -43.92 1.05 -12.46
CA ILE J 211 -44.51 1.93 -11.45
C ILE J 211 -44.30 3.41 -11.78
N THR J 212 -45.12 4.26 -11.18
CA THR J 212 -44.98 5.72 -11.32
C THR J 212 -45.29 6.41 -9.98
N LEU J 213 -44.48 7.41 -9.65
CA LEU J 213 -44.59 8.10 -8.37
C LEU J 213 -44.65 9.61 -8.58
N SER J 214 -45.77 10.22 -8.19
CA SER J 214 -45.94 11.67 -8.28
C SER J 214 -44.89 12.41 -7.46
N ALA J 215 -44.63 13.67 -7.84
CA ALA J 215 -43.67 14.52 -7.14
C ALA J 215 -43.90 14.57 -5.62
N ARG J 216 -45.13 14.24 -5.21
CA ARG J 216 -45.54 14.23 -3.81
C ARG J 216 -45.06 12.96 -3.12
N MET J 217 -45.19 11.83 -3.82
CA MET J 217 -44.73 10.53 -3.32
C MET J 217 -43.23 10.48 -3.10
N GLU J 218 -42.47 11.04 -4.04
CA GLU J 218 -41.00 11.01 -3.96
C GLU J 218 -40.47 11.83 -2.79
N GLU J 219 -41.16 12.91 -2.45
CA GLU J 219 -40.79 13.74 -1.31
C GLU J 219 -40.97 12.96 -0.01
N ALA J 220 -42.01 12.14 0.06
CA ALA J 220 -42.26 11.27 1.21
C ALA J 220 -41.22 10.16 1.32
N ILE J 221 -40.85 9.59 0.17
CA ILE J 221 -39.83 8.53 0.12
C ILE J 221 -38.44 9.10 0.41
N ARG J 222 -38.16 10.29 -0.09
CA ARG J 222 -36.87 10.96 0.12
C ARG J 222 -36.59 11.32 1.59
N ARG J 223 -37.64 11.43 2.40
CA ARG J 223 -37.50 11.69 3.83
C ARG J 223 -36.96 10.47 4.58
N ARG J 224 -37.12 9.30 3.96
CA ARG J 224 -36.65 8.02 4.51
C ARG J 224 -35.18 7.76 4.14
N LYS J 225 -34.66 8.55 3.21
CA LYS J 225 -33.34 8.32 2.57
C LYS J 225 -32.33 7.61 3.44
N CYS J 226 -31.96 6.40 3.01
CA CYS J 226 -30.99 5.57 3.68
C CYS J 226 -30.32 4.74 2.61
N VAL J 227 -29.08 5.11 2.28
CA VAL J 227 -28.32 4.45 1.22
C VAL J 227 -27.51 3.29 1.79
N GLU J 228 -27.58 2.15 1.11
CA GLU J 228 -26.86 0.92 1.48
C GLU J 228 -25.39 1.18 1.85
N GLU J 229 -24.95 0.59 2.96
CA GLU J 229 -23.62 0.84 3.53
C GLU J 229 -22.44 0.50 2.62
N GLY J 230 -22.65 -0.39 1.66
CA GLY J 230 -21.62 -0.77 0.70
C GLY J 230 -21.44 0.22 -0.43
N ILE J 231 -22.42 1.09 -0.62
CA ILE J 231 -22.39 2.14 -1.65
C ILE J 231 -22.62 3.53 -1.06
N ARG J 232 -22.33 3.66 0.23
CA ARG J 232 -22.51 4.90 0.96
C ARG J 232 -21.22 5.73 0.96
N THR J 233 -21.16 6.72 0.07
CA THR J 233 -20.03 7.65 -0.02
C THR J 233 -20.18 8.80 0.98
N ASP J 234 -19.34 9.82 0.85
CA ASP J 234 -19.31 10.95 1.78
C ASP J 234 -20.23 12.12 1.42
N ALA J 235 -21.06 11.94 0.40
CA ALA J 235 -22.06 12.93 0.02
C ALA J 235 -23.45 12.57 0.56
N HIS J 236 -23.65 11.29 0.88
CA HIS J 236 -24.95 10.79 1.34
C HIS J 236 -25.23 11.12 2.80
N ARG J 237 -26.48 11.47 3.08
CA ARG J 237 -26.96 11.69 4.46
C ARG J 237 -28.42 11.33 4.64
N ASP J 238 -28.75 10.82 5.83
CA ASP J 238 -30.10 10.35 6.16
C ASP J 238 -31.10 11.50 6.34
N GLY J 239 -32.38 11.18 6.16
CA GLY J 239 -33.46 12.14 6.33
C GLY J 239 -34.02 12.18 7.75
N ASP J 240 -35.18 12.80 7.90
CA ASP J 240 -35.82 12.97 9.20
C ASP J 240 -36.55 11.72 9.69
N GLU J 241 -37.25 11.05 8.79
CA GLU J 241 -37.99 9.83 9.10
C GLU J 241 -37.10 8.59 9.09
N GLU J 242 -37.62 7.50 9.65
CA GLU J 242 -36.88 6.23 9.74
C GLU J 242 -36.64 5.58 8.37
N MET J 243 -35.81 4.54 8.35
CA MET J 243 -35.47 3.84 7.11
C MET J 243 -36.59 2.95 6.59
N ILE J 244 -36.58 2.72 5.28
CA ILE J 244 -37.47 1.74 4.65
C ILE J 244 -36.95 0.35 4.99
N TYR J 245 -37.83 -0.52 5.48
CA TYR J 245 -37.43 -1.84 5.97
C TYR J 245 -37.31 -2.88 4.86
N SER J 246 -36.49 -2.53 3.88
CA SER J 246 -36.13 -3.39 2.76
C SER J 246 -34.96 -2.73 2.04
N ASN J 247 -34.05 -3.55 1.53
CA ASN J 247 -32.96 -3.07 0.69
C ASN J 247 -33.41 -3.08 -0.77
N TYR J 248 -33.98 -4.21 -1.17
CA TYR J 248 -34.42 -4.43 -2.55
C TYR J 248 -35.57 -3.50 -2.96
N PHE J 249 -36.48 -3.24 -2.03
CA PHE J 249 -37.70 -2.47 -2.34
C PHE J 249 -37.67 -1.00 -1.89
N ASP J 250 -36.49 -0.53 -1.50
CA ASP J 250 -36.28 0.87 -1.11
C ASP J 250 -36.24 1.75 -2.36
N LEU J 251 -37.38 2.37 -2.66
CA LEU J 251 -37.54 3.12 -3.92
C LEU J 251 -36.67 4.36 -4.04
N GLY J 252 -36.17 4.86 -2.91
CA GLY J 252 -35.21 5.97 -2.91
C GLY J 252 -33.95 5.59 -3.66
N MET J 253 -33.40 4.42 -3.33
CA MET J 253 -32.21 3.88 -3.98
C MET J 253 -32.49 3.45 -5.42
N VAL J 254 -33.70 2.93 -5.65
CA VAL J 254 -34.17 2.59 -7.00
C VAL J 254 -34.20 3.85 -7.87
N MET J 255 -34.76 4.94 -7.32
CA MET J 255 -34.79 6.24 -8.01
C MET J 255 -33.39 6.76 -8.31
N ASP J 256 -32.48 6.66 -7.34
CA ASP J 256 -31.09 7.09 -7.51
C ASP J 256 -30.37 6.30 -8.60
N TYR J 257 -30.78 5.05 -8.79
CA TYR J 257 -30.21 4.15 -9.79
C TYR J 257 -30.69 4.50 -11.20
N TRP J 258 -32.00 4.74 -11.32
CA TRP J 258 -32.60 5.16 -12.60
C TRP J 258 -32.33 6.64 -12.89
N GLY J 259 -31.80 7.34 -11.90
CA GLY J 259 -31.47 8.76 -12.04
C GLY J 259 -30.01 8.99 -12.44
N PRO J 260 -29.64 10.27 -12.64
CA PRO J 260 -28.31 10.67 -13.12
C PRO J 260 -27.16 10.18 -12.25
N GLU J 261 -27.44 9.92 -10.98
CA GLU J 261 -26.44 9.38 -10.05
C GLU J 261 -25.99 7.97 -10.43
N ARG J 262 -26.91 7.19 -11.00
CA ARG J 262 -26.68 5.80 -11.38
C ARG J 262 -26.14 4.96 -10.21
N LEU J 263 -26.65 5.27 -9.02
CA LEU J 263 -26.27 4.61 -7.77
C LEU J 263 -26.47 3.10 -7.87
N ASN J 264 -25.40 2.34 -7.62
CA ASN J 264 -25.39 0.89 -7.87
C ASN J 264 -26.24 0.07 -6.90
N HIS J 265 -27.55 0.11 -7.09
CA HIS J 265 -28.49 -0.59 -6.21
C HIS J 265 -28.61 -2.07 -6.53
N HIS J 266 -28.85 -2.39 -7.80
CA HIS J 266 -28.98 -3.76 -8.27
C HIS J 266 -28.63 -3.84 -9.75
N THR J 267 -28.35 -5.05 -10.24
CA THR J 267 -28.15 -5.27 -11.66
C THR J 267 -29.52 -5.39 -12.33
N GLU J 268 -29.92 -4.34 -13.04
CA GLU J 268 -31.20 -4.28 -13.75
C GLU J 268 -31.38 -5.49 -14.66
N ALA J 269 -32.59 -6.05 -14.63
CA ALA J 269 -32.95 -7.20 -15.46
C ALA J 269 -32.96 -6.81 -16.95
N THR J 270 -31.82 -7.02 -17.60
CA THR J 270 -31.59 -6.58 -18.98
C THR J 270 -32.65 -7.07 -19.98
N THR J 271 -32.95 -8.36 -19.94
CA THR J 271 -33.89 -8.98 -20.87
C THR J 271 -35.34 -8.54 -20.62
N ALA J 272 -35.74 -8.54 -19.35
CA ALA J 272 -37.05 -8.05 -18.94
C ALA J 272 -37.27 -6.60 -19.38
N LEU J 273 -36.26 -5.76 -19.18
CA LEU J 273 -36.31 -4.34 -19.58
C LEU J 273 -36.53 -4.18 -21.08
N PHE J 274 -35.94 -5.07 -21.87
CA PHE J 274 -36.18 -5.10 -23.32
C PHE J 274 -37.65 -5.40 -23.61
N GLY J 275 -38.23 -6.34 -22.87
CA GLY J 275 -39.65 -6.70 -23.00
C GLY J 275 -40.59 -5.57 -22.65
N ALA J 276 -40.36 -4.94 -21.50
CA ALA J 276 -41.16 -3.81 -21.03
C ALA J 276 -41.09 -2.61 -21.98
N ARG J 277 -39.91 -2.43 -22.59
CA ARG J 277 -39.70 -1.41 -23.60
C ARG J 277 -40.61 -1.65 -24.81
N GLU J 278 -40.65 -2.89 -25.28
CA GLU J 278 -41.48 -3.26 -26.43
C GLU J 278 -42.96 -3.09 -26.16
N CYS J 279 -43.44 -3.65 -25.04
CA CYS J 279 -44.84 -3.54 -24.65
C CYS J 279 -45.34 -2.11 -24.73
N ALA J 280 -44.61 -1.19 -24.09
CA ALA J 280 -44.93 0.23 -24.09
C ALA J 280 -44.83 0.86 -25.47
N ARG J 281 -43.76 0.53 -26.19
CA ARG J 281 -43.54 1.00 -27.56
C ARG J 281 -44.71 0.61 -28.48
N LEU J 282 -45.20 -0.62 -28.31
CA LEU J 282 -46.30 -1.16 -29.13
C LEU J 282 -47.65 -0.55 -28.79
N ILE J 283 -47.85 -0.21 -27.52
CA ILE J 283 -49.08 0.43 -27.07
C ILE J 283 -49.17 1.88 -27.59
N LEU J 284 -48.05 2.59 -27.58
CA LEU J 284 -47.99 3.96 -28.09
C LEU J 284 -47.95 3.99 -29.62
N GLN J 285 -47.50 2.90 -30.23
CA GLN J 285 -47.55 2.74 -31.68
C GLN J 285 -48.98 2.59 -32.16
N GLU J 286 -49.74 1.74 -31.46
CA GLU J 286 -51.15 1.52 -31.74
C GLU J 286 -51.94 2.79 -31.40
N GLY J 287 -51.56 3.42 -30.29
CA GLY J 287 -52.31 4.54 -29.72
C GLY J 287 -53.09 4.02 -28.53
N LEU J 288 -52.81 4.56 -27.35
CA LEU J 288 -53.40 4.09 -26.09
C LEU J 288 -54.93 4.10 -26.10
N ASP J 289 -55.52 5.18 -26.63
CA ASP J 289 -56.98 5.29 -26.75
C ASP J 289 -57.58 4.27 -27.73
N TYR J 290 -56.82 3.96 -28.79
CA TYR J 290 -57.21 2.90 -29.73
C TYR J 290 -57.11 1.51 -29.09
N GLY J 291 -56.08 1.32 -28.26
CA GLY J 291 -55.88 0.09 -27.51
C GLY J 291 -57.03 -0.21 -26.56
N ILE J 292 -57.45 0.81 -25.82
CA ILE J 292 -58.59 0.71 -24.90
C ILE J 292 -59.89 0.36 -25.67
N ALA J 293 -60.11 1.04 -26.79
CA ALA J 293 -61.30 0.83 -27.62
C ALA J 293 -61.38 -0.59 -28.19
N ARG J 294 -60.22 -1.16 -28.55
CA ARG J 294 -60.14 -2.53 -29.05
C ARG J 294 -60.50 -3.54 -27.97
N HIS J 295 -60.00 -3.32 -26.76
CA HIS J 295 -60.36 -4.15 -25.61
C HIS J 295 -61.86 -4.07 -25.29
N LYS J 296 -62.45 -2.89 -25.56
CA LYS J 296 -63.88 -2.70 -25.35
C LYS J 296 -64.73 -3.38 -26.44
N LEU J 297 -64.23 -3.37 -27.67
CA LEU J 297 -64.93 -4.01 -28.80
C LEU J 297 -65.05 -5.52 -28.60
N HIS J 298 -63.95 -6.17 -28.24
CA HIS J 298 -63.89 -7.62 -28.12
C HIS J 298 -64.41 -8.15 -26.79
N GLY J 299 -64.42 -7.29 -25.78
CA GLY J 299 -65.02 -7.63 -24.49
C GLY J 299 -66.54 -7.68 -24.61
N ASP J 300 -67.11 -6.68 -25.27
CA ASP J 300 -68.54 -6.59 -25.51
C ASP J 300 -69.01 -7.67 -26.49
N ALA J 301 -68.15 -8.01 -27.45
CA ALA J 301 -68.41 -9.08 -28.40
C ALA J 301 -68.48 -10.43 -27.71
N LEU J 302 -67.68 -10.58 -26.66
CA LEU J 302 -67.69 -11.78 -25.82
C LEU J 302 -68.99 -11.90 -25.04
N VAL J 303 -69.45 -10.79 -24.47
CA VAL J 303 -70.68 -10.77 -23.67
C VAL J 303 -71.88 -11.22 -24.51
N LYS J 304 -72.15 -10.50 -25.59
CA LYS J 304 -73.31 -10.75 -26.45
C LYS J 304 -73.42 -12.22 -26.88
N GLY J 305 -72.28 -12.81 -27.25
CA GLY J 305 -72.19 -14.23 -27.57
C GLY J 305 -72.50 -15.13 -26.39
N ILE J 306 -71.93 -14.81 -25.23
CA ILE J 306 -72.14 -15.58 -23.99
C ILE J 306 -73.61 -15.55 -23.56
N GLN J 307 -74.23 -14.36 -23.65
CA GLN J 307 -75.64 -14.18 -23.27
C GLN J 307 -76.60 -14.88 -24.23
N ALA J 308 -76.25 -14.93 -25.51
CA ALA J 308 -77.08 -15.60 -26.52
C ALA J 308 -76.94 -17.12 -26.44
N MET J 309 -75.85 -17.58 -25.84
CA MET J 309 -75.62 -18.99 -25.55
C MET J 309 -76.49 -19.45 -24.38
N GLY J 310 -77.18 -18.50 -23.74
CA GLY J 310 -78.04 -18.79 -22.60
C GLY J 310 -77.26 -18.99 -21.32
N LEU J 311 -76.29 -18.11 -21.08
CA LEU J 311 -75.45 -18.18 -19.89
C LEU J 311 -75.59 -16.91 -19.05
N GLU J 312 -75.62 -17.10 -17.73
CA GLU J 312 -75.66 -15.98 -16.79
C GLU J 312 -74.26 -15.39 -16.65
N THR J 313 -74.21 -14.09 -16.39
CA THR J 313 -72.94 -13.40 -16.17
C THR J 313 -72.80 -12.99 -14.70
N PHE J 314 -71.56 -12.91 -14.22
CA PHE J 314 -71.31 -12.46 -12.86
C PHE J 314 -71.01 -10.96 -12.80
N GLY J 315 -71.61 -10.30 -11.82
CA GLY J 315 -71.26 -8.92 -11.50
C GLY J 315 -72.15 -7.85 -12.09
N ASP J 316 -71.88 -6.62 -11.67
CA ASP J 316 -72.58 -5.43 -12.13
C ASP J 316 -71.91 -4.97 -13.44
N LEU J 317 -72.54 -5.30 -14.56
CA LEU J 317 -71.97 -5.06 -15.89
C LEU J 317 -71.73 -3.58 -16.23
N LYS J 318 -72.34 -2.68 -15.47
CA LYS J 318 -72.09 -1.24 -15.60
C LYS J 318 -70.61 -0.91 -15.37
N HIS J 319 -70.01 -1.57 -14.38
CA HIS J 319 -68.62 -1.35 -14.03
C HIS J 319 -67.74 -2.58 -14.32
N LYS J 320 -68.07 -3.31 -15.39
CA LYS J 320 -67.27 -4.46 -15.82
C LYS J 320 -66.01 -3.99 -16.55
N MET J 321 -64.91 -4.68 -16.29
CA MET J 321 -63.67 -4.48 -17.04
C MET J 321 -63.87 -4.88 -18.50
N ASN J 322 -63.21 -4.14 -19.40
CA ASN J 322 -63.24 -4.47 -20.83
C ASN J 322 -62.65 -5.85 -21.09
N ASN J 323 -61.62 -6.20 -20.32
CA ASN J 323 -60.78 -7.35 -20.62
C ASN J 323 -61.11 -8.68 -19.92
N VAL J 324 -62.09 -8.70 -19.03
CA VAL J 324 -62.48 -9.93 -18.33
C VAL J 324 -64.00 -10.13 -18.30
N LEU J 325 -64.43 -11.38 -18.25
CA LEU J 325 -65.85 -11.72 -18.14
C LEU J 325 -66.08 -12.87 -17.17
N GLY J 326 -66.94 -12.65 -16.19
CA GLY J 326 -67.37 -13.70 -15.28
C GLY J 326 -68.54 -14.47 -15.85
N VAL J 327 -68.31 -15.75 -16.16
CA VAL J 327 -69.34 -16.59 -16.78
C VAL J 327 -69.84 -17.63 -15.79
N VAL J 328 -71.13 -17.54 -15.46
CA VAL J 328 -71.75 -18.42 -14.47
C VAL J 328 -71.94 -19.83 -15.04
N ILE J 329 -71.51 -20.83 -14.26
CA ILE J 329 -71.60 -22.23 -14.66
C ILE J 329 -73.03 -22.74 -14.46
N PRO J 330 -73.66 -23.25 -15.53
CA PRO J 330 -75.02 -23.80 -15.48
C PRO J 330 -75.06 -25.07 -14.64
N GLN J 331 -76.13 -25.20 -13.86
CA GLN J 331 -76.34 -26.35 -12.99
C GLN J 331 -76.43 -27.63 -13.82
N GLY J 332 -75.54 -28.58 -13.53
CA GLY J 332 -75.47 -29.84 -14.27
C GLY J 332 -74.19 -30.00 -15.06
N ILE J 333 -73.32 -28.99 -15.01
CA ILE J 333 -72.02 -29.04 -15.67
C ILE J 333 -70.90 -28.87 -14.65
N ASN J 334 -69.93 -29.77 -14.71
CA ASN J 334 -68.76 -29.70 -13.83
C ASN J 334 -67.78 -28.65 -14.36
N GLY J 335 -67.50 -27.64 -13.52
CA GLY J 335 -66.67 -26.50 -13.90
C GLY J 335 -65.28 -26.86 -14.37
N ASP J 336 -64.63 -27.75 -13.64
CA ASP J 336 -63.27 -28.21 -13.96
C ASP J 336 -63.22 -29.06 -15.21
N GLN J 337 -64.30 -29.79 -15.48
CA GLN J 337 -64.43 -30.66 -16.65
C GLN J 337 -64.42 -29.85 -17.96
N ALA J 338 -65.12 -28.71 -17.96
CA ALA J 338 -65.14 -27.83 -19.12
C ALA J 338 -63.75 -27.29 -19.39
N ARG J 339 -63.09 -26.80 -18.33
CA ARG J 339 -61.71 -26.30 -18.40
C ARG J 339 -60.74 -27.35 -18.95
N LYS J 340 -60.86 -28.59 -18.44
CA LYS J 340 -60.02 -29.70 -18.89
C LYS J 340 -60.18 -29.97 -20.38
N LEU J 341 -61.43 -30.09 -20.82
CA LEU J 341 -61.74 -30.33 -22.23
C LEU J 341 -61.33 -29.15 -23.12
N MET J 342 -61.48 -27.93 -22.59
CA MET J 342 -61.07 -26.72 -23.30
C MET J 342 -59.54 -26.68 -23.47
N LEU J 343 -58.83 -27.06 -22.41
CA LEU J 343 -57.37 -27.02 -22.37
C LEU J 343 -56.75 -28.14 -23.22
N GLU J 344 -57.23 -29.36 -23.02
CA GLU J 344 -56.63 -30.54 -23.65
C GLU J 344 -57.09 -30.75 -25.09
N ASP J 345 -58.36 -30.52 -25.36
CA ASP J 345 -58.94 -30.86 -26.67
C ASP J 345 -59.00 -29.68 -27.65
N PHE J 346 -58.98 -28.45 -27.15
CA PHE J 346 -59.01 -27.27 -28.00
C PHE J 346 -57.76 -26.39 -27.87
N GLY J 347 -56.99 -26.62 -26.81
CA GLY J 347 -55.77 -25.84 -26.56
C GLY J 347 -56.06 -24.43 -26.10
N ILE J 348 -57.16 -24.25 -25.38
CA ILE J 348 -57.59 -22.93 -24.91
C ILE J 348 -57.74 -22.94 -23.39
N GLU J 349 -57.15 -21.96 -22.72
CA GLU J 349 -57.34 -21.79 -21.29
C GLU J 349 -58.41 -20.74 -20.99
N ILE J 350 -59.44 -21.15 -20.27
CA ILE J 350 -60.33 -20.23 -19.57
C ILE J 350 -60.05 -20.34 -18.08
N GLY J 351 -60.38 -19.29 -17.33
CA GLY J 351 -60.04 -19.24 -15.92
C GLY J 351 -61.02 -19.95 -15.00
N THR J 352 -60.48 -20.53 -13.93
CA THR J 352 -61.28 -20.97 -12.79
C THR J 352 -61.34 -19.81 -11.79
N SER J 353 -62.41 -19.75 -11.02
CA SER J 353 -62.50 -18.80 -9.92
C SER J 353 -62.00 -19.46 -8.65
N PHE J 354 -61.46 -18.66 -7.74
CA PHE J 354 -61.02 -19.16 -6.45
C PHE J 354 -61.91 -18.64 -5.33
N GLY J 355 -61.93 -19.36 -4.20
CA GLY J 355 -62.64 -18.95 -3.00
C GLY J 355 -64.15 -19.09 -3.07
N PRO J 356 -64.89 -17.98 -2.87
CA PRO J 356 -66.35 -17.98 -2.80
C PRO J 356 -67.05 -18.08 -4.16
N LEU J 357 -66.27 -18.25 -5.23
CA LEU J 357 -66.82 -18.40 -6.56
C LEU J 357 -66.27 -19.63 -7.29
N HIS J 358 -65.49 -20.45 -6.56
CA HIS J 358 -64.90 -21.66 -7.15
C HIS J 358 -65.97 -22.69 -7.50
N GLY J 359 -65.92 -23.17 -8.74
CA GLY J 359 -66.91 -24.10 -9.27
C GLY J 359 -68.21 -23.42 -9.64
N LYS J 360 -68.27 -22.10 -9.45
CA LYS J 360 -69.48 -21.32 -9.72
C LYS J 360 -69.33 -20.40 -10.94
N VAL J 361 -68.14 -19.82 -11.09
CA VAL J 361 -67.89 -18.80 -12.11
C VAL J 361 -66.63 -19.10 -12.92
N TRP J 362 -66.73 -19.00 -14.25
CA TRP J 362 -65.56 -19.00 -15.12
C TRP J 362 -65.10 -17.58 -15.37
N ARG J 363 -63.81 -17.39 -15.58
CA ARG J 363 -63.27 -16.09 -15.93
C ARG J 363 -62.66 -16.15 -17.33
N ILE J 364 -63.37 -15.58 -18.31
CA ILE J 364 -62.87 -15.50 -19.67
C ILE J 364 -62.31 -14.11 -19.95
N GLY J 365 -61.02 -14.05 -20.23
CA GLY J 365 -60.34 -12.79 -20.49
C GLY J 365 -60.03 -12.54 -21.95
N THR J 366 -60.20 -11.28 -22.38
CA THR J 366 -59.84 -10.83 -23.71
C THR J 366 -58.83 -9.70 -23.60
N MET J 367 -57.56 -10.06 -23.38
CA MET J 367 -56.53 -9.11 -22.99
C MET J 367 -55.35 -9.07 -23.96
N GLY J 368 -54.72 -7.91 -24.04
CA GLY J 368 -53.49 -7.68 -24.81
C GLY J 368 -53.53 -8.16 -26.24
N TYR J 369 -52.48 -8.89 -26.62
CA TYR J 369 -52.34 -9.47 -27.96
C TYR J 369 -53.52 -10.37 -28.31
N ASN J 370 -54.16 -10.95 -27.28
CA ASN J 370 -55.31 -11.85 -27.47
C ASN J 370 -56.66 -11.15 -27.56
N ALA J 371 -56.69 -9.83 -27.39
CA ALA J 371 -57.92 -9.07 -27.61
C ALA J 371 -58.13 -8.92 -29.12
N ARG J 372 -58.64 -9.99 -29.73
CA ARG J 372 -58.81 -10.08 -31.18
C ARG J 372 -60.11 -10.80 -31.51
N LYS J 373 -60.69 -10.45 -32.65
CA LYS J 373 -61.90 -11.09 -33.16
C LYS J 373 -61.79 -12.62 -33.19
N ASP J 374 -60.70 -13.12 -33.76
CA ASP J 374 -60.49 -14.57 -33.91
C ASP J 374 -60.34 -15.31 -32.59
N CYS J 375 -59.69 -14.68 -31.62
CA CYS J 375 -59.58 -15.23 -30.26
C CYS J 375 -60.96 -15.37 -29.61
N VAL J 376 -61.75 -14.30 -29.69
CA VAL J 376 -63.12 -14.29 -29.18
C VAL J 376 -63.97 -15.34 -29.91
N MET J 377 -63.84 -15.38 -31.23
CA MET J 377 -64.65 -16.25 -32.08
C MET J 377 -64.33 -17.73 -31.86
N THR J 378 -63.03 -18.04 -31.75
CA THR J 378 -62.57 -19.40 -31.49
C THR J 378 -63.01 -19.90 -30.10
N THR J 379 -62.90 -19.03 -29.10
CA THR J 379 -63.29 -19.37 -27.73
C THR J 379 -64.79 -19.64 -27.62
N LEU J 380 -65.59 -18.79 -28.26
CA LEU J 380 -67.04 -18.93 -28.23
C LEU J 380 -67.51 -20.26 -28.80
N SER J 381 -66.99 -20.64 -29.97
CA SER J 381 -67.39 -21.88 -30.63
C SER J 381 -66.89 -23.13 -29.90
N ALA J 382 -65.73 -23.02 -29.25
CA ALA J 382 -65.17 -24.12 -28.45
C ALA J 382 -65.94 -24.35 -27.15
N LEU J 383 -66.40 -23.27 -26.53
CA LEU J 383 -67.15 -23.34 -25.28
C LEU J 383 -68.49 -24.05 -25.50
N GLU J 384 -69.26 -23.55 -26.45
CA GLU J 384 -70.55 -24.12 -26.83
C GLU J 384 -70.41 -25.58 -27.24
N ALA J 385 -69.36 -25.88 -28.01
CA ALA J 385 -69.08 -27.25 -28.43
C ALA J 385 -68.85 -28.18 -27.25
N VAL J 386 -68.09 -27.70 -26.26
CA VAL J 386 -67.79 -28.47 -25.05
C VAL J 386 -69.05 -28.70 -24.20
N LEU J 387 -69.89 -27.67 -24.10
CA LEU J 387 -71.11 -27.74 -23.31
C LEU J 387 -72.19 -28.63 -23.92
N ASN J 388 -72.33 -28.57 -25.25
CA ASN J 388 -73.23 -29.45 -26.00
C ASN J 388 -72.80 -30.91 -25.89
N TYR J 389 -71.48 -31.11 -25.85
CA TYR J 389 -70.87 -32.43 -25.61
C TYR J 389 -71.14 -32.90 -24.19
N LEU J 390 -71.24 -31.95 -23.25
CA LEU J 390 -71.52 -32.24 -21.85
C LEU J 390 -73.00 -32.10 -21.49
N LYS J 391 -73.85 -32.19 -22.50
CA LYS J 391 -75.32 -32.24 -22.36
C LYS J 391 -75.99 -30.99 -21.79
N PHE J 392 -75.45 -29.81 -22.13
CA PHE J 392 -76.11 -28.54 -21.87
C PHE J 392 -76.63 -27.96 -23.19
N PRO J 393 -77.97 -27.90 -23.35
CA PRO J 393 -78.56 -27.49 -24.62
C PRO J 393 -78.47 -25.98 -24.87
N THR J 394 -78.11 -25.63 -26.11
CA THR J 394 -78.13 -24.25 -26.56
C THR J 394 -78.90 -24.19 -27.88
N THR J 395 -79.44 -23.02 -28.21
CA THR J 395 -80.02 -22.80 -29.53
C THR J 395 -78.86 -22.84 -30.52
N GLN J 396 -78.97 -23.70 -31.52
CA GLN J 396 -77.91 -23.88 -32.52
C GLN J 396 -77.63 -22.59 -33.29
N GLY J 397 -76.40 -22.10 -33.16
CA GLY J 397 -75.93 -20.96 -33.94
C GLY J 397 -76.23 -19.57 -33.39
N ALA J 398 -77.04 -19.52 -32.33
CA ALA J 398 -77.48 -18.24 -31.74
C ALA J 398 -76.33 -17.41 -31.16
N ALA J 399 -75.40 -18.08 -30.47
CA ALA J 399 -74.25 -17.42 -29.84
C ALA J 399 -73.31 -16.79 -30.85
N MET J 400 -73.00 -17.53 -31.91
CA MET J 400 -72.13 -17.04 -32.99
C MET J 400 -72.80 -15.91 -33.76
N GLN J 401 -74.11 -16.03 -33.98
CA GLN J 401 -74.91 -14.99 -34.61
C GLN J 401 -74.79 -13.69 -33.83
N ALA J 402 -75.05 -13.76 -32.52
CA ALA J 402 -74.95 -12.60 -31.64
C ALA J 402 -73.57 -11.94 -31.70
N ALA J 403 -72.53 -12.75 -31.83
CA ALA J 403 -71.15 -12.26 -31.97
C ALA J 403 -70.92 -11.58 -33.32
N TRP J 404 -71.39 -12.23 -34.39
CA TRP J 404 -71.30 -11.69 -35.75
C TRP J 404 -72.10 -10.41 -35.93
N ASP J 405 -73.29 -10.36 -35.35
CA ASP J 405 -74.16 -9.18 -35.42
C ASP J 405 -73.51 -7.94 -34.81
N HIS J 406 -72.70 -8.15 -33.78
CA HIS J 406 -71.95 -7.07 -33.13
C HIS J 406 -70.79 -6.58 -34.00
N TYR J 407 -70.01 -7.51 -34.54
CA TYR J 407 -68.87 -7.19 -35.39
C TYR J 407 -69.28 -6.55 -36.72
N ARG J 408 -70.47 -6.91 -37.21
CA ARG J 408 -71.01 -6.32 -38.43
C ARG J 408 -71.57 -4.91 -38.18
N SER J 409 -72.18 -4.71 -37.02
CA SER J 409 -72.72 -3.40 -36.63
C SER J 409 -71.61 -2.37 -36.43
N GLU J 410 -70.60 -2.75 -35.66
CA GLU J 410 -69.52 -1.83 -35.27
C GLU J 410 -68.60 -1.44 -36.43
N ARG J 411 -68.57 -2.28 -37.46
CA ARG J 411 -67.74 -2.04 -38.64
C ARG J 411 -68.58 -1.52 -39.81
N ASP K 2 -27.49 -43.92 -31.24
CA ASP K 2 -28.65 -43.12 -30.77
C ASP K 2 -28.74 -41.78 -31.50
N ILE K 3 -29.96 -41.26 -31.61
CA ILE K 3 -30.19 -39.89 -32.07
C ILE K 3 -30.03 -38.93 -30.89
N THR K 4 -29.85 -39.51 -29.70
CA THR K 4 -29.67 -38.74 -28.46
C THR K 4 -28.31 -38.04 -28.42
N GLN K 5 -27.46 -38.32 -29.41
CA GLN K 5 -26.20 -37.58 -29.57
C GLN K 5 -26.33 -36.51 -30.66
N PHE K 6 -27.56 -36.11 -30.93
CA PHE K 6 -27.87 -34.96 -31.79
C PHE K 6 -28.64 -33.96 -30.94
N SER K 7 -27.93 -32.95 -30.45
CA SER K 7 -28.51 -31.93 -29.58
C SER K 7 -28.93 -30.69 -30.36
N GLN K 8 -29.57 -29.75 -29.66
CA GLN K 8 -30.02 -28.49 -30.27
C GLN K 8 -28.88 -27.75 -30.97
N LEU K 9 -29.25 -26.96 -31.98
CA LEU K 9 -28.28 -26.18 -32.74
C LEU K 9 -27.50 -25.24 -31.82
N ASN K 10 -26.18 -25.31 -31.93
CA ASN K 10 -25.28 -24.52 -31.08
C ASN K 10 -24.00 -24.19 -31.83
N PRO K 11 -24.06 -23.20 -32.75
CA PRO K 11 -22.86 -22.84 -33.50
C PRO K 11 -21.93 -21.97 -32.67
N PRO K 12 -20.60 -22.25 -32.75
CA PRO K 12 -19.63 -21.48 -31.98
C PRO K 12 -19.63 -20.01 -32.37
N SER K 13 -19.40 -19.14 -31.38
CA SER K 13 -19.30 -17.70 -31.62
C SER K 13 -18.12 -17.40 -32.54
N ARG K 14 -18.42 -16.71 -33.63
CA ARG K 14 -17.41 -16.38 -34.63
C ARG K 14 -17.55 -14.93 -35.08
N LEU K 15 -16.41 -14.26 -35.27
CA LEU K 15 -16.39 -12.98 -35.94
C LEU K 15 -15.95 -13.25 -37.39
N LEU K 16 -16.92 -13.21 -38.30
CA LEU K 16 -16.67 -13.54 -39.69
C LEU K 16 -16.13 -12.34 -40.44
N MET K 17 -14.82 -12.34 -40.67
CA MET K 17 -14.13 -11.26 -41.37
C MET K 17 -13.50 -11.77 -42.65
N GLY K 18 -14.19 -12.68 -43.33
CA GLY K 18 -13.69 -13.25 -44.58
C GLY K 18 -14.33 -12.66 -45.81
N PRO K 19 -14.25 -13.37 -46.96
CA PRO K 19 -14.92 -12.93 -48.18
C PRO K 19 -16.44 -13.07 -48.10
N GLY K 20 -16.90 -13.91 -47.17
CA GLY K 20 -18.32 -14.21 -47.01
C GLY K 20 -18.57 -15.70 -46.81
N PRO K 21 -19.70 -16.06 -46.18
CA PRO K 21 -20.71 -15.16 -45.62
C PRO K 21 -20.19 -14.47 -44.36
N ILE K 22 -20.77 -13.31 -44.04
CA ILE K 22 -20.38 -12.60 -42.82
C ILE K 22 -21.52 -12.63 -41.80
N ASN K 23 -21.22 -12.28 -40.55
CA ASN K 23 -22.22 -12.26 -39.48
C ASN K 23 -23.47 -11.47 -39.86
N ALA K 24 -24.62 -12.04 -39.57
CA ALA K 24 -25.88 -11.37 -39.86
C ALA K 24 -26.23 -10.39 -38.76
N ASP K 25 -26.80 -9.26 -39.17
CA ASP K 25 -27.41 -8.31 -38.25
C ASP K 25 -28.43 -9.06 -37.38
N PRO K 26 -28.32 -8.91 -36.04
CA PRO K 26 -29.24 -9.58 -35.10
C PRO K 26 -30.73 -9.34 -35.38
N ARG K 27 -31.11 -8.14 -35.80
CA ARG K 27 -32.50 -7.86 -36.15
C ARG K 27 -33.00 -8.74 -37.29
N VAL K 28 -32.14 -8.96 -38.28
CA VAL K 28 -32.43 -9.82 -39.42
C VAL K 28 -32.60 -11.27 -38.96
N LEU K 29 -31.78 -11.69 -38.00
CA LEU K 29 -31.86 -13.02 -37.40
C LEU K 29 -33.15 -13.24 -36.63
N ARG K 30 -33.56 -12.24 -35.85
CA ARG K 30 -34.79 -12.33 -35.06
C ARG K 30 -36.03 -12.37 -35.94
N ALA K 31 -36.06 -11.50 -36.94
CA ALA K 31 -37.14 -11.46 -37.92
C ALA K 31 -37.43 -12.82 -38.55
N MET K 32 -36.40 -13.64 -38.69
CA MET K 32 -36.52 -15.00 -39.25
C MET K 32 -37.23 -15.99 -38.33
N SER K 33 -37.24 -15.70 -37.02
CA SER K 33 -37.89 -16.57 -36.05
C SER K 33 -39.41 -16.34 -35.97
N SER K 34 -39.89 -15.37 -36.76
CA SER K 34 -41.29 -14.97 -36.77
C SER K 34 -42.22 -16.08 -37.29
N GLN K 35 -43.45 -16.07 -36.81
CA GLN K 35 -44.48 -17.02 -37.26
C GLN K 35 -44.82 -16.81 -38.73
N LEU K 36 -45.09 -17.91 -39.42
CA LEU K 36 -45.38 -17.88 -40.85
C LEU K 36 -46.86 -17.60 -41.12
N ILE K 37 -47.15 -17.25 -42.38
CA ILE K 37 -48.53 -17.12 -42.87
C ILE K 37 -48.69 -17.90 -44.17
N GLY K 38 -49.94 -17.99 -44.64
CA GLY K 38 -50.24 -18.68 -45.89
C GLY K 38 -49.73 -17.91 -47.09
N GLN K 39 -49.54 -18.62 -48.21
CA GLN K 39 -48.93 -18.06 -49.41
C GLN K 39 -49.69 -16.87 -50.01
N TYR K 40 -51.03 -16.94 -49.98
CA TYR K 40 -51.87 -15.89 -50.56
C TYR K 40 -52.64 -15.08 -49.53
N ASP K 41 -52.20 -15.16 -48.27
CA ASP K 41 -52.73 -14.33 -47.19
C ASP K 41 -52.44 -12.86 -47.55
N PRO K 42 -53.45 -11.98 -47.38
CA PRO K 42 -53.28 -10.56 -47.69
C PRO K 42 -52.03 -9.94 -47.07
N ALA K 43 -51.58 -10.49 -45.94
CA ALA K 43 -50.37 -10.03 -45.26
C ALA K 43 -49.10 -10.41 -46.02
N MET K 44 -49.08 -11.63 -46.56
CA MET K 44 -47.92 -12.13 -47.32
C MET K 44 -47.66 -11.28 -48.56
N THR K 45 -48.72 -11.06 -49.35
CA THR K 45 -48.63 -10.29 -50.59
C THR K 45 -48.34 -8.81 -50.32
N HIS K 46 -48.73 -8.35 -49.14
CA HIS K 46 -48.39 -7.00 -48.70
C HIS K 46 -46.88 -6.86 -48.45
N TYR K 47 -46.30 -7.86 -47.78
CA TYR K 47 -44.86 -7.88 -47.53
C TYR K 47 -44.04 -8.05 -48.81
N MET K 48 -44.60 -8.80 -49.77
CA MET K 48 -43.98 -8.96 -51.08
C MET K 48 -43.86 -7.63 -51.82
N ASN K 49 -44.93 -6.83 -51.77
CA ASN K 49 -44.94 -5.47 -52.32
C ASN K 49 -43.92 -4.57 -51.65
N GLU K 50 -43.81 -4.67 -50.32
CA GLU K 50 -42.89 -3.86 -49.55
C GLU K 50 -41.44 -4.18 -49.89
N VAL K 51 -41.15 -5.45 -50.11
CA VAL K 51 -39.82 -5.90 -50.52
C VAL K 51 -39.44 -5.27 -51.86
N MET K 52 -40.37 -5.27 -52.82
CA MET K 52 -40.17 -4.63 -54.11
C MET K 52 -39.83 -3.15 -53.90
N ALA K 53 -40.72 -2.44 -53.22
CA ALA K 53 -40.53 -1.02 -52.89
C ALA K 53 -39.21 -0.72 -52.19
N LEU K 54 -38.86 -1.53 -51.20
CA LEU K 54 -37.62 -1.36 -50.43
C LEU K 54 -36.38 -1.62 -51.27
N TYR K 55 -36.41 -2.65 -52.10
CA TYR K 55 -35.25 -2.98 -52.94
C TYR K 55 -35.05 -2.05 -54.15
N ARG K 56 -36.07 -1.25 -54.46
CA ARG K 56 -35.92 -0.19 -55.47
C ARG K 56 -34.96 0.87 -54.97
N GLY K 57 -35.03 1.19 -53.67
CA GLY K 57 -34.16 2.17 -53.04
C GLY K 57 -32.74 1.67 -52.82
N VAL K 58 -32.61 0.38 -52.54
CA VAL K 58 -31.30 -0.25 -52.34
C VAL K 58 -30.55 -0.35 -53.68
N PHE K 59 -31.24 -0.81 -54.71
CA PHE K 59 -30.69 -0.86 -56.07
C PHE K 59 -30.53 0.54 -56.68
N ARG K 60 -31.21 1.53 -56.08
CA ARG K 60 -31.29 2.89 -56.62
C ARG K 60 -31.93 2.88 -58.01
N THR K 61 -33.16 2.36 -58.06
CA THR K 61 -33.88 2.18 -59.31
C THR K 61 -35.37 2.50 -59.17
N GLU K 62 -36.05 2.60 -60.30
CA GLU K 62 -37.50 2.76 -60.33
C GLU K 62 -38.16 1.58 -61.05
N ASN K 63 -37.32 0.65 -61.51
CA ASN K 63 -37.76 -0.56 -62.20
C ASN K 63 -38.94 -1.21 -61.50
N ARG K 64 -40.07 -1.29 -62.20
CA ARG K 64 -41.27 -1.94 -61.69
C ARG K 64 -40.93 -3.36 -61.20
N TRP K 65 -40.14 -4.08 -61.98
CA TRP K 65 -39.82 -5.48 -61.67
C TRP K 65 -38.53 -5.68 -60.88
N THR K 66 -38.61 -5.35 -59.59
CA THR K 66 -37.57 -5.63 -58.62
C THR K 66 -38.16 -6.64 -57.64
N MET K 67 -37.48 -7.77 -57.47
CA MET K 67 -38.03 -8.89 -56.69
C MET K 67 -36.94 -9.82 -56.13
N LEU K 68 -37.36 -10.92 -55.52
CA LEU K 68 -36.44 -11.90 -54.96
C LEU K 68 -36.44 -13.18 -55.78
N VAL K 69 -35.25 -13.78 -55.92
CA VAL K 69 -35.11 -15.14 -56.42
C VAL K 69 -34.75 -16.02 -55.22
N ASP K 70 -35.51 -17.09 -55.03
CA ASP K 70 -35.32 -17.99 -53.90
C ASP K 70 -34.17 -18.97 -54.16
N GLY K 71 -32.98 -18.54 -53.75
CA GLY K 71 -31.75 -19.33 -53.94
C GLY K 71 -30.54 -18.45 -53.69
N THR K 72 -29.38 -19.07 -53.54
CA THR K 72 -28.13 -18.33 -53.30
C THR K 72 -27.82 -17.37 -54.45
N SER K 73 -26.84 -16.48 -54.25
CA SER K 73 -26.56 -15.39 -55.20
C SER K 73 -26.53 -15.79 -56.69
N ARG K 74 -25.83 -16.88 -57.02
CA ARG K 74 -25.69 -17.29 -58.43
C ARG K 74 -26.95 -17.86 -59.05
N ALA K 75 -27.93 -18.22 -58.21
CA ALA K 75 -29.27 -18.58 -58.68
C ALA K 75 -29.92 -17.37 -59.33
N GLY K 76 -29.67 -16.19 -58.76
CA GLY K 76 -30.16 -14.93 -59.31
C GLY K 76 -29.48 -14.58 -60.62
N ILE K 77 -28.18 -14.87 -60.70
CA ILE K 77 -27.43 -14.71 -61.96
C ILE K 77 -28.02 -15.61 -63.03
N GLU K 78 -28.16 -16.90 -62.72
CA GLU K 78 -28.69 -17.87 -63.69
C GLU K 78 -30.10 -17.49 -64.15
N ALA K 79 -30.97 -17.13 -63.19
CA ALA K 79 -32.35 -16.73 -63.49
C ALA K 79 -32.41 -15.63 -64.57
N ILE K 80 -31.61 -14.58 -64.39
CA ILE K 80 -31.52 -13.50 -65.35
C ILE K 80 -30.89 -13.97 -66.67
N LEU K 81 -29.86 -14.81 -66.56
CA LEU K 81 -29.13 -15.27 -67.73
C LEU K 81 -29.91 -16.25 -68.62
N VAL K 82 -30.61 -17.21 -68.01
CA VAL K 82 -31.42 -18.16 -68.80
C VAL K 82 -32.64 -17.46 -69.43
N SER K 83 -33.06 -16.36 -68.82
CA SER K 83 -34.23 -15.60 -69.28
C SER K 83 -33.89 -14.57 -70.36
N ALA K 84 -32.66 -14.07 -70.33
CA ALA K 84 -32.22 -13.05 -71.28
C ALA K 84 -31.61 -13.66 -72.54
N ILE K 85 -30.96 -14.81 -72.39
CA ILE K 85 -30.18 -15.43 -73.46
C ILE K 85 -30.92 -16.59 -74.12
N ARG K 86 -31.21 -16.43 -75.42
CA ARG K 86 -31.72 -17.52 -76.24
C ARG K 86 -30.53 -18.28 -76.80
N PRO K 87 -30.68 -19.59 -77.06
CA PRO K 87 -29.60 -20.39 -77.65
C PRO K 87 -28.94 -19.72 -78.85
N GLY K 88 -27.61 -19.71 -78.85
CA GLY K 88 -26.83 -19.16 -79.97
C GLY K 88 -26.50 -17.68 -79.88
N ASP K 89 -27.04 -16.98 -78.88
CA ASP K 89 -26.78 -15.55 -78.69
C ASP K 89 -25.32 -15.26 -78.29
N LYS K 90 -24.81 -14.13 -78.78
CA LYS K 90 -23.44 -13.70 -78.44
C LYS K 90 -23.41 -12.98 -77.11
N VAL K 91 -22.37 -13.25 -76.33
CA VAL K 91 -22.24 -12.71 -74.98
C VAL K 91 -20.81 -12.26 -74.69
N LEU K 92 -20.67 -11.01 -74.24
CA LEU K 92 -19.36 -10.48 -73.85
C LEU K 92 -19.24 -10.40 -72.33
N VAL K 93 -18.20 -11.03 -71.80
CA VAL K 93 -17.91 -11.05 -70.37
C VAL K 93 -16.50 -10.54 -70.13
N PRO K 94 -16.36 -9.36 -69.49
CA PRO K 94 -15.03 -8.87 -69.11
C PRO K 94 -14.57 -9.53 -67.80
N VAL K 95 -13.60 -10.44 -67.91
CA VAL K 95 -13.13 -11.24 -66.78
C VAL K 95 -11.90 -10.63 -66.11
N PHE K 96 -12.02 -10.37 -64.81
CA PHE K 96 -10.90 -9.87 -64.00
C PHE K 96 -10.72 -10.65 -62.71
N GLY K 97 -11.49 -11.74 -62.58
CA GLY K 97 -11.41 -12.61 -61.40
C GLY K 97 -12.21 -13.90 -61.53
N ARG K 98 -12.23 -14.67 -60.45
CA ARG K 98 -12.92 -15.97 -60.37
C ARG K 98 -14.39 -15.90 -60.80
N PHE K 99 -15.09 -14.85 -60.38
CA PHE K 99 -16.52 -14.73 -60.65
C PHE K 99 -16.85 -14.30 -62.08
N GLY K 100 -15.85 -13.83 -62.82
CA GLY K 100 -15.97 -13.61 -64.26
C GLY K 100 -16.10 -14.92 -65.00
N HIS K 101 -15.35 -15.93 -64.55
CA HIS K 101 -15.43 -17.28 -65.09
C HIS K 101 -16.78 -17.92 -64.80
N LEU K 102 -17.36 -17.59 -63.64
CA LEU K 102 -18.69 -18.05 -63.28
C LEU K 102 -19.76 -17.61 -64.29
N LEU K 103 -19.68 -16.34 -64.70
CA LEU K 103 -20.60 -15.79 -65.71
C LEU K 103 -20.43 -16.47 -67.07
N CYS K 104 -19.18 -16.82 -67.40
CA CYS K 104 -18.87 -17.55 -68.63
C CYS K 104 -19.51 -18.93 -68.63
N GLU K 105 -19.52 -19.57 -67.47
CA GLU K 105 -20.11 -20.90 -67.32
C GLU K 105 -21.64 -20.90 -67.37
N ILE K 106 -22.25 -20.01 -66.62
CA ILE K 106 -23.71 -19.88 -66.63
C ILE K 106 -24.17 -19.61 -68.06
N ALA K 107 -23.58 -18.61 -68.70
CA ALA K 107 -23.84 -18.31 -70.12
C ALA K 107 -23.64 -19.52 -71.02
N ARG K 108 -22.55 -20.25 -70.81
CA ARG K 108 -22.28 -21.50 -71.55
C ARG K 108 -23.46 -22.46 -71.48
N ARG K 109 -23.97 -22.69 -70.26
CA ARG K 109 -25.07 -23.62 -70.03
C ARG K 109 -26.43 -23.05 -70.40
N CYS K 110 -26.44 -21.80 -70.84
CA CYS K 110 -27.61 -21.18 -71.47
C CYS K 110 -27.52 -21.34 -72.99
N ARG K 111 -26.54 -22.13 -73.43
CA ARG K 111 -26.24 -22.35 -74.86
C ARG K 111 -25.89 -21.04 -75.60
N ALA K 112 -25.04 -20.24 -74.99
CA ALA K 112 -24.60 -18.97 -75.59
C ALA K 112 -23.18 -19.05 -76.12
N GLU K 113 -22.95 -18.34 -77.23
CA GLU K 113 -21.59 -18.13 -77.72
C GLU K 113 -20.92 -17.09 -76.82
N VAL K 114 -19.99 -17.56 -76.00
CA VAL K 114 -19.35 -16.73 -74.98
C VAL K 114 -18.05 -16.11 -75.50
N HIS K 115 -18.01 -14.78 -75.49
CA HIS K 115 -16.80 -14.02 -75.81
C HIS K 115 -16.28 -13.33 -74.57
N THR K 116 -14.95 -13.21 -74.46
CA THR K 116 -14.33 -12.62 -73.28
C THR K 116 -13.16 -11.68 -73.60
N ILE K 117 -12.98 -10.68 -72.74
CA ILE K 117 -11.72 -9.93 -72.66
C ILE K 117 -11.13 -10.16 -71.27
N GLU K 118 -9.79 -10.14 -71.20
CA GLU K 118 -9.10 -10.45 -69.94
C GLU K 118 -8.09 -9.40 -69.53
N VAL K 119 -8.10 -9.06 -68.25
CA VAL K 119 -7.01 -8.36 -67.59
C VAL K 119 -6.52 -9.24 -66.43
N PRO K 120 -5.27 -9.05 -65.97
CA PRO K 120 -4.80 -9.92 -64.90
C PRO K 120 -5.33 -9.54 -63.52
N TRP K 121 -5.31 -10.53 -62.62
CA TRP K 121 -5.56 -10.32 -61.20
C TRP K 121 -4.37 -9.52 -60.64
N GLY K 122 -4.63 -8.43 -59.92
CA GLY K 122 -5.96 -7.89 -59.68
C GLY K 122 -6.01 -6.49 -60.24
N GLU K 123 -6.37 -6.40 -61.51
CA GLU K 123 -6.57 -5.13 -62.19
C GLU K 123 -8.02 -5.02 -62.67
N VAL K 124 -8.38 -3.85 -63.19
CA VAL K 124 -9.75 -3.58 -63.59
C VAL K 124 -9.77 -3.13 -65.06
N PHE K 125 -10.92 -3.28 -65.71
CA PHE K 125 -11.03 -2.92 -67.13
C PHE K 125 -11.15 -1.42 -67.35
N THR K 126 -10.93 -1.01 -68.61
CA THR K 126 -11.00 0.36 -69.03
C THR K 126 -12.24 0.53 -69.93
N PRO K 127 -12.94 1.67 -69.81
CA PRO K 127 -14.09 1.95 -70.70
C PRO K 127 -13.77 1.69 -72.17
N ASP K 128 -12.61 2.17 -72.63
CA ASP K 128 -12.16 1.95 -74.00
C ASP K 128 -11.97 0.46 -74.33
N GLN K 129 -11.44 -0.29 -73.37
CA GLN K 129 -11.20 -1.72 -73.56
C GLN K 129 -12.47 -2.52 -73.89
N VAL K 130 -13.53 -2.28 -73.14
CA VAL K 130 -14.79 -2.99 -73.36
C VAL K 130 -15.51 -2.53 -74.65
N GLU K 131 -15.36 -1.24 -74.99
CA GLU K 131 -15.95 -0.71 -76.22
C GLU K 131 -15.28 -1.33 -77.45
N ASP K 132 -13.95 -1.36 -77.44
CA ASP K 132 -13.17 -2.01 -78.48
C ASP K 132 -13.64 -3.44 -78.70
N ALA K 133 -13.94 -4.13 -77.61
CA ALA K 133 -14.48 -5.48 -77.65
C ALA K 133 -15.92 -5.50 -78.17
N VAL K 134 -16.75 -4.58 -77.67
CA VAL K 134 -18.15 -4.45 -78.10
C VAL K 134 -18.25 -4.20 -79.62
N LYS K 135 -17.44 -3.28 -80.11
CA LYS K 135 -17.35 -2.99 -81.54
C LYS K 135 -16.89 -4.22 -82.33
N ARG K 136 -15.91 -4.94 -81.75
CA ARG K 136 -15.31 -6.11 -82.40
C ARG K 136 -16.28 -7.26 -82.65
N ILE K 137 -17.00 -7.69 -81.61
CA ILE K 137 -17.85 -8.87 -81.72
C ILE K 137 -19.36 -8.60 -81.67
N ARG K 138 -19.75 -7.35 -81.42
CA ARG K 138 -21.17 -6.94 -81.36
C ARG K 138 -22.07 -7.88 -80.55
N PRO K 139 -21.88 -7.90 -79.21
CA PRO K 139 -22.64 -8.81 -78.36
C PRO K 139 -24.08 -8.35 -78.14
N ARG K 140 -24.94 -9.28 -77.72
CA ARG K 140 -26.30 -8.95 -77.31
C ARG K 140 -26.27 -8.49 -75.86
N LEU K 141 -25.39 -9.11 -75.07
CA LEU K 141 -25.27 -8.85 -73.64
C LEU K 141 -23.84 -8.47 -73.25
N LEU K 142 -23.71 -7.42 -72.44
CA LEU K 142 -22.46 -7.18 -71.72
C LEU K 142 -22.67 -7.64 -70.29
N LEU K 143 -22.03 -8.77 -69.94
CA LEU K 143 -22.20 -9.38 -68.62
C LEU K 143 -21.00 -9.10 -67.73
N THR K 144 -21.22 -8.34 -66.66
CA THR K 144 -20.13 -7.88 -65.80
C THR K 144 -20.27 -8.28 -64.33
N VAL K 145 -19.13 -8.37 -63.65
CA VAL K 145 -19.08 -8.44 -62.19
C VAL K 145 -18.71 -7.02 -61.73
N GLN K 146 -19.31 -6.56 -60.64
CA GLN K 146 -18.93 -5.25 -60.10
C GLN K 146 -17.73 -5.42 -59.17
N GLY K 147 -17.96 -6.11 -58.05
CA GLY K 147 -16.90 -6.42 -57.11
C GLY K 147 -16.60 -7.91 -57.07
N ASP K 148 -15.43 -8.29 -57.59
CA ASP K 148 -14.99 -9.67 -57.54
C ASP K 148 -14.12 -9.88 -56.30
N THR K 149 -14.65 -10.62 -55.34
CA THR K 149 -13.99 -10.80 -54.03
C THR K 149 -12.70 -11.59 -54.11
N SER K 150 -12.51 -12.35 -55.20
CA SER K 150 -11.29 -13.12 -55.38
C SER K 150 -10.06 -12.24 -55.62
N THR K 151 -10.30 -11.02 -56.09
CA THR K 151 -9.22 -10.06 -56.35
C THR K 151 -9.37 -8.75 -55.56
N THR K 152 -10.52 -8.58 -54.91
CA THR K 152 -10.89 -7.35 -54.17
C THR K 152 -11.08 -6.13 -55.08
N MET K 153 -11.12 -6.37 -56.39
CA MET K 153 -11.25 -5.28 -57.36
C MET K 153 -12.70 -4.92 -57.65
N LEU K 154 -12.94 -3.62 -57.80
CA LEU K 154 -14.27 -3.10 -58.05
C LEU K 154 -14.31 -2.43 -59.43
N GLN K 155 -15.03 -3.05 -60.37
CA GLN K 155 -15.13 -2.54 -61.73
C GLN K 155 -16.04 -1.31 -61.80
N PRO K 156 -15.49 -0.18 -62.29
CA PRO K 156 -16.32 1.01 -62.56
C PRO K 156 -17.29 0.72 -63.69
N LEU K 157 -18.55 1.08 -63.49
CA LEU K 157 -19.63 0.74 -64.42
C LEU K 157 -20.32 1.94 -65.05
N ALA K 158 -20.12 3.12 -64.46
CA ALA K 158 -20.79 4.35 -64.89
C ALA K 158 -20.63 4.64 -66.38
N GLU K 159 -19.37 4.65 -66.84
CA GLU K 159 -19.05 4.96 -68.23
C GLU K 159 -19.42 3.84 -69.20
N LEU K 160 -19.67 2.65 -68.67
CA LEU K 160 -20.01 1.47 -69.47
C LEU K 160 -21.46 1.45 -69.96
N GLY K 161 -22.36 2.05 -69.17
CA GLY K 161 -23.78 2.11 -69.52
C GLY K 161 -24.08 2.93 -70.77
N GLU K 162 -23.26 3.96 -71.01
CA GLU K 162 -23.37 4.78 -72.21
C GLU K 162 -22.86 4.08 -73.46
N ILE K 163 -21.86 3.20 -73.28
CA ILE K 163 -21.33 2.40 -74.36
C ILE K 163 -22.36 1.36 -74.82
N CYS K 164 -23.09 0.81 -73.86
CA CYS K 164 -24.15 -0.16 -74.15
C CYS K 164 -25.37 0.49 -74.81
N ARG K 165 -25.61 1.76 -74.46
CA ARG K 165 -26.68 2.55 -75.07
C ARG K 165 -26.38 2.89 -76.54
N ARG K 166 -25.10 3.14 -76.82
CA ARG K 166 -24.65 3.46 -78.18
C ARG K 166 -24.76 2.29 -79.15
N TYR K 167 -24.49 1.09 -78.63
CA TYR K 167 -24.41 -0.11 -79.48
C TYR K 167 -25.56 -1.09 -79.28
N ASP K 168 -26.60 -0.62 -78.57
CA ASP K 168 -27.82 -1.39 -78.31
C ASP K 168 -27.53 -2.74 -77.63
N ALA K 169 -26.63 -2.72 -76.64
CA ALA K 169 -26.27 -3.92 -75.90
C ALA K 169 -26.91 -3.92 -74.52
N LEU K 170 -27.45 -5.07 -74.12
CA LEU K 170 -28.07 -5.23 -72.80
C LEU K 170 -26.99 -5.31 -71.72
N PHE K 171 -27.17 -4.51 -70.67
CA PHE K 171 -26.15 -4.32 -69.64
C PHE K 171 -26.54 -4.97 -68.30
N TYR K 172 -25.81 -6.01 -67.93
CA TYR K 172 -26.02 -6.72 -66.67
C TYR K 172 -24.79 -6.62 -65.77
N THR K 173 -25.01 -6.60 -64.45
CA THR K 173 -23.91 -6.73 -63.50
C THR K 173 -24.22 -7.61 -62.29
N ASP K 174 -23.17 -8.28 -61.80
CA ASP K 174 -23.24 -9.08 -60.58
C ASP K 174 -22.76 -8.20 -59.43
N ALA K 175 -23.67 -7.90 -58.51
CA ALA K 175 -23.39 -6.96 -57.44
C ALA K 175 -23.63 -7.52 -56.05
N THR K 176 -23.57 -8.85 -55.90
CA THR K 176 -23.82 -9.49 -54.62
C THR K 176 -22.80 -9.10 -53.56
N ALA K 177 -21.58 -8.79 -54.02
CA ALA K 177 -20.48 -8.46 -53.13
C ALA K 177 -20.35 -6.96 -52.85
N SER K 178 -20.83 -6.14 -53.77
CA SER K 178 -20.61 -4.69 -53.71
C SER K 178 -21.82 -3.87 -53.25
N LEU K 179 -23.02 -4.33 -53.59
CA LEU K 179 -24.25 -3.63 -53.21
C LEU K 179 -24.33 -3.44 -51.70
N GLY K 180 -24.64 -2.21 -51.28
CA GLY K 180 -24.74 -1.88 -49.86
C GLY K 180 -23.43 -1.47 -49.22
N GLY K 181 -22.32 -1.74 -49.91
CA GLY K 181 -21.00 -1.36 -49.44
C GLY K 181 -20.24 -0.49 -50.43
N ASN K 182 -20.77 -0.39 -51.65
CA ASN K 182 -20.17 0.37 -52.73
C ASN K 182 -21.28 1.02 -53.56
N PRO K 183 -20.98 2.16 -54.21
CA PRO K 183 -21.98 2.83 -55.06
C PRO K 183 -22.48 1.95 -56.20
N LEU K 184 -23.80 1.97 -56.42
CA LEU K 184 -24.41 1.31 -57.56
C LEU K 184 -25.68 2.05 -57.98
N GLU K 185 -25.58 2.78 -59.09
CA GLU K 185 -26.71 3.56 -59.60
C GLU K 185 -27.35 2.84 -60.78
N THR K 186 -28.27 1.93 -60.48
CA THR K 186 -28.89 1.08 -61.50
C THR K 186 -29.42 1.85 -62.71
N ASP K 187 -30.23 2.87 -62.45
CA ASP K 187 -30.87 3.63 -63.53
C ASP K 187 -29.96 4.68 -64.15
N VAL K 188 -29.27 5.46 -63.31
CA VAL K 188 -28.32 6.47 -63.78
C VAL K 188 -27.22 5.85 -64.64
N TRP K 189 -26.74 4.67 -64.24
CA TRP K 189 -25.68 3.97 -64.97
C TRP K 189 -26.19 3.14 -66.15
N GLY K 190 -27.51 3.12 -66.34
CA GLY K 190 -28.12 2.48 -67.51
C GLY K 190 -28.12 0.96 -67.51
N LEU K 191 -28.02 0.37 -66.32
CA LEU K 191 -28.03 -1.09 -66.16
C LEU K 191 -29.40 -1.69 -66.44
N ASP K 192 -29.43 -2.73 -67.27
CA ASP K 192 -30.67 -3.41 -67.64
C ASP K 192 -31.09 -4.47 -66.62
N ALA K 193 -30.11 -5.11 -65.98
CA ALA K 193 -30.38 -6.15 -65.00
C ALA K 193 -29.31 -6.21 -63.92
N VAL K 194 -29.74 -6.39 -62.68
CA VAL K 194 -28.80 -6.56 -61.56
C VAL K 194 -29.26 -7.69 -60.65
N SER K 195 -28.33 -8.57 -60.29
CA SER K 195 -28.56 -9.58 -59.26
C SER K 195 -27.67 -9.29 -58.07
N ALA K 196 -28.10 -9.72 -56.88
CA ALA K 196 -27.32 -9.55 -55.67
C ALA K 196 -27.47 -10.74 -54.72
N GLY K 197 -26.95 -10.57 -53.49
CA GLY K 197 -27.00 -11.62 -52.47
C GLY K 197 -27.03 -11.00 -51.09
N MET K 198 -27.40 -11.81 -50.11
CA MET K 198 -27.58 -11.33 -48.74
C MET K 198 -26.29 -11.35 -47.93
N GLN K 199 -25.52 -12.42 -48.09
CA GLN K 199 -24.43 -12.78 -47.19
C GLN K 199 -23.14 -11.92 -47.25
N1 LLP K 200 -20.97 -13.28 -56.75
C2 LLP K 200 -19.90 -12.59 -56.29
C2' LLP K 200 -19.37 -11.47 -57.10
C3 LLP K 200 -19.32 -12.90 -55.05
O3 LLP K 200 -18.26 -12.21 -54.59
C4 LLP K 200 -19.84 -13.96 -54.29
C4' LLP K 200 -19.22 -14.33 -52.98
C5 LLP K 200 -20.94 -14.67 -54.83
C6 LLP K 200 -21.49 -14.29 -56.06
C5' LLP K 200 -21.56 -15.82 -54.08
OP4 LLP K 200 -22.66 -16.44 -54.68
P LLP K 200 -23.49 -17.52 -53.88
OP1 LLP K 200 -22.53 -18.53 -53.28
OP2 LLP K 200 -24.44 -18.21 -54.82
OP3 LLP K 200 -24.29 -16.87 -52.78
N LLP K 200 -23.21 -10.75 -47.88
CA LLP K 200 -22.02 -9.92 -47.98
CB LLP K 200 -21.54 -9.70 -49.43
CG LLP K 200 -20.39 -10.59 -49.91
CD LLP K 200 -20.75 -11.83 -50.70
CE LLP K 200 -19.65 -12.61 -51.31
NZ LLP K 200 -19.95 -13.99 -51.73
C LLP K 200 -22.21 -8.62 -47.20
O LLP K 200 -21.89 -8.59 -46.00
N CYS K 201 -22.72 -7.58 -47.84
CA CYS K 201 -22.93 -6.28 -47.18
C CYS K 201 -24.35 -6.08 -46.64
N LEU K 202 -25.25 -7.03 -46.96
CA LEU K 202 -26.66 -6.88 -46.61
C LEU K 202 -27.02 -7.44 -45.22
N GLY K 203 -26.34 -8.52 -44.81
CA GLY K 203 -26.35 -9.00 -43.42
C GLY K 203 -27.58 -9.68 -42.83
N GLY K 204 -28.03 -10.80 -43.38
CA GLY K 204 -27.47 -11.40 -44.58
C GLY K 204 -27.00 -12.85 -44.49
N PRO K 205 -27.94 -13.79 -44.27
CA PRO K 205 -27.56 -15.18 -44.55
C PRO K 205 -27.79 -15.51 -46.02
N SER K 206 -26.96 -16.39 -46.59
CA SER K 206 -27.12 -16.77 -48.00
C SER K 206 -28.43 -17.55 -48.18
N GLY K 207 -28.99 -17.48 -49.39
CA GLY K 207 -30.22 -18.20 -49.70
C GLY K 207 -31.25 -17.45 -50.54
N THR K 208 -30.98 -16.16 -50.79
CA THR K 208 -31.88 -15.33 -51.58
C THR K 208 -31.08 -14.43 -52.53
N SER K 209 -31.67 -14.12 -53.69
CA SER K 209 -31.05 -13.18 -54.63
C SER K 209 -32.01 -12.06 -55.01
N PRO K 210 -31.78 -10.85 -54.50
CA PRO K 210 -32.49 -9.67 -54.96
C PRO K 210 -32.07 -9.33 -56.38
N ILE K 211 -33.05 -9.20 -57.27
CA ILE K 211 -32.78 -8.84 -58.66
C ILE K 211 -33.60 -7.62 -59.05
N THR K 212 -33.19 -6.96 -60.13
CA THR K 212 -33.97 -5.87 -60.71
C THR K 212 -33.82 -5.85 -62.23
N LEU K 213 -34.92 -5.59 -62.94
CA LEU K 213 -34.93 -5.64 -64.40
C LEU K 213 -35.49 -4.36 -65.01
N SER K 214 -34.73 -3.77 -65.92
CA SER K 214 -35.15 -2.58 -66.65
C SER K 214 -36.30 -2.91 -67.60
N ALA K 215 -37.10 -1.88 -67.92
CA ALA K 215 -38.25 -2.01 -68.81
C ALA K 215 -37.90 -2.66 -70.17
N ARG K 216 -36.64 -2.54 -70.57
CA ARG K 216 -36.15 -3.16 -71.81
C ARG K 216 -35.95 -4.66 -71.61
N MET K 217 -35.41 -5.04 -70.46
CA MET K 217 -35.20 -6.45 -70.10
C MET K 217 -36.51 -7.25 -70.05
N GLU K 218 -37.51 -6.71 -69.36
CA GLU K 218 -38.80 -7.40 -69.22
C GLU K 218 -39.51 -7.56 -70.56
N GLU K 219 -39.27 -6.61 -71.46
CA GLU K 219 -39.76 -6.70 -72.84
C GLU K 219 -39.13 -7.91 -73.53
N ALA K 220 -37.81 -8.04 -73.40
CA ALA K 220 -37.08 -9.18 -73.96
C ALA K 220 -37.51 -10.52 -73.35
N ILE K 221 -37.75 -10.52 -72.04
CA ILE K 221 -38.20 -11.72 -71.32
C ILE K 221 -39.63 -12.13 -71.69
N ARG K 222 -40.50 -11.13 -71.88
CA ARG K 222 -41.90 -11.37 -72.27
C ARG K 222 -42.07 -11.93 -73.68
N ARG K 223 -41.08 -11.70 -74.55
CA ARG K 223 -41.09 -12.28 -75.89
C ARG K 223 -40.91 -13.80 -75.86
N ARG K 224 -40.49 -14.30 -74.69
CA ARG K 224 -40.26 -15.73 -74.48
C ARG K 224 -41.47 -16.43 -73.86
N LYS K 225 -42.57 -15.70 -73.72
CA LYS K 225 -43.78 -16.15 -73.03
C LYS K 225 -44.12 -17.63 -73.18
N CYS K 226 -44.25 -18.31 -72.03
CA CYS K 226 -44.67 -19.71 -71.95
C CYS K 226 -45.03 -20.06 -70.50
N VAL K 227 -46.33 -20.10 -70.22
CA VAL K 227 -46.82 -20.41 -68.87
C VAL K 227 -46.97 -21.93 -68.69
N GLU K 228 -46.62 -22.39 -67.48
CA GLU K 228 -46.72 -23.80 -67.10
C GLU K 228 -48.14 -24.35 -67.25
N GLU K 229 -48.25 -25.62 -67.65
CA GLU K 229 -49.53 -26.30 -67.84
C GLU K 229 -50.24 -26.66 -66.54
N GLY K 230 -49.51 -26.62 -65.43
CA GLY K 230 -50.08 -26.92 -64.12
C GLY K 230 -50.93 -25.80 -63.57
N ARG K 232 -51.86 -23.37 -66.44
CA ARG K 232 -52.12 -22.67 -67.69
C ARG K 232 -53.61 -22.47 -67.91
N THR K 233 -54.03 -21.20 -67.94
CA THR K 233 -55.39 -20.84 -68.30
C THR K 233 -55.47 -20.67 -69.82
N ASP K 234 -56.64 -20.29 -70.31
CA ASP K 234 -56.82 -19.92 -71.71
C ASP K 234 -56.63 -18.42 -71.90
N ALA K 235 -56.07 -17.77 -70.87
CA ALA K 235 -55.75 -16.34 -70.90
C ALA K 235 -54.27 -16.10 -71.23
N HIS K 236 -53.54 -17.18 -71.47
CA HIS K 236 -52.11 -17.11 -71.78
C HIS K 236 -51.77 -17.76 -73.12
N ARG K 237 -51.11 -17.00 -73.98
CA ARG K 237 -50.59 -17.50 -75.25
C ARG K 237 -49.09 -17.23 -75.38
N ASP K 238 -48.38 -18.15 -76.01
CA ASP K 238 -46.91 -18.10 -76.10
C ASP K 238 -46.37 -16.90 -76.88
N GLY K 239 -45.08 -16.62 -76.69
CA GLY K 239 -44.41 -15.53 -77.39
C GLY K 239 -43.79 -15.96 -78.71
N ASP K 240 -43.45 -14.98 -79.55
CA ASP K 240 -42.86 -15.24 -80.87
C ASP K 240 -41.50 -15.93 -80.80
N GLU K 241 -40.72 -15.60 -79.77
CA GLU K 241 -39.44 -16.26 -79.53
C GLU K 241 -39.61 -17.46 -78.60
N GLU K 242 -38.61 -18.35 -78.62
CA GLU K 242 -38.66 -19.62 -77.89
C GLU K 242 -38.78 -19.47 -76.37
N MET K 243 -39.09 -20.57 -75.70
CA MET K 243 -39.30 -20.58 -74.25
C MET K 243 -37.99 -20.47 -73.47
N ILE K 244 -38.09 -20.06 -72.21
CA ILE K 244 -36.96 -20.09 -71.29
C ILE K 244 -36.73 -21.53 -70.86
N TYR K 245 -35.49 -21.99 -71.01
CA TYR K 245 -35.16 -23.40 -70.75
C TYR K 245 -34.94 -23.68 -69.26
N SER K 246 -36.01 -23.42 -68.50
CA SER K 246 -36.09 -23.63 -67.06
C SER K 246 -37.52 -23.32 -66.62
N ASN K 247 -38.00 -24.02 -65.60
CA ASN K 247 -39.28 -23.71 -64.99
C ASN K 247 -39.10 -22.76 -63.82
N TYR K 248 -38.20 -23.14 -62.92
CA TYR K 248 -37.94 -22.42 -61.67
C TYR K 248 -37.31 -21.05 -61.91
N PHE K 249 -36.47 -20.96 -62.95
CA PHE K 249 -35.75 -19.72 -63.25
C PHE K 249 -36.38 -18.91 -64.39
N ASP K 250 -37.64 -19.23 -64.72
CA ASP K 250 -38.40 -18.49 -65.73
C ASP K 250 -38.93 -17.21 -65.13
N LEU K 251 -38.22 -16.11 -65.36
CA LEU K 251 -38.57 -14.80 -64.80
C LEU K 251 -39.88 -14.24 -65.33
N GLY K 252 -40.30 -14.70 -66.51
CA GLY K 252 -41.63 -14.40 -67.02
C GLY K 252 -42.70 -14.86 -66.02
N MET K 253 -42.52 -16.07 -65.50
CA MET K 253 -43.44 -16.65 -64.52
C MET K 253 -43.20 -16.15 -63.11
N VAL K 254 -41.97 -15.71 -62.83
CA VAL K 254 -41.63 -15.12 -61.52
C VAL K 254 -42.24 -13.71 -61.41
N MET K 255 -42.27 -12.99 -62.52
CA MET K 255 -42.87 -11.64 -62.56
C MET K 255 -44.39 -11.69 -62.42
N ASP K 256 -45.02 -12.75 -62.92
CA ASP K 256 -46.47 -12.92 -62.80
C ASP K 256 -46.86 -13.37 -61.40
N TYR K 257 -45.87 -13.83 -60.63
CA TYR K 257 -46.08 -14.28 -59.26
C TYR K 257 -46.00 -13.12 -58.26
N TRP K 258 -45.14 -12.15 -58.57
CA TRP K 258 -44.95 -10.98 -57.71
C TRP K 258 -45.84 -9.80 -58.13
N GLY K 259 -46.38 -9.88 -59.35
CA GLY K 259 -47.29 -8.85 -59.86
C GLY K 259 -48.72 -9.05 -59.42
N PRO K 260 -49.64 -8.18 -59.90
CA PRO K 260 -51.06 -8.21 -59.54
C PRO K 260 -51.77 -9.56 -59.72
N GLU K 261 -51.28 -10.37 -60.66
CA GLU K 261 -51.91 -11.65 -60.99
C GLU K 261 -51.77 -12.71 -59.89
N ARG K 262 -50.64 -12.68 -59.17
CA ARG K 262 -50.34 -13.66 -58.12
C ARG K 262 -50.28 -15.10 -58.64
N LEU K 263 -49.85 -15.25 -59.88
CA LEU K 263 -49.79 -16.54 -60.57
C LEU K 263 -48.91 -17.53 -59.82
N ASN K 264 -49.44 -18.73 -59.57
CA ASN K 264 -48.77 -19.75 -58.77
C ASN K 264 -47.57 -20.39 -59.49
N HIS K 265 -46.38 -19.94 -59.11
CA HIS K 265 -45.14 -20.47 -59.70
C HIS K 265 -44.36 -21.32 -58.70
N HIS K 266 -44.28 -20.84 -57.46
CA HIS K 266 -43.62 -21.55 -56.36
C HIS K 266 -44.05 -20.95 -55.03
N THR K 267 -43.94 -21.73 -53.96
CA THR K 267 -44.24 -21.24 -52.61
C THR K 267 -43.08 -20.34 -52.15
N GLU K 268 -43.32 -19.03 -52.18
CA GLU K 268 -42.31 -18.06 -51.80
C GLU K 268 -41.72 -18.37 -50.43
N ALA K 269 -40.40 -18.34 -50.34
CA ALA K 269 -39.68 -18.62 -49.10
C ALA K 269 -40.01 -17.59 -48.02
N THR K 270 -41.02 -17.92 -47.20
CA THR K 270 -41.59 -17.01 -46.21
C THR K 270 -40.55 -16.39 -45.28
N THR K 271 -39.78 -17.25 -44.62
CA THR K 271 -38.77 -16.81 -43.65
C THR K 271 -37.64 -16.03 -44.31
N ALA K 272 -37.19 -16.52 -45.47
CA ALA K 272 -36.16 -15.82 -46.24
C ALA K 272 -36.63 -14.42 -46.64
N LEU K 273 -37.92 -14.29 -46.94
CA LEU K 273 -38.51 -12.98 -47.29
C LEU K 273 -38.46 -12.03 -46.09
N PHE K 274 -38.80 -12.53 -44.91
CA PHE K 274 -38.69 -11.75 -43.68
C PHE K 274 -37.27 -11.26 -43.46
N GLY K 275 -36.30 -12.16 -43.65
CA GLY K 275 -34.88 -11.82 -43.56
C GLY K 275 -34.45 -10.79 -44.59
N ALA K 276 -34.87 -11.02 -45.84
CA ALA K 276 -34.55 -10.12 -46.95
C ALA K 276 -35.17 -8.72 -46.79
N ARG K 277 -36.39 -8.68 -46.26
CA ARG K 277 -37.09 -7.41 -46.02
C ARG K 277 -36.35 -6.55 -45.00
N GLU K 278 -35.95 -7.17 -43.89
CA GLU K 278 -35.26 -6.47 -42.80
C GLU K 278 -33.90 -5.93 -43.23
N CYS K 279 -33.21 -6.66 -44.10
CA CYS K 279 -31.94 -6.21 -44.67
C CYS K 279 -32.13 -4.85 -45.34
N ALA K 280 -33.06 -4.78 -46.29
CA ALA K 280 -33.35 -3.55 -47.03
C ALA K 280 -33.87 -2.44 -46.11
N ARG K 281 -34.75 -2.81 -45.19
CA ARG K 281 -35.34 -1.87 -44.24
C ARG K 281 -34.27 -1.16 -43.41
N LEU K 282 -33.30 -1.94 -42.93
CA LEU K 282 -32.20 -1.41 -42.12
C LEU K 282 -31.22 -0.55 -42.92
N ILE K 283 -31.04 -0.88 -44.19
CA ILE K 283 -30.11 -0.14 -45.06
C ILE K 283 -30.65 1.25 -45.40
N LEU K 284 -31.94 1.32 -45.70
CA LEU K 284 -32.60 2.61 -45.95
C LEU K 284 -32.79 3.41 -44.66
N GLN K 285 -32.90 2.71 -43.53
CA GLN K 285 -32.98 3.35 -42.20
C GLN K 285 -31.72 4.14 -41.88
N GLU K 286 -30.56 3.50 -42.04
CA GLU K 286 -29.28 4.19 -41.91
C GLU K 286 -29.10 5.20 -43.05
N GLY K 287 -29.58 4.83 -44.23
CA GLY K 287 -29.33 5.60 -45.44
C GLY K 287 -28.18 4.97 -46.19
N LEU K 288 -28.37 4.78 -47.50
CA LEU K 288 -27.41 4.08 -48.35
C LEU K 288 -26.03 4.73 -48.42
N ASP K 289 -26.00 6.05 -48.67
CA ASP K 289 -24.74 6.79 -48.72
C ASP K 289 -23.95 6.67 -47.42
N TYR K 290 -24.66 6.82 -46.29
CA TYR K 290 -24.07 6.64 -44.96
C TYR K 290 -23.49 5.23 -44.81
N GLY K 291 -24.26 4.23 -45.22
CA GLY K 291 -23.83 2.84 -45.22
C GLY K 291 -22.57 2.63 -46.03
N ILE K 292 -22.57 3.16 -47.25
CA ILE K 292 -21.41 3.11 -48.15
C ILE K 292 -20.21 3.84 -47.56
N ALA K 293 -20.44 5.02 -47.00
CA ALA K 293 -19.39 5.80 -46.35
C ALA K 293 -18.81 5.06 -45.15
N ARG K 294 -19.69 4.40 -44.38
CA ARG K 294 -19.28 3.57 -43.25
C ARG K 294 -18.37 2.42 -43.70
N HIS K 295 -18.69 1.83 -44.85
CA HIS K 295 -17.88 0.75 -45.43
C HIS K 295 -16.48 1.23 -45.83
N LYS K 296 -16.41 2.41 -46.44
CA LYS K 296 -15.14 3.01 -46.85
C LYS K 296 -14.25 3.36 -45.63
N LEU K 297 -14.89 3.85 -44.57
CA LEU K 297 -14.20 4.24 -43.35
C LEU K 297 -13.40 3.10 -42.72
N HIS K 298 -14.03 1.94 -42.59
CA HIS K 298 -13.43 0.79 -41.92
C HIS K 298 -12.56 -0.05 -42.87
N GLY K 299 -12.87 0.02 -44.16
CA GLY K 299 -12.05 -0.58 -45.20
C GLY K 299 -10.68 0.06 -45.26
N ASP K 300 -10.65 1.40 -45.22
CA ASP K 300 -9.40 2.17 -45.29
C ASP K 300 -8.57 2.08 -44.02
N ALA K 301 -9.24 1.97 -42.88
CA ALA K 301 -8.58 1.79 -41.59
C ALA K 301 -7.88 0.45 -41.53
N LEU K 302 -8.51 -0.57 -42.11
CA LEU K 302 -7.92 -1.89 -42.23
C LEU K 302 -6.63 -1.85 -43.06
N VAL K 303 -6.69 -1.14 -44.20
CA VAL K 303 -5.53 -0.99 -45.08
C VAL K 303 -4.35 -0.40 -44.33
N LYS K 304 -4.60 0.74 -43.66
CA LYS K 304 -3.55 1.48 -42.95
C LYS K 304 -2.91 0.66 -41.83
N GLY K 305 -3.73 -0.13 -41.13
CA GLY K 305 -3.23 -1.05 -40.12
C GLY K 305 -2.33 -2.11 -40.72
N ILE K 306 -2.79 -2.72 -41.83
CA ILE K 306 -2.03 -3.74 -42.55
C ILE K 306 -0.70 -3.18 -43.08
N GLN K 307 -0.77 -2.01 -43.72
CA GLN K 307 0.41 -1.31 -44.25
C GLN K 307 1.44 -1.05 -43.15
N ALA K 308 0.98 -0.58 -41.99
CA ALA K 308 1.86 -0.29 -40.85
C ALA K 308 2.41 -1.55 -40.19
N MET K 309 1.69 -2.67 -40.33
CA MET K 309 2.13 -3.96 -39.79
C MET K 309 3.32 -4.50 -40.57
N GLY K 310 3.56 -3.93 -41.75
CA GLY K 310 4.68 -4.32 -42.60
C GLY K 310 4.28 -5.29 -43.69
N LEU K 311 2.99 -5.33 -44.00
CA LEU K 311 2.45 -6.29 -44.97
C LEU K 311 2.11 -5.62 -46.30
N GLU K 312 2.40 -6.33 -47.39
CA GLU K 312 2.03 -5.89 -48.73
C GLU K 312 0.54 -6.17 -48.98
N THR K 313 -0.06 -5.35 -49.83
CA THR K 313 -1.46 -5.51 -50.21
C THR K 313 -1.56 -5.92 -51.68
N PHE K 314 -2.67 -6.55 -52.06
CA PHE K 314 -2.83 -7.10 -53.41
C PHE K 314 -3.68 -6.20 -54.33
N GLY K 315 -3.19 -6.03 -55.55
CA GLY K 315 -3.95 -5.35 -56.60
C GLY K 315 -3.83 -3.84 -56.63
N ASP K 316 -4.73 -3.22 -57.39
CA ASP K 316 -4.75 -1.77 -57.58
C ASP K 316 -5.71 -1.15 -56.57
N LEU K 317 -5.15 -0.39 -55.63
CA LEU K 317 -5.93 0.16 -54.49
C LEU K 317 -6.88 1.29 -54.89
N LYS K 318 -6.68 1.87 -56.08
CA LYS K 318 -7.56 2.90 -56.62
C LYS K 318 -8.96 2.35 -56.91
N HIS K 319 -9.03 1.06 -57.25
CA HIS K 319 -10.30 0.39 -57.54
C HIS K 319 -10.59 -0.76 -56.58
N LYS K 320 -10.07 -0.68 -55.37
CA LYS K 320 -10.34 -1.67 -54.33
C LYS K 320 -11.78 -1.57 -53.83
N MET K 321 -12.39 -2.71 -53.56
CA MET K 321 -13.67 -2.74 -52.86
C MET K 321 -13.53 -2.16 -51.46
N ASN K 322 -14.50 -1.36 -51.05
CA ASN K 322 -14.55 -0.80 -49.70
C ASN K 322 -14.53 -1.90 -48.64
N ASN K 323 -15.13 -3.03 -48.96
CA ASN K 323 -15.44 -4.08 -48.00
C ASN K 323 -14.54 -5.32 -48.03
N VAL K 324 -13.50 -5.29 -48.87
CA VAL K 324 -12.55 -6.42 -48.96
C VAL K 324 -11.10 -5.93 -49.15
N LEU K 325 -10.15 -6.70 -48.63
CA LEU K 325 -8.73 -6.39 -48.78
C LEU K 325 -7.92 -7.68 -48.98
N GLY K 326 -7.04 -7.66 -49.97
CA GLY K 326 -6.07 -8.74 -50.18
C GLY K 326 -4.76 -8.42 -49.48
N VAL K 327 -4.39 -9.26 -48.52
CA VAL K 327 -3.13 -9.11 -47.79
C VAL K 327 -2.14 -10.17 -48.25
N VAL K 328 -0.96 -9.74 -48.71
CA VAL K 328 0.08 -10.63 -49.21
C VAL K 328 0.76 -11.37 -48.06
N ILE K 329 0.73 -12.70 -48.12
CA ILE K 329 1.31 -13.55 -47.09
C ILE K 329 2.84 -13.48 -47.14
N PRO K 330 3.49 -13.08 -46.02
CA PRO K 330 4.94 -13.02 -45.93
C PRO K 330 5.56 -14.39 -46.16
N GLN K 331 6.66 -14.42 -46.90
CA GLN K 331 7.38 -15.67 -47.17
C GLN K 331 7.92 -16.28 -45.89
N GLY K 332 7.85 -17.60 -45.80
CA GLY K 332 8.29 -18.33 -44.61
C GLY K 332 7.24 -18.36 -43.51
N ILE K 333 5.99 -18.09 -43.88
CA ILE K 333 4.88 -18.13 -42.95
C ILE K 333 3.68 -18.84 -43.58
N ASN K 334 3.18 -19.86 -42.90
CA ASN K 334 2.06 -20.65 -43.41
C ASN K 334 0.72 -19.91 -43.22
N GLY K 335 0.10 -19.57 -44.34
CA GLY K 335 -1.16 -18.83 -44.36
C GLY K 335 -2.32 -19.59 -43.75
N ASP K 336 -2.36 -20.89 -44.01
CA ASP K 336 -3.37 -21.79 -43.46
C ASP K 336 -3.19 -21.97 -41.94
N GLN K 337 -1.94 -21.90 -41.48
CA GLN K 337 -1.61 -22.00 -40.06
C GLN K 337 -2.11 -20.77 -39.29
N ALA K 338 -1.93 -19.58 -39.88
CA ALA K 338 -2.40 -18.34 -39.30
C ALA K 338 -3.92 -18.30 -39.24
N ARG K 339 -4.56 -18.85 -40.27
CA ARG K 339 -6.01 -18.98 -40.35
C ARG K 339 -6.57 -19.88 -39.24
N LYS K 340 -5.86 -20.99 -38.99
CA LYS K 340 -6.23 -21.92 -37.92
C LYS K 340 -6.13 -21.26 -36.55
N LEU K 341 -5.08 -20.45 -36.35
CA LEU K 341 -4.86 -19.76 -35.09
C LEU K 341 -5.84 -18.60 -34.88
N MET K 342 -6.15 -17.86 -35.95
CA MET K 342 -7.14 -16.79 -35.90
C MET K 342 -8.52 -17.36 -35.53
N LEU K 343 -8.82 -18.54 -36.05
CA LEU K 343 -10.13 -19.17 -35.85
C LEU K 343 -10.25 -19.87 -34.50
N GLU K 344 -9.31 -20.76 -34.20
CA GLU K 344 -9.38 -21.60 -33.00
C GLU K 344 -9.08 -20.87 -31.70
N ASP K 345 -8.19 -19.88 -31.76
CA ASP K 345 -7.71 -19.21 -30.56
C ASP K 345 -8.27 -17.80 -30.35
N PHE K 346 -8.81 -17.20 -31.42
CA PHE K 346 -9.36 -15.84 -31.35
C PHE K 346 -10.84 -15.77 -31.73
N GLY K 347 -11.34 -16.81 -32.41
CA GLY K 347 -12.72 -16.85 -32.86
C GLY K 347 -13.00 -15.96 -34.06
N ILE K 348 -11.95 -15.60 -34.78
CA ILE K 348 -12.05 -14.74 -35.95
C ILE K 348 -11.68 -15.51 -37.22
N GLU K 349 -12.53 -15.41 -38.24
CA GLU K 349 -12.24 -16.05 -39.52
C GLU K 349 -11.75 -15.03 -40.54
N ILE K 350 -10.51 -15.18 -40.99
CA ILE K 350 -10.03 -14.49 -42.17
C ILE K 350 -10.07 -15.46 -43.35
N GLY K 351 -10.19 -14.94 -44.56
CA GLY K 351 -10.38 -15.77 -45.73
C GLY K 351 -9.13 -16.18 -46.45
N THR K 352 -9.09 -17.44 -46.89
CA THR K 352 -8.08 -17.92 -47.81
C THR K 352 -8.49 -17.59 -49.24
N SER K 353 -7.54 -17.69 -50.16
CA SER K 353 -7.82 -17.52 -51.57
C SER K 353 -7.82 -18.88 -52.26
N PHE K 354 -8.58 -18.99 -53.35
CA PHE K 354 -8.58 -20.21 -54.17
C PHE K 354 -7.99 -19.91 -55.55
N GLY K 355 -7.40 -20.92 -56.17
CA GLY K 355 -6.72 -20.75 -57.45
C GLY K 355 -5.29 -20.24 -57.28
N PRO K 356 -4.78 -19.53 -58.31
CA PRO K 356 -3.39 -19.03 -58.35
C PRO K 356 -3.03 -18.02 -57.26
N LEU K 357 -3.95 -17.77 -56.33
CA LEU K 357 -3.69 -16.89 -55.20
C LEU K 357 -3.67 -17.63 -53.86
N HIS K 358 -3.90 -18.94 -53.88
CA HIS K 358 -3.90 -19.76 -52.67
C HIS K 358 -2.51 -19.83 -52.05
N GLY K 359 -2.45 -19.69 -50.72
CA GLY K 359 -1.19 -19.68 -49.98
C GLY K 359 -0.36 -18.44 -50.24
N LYS K 360 -0.91 -17.50 -51.02
CA LYS K 360 -0.23 -16.28 -51.40
C LYS K 360 -0.90 -15.05 -50.80
N VAL K 361 -2.23 -15.08 -50.71
CA VAL K 361 -3.03 -13.93 -50.32
C VAL K 361 -4.14 -14.28 -49.32
N TRP K 362 -4.24 -13.48 -48.25
CA TRP K 362 -5.39 -13.52 -47.35
C TRP K 362 -6.43 -12.50 -47.80
N ARG K 363 -7.70 -12.85 -47.65
CA ARG K 363 -8.77 -11.90 -47.93
C ARG K 363 -9.53 -11.58 -46.64
N ILE K 364 -9.39 -10.34 -46.19
CA ILE K 364 -9.96 -9.89 -44.93
C ILE K 364 -11.08 -8.88 -45.18
N GLY K 365 -12.31 -9.29 -44.89
CA GLY K 365 -13.49 -8.50 -45.23
C GLY K 365 -14.05 -7.70 -44.08
N THR K 366 -14.49 -6.48 -44.38
CA THR K 366 -15.20 -5.61 -43.44
C THR K 366 -16.55 -5.23 -44.05
N MET K 367 -17.56 -6.08 -43.85
CA MET K 367 -18.83 -5.96 -44.57
C MET K 367 -20.06 -5.95 -43.65
N GLY K 368 -21.14 -5.34 -44.14
CA GLY K 368 -22.44 -5.34 -43.48
C GLY K 368 -22.44 -4.94 -42.02
N TYR K 369 -22.90 -5.84 -41.17
CA TYR K 369 -22.93 -5.64 -39.72
C TYR K 369 -21.53 -5.52 -39.15
N ASN K 370 -20.56 -6.16 -39.80
CA ASN K 370 -19.18 -6.15 -39.32
C ASN K 370 -18.30 -5.02 -39.88
N ALA K 371 -18.90 -4.14 -40.67
CA ALA K 371 -18.24 -2.90 -41.03
C ALA K 371 -18.33 -1.94 -39.83
N ARG K 372 -17.44 -2.16 -38.87
CA ARG K 372 -17.40 -1.42 -37.62
C ARG K 372 -15.94 -1.15 -37.22
N LYS K 373 -15.76 -0.21 -36.30
CA LYS K 373 -14.43 0.10 -35.78
C LYS K 373 -13.89 -1.04 -34.92
N ASP K 374 -14.74 -1.63 -34.08
CA ASP K 374 -14.33 -2.68 -33.16
C ASP K 374 -14.01 -4.01 -33.84
N CYS K 375 -14.61 -4.27 -35.00
CA CYS K 375 -14.31 -5.46 -35.79
C CYS K 375 -12.93 -5.34 -36.42
N VAL K 376 -12.61 -4.18 -36.97
CA VAL K 376 -11.29 -3.90 -37.55
C VAL K 376 -10.20 -3.97 -36.47
N MET K 377 -10.44 -3.28 -35.36
CA MET K 377 -9.52 -3.24 -34.22
C MET K 377 -9.24 -4.61 -33.64
N THR K 378 -10.30 -5.42 -33.48
CA THR K 378 -10.18 -6.79 -32.99
C THR K 378 -9.38 -7.65 -33.98
N THR K 379 -9.67 -7.47 -35.28
CA THR K 379 -9.02 -8.24 -36.34
C THR K 379 -7.53 -7.95 -36.47
N LEU K 380 -7.17 -6.66 -36.52
CA LEU K 380 -5.77 -6.24 -36.64
C LEU K 380 -4.93 -6.75 -35.47
N SER K 381 -5.43 -6.55 -34.25
CA SER K 381 -4.71 -6.94 -33.03
C SER K 381 -4.51 -8.45 -32.93
N ALA K 382 -5.51 -9.21 -33.39
CA ALA K 382 -5.41 -10.68 -33.43
C ALA K 382 -4.36 -11.13 -34.46
N LEU K 383 -4.40 -10.50 -35.63
CA LEU K 383 -3.47 -10.80 -36.71
C LEU K 383 -2.02 -10.57 -36.27
N GLU K 384 -1.78 -9.43 -35.64
CA GLU K 384 -0.45 -9.08 -35.14
C GLU K 384 0.01 -10.06 -34.05
N ALA K 385 -0.90 -10.42 -33.15
CA ALA K 385 -0.62 -11.36 -32.07
C ALA K 385 -0.24 -12.75 -32.59
N VAL K 386 -0.92 -13.18 -33.65
CA VAL K 386 -0.66 -14.47 -34.30
C VAL K 386 0.66 -14.48 -35.07
N LEU K 387 0.91 -13.40 -35.83
CA LEU K 387 2.13 -13.29 -36.65
C LEU K 387 3.40 -13.28 -35.81
N ASN K 388 3.40 -12.51 -34.71
CA ASN K 388 4.53 -12.46 -33.78
C ASN K 388 4.81 -13.82 -33.14
N TYR K 389 3.73 -14.53 -32.83
CA TYR K 389 3.76 -15.88 -32.29
C TYR K 389 4.37 -16.85 -33.30
N LEU K 390 4.02 -16.68 -34.57
CA LEU K 390 4.57 -17.50 -35.65
C LEU K 390 5.88 -16.95 -36.22
N LYS K 391 6.60 -16.15 -35.42
CA LYS K 391 7.95 -15.68 -35.72
C LYS K 391 8.06 -14.63 -36.83
N PHE K 392 6.95 -13.96 -37.16
CA PHE K 392 6.98 -12.84 -38.10
C PHE K 392 7.10 -11.53 -37.34
N PRO K 393 8.29 -10.89 -37.38
CA PRO K 393 8.57 -9.72 -36.57
C PRO K 393 7.89 -8.46 -37.11
N THR K 394 7.24 -7.71 -36.21
CA THR K 394 6.60 -6.45 -36.54
C THR K 394 7.03 -5.38 -35.55
N THR K 395 6.93 -4.11 -35.97
CA THR K 395 7.20 -2.98 -35.08
C THR K 395 6.07 -2.87 -34.06
N GLN K 396 6.45 -2.86 -32.78
CA GLN K 396 5.49 -2.83 -31.68
C GLN K 396 4.64 -1.57 -31.71
N GLY K 397 3.32 -1.77 -31.77
CA GLY K 397 2.34 -0.68 -31.67
C GLY K 397 2.04 0.10 -32.94
N ALA K 398 2.76 -0.21 -34.02
CA ALA K 398 2.66 0.56 -35.27
C ALA K 398 1.36 0.35 -36.04
N ALA K 399 0.93 -0.91 -36.12
CA ALA K 399 -0.28 -1.28 -36.85
C ALA K 399 -1.55 -0.69 -36.21
N MET K 400 -1.60 -0.73 -34.88
CA MET K 400 -2.74 -0.21 -34.14
C MET K 400 -2.75 1.32 -34.12
N GLN K 401 -1.55 1.92 -34.06
CA GLN K 401 -1.38 3.37 -34.10
C GLN K 401 -2.00 3.97 -35.36
N ALA K 402 -1.71 3.34 -36.51
CA ALA K 402 -2.20 3.80 -37.81
C ALA K 402 -3.73 3.82 -37.88
N ALA K 403 -4.35 2.74 -37.42
CA ALA K 403 -5.81 2.64 -37.36
C ALA K 403 -6.40 3.73 -36.46
N TRP K 404 -5.88 3.83 -35.24
CA TRP K 404 -6.26 4.88 -34.30
C TRP K 404 -6.10 6.29 -34.89
N ASP K 405 -5.00 6.53 -35.59
CA ASP K 405 -4.72 7.83 -36.21
C ASP K 405 -5.63 8.13 -37.39
N HIS K 406 -6.09 7.09 -38.09
CA HIS K 406 -7.06 7.25 -39.17
C HIS K 406 -8.45 7.57 -38.62
N TYR K 407 -8.83 6.85 -37.57
CA TYR K 407 -10.12 7.06 -36.92
C TYR K 407 -10.22 8.42 -36.24
N ARG K 408 -9.11 8.85 -35.63
CA ARG K 408 -9.05 10.18 -34.99
C ARG K 408 -9.09 11.31 -36.02
N SER K 409 -8.43 11.12 -37.16
CA SER K 409 -8.44 12.10 -38.24
C SER K 409 -9.81 12.21 -38.91
N GLU K 410 -10.47 11.07 -39.09
CA GLU K 410 -11.77 11.02 -39.78
C GLU K 410 -12.93 11.58 -38.96
N ARG K 411 -12.72 11.77 -37.66
CA ARG K 411 -13.77 12.26 -36.76
C ARG K 411 -13.76 13.79 -36.63
N ASP L 2 -41.90 6.91 -47.88
CA ASP L 2 -41.11 7.19 -46.65
C ASP L 2 -40.68 5.90 -45.96
N ILE L 3 -39.47 5.89 -45.42
CA ILE L 3 -38.92 4.72 -44.74
C ILE L 3 -39.59 4.46 -43.39
N THR L 4 -40.04 5.54 -42.74
CA THR L 4 -40.63 5.48 -41.40
C THR L 4 -41.90 4.64 -41.28
N GLN L 5 -42.64 4.50 -42.38
CA GLN L 5 -43.87 3.68 -42.37
C GLN L 5 -43.61 2.22 -42.71
N PHE L 6 -42.34 1.81 -42.64
CA PHE L 6 -41.96 0.41 -42.71
C PHE L 6 -41.61 -0.06 -41.30
N SER L 7 -42.58 -0.70 -40.66
CA SER L 7 -42.44 -1.18 -39.29
C SER L 7 -41.90 -2.62 -39.26
N GLN L 8 -41.47 -3.06 -38.08
CA GLN L 8 -40.93 -4.41 -37.89
C GLN L 8 -41.91 -5.50 -38.32
N LEU L 9 -41.36 -6.67 -38.64
CA LEU L 9 -42.15 -7.81 -39.12
C LEU L 9 -43.19 -8.21 -38.07
N ASN L 10 -44.46 -8.03 -38.42
CA ASN L 10 -45.55 -8.45 -37.54
C ASN L 10 -46.66 -9.16 -38.31
N PRO L 11 -46.45 -10.46 -38.61
CA PRO L 11 -47.48 -11.25 -39.27
C PRO L 11 -48.54 -11.73 -38.28
N PRO L 12 -49.82 -11.75 -38.70
CA PRO L 12 -50.91 -12.11 -37.81
C PRO L 12 -50.89 -13.60 -37.44
N SER L 13 -51.57 -13.94 -36.34
CA SER L 13 -51.68 -15.32 -35.90
C SER L 13 -52.62 -16.08 -36.83
N ARG L 14 -52.15 -17.23 -37.31
CA ARG L 14 -52.90 -18.03 -38.27
C ARG L 14 -52.79 -19.51 -37.94
N LEU L 15 -53.92 -20.21 -38.04
CA LEU L 15 -53.90 -21.67 -38.02
C LEU L 15 -54.01 -22.17 -39.46
N LEU L 16 -52.86 -22.54 -40.02
CA LEU L 16 -52.77 -22.94 -41.42
C LEU L 16 -53.12 -24.40 -41.60
N MET L 17 -54.30 -24.65 -42.17
CA MET L 17 -54.81 -26.01 -42.35
C MET L 17 -55.10 -26.30 -43.82
N GLY L 18 -54.39 -25.62 -44.71
CA GLY L 18 -54.56 -25.82 -46.15
C GLY L 18 -53.53 -26.80 -46.68
N PRO L 19 -53.22 -26.71 -48.00
CA PRO L 19 -52.28 -27.64 -48.62
C PRO L 19 -50.80 -27.22 -48.43
N GLY L 20 -50.56 -26.20 -47.62
CA GLY L 20 -49.22 -25.66 -47.44
C GLY L 20 -49.10 -24.25 -48.00
N PRO L 21 -48.22 -23.42 -47.41
CA PRO L 21 -47.35 -23.74 -46.27
C PRO L 21 -48.15 -23.86 -44.98
N ILE L 22 -47.65 -24.67 -44.05
CA ILE L 22 -48.30 -24.84 -42.75
C ILE L 22 -47.42 -24.29 -41.62
N ASN L 23 -47.99 -24.20 -40.41
CA ASN L 23 -47.27 -23.63 -39.27
C ASN L 23 -45.97 -24.36 -38.96
N ALA L 24 -44.90 -23.59 -38.87
CA ALA L 24 -43.60 -24.13 -38.52
C ALA L 24 -43.56 -24.48 -37.04
N ASP L 25 -42.85 -25.55 -36.71
CA ASP L 25 -42.56 -25.89 -35.33
C ASP L 25 -41.71 -24.76 -34.72
N PRO L 26 -42.11 -24.26 -33.54
CA PRO L 26 -41.41 -23.18 -32.83
C PRO L 26 -39.91 -23.42 -32.65
N ARG L 27 -39.49 -24.68 -32.51
CA ARG L 27 -38.07 -25.01 -32.35
C ARG L 27 -37.27 -24.86 -33.64
N VAL L 28 -37.96 -24.95 -34.77
CA VAL L 28 -37.32 -24.73 -36.08
C VAL L 28 -37.12 -23.23 -36.28
N LEU L 29 -38.16 -22.45 -35.96
CA LEU L 29 -38.10 -20.98 -36.06
C LEU L 29 -37.02 -20.40 -35.15
N ARG L 30 -36.95 -20.92 -33.91
CA ARG L 30 -35.93 -20.50 -32.97
C ARG L 30 -34.51 -20.81 -33.47
N ALA L 31 -34.33 -22.02 -34.01
CA ALA L 31 -33.06 -22.44 -34.60
C ALA L 31 -32.57 -21.52 -35.74
N MET L 32 -33.52 -20.85 -36.40
CA MET L 32 -33.19 -19.92 -37.47
C MET L 32 -32.68 -18.56 -36.99
N SER L 33 -32.97 -18.22 -35.74
CA SER L 33 -32.46 -16.98 -35.14
C SER L 33 -31.00 -17.13 -34.72
N SER L 34 -30.43 -18.32 -34.96
CA SER L 34 -29.08 -18.63 -34.53
C SER L 34 -28.03 -17.99 -35.45
N GLN L 35 -26.91 -17.57 -34.85
CA GLN L 35 -25.88 -16.80 -35.55
C GLN L 35 -25.06 -17.65 -36.52
N LEU L 36 -24.50 -16.99 -37.54
CA LEU L 36 -23.88 -17.67 -38.67
C LEU L 36 -22.39 -17.94 -38.48
N ILE L 37 -21.91 -18.98 -39.18
CA ILE L 37 -20.49 -19.30 -39.24
C ILE L 37 -20.04 -19.34 -40.71
N GLY L 38 -18.73 -19.49 -40.92
CA GLY L 38 -18.15 -19.52 -42.27
C GLY L 38 -18.60 -20.70 -43.09
N GLN L 39 -18.37 -20.62 -44.40
CA GLN L 39 -18.76 -21.69 -45.34
C GLN L 39 -18.03 -23.00 -45.03
N TYR L 40 -16.77 -22.90 -44.62
CA TYR L 40 -15.92 -24.06 -44.38
C TYR L 40 -15.41 -24.15 -42.93
N ASP L 41 -16.12 -23.50 -42.01
CA ASP L 41 -15.86 -23.64 -40.58
C ASP L 41 -16.08 -25.11 -40.19
N PRO L 42 -15.18 -25.68 -39.36
CA PRO L 42 -15.31 -27.07 -38.92
C PRO L 42 -16.71 -27.44 -38.44
N ALA L 43 -17.40 -26.50 -37.81
CA ALA L 43 -18.77 -26.71 -37.35
C ALA L 43 -19.79 -26.74 -38.50
N MET L 44 -19.56 -25.91 -39.52
CA MET L 44 -20.45 -25.86 -40.69
C MET L 44 -20.45 -27.17 -41.47
N THR L 45 -19.26 -27.73 -41.71
CA THR L 45 -19.14 -29.01 -42.39
C THR L 45 -19.61 -30.18 -41.52
N HIS L 46 -19.50 -30.02 -40.21
CA HIS L 46 -20.05 -31.01 -39.28
C HIS L 46 -21.58 -31.04 -39.35
N TYR L 47 -22.18 -29.85 -39.38
CA TYR L 47 -23.64 -29.74 -39.49
C TYR L 47 -24.16 -30.27 -40.83
N MET L 48 -23.42 -30.01 -41.90
CA MET L 48 -23.71 -30.58 -43.22
C MET L 48 -23.62 -32.10 -43.18
N ASN L 49 -22.63 -32.63 -42.45
CA ASN L 49 -22.46 -34.06 -42.27
C ASN L 49 -23.55 -34.70 -41.41
N GLU L 50 -24.12 -33.92 -40.49
CA GLU L 50 -25.25 -34.38 -39.69
C GLU L 50 -26.54 -34.37 -40.49
N VAL L 51 -26.73 -33.32 -41.30
CA VAL L 51 -27.91 -33.18 -42.17
C VAL L 51 -28.07 -34.39 -43.10
N MET L 52 -26.96 -34.78 -43.72
CA MET L 52 -26.93 -35.96 -44.58
C MET L 52 -27.36 -37.21 -43.81
N ALA L 53 -26.76 -37.41 -42.63
CA ALA L 53 -27.05 -38.55 -41.77
C ALA L 53 -28.52 -38.58 -41.32
N LEU L 54 -29.06 -37.42 -40.97
CA LEU L 54 -30.43 -37.30 -40.47
C LEU L 54 -31.47 -37.58 -41.55
N TYR L 55 -31.24 -37.08 -42.76
CA TYR L 55 -32.20 -37.28 -43.85
C TYR L 55 -32.16 -38.68 -44.44
N ARG L 56 -31.06 -39.40 -44.22
CA ARG L 56 -30.99 -40.83 -44.53
C ARG L 56 -32.05 -41.58 -43.72
N GLY L 57 -32.16 -41.24 -42.45
CA GLY L 57 -33.18 -41.83 -41.57
C GLY L 57 -34.58 -41.41 -41.94
N VAL L 58 -34.72 -40.15 -42.36
CA VAL L 58 -36.02 -39.60 -42.75
C VAL L 58 -36.53 -40.24 -44.05
N PHE L 59 -35.66 -40.32 -45.05
CA PHE L 59 -36.00 -40.96 -46.32
C PHE L 59 -36.10 -42.49 -46.20
N ARG L 60 -35.55 -43.05 -45.11
CA ARG L 60 -35.41 -44.50 -44.94
C ARG L 60 -34.53 -45.08 -46.05
N THR L 61 -33.24 -44.77 -45.96
CA THR L 61 -32.26 -45.10 -46.98
C THR L 61 -30.84 -45.16 -46.42
N GLU L 62 -29.93 -45.77 -47.17
CA GLU L 62 -28.50 -45.79 -46.81
C GLU L 62 -27.69 -44.99 -47.82
N ASN L 63 -28.37 -44.39 -48.79
CA ASN L 63 -27.75 -43.59 -49.84
C ASN L 63 -26.73 -42.61 -49.29
N ARG L 64 -25.50 -42.71 -49.79
CA ARG L 64 -24.42 -41.79 -49.44
C ARG L 64 -24.77 -40.36 -49.83
N TRP L 65 -25.45 -40.20 -50.97
CA TRP L 65 -25.77 -38.89 -51.50
C TRP L 65 -27.19 -38.45 -51.18
N THR L 66 -27.37 -38.06 -49.92
CA THR L 66 -28.61 -37.50 -49.41
C THR L 66 -28.28 -36.10 -48.92
N MET L 67 -28.95 -35.08 -49.46
CA MET L 67 -28.55 -33.70 -49.24
C MET L 67 -29.66 -32.68 -49.46
N LEU L 68 -29.29 -31.40 -49.41
CA LEU L 68 -30.25 -30.31 -49.59
C LEU L 68 -29.96 -29.48 -50.83
N VAL L 69 -31.03 -29.14 -51.54
CA VAL L 69 -30.98 -28.17 -52.64
C VAL L 69 -31.48 -26.84 -52.08
N ASP L 70 -30.73 -25.77 -52.32
CA ASP L 70 -31.09 -24.45 -51.80
C ASP L 70 -32.09 -23.77 -52.72
N GLY L 71 -33.37 -24.06 -52.46
CA GLY L 71 -34.49 -23.59 -53.27
C GLY L 71 -35.72 -24.35 -52.84
N THR L 72 -36.89 -23.88 -53.26
CA THR L 72 -38.15 -24.52 -52.88
C THR L 72 -38.27 -25.93 -53.46
N SER L 73 -39.29 -26.66 -53.05
CA SER L 73 -39.46 -28.07 -53.38
C SER L 73 -39.30 -28.40 -54.87
N ARG L 74 -39.81 -27.54 -55.74
CA ARG L 74 -39.74 -27.76 -57.18
C ARG L 74 -38.39 -27.40 -57.81
N ALA L 75 -37.53 -26.74 -57.04
CA ALA L 75 -36.14 -26.53 -57.43
C ALA L 75 -35.36 -27.83 -57.22
N GLY L 76 -35.78 -28.60 -56.21
CA GLY L 76 -35.24 -29.94 -55.99
C GLY L 76 -35.69 -30.90 -57.08
N ILE L 77 -36.94 -30.74 -57.52
CA ILE L 77 -37.47 -31.52 -58.64
C ILE L 77 -36.68 -31.20 -59.92
N GLU L 78 -36.55 -29.91 -60.22
CA GLU L 78 -35.82 -29.48 -61.42
C GLU L 78 -34.35 -29.90 -61.39
N ALA L 79 -33.74 -29.79 -60.22
CA ALA L 79 -32.35 -30.24 -60.03
C ALA L 79 -32.17 -31.69 -60.44
N ILE L 80 -33.03 -32.57 -59.92
CA ILE L 80 -32.99 -34.00 -60.27
C ILE L 80 -33.35 -34.23 -61.74
N LEU L 81 -34.33 -33.47 -62.25
CA LEU L 81 -34.77 -33.64 -63.63
C LEU L 81 -33.73 -33.19 -64.65
N VAL L 82 -33.18 -32.00 -64.50
CA VAL L 82 -32.13 -31.52 -65.41
C VAL L 82 -30.87 -32.39 -65.32
N SER L 83 -30.55 -32.85 -64.12
CA SER L 83 -29.37 -33.69 -63.89
C SER L 83 -29.51 -35.14 -64.36
N ALA L 84 -30.75 -35.59 -64.52
CA ALA L 84 -31.02 -36.94 -65.00
C ALA L 84 -31.35 -36.98 -66.49
N ILE L 85 -31.92 -35.89 -67.00
CA ILE L 85 -32.47 -35.85 -68.35
C ILE L 85 -31.57 -35.14 -69.36
N ARG L 86 -31.09 -35.89 -70.34
CA ARG L 86 -30.43 -35.32 -71.52
C ARG L 86 -31.48 -34.97 -72.56
N PRO L 87 -31.29 -33.87 -73.31
CA PRO L 87 -32.19 -33.55 -74.41
C PRO L 87 -32.50 -34.76 -75.29
N GLY L 88 -33.78 -35.06 -75.46
CA GLY L 88 -34.22 -36.18 -76.29
C GLY L 88 -34.67 -37.40 -75.52
N ASP L 89 -34.18 -37.55 -74.30
CA ASP L 89 -34.52 -38.69 -73.45
C ASP L 89 -36.02 -38.80 -73.21
N LYS L 90 -36.54 -40.03 -73.29
CA LYS L 90 -37.95 -40.30 -73.07
C LYS L 90 -38.29 -40.38 -71.59
N VAL L 91 -39.47 -39.87 -71.24
CA VAL L 91 -39.90 -39.75 -69.86
C VAL L 91 -41.36 -40.15 -69.72
N LEU L 92 -41.67 -40.90 -68.67
CA LEU L 92 -43.04 -41.31 -68.39
C LEU L 92 -43.58 -40.64 -67.13
N VAL L 93 -44.64 -39.86 -67.32
CA VAL L 93 -45.34 -39.24 -66.19
C VAL L 93 -46.75 -39.79 -66.07
N PRO L 94 -46.99 -40.65 -65.06
CA PRO L 94 -48.36 -41.03 -64.74
C PRO L 94 -49.02 -39.87 -63.99
N VAL L 95 -49.92 -39.18 -64.66
CA VAL L 95 -50.55 -37.97 -64.11
C VAL L 95 -51.88 -38.31 -63.43
N PHE L 96 -51.97 -38.01 -62.13
CA PHE L 96 -53.21 -38.17 -61.39
C PHE L 96 -53.64 -36.90 -60.63
N GLY L 97 -53.02 -35.77 -61.00
CA GLY L 97 -53.34 -34.47 -60.40
C GLY L 97 -52.52 -33.31 -60.94
N ARG L 98 -52.72 -32.14 -60.34
CA ARG L 98 -52.03 -30.89 -60.73
C ARG L 98 -50.51 -31.03 -60.77
N PHE L 99 -49.93 -31.68 -59.76
CA PHE L 99 -48.47 -31.80 -59.67
C PHE L 99 -47.88 -32.80 -60.64
N GLY L 100 -48.73 -33.66 -61.21
CA GLY L 100 -48.36 -34.48 -62.35
C GLY L 100 -48.04 -33.60 -63.56
N HIS L 101 -48.76 -32.48 -63.68
CA HIS L 101 -48.51 -31.50 -64.74
C HIS L 101 -47.26 -30.68 -64.49
N LEU L 102 -46.92 -30.47 -63.22
CA LEU L 102 -45.69 -29.77 -62.85
C LEU L 102 -44.48 -30.57 -63.32
N LEU L 103 -44.51 -31.87 -63.09
CA LEU L 103 -43.46 -32.77 -63.57
C LEU L 103 -43.32 -32.74 -65.08
N CYS L 104 -44.45 -32.67 -65.78
CA CYS L 104 -44.48 -32.63 -67.25
C CYS L 104 -43.82 -31.38 -67.81
N GLU L 105 -44.16 -30.22 -67.25
CA GLU L 105 -43.59 -28.95 -67.70
C GLU L 105 -42.11 -28.81 -67.40
N ILE L 106 -41.67 -29.31 -66.24
CA ILE L 106 -40.25 -29.28 -65.88
C ILE L 106 -39.45 -30.18 -66.83
N ALA L 107 -39.92 -31.42 -67.00
CA ALA L 107 -39.30 -32.37 -67.94
C ALA L 107 -39.25 -31.80 -69.36
N ARG L 108 -40.26 -31.01 -69.72
CA ARG L 108 -40.30 -30.33 -71.03
C ARG L 108 -39.21 -29.26 -71.14
N ARG L 109 -39.02 -28.48 -70.07
CA ARG L 109 -37.96 -27.46 -70.02
C ARG L 109 -36.58 -28.10 -70.12
N CYS L 110 -36.48 -29.37 -69.72
CA CYS L 110 -35.25 -30.15 -69.83
C CYS L 110 -35.05 -30.72 -71.24
N ARG L 111 -35.95 -30.35 -72.15
CA ARG L 111 -35.91 -30.77 -73.57
C ARG L 111 -36.11 -32.28 -73.77
N ALA L 112 -36.91 -32.88 -72.91
CA ALA L 112 -37.21 -34.31 -72.98
C ALA L 112 -38.46 -34.57 -73.83
N GLU L 113 -38.51 -35.75 -74.43
CA GLU L 113 -39.74 -36.26 -75.05
C GLU L 113 -40.63 -36.78 -73.92
N VAL L 114 -41.78 -36.15 -73.74
CA VAL L 114 -42.64 -36.42 -72.59
C VAL L 114 -43.86 -37.28 -72.93
N HIS L 115 -43.92 -38.46 -72.30
CA HIS L 115 -45.05 -39.36 -72.43
C HIS L 115 -45.86 -39.36 -71.14
N THR L 116 -47.18 -39.43 -71.28
CA THR L 116 -48.09 -39.37 -70.13
C THR L 116 -49.21 -40.40 -70.18
N ILE L 117 -49.64 -40.82 -69.00
CA ILE L 117 -50.87 -41.57 -68.82
C ILE L 117 -51.75 -40.87 -67.76
N GLU L 118 -53.05 -41.10 -67.84
CA GLU L 118 -54.01 -40.39 -67.00
C GLU L 118 -55.02 -41.31 -66.33
N VAL L 119 -55.19 -41.13 -65.02
CA VAL L 119 -56.37 -41.57 -64.31
C VAL L 119 -57.08 -40.31 -63.81
N PRO L 120 -58.42 -40.31 -63.74
CA PRO L 120 -59.12 -39.08 -63.36
C PRO L 120 -58.90 -38.68 -61.90
N TRP L 121 -59.15 -37.40 -61.61
CA TRP L 121 -59.12 -36.88 -60.25
C TRP L 121 -60.42 -37.33 -59.56
N GLY L 122 -60.32 -37.98 -58.40
CA GLY L 122 -59.06 -38.29 -57.75
C GLY L 122 -58.89 -39.79 -57.55
N GLU L 123 -58.48 -40.46 -58.62
CA GLU L 123 -58.18 -41.89 -58.58
C GLU L 123 -56.66 -42.10 -58.50
N VAL L 124 -56.24 -43.36 -58.58
CA VAL L 124 -54.83 -43.70 -58.47
C VAL L 124 -54.43 -44.70 -59.57
N PHE L 125 -53.14 -44.76 -59.88
CA PHE L 125 -52.65 -45.69 -60.91
C PHE L 125 -52.45 -47.12 -60.38
N THR L 126 -53.01 -48.08 -61.12
CA THR L 126 -52.79 -49.50 -60.89
C THR L 126 -51.38 -49.88 -61.40
N PRO L 127 -50.66 -50.74 -60.67
CA PRO L 127 -49.31 -51.20 -61.07
C PRO L 127 -49.22 -51.71 -62.51
N ASP L 128 -50.28 -52.37 -62.99
CA ASP L 128 -50.33 -52.86 -64.37
C ASP L 128 -50.46 -51.73 -65.40
N GLN L 129 -51.21 -50.68 -65.05
CA GLN L 129 -51.40 -49.51 -65.91
C GLN L 129 -50.07 -48.85 -66.27
N VAL L 130 -49.19 -48.70 -65.28
CA VAL L 130 -47.87 -48.11 -65.50
C VAL L 130 -46.93 -49.07 -66.22
N GLU L 131 -46.98 -50.35 -65.85
CA GLU L 131 -46.16 -51.40 -66.47
C GLU L 131 -46.48 -51.54 -67.97
N ASP L 132 -47.74 -51.34 -68.33
CA ASP L 132 -48.17 -51.33 -69.73
C ASP L 132 -47.56 -50.17 -70.49
N ALA L 133 -47.51 -49.01 -69.84
CA ALA L 133 -46.95 -47.80 -70.43
C ALA L 133 -45.42 -47.87 -70.54
N VAL L 134 -44.77 -48.44 -69.53
CA VAL L 134 -43.33 -48.69 -69.55
C VAL L 134 -42.97 -49.58 -70.75
N LYS L 135 -43.73 -50.67 -70.91
CA LYS L 135 -43.59 -51.57 -72.06
C LYS L 135 -43.81 -50.84 -73.39
N ARG L 136 -44.79 -49.94 -73.41
CA ARG L 136 -45.16 -49.22 -74.62
C ARG L 136 -44.14 -48.17 -75.06
N ILE L 137 -43.90 -47.16 -74.21
CA ILE L 137 -43.04 -46.04 -74.60
C ILE L 137 -41.54 -46.28 -74.35
N ARG L 138 -41.24 -47.24 -73.47
CA ARG L 138 -39.86 -47.64 -73.14
C ARG L 138 -39.01 -46.44 -72.68
N PRO L 139 -39.30 -45.90 -71.49
CA PRO L 139 -38.67 -44.65 -71.06
C PRO L 139 -37.36 -44.86 -70.30
N ARG L 140 -36.66 -43.75 -70.05
CA ARG L 140 -35.50 -43.73 -69.18
C ARG L 140 -35.94 -43.49 -67.74
N LEU L 141 -36.88 -42.56 -67.58
CA LEU L 141 -37.36 -42.14 -66.27
C LEU L 141 -38.86 -42.39 -66.11
N LEU L 142 -39.23 -42.95 -64.97
CA LEU L 142 -40.61 -42.92 -64.50
C LEU L 142 -40.71 -41.80 -63.48
N LEU L 143 -41.39 -40.72 -63.84
CA LEU L 143 -41.51 -39.55 -62.98
C LEU L 143 -42.87 -39.51 -62.29
N THR L 144 -42.87 -39.84 -61.01
CA THR L 144 -44.11 -39.95 -60.23
C THR L 144 -44.22 -38.88 -59.14
N VAL L 145 -45.45 -38.60 -58.74
CA VAL L 145 -45.74 -37.87 -57.53
C VAL L 145 -46.25 -38.91 -56.53
N GLN L 146 -45.72 -38.88 -55.30
CA GLN L 146 -46.24 -39.77 -54.26
C GLN L 146 -47.62 -39.28 -53.80
N GLY L 147 -47.64 -38.15 -53.11
CA GLY L 147 -48.90 -37.55 -52.67
C GLY L 147 -49.20 -36.26 -53.39
N ASP L 148 -50.34 -36.21 -54.07
CA ASP L 148 -50.75 -35.01 -54.79
C ASP L 148 -51.80 -34.25 -54.01
N THR L 149 -51.36 -33.17 -53.36
CA THR L 149 -52.23 -32.32 -52.54
C THR L 149 -53.48 -31.83 -53.26
N SER L 150 -53.40 -31.69 -54.59
CA SER L 150 -54.53 -31.21 -55.39
C SER L 150 -55.73 -32.19 -55.41
N THR L 151 -55.47 -33.48 -55.17
CA THR L 151 -56.53 -34.50 -55.14
C THR L 151 -56.57 -35.27 -53.82
N THR L 152 -55.56 -35.04 -52.97
CA THR L 152 -55.41 -35.70 -51.67
C THR L 152 -55.18 -37.21 -51.79
N MET L 153 -54.63 -37.62 -52.93
CA MET L 153 -54.39 -39.02 -53.22
C MET L 153 -52.92 -39.38 -53.09
N LEU L 154 -52.67 -40.57 -52.56
CA LEU L 154 -51.34 -41.08 -52.35
C LEU L 154 -51.11 -42.27 -53.27
N GLN L 155 -50.19 -42.12 -54.22
CA GLN L 155 -49.87 -43.20 -55.15
C GLN L 155 -49.00 -44.25 -54.46
N PRO L 156 -49.45 -45.53 -54.46
CA PRO L 156 -48.62 -46.61 -53.95
C PRO L 156 -47.37 -46.79 -54.79
N LEU L 157 -46.23 -46.97 -54.14
CA LEU L 157 -44.92 -47.01 -54.80
C LEU L 157 -44.20 -48.33 -54.60
N ALA L 158 -44.63 -49.10 -53.60
CA ALA L 158 -44.00 -50.38 -53.24
C ALA L 158 -43.89 -51.35 -54.42
N GLU L 159 -44.96 -51.48 -55.20
CA GLU L 159 -45.00 -52.41 -56.33
C GLU L 159 -44.52 -51.79 -57.64
N LEU L 160 -44.03 -50.56 -57.58
CA LEU L 160 -43.60 -49.82 -58.78
C LEU L 160 -42.09 -49.89 -59.01
N GLY L 161 -41.33 -50.13 -57.94
CA GLY L 161 -39.88 -50.25 -58.02
C GLY L 161 -39.43 -51.54 -58.70
N GLU L 162 -40.10 -52.63 -58.36
CA GLU L 162 -39.90 -53.94 -59.00
C GLU L 162 -40.01 -53.85 -60.51
N ILE L 163 -41.01 -53.11 -60.99
CA ILE L 163 -41.26 -52.93 -62.42
C ILE L 163 -40.13 -52.18 -63.12
N CYS L 164 -39.71 -51.07 -62.51
CA CYS L 164 -38.61 -50.25 -63.05
C CYS L 164 -37.30 -51.02 -63.09
N ARG L 165 -37.06 -51.82 -62.05
CA ARG L 165 -35.91 -52.72 -61.99
C ARG L 165 -35.92 -53.69 -63.17
N ARG L 166 -37.08 -54.30 -63.42
CA ARG L 166 -37.26 -55.25 -64.53
C ARG L 166 -36.96 -54.64 -65.89
N TYR L 167 -37.54 -53.47 -66.15
CA TYR L 167 -37.44 -52.84 -67.46
C TYR L 167 -36.34 -51.78 -67.57
N ASP L 168 -35.47 -51.76 -66.56
CA ASP L 168 -34.31 -50.86 -66.51
C ASP L 168 -34.71 -49.38 -66.65
N ALA L 169 -35.71 -48.97 -65.86
CA ALA L 169 -36.13 -47.57 -65.80
C ALA L 169 -35.69 -46.95 -64.48
N LEU L 170 -35.35 -45.67 -64.50
CA LEU L 170 -35.01 -44.95 -63.28
C LEU L 170 -36.27 -44.47 -62.56
N PHE L 171 -36.38 -44.82 -61.28
CA PHE L 171 -37.57 -44.55 -60.49
C PHE L 171 -37.39 -43.32 -59.58
N TYR L 172 -38.09 -42.24 -59.92
CA TYR L 172 -38.09 -41.02 -59.13
C TYR L 172 -39.48 -40.74 -58.57
N THR L 173 -39.52 -40.19 -57.36
CA THR L 173 -40.78 -39.69 -56.80
C THR L 173 -40.70 -38.29 -56.19
N ASP L 174 -41.76 -37.52 -56.38
CA ASP L 174 -41.93 -36.25 -55.69
C ASP L 174 -42.71 -36.53 -54.41
N ALA L 175 -42.03 -36.43 -53.28
CA ALA L 175 -42.61 -36.81 -51.99
C ALA L 175 -42.76 -35.66 -51.00
N THR L 176 -42.79 -34.42 -51.50
CA THR L 176 -42.78 -33.22 -50.65
C THR L 176 -43.97 -33.14 -49.68
N ALA L 177 -45.14 -33.55 -50.14
CA ALA L 177 -46.37 -33.45 -49.36
C ALA L 177 -46.64 -34.68 -48.48
N SER L 178 -45.86 -35.74 -48.70
CA SER L 178 -46.12 -37.03 -48.06
C SER L 178 -45.06 -37.47 -47.06
N LEU L 179 -43.81 -37.07 -47.31
CA LEU L 179 -42.69 -37.41 -46.42
C LEU L 179 -42.98 -36.96 -45.00
N GLY L 180 -42.80 -37.87 -44.04
CA GLY L 180 -43.02 -37.57 -42.63
C GLY L 180 -44.41 -37.95 -42.14
N GLY L 181 -45.41 -37.71 -42.97
CA GLY L 181 -46.80 -38.00 -42.63
C GLY L 181 -47.29 -39.30 -43.22
N ASN L 182 -46.50 -39.86 -44.13
CA ASN L 182 -46.87 -41.07 -44.85
C ASN L 182 -45.66 -41.98 -45.04
N PRO L 183 -45.89 -43.31 -45.11
CA PRO L 183 -44.80 -44.28 -45.35
C PRO L 183 -44.02 -43.99 -46.63
N LEU L 184 -42.69 -44.13 -46.55
CA LEU L 184 -41.80 -43.99 -47.69
C LEU L 184 -40.54 -44.82 -47.47
N GLU L 185 -40.45 -45.96 -48.17
CA GLU L 185 -39.29 -46.84 -48.06
C GLU L 185 -38.40 -46.69 -49.29
N THR L 186 -37.61 -45.63 -49.30
CA THR L 186 -36.77 -45.27 -50.45
C THR L 186 -35.96 -46.46 -50.99
N ASP L 187 -35.25 -47.16 -50.11
CA ASP L 187 -34.40 -48.28 -50.50
C ASP L 187 -35.20 -49.54 -50.83
N VAL L 188 -36.13 -49.90 -49.95
CA VAL L 188 -36.95 -51.10 -50.12
C VAL L 188 -37.81 -51.06 -51.38
N TRP L 189 -38.38 -49.89 -51.67
CA TRP L 189 -39.27 -49.71 -52.83
C TRP L 189 -38.50 -49.44 -54.13
N GLY L 190 -37.17 -49.54 -54.08
CA GLY L 190 -36.31 -49.43 -55.26
C GLY L 190 -36.21 -48.05 -55.88
N LEU L 191 -36.53 -47.02 -55.10
CA LEU L 191 -36.46 -45.64 -55.58
C LEU L 191 -35.03 -45.20 -55.89
N ASP L 192 -34.86 -44.53 -57.02
CA ASP L 192 -33.55 -44.06 -57.47
C ASP L 192 -33.34 -42.60 -57.10
N ALA L 193 -34.42 -41.83 -57.07
CA ALA L 193 -34.38 -40.43 -56.68
C ALA L 193 -35.64 -40.03 -55.91
N VAL L 194 -35.46 -39.23 -54.86
CA VAL L 194 -36.57 -38.64 -54.13
C VAL L 194 -36.27 -37.16 -53.86
N SER L 195 -37.23 -36.30 -54.15
CA SER L 195 -37.14 -34.89 -53.79
C SER L 195 -38.29 -34.56 -52.84
N ALA L 196 -38.03 -33.64 -51.92
CA ALA L 196 -39.03 -33.25 -50.92
C ALA L 196 -38.99 -31.76 -50.59
N GLY L 197 -39.80 -31.34 -49.63
CA GLY L 197 -39.89 -29.95 -49.20
C GLY L 197 -40.12 -29.80 -47.71
N MET L 198 -39.95 -28.58 -47.22
CA MET L 198 -40.03 -28.31 -45.78
C MET L 198 -41.43 -28.02 -45.27
N GLN L 199 -42.21 -27.28 -46.06
CA GLN L 199 -43.44 -26.62 -45.57
C GLN L 199 -44.72 -27.45 -45.51
N1 LLP L 200 -44.71 -30.93 -55.02
C2 LLP L 200 -45.85 -31.39 -54.43
C2' LLP L 200 -46.31 -32.76 -54.77
C3 LLP L 200 -46.56 -30.62 -53.51
O3 LLP L 200 -47.68 -31.09 -52.94
C4 LLP L 200 -46.10 -29.34 -53.22
C4' LLP L 200 -46.85 -28.46 -52.24
C5 LLP L 200 -44.92 -28.89 -53.85
C6 LLP L 200 -44.24 -29.71 -54.75
C5' LLP L 200 -44.40 -27.49 -53.55
OP4 LLP L 200 -43.44 -26.94 -54.39
P LLP L 200 -42.77 -25.58 -53.97
OP1 LLP L 200 -43.79 -24.45 -54.12
OP2 LLP L 200 -41.61 -25.32 -54.89
OP3 LLP L 200 -42.30 -25.66 -52.54
N LLP L 200 -44.60 -28.77 -45.45
CA LLP L 200 -45.77 -29.63 -45.41
CB LLP L 200 -45.96 -30.47 -46.70
CG LLP L 200 -45.77 -29.75 -48.03
CD LLP L 200 -46.91 -29.77 -49.04
CE LLP L 200 -47.15 -28.54 -49.86
NZ LLP L 200 -46.20 -28.23 -50.94
C LLP L 200 -45.76 -30.44 -44.11
O LLP L 200 -46.16 -29.89 -43.06
N CYS L 201 -45.33 -31.71 -44.14
CA CYS L 201 -45.26 -32.52 -42.92
C CYS L 201 -43.99 -32.26 -42.10
N LEU L 202 -42.94 -31.81 -42.77
CA LEU L 202 -41.66 -31.56 -42.11
C LEU L 202 -41.68 -30.34 -41.18
N GLY L 203 -42.35 -29.28 -41.64
CA GLY L 203 -42.69 -28.09 -40.84
C GLY L 203 -41.62 -27.35 -40.04
N GLY L 204 -40.83 -26.48 -40.69
CA GLY L 204 -40.79 -26.34 -42.14
C GLY L 204 -41.36 -25.07 -42.78
N PRO L 205 -40.51 -24.04 -42.98
CA PRO L 205 -40.84 -22.98 -43.93
C PRO L 205 -40.33 -23.37 -45.32
N SER L 206 -40.98 -22.89 -46.38
CA SER L 206 -40.52 -23.20 -47.74
C SER L 206 -39.16 -22.54 -48.01
N GLY L 207 -38.33 -23.21 -48.82
CA GLY L 207 -37.03 -22.66 -49.19
C GLY L 207 -35.91 -23.68 -49.38
N THR L 208 -36.15 -24.92 -48.94
CA THR L 208 -35.16 -25.99 -49.05
C THR L 208 -35.80 -27.26 -49.63
N SER L 209 -35.01 -28.01 -50.40
CA SER L 209 -35.46 -29.30 -50.92
C SER L 209 -34.51 -30.42 -50.53
N PRO L 210 -34.93 -31.27 -49.57
CA PRO L 210 -34.17 -32.47 -49.29
C PRO L 210 -34.31 -33.47 -50.43
N ILE L 211 -33.19 -33.97 -50.93
CA ILE L 211 -33.18 -34.98 -51.97
C ILE L 211 -32.31 -36.17 -51.57
N THR L 212 -32.52 -37.30 -52.25
CA THR L 212 -31.65 -38.46 -52.08
C THR L 212 -31.49 -39.21 -53.40
N LEU L 213 -30.28 -39.72 -53.64
CA LEU L 213 -29.96 -40.38 -54.90
C LEU L 213 -29.30 -41.73 -54.63
N SER L 214 -29.83 -42.77 -55.26
CA SER L 214 -29.28 -44.12 -55.15
C SER L 214 -27.91 -44.23 -55.83
N ALA L 215 -27.21 -45.34 -55.58
CA ALA L 215 -25.92 -45.61 -56.22
C ALA L 215 -26.00 -45.52 -57.75
N ARG L 216 -27.10 -46.04 -58.31
CA ARG L 216 -27.32 -46.02 -59.75
C ARG L 216 -27.52 -44.60 -60.29
N MET L 217 -28.26 -43.78 -59.54
CA MET L 217 -28.56 -42.40 -59.95
C MET L 217 -27.33 -41.49 -60.02
N GLU L 218 -26.45 -41.59 -59.04
CA GLU L 218 -25.22 -40.78 -59.04
C GLU L 218 -24.31 -41.17 -60.21
N GLU L 219 -24.39 -42.42 -60.65
CA GLU L 219 -23.62 -42.89 -61.79
C GLU L 219 -24.05 -42.18 -63.07
N ALA L 220 -25.37 -42.05 -63.27
CA ALA L 220 -25.92 -41.35 -64.43
C ALA L 220 -25.57 -39.85 -64.41
N ILE L 221 -25.44 -39.29 -63.22
CA ILE L 221 -25.07 -37.88 -63.04
C ILE L 221 -23.55 -37.68 -63.18
N ARG L 222 -22.76 -38.65 -62.70
CA ARG L 222 -21.31 -38.62 -62.86
C ARG L 222 -20.86 -38.76 -64.31
N ARG L 223 -21.67 -39.42 -65.14
CA ARG L 223 -21.41 -39.54 -66.57
C ARG L 223 -21.53 -38.19 -67.28
N ARG L 224 -22.15 -37.23 -66.59
CA ARG L 224 -22.40 -35.90 -67.12
C ARG L 224 -21.37 -34.88 -66.65
N LYS L 225 -20.50 -35.30 -65.72
CA LYS L 225 -19.59 -34.39 -65.01
C LYS L 225 -18.97 -33.31 -65.87
N CYS L 226 -19.05 -32.07 -65.37
CA CYS L 226 -18.44 -30.90 -66.00
C CYS L 226 -18.29 -29.82 -64.93
N VAL L 227 -17.08 -29.67 -64.42
CA VAL L 227 -16.82 -28.72 -63.34
C VAL L 227 -16.65 -27.29 -63.88
N GLU L 228 -17.34 -26.36 -63.24
CA GLU L 228 -17.39 -24.94 -63.62
C GLU L 228 -15.99 -24.30 -63.73
N GLU L 229 -15.82 -23.54 -64.81
CA GLU L 229 -14.55 -22.90 -65.19
C GLU L 229 -13.80 -22.23 -64.02
N GLY L 230 -14.52 -21.48 -63.21
CA GLY L 230 -13.92 -20.72 -62.10
C GLY L 230 -13.36 -21.53 -60.95
N ILE L 231 -13.72 -22.81 -60.88
CA ILE L 231 -13.25 -23.72 -59.83
C ILE L 231 -12.68 -25.02 -60.42
N ARG L 232 -12.51 -25.04 -61.73
CA ARG L 232 -11.95 -26.18 -62.44
C ARG L 232 -10.42 -26.17 -62.37
N THR L 233 -9.84 -27.33 -62.07
CA THR L 233 -8.39 -27.52 -62.14
C THR L 233 -8.07 -28.58 -63.20
N ASP L 234 -6.78 -28.76 -63.49
CA ASP L 234 -6.32 -29.76 -64.45
C ASP L 234 -6.64 -31.19 -64.03
N ALA L 235 -6.96 -31.37 -62.75
CA ALA L 235 -7.31 -32.68 -62.19
C ALA L 235 -8.77 -33.07 -62.42
N HIS L 236 -9.56 -32.13 -62.95
CA HIS L 236 -10.95 -32.40 -63.29
C HIS L 236 -11.09 -32.76 -64.77
N ARG L 237 -11.90 -33.78 -65.05
CA ARG L 237 -12.23 -34.15 -66.42
C ARG L 237 -13.70 -34.43 -66.60
N ASP L 238 -14.20 -34.15 -67.80
CA ASP L 238 -15.62 -34.33 -68.13
C ASP L 238 -16.03 -35.80 -68.15
N GLY L 239 -17.33 -36.04 -68.04
CA GLY L 239 -17.90 -37.37 -68.20
C GLY L 239 -18.07 -37.73 -69.67
N ASP L 240 -18.48 -38.97 -69.92
CA ASP L 240 -18.63 -39.48 -71.29
C ASP L 240 -19.85 -38.89 -72.00
N GLU L 241 -20.79 -38.34 -71.24
CA GLU L 241 -22.02 -37.77 -71.79
C GLU L 241 -22.09 -36.26 -71.64
N GLU L 242 -23.05 -35.65 -72.35
CA GLU L 242 -23.21 -34.19 -72.39
C GLU L 242 -23.49 -33.57 -71.02
N MET L 243 -23.05 -32.33 -70.85
CA MET L 243 -23.17 -31.61 -69.59
C MET L 243 -24.62 -31.32 -69.21
N ILE L 244 -24.84 -31.11 -67.91
CA ILE L 244 -26.14 -30.70 -67.39
C ILE L 244 -26.31 -29.21 -67.69
N TYR L 245 -27.42 -28.86 -68.32
CA TYR L 245 -27.66 -27.49 -68.78
C TYR L 245 -28.19 -26.57 -67.68
N SER L 246 -27.38 -26.45 -66.62
CA SER L 246 -27.68 -25.60 -65.47
C SER L 246 -26.53 -25.68 -64.48
N ASN L 247 -25.99 -24.53 -64.10
CA ASN L 247 -24.93 -24.47 -63.11
C ASN L 247 -25.46 -24.65 -61.68
N TYR L 248 -26.61 -24.02 -61.40
CA TYR L 248 -27.23 -24.07 -60.08
C TYR L 248 -27.85 -25.42 -59.77
N PHE L 249 -28.27 -26.14 -60.81
CA PHE L 249 -28.93 -27.43 -60.64
C PHE L 249 -28.10 -28.64 -61.09
N ASP L 250 -26.80 -28.42 -61.26
CA ASP L 250 -25.87 -29.52 -61.53
C ASP L 250 -25.63 -30.30 -60.25
N LEU L 251 -26.38 -31.38 -60.07
CA LEU L 251 -26.28 -32.20 -58.86
C LEU L 251 -24.93 -32.90 -58.70
N GLY L 252 -24.18 -32.99 -59.80
CA GLY L 252 -22.81 -33.50 -59.76
C GLY L 252 -21.93 -32.59 -58.93
N MET L 253 -21.98 -31.30 -59.22
CA MET L 253 -21.22 -30.29 -58.49
C MET L 253 -21.71 -30.11 -57.05
N VAL L 254 -23.01 -30.25 -56.84
CA VAL L 254 -23.61 -30.20 -55.51
C VAL L 254 -23.09 -31.37 -54.66
N MET L 255 -22.98 -32.56 -55.26
CA MET L 255 -22.40 -33.73 -54.60
C MET L 255 -20.96 -33.48 -54.15
N ASP L 256 -20.15 -32.91 -55.06
CA ASP L 256 -18.76 -32.59 -54.78
C ASP L 256 -18.63 -31.60 -53.61
N TYR L 257 -19.59 -30.69 -53.52
CA TYR L 257 -19.67 -29.72 -52.42
C TYR L 257 -19.95 -30.39 -51.08
N TRP L 258 -20.93 -31.30 -51.07
CA TRP L 258 -21.33 -32.03 -49.87
C TRP L 258 -20.39 -33.19 -49.55
N GLY L 259 -19.54 -33.56 -50.51
CA GLY L 259 -18.59 -34.65 -50.35
C GLY L 259 -17.24 -34.20 -49.79
N PRO L 260 -16.28 -35.14 -49.68
CA PRO L 260 -14.94 -34.90 -49.13
C PRO L 260 -14.11 -33.86 -49.89
N GLU L 261 -14.42 -33.64 -51.17
CA GLU L 261 -13.70 -32.63 -51.95
C GLU L 261 -14.05 -31.20 -51.53
N ARG L 262 -15.28 -31.02 -51.07
CA ARG L 262 -15.79 -29.71 -50.60
C ARG L 262 -15.68 -28.64 -51.69
N LEU L 263 -16.08 -29.01 -52.90
CA LEU L 263 -16.01 -28.15 -54.09
C LEU L 263 -16.93 -26.93 -53.96
N ASN L 264 -16.34 -25.74 -54.12
CA ASN L 264 -17.05 -24.48 -53.89
C ASN L 264 -18.04 -24.13 -55.02
N HIS L 265 -19.22 -24.77 -54.97
CA HIS L 265 -20.26 -24.60 -55.98
C HIS L 265 -21.19 -23.41 -55.67
N HIS L 266 -21.54 -23.26 -54.40
CA HIS L 266 -22.37 -22.15 -53.92
C HIS L 266 -22.19 -22.02 -52.42
N THR L 267 -22.55 -20.87 -51.87
CA THR L 267 -22.52 -20.66 -50.42
C THR L 267 -23.78 -21.29 -49.82
N GLU L 268 -23.60 -22.41 -49.13
CA GLU L 268 -24.73 -23.11 -48.51
C GLU L 268 -25.55 -22.17 -47.64
N ALA L 269 -26.87 -22.24 -47.78
CA ALA L 269 -27.80 -21.42 -47.01
C ALA L 269 -27.76 -21.83 -45.55
N THR L 270 -26.99 -21.08 -44.75
CA THR L 270 -26.68 -21.43 -43.36
C THR L 270 -27.94 -21.60 -42.52
N THR L 271 -28.75 -20.55 -42.47
CA THR L 271 -29.97 -20.52 -41.66
C THR L 271 -30.96 -21.61 -42.06
N ALA L 272 -31.14 -21.81 -43.37
CA ALA L 272 -32.02 -22.85 -43.90
C ALA L 272 -31.53 -24.24 -43.52
N LEU L 273 -30.21 -24.42 -43.47
CA LEU L 273 -29.59 -25.66 -43.03
C LEU L 273 -29.88 -25.93 -41.54
N PHE L 274 -29.81 -24.87 -40.73
CA PHE L 274 -30.20 -24.98 -39.32
C PHE L 274 -31.66 -25.41 -39.22
N GLY L 275 -32.52 -24.82 -40.07
CA GLY L 275 -33.93 -25.19 -40.14
C GLY L 275 -34.16 -26.64 -40.53
N ALA L 276 -33.46 -27.09 -41.57
CA ALA L 276 -33.61 -28.46 -42.09
C ALA L 276 -33.03 -29.52 -41.16
N ARG L 277 -31.89 -29.20 -40.53
CA ARG L 277 -31.28 -30.09 -39.54
C ARG L 277 -32.24 -30.35 -38.38
N GLU L 278 -32.88 -29.27 -37.91
CA GLU L 278 -33.82 -29.35 -36.80
C GLU L 278 -35.09 -30.12 -37.14
N CYS L 279 -35.68 -29.83 -38.29
CA CYS L 279 -36.86 -30.56 -38.78
C CYS L 279 -36.67 -32.07 -38.70
N ALA L 280 -35.57 -32.55 -39.29
CA ALA L 280 -35.24 -33.98 -39.34
C ALA L 280 -34.87 -34.53 -37.96
N ARG L 281 -34.21 -33.70 -37.14
CA ARG L 281 -33.86 -34.09 -35.79
C ARG L 281 -35.10 -34.21 -34.91
N LEU L 282 -36.07 -33.31 -35.12
CA LEU L 282 -37.34 -33.35 -34.38
C LEU L 282 -38.16 -34.58 -34.73
N ILE L 283 -38.31 -34.83 -36.03
CA ILE L 283 -39.03 -36.01 -36.54
C ILE L 283 -38.47 -37.31 -35.95
N LEU L 284 -37.14 -37.47 -35.98
CA LEU L 284 -36.51 -38.71 -35.54
C LEU L 284 -36.47 -38.90 -34.02
N GLN L 285 -36.51 -37.80 -33.26
CA GLN L 285 -36.69 -37.87 -31.80
C GLN L 285 -38.06 -38.45 -31.45
N GLU L 286 -39.07 -37.99 -32.16
CA GLU L 286 -40.43 -38.53 -32.03
C GLU L 286 -40.46 -39.97 -32.54
N GLY L 287 -39.69 -40.24 -33.60
CA GLY L 287 -39.69 -41.54 -34.26
C GLY L 287 -40.59 -41.47 -35.47
N LEU L 288 -40.03 -41.83 -36.63
CA LEU L 288 -40.71 -41.70 -37.91
C LEU L 288 -42.06 -42.42 -37.97
N ASP L 289 -42.11 -43.64 -37.43
CA ASP L 289 -43.35 -44.43 -37.38
C ASP L 289 -44.37 -43.80 -36.43
N TYR L 290 -43.91 -43.20 -35.34
CA TYR L 290 -44.78 -42.48 -34.42
C TYR L 290 -45.36 -41.22 -35.06
N GLY L 291 -44.57 -40.58 -35.92
CA GLY L 291 -45.00 -39.37 -36.64
C GLY L 291 -46.03 -39.66 -37.71
N ILE L 292 -45.94 -40.83 -38.33
CA ILE L 292 -46.87 -41.27 -39.36
C ILE L 292 -48.19 -41.76 -38.75
N ALA L 293 -48.09 -42.41 -37.58
CA ALA L 293 -49.26 -42.84 -36.82
C ALA L 293 -50.06 -41.64 -36.29
N ARG L 294 -49.34 -40.58 -35.94
CA ARG L 294 -49.94 -39.32 -35.48
C ARG L 294 -50.73 -38.64 -36.59
N HIS L 295 -50.11 -38.52 -37.76
CA HIS L 295 -50.74 -37.94 -38.95
C HIS L 295 -52.00 -38.70 -39.35
N LYS L 296 -51.92 -40.03 -39.29
CA LYS L 296 -53.07 -40.89 -39.53
C LYS L 296 -54.18 -40.61 -38.51
N LEU L 297 -53.81 -40.59 -37.23
CA LEU L 297 -54.77 -40.42 -36.13
C LEU L 297 -55.61 -39.15 -36.25
N HIS L 298 -54.96 -38.01 -36.46
CA HIS L 298 -55.64 -36.72 -36.53
C HIS L 298 -56.31 -36.50 -37.89
N GLY L 299 -55.80 -37.16 -38.91
CA GLY L 299 -56.41 -37.15 -40.24
C GLY L 299 -57.73 -37.92 -40.26
N ASP L 300 -57.73 -39.10 -39.62
CA ASP L 300 -58.93 -39.93 -39.50
C ASP L 300 -60.02 -39.26 -38.67
N ALA L 301 -59.62 -38.51 -37.65
CA ALA L 301 -60.54 -37.78 -36.79
C ALA L 301 -61.22 -36.65 -37.55
N LEU L 302 -60.47 -36.02 -38.45
CA LEU L 302 -60.99 -34.98 -39.32
C LEU L 302 -62.04 -35.55 -40.27
N VAL L 303 -61.74 -36.72 -40.85
CA VAL L 303 -62.66 -37.43 -41.75
C VAL L 303 -63.97 -37.76 -41.04
N LYS L 304 -63.88 -38.46 -39.91
CA LYS L 304 -65.06 -38.89 -39.14
C LYS L 304 -65.92 -37.73 -38.62
N GLY L 305 -65.30 -36.56 -38.47
CA GLY L 305 -66.01 -35.34 -38.12
C GLY L 305 -66.68 -34.69 -39.31
N ILE L 306 -65.98 -34.65 -40.44
CA ILE L 306 -66.50 -34.09 -41.70
C ILE L 306 -67.70 -34.90 -42.21
N GLN L 307 -67.62 -36.23 -42.08
CA GLN L 307 -68.71 -37.13 -42.47
C GLN L 307 -69.96 -36.90 -41.62
N ALA L 308 -69.77 -36.82 -40.31
CA ALA L 308 -70.88 -36.59 -39.36
C ALA L 308 -71.47 -35.18 -39.49
N MET L 309 -70.72 -34.27 -40.10
CA MET L 309 -71.22 -32.92 -40.40
C MET L 309 -72.15 -32.94 -41.62
N GLY L 310 -72.28 -34.12 -42.24
CA GLY L 310 -73.13 -34.30 -43.41
C GLY L 310 -72.48 -33.82 -44.69
N LEU L 311 -71.15 -33.76 -44.68
CA LEU L 311 -70.39 -33.30 -45.84
C LEU L 311 -69.83 -34.49 -46.64
N GLU L 312 -69.95 -34.40 -47.96
CA GLU L 312 -69.35 -35.38 -48.87
C GLU L 312 -67.82 -35.23 -48.83
N THR L 313 -67.11 -36.27 -49.24
CA THR L 313 -65.65 -36.24 -49.30
C THR L 313 -65.16 -36.57 -50.71
N PHE L 314 -64.00 -36.03 -51.08
CA PHE L 314 -63.46 -36.21 -52.43
C PHE L 314 -62.44 -37.34 -52.56
N GLY L 315 -62.54 -38.06 -53.67
CA GLY L 315 -61.55 -39.07 -54.05
C GLY L 315 -61.70 -40.40 -53.36
N ASP L 316 -60.86 -41.35 -53.76
CA ASP L 316 -60.86 -42.69 -53.20
C ASP L 316 -60.20 -42.69 -51.82
N LEU L 317 -60.99 -42.94 -50.79
CA LEU L 317 -60.52 -42.90 -49.39
C LEU L 317 -59.58 -44.04 -49.02
N LYS L 318 -59.51 -45.06 -49.89
CA LYS L 318 -58.56 -46.17 -49.73
C LYS L 318 -57.11 -45.71 -49.86
N HIS L 319 -56.89 -44.68 -50.68
CA HIS L 319 -55.55 -44.18 -50.95
C HIS L 319 -55.38 -42.70 -50.61
N LYS L 320 -56.13 -42.24 -49.61
CA LYS L 320 -56.05 -40.87 -49.13
C LYS L 320 -54.73 -40.63 -48.41
N MET L 321 -54.25 -39.39 -48.45
CA MET L 321 -53.11 -38.98 -47.64
C MET L 321 -53.57 -38.80 -46.21
N ASN L 322 -52.72 -39.17 -45.25
CA ASN L 322 -53.01 -38.98 -43.83
C ASN L 322 -53.20 -37.51 -43.48
N ASN L 323 -52.51 -36.64 -44.22
CA ASN L 323 -52.42 -35.23 -43.87
C ASN L 323 -53.25 -34.26 -44.73
N VAL L 324 -53.97 -34.77 -45.72
CA VAL L 324 -54.83 -33.93 -46.56
C VAL L 324 -56.23 -34.54 -46.74
N LEU L 325 -57.26 -33.70 -46.67
CA LEU L 325 -58.65 -34.13 -46.88
C LEU L 325 -59.35 -33.28 -47.92
N GLY L 326 -59.95 -33.94 -48.91
CA GLY L 326 -60.79 -33.28 -49.90
C GLY L 326 -62.21 -33.17 -49.37
N VAL L 327 -62.63 -31.94 -49.09
CA VAL L 327 -63.96 -31.68 -48.55
C VAL L 327 -64.85 -31.02 -49.58
N VAL L 328 -65.88 -31.75 -50.01
CA VAL L 328 -66.81 -31.25 -51.04
C VAL L 328 -67.68 -30.14 -50.47
N ILE L 329 -67.58 -28.97 -51.07
CA ILE L 329 -68.39 -27.81 -50.70
C ILE L 329 -69.86 -28.15 -50.90
N PRO L 330 -70.64 -28.11 -49.81
CA PRO L 330 -72.07 -28.42 -49.89
C PRO L 330 -72.73 -27.46 -50.87
N GLN L 331 -73.91 -27.82 -51.34
CA GLN L 331 -74.54 -27.00 -52.36
C GLN L 331 -75.47 -25.93 -51.80
N GLY L 332 -75.32 -24.73 -52.36
CA GLY L 332 -75.94 -23.53 -51.82
C GLY L 332 -74.94 -22.72 -51.03
N ILE L 333 -73.74 -23.28 -50.88
CA ILE L 333 -72.65 -22.66 -50.12
C ILE L 333 -71.60 -22.09 -51.08
N ASN L 334 -71.25 -20.82 -50.88
CA ASN L 334 -70.16 -20.20 -51.61
C ASN L 334 -68.83 -20.57 -50.95
N GLY L 335 -68.01 -21.33 -51.67
CA GLY L 335 -66.74 -21.83 -51.16
C GLY L 335 -65.76 -20.76 -50.74
N ASP L 336 -65.70 -19.67 -51.49
CA ASP L 336 -64.82 -18.55 -51.19
C ASP L 336 -65.27 -17.81 -49.94
N GLN L 337 -66.59 -17.70 -49.76
CA GLN L 337 -67.17 -17.00 -48.61
C GLN L 337 -66.79 -17.65 -47.29
N ALA L 338 -66.92 -18.98 -47.22
CA ALA L 338 -66.54 -19.74 -46.04
C ALA L 338 -65.05 -19.57 -45.71
N ARG L 339 -64.21 -19.65 -46.73
CA ARG L 339 -62.77 -19.41 -46.61
C ARG L 339 -62.45 -18.02 -46.06
N LYS L 340 -63.15 -17.00 -46.57
CA LYS L 340 -62.96 -15.61 -46.14
C LYS L 340 -63.34 -15.44 -44.68
N LEU L 341 -64.38 -16.14 -44.24
CA LEU L 341 -64.84 -16.07 -42.86
C LEU L 341 -63.95 -16.89 -41.92
N MET L 342 -63.53 -18.07 -42.38
CA MET L 342 -62.61 -18.92 -41.61
C MET L 342 -61.32 -18.18 -41.27
N LEU L 343 -60.85 -17.36 -42.20
CA LEU L 343 -59.57 -16.66 -42.08
C LEU L 343 -59.69 -15.33 -41.31
N GLU L 344 -60.69 -14.52 -41.66
CA GLU L 344 -60.85 -13.20 -41.06
C GLU L 344 -61.43 -13.25 -39.66
N ASP L 345 -62.36 -14.17 -39.41
CA ASP L 345 -63.09 -14.22 -38.14
C ASP L 345 -62.54 -15.25 -37.14
N PHE L 346 -61.95 -16.33 -37.66
CA PHE L 346 -61.39 -17.38 -36.81
C PHE L 346 -59.86 -17.49 -36.91
N GLY L 347 -59.28 -16.81 -37.89
CA GLY L 347 -57.84 -16.85 -38.13
C GLY L 347 -57.35 -18.21 -38.57
N ILE L 348 -58.17 -18.90 -39.36
CA ILE L 348 -57.89 -20.26 -39.83
C ILE L 348 -57.89 -20.31 -41.35
N GLU L 349 -56.82 -20.87 -41.93
CA GLU L 349 -56.74 -21.05 -43.37
C GLU L 349 -57.10 -22.47 -43.77
N ILE L 350 -58.13 -22.58 -44.60
CA ILE L 350 -58.42 -23.83 -45.31
C ILE L 350 -58.12 -23.61 -46.78
N GLY L 351 -57.72 -24.68 -47.46
CA GLY L 351 -57.24 -24.56 -48.85
C GLY L 351 -58.36 -24.54 -49.88
N THR L 352 -58.20 -23.69 -50.88
CA THR L 352 -59.06 -23.71 -52.06
C THR L 352 -58.59 -24.81 -53.01
N SER L 353 -59.28 -24.99 -54.13
CA SER L 353 -58.83 -25.90 -55.17
C SER L 353 -58.61 -25.17 -56.49
N PHE L 354 -57.67 -25.66 -57.28
CA PHE L 354 -57.37 -25.09 -58.59
C PHE L 354 -57.88 -25.97 -59.72
N GLY L 355 -58.16 -25.35 -60.87
CA GLY L 355 -58.61 -26.06 -62.05
C GLY L 355 -60.04 -26.59 -61.95
N PRO L 356 -60.23 -27.88 -62.28
CA PRO L 356 -61.56 -28.51 -62.32
C PRO L 356 -62.13 -28.87 -60.94
N LEU L 357 -61.57 -28.30 -59.88
CA LEU L 357 -62.07 -28.56 -58.53
C LEU L 357 -62.45 -27.31 -57.75
N HIS L 358 -62.15 -26.13 -58.30
CA HIS L 358 -62.53 -24.86 -57.70
C HIS L 358 -64.04 -24.74 -57.58
N GLY L 359 -64.51 -24.32 -56.41
CA GLY L 359 -65.94 -24.19 -56.14
C GLY L 359 -66.59 -25.48 -55.71
N LYS L 360 -65.85 -26.59 -55.82
CA LYS L 360 -66.35 -27.92 -55.48
C LYS L 360 -65.73 -28.45 -54.20
N VAL L 361 -64.42 -28.27 -54.06
CA VAL L 361 -63.65 -28.97 -53.02
C VAL L 361 -62.74 -28.04 -52.22
N TRP L 362 -62.86 -28.11 -50.89
CA TRP L 362 -61.89 -27.51 -49.99
C TRP L 362 -60.80 -28.54 -49.68
N ARG L 363 -59.59 -28.05 -49.45
CA ARG L 363 -58.48 -28.91 -49.05
C ARG L 363 -58.03 -28.60 -47.62
N ILE L 364 -58.39 -29.48 -46.70
CA ILE L 364 -58.06 -29.28 -45.27
C ILE L 364 -56.98 -30.24 -44.81
N GLY L 365 -55.81 -29.66 -44.47
CA GLY L 365 -54.65 -30.43 -44.06
C GLY L 365 -54.47 -30.52 -42.56
N THR L 366 -53.85 -31.60 -42.12
CA THR L 366 -53.42 -31.78 -40.74
C THR L 366 -51.97 -32.26 -40.79
N MET L 367 -51.06 -31.31 -40.92
CA MET L 367 -49.67 -31.62 -41.27
C MET L 367 -48.66 -31.22 -40.20
N GLY L 368 -47.59 -31.99 -40.12
CA GLY L 368 -46.45 -31.72 -39.25
C GLY L 368 -46.79 -31.27 -37.84
N TYR L 369 -46.48 -30.01 -37.55
CA TYR L 369 -46.72 -29.43 -36.23
C TYR L 369 -48.20 -29.22 -35.93
N ASN L 370 -48.99 -29.00 -36.98
CA ASN L 370 -50.43 -28.82 -36.85
C ASN L 370 -51.23 -30.13 -36.88
N ALA L 371 -50.53 -31.26 -36.98
CA ALA L 371 -51.16 -32.56 -36.82
C ALA L 371 -51.33 -32.85 -35.32
N ARG L 372 -52.22 -32.10 -34.68
CA ARG L 372 -52.55 -32.27 -33.27
C ARG L 372 -54.05 -32.36 -33.13
N LYS L 373 -54.51 -32.84 -31.98
CA LYS L 373 -55.94 -32.95 -31.68
C LYS L 373 -56.65 -31.59 -31.67
N ASP L 374 -56.03 -30.60 -31.02
CA ASP L 374 -56.65 -29.29 -30.86
C ASP L 374 -56.79 -28.49 -32.15
N CYS L 375 -55.84 -28.68 -33.08
CA CYS L 375 -55.94 -28.10 -34.42
C CYS L 375 -57.16 -28.66 -35.16
N VAL L 376 -57.34 -29.98 -35.05
CA VAL L 376 -58.49 -30.67 -35.63
C VAL L 376 -59.79 -30.14 -35.02
N MET L 377 -59.85 -30.11 -33.69
CA MET L 377 -61.01 -29.60 -32.96
C MET L 377 -61.39 -28.17 -33.31
N THR L 378 -60.41 -27.26 -33.26
CA THR L 378 -60.64 -25.84 -33.58
C THR L 378 -61.08 -25.65 -35.03
N THR L 379 -60.61 -26.51 -35.94
CA THR L 379 -60.97 -26.43 -37.36
C THR L 379 -62.40 -26.92 -37.60
N LEU L 380 -62.75 -28.08 -37.03
CA LEU L 380 -64.07 -28.67 -37.17
C LEU L 380 -65.18 -27.77 -36.62
N SER L 381 -64.95 -27.19 -35.44
CA SER L 381 -65.94 -26.33 -34.78
C SER L 381 -66.16 -25.02 -35.53
N ALA L 382 -65.08 -24.42 -36.03
CA ALA L 382 -65.13 -23.16 -36.77
C ALA L 382 -65.82 -23.30 -38.12
N LEU L 383 -65.60 -24.45 -38.77
CA LEU L 383 -66.23 -24.76 -40.05
C LEU L 383 -67.73 -24.91 -39.87
N GLU L 384 -68.14 -25.69 -38.87
CA GLU L 384 -69.56 -25.86 -38.55
C GLU L 384 -70.19 -24.53 -38.13
N ALA L 385 -69.43 -23.71 -37.40
CA ALA L 385 -69.89 -22.36 -37.03
C ALA L 385 -70.23 -21.54 -38.28
N VAL L 386 -69.27 -21.44 -39.21
CA VAL L 386 -69.44 -20.70 -40.47
C VAL L 386 -70.57 -21.27 -41.34
N LEU L 387 -70.60 -22.59 -41.48
CA LEU L 387 -71.64 -23.26 -42.27
C LEU L 387 -73.06 -23.03 -41.73
N ASN L 388 -73.22 -23.15 -40.42
CA ASN L 388 -74.50 -22.86 -39.76
C ASN L 388 -74.88 -21.39 -39.87
N TYR L 389 -73.88 -20.52 -39.78
CA TYR L 389 -74.04 -19.08 -39.96
C TYR L 389 -74.51 -18.77 -41.37
N LEU L 390 -74.02 -19.55 -42.34
CA LEU L 390 -74.43 -19.43 -43.73
C LEU L 390 -75.67 -20.27 -44.05
N LYS L 391 -76.42 -20.62 -43.01
CA LYS L 391 -77.73 -21.27 -43.11
C LYS L 391 -77.71 -22.68 -43.70
N PHE L 392 -76.66 -23.43 -43.39
CA PHE L 392 -76.53 -24.84 -43.78
C PHE L 392 -76.75 -25.73 -42.56
N PRO L 393 -77.88 -26.48 -42.53
CA PRO L 393 -78.21 -27.34 -41.40
C PRO L 393 -77.21 -28.47 -41.14
N THR L 394 -76.92 -28.65 -39.85
CA THR L 394 -76.13 -29.77 -39.34
C THR L 394 -76.79 -30.23 -38.06
N THR L 395 -76.71 -31.52 -37.78
CA THR L 395 -77.18 -32.04 -36.50
C THR L 395 -76.26 -31.50 -35.40
N GLN L 396 -76.84 -30.69 -34.50
CA GLN L 396 -76.07 -30.04 -33.44
C GLN L 396 -75.26 -31.05 -32.62
N GLY L 397 -73.95 -30.86 -32.60
CA GLY L 397 -73.05 -31.69 -31.79
C GLY L 397 -72.50 -32.94 -32.45
N ALA L 398 -73.03 -33.29 -33.62
CA ALA L 398 -72.69 -34.56 -34.30
C ALA L 398 -71.24 -34.67 -34.78
N ALA L 399 -70.74 -33.61 -35.42
CA ALA L 399 -69.37 -33.58 -35.93
C ALA L 399 -68.33 -33.67 -34.81
N MET L 400 -68.60 -32.97 -33.70
CA MET L 400 -67.71 -32.98 -32.55
C MET L 400 -67.77 -34.31 -31.81
N GLN L 401 -68.98 -34.84 -31.65
CA GLN L 401 -69.20 -36.13 -31.01
C GLN L 401 -68.36 -37.20 -31.69
N ALA L 402 -68.48 -37.29 -33.03
CA ALA L 402 -67.74 -38.26 -33.82
C ALA L 402 -66.22 -38.04 -33.76
N ALA L 403 -65.80 -36.78 -33.71
CA ALA L 403 -64.40 -36.42 -33.52
C ALA L 403 -63.90 -36.87 -32.16
N TRP L 404 -64.66 -36.55 -31.11
CA TRP L 404 -64.38 -36.99 -29.74
C TRP L 404 -64.45 -38.52 -29.61
N ASP L 405 -65.44 -39.13 -30.25
CA ASP L 405 -65.65 -40.58 -30.20
C ASP L 405 -64.46 -41.35 -30.76
N HIS L 406 -63.87 -40.83 -31.83
CA HIS L 406 -62.67 -41.42 -32.41
C HIS L 406 -61.47 -41.32 -31.46
N TYR L 407 -61.31 -40.16 -30.82
CA TYR L 407 -60.20 -39.92 -29.91
C TYR L 407 -60.27 -40.73 -28.62
N ARG L 408 -61.49 -41.05 -28.17
CA ARG L 408 -61.69 -41.90 -27.00
C ARG L 408 -61.35 -43.35 -27.31
N SER L 409 -61.79 -43.84 -28.47
CA SER L 409 -61.56 -45.22 -28.89
C SER L 409 -60.10 -45.54 -29.15
N GLU L 410 -59.31 -44.51 -29.49
CA GLU L 410 -57.90 -44.67 -29.81
C GLU L 410 -56.99 -44.49 -28.58
N ARG L 411 -57.43 -43.69 -27.62
CA ARG L 411 -56.67 -43.43 -26.41
C ARG L 411 -56.77 -44.59 -25.42
N ASP M 2 2.43 -77.66 -40.73
CA ASP M 2 2.02 -76.42 -40.02
C ASP M 2 3.24 -75.69 -39.46
N ILE M 3 3.36 -74.40 -39.80
CA ILE M 3 4.49 -73.56 -39.39
C ILE M 3 4.55 -73.33 -37.87
N THR M 4 3.37 -73.30 -37.24
CA THR M 4 3.25 -73.04 -35.81
C THR M 4 3.93 -74.08 -34.92
N GLN M 5 4.11 -75.30 -35.44
CA GLN M 5 4.77 -76.38 -34.69
C GLN M 5 6.29 -76.42 -34.91
N PHE M 6 6.79 -75.50 -35.73
CA PHE M 6 8.22 -75.25 -35.82
C PHE M 6 8.55 -74.20 -34.78
N SER M 7 8.87 -74.65 -33.58
CA SER M 7 9.17 -73.76 -32.46
C SER M 7 10.60 -73.24 -32.54
N GLN M 8 10.96 -72.33 -31.65
CA GLN M 8 12.31 -71.76 -31.62
C GLN M 8 13.37 -72.82 -31.38
N LEU M 9 14.59 -72.53 -31.83
CA LEU M 9 15.72 -73.46 -31.73
C LEU M 9 15.98 -73.86 -30.28
N ASN M 10 16.13 -75.17 -30.05
CA ASN M 10 16.21 -75.72 -28.70
C ASN M 10 16.93 -77.07 -28.62
N PRO M 11 18.27 -77.05 -28.72
CA PRO M 11 19.01 -78.31 -28.60
C PRO M 11 19.17 -78.75 -27.14
N PRO M 12 19.16 -80.07 -26.88
CA PRO M 12 19.37 -80.54 -25.51
C PRO M 12 20.82 -80.32 -25.06
N SER M 13 21.01 -80.19 -23.75
CA SER M 13 22.36 -80.06 -23.19
C SER M 13 23.14 -81.34 -23.44
N ARG M 14 24.30 -81.18 -24.07
CA ARG M 14 25.15 -82.31 -24.43
C ARG M 14 26.59 -82.06 -24.05
N LEU M 15 27.22 -83.05 -23.40
CA LEU M 15 28.65 -83.05 -23.23
C LEU M 15 29.27 -83.87 -24.37
N LEU M 16 29.93 -83.17 -25.29
CA LEU M 16 30.46 -83.80 -26.50
C LEU M 16 31.88 -84.30 -26.31
N MET M 17 32.02 -85.62 -26.15
CA MET M 17 33.29 -86.26 -25.88
C MET M 17 33.59 -87.37 -26.89
N GLY M 18 33.20 -87.12 -28.14
CA GLY M 18 33.49 -88.04 -29.24
C GLY M 18 34.62 -87.51 -30.10
N PRO M 19 34.60 -87.82 -31.40
CA PRO M 19 35.65 -87.35 -32.31
C PRO M 19 35.42 -85.92 -32.81
N GLY M 20 34.16 -85.48 -32.84
CA GLY M 20 33.80 -84.18 -33.36
C GLY M 20 32.43 -84.18 -34.01
N PRO M 21 31.72 -83.03 -33.98
CA PRO M 21 32.11 -81.76 -33.38
C PRO M 21 32.07 -81.81 -31.86
N ILE M 22 32.68 -80.82 -31.21
CA ILE M 22 32.58 -80.75 -29.75
C ILE M 22 31.99 -79.41 -29.30
N ASN M 23 31.63 -79.32 -28.02
CA ASN M 23 31.05 -78.10 -27.44
C ASN M 23 31.90 -76.88 -27.69
N ALA M 24 31.28 -75.83 -28.23
CA ALA M 24 31.96 -74.58 -28.48
C ALA M 24 32.23 -73.86 -27.16
N ASP M 25 33.28 -73.05 -27.15
CA ASP M 25 33.52 -72.11 -26.07
C ASP M 25 32.37 -71.10 -26.09
N PRO M 26 31.72 -70.87 -24.94
CA PRO M 26 30.58 -69.95 -24.86
C PRO M 26 30.86 -68.53 -25.37
N ARG M 27 32.11 -68.04 -25.21
CA ARG M 27 32.50 -66.73 -25.75
C ARG M 27 32.55 -66.71 -27.27
N VAL M 28 32.82 -67.87 -27.88
CA VAL M 28 32.76 -68.02 -29.33
C VAL M 28 31.29 -67.92 -29.77
N LEU M 29 30.42 -68.64 -29.06
CA LEU M 29 28.98 -68.58 -29.31
C LEU M 29 28.44 -67.15 -29.18
N ARG M 30 28.83 -66.46 -28.11
CA ARG M 30 28.34 -65.10 -27.86
C ARG M 30 28.73 -64.12 -28.96
N ALA M 31 29.97 -64.21 -29.44
CA ALA M 31 30.47 -63.36 -30.52
C ALA M 31 29.72 -63.53 -31.85
N MET M 32 29.04 -64.66 -31.99
CA MET M 32 28.26 -64.97 -33.20
C MET M 32 26.88 -64.32 -33.23
N SER M 33 26.42 -63.85 -32.06
CA SER M 33 25.15 -63.15 -31.96
C SER M 33 25.29 -61.67 -32.34
N SER M 34 26.53 -61.23 -32.48
CA SER M 34 26.87 -59.84 -32.79
C SER M 34 26.38 -59.40 -34.18
N GLN M 35 25.92 -58.15 -34.26
CA GLN M 35 25.36 -57.58 -35.50
C GLN M 35 26.39 -57.50 -36.63
N LEU M 36 25.91 -57.46 -37.87
CA LEU M 36 26.76 -57.50 -39.04
C LEU M 36 27.21 -56.11 -39.50
N ILE M 37 28.30 -56.08 -40.27
CA ILE M 37 28.72 -54.88 -40.99
C ILE M 37 28.92 -55.21 -42.48
N GLY M 38 29.10 -54.16 -43.29
CA GLY M 38 29.26 -54.32 -44.73
C GLY M 38 30.53 -55.04 -45.13
N GLN M 39 30.52 -55.60 -46.34
CA GLN M 39 31.65 -56.35 -46.88
C GLN M 39 32.96 -55.56 -46.84
N TYR M 40 32.88 -54.29 -47.22
CA TYR M 40 34.07 -53.44 -47.26
C TYR M 40 34.06 -52.29 -46.25
N ASP M 41 33.37 -52.52 -45.13
CA ASP M 41 33.43 -51.61 -44.00
C ASP M 41 34.86 -51.65 -43.46
N PRO M 42 35.44 -50.48 -43.15
CA PRO M 42 36.80 -50.44 -42.58
C PRO M 42 36.95 -51.32 -41.34
N ALA M 43 35.84 -51.56 -40.63
CA ALA M 43 35.83 -52.46 -39.48
C ALA M 43 35.95 -53.92 -39.92
N MET M 44 35.31 -54.26 -41.03
CA MET M 44 35.36 -55.62 -41.58
C MET M 44 36.75 -55.96 -42.11
N THR M 45 37.33 -55.04 -42.89
CA THR M 45 38.68 -55.24 -43.44
C THR M 45 39.70 -55.34 -42.31
N HIS M 46 39.52 -54.52 -41.28
CA HIS M 46 40.38 -54.56 -40.10
C HIS M 46 40.26 -55.88 -39.35
N TYR M 47 39.04 -56.41 -39.25
CA TYR M 47 38.82 -57.70 -38.59
C TYR M 47 39.45 -58.86 -39.36
N MET M 48 39.39 -58.79 -40.68
CA MET M 48 40.06 -59.76 -41.55
C MET M 48 41.57 -59.71 -41.38
N ASN M 49 42.11 -58.49 -41.27
CA ASN M 49 43.54 -58.29 -40.99
C ASN M 49 43.97 -58.88 -39.66
N GLU M 50 43.12 -58.74 -38.65
CA GLU M 50 43.37 -59.32 -37.32
C GLU M 50 43.35 -60.84 -37.35
N VAL M 51 42.33 -61.40 -38.03
CA VAL M 51 42.21 -62.85 -38.21
C VAL M 51 43.50 -63.46 -38.76
N MET M 52 44.05 -62.82 -39.79
CA MET M 52 45.30 -63.24 -40.41
C MET M 52 46.42 -63.29 -39.37
N ALA M 53 46.64 -62.17 -38.69
CA ALA M 53 47.66 -62.05 -37.65
C ALA M 53 47.48 -63.07 -36.52
N LEU M 54 46.24 -63.23 -36.09
CA LEU M 54 45.92 -64.16 -35.00
C LEU M 54 46.22 -65.62 -35.38
N TYR M 55 45.84 -66.01 -36.58
CA TYR M 55 46.08 -67.38 -37.05
C TYR M 55 47.53 -67.67 -37.44
N ARG M 56 48.31 -66.61 -37.69
CA ARG M 56 49.76 -66.75 -37.84
C ARG M 56 50.37 -67.28 -36.55
N GLY M 57 49.92 -66.74 -35.42
CA GLY M 57 50.35 -67.21 -34.10
C GLY M 57 49.87 -68.62 -33.81
N VAL M 58 48.65 -68.94 -34.23
CA VAL M 58 48.06 -70.27 -33.99
C VAL M 58 48.80 -71.35 -34.78
N PHE M 59 49.12 -71.06 -36.03
CA PHE M 59 49.85 -72.00 -36.88
C PHE M 59 51.35 -72.02 -36.57
N ARG M 60 51.83 -71.03 -35.82
CA ARG M 60 53.26 -70.83 -35.56
C ARG M 60 54.04 -70.60 -36.86
N THR M 61 53.57 -69.60 -37.60
CA THR M 61 54.14 -69.25 -38.90
C THR M 61 54.23 -67.73 -39.07
N GLU M 62 55.11 -67.32 -39.98
CA GLU M 62 55.24 -65.91 -40.35
C GLU M 62 54.59 -65.65 -41.71
N ASN M 63 53.89 -66.66 -42.23
CA ASN M 63 53.27 -66.61 -43.55
C ASN M 63 52.30 -65.44 -43.73
N ARG M 64 52.59 -64.60 -44.72
CA ARG M 64 51.70 -63.51 -45.12
C ARG M 64 50.29 -64.03 -45.41
N TRP M 65 50.21 -65.13 -46.15
CA TRP M 65 48.93 -65.69 -46.56
C TRP M 65 48.39 -66.74 -45.60
N THR M 66 47.93 -66.24 -44.46
CA THR M 66 47.24 -67.04 -43.46
C THR M 66 45.81 -66.48 -43.39
N MET M 67 44.84 -67.30 -43.76
CA MET M 67 43.47 -66.84 -43.95
C MET M 67 42.42 -67.92 -43.70
N LEU M 68 41.17 -67.61 -44.03
CA LEU M 68 40.07 -68.55 -43.86
C LEU M 68 39.44 -68.95 -45.19
N VAL M 69 39.04 -70.21 -45.27
CA VAL M 69 38.19 -70.71 -46.35
C VAL M 69 36.78 -70.85 -45.77
N ASP M 70 35.81 -70.24 -46.45
CA ASP M 70 34.42 -70.27 -46.01
C ASP M 70 33.78 -71.60 -46.40
N GLY M 71 33.92 -72.57 -45.50
CA GLY M 71 33.43 -73.93 -45.68
C GLY M 71 34.02 -74.80 -44.59
N THR M 72 33.42 -75.97 -44.37
CA THR M 72 33.89 -76.89 -43.32
C THR M 72 35.30 -77.39 -43.62
N SER M 73 35.92 -78.06 -42.66
CA SER M 73 37.35 -78.41 -42.73
C SER M 73 37.83 -78.94 -44.09
N ARG M 74 37.08 -79.87 -44.67
CA ARG M 74 37.50 -80.52 -45.92
C ARG M 74 37.39 -79.63 -47.17
N ALA M 75 36.74 -78.47 -47.03
CA ALA M 75 36.69 -77.47 -48.10
C ALA M 75 38.03 -76.75 -48.22
N GLY M 76 38.68 -76.54 -47.07
CA GLY M 76 40.02 -75.98 -47.02
C GLY M 76 41.04 -76.94 -47.59
N ILE M 77 40.85 -78.23 -47.34
CA ILE M 77 41.70 -79.27 -47.91
C ILE M 77 41.56 -79.26 -49.43
N GLU M 78 40.32 -79.23 -49.92
CA GLU M 78 40.06 -79.20 -51.36
C GLU M 78 40.60 -77.92 -52.01
N ALA M 79 40.41 -76.78 -51.34
CA ALA M 79 40.89 -75.49 -51.83
C ALA M 79 42.39 -75.49 -52.10
N ILE M 80 43.16 -75.97 -51.13
CA ILE M 80 44.62 -76.07 -51.28
C ILE M 80 44.99 -77.10 -52.33
N LEU M 81 44.30 -78.24 -52.33
CA LEU M 81 44.58 -79.31 -53.28
C LEU M 81 44.28 -78.92 -54.74
N VAL M 82 43.07 -78.41 -55.00
CA VAL M 82 42.69 -77.98 -56.35
C VAL M 82 43.60 -76.86 -56.86
N SER M 83 44.04 -76.00 -55.96
CA SER M 83 44.93 -74.88 -56.31
C SER M 83 46.35 -75.33 -56.62
N ALA M 84 46.85 -76.29 -55.85
CA ALA M 84 48.22 -76.76 -55.97
C ALA M 84 48.40 -77.86 -57.03
N ILE M 85 47.33 -78.63 -57.26
CA ILE M 85 47.39 -79.78 -58.18
C ILE M 85 46.82 -79.44 -59.57
N ARG M 86 47.70 -79.43 -60.57
CA ARG M 86 47.26 -79.38 -61.96
C ARG M 86 46.94 -80.81 -62.40
N PRO M 87 46.10 -80.96 -63.44
CA PRO M 87 45.85 -82.27 -64.03
C PRO M 87 47.14 -82.95 -64.47
N GLY M 88 47.32 -84.20 -64.06
CA GLY M 88 48.51 -84.98 -64.42
C GLY M 88 49.57 -85.08 -63.35
N ASP M 89 49.61 -84.08 -62.46
CA ASP M 89 50.62 -84.01 -61.39
C ASP M 89 50.60 -85.20 -60.45
N LYS M 90 51.79 -85.57 -59.96
CA LYS M 90 51.93 -86.70 -59.04
C LYS M 90 51.77 -86.30 -57.59
N VAL M 91 51.17 -87.19 -56.81
CA VAL M 91 50.81 -86.94 -55.42
C VAL M 91 51.10 -88.18 -54.56
N LEU M 92 51.76 -87.98 -53.43
CA LEU M 92 52.04 -89.07 -52.50
C LEU M 92 51.29 -88.88 -51.19
N VAL M 93 50.44 -89.86 -50.87
CA VAL M 93 49.66 -89.85 -49.64
C VAL M 93 50.07 -91.02 -48.74
N PRO M 94 50.64 -90.72 -47.55
CA PRO M 94 50.83 -91.75 -46.54
C PRO M 94 49.54 -91.98 -45.76
N VAL M 95 48.86 -93.07 -46.06
CA VAL M 95 47.57 -93.40 -45.45
C VAL M 95 47.78 -94.20 -44.16
N PHE M 96 47.33 -93.65 -43.04
CA PHE M 96 47.36 -94.37 -41.76
C PHE M 96 46.01 -94.31 -41.03
N GLY M 97 44.96 -93.98 -41.78
CA GLY M 97 43.60 -93.93 -41.25
C GLY M 97 42.59 -93.46 -42.28
N ARG M 98 41.34 -93.30 -41.84
CA ARG M 98 40.22 -92.89 -42.70
C ARG M 98 40.47 -91.57 -43.45
N PHE M 99 41.12 -90.61 -42.77
CA PHE M 99 41.32 -89.28 -43.37
C PHE M 99 42.47 -89.22 -44.39
N GLY M 100 43.31 -90.24 -44.40
CA GLY M 100 44.28 -90.44 -45.49
C GLY M 100 43.57 -90.83 -46.78
N HIS M 101 42.51 -91.63 -46.64
CA HIS M 101 41.67 -92.03 -47.78
C HIS M 101 40.93 -90.83 -48.35
N LEU M 102 40.50 -89.91 -47.47
CA LEU M 102 39.85 -88.67 -47.88
C LEU M 102 40.79 -87.84 -48.76
N LEU M 103 42.04 -87.72 -48.33
CA LEU M 103 43.07 -87.03 -49.10
C LEU M 103 43.22 -87.63 -50.50
N CYS M 104 43.18 -88.96 -50.59
CA CYS M 104 43.26 -89.66 -51.87
C CYS M 104 42.13 -89.28 -52.82
N GLU M 105 40.90 -89.24 -52.31
CA GLU M 105 39.73 -88.90 -53.12
C GLU M 105 39.76 -87.47 -53.63
N ILE M 106 40.03 -86.52 -52.74
CA ILE M 106 40.12 -85.11 -53.13
C ILE M 106 41.21 -84.94 -54.20
N ALA M 107 42.34 -85.60 -54.01
CA ALA M 107 43.42 -85.63 -55.01
C ALA M 107 42.95 -86.21 -56.34
N ARG M 108 42.13 -87.25 -56.28
CA ARG M 108 41.60 -87.90 -57.49
C ARG M 108 40.65 -86.98 -58.27
N ARG M 109 39.77 -86.28 -57.56
CA ARG M 109 38.86 -85.31 -58.15
C ARG M 109 39.63 -84.13 -58.76
N CYS M 110 40.79 -83.82 -58.17
CA CYS M 110 41.72 -82.81 -58.70
C CYS M 110 42.45 -83.29 -59.94
N ARG M 111 42.20 -84.54 -60.33
CA ARG M 111 42.76 -85.16 -61.54
C ARG M 111 44.25 -85.49 -61.42
N ALA M 112 44.69 -85.75 -60.18
CA ALA M 112 46.09 -86.11 -59.92
C ALA M 112 46.36 -87.58 -60.22
N GLU M 113 47.64 -87.90 -60.40
CA GLU M 113 48.11 -89.28 -60.39
C GLU M 113 48.45 -89.60 -58.94
N VAL M 114 47.64 -90.44 -58.31
CA VAL M 114 47.71 -90.65 -56.86
C VAL M 114 48.50 -91.89 -56.46
N HIS M 115 49.60 -91.67 -55.75
CA HIS M 115 50.42 -92.74 -55.18
C HIS M 115 50.21 -92.80 -53.68
N THR M 116 50.08 -94.02 -53.15
CA THR M 116 49.83 -94.22 -51.72
C THR M 116 50.83 -95.16 -51.08
N ILE M 117 51.09 -94.94 -49.80
CA ILE M 117 51.79 -95.90 -48.96
C ILE M 117 51.01 -96.10 -47.66
N GLU M 118 50.99 -97.32 -47.15
CA GLU M 118 50.16 -97.66 -46.00
C GLU M 118 50.92 -98.31 -44.86
N VAL M 119 50.54 -97.92 -43.64
CA VAL M 119 50.82 -98.68 -42.44
C VAL M 119 49.44 -99.09 -41.88
N PRO M 120 49.39 -100.15 -41.05
CA PRO M 120 48.07 -100.54 -40.55
C PRO M 120 47.51 -99.58 -39.50
N TRP M 121 46.19 -99.57 -39.36
CA TRP M 121 45.54 -98.90 -38.24
C TRP M 121 45.86 -99.73 -36.99
N GLY M 122 46.43 -99.12 -35.95
CA GLY M 122 46.80 -97.71 -35.95
C GLY M 122 48.28 -97.55 -35.63
N GLU M 123 49.07 -97.49 -36.70
CA GLU M 123 50.51 -97.26 -36.60
C GLU M 123 50.87 -95.91 -37.20
N VAL M 124 52.13 -95.51 -37.05
CA VAL M 124 52.61 -94.24 -37.56
C VAL M 124 53.78 -94.46 -38.52
N PHE M 125 53.99 -93.52 -39.44
CA PHE M 125 55.06 -93.66 -40.43
C PHE M 125 56.44 -93.28 -39.89
N THR M 126 57.44 -94.07 -40.30
CA THR M 126 58.85 -93.77 -40.07
C THR M 126 59.30 -92.78 -41.15
N PRO M 127 60.21 -91.84 -40.81
CA PRO M 127 60.80 -90.92 -41.79
C PRO M 127 61.39 -91.64 -43.01
N ASP M 128 62.08 -92.75 -42.78
CA ASP M 128 62.69 -93.53 -43.87
C ASP M 128 61.66 -94.09 -44.84
N GLN M 129 60.53 -94.55 -44.30
CA GLN M 129 59.42 -95.09 -45.10
C GLN M 129 58.93 -94.08 -46.13
N VAL M 130 58.79 -92.82 -45.72
CA VAL M 130 58.30 -91.78 -46.63
C VAL M 130 59.36 -91.31 -47.62
N GLU M 131 60.61 -91.18 -47.15
CA GLU M 131 61.73 -90.77 -48.02
C GLU M 131 61.96 -91.78 -49.13
N ASP M 132 61.89 -93.07 -48.79
CA ASP M 132 61.95 -94.16 -49.77
C ASP M 132 60.83 -94.03 -50.80
N ALA M 133 59.62 -93.73 -50.32
CA ALA M 133 58.47 -93.54 -51.20
C ALA M 133 58.63 -92.30 -52.08
N VAL M 134 59.14 -91.22 -51.48
CA VAL M 134 59.40 -89.97 -52.21
C VAL M 134 60.38 -90.18 -53.38
N LYS M 135 61.41 -90.98 -53.13
CA LYS M 135 62.43 -91.27 -54.14
C LYS M 135 61.88 -92.10 -55.30
N ARG M 136 61.02 -93.06 -55.00
CA ARG M 136 60.54 -94.03 -55.98
C ARG M 136 59.57 -93.46 -57.01
N ILE M 137 58.67 -92.56 -56.59
CA ILE M 137 57.65 -92.05 -57.52
C ILE M 137 57.84 -90.58 -57.94
N ARG M 138 58.60 -89.82 -57.17
CA ARG M 138 58.87 -88.40 -57.47
C ARG M 138 57.62 -87.52 -57.65
N PRO M 139 56.92 -87.22 -56.54
CA PRO M 139 55.68 -86.45 -56.62
C PRO M 139 55.87 -84.94 -56.47
N ARG M 140 54.86 -84.18 -56.86
CA ARG M 140 54.85 -82.73 -56.67
C ARG M 140 54.46 -82.39 -55.22
N LEU M 141 53.59 -83.21 -54.64
CA LEU M 141 53.02 -82.96 -53.32
C LEU M 141 53.12 -84.18 -52.40
N LEU M 142 53.48 -83.95 -51.14
CA LEU M 142 53.32 -84.96 -50.10
C LEU M 142 52.13 -84.57 -49.24
N LEU M 143 51.04 -85.34 -49.35
CA LEU M 143 49.79 -85.02 -48.67
C LEU M 143 49.57 -85.90 -47.44
N THR M 144 49.72 -85.28 -46.27
CA THR M 144 49.65 -86.00 -45.00
C THR M 144 48.50 -85.49 -44.14
N VAL M 145 48.02 -86.37 -43.25
CA VAL M 145 47.18 -85.97 -42.14
C VAL M 145 48.11 -85.97 -40.92
N GLN M 146 48.00 -84.96 -40.06
CA GLN M 146 48.76 -84.97 -38.82
C GLN M 146 48.08 -85.89 -37.81
N GLY M 147 46.94 -85.43 -37.28
CA GLY M 147 46.15 -86.23 -36.34
C GLY M 147 44.92 -86.81 -37.01
N ASP M 148 44.90 -88.13 -37.17
CA ASP M 148 43.74 -88.82 -37.73
C ASP M 148 42.89 -89.39 -36.59
N THR M 149 41.74 -88.78 -36.38
CA THR M 149 40.82 -89.16 -35.29
C THR M 149 40.30 -90.59 -35.39
N SER M 150 40.22 -91.13 -36.62
CA SER M 150 39.72 -92.47 -36.84
C SER M 150 40.60 -93.56 -36.22
N THR M 151 41.87 -93.23 -35.98
CA THR M 151 42.82 -94.16 -35.33
C THR M 151 43.42 -93.56 -34.06
N THR M 152 43.19 -92.26 -33.85
CA THR M 152 43.74 -91.48 -32.73
C THR M 152 45.27 -91.33 -32.77
N MET M 153 45.85 -91.50 -33.96
CA MET M 153 47.30 -91.44 -34.13
C MET M 153 47.78 -90.08 -34.66
N LEU M 154 48.94 -89.66 -34.16
CA LEU M 154 49.54 -88.38 -34.51
C LEU M 154 50.84 -88.64 -35.26
N GLN M 155 50.87 -88.26 -36.53
CA GLN M 155 52.05 -88.42 -37.36
C GLN M 155 53.08 -87.34 -37.04
N PRO M 156 54.32 -87.74 -36.67
CA PRO M 156 55.40 -86.77 -36.48
C PRO M 156 55.81 -86.18 -37.83
N LEU M 157 55.76 -84.86 -37.92
CA LEU M 157 55.93 -84.14 -39.19
C LEU M 157 57.33 -83.55 -39.38
N ALA M 158 58.02 -83.24 -38.28
CA ALA M 158 59.31 -82.56 -38.30
C ALA M 158 60.30 -83.14 -39.31
N GLU M 159 60.58 -84.44 -39.18
CA GLU M 159 61.57 -85.13 -40.03
C GLU M 159 61.12 -85.26 -41.48
N LEU M 160 59.81 -85.27 -41.69
CA LEU M 160 59.24 -85.29 -43.04
C LEU M 160 59.47 -83.97 -43.78
N GLY M 161 59.51 -82.88 -43.02
CA GLY M 161 59.82 -81.55 -43.56
C GLY M 161 61.23 -81.47 -44.10
N GLU M 162 62.18 -81.98 -43.32
CA GLU M 162 63.58 -82.10 -43.76
C GLU M 162 63.68 -82.91 -45.05
N ILE M 163 62.91 -84.00 -45.14
CA ILE M 163 62.86 -84.84 -46.33
C ILE M 163 62.26 -84.08 -47.52
N CYS M 164 61.17 -83.36 -47.29
CA CYS M 164 60.48 -82.61 -48.35
C CYS M 164 61.34 -81.53 -49.00
N ARG M 165 62.06 -80.76 -48.18
CA ARG M 165 62.92 -79.69 -48.67
C ARG M 165 64.19 -80.23 -49.35
N ARG M 166 64.46 -81.53 -49.16
CA ARG M 166 65.63 -82.17 -49.74
C ARG M 166 65.37 -82.67 -51.16
N TYR M 167 64.13 -83.04 -51.43
CA TYR M 167 63.75 -83.54 -52.76
C TYR M 167 62.85 -82.54 -53.48
N ASP M 168 62.63 -81.39 -52.84
CA ASP M 168 61.87 -80.28 -53.41
C ASP M 168 60.40 -80.66 -53.67
N ALA M 169 59.81 -81.38 -52.72
CA ALA M 169 58.39 -81.72 -52.77
C ALA M 169 57.59 -80.76 -51.90
N LEU M 170 56.37 -80.44 -52.32
CA LEU M 170 55.50 -79.56 -51.53
C LEU M 170 54.88 -80.32 -50.36
N PHE M 171 54.99 -79.73 -49.17
CA PHE M 171 54.61 -80.38 -47.92
C PHE M 171 53.29 -79.84 -47.37
N TYR M 172 52.26 -80.67 -47.42
CA TYR M 172 50.93 -80.32 -46.89
C TYR M 172 50.57 -81.18 -45.69
N THR M 173 49.77 -80.62 -44.78
CA THR M 173 49.20 -81.40 -43.68
C THR M 173 47.80 -80.93 -43.26
N ASP M 174 46.92 -81.90 -43.03
CA ASP M 174 45.58 -81.66 -42.52
C ASP M 174 45.65 -81.70 -41.01
N ALA M 175 45.55 -80.53 -40.38
CA ALA M 175 45.71 -80.44 -38.93
C ALA M 175 44.43 -80.03 -38.21
N THR M 176 43.27 -80.40 -38.77
CA THR M 176 41.98 -80.01 -38.17
C THR M 176 41.77 -80.62 -36.78
N ALA M 177 42.21 -81.86 -36.61
CA ALA M 177 42.03 -82.59 -35.35
C ALA M 177 43.12 -82.29 -34.34
N SER M 178 44.28 -81.84 -34.82
CA SER M 178 45.47 -81.68 -33.99
C SER M 178 45.79 -80.25 -33.55
N LEU M 179 45.46 -79.28 -34.40
CA LEU M 179 45.81 -77.87 -34.15
C LEU M 179 45.21 -77.34 -32.83
N GLY M 180 46.08 -76.75 -32.02
CA GLY M 180 45.68 -76.16 -30.74
C GLY M 180 45.69 -77.14 -29.57
N GLY M 181 45.75 -78.43 -29.89
CA GLY M 181 45.80 -79.48 -28.88
C GLY M 181 47.12 -80.21 -28.90
N ASN M 182 47.80 -80.14 -30.04
CA ASN M 182 49.08 -80.82 -30.27
C ASN M 182 50.09 -79.86 -30.91
N PRO M 183 51.39 -80.12 -30.73
CA PRO M 183 52.41 -79.27 -31.35
C PRO M 183 52.32 -79.22 -32.87
N LEU M 184 52.49 -78.04 -33.43
CA LEU M 184 52.57 -77.83 -34.88
C LEU M 184 53.41 -76.59 -35.19
N GLU M 185 54.68 -76.81 -35.53
CA GLU M 185 55.59 -75.73 -35.89
C GLU M 185 55.62 -75.60 -37.41
N THR M 186 54.69 -74.83 -37.96
CA THR M 186 54.51 -74.70 -39.42
C THR M 186 55.80 -74.36 -40.14
N ASP M 187 56.42 -73.24 -39.76
CA ASP M 187 57.65 -72.77 -40.41
C ASP M 187 58.86 -73.64 -40.10
N VAL M 188 59.00 -74.02 -38.83
CA VAL M 188 60.14 -74.81 -38.37
C VAL M 188 60.18 -76.22 -38.97
N TRP M 189 59.01 -76.76 -39.31
CA TRP M 189 58.91 -78.08 -39.93
C TRP M 189 58.79 -77.99 -41.46
N GLY M 190 59.18 -76.85 -42.02
CA GLY M 190 59.17 -76.64 -43.47
C GLY M 190 57.88 -77.01 -44.17
N LEU M 191 56.74 -76.68 -43.55
CA LEU M 191 55.43 -76.93 -44.16
C LEU M 191 55.09 -75.88 -45.21
N ASP M 192 54.53 -76.34 -46.31
CA ASP M 192 54.19 -75.44 -47.42
C ASP M 192 52.74 -74.98 -47.37
N ALA M 193 51.88 -75.83 -46.81
CA ALA M 193 50.46 -75.53 -46.66
C ALA M 193 49.84 -76.35 -45.54
N VAL M 194 49.02 -75.70 -44.71
CA VAL M 194 48.28 -76.36 -43.64
C VAL M 194 46.83 -75.88 -43.66
N SER M 195 45.91 -76.82 -43.48
CA SER M 195 44.49 -76.49 -43.32
C SER M 195 43.94 -77.08 -42.02
N ALA M 196 42.99 -76.37 -41.42
CA ALA M 196 42.41 -76.80 -40.15
C ALA M 196 40.88 -76.65 -40.12
N GLY M 197 40.29 -77.01 -38.99
CA GLY M 197 38.86 -76.85 -38.77
C GLY M 197 38.60 -76.28 -37.39
N MET M 198 37.33 -75.98 -37.09
CA MET M 198 36.97 -75.27 -35.86
C MET M 198 36.48 -76.17 -34.73
N GLN M 199 35.86 -77.29 -35.09
CA GLN M 199 35.03 -78.06 -34.16
C GLN M 199 35.76 -79.13 -33.33
N1 LLP M 200 40.07 -83.93 -41.02
C2 LLP M 200 40.39 -84.60 -39.89
C2' LLP M 200 41.75 -85.17 -39.77
C3 LLP M 200 39.47 -84.73 -38.84
O3 LLP M 200 39.79 -85.40 -37.73
C4 LLP M 200 38.19 -84.17 -39.00
C4' LLP M 200 37.17 -84.29 -37.91
C5 LLP M 200 37.91 -83.49 -40.20
C6 LLP M 200 38.87 -83.38 -41.20
C5' LLP M 200 36.55 -82.85 -40.41
OP4 LLP M 200 36.27 -82.29 -41.65
P LLP M 200 34.90 -81.54 -41.88
OP1 LLP M 200 33.74 -82.46 -41.51
OP2 LLP M 200 34.80 -81.17 -43.34
OP3 LLP M 200 34.83 -80.30 -41.04
N LLP M 200 37.09 -79.01 -33.25
CA LLP M 200 37.87 -79.96 -32.49
CB LLP M 200 38.93 -80.71 -33.34
CG LLP M 200 38.46 -81.36 -34.63
CD LLP M 200 37.63 -82.63 -34.53
CE LLP M 200 37.69 -83.59 -35.67
NZ LLP M 200 37.08 -83.17 -36.95
C LLP M 200 38.47 -79.23 -31.30
O LLP M 200 37.80 -79.09 -30.26
N CYS M 201 39.72 -78.76 -31.44
CA CYS M 201 40.41 -78.09 -30.34
C CYS M 201 40.23 -76.56 -30.34
N LEU M 202 39.77 -76.01 -31.46
CA LEU M 202 39.59 -74.56 -31.60
C LEU M 202 38.35 -74.04 -30.85
N GLY M 203 37.19 -74.61 -31.16
CA GLY M 203 35.98 -74.50 -30.33
C GLY M 203 35.07 -73.28 -30.38
N GLY M 204 34.43 -72.99 -31.51
CA GLY M 204 34.61 -73.72 -32.76
C GLY M 204 33.44 -74.54 -33.27
N PRO M 205 32.46 -73.90 -33.94
CA PRO M 205 31.52 -74.67 -34.74
C PRO M 205 32.08 -74.92 -36.13
N SER M 206 31.70 -76.03 -36.76
CA SER M 206 32.15 -76.31 -38.12
C SER M 206 31.56 -75.30 -39.10
N GLY M 207 32.22 -75.12 -40.23
CA GLY M 207 31.79 -74.16 -41.25
C GLY M 207 32.85 -73.14 -41.59
N THR M 208 34.08 -73.39 -41.13
CA THR M 208 35.23 -72.54 -41.40
C THR M 208 36.48 -73.40 -41.39
N SER M 209 37.39 -73.11 -42.31
CA SER M 209 38.65 -73.83 -42.39
C SER M 209 39.82 -72.85 -42.48
N PRO M 210 40.54 -72.64 -41.36
CA PRO M 210 41.74 -71.81 -41.37
C PRO M 210 42.87 -72.46 -42.16
N ILE M 211 43.54 -71.67 -42.99
CA ILE M 211 44.63 -72.18 -43.82
C ILE M 211 45.88 -71.29 -43.76
N THR M 212 47.04 -71.90 -43.95
CA THR M 212 48.29 -71.14 -44.10
C THR M 212 49.09 -71.66 -45.29
N LEU M 213 49.55 -70.75 -46.13
CA LEU M 213 50.32 -71.08 -47.32
C LEU M 213 51.69 -70.43 -47.22
N SER M 214 52.75 -71.22 -47.44
CA SER M 214 54.12 -70.71 -47.33
C SER M 214 54.49 -69.85 -48.54
N ALA M 215 55.64 -69.20 -48.46
CA ALA M 215 56.18 -68.43 -49.57
C ALA M 215 56.25 -69.25 -50.86
N ARG M 216 56.57 -70.54 -50.74
CA ARG M 216 56.69 -71.44 -51.89
C ARG M 216 55.35 -71.82 -52.51
N MET M 217 54.31 -71.93 -51.67
CA MET M 217 52.97 -72.23 -52.14
C MET M 217 52.34 -71.09 -52.93
N GLU M 218 52.53 -69.86 -52.45
CA GLU M 218 51.90 -68.70 -53.08
C GLU M 218 52.40 -68.46 -54.51
N GLU M 219 53.65 -68.81 -54.80
CA GLU M 219 54.17 -68.70 -56.16
C GLU M 219 53.48 -69.70 -57.08
N ALA M 220 53.38 -70.96 -56.61
CA ALA M 220 52.71 -72.02 -57.36
C ALA M 220 51.28 -71.66 -57.72
N ILE M 221 50.58 -71.02 -56.80
CA ILE M 221 49.19 -70.58 -57.02
C ILE M 221 49.13 -69.31 -57.88
N ARG M 222 50.12 -68.41 -57.71
CA ARG M 222 50.22 -67.21 -58.55
C ARG M 222 50.56 -67.52 -60.00
N ARG M 223 51.24 -68.64 -60.24
CA ARG M 223 51.50 -69.12 -61.60
C ARG M 223 50.19 -69.51 -62.28
N ARG M 224 49.22 -69.94 -61.48
CA ARG M 224 47.92 -70.39 -61.95
C ARG M 224 46.94 -69.24 -62.25
N LYS M 225 47.31 -68.02 -61.86
CA LYS M 225 46.43 -66.85 -61.89
C LYS M 225 45.44 -66.79 -63.07
N CYS M 226 44.16 -66.78 -62.71
CA CYS M 226 43.07 -66.53 -63.67
C CYS M 226 41.95 -65.84 -62.92
N VAL M 227 41.64 -64.61 -63.32
CA VAL M 227 40.66 -63.79 -62.62
C VAL M 227 39.27 -63.91 -63.25
N GLU M 228 38.29 -64.18 -62.40
CA GLU M 228 36.89 -64.33 -62.77
C GLU M 228 36.38 -63.15 -63.62
N GLU M 229 35.67 -63.49 -64.70
CA GLU M 229 35.25 -62.57 -65.77
C GLU M 229 34.52 -61.31 -65.30
N GLY M 230 33.60 -61.48 -64.33
CA GLY M 230 32.76 -60.38 -63.87
C GLY M 230 33.44 -59.32 -63.02
N ILE M 231 34.65 -59.61 -62.57
CA ILE M 231 35.44 -58.69 -61.72
C ILE M 231 36.83 -58.48 -62.30
N ARG M 232 37.00 -58.87 -63.56
CA ARG M 232 38.25 -58.76 -64.29
C ARG M 232 38.34 -57.41 -65.00
N THR M 233 39.41 -56.66 -64.72
CA THR M 233 39.66 -55.39 -65.41
C THR M 233 40.74 -55.57 -66.48
N ASP M 234 41.09 -54.48 -67.17
CA ASP M 234 42.13 -54.51 -68.20
C ASP M 234 43.52 -54.77 -67.62
N ALA M 235 43.73 -54.34 -66.38
CA ALA M 235 44.99 -54.53 -65.68
C ALA M 235 45.27 -55.98 -65.29
N HIS M 236 44.24 -56.83 -65.37
CA HIS M 236 44.38 -58.25 -65.04
C HIS M 236 44.97 -59.06 -66.18
N ARG M 237 45.80 -60.03 -65.82
CA ARG M 237 46.42 -60.94 -66.78
C ARG M 237 46.69 -62.30 -66.16
N ASP M 238 46.44 -63.35 -66.92
CA ASP M 238 46.61 -64.73 -66.45
C ASP M 238 48.06 -65.05 -66.10
N GLY M 239 48.25 -66.12 -65.33
CA GLY M 239 49.57 -66.67 -65.08
C GLY M 239 50.01 -67.55 -66.23
N ASP M 240 51.17 -68.19 -66.07
CA ASP M 240 51.75 -68.99 -67.15
C ASP M 240 51.34 -70.48 -67.14
N GLU M 241 50.60 -70.88 -66.10
CA GLU M 241 50.06 -72.23 -66.02
C GLU M 241 48.52 -72.22 -66.08
N GLU M 242 47.94 -73.37 -66.37
CA GLU M 242 46.48 -73.49 -66.52
C GLU M 242 45.73 -73.02 -65.28
N MET M 243 44.51 -72.53 -65.48
CA MET M 243 43.67 -72.02 -64.40
C MET M 243 43.34 -73.10 -63.36
N ILE M 244 43.02 -72.67 -62.15
CA ILE M 244 42.51 -73.57 -61.11
C ILE M 244 41.08 -73.97 -61.49
N TYR M 245 40.82 -75.28 -61.47
CA TYR M 245 39.55 -75.82 -61.97
C TYR M 245 38.41 -75.75 -60.96
N SER M 246 38.23 -74.55 -60.42
CA SER M 246 37.17 -74.20 -59.47
C SER M 246 37.19 -72.69 -59.30
N ASN M 247 36.01 -72.09 -59.18
CA ASN M 247 35.88 -70.65 -58.93
C ASN M 247 36.00 -70.35 -57.45
N TYR M 248 35.18 -71.04 -56.66
CA TYR M 248 35.09 -70.83 -55.22
C TYR M 248 36.38 -71.18 -54.47
N PHE M 249 37.12 -72.16 -55.01
CA PHE M 249 38.33 -72.66 -54.36
C PHE M 249 39.64 -72.15 -54.99
N ASP M 250 39.53 -71.14 -55.86
CA ASP M 250 40.72 -70.52 -56.45
C ASP M 250 41.38 -69.62 -55.41
N LEU M 251 42.38 -70.17 -54.72
CA LEU M 251 43.04 -69.48 -53.61
C LEU M 251 43.85 -68.27 -54.05
N GLY M 252 44.09 -68.15 -55.35
CA GLY M 252 44.72 -66.94 -55.90
C GLY M 252 43.80 -65.75 -55.76
N MET M 253 42.52 -65.95 -56.07
CA MET M 253 41.50 -64.92 -55.96
C MET M 253 41.16 -64.62 -54.50
N VAL M 254 41.20 -65.66 -53.67
CA VAL M 254 40.96 -65.52 -52.23
C VAL M 254 42.04 -64.66 -51.60
N MET M 255 43.30 -64.91 -51.96
CA MET M 255 44.42 -64.08 -51.53
C MET M 255 44.23 -62.62 -51.93
N ASP M 256 43.81 -62.40 -53.18
CA ASP M 256 43.56 -61.05 -53.69
C ASP M 256 42.43 -60.35 -52.94
N TYR M 257 41.54 -61.14 -52.35
CA TYR M 257 40.42 -60.63 -51.55
C TYR M 257 40.87 -60.28 -50.13
N TRP M 258 41.68 -61.14 -49.53
CA TRP M 258 42.25 -60.89 -48.20
C TRP M 258 43.43 -59.92 -48.24
N GLY M 259 43.96 -59.67 -49.44
CA GLY M 259 45.10 -58.78 -49.62
C GLY M 259 44.72 -57.36 -50.00
N PRO M 260 45.73 -56.51 -50.28
CA PRO M 260 45.56 -55.07 -50.54
C PRO M 260 44.58 -54.71 -51.65
N GLU M 261 44.49 -55.57 -52.67
CA GLU M 261 43.59 -55.33 -53.80
C GLU M 261 42.12 -55.33 -53.40
N ARG M 262 41.79 -56.13 -52.38
CA ARG M 262 40.41 -56.32 -51.90
C ARG M 262 39.49 -56.78 -53.03
N LEU M 263 40.00 -57.72 -53.82
CA LEU M 263 39.30 -58.28 -54.98
C LEU M 263 38.00 -58.96 -54.55
N ASN M 264 36.89 -58.57 -55.18
CA ASN M 264 35.57 -59.04 -54.75
C ASN M 264 35.24 -60.45 -55.23
N HIS M 265 35.84 -61.45 -54.57
CA HIS M 265 35.67 -62.85 -54.95
C HIS M 265 34.38 -63.47 -54.37
N HIS M 266 34.14 -63.23 -53.08
CA HIS M 266 32.93 -63.68 -52.41
C HIS M 266 32.64 -62.76 -51.22
N THR M 267 31.41 -62.83 -50.71
CA THR M 267 31.05 -62.11 -49.50
C THR M 267 31.51 -62.95 -48.31
N GLU M 268 32.50 -62.46 -47.59
CA GLU M 268 33.05 -63.19 -46.44
C GLU M 268 31.98 -63.43 -45.39
N ALA M 269 31.98 -64.64 -44.82
CA ALA M 269 30.99 -65.04 -43.82
C ALA M 269 31.19 -64.28 -42.51
N THR M 270 30.49 -63.15 -42.38
CA THR M 270 30.66 -62.20 -41.29
C THR M 270 30.61 -62.84 -39.89
N THR M 271 29.58 -63.66 -39.66
CA THR M 271 29.36 -64.31 -38.37
C THR M 271 30.43 -65.37 -38.10
N ALA M 272 30.72 -66.20 -39.10
CA ALA M 272 31.79 -67.20 -39.00
C ALA M 272 33.17 -66.56 -38.77
N LEU M 273 33.39 -65.39 -39.35
CA LEU M 273 34.62 -64.64 -39.13
C LEU M 273 34.74 -64.16 -37.67
N PHE M 274 33.62 -63.75 -37.08
CA PHE M 274 33.60 -63.41 -35.65
C PHE M 274 33.91 -64.64 -34.82
N GLY M 275 33.32 -65.78 -35.21
CA GLY M 275 33.60 -67.06 -34.58
C GLY M 275 35.08 -67.39 -34.60
N ALA M 276 35.66 -67.39 -35.80
CA ALA M 276 37.07 -67.73 -36.01
C ALA M 276 38.04 -66.76 -35.34
N ARG M 277 37.72 -65.46 -35.39
CA ARG M 277 38.54 -64.45 -34.73
C ARG M 277 38.68 -64.73 -33.23
N GLU M 278 37.57 -65.12 -32.60
CA GLU M 278 37.55 -65.39 -31.16
C GLU M 278 38.33 -66.64 -30.78
N CYS M 279 38.08 -67.75 -31.46
CA CYS M 279 38.78 -69.01 -31.19
C CYS M 279 40.28 -68.79 -31.04
N ALA M 280 40.89 -68.19 -32.07
CA ALA M 280 42.31 -67.88 -32.09
C ALA M 280 42.72 -66.97 -30.94
N ARG M 281 41.93 -65.91 -30.74
CA ARG M 281 42.18 -64.94 -29.67
C ARG M 281 42.23 -65.62 -28.30
N LEU M 282 41.22 -66.46 -28.01
CA LEU M 282 41.15 -67.19 -26.75
C LEU M 282 42.28 -68.21 -26.59
N ILE M 283 42.70 -68.81 -27.70
CA ILE M 283 43.84 -69.73 -27.71
C ILE M 283 45.13 -68.99 -27.40
N LEU M 284 45.30 -67.82 -28.02
CA LEU M 284 46.52 -67.02 -27.86
C LEU M 284 46.55 -66.25 -26.54
N GLN M 285 45.37 -65.98 -25.99
CA GLN M 285 45.25 -65.39 -24.64
C GLN M 285 45.73 -66.37 -23.59
N GLU M 286 45.34 -67.63 -23.73
CA GLU M 286 45.80 -68.70 -22.85
C GLU M 286 47.29 -68.94 -23.09
N GLY M 287 47.72 -68.80 -24.34
CA GLY M 287 49.08 -69.13 -24.75
C GLY M 287 49.08 -70.53 -25.32
N LEU M 288 49.51 -70.66 -26.57
CA LEU M 288 49.44 -71.92 -27.31
C LEU M 288 50.11 -73.10 -26.60
N ASP M 289 51.25 -72.86 -25.97
CA ASP M 289 51.98 -73.90 -25.24
C ASP M 289 51.19 -74.44 -24.04
N TYR M 290 50.53 -73.54 -23.30
CA TYR M 290 49.68 -73.92 -22.18
C TYR M 290 48.44 -74.67 -22.66
N GLY M 291 47.95 -74.29 -23.84
CA GLY M 291 46.82 -74.96 -24.47
C GLY M 291 47.14 -76.42 -24.75
N ILE M 292 48.27 -76.65 -25.42
CA ILE M 292 48.75 -77.99 -25.73
C ILE M 292 48.99 -78.80 -24.46
N ALA M 293 49.60 -78.17 -23.46
CA ALA M 293 49.88 -78.80 -22.17
C ALA M 293 48.60 -79.24 -21.46
N ARG M 294 47.58 -78.39 -21.51
CA ARG M 294 46.26 -78.70 -20.96
C ARG M 294 45.64 -79.92 -21.63
N HIS M 295 45.76 -80.00 -22.96
CA HIS M 295 45.24 -81.12 -23.73
C HIS M 295 45.94 -82.45 -23.41
N LYS M 296 47.23 -82.39 -23.10
CA LYS M 296 47.99 -83.58 -22.72
C LYS M 296 47.61 -84.03 -21.30
N LEU M 297 47.51 -83.07 -20.39
CA LEU M 297 47.15 -83.35 -19.00
C LEU M 297 45.84 -84.13 -18.89
N HIS M 298 44.79 -83.60 -19.51
CA HIS M 298 43.46 -84.21 -19.43
C HIS M 298 43.33 -85.47 -20.30
N GLY M 299 44.15 -85.55 -21.34
CA GLY M 299 44.25 -86.75 -22.17
C GLY M 299 44.87 -87.92 -21.43
N ASP M 300 45.91 -87.63 -20.65
CA ASP M 300 46.62 -88.64 -19.86
C ASP M 300 45.82 -89.10 -18.64
N ALA M 301 45.12 -88.17 -18.01
CA ALA M 301 44.24 -88.50 -16.89
C ALA M 301 43.12 -89.43 -17.36
N LEU M 302 42.66 -89.19 -18.59
CA LEU M 302 41.66 -90.06 -19.22
C LEU M 302 42.21 -91.47 -19.45
N VAL M 303 43.42 -91.57 -20.01
CA VAL M 303 44.02 -92.88 -20.31
C VAL M 303 44.31 -93.69 -19.05
N LYS M 304 44.77 -93.03 -18.00
CA LYS M 304 45.02 -93.67 -16.71
C LYS M 304 43.73 -94.20 -16.08
N GLY M 305 42.65 -93.42 -16.21
CA GLY M 305 41.34 -93.82 -15.72
C GLY M 305 40.76 -95.01 -16.47
N ILE M 306 41.00 -95.06 -17.77
CA ILE M 306 40.52 -96.15 -18.63
C ILE M 306 41.30 -97.45 -18.35
N GLN M 307 42.61 -97.33 -18.19
CA GLN M 307 43.49 -98.48 -17.94
C GLN M 307 43.20 -99.13 -16.58
N ALA M 308 42.93 -98.30 -15.57
CA ALA M 308 42.60 -98.79 -14.23
C ALA M 308 41.19 -99.38 -14.17
N MET M 309 40.37 -99.06 -15.17
CA MET M 309 39.03 -99.61 -15.29
C MET M 309 39.08 -101.04 -15.87
N GLY M 310 40.28 -101.49 -16.20
CA GLY M 310 40.49 -102.82 -16.77
C GLY M 310 40.26 -102.87 -18.27
N LEU M 311 40.25 -101.69 -18.89
CA LEU M 311 39.98 -101.57 -20.32
C LEU M 311 41.25 -101.44 -21.14
N GLU M 312 41.32 -102.21 -22.23
CA GLU M 312 42.41 -102.09 -23.18
C GLU M 312 42.19 -100.87 -24.07
N THR M 313 43.28 -100.35 -24.61
CA THR M 313 43.24 -99.16 -25.48
C THR M 313 43.75 -99.52 -26.87
N PHE M 314 43.48 -98.66 -27.85
CA PHE M 314 43.87 -98.93 -29.23
C PHE M 314 45.07 -98.12 -29.69
N GLY M 315 45.96 -98.79 -30.43
CA GLY M 315 47.05 -98.13 -31.12
C GLY M 315 48.32 -97.94 -30.31
N ASP M 316 49.31 -97.34 -30.96
CA ASP M 316 50.60 -97.07 -30.34
C ASP M 316 50.51 -95.80 -29.50
N LEU M 317 50.54 -95.97 -28.18
CA LEU M 317 50.42 -94.87 -27.23
C LEU M 317 51.59 -93.89 -27.28
N LYS M 318 52.68 -94.30 -27.93
CA LYS M 318 53.83 -93.42 -28.19
C LYS M 318 53.43 -92.23 -29.07
N HIS M 319 52.51 -92.47 -30.00
CA HIS M 319 52.17 -91.47 -31.01
C HIS M 319 50.71 -91.05 -31.01
N LYS M 320 50.03 -91.29 -29.89
CA LYS M 320 48.63 -90.93 -29.74
C LYS M 320 48.45 -89.41 -29.70
N MET M 321 47.34 -88.94 -30.25
CA MET M 321 46.94 -87.54 -30.10
C MET M 321 46.69 -87.24 -28.63
N ASN M 322 47.01 -86.00 -28.22
CA ASN M 322 46.71 -85.54 -26.86
C ASN M 322 45.21 -85.57 -26.57
N ASN M 323 44.42 -85.40 -27.62
CA ASN M 323 43.00 -85.10 -27.49
C ASN M 323 42.00 -86.21 -27.85
N VAL M 324 42.49 -87.39 -28.23
CA VAL M 324 41.59 -88.52 -28.53
C VAL M 324 42.10 -89.83 -27.96
N LEU M 325 41.19 -90.64 -27.44
CA LEU M 325 41.52 -91.98 -26.93
C LEU M 325 40.63 -93.04 -27.57
N GLY M 326 41.26 -94.05 -28.14
CA GLY M 326 40.56 -95.23 -28.64
C GLY M 326 40.48 -96.27 -27.54
N VAL M 327 39.25 -96.55 -27.10
CA VAL M 327 39.01 -97.51 -26.03
C VAL M 327 38.42 -98.79 -26.62
N VAL M 328 39.10 -99.91 -26.39
CA VAL M 328 38.66 -101.20 -26.91
C VAL M 328 37.39 -101.66 -26.19
N ILE M 329 36.39 -102.04 -26.98
CA ILE M 329 35.11 -102.51 -26.46
C ILE M 329 35.26 -103.95 -25.95
N PRO M 330 35.11 -104.15 -24.62
CA PRO M 330 35.28 -105.45 -23.98
C PRO M 330 34.33 -106.51 -24.52
N GLN M 331 34.73 -107.77 -24.40
CA GLN M 331 33.91 -108.89 -24.85
C GLN M 331 32.66 -109.02 -24.01
N GLY M 332 31.53 -109.25 -24.68
CA GLY M 332 30.24 -109.39 -24.01
C GLY M 332 29.46 -108.09 -23.94
N ILE M 333 30.01 -107.04 -24.55
CA ILE M 333 29.43 -105.70 -24.47
C ILE M 333 29.03 -105.19 -25.85
N ASN M 334 27.77 -104.77 -25.96
CA ASN M 334 27.29 -104.10 -27.16
C ASN M 334 27.79 -102.66 -27.15
N GLY M 335 28.70 -102.36 -28.08
CA GLY M 335 29.30 -101.03 -28.19
C GLY M 335 28.29 -99.93 -28.43
N ASP M 336 27.29 -100.25 -29.25
CA ASP M 336 26.22 -99.30 -29.59
C ASP M 336 25.29 -98.99 -28.41
N GLN M 337 25.09 -99.98 -27.54
CA GLN M 337 24.20 -99.84 -26.38
C GLN M 337 24.81 -98.96 -25.30
N ALA M 338 26.12 -99.07 -25.11
CA ALA M 338 26.85 -98.22 -24.17
C ALA M 338 26.73 -96.76 -24.60
N ARG M 339 26.88 -96.52 -25.90
CA ARG M 339 26.74 -95.18 -26.49
C ARG M 339 25.32 -94.63 -26.36
N LYS M 340 24.33 -95.51 -26.49
CA LYS M 340 22.94 -95.14 -26.33
C LYS M 340 22.64 -94.70 -24.89
N LEU M 341 23.18 -95.44 -23.93
CA LEU M 341 23.01 -95.13 -22.50
C LEU M 341 23.78 -93.87 -22.09
N MET M 342 25.00 -93.72 -22.60
CA MET M 342 25.82 -92.55 -22.35
C MET M 342 25.13 -91.27 -22.81
N LEU M 343 24.52 -91.34 -24.00
CA LEU M 343 23.87 -90.17 -24.60
C LEU M 343 22.50 -89.90 -23.98
N GLU M 344 21.64 -90.91 -23.95
CA GLU M 344 20.26 -90.72 -23.52
C GLU M 344 20.10 -90.55 -22.00
N ASP M 345 21.01 -91.17 -21.24
CA ASP M 345 20.89 -91.17 -19.78
C ASP M 345 21.91 -90.28 -19.06
N PHE M 346 22.98 -89.88 -19.74
CA PHE M 346 23.98 -89.00 -19.12
C PHE M 346 24.21 -87.71 -19.91
N GLY M 347 23.62 -87.63 -21.10
CA GLY M 347 23.80 -86.48 -21.98
C GLY M 347 25.22 -86.35 -22.51
N ILE M 348 25.91 -87.50 -22.59
CA ILE M 348 27.30 -87.52 -23.02
C ILE M 348 27.46 -88.33 -24.30
N GLU M 349 27.90 -87.65 -25.36
CA GLU M 349 28.22 -88.31 -26.61
C GLU M 349 29.67 -88.76 -26.61
N ILE M 350 29.87 -90.08 -26.71
CA ILE M 350 31.19 -90.62 -27.06
C ILE M 350 31.08 -91.19 -28.47
N GLY M 351 32.22 -91.36 -29.13
CA GLY M 351 32.23 -91.70 -30.55
C GLY M 351 32.22 -93.20 -30.85
N THR M 352 31.45 -93.57 -31.87
CA THR M 352 31.56 -94.89 -32.47
C THR M 352 32.69 -94.86 -33.48
N SER M 353 33.18 -96.03 -33.86
CA SER M 353 34.16 -96.13 -34.93
C SER M 353 33.47 -96.54 -36.22
N PHE M 354 34.02 -96.10 -37.35
CA PHE M 354 33.54 -96.54 -38.65
C PHE M 354 34.55 -97.52 -39.28
N GLY M 355 34.11 -98.23 -40.32
CA GLY M 355 34.99 -99.12 -41.08
C GLY M 355 35.38 -100.40 -40.38
N PRO M 356 36.68 -100.75 -40.42
CA PRO M 356 37.19 -102.00 -39.84
C PRO M 356 37.14 -102.06 -38.32
N LEU M 357 36.95 -100.91 -37.66
CA LEU M 357 36.98 -100.84 -36.20
C LEU M 357 35.61 -100.59 -35.55
N HIS M 358 34.54 -100.58 -36.36
CA HIS M 358 33.19 -100.40 -35.81
C HIS M 358 32.82 -101.54 -34.87
N GLY M 359 32.25 -101.16 -33.72
CA GLY M 359 31.83 -102.12 -32.69
C GLY M 359 32.98 -102.79 -31.99
N LYS M 360 34.18 -102.23 -32.15
CA LYS M 360 35.40 -102.78 -31.56
C LYS M 360 36.11 -101.74 -30.70
N VAL M 361 35.97 -100.47 -31.07
CA VAL M 361 36.63 -99.37 -30.39
C VAL M 361 35.68 -98.17 -30.23
N TRP M 362 35.62 -97.61 -29.03
CA TRP M 362 35.01 -96.30 -28.82
C TRP M 362 36.08 -95.23 -28.89
N ARG M 363 35.71 -94.06 -29.40
CA ARG M 363 36.63 -92.91 -29.40
C ARG M 363 36.14 -91.82 -28.47
N ILE M 364 36.91 -91.55 -27.43
CA ILE M 364 36.58 -90.50 -26.46
C ILE M 364 37.54 -89.34 -26.60
N GLY M 365 37.00 -88.18 -26.95
CA GLY M 365 37.80 -86.98 -27.14
C GLY M 365 37.81 -86.06 -25.94
N THR M 366 38.91 -85.33 -25.78
CA THR M 366 39.07 -84.32 -24.75
C THR M 366 39.69 -83.08 -25.39
N MET M 367 38.88 -82.37 -26.18
CA MET M 367 39.39 -81.31 -27.05
C MET M 367 38.83 -79.93 -26.70
N GLY M 368 39.62 -78.90 -26.98
CA GLY M 368 39.22 -77.51 -26.82
C GLY M 368 38.59 -77.16 -25.49
N TYR M 369 37.35 -76.70 -25.55
CA TYR M 369 36.60 -76.27 -24.38
C TYR M 369 36.31 -77.41 -23.40
N ASN M 370 36.19 -78.63 -23.92
CA ASN M 370 35.90 -79.80 -23.09
C ASN M 370 37.15 -80.54 -22.59
N ALA M 371 38.30 -79.89 -22.73
CA ALA M 371 39.53 -80.39 -22.13
C ALA M 371 39.70 -79.77 -20.74
N ARG M 372 38.85 -80.22 -19.83
CA ARG M 372 38.86 -79.77 -18.45
C ARG M 372 38.83 -81.00 -17.54
N LYS M 373 39.17 -80.80 -16.27
CA LYS M 373 39.13 -81.85 -15.26
C LYS M 373 37.72 -82.46 -15.12
N ASP M 374 36.71 -81.59 -15.10
CA ASP M 374 35.33 -82.02 -14.86
C ASP M 374 34.71 -82.82 -15.99
N CYS M 375 35.11 -82.54 -17.23
CA CYS M 375 34.63 -83.28 -18.40
C CYS M 375 35.16 -84.72 -18.42
N VAL M 376 36.44 -84.87 -18.12
CA VAL M 376 37.08 -86.17 -18.00
C VAL M 376 36.43 -86.98 -16.88
N MET M 377 36.37 -86.40 -15.69
CA MET M 377 35.78 -87.02 -14.50
C MET M 377 34.34 -87.49 -14.73
N THR M 378 33.52 -86.60 -15.27
CA THR M 378 32.13 -86.90 -15.59
C THR M 378 32.02 -88.09 -16.54
N THR M 379 32.89 -88.12 -17.54
CA THR M 379 32.91 -89.19 -18.55
C THR M 379 33.39 -90.52 -17.96
N LEU M 380 34.41 -90.47 -17.11
CA LEU M 380 34.93 -91.68 -16.47
C LEU M 380 33.92 -92.34 -15.54
N SER M 381 33.23 -91.53 -14.73
CA SER M 381 32.19 -92.04 -13.83
C SER M 381 31.00 -92.58 -14.60
N ALA M 382 30.61 -91.86 -15.67
CA ALA M 382 29.48 -92.27 -16.51
C ALA M 382 29.75 -93.56 -17.29
N LEU M 383 30.96 -93.71 -17.80
CA LEU M 383 31.34 -94.91 -18.54
C LEU M 383 31.33 -96.14 -17.63
N GLU M 384 31.94 -95.99 -16.44
CA GLU M 384 32.01 -97.09 -15.48
C GLU M 384 30.63 -97.53 -14.99
N ALA M 385 29.75 -96.56 -14.78
CA ALA M 385 28.37 -96.83 -14.36
C ALA M 385 27.59 -97.62 -15.43
N VAL M 386 27.76 -97.23 -16.69
CA VAL M 386 27.09 -97.90 -17.82
C VAL M 386 27.61 -99.33 -18.00
N LEU M 387 28.94 -99.49 -17.90
CA LEU M 387 29.57 -100.80 -18.04
C LEU M 387 29.16 -101.77 -16.91
N ASN M 388 29.14 -101.27 -15.68
CA ASN M 388 28.67 -102.04 -14.52
C ASN M 388 27.20 -102.46 -14.67
N TYR M 389 26.38 -101.51 -15.11
CA TYR M 389 24.97 -101.75 -15.42
C TYR M 389 24.84 -102.84 -16.47
N LEU M 390 25.76 -102.84 -17.44
CA LEU M 390 25.82 -103.85 -18.49
C LEU M 390 26.59 -105.12 -18.07
N LYS M 391 26.71 -105.32 -16.77
CA LYS M 391 27.30 -106.53 -16.17
C LYS M 391 28.82 -106.71 -16.36
N PHE M 392 29.51 -105.64 -16.74
CA PHE M 392 30.97 -105.67 -16.85
C PHE M 392 31.62 -105.27 -15.53
N PRO M 393 32.48 -106.15 -14.98
CA PRO M 393 33.05 -105.91 -13.65
C PRO M 393 34.29 -105.02 -13.65
N THR M 394 34.42 -104.22 -12.60
CA THR M 394 35.57 -103.34 -12.36
C THR M 394 35.86 -103.28 -10.87
N THR M 395 37.12 -102.99 -10.51
CA THR M 395 37.48 -102.75 -9.11
C THR M 395 36.91 -101.41 -8.68
N GLN M 396 36.10 -101.44 -7.61
CA GLN M 396 35.38 -100.27 -7.12
C GLN M 396 36.32 -99.10 -6.81
N GLY M 397 36.20 -98.04 -7.60
CA GLY M 397 36.95 -96.81 -7.39
C GLY M 397 38.36 -96.78 -7.97
N ALA M 398 38.72 -97.81 -8.73
CA ALA M 398 40.07 -97.90 -9.30
C ALA M 398 40.31 -96.88 -10.41
N ALA M 399 39.36 -96.74 -11.32
CA ALA M 399 39.44 -95.81 -12.44
C ALA M 399 39.52 -94.36 -11.99
N MET M 400 38.63 -93.99 -11.06
CA MET M 400 38.59 -92.63 -10.51
C MET M 400 39.79 -92.33 -9.63
N GLN M 401 40.25 -93.32 -8.87
CA GLN M 401 41.44 -93.18 -8.02
C GLN M 401 42.66 -92.79 -8.86
N ALA M 402 42.91 -93.55 -9.92
CA ALA M 402 44.04 -93.32 -10.81
C ALA M 402 43.96 -91.99 -11.55
N ALA M 403 42.72 -91.58 -11.87
CA ALA M 403 42.47 -90.28 -12.49
C ALA M 403 42.79 -89.15 -11.52
N TRP M 404 42.27 -89.25 -10.30
CA TRP M 404 42.57 -88.31 -9.22
C TRP M 404 44.07 -88.29 -8.93
N ASP M 405 44.68 -89.48 -8.89
CA ASP M 405 46.11 -89.62 -8.65
C ASP M 405 46.96 -88.86 -9.69
N HIS M 406 46.51 -88.88 -10.94
CA HIS M 406 47.21 -88.16 -12.00
C HIS M 406 47.14 -86.64 -11.83
N TYR M 407 46.01 -86.16 -11.34
CA TYR M 407 45.79 -84.71 -11.17
C TYR M 407 46.56 -84.10 -10.00
N ARG M 408 46.64 -84.83 -8.89
CA ARG M 408 47.36 -84.35 -7.71
C ARG M 408 48.88 -84.42 -7.89
N SER M 409 49.34 -85.27 -8.81
CA SER M 409 50.74 -85.32 -9.20
C SER M 409 51.11 -84.12 -10.07
N GLU M 410 50.28 -83.86 -11.08
CA GLU M 410 50.51 -82.78 -12.05
C GLU M 410 50.47 -81.39 -11.42
N ARG M 411 49.55 -81.20 -10.46
CA ARG M 411 49.39 -79.92 -9.78
C ARG M 411 50.54 -79.61 -8.84
N ASP N 2 51.06 -57.17 -29.33
CA ASP N 2 50.69 -58.08 -28.21
C ASP N 2 49.27 -58.62 -28.37
N ILE N 3 48.91 -59.60 -27.54
CA ILE N 3 47.57 -60.18 -27.58
C ILE N 3 46.56 -59.35 -26.78
N THR N 4 47.03 -58.69 -25.72
CA THR N 4 46.19 -57.83 -24.87
C THR N 4 45.54 -56.68 -25.66
N GLN N 5 46.15 -56.31 -26.79
CA GLN N 5 45.60 -55.29 -27.68
C GLN N 5 44.48 -55.83 -28.59
N PHE N 6 44.20 -57.14 -28.49
CA PHE N 6 43.04 -57.75 -29.14
C PHE N 6 41.92 -57.95 -28.12
N SER N 7 40.97 -57.02 -28.10
CA SER N 7 39.82 -57.10 -27.19
C SER N 7 38.63 -57.79 -27.86
N GLN N 8 37.54 -57.95 -27.10
CA GLN N 8 36.35 -58.67 -27.57
C GLN N 8 35.73 -58.05 -28.83
N LEU N 9 34.96 -58.87 -29.55
CA LEU N 9 34.27 -58.44 -30.76
C LEU N 9 33.35 -57.27 -30.46
N ASN N 10 33.44 -56.24 -31.30
CA ASN N 10 32.64 -55.02 -31.14
C ASN N 10 32.48 -54.28 -32.48
N PRO N 11 31.53 -54.75 -33.32
CA PRO N 11 31.30 -54.04 -34.57
C PRO N 11 30.49 -52.76 -34.32
N PRO N 12 30.80 -51.68 -35.06
CA PRO N 12 30.02 -50.45 -34.95
C PRO N 12 28.60 -50.65 -35.49
N SER N 13 27.68 -49.80 -35.02
CA SER N 13 26.29 -49.86 -35.43
C SER N 13 26.15 -49.42 -36.89
N ARG N 14 25.59 -50.30 -37.72
CA ARG N 14 25.45 -50.04 -39.14
C ARG N 14 24.05 -50.37 -39.65
N LEU N 15 23.42 -49.40 -40.30
CA LEU N 15 22.20 -49.65 -41.06
C LEU N 15 22.64 -49.97 -42.49
N LEU N 16 22.52 -51.23 -42.86
CA LEU N 16 23.03 -51.71 -44.15
C LEU N 16 21.98 -51.61 -45.25
N MET N 17 22.18 -50.66 -46.16
CA MET N 17 21.23 -50.40 -47.24
C MET N 17 21.89 -50.48 -48.62
N GLY N 18 22.89 -51.35 -48.74
CA GLY N 18 23.59 -51.54 -50.01
C GLY N 18 23.05 -52.71 -50.82
N PRO N 19 23.93 -53.40 -51.57
CA PRO N 19 23.56 -54.59 -52.32
C PRO N 19 23.71 -55.89 -51.52
N GLY N 20 24.29 -55.80 -50.33
CA GLY N 20 24.53 -56.97 -49.48
C GLY N 20 25.98 -57.04 -49.00
N PRO N 21 26.20 -57.59 -47.79
CA PRO N 21 25.18 -58.15 -46.89
C PRO N 21 24.36 -57.06 -46.22
N ILE N 22 23.12 -57.39 -45.87
CA ILE N 22 22.28 -56.45 -45.12
C ILE N 22 22.15 -56.95 -43.67
N ASN N 23 21.59 -56.12 -42.79
CA ASN N 23 21.40 -56.47 -41.39
C ASN N 23 20.61 -57.77 -41.20
N ALA N 24 21.10 -58.62 -40.31
CA ALA N 24 20.42 -59.86 -39.99
C ALA N 24 19.25 -59.57 -39.05
N ASP N 25 18.22 -60.40 -39.13
CA ASP N 25 17.13 -60.37 -38.15
C ASP N 25 17.72 -60.74 -36.79
N PRO N 26 17.45 -59.91 -35.75
CA PRO N 26 17.95 -60.17 -34.40
C PRO N 26 17.64 -61.58 -33.89
N ARG N 27 16.53 -62.15 -34.35
CA ARG N 27 16.17 -63.53 -33.97
C ARG N 27 17.10 -64.57 -34.59
N VAL N 28 17.66 -64.26 -35.76
CA VAL N 28 18.60 -65.16 -36.44
C VAL N 28 19.96 -65.15 -35.74
N LEU N 29 20.43 -63.95 -35.38
CA LEU N 29 21.69 -63.79 -34.64
C LEU N 29 21.67 -64.51 -33.29
N ARG N 30 20.56 -64.38 -32.58
CA ARG N 30 20.39 -65.04 -31.27
C ARG N 30 20.37 -66.56 -31.39
N ALA N 31 19.65 -67.06 -32.40
CA ALA N 31 19.58 -68.49 -32.67
C ALA N 31 20.96 -69.10 -32.94
N MET N 32 21.86 -68.29 -33.50
CA MET N 32 23.22 -68.72 -33.80
C MET N 32 24.12 -68.87 -32.56
N SER N 33 23.69 -68.33 -31.43
CA SER N 33 24.46 -68.41 -30.19
C SER N 33 24.13 -69.68 -29.38
N SER N 34 23.12 -70.41 -29.83
CA SER N 34 22.71 -71.67 -29.21
C SER N 34 23.84 -72.71 -29.21
N GLN N 35 23.95 -73.48 -28.12
CA GLN N 35 25.00 -74.49 -28.00
C GLN N 35 24.79 -75.65 -28.98
N LEU N 36 25.89 -76.32 -29.32
CA LEU N 36 25.91 -77.33 -30.39
C LEU N 36 25.57 -78.73 -29.90
N ILE N 37 25.09 -79.57 -30.81
CA ILE N 37 24.93 -81.00 -30.56
C ILE N 37 25.80 -81.81 -31.52
N GLY N 38 25.85 -83.12 -31.29
CA GLY N 38 26.62 -84.03 -32.14
C GLY N 38 26.11 -84.11 -33.56
N GLN N 39 26.99 -84.50 -34.47
CA GLN N 39 26.68 -84.58 -35.89
C GLN N 39 25.50 -85.53 -36.18
N TYR N 40 25.45 -86.64 -35.44
CA TYR N 40 24.40 -87.65 -35.65
C TYR N 40 23.46 -87.80 -34.46
N ASP N 41 23.42 -86.77 -33.61
CA ASP N 41 22.43 -86.69 -32.56
C ASP N 41 21.04 -86.62 -33.20
N PRO N 42 20.08 -87.40 -32.68
CA PRO N 42 18.70 -87.40 -33.21
C PRO N 42 18.14 -85.99 -33.39
N ALA N 43 18.57 -85.05 -32.54
CA ALA N 43 18.13 -83.66 -32.63
C ALA N 43 18.66 -82.96 -33.87
N MET N 44 19.91 -83.25 -34.24
CA MET N 44 20.54 -82.66 -35.42
C MET N 44 19.89 -83.13 -36.72
N THR N 45 19.63 -84.43 -36.83
CA THR N 45 18.96 -84.98 -38.02
C THR N 45 17.48 -84.57 -38.08
N HIS N 46 16.88 -84.32 -36.92
CA HIS N 46 15.53 -83.74 -36.86
C HIS N 46 15.54 -82.31 -37.38
N TYR N 47 16.57 -81.55 -37.04
CA TYR N 47 16.69 -80.16 -37.47
C TYR N 47 16.98 -80.02 -38.97
N MET N 48 17.78 -80.93 -39.51
CA MET N 48 18.05 -81.00 -40.94
C MET N 48 16.77 -81.32 -41.71
N ASN N 49 15.94 -82.19 -41.15
CA ASN N 49 14.63 -82.51 -41.72
C ASN N 49 13.70 -81.30 -41.76
N GLU N 50 13.68 -80.53 -40.67
CA GLU N 50 12.88 -79.30 -40.58
C GLU N 50 13.33 -78.28 -41.62
N VAL N 51 14.65 -78.08 -41.72
CA VAL N 51 15.25 -77.16 -42.69
C VAL N 51 14.84 -77.51 -44.12
N MET N 52 14.92 -78.79 -44.46
CA MET N 52 14.48 -79.29 -45.76
C MET N 52 13.01 -78.91 -46.01
N ALA N 53 12.16 -79.20 -45.03
CA ALA N 53 10.73 -78.91 -45.13
C ALA N 53 10.44 -77.41 -45.21
N LEU N 54 11.14 -76.62 -44.40
CA LEU N 54 10.94 -75.17 -44.37
C LEU N 54 11.30 -74.51 -45.70
N TYR N 55 12.39 -74.95 -46.32
CA TYR N 55 12.84 -74.34 -47.57
C TYR N 55 12.01 -74.73 -48.79
N ARG N 56 11.35 -75.88 -48.71
CA ARG N 56 10.36 -76.27 -49.72
C ARG N 56 9.28 -75.21 -49.85
N GLY N 57 8.83 -74.70 -48.70
CA GLY N 57 7.85 -73.62 -48.65
C GLY N 57 8.34 -72.28 -49.16
N VAL N 58 9.63 -71.99 -48.94
CA VAL N 58 10.25 -70.74 -49.39
C VAL N 58 10.48 -70.75 -50.90
N PHE N 59 11.05 -71.84 -51.41
CA PHE N 59 11.27 -72.03 -52.84
C PHE N 59 9.96 -72.22 -53.60
N ARG N 60 8.91 -72.63 -52.88
CA ARG N 60 7.61 -72.99 -53.47
C ARG N 60 7.76 -74.24 -54.32
N THR N 61 8.20 -75.32 -53.68
CA THR N 61 8.45 -76.59 -54.33
C THR N 61 7.97 -77.78 -53.49
N GLU N 62 7.73 -78.90 -54.16
CA GLU N 62 7.49 -80.17 -53.49
C GLU N 62 8.73 -81.06 -53.57
N ASN N 63 9.81 -80.52 -54.15
CA ASN N 63 11.07 -81.26 -54.33
C ASN N 63 11.58 -81.92 -53.06
N ARG N 64 11.91 -83.20 -53.18
CA ARG N 64 12.53 -83.96 -52.10
C ARG N 64 13.90 -83.37 -51.75
N TRP N 65 14.69 -83.06 -52.77
CA TRP N 65 16.06 -82.61 -52.58
C TRP N 65 16.21 -81.10 -52.45
N THR N 66 15.62 -80.59 -51.38
CA THR N 66 15.79 -79.22 -50.95
C THR N 66 16.65 -79.29 -49.69
N MET N 67 17.83 -78.67 -49.74
CA MET N 67 18.82 -78.77 -48.67
C MET N 67 19.78 -77.57 -48.67
N LEU N 68 20.80 -77.62 -47.82
CA LEU N 68 21.80 -76.55 -47.73
C LEU N 68 23.17 -77.01 -48.21
N VAL N 69 23.88 -76.09 -48.86
CA VAL N 69 25.30 -76.26 -49.17
C VAL N 69 26.10 -75.35 -48.23
N ASP N 70 27.06 -75.93 -47.52
CA ASP N 70 27.88 -75.18 -46.57
C ASP N 70 28.96 -74.34 -47.27
N GLY N 71 28.60 -73.09 -47.55
CA GLY N 71 29.47 -72.13 -48.23
C GLY N 71 28.61 -70.97 -48.66
N THR N 72 29.23 -69.87 -49.08
CA THR N 72 28.50 -68.67 -49.51
C THR N 72 27.65 -68.93 -50.77
N SER N 73 26.90 -67.92 -51.21
CA SER N 73 25.91 -68.10 -52.28
C SER N 73 26.44 -68.76 -53.57
N ARG N 74 27.62 -68.33 -54.02
CA ARG N 74 28.20 -68.84 -55.26
C ARG N 74 28.79 -70.25 -55.13
N ALA N 75 28.94 -70.71 -53.89
CA ALA N 75 29.30 -72.09 -53.61
C ALA N 75 28.15 -73.00 -53.99
N GLY N 76 26.92 -72.56 -53.69
CA GLY N 76 25.71 -73.26 -54.08
C GLY N 76 25.56 -73.37 -55.58
N ILE N 77 25.81 -72.26 -56.27
CA ILE N 77 25.84 -72.25 -57.74
C ILE N 77 26.82 -73.30 -58.25
N GLU N 78 28.05 -73.24 -57.73
CA GLU N 78 29.10 -74.18 -58.11
C GLU N 78 28.73 -75.63 -57.79
N ALA N 79 28.14 -75.86 -56.62
CA ALA N 79 27.66 -77.20 -56.25
C ALA N 79 26.74 -77.78 -57.33
N ILE N 80 25.82 -76.95 -57.81
CA ILE N 80 24.85 -77.36 -58.82
C ILE N 80 25.49 -77.53 -60.19
N LEU N 81 26.33 -76.57 -60.59
CA LEU N 81 26.93 -76.58 -61.93
C LEU N 81 27.93 -77.73 -62.12
N VAL N 82 28.83 -77.93 -61.16
CA VAL N 82 29.82 -79.02 -61.24
C VAL N 82 29.15 -80.40 -61.25
N SER N 83 28.02 -80.50 -60.55
CA SER N 83 27.29 -81.76 -60.45
C SER N 83 26.43 -82.07 -61.67
N ALA N 84 26.01 -81.03 -62.39
CA ALA N 84 25.14 -81.19 -63.55
C ALA N 84 25.89 -81.17 -64.89
N ILE N 85 27.05 -80.52 -64.91
CA ILE N 85 27.83 -80.39 -66.14
C ILE N 85 29.03 -81.35 -66.16
N ARG N 86 29.04 -82.23 -67.16
CA ARG N 86 30.23 -83.02 -67.47
C ARG N 86 31.07 -82.23 -68.47
N PRO N 87 32.40 -82.43 -68.46
CA PRO N 87 33.27 -81.75 -69.42
C PRO N 87 32.80 -81.87 -70.86
N GLY N 88 32.76 -80.74 -71.58
CA GLY N 88 32.33 -80.72 -72.97
C GLY N 88 30.86 -80.39 -73.18
N ASP N 89 30.05 -80.57 -72.14
CA ASP N 89 28.62 -80.24 -72.20
C ASP N 89 28.41 -78.79 -72.59
N LYS N 90 27.46 -78.56 -73.49
CA LYS N 90 27.12 -77.22 -73.92
C LYS N 90 26.24 -76.52 -72.88
N VAL N 91 26.37 -75.20 -72.81
CA VAL N 91 25.67 -74.39 -71.81
C VAL N 91 25.33 -73.02 -72.39
N LEU N 92 24.17 -72.50 -72.00
CA LEU N 92 23.74 -71.16 -72.43
C LEU N 92 23.50 -70.24 -71.24
N VAL N 93 24.12 -69.07 -71.27
CA VAL N 93 23.99 -68.07 -70.22
C VAL N 93 23.50 -66.75 -70.79
N PRO N 94 22.25 -66.34 -70.44
CA PRO N 94 21.79 -65.00 -70.80
C PRO N 94 22.39 -63.96 -69.85
N VAL N 95 23.45 -63.29 -70.30
CA VAL N 95 24.16 -62.30 -69.49
C VAL N 95 23.46 -60.94 -69.55
N PHE N 96 23.11 -60.40 -68.38
CA PHE N 96 22.55 -59.05 -68.28
C PHE N 96 23.07 -58.26 -67.06
N GLY N 97 24.18 -58.74 -66.50
CA GLY N 97 24.81 -58.10 -65.34
C GLY N 97 26.03 -58.86 -64.88
N ARG N 98 26.69 -58.33 -63.84
CA ARG N 98 27.94 -58.90 -63.31
C ARG N 98 27.85 -60.40 -63.00
N PHE N 99 26.72 -60.81 -62.41
CA PHE N 99 26.54 -62.20 -61.99
C PHE N 99 26.26 -63.16 -63.15
N GLY N 100 25.92 -62.60 -64.31
CA GLY N 100 25.83 -63.35 -65.56
C GLY N 100 27.20 -63.83 -66.01
N HIS N 101 28.23 -63.01 -65.75
CA HIS N 101 29.61 -63.39 -66.01
C HIS N 101 30.08 -64.43 -65.01
N LEU N 102 29.67 -64.28 -63.75
CA LEU N 102 29.98 -65.24 -62.70
C LEU N 102 29.58 -66.66 -63.10
N LEU N 103 28.38 -66.80 -63.68
CA LEU N 103 27.88 -68.09 -64.17
C LEU N 103 28.79 -68.65 -65.26
N CYS N 104 29.17 -67.80 -66.21
CA CYS N 104 30.07 -68.20 -67.31
C CYS N 104 31.38 -68.77 -66.79
N GLU N 105 31.98 -68.09 -65.82
CA GLU N 105 33.23 -68.52 -65.22
C GLU N 105 33.12 -69.88 -64.52
N ILE N 106 32.15 -70.01 -63.63
CA ILE N 106 31.92 -71.28 -62.93
C ILE N 106 31.73 -72.41 -63.94
N ALA N 107 30.89 -72.16 -64.95
CA ALA N 107 30.69 -73.11 -66.05
C ALA N 107 32.01 -73.44 -66.77
N ARG N 108 32.80 -72.41 -67.07
CA ARG N 108 34.12 -72.57 -67.71
C ARG N 108 35.02 -73.55 -66.92
N ARG N 109 34.98 -73.44 -65.60
CA ARG N 109 35.85 -74.25 -64.74
C ARG N 109 35.26 -75.62 -64.45
N CYS N 110 33.98 -75.80 -64.80
CA CYS N 110 33.36 -77.12 -64.85
C CYS N 110 33.67 -77.79 -66.19
N ARG N 111 34.43 -77.07 -67.01
CA ARG N 111 34.84 -77.52 -68.35
C ARG N 111 33.69 -77.61 -69.36
N ALA N 112 32.73 -76.68 -69.23
CA ALA N 112 31.61 -76.59 -70.17
C ALA N 112 31.94 -75.68 -71.33
N GLU N 113 31.35 -75.96 -72.49
CA GLU N 113 31.37 -75.02 -73.62
C GLU N 113 30.29 -73.97 -73.36
N VAL N 114 30.73 -72.76 -73.01
CA VAL N 114 29.82 -71.71 -72.55
C VAL N 114 29.36 -70.79 -73.69
N HIS N 115 28.08 -70.91 -74.04
CA HIS N 115 27.45 -70.01 -75.01
C HIS N 115 26.70 -68.91 -74.28
N THR N 116 26.67 -67.73 -74.88
CA THR N 116 26.06 -66.55 -74.26
C THR N 116 25.24 -65.72 -75.23
N ILE N 117 24.16 -65.14 -74.71
CA ILE N 117 23.47 -64.02 -75.35
C ILE N 117 23.54 -62.84 -74.39
N GLU N 118 23.53 -61.63 -74.92
CA GLU N 118 23.73 -60.43 -74.10
C GLU N 118 22.77 -59.30 -74.41
N VAL N 119 22.15 -58.75 -73.38
CA VAL N 119 21.45 -57.47 -73.46
C VAL N 119 22.26 -56.44 -72.68
N PRO N 120 22.07 -55.12 -72.96
CA PRO N 120 22.85 -54.12 -72.23
C PRO N 120 22.39 -53.91 -70.78
N TRP N 121 23.30 -53.39 -69.96
CA TRP N 121 22.97 -52.91 -68.62
C TRP N 121 22.21 -51.59 -68.77
N GLY N 122 21.01 -51.48 -68.20
CA GLY N 122 20.35 -52.55 -67.46
C GLY N 122 19.00 -52.85 -68.07
N GLU N 123 19.00 -53.80 -69.00
CA GLU N 123 17.78 -54.26 -69.67
C GLU N 123 17.55 -55.74 -69.35
N VAL N 124 16.46 -56.29 -69.87
CA VAL N 124 16.08 -57.65 -69.57
C VAL N 124 15.84 -58.47 -70.85
N PHE N 125 15.88 -59.79 -70.73
CA PHE N 125 15.68 -60.68 -71.87
C PHE N 125 14.22 -60.98 -72.15
N THR N 126 13.88 -61.00 -73.43
CA THR N 126 12.57 -61.45 -73.92
C THR N 126 12.60 -62.98 -74.05
N PRO N 127 11.46 -63.65 -73.78
CA PRO N 127 11.36 -65.10 -73.94
C PRO N 127 11.72 -65.61 -75.34
N ASP N 128 11.46 -64.80 -76.36
CA ASP N 128 11.83 -65.13 -77.75
C ASP N 128 13.34 -65.28 -77.91
N GLN N 129 14.07 -64.27 -77.43
CA GLN N 129 15.53 -64.20 -77.59
C GLN N 129 16.24 -65.45 -77.10
N VAL N 130 15.86 -65.93 -75.92
CA VAL N 130 16.48 -67.12 -75.34
C VAL N 130 16.08 -68.38 -76.08
N GLU N 131 14.83 -68.44 -76.56
CA GLU N 131 14.35 -69.57 -77.35
C GLU N 131 15.03 -69.63 -78.72
N ASP N 132 15.33 -68.45 -79.29
CA ASP N 132 16.13 -68.36 -80.50
C ASP N 132 17.50 -68.97 -80.26
N ALA N 133 18.12 -68.62 -79.14
CA ALA N 133 19.43 -69.14 -78.76
C ALA N 133 19.39 -70.65 -78.49
N VAL N 134 18.38 -71.09 -77.74
CA VAL N 134 18.18 -72.51 -77.42
C VAL N 134 17.98 -73.35 -78.70
N LYS N 135 17.17 -72.83 -79.63
CA LYS N 135 17.01 -73.45 -80.95
C LYS N 135 18.35 -73.62 -81.65
N ARG N 136 19.18 -72.58 -81.58
CA ARG N 136 20.48 -72.54 -82.27
C ARG N 136 21.52 -73.53 -81.74
N ILE N 137 21.94 -73.37 -80.48
CA ILE N 137 23.10 -74.13 -79.97
C ILE N 137 22.77 -75.39 -79.14
N ARG N 138 21.48 -75.63 -78.89
CA ARG N 138 21.01 -76.84 -78.20
C ARG N 138 21.76 -77.22 -76.92
N PRO N 139 21.71 -76.35 -75.89
CA PRO N 139 22.48 -76.60 -74.66
C PRO N 139 21.86 -77.64 -73.74
N ARG N 140 22.69 -78.22 -72.87
CA ARG N 140 22.22 -79.11 -71.81
C ARG N 140 21.51 -78.32 -70.72
N LEU N 141 22.06 -77.13 -70.44
CA LEU N 141 21.56 -76.25 -69.38
C LEU N 141 21.29 -74.83 -69.87
N LEU N 142 20.27 -74.20 -69.31
CA LEU N 142 20.08 -72.75 -69.42
C LEU N 142 20.37 -72.15 -68.05
N LEU N 143 21.47 -71.41 -67.95
CA LEU N 143 21.93 -70.86 -66.66
C LEU N 143 21.62 -69.37 -66.56
N THR N 144 20.61 -69.05 -65.75
CA THR N 144 20.11 -67.66 -65.62
C THR N 144 20.22 -67.11 -64.20
N VAL N 145 20.39 -65.80 -64.11
CA VAL N 145 20.22 -65.07 -62.86
C VAL N 145 18.79 -64.53 -62.87
N GLN N 146 18.11 -64.58 -61.73
CA GLN N 146 16.78 -63.95 -61.64
C GLN N 146 16.90 -62.47 -61.33
N GLY N 147 17.45 -62.14 -60.16
CA GLY N 147 17.69 -60.76 -59.78
C GLY N 147 19.17 -60.46 -59.72
N ASP N 148 19.59 -59.46 -60.50
CA ASP N 148 21.00 -59.10 -60.59
C ASP N 148 21.24 -57.73 -59.94
N THR N 149 21.86 -57.75 -58.76
CA THR N 149 22.06 -56.52 -57.97
C THR N 149 22.96 -55.48 -58.62
N SER N 150 23.73 -55.88 -59.64
CA SER N 150 24.61 -54.94 -60.34
C SER N 150 23.84 -53.99 -61.26
N THR N 151 22.66 -54.42 -61.73
CA THR N 151 21.82 -53.61 -62.61
C THR N 151 20.41 -53.41 -62.04
N THR N 152 20.15 -54.05 -60.90
CA THR N 152 18.85 -54.02 -60.20
C THR N 152 17.69 -54.61 -60.99
N MET N 153 18.00 -55.29 -62.09
CA MET N 153 16.98 -55.82 -62.99
C MET N 153 16.54 -57.23 -62.62
N LEU N 154 15.25 -57.48 -62.80
CA LEU N 154 14.63 -58.78 -62.47
C LEU N 154 14.18 -59.47 -63.76
N GLN N 155 14.73 -60.66 -64.00
CA GLN N 155 14.46 -61.42 -65.22
C GLN N 155 13.17 -62.24 -65.10
N PRO N 156 12.23 -62.06 -66.05
CA PRO N 156 11.02 -62.89 -66.08
C PRO N 156 11.33 -64.35 -66.40
N LEU N 157 11.23 -65.20 -65.39
CA LEU N 157 11.51 -66.64 -65.51
C LEU N 157 10.26 -67.48 -65.84
N ALA N 158 9.11 -66.83 -65.88
CA ALA N 158 7.81 -67.50 -65.99
C ALA N 158 7.57 -68.27 -67.29
N GLU N 159 8.11 -67.78 -68.40
CA GLU N 159 7.86 -68.37 -69.72
C GLU N 159 9.04 -69.19 -70.25
N LEU N 160 10.14 -69.19 -69.49
CA LEU N 160 11.37 -69.86 -69.90
C LEU N 160 11.36 -71.36 -69.59
N GLY N 161 10.64 -71.75 -68.55
CA GLY N 161 10.53 -73.14 -68.15
C GLY N 161 9.87 -74.01 -69.20
N GLU N 162 8.82 -73.48 -69.82
CA GLU N 162 8.16 -74.14 -70.94
C GLU N 162 9.05 -74.26 -72.18
N ILE N 163 9.87 -73.23 -72.40
CA ILE N 163 10.83 -73.23 -73.50
C ILE N 163 11.88 -74.32 -73.30
N CYS N 164 12.41 -74.41 -72.08
CA CYS N 164 13.37 -75.46 -71.71
C CYS N 164 12.75 -76.84 -71.80
N ARG N 165 11.50 -76.95 -71.35
CA ARG N 165 10.77 -78.22 -71.38
C ARG N 165 10.51 -78.67 -72.82
N ARG N 166 10.27 -77.71 -73.72
CA ARG N 166 10.04 -78.01 -75.13
C ARG N 166 11.27 -78.60 -75.82
N TYR N 167 12.45 -78.10 -75.48
CA TYR N 167 13.70 -78.53 -76.12
C TYR N 167 14.55 -79.45 -75.23
N ASP N 168 13.97 -79.89 -74.12
CA ASP N 168 14.64 -80.74 -73.13
C ASP N 168 15.97 -80.14 -72.65
N ALA N 169 15.92 -78.85 -72.29
CA ALA N 169 17.04 -78.20 -71.64
C ALA N 169 16.77 -78.17 -70.14
N LEU N 170 17.83 -78.35 -69.35
CA LEU N 170 17.73 -78.23 -67.90
C LEU N 170 17.75 -76.76 -67.51
N PHE N 171 16.91 -76.40 -66.54
CA PHE N 171 16.67 -74.99 -66.20
C PHE N 171 17.12 -74.68 -64.77
N TYR N 172 18.17 -73.85 -64.66
CA TYR N 172 18.68 -73.39 -63.37
C TYR N 172 18.55 -71.87 -63.22
N THR N 173 18.35 -71.41 -61.99
CA THR N 173 18.45 -69.98 -61.70
C THR N 173 19.15 -69.66 -60.38
N ASP N 174 19.93 -68.58 -60.42
CA ASP N 174 20.56 -68.01 -59.24
C ASP N 174 19.62 -66.95 -58.68
N ALA N 175 18.92 -67.30 -57.60
CA ALA N 175 17.91 -66.43 -57.03
C ALA N 175 18.33 -65.85 -55.67
N THR N 176 19.63 -65.70 -55.47
CA THR N 176 20.16 -65.23 -54.17
C THR N 176 19.72 -63.82 -53.82
N ALA N 177 19.58 -62.95 -54.83
CA ALA N 177 19.21 -61.56 -54.61
C ALA N 177 17.70 -61.33 -54.54
N SER N 178 16.93 -62.28 -55.05
CA SER N 178 15.49 -62.09 -55.22
C SER N 178 14.58 -62.95 -54.33
N LEU N 179 15.07 -64.14 -53.93
CA LEU N 179 14.27 -65.04 -53.09
C LEU N 179 13.83 -64.35 -51.80
N GLY N 180 12.57 -64.55 -51.42
CA GLY N 180 12.02 -63.94 -50.21
C GLY N 180 11.57 -62.48 -50.38
N GLY N 181 11.96 -61.86 -51.50
CA GLY N 181 11.63 -60.46 -51.76
C GLY N 181 10.96 -60.24 -53.10
N ASN N 182 10.93 -61.28 -53.93
CA ASN N 182 10.34 -61.25 -55.26
C ASN N 182 9.73 -62.62 -55.57
N PRO N 183 8.72 -62.66 -56.48
CA PRO N 183 8.11 -63.95 -56.81
C PRO N 183 9.09 -64.97 -57.40
N LEU N 184 9.08 -66.19 -56.86
CA LEU N 184 9.82 -67.31 -57.42
C LEU N 184 9.05 -68.61 -57.20
N GLU N 185 8.34 -69.05 -58.24
CA GLU N 185 7.56 -70.29 -58.19
C GLU N 185 8.36 -71.40 -58.86
N THR N 186 9.14 -72.13 -58.06
CA THR N 186 10.05 -73.17 -58.55
C THR N 186 9.35 -74.22 -59.41
N ASP N 187 8.31 -74.85 -58.85
CA ASP N 187 7.63 -75.97 -59.51
C ASP N 187 6.75 -75.54 -60.70
N VAL N 188 6.03 -74.43 -60.55
CA VAL N 188 5.11 -73.96 -61.59
C VAL N 188 5.86 -73.45 -62.83
N TRP N 189 7.06 -72.91 -62.62
CA TRP N 189 7.88 -72.38 -63.71
C TRP N 189 8.85 -73.41 -64.30
N GLY N 190 8.69 -74.68 -63.92
CA GLY N 190 9.47 -75.78 -64.50
C GLY N 190 10.97 -75.78 -64.21
N LEU N 191 11.37 -75.02 -63.19
CA LEU N 191 12.78 -74.93 -62.79
C LEU N 191 13.32 -76.26 -62.28
N ASP N 192 14.56 -76.56 -62.66
CA ASP N 192 15.20 -77.82 -62.29
C ASP N 192 16.17 -77.69 -61.14
N ALA N 193 16.74 -76.49 -60.98
CA ALA N 193 17.63 -76.19 -59.88
C ALA N 193 17.58 -74.71 -59.52
N VAL N 194 17.56 -74.41 -58.22
CA VAL N 194 17.60 -73.04 -57.73
C VAL N 194 18.61 -72.96 -56.59
N SER N 195 19.44 -71.93 -56.59
CA SER N 195 20.35 -71.67 -55.48
C SER N 195 20.17 -70.26 -54.93
N ALA N 196 20.19 -70.14 -53.61
CA ALA N 196 20.01 -68.86 -52.94
C ALA N 196 21.19 -68.48 -52.03
N GLY N 197 20.97 -67.49 -51.18
CA GLY N 197 21.96 -67.03 -50.21
C GLY N 197 21.25 -66.39 -49.03
N MET N 198 21.97 -66.19 -47.94
CA MET N 198 21.36 -65.69 -46.71
C MET N 198 21.34 -64.17 -46.62
N GLN N 199 22.42 -63.54 -47.05
CA GLN N 199 22.71 -62.14 -46.70
C GLN N 199 21.90 -61.07 -47.46
N1 LLP N 200 24.60 -64.04 -56.92
C2 LLP N 200 23.78 -62.97 -56.99
C2' LLP N 200 22.80 -62.92 -58.10
C3 LLP N 200 23.82 -61.96 -56.04
O3 LLP N 200 22.99 -60.90 -56.12
C4 LLP N 200 24.74 -62.05 -54.99
C4' LLP N 200 24.86 -60.96 -53.95
C5 LLP N 200 25.60 -63.17 -54.96
C6 LLP N 200 25.50 -64.16 -55.93
C5' LLP N 200 26.62 -63.29 -53.86
OP4 LLP N 200 27.25 -64.51 -53.66
P LLP N 200 28.14 -64.73 -52.37
OP1 LLP N 200 29.14 -63.59 -52.22
OP2 LLP N 200 28.89 -66.03 -52.52
OP3 LLP N 200 27.26 -64.79 -51.15
N LLP N 200 20.90 -61.48 -48.22
CA LLP N 200 20.12 -60.56 -49.03
CB LLP N 200 20.04 -61.01 -50.51
CG LLP N 200 21.12 -60.53 -51.46
CD LLP N 200 22.54 -61.04 -51.25
CE LLP N 200 23.63 -60.34 -51.98
NZ LLP N 200 23.60 -60.38 -53.44
C LLP N 200 18.76 -60.28 -48.42
O LLP N 200 18.65 -59.42 -47.53
N CYS N 201 17.73 -60.98 -48.89
CA CYS N 201 16.37 -60.80 -48.36
C CYS N 201 16.07 -61.77 -47.21
N LEU N 202 16.93 -62.77 -47.01
CA LEU N 202 16.67 -63.84 -46.04
C LEU N 202 17.01 -63.50 -44.57
N GLY N 203 18.09 -62.75 -44.36
CA GLY N 203 18.37 -62.08 -43.09
C GLY N 203 18.96 -62.80 -41.88
N GLY N 204 20.15 -63.40 -41.99
CA GLY N 204 20.95 -63.41 -43.20
C GLY N 204 22.40 -62.96 -43.07
N PRO N 205 23.26 -63.79 -42.46
CA PRO N 205 24.70 -63.63 -42.72
C PRO N 205 25.15 -64.62 -43.79
N SER N 206 26.06 -64.19 -44.66
CA SER N 206 26.61 -65.07 -45.69
C SER N 206 27.34 -66.26 -45.07
N GLY N 207 27.42 -67.36 -45.80
CA GLY N 207 28.06 -68.58 -45.32
C GLY N 207 27.27 -69.85 -45.54
N THR N 208 26.07 -69.71 -46.10
CA THR N 208 25.18 -70.84 -46.39
C THR N 208 24.43 -70.60 -47.71
N SER N 209 24.25 -71.66 -48.47
CA SER N 209 23.55 -71.58 -49.75
C SER N 209 22.41 -72.61 -49.81
N PRO N 210 21.14 -72.13 -49.71
CA PRO N 210 19.99 -73.01 -49.88
C PRO N 210 19.82 -73.41 -51.34
N ILE N 211 19.67 -74.71 -51.58
CA ILE N 211 19.45 -75.22 -52.94
C ILE N 211 18.26 -76.17 -53.02
N THR N 212 17.61 -76.21 -54.18
CA THR N 212 16.57 -77.19 -54.48
C THR N 212 16.76 -77.76 -55.88
N LEU N 213 16.59 -79.08 -55.99
CA LEU N 213 16.83 -79.79 -57.25
C LEU N 213 15.59 -80.58 -57.65
N SER N 214 15.23 -80.50 -58.93
CA SER N 214 14.06 -81.21 -59.45
C SER N 214 14.33 -82.72 -59.57
N ALA N 215 13.25 -83.50 -59.65
CA ALA N 215 13.34 -84.96 -59.80
C ALA N 215 14.18 -85.38 -61.02
N ARG N 216 14.13 -84.56 -62.07
CA ARG N 216 14.93 -84.77 -63.28
C ARG N 216 16.41 -84.46 -63.01
N MET N 217 16.66 -83.40 -62.24
CA MET N 217 18.01 -82.99 -61.88
C MET N 217 18.80 -84.06 -61.11
N GLU N 218 18.12 -84.78 -60.22
CA GLU N 218 18.81 -85.81 -59.43
C GLU N 218 19.18 -87.03 -60.24
N GLU N 219 18.39 -87.37 -61.26
CA GLU N 219 18.70 -88.49 -62.15
C GLU N 219 20.06 -88.26 -62.80
N ALA N 220 20.26 -87.06 -63.33
CA ALA N 220 21.52 -86.65 -63.96
C ALA N 220 22.69 -86.70 -62.98
N ILE N 221 22.46 -86.24 -61.74
CA ILE N 221 23.47 -86.27 -60.69
C ILE N 221 23.71 -87.70 -60.19
N ARG N 222 22.65 -88.50 -60.10
CA ARG N 222 22.74 -89.91 -59.70
C ARG N 222 23.46 -90.77 -60.72
N ARG N 223 23.38 -90.40 -61.99
CA ARG N 223 24.14 -91.04 -63.06
C ARG N 223 25.65 -90.90 -62.81
N ARG N 224 26.02 -89.92 -61.98
CA ARG N 224 27.41 -89.58 -61.70
C ARG N 224 27.94 -90.25 -60.43
N LYS N 225 27.11 -91.07 -59.79
CA LYS N 225 27.44 -91.71 -58.50
C LYS N 225 28.89 -92.18 -58.40
N CYS N 226 29.60 -91.63 -57.43
CA CYS N 226 30.98 -92.00 -57.12
C CYS N 226 31.26 -91.65 -55.66
N VAL N 227 31.32 -92.67 -54.82
CA VAL N 227 31.39 -92.48 -53.36
C VAL N 227 32.83 -92.53 -52.85
N GLU N 228 33.17 -91.54 -52.02
CA GLU N 228 34.51 -91.33 -51.46
C GLU N 228 35.10 -92.58 -50.80
N GLU N 229 36.37 -92.86 -51.14
CA GLU N 229 37.09 -94.07 -50.74
C GLU N 229 37.12 -94.37 -49.23
N GLY N 230 36.93 -93.32 -48.42
CA GLY N 230 36.88 -93.47 -46.97
C GLY N 230 35.57 -94.09 -46.49
N ILE N 231 34.47 -93.72 -47.15
CA ILE N 231 33.13 -94.16 -46.73
C ILE N 231 32.46 -95.11 -47.75
N ARG N 232 33.24 -95.54 -48.74
CA ARG N 232 32.77 -96.45 -49.79
C ARG N 232 32.60 -97.87 -49.25
N THR N 233 31.62 -98.60 -49.78
CA THR N 233 31.37 -99.99 -49.38
C THR N 233 31.14 -100.90 -50.59
N ASP N 234 30.84 -102.17 -50.30
CA ASP N 234 30.44 -103.14 -51.32
C ASP N 234 28.97 -102.92 -51.73
N ALA N 235 28.34 -101.95 -51.08
CA ALA N 235 26.96 -101.55 -51.37
C ALA N 235 26.92 -100.30 -52.26
N HIS N 236 28.08 -99.72 -52.52
CA HIS N 236 28.17 -98.51 -53.36
C HIS N 236 28.77 -98.82 -54.73
N ARG N 237 27.94 -98.72 -55.76
CA ARG N 237 28.38 -98.91 -57.14
C ARG N 237 28.35 -97.60 -57.91
N ASP N 238 29.35 -97.43 -58.78
CA ASP N 238 29.45 -96.23 -59.62
C ASP N 238 28.35 -96.20 -60.69
N GLY N 239 28.06 -95.00 -61.16
CA GLY N 239 27.03 -94.82 -62.20
C GLY N 239 27.53 -95.14 -63.59
N ASP N 240 26.74 -94.77 -64.59
CA ASP N 240 27.07 -95.01 -66.00
C ASP N 240 27.91 -93.88 -66.60
N GLU N 241 27.92 -92.72 -65.95
CA GLU N 241 28.68 -91.57 -66.40
C GLU N 241 29.78 -91.18 -65.41
N GLU N 242 30.73 -90.37 -65.86
CA GLU N 242 31.92 -90.00 -65.08
C GLU N 242 31.59 -89.22 -63.81
N MET N 243 32.48 -89.31 -62.83
CA MET N 243 32.31 -88.66 -61.53
C MET N 243 32.22 -87.14 -61.60
N ILE N 244 31.71 -86.53 -60.54
CA ILE N 244 31.73 -85.09 -60.38
C ILE N 244 33.15 -84.69 -59.96
N TYR N 245 33.69 -83.65 -60.58
CA TYR N 245 35.08 -83.27 -60.35
C TYR N 245 35.26 -82.33 -59.14
N SER N 246 34.68 -82.77 -58.03
CA SER N 246 34.76 -82.13 -56.72
C SER N 246 34.25 -83.11 -55.69
N ASN N 247 34.95 -83.21 -54.57
CA ASN N 247 34.48 -84.02 -53.44
C ASN N 247 33.42 -83.26 -52.65
N TYR N 248 33.76 -82.04 -52.24
CA TYR N 248 32.91 -81.18 -51.42
C TYR N 248 31.60 -80.83 -52.14
N PHE N 249 31.69 -80.54 -53.44
CA PHE N 249 30.53 -80.12 -54.22
C PHE N 249 29.87 -81.25 -55.03
N ASP N 250 30.17 -82.49 -54.65
CA ASP N 250 29.50 -83.65 -55.22
C ASP N 250 28.10 -83.71 -54.61
N LEU N 251 27.09 -83.31 -55.39
CA LEU N 251 25.73 -83.23 -54.88
C LEU N 251 25.06 -84.58 -54.68
N GLY N 252 25.66 -85.63 -55.26
CA GLY N 252 25.20 -86.99 -55.03
C GLY N 252 25.39 -87.40 -53.57
N MET N 253 26.57 -87.11 -53.04
CA MET N 253 26.92 -87.46 -51.67
C MET N 253 26.25 -86.55 -50.64
N VAL N 254 26.08 -85.27 -51.01
CA VAL N 254 25.36 -84.32 -50.19
C VAL N 254 23.91 -84.78 -49.97
N MET N 255 23.27 -85.24 -51.05
CA MET N 255 21.93 -85.81 -50.97
C MET N 255 21.86 -87.00 -50.01
N ASP N 256 22.84 -87.90 -50.11
CA ASP N 256 22.93 -89.08 -49.24
C ASP N 256 23.18 -88.75 -47.78
N TYR N 257 23.83 -87.61 -47.53
CA TYR N 257 24.08 -87.12 -46.18
C TYR N 257 22.80 -86.58 -45.55
N TRP N 258 22.07 -85.78 -46.32
CA TRP N 258 20.78 -85.23 -45.90
C TRP N 258 19.67 -86.28 -45.98
N GLY N 259 19.92 -87.33 -46.76
CA GLY N 259 18.97 -88.43 -46.92
C GLY N 259 18.98 -89.43 -45.78
N PRO N 260 18.14 -90.48 -45.86
CA PRO N 260 17.93 -91.43 -44.76
C PRO N 260 19.16 -92.24 -44.36
N GLU N 261 20.10 -92.41 -45.29
CA GLU N 261 21.32 -93.19 -45.02
C GLU N 261 22.33 -92.45 -44.15
N ARG N 262 22.22 -91.11 -44.11
CA ARG N 262 23.10 -90.25 -43.32
C ARG N 262 24.58 -90.47 -43.63
N LEU N 263 24.87 -90.69 -44.91
CA LEU N 263 26.22 -90.89 -45.43
C LEU N 263 27.15 -89.76 -44.99
N ASN N 264 28.28 -90.12 -44.38
CA ASN N 264 29.17 -89.14 -43.75
C ASN N 264 30.05 -88.36 -44.73
N HIS N 265 29.49 -87.32 -45.33
CA HIS N 265 30.21 -86.48 -46.29
C HIS N 265 31.09 -85.44 -45.62
N HIS N 266 30.49 -84.64 -44.73
CA HIS N 266 31.18 -83.59 -43.98
C HIS N 266 30.40 -83.30 -42.70
N THR N 267 31.04 -82.63 -41.76
CA THR N 267 30.34 -82.16 -40.56
C THR N 267 29.54 -80.91 -40.88
N GLU N 268 28.22 -81.07 -40.98
CA GLU N 268 27.32 -79.96 -41.29
C GLU N 268 27.52 -78.80 -40.31
N ALA N 269 27.62 -77.59 -40.86
CA ALA N 269 27.81 -76.39 -40.07
C ALA N 269 26.65 -76.20 -39.09
N THR N 270 26.89 -76.62 -37.84
CA THR N 270 25.86 -76.64 -36.79
C THR N 270 25.19 -75.27 -36.61
N THR N 271 26.01 -74.25 -36.47
CA THR N 271 25.52 -72.89 -36.18
C THR N 271 24.83 -72.24 -37.39
N ALA N 272 25.38 -72.47 -38.58
CA ALA N 272 24.81 -71.91 -39.80
C ALA N 272 23.45 -72.54 -40.11
N LEU N 273 23.29 -73.80 -39.74
CA LEU N 273 22.01 -74.51 -39.89
C LEU N 273 20.92 -73.89 -39.02
N PHE N 274 21.27 -73.59 -37.76
CA PHE N 274 20.34 -72.94 -36.83
C PHE N 274 19.88 -71.59 -37.37
N GLY N 275 20.80 -70.86 -38.01
CA GLY N 275 20.51 -69.57 -38.62
C GLY N 275 19.60 -69.66 -39.82
N ALA N 276 19.85 -70.63 -40.69
CA ALA N 276 19.09 -70.82 -41.92
C ALA N 276 17.66 -71.29 -41.64
N ARG N 277 17.52 -72.18 -40.65
CA ARG N 277 16.22 -72.64 -40.17
C ARG N 277 15.38 -71.46 -39.73
N GLU N 278 16.00 -70.55 -38.98
CA GLU N 278 15.34 -69.33 -38.52
C GLU N 278 14.94 -68.41 -39.64
N CYS N 279 15.84 -68.17 -40.58
CA CYS N 279 15.55 -67.35 -41.76
C CYS N 279 14.29 -67.84 -42.48
N ALA N 280 14.24 -69.13 -42.76
CA ALA N 280 13.09 -69.75 -43.44
C ALA N 280 11.82 -69.74 -42.57
N ARG N 281 11.98 -70.03 -41.28
CA ARG N 281 10.86 -70.06 -40.34
C ARG N 281 10.17 -68.70 -40.24
N LEU N 282 10.97 -67.64 -40.10
CA LEU N 282 10.45 -66.28 -39.98
C LEU N 282 9.73 -65.81 -41.24
N ILE N 283 10.30 -66.12 -42.40
CA ILE N 283 9.69 -65.79 -43.70
C ILE N 283 8.30 -66.45 -43.81
N LEU N 284 8.21 -67.72 -43.43
CA LEU N 284 6.96 -68.47 -43.50
C LEU N 284 5.96 -68.11 -42.40
N GLN N 285 6.48 -67.62 -41.27
CA GLN N 285 5.64 -67.09 -40.20
C GLN N 285 4.94 -65.81 -40.65
N GLU N 286 5.68 -64.94 -41.34
CA GLU N 286 5.11 -63.72 -41.90
C GLU N 286 4.20 -64.05 -43.09
N GLY N 287 4.56 -65.09 -43.84
CA GLY N 287 3.87 -65.44 -45.07
C GLY N 287 4.64 -64.89 -46.25
N LEU N 288 4.93 -65.75 -47.22
CA LEU N 288 5.80 -65.41 -48.34
C LEU N 288 5.28 -64.24 -49.18
N ASP N 289 4.00 -64.30 -49.56
CA ASP N 289 3.36 -63.23 -50.33
C ASP N 289 3.39 -61.90 -49.58
N TYR N 290 3.13 -61.95 -48.28
CA TYR N 290 3.22 -60.77 -47.40
C TYR N 290 4.61 -60.16 -47.42
N GLY N 291 5.62 -61.02 -47.35
CA GLY N 291 7.03 -60.62 -47.39
C GLY N 291 7.41 -59.97 -48.71
N ILE N 292 6.96 -60.57 -49.81
CA ILE N 292 7.15 -59.99 -51.15
C ILE N 292 6.47 -58.61 -51.22
N ALA N 293 5.25 -58.52 -50.71
CA ALA N 293 4.49 -57.26 -50.68
C ALA N 293 5.16 -56.19 -49.83
N ARG N 294 5.78 -56.59 -48.72
CA ARG N 294 6.52 -55.68 -47.85
C ARG N 294 7.74 -55.11 -48.59
N HIS N 295 8.39 -55.95 -49.38
CA HIS N 295 9.52 -55.52 -50.20
C HIS N 295 9.10 -54.56 -51.31
N LYS N 296 7.90 -54.74 -51.85
CA LYS N 296 7.38 -53.85 -52.89
C LYS N 296 7.01 -52.48 -52.33
N LEU N 297 6.27 -52.49 -51.21
CA LEU N 297 5.85 -51.24 -50.54
C LEU N 297 7.02 -50.31 -50.25
N HIS N 298 8.09 -50.84 -49.67
CA HIS N 298 9.25 -50.04 -49.28
C HIS N 298 10.21 -49.80 -50.44
N GLY N 299 10.21 -50.72 -51.40
CA GLY N 299 10.98 -50.55 -52.63
C GLY N 299 10.46 -49.35 -53.39
N ASP N 300 9.14 -49.33 -53.59
CA ASP N 300 8.47 -48.24 -54.30
C ASP N 300 8.59 -46.90 -53.57
N ALA N 301 8.47 -46.94 -52.24
CA ALA N 301 8.55 -45.73 -51.41
C ALA N 301 9.89 -45.04 -51.56
N LEU N 302 10.96 -45.83 -51.69
CA LEU N 302 12.29 -45.31 -51.95
C LEU N 302 12.39 -44.70 -53.35
N VAL N 303 11.83 -45.41 -54.34
CA VAL N 303 11.83 -44.95 -55.74
C VAL N 303 11.24 -43.55 -55.86
N LYS N 304 10.08 -43.34 -55.24
CA LYS N 304 9.35 -42.08 -55.33
C LYS N 304 10.09 -40.92 -54.65
N GLY N 305 10.69 -41.20 -53.49
CA GLY N 305 11.50 -40.22 -52.77
C GLY N 305 12.71 -39.77 -53.55
N ILE N 306 13.47 -40.74 -54.05
CA ILE N 306 14.64 -40.50 -54.90
C ILE N 306 14.30 -39.63 -56.12
N GLN N 307 13.17 -39.94 -56.76
CA GLN N 307 12.69 -39.21 -57.93
C GLN N 307 12.34 -37.76 -57.63
N ALA N 308 11.73 -37.52 -56.47
CA ALA N 308 11.35 -36.17 -56.04
C ALA N 308 12.55 -35.37 -55.55
N MET N 309 13.64 -36.08 -55.27
CA MET N 309 14.90 -35.45 -54.86
C MET N 309 15.66 -34.90 -56.07
N GLY N 310 15.10 -35.11 -57.26
CA GLY N 310 15.68 -34.61 -58.51
C GLY N 310 16.81 -35.49 -59.05
N LEU N 311 16.71 -36.79 -58.76
CA LEU N 311 17.73 -37.75 -59.17
C LEU N 311 17.20 -38.72 -60.22
N GLU N 312 18.04 -39.06 -61.18
CA GLU N 312 17.72 -40.06 -62.20
C GLU N 312 17.88 -41.46 -61.62
N THR N 313 17.17 -42.43 -62.20
CA THR N 313 17.33 -43.83 -61.84
C THR N 313 17.99 -44.62 -62.95
N PHE N 314 18.49 -45.81 -62.63
CA PHE N 314 19.11 -46.69 -63.61
C PHE N 314 18.23 -47.91 -63.89
N GLY N 315 18.27 -48.37 -65.15
CA GLY N 315 17.57 -49.57 -65.56
C GLY N 315 16.13 -49.31 -65.95
N ASP N 316 15.52 -50.32 -66.58
CA ASP N 316 14.13 -50.27 -66.97
C ASP N 316 13.25 -50.58 -65.75
N LEU N 317 12.57 -49.55 -65.24
CA LEU N 317 11.78 -49.65 -64.01
C LEU N 317 10.67 -50.70 -64.06
N LYS N 318 10.19 -51.01 -65.27
CA LYS N 318 9.17 -52.04 -65.48
C LYS N 318 9.58 -53.40 -64.92
N HIS N 319 10.89 -53.67 -64.92
CA HIS N 319 11.42 -54.96 -64.51
C HIS N 319 12.44 -54.83 -63.38
N LYS N 320 12.35 -53.75 -62.61
CA LYS N 320 13.24 -53.52 -61.47
C LYS N 320 12.90 -54.47 -60.33
N MET N 321 13.94 -54.90 -59.61
CA MET N 321 13.76 -55.72 -58.41
C MET N 321 13.07 -54.91 -57.32
N ASN N 322 12.27 -55.60 -56.50
CA ASN N 322 11.61 -54.95 -55.36
C ASN N 322 12.58 -54.43 -54.31
N ASN N 323 13.79 -54.98 -54.29
CA ASN N 323 14.70 -54.78 -53.17
C ASN N 323 15.99 -54.01 -53.41
N VAL N 324 16.25 -53.58 -54.65
CA VAL N 324 17.41 -52.73 -54.96
C VAL N 324 17.03 -51.59 -55.89
N LEU N 325 17.80 -50.50 -55.83
CA LEU N 325 17.56 -49.32 -56.66
C LEU N 325 18.86 -48.70 -57.11
N GLY N 326 18.99 -48.48 -58.42
CA GLY N 326 20.13 -47.77 -58.99
C GLY N 326 19.85 -46.28 -59.05
N VAL N 327 20.71 -45.49 -58.42
CA VAL N 327 20.56 -44.03 -58.40
C VAL N 327 21.75 -43.38 -59.10
N VAL N 328 21.48 -42.71 -60.21
CA VAL N 328 22.51 -42.04 -60.99
C VAL N 328 23.13 -40.88 -60.20
N ILE N 329 24.46 -40.85 -60.15
CA ILE N 329 25.21 -39.80 -59.47
C ILE N 329 25.11 -38.49 -60.26
N PRO N 330 24.66 -37.40 -59.58
CA PRO N 330 24.23 -36.12 -60.16
C PRO N 330 25.16 -35.45 -61.17
N GLN N 331 26.47 -35.67 -61.06
CA GLN N 331 27.49 -34.95 -61.85
C GLN N 331 27.78 -33.62 -61.13
N GLY N 332 28.99 -33.53 -60.58
CA GLY N 332 29.33 -32.49 -59.61
C GLY N 332 29.54 -33.14 -58.26
N ILE N 333 28.68 -34.10 -57.93
CA ILE N 333 28.82 -34.89 -56.71
C ILE N 333 29.83 -36.00 -56.89
N ASN N 334 30.65 -36.23 -55.87
CA ASN N 334 31.62 -37.32 -55.86
C ASN N 334 31.06 -38.51 -55.11
N GLY N 335 30.68 -39.55 -55.86
CA GLY N 335 29.95 -40.71 -55.33
C GLY N 335 30.55 -41.37 -54.09
N ASP N 336 31.88 -41.53 -54.09
CA ASP N 336 32.60 -42.12 -52.98
C ASP N 336 32.58 -41.22 -51.74
N GLN N 337 32.61 -39.91 -51.97
CA GLN N 337 32.51 -38.92 -50.89
C GLN N 337 31.15 -38.98 -50.21
N ALA N 338 30.09 -39.18 -51.00
CA ALA N 338 28.74 -39.36 -50.47
C ALA N 338 28.67 -40.61 -49.60
N ARG N 339 29.27 -41.70 -50.07
CA ARG N 339 29.37 -42.95 -49.32
C ARG N 339 30.12 -42.79 -48.00
N LYS N 340 31.22 -42.03 -48.03
CA LYS N 340 32.03 -41.77 -46.83
C LYS N 340 31.23 -41.02 -45.76
N LEU N 341 30.50 -39.99 -46.17
CA LEU N 341 29.68 -39.20 -45.24
C LEU N 341 28.49 -39.97 -44.72
N MET N 342 27.87 -40.79 -45.58
CA MET N 342 26.77 -41.65 -45.17
C MET N 342 27.22 -42.68 -44.14
N LEU N 343 28.37 -43.30 -44.39
CA LEU N 343 28.91 -44.35 -43.53
C LEU N 343 29.47 -43.80 -42.21
N GLU N 344 30.25 -42.72 -42.30
CA GLU N 344 30.95 -42.19 -41.13
C GLU N 344 30.14 -41.22 -40.27
N ASP N 345 29.23 -40.48 -40.89
CA ASP N 345 28.46 -39.46 -40.17
C ASP N 345 27.03 -39.88 -39.83
N PHE N 346 26.50 -40.84 -40.57
CA PHE N 346 25.13 -41.32 -40.36
C PHE N 346 25.04 -42.79 -39.99
N GLY N 347 26.18 -43.49 -40.10
CA GLY N 347 26.23 -44.93 -39.81
C GLY N 347 25.37 -45.75 -40.76
N ILE N 348 25.25 -45.27 -42.00
CA ILE N 348 24.44 -45.93 -43.02
C ILE N 348 25.28 -46.26 -44.25
N GLU N 349 25.21 -47.52 -44.66
CA GLU N 349 25.92 -47.96 -45.86
C GLU N 349 25.00 -47.97 -47.07
N ILE N 350 25.36 -47.20 -48.09
CA ILE N 350 24.79 -47.35 -49.42
C ILE N 350 25.85 -47.94 -50.35
N GLY N 351 25.40 -48.63 -51.39
CA GLY N 351 26.30 -49.36 -52.27
C GLY N 351 26.86 -48.57 -53.43
N THR N 352 28.13 -48.79 -53.72
CA THR N 352 28.77 -48.33 -54.95
C THR N 352 28.51 -49.38 -56.03
N SER N 353 28.85 -49.05 -57.27
CA SER N 353 28.76 -50.00 -58.38
C SER N 353 30.14 -50.45 -58.83
N PHE N 354 30.28 -51.74 -59.15
CA PHE N 354 31.54 -52.29 -59.64
C PHE N 354 31.57 -52.39 -61.16
N GLY N 355 32.65 -51.91 -61.75
CA GLY N 355 32.85 -52.01 -63.20
C GLY N 355 32.50 -50.73 -63.96
N PRO N 356 31.67 -50.85 -65.01
CA PRO N 356 31.36 -49.75 -65.94
C PRO N 356 30.55 -48.62 -65.32
N LEU N 357 29.81 -48.92 -64.25
CA LEU N 357 28.97 -47.92 -63.58
C LEU N 357 29.63 -47.35 -62.33
N HIS N 358 30.89 -47.69 -62.08
CA HIS N 358 31.61 -47.15 -60.92
C HIS N 358 31.82 -45.64 -61.09
N GLY N 359 31.31 -44.89 -60.12
CA GLY N 359 31.33 -43.44 -60.17
C GLY N 359 30.09 -42.87 -60.84
N LYS N 360 29.19 -43.75 -61.28
CA LYS N 360 28.00 -43.33 -62.02
C LYS N 360 26.68 -43.73 -61.36
N VAL N 361 26.65 -44.89 -60.69
CA VAL N 361 25.40 -45.40 -60.11
C VAL N 361 25.57 -45.89 -58.66
N TRP N 362 24.74 -45.35 -57.76
CA TRP N 362 24.63 -45.87 -56.39
C TRP N 362 23.63 -47.01 -56.34
N ARG N 363 23.85 -47.94 -55.41
CA ARG N 363 22.90 -49.03 -55.21
C ARG N 363 22.36 -49.06 -53.79
N ILE N 364 21.10 -48.62 -53.64
CA ILE N 364 20.42 -48.62 -52.36
C ILE N 364 19.44 -49.77 -52.32
N GLY N 365 19.62 -50.65 -51.35
CA GLY N 365 18.75 -51.80 -51.18
C GLY N 365 17.79 -51.63 -50.02
N THR N 366 16.61 -52.23 -50.16
CA THR N 366 15.61 -52.29 -49.09
C THR N 366 15.19 -53.75 -48.94
N MET N 367 16.03 -54.54 -48.28
CA MET N 367 15.85 -56.00 -48.23
C MET N 367 15.74 -56.54 -46.81
N GLY N 368 15.12 -57.71 -46.70
CA GLY N 368 15.02 -58.47 -45.46
C GLY N 368 14.53 -57.66 -44.29
N TYR N 369 15.27 -57.74 -43.20
CA TYR N 369 14.97 -57.03 -41.96
C TYR N 369 14.94 -55.51 -42.14
N ASN N 370 15.71 -55.02 -43.12
CA ASN N 370 15.80 -53.58 -43.38
C ASN N 370 14.82 -53.05 -44.43
N ALA N 371 13.89 -53.91 -44.84
CA ALA N 371 12.76 -53.46 -45.64
C ALA N 371 11.67 -52.97 -44.69
N ARG N 372 11.88 -51.76 -44.19
CA ARG N 372 10.96 -51.12 -43.24
C ARG N 372 10.79 -49.65 -43.58
N LYS N 373 9.66 -49.09 -43.17
CA LYS N 373 9.37 -47.67 -43.36
C LYS N 373 10.50 -46.78 -42.81
N ASP N 374 10.98 -47.08 -41.61
CA ASP N 374 12.00 -46.27 -40.96
C ASP N 374 13.39 -46.34 -41.60
N CYS N 375 13.70 -47.47 -42.21
CA CYS N 375 14.96 -47.65 -42.94
C CYS N 375 15.00 -46.77 -44.19
N VAL N 376 13.91 -46.81 -44.96
CA VAL N 376 13.75 -45.96 -46.14
C VAL N 376 13.77 -44.49 -45.76
N MET N 377 13.07 -44.16 -44.68
CA MET N 377 12.96 -42.78 -44.17
C MET N 377 14.28 -42.17 -43.72
N THR N 378 15.03 -42.90 -42.89
CA THR N 378 16.32 -42.43 -42.40
C THR N 378 17.36 -42.36 -43.53
N THR N 379 17.28 -43.30 -44.47
CA THR N 379 18.17 -43.31 -45.64
C THR N 379 17.94 -42.09 -46.53
N LEU N 380 16.66 -41.77 -46.79
CA LEU N 380 16.30 -40.62 -47.62
C LEU N 380 16.73 -39.29 -47.00
N SER N 381 16.44 -39.12 -45.71
CA SER N 381 16.81 -37.88 -45.00
C SER N 381 18.33 -37.71 -44.89
N ALA N 382 19.05 -38.82 -44.73
CA ALA N 382 20.51 -38.81 -44.67
C ALA N 382 21.13 -38.48 -46.03
N LEU N 383 20.59 -39.10 -47.09
CA LEU N 383 21.08 -38.90 -48.45
C LEU N 383 20.94 -37.44 -48.86
N GLU N 384 19.76 -36.88 -48.60
CA GLU N 384 19.46 -35.49 -48.96
C GLU N 384 20.34 -34.50 -48.18
N ALA N 385 20.53 -34.80 -46.88
CA ALA N 385 21.36 -33.98 -46.01
C ALA N 385 22.82 -33.97 -46.44
N VAL N 386 23.30 -35.13 -46.88
CA VAL N 386 24.66 -35.27 -47.42
C VAL N 386 24.79 -34.48 -48.73
N LEU N 387 23.80 -34.62 -49.61
CA LEU N 387 23.82 -33.95 -50.91
C LEU N 387 23.78 -32.43 -50.81
N ASN N 388 22.98 -31.90 -49.88
CA ASN N 388 22.91 -30.45 -49.63
C ASN N 388 24.20 -29.88 -49.07
N TYR N 389 24.87 -30.69 -48.25
CA TYR N 389 26.17 -30.34 -47.67
C TYR N 389 27.26 -30.40 -48.73
N LEU N 390 27.09 -31.29 -49.70
CA LEU N 390 27.98 -31.38 -50.85
C LEU N 390 27.55 -30.41 -51.95
N LYS N 391 26.54 -29.59 -51.64
CA LYS N 391 26.07 -28.49 -52.48
C LYS N 391 25.29 -28.90 -53.73
N PHE N 392 24.48 -29.95 -53.62
CA PHE N 392 23.51 -30.31 -54.65
C PHE N 392 22.14 -29.82 -54.19
N PRO N 393 21.55 -28.85 -54.93
CA PRO N 393 20.29 -28.26 -54.49
C PRO N 393 19.11 -29.19 -54.73
N THR N 394 18.25 -29.29 -53.73
CA THR N 394 17.00 -30.05 -53.82
C THR N 394 15.86 -29.15 -53.36
N THR N 395 14.65 -29.42 -53.84
CA THR N 395 13.46 -28.73 -53.34
C THR N 395 13.20 -29.20 -51.91
N GLN N 396 13.17 -28.25 -50.98
CA GLN N 396 13.07 -28.54 -49.56
C GLN N 396 11.81 -29.31 -49.18
N GLY N 397 12.01 -30.52 -48.67
CA GLY N 397 10.93 -31.36 -48.16
C GLY N 397 10.23 -32.23 -49.19
N ALA N 398 10.56 -32.02 -50.47
CA ALA N 398 9.89 -32.71 -51.58
C ALA N 398 10.13 -34.21 -51.61
N ALA N 399 11.38 -34.62 -51.41
CA ALA N 399 11.76 -36.03 -51.39
C ALA N 399 11.06 -36.76 -50.24
N MET N 400 11.02 -36.11 -49.08
CA MET N 400 10.36 -36.66 -47.89
C MET N 400 8.84 -36.66 -48.02
N GLN N 401 8.29 -35.58 -48.59
CA GLN N 401 6.86 -35.47 -48.85
C GLN N 401 6.37 -36.64 -49.72
N ALA N 402 7.09 -36.91 -50.80
CA ALA N 402 6.74 -37.97 -51.74
C ALA N 402 6.72 -39.35 -51.08
N ALA N 403 7.67 -39.60 -50.18
CA ALA N 403 7.74 -40.86 -49.44
C ALA N 403 6.56 -41.01 -48.47
N TRP N 404 6.28 -39.95 -47.71
CA TRP N 404 5.13 -39.91 -46.80
C TRP N 404 3.82 -40.13 -47.53
N ASP N 405 3.63 -39.41 -48.66
CA ASP N 405 2.44 -39.53 -49.49
C ASP N 405 2.18 -40.96 -49.97
N HIS N 406 3.25 -41.64 -50.35
CA HIS N 406 3.17 -43.03 -50.80
C HIS N 406 2.74 -43.96 -49.67
N TYR N 407 3.23 -43.70 -48.47
CA TYR N 407 2.85 -44.49 -47.30
C TYR N 407 1.42 -44.22 -46.82
N ARG N 408 0.99 -42.96 -46.96
CA ARG N 408 -0.37 -42.57 -46.57
C ARG N 408 -1.42 -43.13 -47.53
N SER N 409 -1.12 -43.08 -48.83
CA SER N 409 -2.02 -43.58 -49.87
C SER N 409 -2.14 -45.10 -49.84
N GLU N 410 -1.07 -45.77 -49.43
CA GLU N 410 -1.03 -47.23 -49.39
C GLU N 410 -1.63 -47.81 -48.11
N ARG N 411 -1.93 -46.94 -47.14
CA ARG N 411 -2.55 -47.35 -45.89
C ARG N 411 -4.05 -47.14 -45.91
N ASP O 2 44.77 -52.36 -12.55
CA ASP O 2 44.80 -52.17 -14.03
C ASP O 2 43.54 -52.70 -14.68
N ILE O 3 43.01 -51.95 -15.66
CA ILE O 3 41.80 -52.34 -16.37
C ILE O 3 42.06 -53.46 -17.39
N THR O 4 43.29 -53.55 -17.89
CA THR O 4 43.68 -54.55 -18.87
C THR O 4 43.60 -55.98 -18.33
N GLN O 5 43.63 -56.12 -16.99
CA GLN O 5 43.51 -57.42 -16.33
C GLN O 5 42.06 -57.77 -15.95
N PHE O 6 41.11 -56.97 -16.40
CA PHE O 6 39.68 -57.28 -16.26
C PHE O 6 39.14 -57.76 -17.61
N SER O 7 39.16 -59.07 -17.81
CA SER O 7 38.77 -59.68 -19.09
C SER O 7 37.26 -59.81 -19.23
N GLN O 8 36.81 -60.25 -20.41
CA GLN O 8 35.38 -60.45 -20.67
C GLN O 8 34.78 -61.47 -19.72
N LEU O 9 33.46 -61.42 -19.57
CA LEU O 9 32.73 -62.35 -18.71
C LEU O 9 32.93 -63.79 -19.18
N ASN O 10 33.26 -64.67 -18.24
CA ASN O 10 33.57 -66.08 -18.55
C ASN O 10 33.35 -67.00 -17.33
N PRO O 11 32.08 -67.27 -16.97
CA PRO O 11 31.83 -68.14 -15.84
C PRO O 11 32.01 -69.61 -16.20
N PRO O 12 32.67 -70.39 -15.33
CA PRO O 12 32.94 -71.79 -15.63
C PRO O 12 31.67 -72.61 -15.73
N SER O 13 31.73 -73.71 -16.48
CA SER O 13 30.60 -74.62 -16.62
C SER O 13 30.26 -75.25 -15.27
N ARG O 14 28.99 -75.12 -14.88
CA ARG O 14 28.51 -75.62 -13.61
C ARG O 14 27.15 -76.29 -13.79
N LEU O 15 27.00 -77.48 -13.23
CA LEU O 15 25.69 -78.08 -13.08
C LEU O 15 25.19 -77.75 -11.68
N LEU O 16 24.22 -76.85 -11.62
CA LEU O 16 23.72 -76.36 -10.34
C LEU O 16 22.60 -77.25 -9.82
N MET O 17 22.95 -78.12 -8.88
CA MET O 17 22.02 -79.08 -8.29
C MET O 17 21.86 -78.83 -6.80
N GLY O 18 21.88 -77.56 -6.41
CA GLY O 18 21.70 -77.17 -5.01
C GLY O 18 20.31 -76.66 -4.76
N PRO O 19 20.12 -75.88 -3.67
CA PRO O 19 18.81 -75.29 -3.38
C PRO O 19 18.50 -74.09 -4.26
N GLY O 20 19.42 -73.73 -5.14
CA GLY O 20 19.26 -72.57 -6.02
C GLY O 20 20.33 -71.53 -5.78
N PRO O 21 20.58 -70.64 -6.77
CA PRO O 21 19.97 -70.64 -8.10
C PRO O 21 20.45 -71.82 -8.93
N ILE O 22 19.59 -72.31 -9.83
CA ILE O 22 19.97 -73.38 -10.74
C ILE O 22 20.14 -72.82 -12.15
N ASN O 23 20.72 -73.61 -13.05
CA ASN O 23 20.97 -73.17 -14.42
C ASN O 23 19.72 -72.70 -15.14
N ALA O 24 19.83 -71.57 -15.82
CA ALA O 24 18.71 -71.01 -16.57
C ALA O 24 18.48 -71.80 -17.84
N ASP O 25 17.24 -71.81 -18.30
CA ASP O 25 16.91 -72.35 -19.62
C ASP O 25 17.59 -71.46 -20.67
N PRO O 26 18.31 -72.07 -21.63
CA PRO O 26 19.00 -71.32 -22.68
C PRO O 26 18.10 -70.40 -23.52
N ARG O 27 16.81 -70.73 -23.60
CA ARG O 27 15.84 -69.86 -24.27
C ARG O 27 15.64 -68.54 -23.50
N VAL O 28 15.65 -68.64 -22.18
CA VAL O 28 15.54 -67.47 -21.30
C VAL O 28 16.77 -66.58 -21.46
N LEU O 29 17.96 -67.19 -21.40
CA LEU O 29 19.25 -66.50 -21.52
C LEU O 29 19.38 -65.73 -22.84
N ARG O 30 19.06 -66.39 -23.95
CA ARG O 30 19.11 -65.76 -25.26
C ARG O 30 18.18 -64.55 -25.33
N ALA O 31 16.96 -64.72 -24.82
CA ALA O 31 15.95 -63.65 -24.78
C ALA O 31 16.43 -62.41 -24.02
N MET O 32 17.33 -62.60 -23.06
CA MET O 32 17.90 -61.49 -22.30
C MET O 32 18.87 -60.65 -23.11
N SER O 33 19.49 -61.26 -24.12
CA SER O 33 20.43 -60.55 -24.99
C SER O 33 19.70 -59.69 -26.02
N SER O 34 18.37 -59.73 -26.01
CA SER O 34 17.54 -58.98 -26.94
C SER O 34 17.64 -57.47 -26.73
N GLN O 35 17.48 -56.73 -27.83
CA GLN O 35 17.62 -55.27 -27.81
C GLN O 35 16.49 -54.61 -27.03
N LEU O 36 16.71 -53.36 -26.60
CA LEU O 36 15.78 -52.68 -25.72
C LEU O 36 14.83 -51.74 -26.48
N ILE O 37 13.77 -51.32 -25.80
CA ILE O 37 12.83 -50.32 -26.31
C ILE O 37 12.54 -49.27 -25.23
N GLY O 38 11.87 -48.19 -25.63
CA GLY O 38 11.46 -47.14 -24.69
C GLY O 38 10.45 -47.64 -23.68
N GLN O 39 10.45 -47.01 -22.51
CA GLN O 39 9.58 -47.40 -21.40
C GLN O 39 8.08 -47.38 -21.76
N TYR O 40 7.69 -46.45 -22.63
CA TYR O 40 6.29 -46.29 -23.00
C TYR O 40 6.00 -46.54 -24.48
N ASP O 41 6.89 -47.29 -25.12
CA ASP O 41 6.67 -47.76 -26.49
C ASP O 41 5.53 -48.78 -26.45
N PRO O 42 4.62 -48.73 -27.45
CA PRO O 42 3.50 -49.67 -27.51
C PRO O 42 3.91 -51.14 -27.46
N ALA O 43 5.18 -51.42 -27.75
CA ALA O 43 5.71 -52.77 -27.67
C ALA O 43 6.04 -53.18 -26.23
N MET O 44 6.56 -52.24 -25.46
CA MET O 44 6.86 -52.48 -24.05
C MET O 44 5.58 -52.76 -23.26
N THR O 45 4.55 -51.96 -23.51
CA THR O 45 3.25 -52.11 -22.82
C THR O 45 2.56 -53.41 -23.24
N HIS O 46 2.67 -53.75 -24.52
CA HIS O 46 2.11 -55.00 -25.03
C HIS O 46 2.78 -56.22 -24.41
N TYR O 47 4.11 -56.17 -24.32
CA TYR O 47 4.88 -57.25 -23.68
C TYR O 47 4.54 -57.37 -22.19
N MET O 48 4.25 -56.23 -21.56
CA MET O 48 3.81 -56.20 -20.17
C MET O 48 2.45 -56.87 -20.00
N ASN O 49 1.53 -56.58 -20.92
CA ASN O 49 0.20 -57.24 -20.96
C ASN O 49 0.32 -58.75 -21.13
N GLU O 50 1.22 -59.17 -22.01
CA GLU O 50 1.46 -60.59 -22.27
C GLU O 50 2.05 -61.30 -21.06
N VAL O 51 2.90 -60.61 -20.30
CA VAL O 51 3.49 -61.15 -19.08
C VAL O 51 2.42 -61.39 -18.02
N MET O 52 1.49 -60.44 -17.87
CA MET O 52 0.38 -60.57 -16.92
C MET O 52 -0.44 -61.83 -17.20
N ALA O 53 -0.92 -61.97 -18.43
CA ALA O 53 -1.69 -63.13 -18.86
C ALA O 53 -0.93 -64.45 -18.66
N LEU O 54 0.35 -64.46 -19.03
CA LEU O 54 1.18 -65.66 -18.91
C LEU O 54 1.25 -66.20 -17.49
N TYR O 55 1.48 -65.32 -16.52
CA TYR O 55 1.60 -65.73 -15.13
C TYR O 55 0.26 -66.08 -14.47
N ARG O 56 -0.84 -65.60 -15.04
CA ARG O 56 -2.17 -66.07 -14.66
C ARG O 56 -2.28 -67.57 -14.92
N GLY O 57 -1.61 -68.02 -15.98
CA GLY O 57 -1.53 -69.45 -16.31
C GLY O 57 -0.60 -70.22 -15.40
N VAL O 58 0.51 -69.60 -15.02
CA VAL O 58 1.49 -70.23 -14.11
C VAL O 58 0.97 -70.29 -12.68
N PHE O 59 0.45 -69.16 -12.18
CA PHE O 59 -0.16 -69.11 -10.85
C PHE O 59 -1.48 -69.88 -10.78
N ARG O 60 -2.08 -70.14 -11.94
CA ARG O 60 -3.39 -70.81 -12.04
C ARG O 60 -4.51 -69.96 -11.44
N THR O 61 -4.50 -68.67 -11.77
CA THR O 61 -5.46 -67.72 -11.23
C THR O 61 -6.14 -66.90 -12.32
N GLU O 62 -7.29 -66.33 -11.98
CA GLU O 62 -7.98 -65.38 -12.86
C GLU O 62 -7.71 -63.95 -12.40
N ASN O 63 -6.86 -63.81 -11.38
CA ASN O 63 -6.53 -62.51 -10.79
C ASN O 63 -6.08 -61.48 -11.83
N ARG O 64 -6.80 -60.37 -11.86
CA ARG O 64 -6.47 -59.25 -12.74
C ARG O 64 -5.06 -58.72 -12.45
N TRP O 65 -4.76 -58.54 -11.17
CA TRP O 65 -3.46 -58.00 -10.78
C TRP O 65 -2.41 -59.08 -10.54
N THR O 66 -1.85 -59.57 -11.64
CA THR O 66 -0.74 -60.51 -11.65
C THR O 66 0.39 -59.84 -12.42
N MET O 67 1.49 -59.55 -11.72
CA MET O 67 2.55 -58.69 -12.26
C MET O 67 3.93 -58.99 -11.70
N LEU O 68 4.92 -58.17 -12.07
CA LEU O 68 6.30 -58.37 -11.63
C LEU O 68 6.80 -57.27 -10.69
N VAL O 69 7.55 -57.71 -9.67
CA VAL O 69 8.27 -56.80 -8.77
C VAL O 69 9.75 -56.86 -9.16
N ASP O 70 10.35 -55.70 -9.41
CA ASP O 70 11.75 -55.63 -9.81
C ASP O 70 12.70 -55.71 -8.61
N GLY O 71 13.05 -56.93 -8.27
CA GLY O 71 13.91 -57.24 -7.13
C GLY O 71 13.83 -58.74 -6.93
N THR O 72 14.74 -59.29 -6.14
CA THR O 72 14.77 -60.75 -5.91
C THR O 72 13.49 -61.24 -5.22
N SER O 73 13.38 -62.54 -5.00
CA SER O 73 12.15 -63.15 -4.51
C SER O 73 11.57 -62.50 -3.23
N ARG O 74 12.43 -62.29 -2.24
CA ARG O 74 12.01 -61.70 -0.96
C ARG O 74 11.66 -60.21 -1.06
N ALA O 75 11.87 -59.64 -2.24
CA ALA O 75 11.41 -58.28 -2.53
C ALA O 75 9.91 -58.29 -2.81
N GLY O 76 9.44 -59.34 -3.48
CA GLY O 76 8.02 -59.55 -3.73
C GLY O 76 7.27 -59.84 -2.45
N ILE O 77 7.87 -60.64 -1.58
CA ILE O 77 7.33 -60.89 -0.24
C ILE O 77 7.18 -59.54 0.48
N GLU O 78 8.25 -58.76 0.50
CA GLU O 78 8.25 -57.46 1.18
C GLU O 78 7.20 -56.50 0.60
N ALA O 79 7.19 -56.35 -0.73
CA ALA O 79 6.19 -55.53 -1.41
C ALA O 79 4.77 -55.86 -0.97
N ILE O 80 4.46 -57.15 -0.80
CA ILE O 80 3.14 -57.59 -0.40
C ILE O 80 2.88 -57.32 1.08
N LEU O 81 3.86 -57.62 1.93
CA LEU O 81 3.70 -57.42 3.36
C LEU O 81 3.61 -55.96 3.77
N VAL O 82 4.38 -55.10 3.10
CA VAL O 82 4.35 -53.66 3.37
C VAL O 82 3.02 -53.03 2.92
N SER O 83 2.45 -53.57 1.85
CA SER O 83 1.20 -53.07 1.28
C SER O 83 -0.04 -53.61 1.99
N ALA O 84 0.09 -54.78 2.63
CA ALA O 84 -1.02 -55.42 3.31
C ALA O 84 -1.05 -55.09 4.80
N ILE O 85 0.12 -54.86 5.39
CA ILE O 85 0.23 -54.66 6.83
C ILE O 85 0.30 -53.18 7.22
N ARG O 86 -0.75 -52.71 7.92
CA ARG O 86 -0.70 -51.44 8.60
C ARG O 86 -0.11 -51.69 9.98
N PRO O 87 0.82 -50.82 10.44
CA PRO O 87 1.45 -50.98 11.74
C PRO O 87 0.46 -51.33 12.85
N GLY O 88 0.74 -52.42 13.56
CA GLY O 88 -0.14 -52.89 14.64
C GLY O 88 -0.92 -54.15 14.34
N ASP O 89 -1.11 -54.45 13.05
CA ASP O 89 -1.89 -55.62 12.63
C ASP O 89 -1.29 -56.94 13.11
N LYS O 90 -2.16 -57.88 13.44
CA LYS O 90 -1.71 -59.19 13.92
C LYS O 90 -1.43 -60.14 12.76
N VAL O 91 -0.33 -60.87 12.86
CA VAL O 91 0.12 -61.76 11.80
C VAL O 91 0.37 -63.16 12.37
N LEU O 92 0.07 -64.19 11.58
CA LEU O 92 0.34 -65.56 11.99
C LEU O 92 1.26 -66.28 10.99
N VAL O 93 2.41 -66.71 11.50
CA VAL O 93 3.38 -67.44 10.69
C VAL O 93 3.59 -68.85 11.24
N PRO O 94 3.15 -69.87 10.48
CA PRO O 94 3.49 -71.25 10.78
C PRO O 94 4.92 -71.54 10.31
N VAL O 95 5.82 -71.67 11.28
CA VAL O 95 7.27 -71.75 10.99
C VAL O 95 7.78 -73.20 11.00
N PHE O 96 8.17 -73.68 9.82
CA PHE O 96 8.77 -75.01 9.70
C PHE O 96 10.14 -74.99 9.00
N GLY O 97 10.77 -73.82 8.99
CA GLY O 97 12.10 -73.67 8.40
C GLY O 97 12.63 -72.26 8.39
N ARG O 98 13.80 -72.08 7.78
CA ARG O 98 14.51 -70.80 7.74
C ARG O 98 13.66 -69.67 7.15
N PHE O 99 12.86 -69.98 6.13
CA PHE O 99 12.12 -68.95 5.41
C PHE O 99 10.84 -68.49 6.12
N GLY O 100 10.37 -69.30 7.08
CA GLY O 100 9.30 -68.88 7.98
C GLY O 100 9.79 -67.78 8.90
N HIS O 101 11.07 -67.84 9.27
CA HIS O 101 11.72 -66.81 10.07
C HIS O 101 11.96 -65.53 9.27
N LEU O 102 12.15 -65.67 7.96
CA LEU O 102 12.29 -64.51 7.08
C LEU O 102 10.99 -63.71 7.08
N LEU O 103 9.86 -64.41 6.91
CA LEU O 103 8.54 -63.76 6.94
C LEU O 103 8.34 -63.02 8.26
N CYS O 104 8.82 -63.60 9.35
CA CYS O 104 8.74 -62.99 10.68
C CYS O 104 9.48 -61.66 10.75
N GLU O 105 10.66 -61.60 10.14
CA GLU O 105 11.43 -60.34 10.10
C GLU O 105 10.78 -59.29 9.23
N ILE O 106 10.36 -59.67 8.02
CA ILE O 106 9.72 -58.73 7.10
C ILE O 106 8.46 -58.13 7.73
N ALA O 107 7.62 -59.00 8.29
CA ALA O 107 6.41 -58.56 9.01
C ALA O 107 6.75 -57.61 10.17
N ARG O 108 7.89 -57.85 10.82
CA ARG O 108 8.38 -56.99 11.91
C ARG O 108 8.79 -55.62 11.40
N ARG O 109 9.38 -55.59 10.20
CA ARG O 109 9.80 -54.33 9.57
C ARG O 109 8.60 -53.56 9.02
N CYS O 110 7.44 -54.21 8.98
CA CYS O 110 6.17 -53.56 8.65
C CYS O 110 5.44 -53.13 9.93
N ARG O 111 6.06 -53.40 11.07
CA ARG O 111 5.57 -53.04 12.41
C ARG O 111 4.28 -53.77 12.82
N ALA O 112 4.15 -55.02 12.35
CA ALA O 112 3.02 -55.87 12.72
C ALA O 112 3.32 -56.59 14.02
N GLU O 113 2.26 -57.06 14.69
CA GLU O 113 2.44 -57.96 15.81
C GLU O 113 2.54 -59.39 15.27
N VAL O 114 3.72 -59.98 15.42
CA VAL O 114 4.03 -61.27 14.81
C VAL O 114 3.83 -62.41 15.80
N HIS O 115 2.80 -63.21 15.55
CA HIS O 115 2.56 -64.45 16.30
C HIS O 115 3.13 -65.62 15.52
N THR O 116 3.61 -66.64 16.22
CA THR O 116 4.20 -67.81 15.59
C THR O 116 3.75 -69.12 16.20
N ILE O 117 3.52 -70.11 15.34
CA ILE O 117 3.46 -71.52 15.77
C ILE O 117 4.55 -72.29 15.03
N GLU O 118 5.15 -73.26 15.69
CA GLU O 118 6.32 -73.95 15.15
C GLU O 118 6.20 -75.48 15.16
N VAL O 119 6.88 -76.12 14.21
CA VAL O 119 7.10 -77.56 14.21
C VAL O 119 8.59 -77.82 13.99
N PRO O 120 9.10 -79.01 14.38
CA PRO O 120 10.52 -79.26 14.15
C PRO O 120 10.88 -79.45 12.68
N TRP O 121 12.08 -78.98 12.31
CA TRP O 121 12.67 -79.29 11.01
C TRP O 121 12.94 -80.79 11.00
N GLY O 122 12.44 -81.54 10.01
CA GLY O 122 11.62 -81.01 8.94
C GLY O 122 10.29 -81.75 8.90
N GLU O 123 9.31 -81.20 9.62
CA GLU O 123 7.94 -81.70 9.61
C GLU O 123 7.03 -80.62 9.01
N VAL O 124 5.73 -80.89 8.98
CA VAL O 124 4.79 -79.99 8.34
C VAL O 124 3.55 -79.76 9.23
N PHE O 125 2.83 -78.66 8.98
CA PHE O 125 1.65 -78.32 9.78
C PHE O 125 0.36 -79.02 9.33
N THR O 126 -0.50 -79.30 10.29
CA THR O 126 -1.82 -79.87 10.05
C THR O 126 -2.81 -78.72 9.83
N PRO O 127 -3.86 -78.95 9.00
CA PRO O 127 -5.00 -78.04 8.96
C PRO O 127 -5.51 -77.66 10.35
N ASP O 128 -5.67 -78.65 11.23
CA ASP O 128 -6.15 -78.43 12.59
C ASP O 128 -5.20 -77.61 13.47
N GLN O 129 -3.90 -77.74 13.21
CA GLN O 129 -2.88 -77.02 13.98
C GLN O 129 -2.88 -75.51 13.73
N VAL O 130 -2.90 -75.11 12.46
CA VAL O 130 -2.93 -73.68 12.12
C VAL O 130 -4.30 -73.06 12.42
N GLU O 131 -5.36 -73.87 12.32
CA GLU O 131 -6.71 -73.43 12.63
C GLU O 131 -6.85 -73.11 14.12
N ASP O 132 -6.28 -73.96 14.96
CA ASP O 132 -6.24 -73.72 16.41
C ASP O 132 -5.48 -72.44 16.75
N ALA O 133 -4.45 -72.14 15.97
CA ALA O 133 -3.69 -70.90 16.13
C ALA O 133 -4.53 -69.69 15.72
N VAL O 134 -5.25 -69.82 14.60
CA VAL O 134 -6.13 -68.76 14.09
C VAL O 134 -7.23 -68.39 15.09
N LYS O 135 -7.82 -69.41 15.73
CA LYS O 135 -8.85 -69.20 16.75
C LYS O 135 -8.28 -68.50 17.98
N ARG O 136 -7.05 -68.85 18.34
CA ARG O 136 -6.42 -68.34 19.56
C ARG O 136 -5.98 -66.88 19.49
N ILE O 137 -5.43 -66.44 18.36
CA ILE O 137 -4.93 -65.07 18.25
C ILE O 137 -5.71 -64.16 17.28
N ARG O 138 -6.50 -64.76 16.39
CA ARG O 138 -7.31 -64.05 15.40
C ARG O 138 -6.49 -63.06 14.55
N PRO O 139 -5.67 -63.58 13.61
CA PRO O 139 -4.77 -62.74 12.84
C PRO O 139 -5.43 -62.09 11.62
N ARG O 140 -4.86 -60.99 11.16
CA ARG O 140 -5.31 -60.36 9.92
C ARG O 140 -4.80 -61.15 8.70
N LEU O 141 -3.55 -61.58 8.78
CA LEU O 141 -2.88 -62.30 7.69
C LEU O 141 -2.35 -63.67 8.13
N LEU O 142 -2.47 -64.65 7.24
CA LEU O 142 -1.74 -65.91 7.39
C LEU O 142 -0.57 -65.90 6.41
N LEU O 143 0.64 -65.96 6.95
CA LEU O 143 1.85 -65.92 6.13
C LEU O 143 2.56 -67.27 6.19
N THR O 144 2.41 -68.06 5.13
CA THR O 144 3.06 -69.36 5.04
C THR O 144 4.11 -69.39 3.94
N VAL O 145 5.12 -70.21 4.13
CA VAL O 145 6.01 -70.59 3.06
C VAL O 145 5.49 -71.94 2.56
N GLN O 146 5.37 -72.09 1.23
CA GLN O 146 4.90 -73.35 0.68
C GLN O 146 6.00 -74.41 0.76
N GLY O 147 7.02 -74.26 -0.07
CA GLY O 147 8.17 -75.15 -0.04
C GLY O 147 9.37 -74.47 0.59
N ASP O 148 9.89 -75.06 1.66
CA ASP O 148 11.06 -74.51 2.34
C ASP O 148 12.32 -75.27 1.92
N THR O 149 13.13 -74.61 1.09
CA THR O 149 14.37 -75.21 0.57
C THR O 149 15.43 -75.48 1.63
N SER O 150 15.20 -75.01 2.86
CA SER O 150 16.14 -75.29 3.95
C SER O 150 15.79 -76.60 4.69
N THR O 151 14.58 -77.11 4.45
CA THR O 151 14.14 -78.37 5.08
C THR O 151 13.64 -79.40 4.06
N THR O 152 13.46 -78.96 2.81
CA THR O 152 12.91 -79.76 1.70
C THR O 152 11.42 -80.10 1.86
N MET O 153 10.71 -79.34 2.69
CA MET O 153 9.32 -79.65 3.02
C MET O 153 8.30 -78.77 2.32
N LEU O 154 7.19 -79.39 1.92
CA LEU O 154 6.12 -78.75 1.18
C LEU O 154 4.85 -78.72 2.04
N GLN O 155 4.50 -77.52 2.51
CA GLN O 155 3.30 -77.35 3.36
C GLN O 155 2.01 -77.53 2.54
N PRO O 156 1.12 -78.42 3.01
CA PRO O 156 -0.17 -78.59 2.34
C PRO O 156 -1.04 -77.34 2.49
N LEU O 157 -1.39 -76.73 1.36
CA LEU O 157 -2.12 -75.47 1.34
C LEU O 157 -3.59 -75.61 0.93
N ALA O 158 -3.94 -76.75 0.35
CA ALA O 158 -5.28 -76.99 -0.21
C ALA O 158 -6.43 -76.69 0.76
N GLU O 159 -6.32 -77.20 1.99
CA GLU O 159 -7.36 -77.06 3.00
C GLU O 159 -7.26 -75.73 3.75
N LEU O 160 -6.09 -75.11 3.70
CA LEU O 160 -5.77 -73.91 4.49
C LEU O 160 -6.59 -72.66 4.13
N GLY O 161 -6.94 -72.53 2.85
CA GLY O 161 -7.71 -71.37 2.38
C GLY O 161 -9.15 -71.30 2.86
N GLU O 162 -9.78 -72.45 3.05
CA GLU O 162 -11.15 -72.52 3.57
C GLU O 162 -11.21 -72.29 5.07
N ILE O 163 -10.15 -72.68 5.77
CA ILE O 163 -9.98 -72.33 7.18
C ILE O 163 -9.85 -70.81 7.28
N CYS O 164 -9.09 -70.22 6.35
CA CYS O 164 -8.93 -68.76 6.29
C CYS O 164 -10.23 -68.00 5.98
N ARG O 165 -11.05 -68.57 5.10
CA ARG O 165 -12.30 -67.91 4.69
C ARG O 165 -13.35 -67.88 5.80
N ARG O 166 -13.38 -68.93 6.62
CA ARG O 166 -14.27 -69.00 7.79
C ARG O 166 -14.01 -67.87 8.80
N TYR O 167 -12.73 -67.60 9.05
CA TYR O 167 -12.33 -66.67 10.10
C TYR O 167 -11.87 -65.31 9.56
N ASP O 168 -12.23 -65.03 8.30
CA ASP O 168 -11.95 -63.75 7.64
C ASP O 168 -10.46 -63.36 7.74
N ALA O 169 -9.59 -64.29 7.37
CA ALA O 169 -8.14 -64.04 7.37
C ALA O 169 -7.57 -64.09 5.96
N LEU O 170 -6.83 -63.05 5.60
CA LEU O 170 -6.14 -62.98 4.30
C LEU O 170 -5.04 -64.03 4.22
N PHE O 171 -5.08 -64.84 3.16
CA PHE O 171 -4.17 -65.98 3.00
C PHE O 171 -3.02 -65.67 2.03
N TYR O 172 -1.80 -65.68 2.58
CA TYR O 172 -0.60 -65.46 1.79
C TYR O 172 0.33 -66.68 1.81
N THR O 173 1.02 -66.92 0.69
CA THR O 173 2.08 -67.93 0.64
C THR O 173 3.32 -67.48 -0.14
N ASP O 174 4.48 -67.93 0.34
CA ASP O 174 5.76 -67.73 -0.32
C ASP O 174 6.05 -68.95 -1.18
N ALA O 175 5.80 -68.83 -2.49
CA ALA O 175 5.84 -69.98 -3.39
C ALA O 175 7.05 -70.00 -4.33
N THR O 176 8.12 -69.32 -3.96
CA THR O 176 9.29 -69.19 -4.84
C THR O 176 9.98 -70.53 -5.15
N ALA O 177 10.03 -71.41 -4.16
CA ALA O 177 10.72 -72.69 -4.27
C ALA O 177 9.86 -73.75 -4.93
N SER O 178 8.54 -73.58 -4.87
CA SER O 178 7.61 -74.63 -5.28
C SER O 178 6.95 -74.43 -6.64
N LEU O 179 6.79 -73.17 -7.05
CA LEU O 179 6.10 -72.84 -8.32
C LEU O 179 6.74 -73.52 -9.52
N GLY O 180 5.93 -74.21 -10.30
CA GLY O 180 6.40 -74.93 -11.49
C GLY O 180 6.73 -76.38 -11.21
N GLY O 181 7.27 -76.65 -10.03
CA GLY O 181 7.66 -77.99 -9.63
C GLY O 181 6.61 -78.71 -8.81
N ASN O 182 5.65 -77.96 -8.28
CA ASN O 182 4.61 -78.49 -7.41
C ASN O 182 3.27 -77.81 -7.68
N PRO O 183 2.15 -78.48 -7.35
CA PRO O 183 0.82 -77.87 -7.51
C PRO O 183 0.66 -76.57 -6.71
N LEU O 184 0.05 -75.57 -7.35
CA LEU O 184 -0.34 -74.33 -6.69
C LEU O 184 -1.57 -73.74 -7.40
N GLU O 185 -2.74 -74.04 -6.85
CA GLU O 185 -4.00 -73.59 -7.43
C GLU O 185 -4.50 -72.35 -6.69
N THR O 186 -3.96 -71.20 -7.07
CA THR O 186 -4.22 -69.92 -6.40
C THR O 186 -5.72 -69.64 -6.17
N ASP O 187 -6.53 -69.78 -7.20
CA ASP O 187 -7.96 -69.50 -7.11
C ASP O 187 -8.74 -70.59 -6.40
N VAL O 188 -8.41 -71.85 -6.68
CA VAL O 188 -9.11 -72.99 -6.09
C VAL O 188 -8.78 -73.20 -4.60
N TRP O 189 -7.72 -72.56 -4.12
CA TRP O 189 -7.30 -72.71 -2.72
C TRP O 189 -7.62 -71.51 -1.84
N GLY O 190 -8.32 -70.52 -2.40
CA GLY O 190 -8.69 -69.31 -1.67
C GLY O 190 -7.51 -68.45 -1.26
N LEU O 191 -6.50 -68.40 -2.13
CA LEU O 191 -5.31 -67.58 -1.88
C LEU O 191 -5.55 -66.12 -2.20
N ASP O 192 -5.12 -65.25 -1.29
CA ASP O 192 -5.30 -63.81 -1.47
C ASP O 192 -4.07 -63.15 -2.08
N ALA O 193 -2.89 -63.68 -1.76
CA ALA O 193 -1.62 -63.16 -2.29
C ALA O 193 -0.56 -64.24 -2.40
N VAL O 194 0.17 -64.25 -3.52
CA VAL O 194 1.27 -65.19 -3.74
C VAL O 194 2.46 -64.44 -4.32
N SER O 195 3.67 -64.86 -3.94
CA SER O 195 4.90 -64.32 -4.53
C SER O 195 5.88 -65.45 -4.86
N ALA O 196 6.67 -65.24 -5.91
CA ALA O 196 7.65 -66.24 -6.32
C ALA O 196 9.02 -65.64 -6.68
N GLY O 197 9.80 -66.40 -7.44
CA GLY O 197 11.13 -66.01 -7.88
C GLY O 197 11.49 -66.78 -9.13
N MET O 198 12.61 -66.42 -9.76
CA MET O 198 12.98 -66.98 -11.07
C MET O 198 13.89 -68.20 -10.97
N GLN O 199 14.80 -68.17 -10.00
CA GLN O 199 15.95 -69.07 -9.97
C GLN O 199 15.70 -70.50 -9.47
N1 LLP O 200 11.71 -67.97 -0.45
C2 LLP O 200 11.82 -69.33 -0.48
C2' LLP O 200 10.70 -70.14 0.06
C3 LLP O 200 12.93 -69.95 -1.04
O3 LLP O 200 13.03 -71.29 -1.08
C4 LLP O 200 13.96 -69.16 -1.55
C4' LLP O 200 15.18 -69.81 -2.14
C5 LLP O 200 13.83 -67.77 -1.48
C6 LLP O 200 12.67 -67.19 -0.91
C5' LLP O 200 14.92 -66.86 -2.02
OP4 LLP O 200 14.62 -65.51 -2.18
P LLP O 200 15.64 -64.52 -2.85
OP1 LLP O 200 17.06 -64.78 -2.33
OP2 LLP O 200 15.22 -63.11 -2.53
OP3 LLP O 200 15.61 -64.71 -4.35
N LLP O 200 14.46 -70.85 -9.14
CA LLP O 200 14.16 -72.17 -8.61
CB LLP O 200 13.28 -72.17 -7.35
CG LLP O 200 13.95 -72.57 -6.04
CD LLP O 200 15.01 -71.65 -5.45
CE LLP O 200 14.93 -71.32 -4.00
NZ LLP O 200 15.25 -69.94 -3.62
C LLP O 200 13.67 -73.11 -9.72
O LLP O 200 14.50 -73.72 -10.40
N CYS O 201 12.35 -73.23 -9.90
CA CYS O 201 11.80 -74.11 -10.93
C CYS O 201 11.43 -73.37 -12.22
N LEU O 202 11.47 -72.05 -12.18
CA LEU O 202 11.09 -71.22 -13.34
C LEU O 202 12.24 -71.11 -14.37
N GLY O 203 13.43 -70.77 -13.88
CA GLY O 203 14.69 -70.90 -14.64
C GLY O 203 14.96 -70.02 -15.85
N GLY O 204 15.33 -68.76 -15.65
CA GLY O 204 15.34 -68.12 -14.34
C GLY O 204 16.66 -67.79 -13.68
N PRO O 205 17.12 -66.53 -13.81
CA PRO O 205 18.07 -65.95 -12.87
C PRO O 205 17.34 -65.08 -11.83
N SER O 206 17.81 -65.08 -10.59
CA SER O 206 17.18 -64.25 -9.55
C SER O 206 17.20 -62.77 -9.94
N GLY O 207 16.23 -62.01 -9.45
CA GLY O 207 16.12 -60.58 -9.76
C GLY O 207 14.71 -60.09 -10.02
N THR O 208 13.78 -61.03 -10.20
CA THR O 208 12.37 -60.70 -10.42
C THR O 208 11.50 -61.55 -9.50
N SER O 209 10.47 -60.93 -8.93
CA SER O 209 9.50 -61.65 -8.14
C SER O 209 8.10 -61.52 -8.76
N PRO O 210 7.65 -62.58 -9.45
CA PRO O 210 6.28 -62.63 -9.96
C PRO O 210 5.30 -62.72 -8.79
N ILE O 211 4.31 -61.84 -8.79
CA ILE O 211 3.29 -61.83 -7.74
C ILE O 211 1.88 -61.85 -8.33
N THR O 212 0.91 -62.20 -7.51
CA THR O 212 -0.50 -62.15 -7.91
C THR O 212 -1.38 -61.73 -6.72
N LEU O 213 -2.42 -60.93 -7.01
CA LEU O 213 -3.27 -60.37 -5.97
C LEU O 213 -4.75 -60.60 -6.26
N SER O 214 -5.49 -61.08 -5.24
CA SER O 214 -6.92 -61.30 -5.37
C SER O 214 -7.70 -59.98 -5.39
N ALA O 215 -8.99 -60.06 -5.69
CA ALA O 215 -9.88 -58.89 -5.64
C ALA O 215 -9.98 -58.31 -4.23
N ARG O 216 -9.84 -59.18 -3.23
CA ARG O 216 -9.86 -58.76 -1.83
C ARG O 216 -8.58 -58.01 -1.46
N MET O 217 -7.44 -58.57 -1.85
CA MET O 217 -6.14 -57.93 -1.63
C MET O 217 -6.03 -56.53 -2.23
N GLU O 218 -6.50 -56.38 -3.47
CA GLU O 218 -6.39 -55.09 -4.16
C GLU O 218 -7.24 -53.99 -3.51
N GLU O 219 -8.34 -54.35 -2.86
CA GLU O 219 -9.15 -53.39 -2.13
C GLU O 219 -8.44 -52.92 -0.86
N ALA O 220 -7.92 -53.88 -0.09
CA ALA O 220 -7.14 -53.59 1.12
C ALA O 220 -5.95 -52.69 0.82
N ILE O 221 -5.32 -52.92 -0.33
CA ILE O 221 -4.21 -52.09 -0.80
C ILE O 221 -4.70 -50.73 -1.31
N ARG O 222 -5.86 -50.71 -1.97
CA ARG O 222 -6.43 -49.47 -2.50
C ARG O 222 -6.97 -48.49 -1.43
N ARG O 223 -7.26 -49.01 -0.24
CA ARG O 223 -7.64 -48.16 0.90
C ARG O 223 -6.44 -47.34 1.38
N ARG O 224 -5.24 -47.84 1.10
CA ARG O 224 -3.99 -47.26 1.56
C ARG O 224 -3.42 -46.25 0.57
N LYS O 225 -4.13 -46.01 -0.53
CA LYS O 225 -3.66 -45.20 -1.66
C LYS O 225 -3.06 -43.85 -1.25
N CYS O 226 -1.99 -43.48 -1.95
CA CYS O 226 -1.21 -42.27 -1.71
C CYS O 226 -0.19 -42.14 -2.84
N VAL O 227 -0.47 -41.30 -3.82
CA VAL O 227 0.34 -41.21 -5.04
C VAL O 227 1.56 -40.29 -4.87
N GLU O 228 2.71 -40.77 -5.37
CA GLU O 228 4.00 -40.07 -5.29
C GLU O 228 3.95 -38.65 -5.87
N GLU O 229 4.51 -37.70 -5.13
CA GLU O 229 4.38 -36.25 -5.39
C GLU O 229 4.81 -35.78 -6.79
N GLY O 230 5.98 -36.25 -7.24
CA GLY O 230 6.52 -35.82 -8.55
C GLY O 230 5.65 -36.20 -9.74
N ILE O 231 4.81 -37.21 -9.54
CA ILE O 231 3.92 -37.73 -10.57
C ILE O 231 2.44 -37.63 -10.17
N ARG O 232 2.21 -37.02 -9.01
CA ARG O 232 0.87 -36.78 -8.48
C ARG O 232 0.25 -35.56 -9.15
N THR O 233 -0.94 -35.74 -9.71
CA THR O 233 -1.69 -34.65 -10.34
C THR O 233 -2.96 -34.31 -9.56
N ASP O 234 -3.67 -33.29 -10.01
CA ASP O 234 -4.88 -32.80 -9.34
C ASP O 234 -6.06 -33.79 -9.33
N ALA O 235 -6.04 -34.74 -10.26
CA ALA O 235 -7.07 -35.77 -10.36
C ALA O 235 -6.89 -36.90 -9.34
N HIS O 236 -5.76 -36.87 -8.61
CA HIS O 236 -5.41 -37.92 -7.65
C HIS O 236 -5.72 -37.55 -6.21
N ARG O 237 -6.08 -38.56 -5.41
CA ARG O 237 -6.26 -38.41 -3.95
C ARG O 237 -6.03 -39.71 -3.18
N ASP O 238 -5.94 -39.58 -1.85
CA ASP O 238 -5.63 -40.70 -0.96
C ASP O 238 -6.81 -41.63 -0.70
N GLY O 239 -6.58 -42.66 0.11
CA GLY O 239 -7.65 -43.53 0.62
C GLY O 239 -7.96 -43.20 2.07
N ASP O 240 -8.69 -44.10 2.73
CA ASP O 240 -9.11 -43.88 4.12
C ASP O 240 -8.21 -44.60 5.14
N GLU O 241 -7.15 -45.23 4.65
CA GLU O 241 -6.14 -45.84 5.51
C GLU O 241 -4.80 -45.15 5.34
N GLU O 242 -3.94 -45.29 6.35
CA GLU O 242 -2.61 -44.68 6.33
C GLU O 242 -1.75 -45.22 5.18
N MET O 243 -0.80 -44.41 4.74
CA MET O 243 0.04 -44.72 3.57
C MET O 243 0.86 -46.00 3.75
N ILE O 244 1.21 -46.62 2.62
CA ILE O 244 2.15 -47.74 2.61
C ILE O 244 3.54 -47.17 2.83
N TYR O 245 4.25 -47.70 3.82
CA TYR O 245 5.53 -47.13 4.25
C TYR O 245 6.72 -47.58 3.39
N SER O 246 6.60 -47.30 2.10
CA SER O 246 7.61 -47.59 1.07
C SER O 246 7.16 -46.95 -0.23
N ASN O 247 8.11 -46.46 -1.02
CA ASN O 247 7.81 -45.91 -2.34
C ASN O 247 7.94 -46.98 -3.42
N TYR O 248 9.10 -47.63 -3.45
CA TYR O 248 9.41 -48.68 -4.43
C TYR O 248 8.49 -49.89 -4.29
N PHE O 249 8.11 -50.21 -3.05
CA PHE O 249 7.27 -51.37 -2.75
C PHE O 249 5.81 -51.02 -2.48
N ASP O 250 5.38 -49.84 -2.92
CA ASP O 250 3.98 -49.42 -2.83
C ASP O 250 3.21 -50.11 -3.95
N LEU O 251 2.55 -51.23 -3.62
CA LEU O 251 1.87 -52.05 -4.63
C LEU O 251 0.70 -51.35 -5.35
N GLY O 252 0.16 -50.31 -4.72
CA GLY O 252 -0.86 -49.48 -5.36
C GLY O 252 -0.30 -48.73 -6.56
N MET O 253 0.93 -48.23 -6.41
CA MET O 253 1.60 -47.49 -7.48
C MET O 253 2.16 -48.43 -8.54
N VAL O 254 2.49 -49.66 -8.12
CA VAL O 254 2.92 -50.70 -9.05
C VAL O 254 1.72 -51.14 -9.90
N MET O 255 0.55 -51.20 -9.27
CA MET O 255 -0.70 -51.53 -9.96
C MET O 255 -1.10 -50.50 -11.01
N ASP O 256 -0.88 -49.22 -10.70
CA ASP O 256 -1.24 -48.13 -11.62
C ASP O 256 -0.21 -47.97 -12.74
N TYR O 257 0.97 -48.54 -12.55
CA TYR O 257 2.02 -48.55 -13.56
C TYR O 257 1.78 -49.65 -14.59
N TRP O 258 1.21 -50.76 -14.13
CA TRP O 258 0.90 -51.91 -14.99
C TRP O 258 -0.48 -51.81 -15.63
N GLY O 259 -1.35 -50.98 -15.08
CA GLY O 259 -2.73 -50.80 -15.58
C GLY O 259 -2.83 -49.82 -16.74
N PRO O 260 -4.05 -49.62 -17.27
CA PRO O 260 -4.29 -48.80 -18.46
C PRO O 260 -3.92 -47.31 -18.29
N GLU O 261 -3.67 -46.89 -17.05
CA GLU O 261 -3.23 -45.53 -16.76
C GLU O 261 -1.74 -45.37 -17.01
N ARG O 262 -0.97 -46.44 -16.75
CA ARG O 262 0.49 -46.48 -16.89
C ARG O 262 1.22 -45.40 -16.08
N LEU O 263 0.67 -45.08 -14.90
CA LEU O 263 1.26 -44.09 -13.99
C LEU O 263 2.75 -44.36 -13.77
N ASN O 264 3.59 -43.38 -14.08
CA ASN O 264 5.04 -43.54 -14.03
C ASN O 264 5.58 -43.74 -12.62
N HIS O 265 5.81 -45.00 -12.25
CA HIS O 265 6.33 -45.34 -10.92
C HIS O 265 7.83 -45.64 -10.93
N HIS O 266 8.27 -46.42 -11.91
CA HIS O 266 9.69 -46.76 -12.08
C HIS O 266 9.92 -47.34 -13.48
N THR O 267 11.15 -47.24 -13.96
CA THR O 267 11.51 -47.82 -15.25
C THR O 267 11.57 -49.33 -15.12
N GLU O 268 10.55 -50.02 -15.66
CA GLU O 268 10.49 -51.47 -15.63
C GLU O 268 11.76 -52.05 -16.25
N ALA O 269 12.35 -53.02 -15.55
CA ALA O 269 13.57 -53.69 -15.99
C ALA O 269 13.35 -54.42 -17.31
N THR O 270 13.71 -53.75 -18.40
CA THR O 270 13.43 -54.23 -19.77
C THR O 270 13.92 -55.65 -20.02
N THR O 271 15.20 -55.90 -19.72
CA THR O 271 15.82 -57.20 -19.94
C THR O 271 15.21 -58.31 -19.06
N ALA O 272 14.93 -57.97 -17.81
CA ALA O 272 14.31 -58.92 -16.86
C ALA O 272 12.89 -59.29 -17.27
N LEU O 273 12.19 -58.36 -17.93
CA LEU O 273 10.84 -58.63 -18.43
C LEU O 273 10.89 -59.63 -19.59
N PHE O 274 11.87 -59.49 -20.48
CA PHE O 274 12.10 -60.47 -21.53
C PHE O 274 12.46 -61.82 -20.92
N GLY O 275 13.24 -61.78 -19.83
CA GLY O 275 13.64 -62.97 -19.10
C GLY O 275 12.46 -63.68 -18.46
N ALA O 276 11.59 -62.91 -17.80
CA ALA O 276 10.43 -63.45 -17.11
C ALA O 276 9.31 -63.91 -18.06
N ARG O 277 9.23 -63.27 -19.23
CA ARG O 277 8.22 -63.63 -20.23
C ARG O 277 8.42 -65.05 -20.77
N GLU O 278 9.68 -65.40 -21.06
CA GLU O 278 10.00 -66.72 -21.62
C GLU O 278 9.82 -67.85 -20.61
N CYS O 279 10.22 -67.62 -19.36
CA CYS O 279 10.04 -68.58 -18.28
C CYS O 279 8.60 -69.09 -18.23
N ALA O 280 7.66 -68.16 -18.11
CA ALA O 280 6.23 -68.47 -18.09
C ALA O 280 5.80 -69.12 -19.39
N ARG O 281 6.24 -68.56 -20.51
CA ARG O 281 5.92 -69.06 -21.85
C ARG O 281 6.33 -70.52 -22.03
N LEU O 282 7.54 -70.86 -21.59
CA LEU O 282 8.07 -72.21 -21.73
C LEU O 282 7.37 -73.21 -20.81
N ILE O 283 6.97 -72.74 -19.63
CA ILE O 283 6.22 -73.54 -18.68
C ILE O 283 4.84 -73.92 -19.25
N LEU O 284 4.23 -72.98 -19.96
CA LEU O 284 2.89 -73.18 -20.51
C LEU O 284 2.87 -73.94 -21.84
N GLN O 285 3.98 -73.89 -22.57
CA GLN O 285 4.14 -74.66 -23.81
C GLN O 285 4.28 -76.15 -23.50
N GLU O 286 5.02 -76.45 -22.44
CA GLU O 286 5.14 -77.81 -21.92
C GLU O 286 3.84 -78.21 -21.22
N GLY O 287 3.17 -77.23 -20.63
CA GLY O 287 1.98 -77.48 -19.83
C GLY O 287 2.38 -77.67 -18.38
N LEU O 288 1.73 -76.93 -17.49
CA LEU O 288 2.08 -76.90 -16.06
C LEU O 288 1.97 -78.27 -15.40
N ASP O 289 0.94 -79.04 -15.76
CA ASP O 289 0.74 -80.38 -15.22
C ASP O 289 1.87 -81.34 -15.62
N TYR O 290 2.33 -81.22 -16.86
CA TYR O 290 3.48 -81.98 -17.34
C TYR O 290 4.77 -81.53 -16.67
N GLY O 291 4.89 -80.22 -16.46
CA GLY O 291 6.03 -79.64 -15.75
C GLY O 291 6.23 -80.27 -14.38
N ILE O 292 5.16 -80.29 -13.58
CA ILE O 292 5.18 -80.87 -12.24
C ILE O 292 5.44 -82.38 -12.28
N ALA O 293 4.74 -83.09 -13.16
CA ALA O 293 4.93 -84.53 -13.36
C ALA O 293 6.38 -84.89 -13.69
N ARG O 294 7.07 -83.98 -14.38
CA ARG O 294 8.49 -84.12 -14.68
C ARG O 294 9.34 -83.92 -13.41
N HIS O 295 9.00 -82.92 -12.61
CA HIS O 295 9.71 -82.65 -11.35
C HIS O 295 9.56 -83.79 -10.34
N LYS O 296 8.37 -84.40 -10.30
CA LYS O 296 8.12 -85.56 -9.45
C LYS O 296 8.96 -86.76 -9.88
N LEU O 297 9.03 -86.99 -11.18
CA LEU O 297 9.77 -88.12 -11.75
C LEU O 297 11.26 -88.11 -11.40
N HIS O 298 11.92 -86.98 -11.67
CA HIS O 298 13.37 -86.88 -11.47
C HIS O 298 13.76 -86.77 -10.00
N GLY O 299 12.86 -86.19 -9.19
CA GLY O 299 13.05 -86.14 -7.74
C GLY O 299 12.93 -87.52 -7.10
N ASP O 300 11.96 -88.31 -7.56
CA ASP O 300 11.74 -89.67 -7.07
C ASP O 300 12.91 -90.61 -7.37
N ALA O 301 13.45 -90.52 -8.58
CA ALA O 301 14.59 -91.34 -9.00
C ALA O 301 15.85 -91.00 -8.21
N LEU O 302 15.99 -89.71 -7.89
CA LEU O 302 17.09 -89.25 -7.03
C LEU O 302 16.96 -89.81 -5.62
N VAL O 303 15.73 -89.89 -5.11
CA VAL O 303 15.47 -90.48 -3.80
C VAL O 303 15.91 -91.93 -3.79
N LYS O 304 15.39 -92.71 -4.75
CA LYS O 304 15.67 -94.14 -4.86
C LYS O 304 17.17 -94.44 -4.98
N GLY O 305 17.86 -93.67 -5.83
CA GLY O 305 19.30 -93.80 -6.02
C GLY O 305 20.09 -93.50 -4.76
N ILE O 306 19.73 -92.42 -4.08
CA ILE O 306 20.33 -92.04 -2.80
C ILE O 306 20.07 -93.11 -1.74
N GLN O 307 18.83 -93.59 -1.65
CA GLN O 307 18.45 -94.63 -0.69
C GLN O 307 19.23 -95.92 -0.93
N ALA O 308 19.33 -96.35 -2.18
CA ALA O 308 20.08 -97.55 -2.54
C ALA O 308 21.59 -97.38 -2.34
N MET O 309 22.04 -96.13 -2.28
CA MET O 309 23.45 -95.83 -2.02
C MET O 309 23.78 -96.06 -0.54
N GLY O 310 22.74 -96.19 0.28
CA GLY O 310 22.90 -96.45 1.71
C GLY O 310 22.96 -95.19 2.54
N LEU O 311 22.35 -94.13 2.03
CA LEU O 311 22.33 -92.84 2.72
C LEU O 311 20.97 -92.56 3.33
N GLU O 312 20.98 -92.00 4.53
CA GLU O 312 19.74 -91.56 5.18
C GLU O 312 19.26 -90.27 4.53
N THR O 313 17.95 -90.07 4.53
CA THR O 313 17.34 -88.86 3.98
C THR O 313 16.63 -88.10 5.09
N PHE O 314 16.79 -86.77 5.08
CA PHE O 314 16.27 -85.94 6.17
C PHE O 314 14.79 -85.62 6.00
N GLY O 315 14.01 -85.93 7.04
CA GLY O 315 12.63 -85.48 7.14
C GLY O 315 11.55 -86.43 6.66
N ASP O 316 10.32 -85.90 6.68
CA ASP O 316 9.13 -86.64 6.28
C ASP O 316 9.02 -86.66 4.75
N LEU O 317 9.20 -87.84 4.16
CA LEU O 317 9.20 -88.00 2.71
C LEU O 317 7.81 -87.90 2.08
N LYS O 318 6.76 -87.97 2.92
CA LYS O 318 5.38 -87.83 2.47
C LYS O 318 5.08 -86.41 1.98
N HIS O 319 5.66 -85.42 2.65
CA HIS O 319 5.42 -84.02 2.32
C HIS O 319 6.63 -83.33 1.67
N LYS O 320 7.59 -84.12 1.21
CA LYS O 320 8.78 -83.59 0.54
C LYS O 320 8.41 -82.91 -0.78
N MET O 321 9.13 -81.84 -1.10
CA MET O 321 9.02 -81.18 -2.39
C MET O 321 9.51 -82.11 -3.49
N ASN O 322 8.97 -81.95 -4.70
CA ASN O 322 9.42 -82.71 -5.85
C ASN O 322 10.85 -82.37 -6.24
N ASN O 323 11.24 -81.13 -5.97
CA ASN O 323 12.46 -80.54 -6.51
C ASN O 323 13.69 -80.48 -5.59
N VAL O 324 13.56 -80.95 -4.35
CA VAL O 324 14.69 -80.91 -3.39
C VAL O 324 14.73 -82.13 -2.48
N LEU O 325 15.95 -82.63 -2.22
CA LEU O 325 16.18 -83.76 -1.31
C LEU O 325 17.25 -83.41 -0.28
N GLY O 326 16.94 -83.69 0.98
CA GLY O 326 17.92 -83.55 2.07
C GLY O 326 18.63 -84.86 2.32
N VAL O 327 19.94 -84.89 2.02
CA VAL O 327 20.74 -86.10 2.18
C VAL O 327 21.62 -85.99 3.42
N VAL O 328 21.48 -86.96 4.31
CA VAL O 328 22.22 -86.96 5.57
C VAL O 328 23.69 -87.36 5.34
N ILE O 329 24.60 -86.51 5.80
CA ILE O 329 26.03 -86.74 5.66
C ILE O 329 26.48 -87.86 6.60
N PRO O 330 27.11 -88.91 6.04
CA PRO O 330 27.59 -90.05 6.82
C PRO O 330 28.59 -89.63 7.89
N GLN O 331 28.61 -90.35 9.01
CA GLN O 331 29.58 -90.10 10.06
C GLN O 331 30.98 -90.44 9.55
N GLY O 332 31.89 -89.47 9.66
CA GLY O 332 33.26 -89.65 9.18
C GLY O 332 33.53 -89.03 7.83
N ILE O 333 32.45 -88.63 7.14
CA ILE O 333 32.59 -87.90 5.87
C ILE O 333 32.48 -86.40 6.14
N ASN O 334 33.47 -85.65 5.67
CA ASN O 334 33.45 -84.20 5.81
C ASN O 334 32.53 -83.57 4.77
N GLY O 335 31.49 -82.88 5.25
CA GLY O 335 30.48 -82.27 4.39
C GLY O 335 31.05 -81.36 3.32
N ASP O 336 31.90 -80.43 3.73
CA ASP O 336 32.54 -79.47 2.83
C ASP O 336 33.48 -80.14 1.83
N GLN O 337 34.12 -81.22 2.25
CA GLN O 337 35.08 -81.95 1.44
C GLN O 337 34.42 -82.58 0.22
N ALA O 338 33.24 -83.15 0.40
CA ALA O 338 32.46 -83.69 -0.71
C ALA O 338 31.99 -82.56 -1.64
N ARG O 339 31.53 -81.46 -1.04
CA ARG O 339 31.10 -80.27 -1.79
C ARG O 339 32.22 -79.71 -2.67
N LYS O 340 33.40 -79.53 -2.08
CA LYS O 340 34.58 -79.04 -2.78
C LYS O 340 34.97 -79.95 -3.95
N LEU O 341 34.98 -81.26 -3.69
CA LEU O 341 35.35 -82.24 -4.71
C LEU O 341 34.28 -82.39 -5.80
N MET O 342 33.02 -82.21 -5.44
CA MET O 342 31.92 -82.23 -6.40
C MET O 342 32.00 -81.06 -7.39
N LEU O 343 32.32 -79.88 -6.86
CA LEU O 343 32.35 -78.66 -7.65
C LEU O 343 33.60 -78.54 -8.51
N GLU O 344 34.76 -78.68 -7.88
CA GLU O 344 36.04 -78.48 -8.55
C GLU O 344 36.36 -79.61 -9.54
N ASP O 345 35.97 -80.84 -9.18
CA ASP O 345 36.36 -82.02 -9.96
C ASP O 345 35.29 -82.55 -10.92
N PHE O 346 34.01 -82.23 -10.68
CA PHE O 346 32.94 -82.65 -11.57
C PHE O 346 32.14 -81.50 -12.19
N GLY O 347 32.30 -80.31 -11.62
CA GLY O 347 31.55 -79.13 -12.06
C GLY O 347 30.09 -79.21 -11.69
N ILE O 348 29.80 -79.89 -10.57
CA ILE O 348 28.45 -80.06 -10.07
C ILE O 348 28.35 -79.45 -8.67
N GLU O 349 27.38 -78.56 -8.47
CA GLU O 349 27.15 -77.99 -7.15
C GLU O 349 26.02 -78.70 -6.42
N ILE O 350 26.31 -79.19 -5.23
CA ILE O 350 25.28 -79.63 -4.29
C ILE O 350 25.25 -78.69 -3.10
N GLY O 351 24.09 -78.56 -2.47
CA GLY O 351 23.88 -77.55 -1.44
C GLY O 351 24.36 -77.92 -0.05
N THR O 352 24.96 -76.94 0.62
CA THR O 352 25.23 -77.01 2.04
C THR O 352 23.93 -76.70 2.79
N SER O 353 23.89 -77.02 4.08
CA SER O 353 22.82 -76.55 4.92
C SER O 353 23.31 -75.38 5.75
N PHE O 354 22.41 -74.46 6.07
CA PHE O 354 22.73 -73.36 6.97
C PHE O 354 22.07 -73.60 8.33
N GLY O 355 22.67 -73.04 9.38
CA GLY O 355 22.15 -73.15 10.73
C GLY O 355 22.24 -74.56 11.32
N PRO O 356 21.16 -75.01 12.00
CA PRO O 356 21.10 -76.27 12.75
C PRO O 356 21.63 -77.49 11.99
N LEU O 357 21.40 -77.53 10.68
CA LEU O 357 21.75 -78.70 9.89
C LEU O 357 23.06 -78.58 9.12
N HIS O 358 23.77 -77.46 9.32
CA HIS O 358 25.09 -77.27 8.70
C HIS O 358 26.06 -78.34 9.21
N GLY O 359 26.58 -79.13 8.28
CA GLY O 359 27.45 -80.26 8.60
C GLY O 359 26.70 -81.58 8.68
N LYS O 360 25.37 -81.51 8.71
CA LYS O 360 24.53 -82.69 8.86
C LYS O 360 23.87 -83.12 7.56
N VAL O 361 23.41 -82.15 6.76
CA VAL O 361 22.54 -82.42 5.62
C VAL O 361 22.98 -81.69 4.34
N TRP O 362 23.06 -82.43 3.24
CA TRP O 362 23.21 -81.84 1.90
C TRP O 362 21.83 -81.56 1.31
N ARG O 363 21.76 -80.55 0.45
CA ARG O 363 20.53 -80.23 -0.25
C ARG O 363 20.73 -80.32 -1.76
N ILE O 364 20.18 -81.37 -2.36
CA ILE O 364 20.32 -81.63 -3.78
C ILE O 364 19.02 -81.33 -4.51
N GLY O 365 19.06 -80.32 -5.37
CA GLY O 365 17.89 -79.89 -6.12
C GLY O 365 17.77 -80.54 -7.48
N THR O 366 16.53 -80.81 -7.88
CA THR O 366 16.19 -81.20 -9.24
C THR O 366 15.08 -80.28 -9.72
N MET O 367 15.47 -79.12 -10.24
CA MET O 367 14.52 -78.04 -10.52
C MET O 367 14.65 -77.49 -11.94
N GLY O 368 13.55 -76.89 -12.42
CA GLY O 368 13.51 -76.19 -13.71
C GLY O 368 14.16 -76.91 -14.87
N TYR O 369 15.18 -76.26 -15.43
CA TYR O 369 15.92 -76.81 -16.55
C TYR O 369 16.65 -78.10 -16.17
N ASN O 370 17.13 -78.15 -14.93
CA ASN O 370 17.90 -79.29 -14.45
C ASN O 370 17.08 -80.44 -13.84
N ALA O 371 15.76 -80.37 -14.04
CA ALA O 371 14.90 -81.51 -13.75
C ALA O 371 14.91 -82.43 -14.99
N ARG O 372 16.02 -83.15 -15.13
CA ARG O 372 16.23 -84.07 -16.26
C ARG O 372 16.89 -85.35 -15.77
N LYS O 373 16.75 -86.40 -16.58
CA LYS O 373 17.33 -87.70 -16.29
C LYS O 373 18.85 -87.65 -16.21
N ASP O 374 19.48 -87.01 -17.18
CA ASP O 374 20.94 -86.93 -17.27
C ASP O 374 21.59 -86.20 -16.08
N CYS O 375 20.93 -85.14 -15.62
CA CYS O 375 21.38 -84.39 -14.45
C CYS O 375 21.33 -85.25 -13.20
N VAL O 376 20.21 -85.96 -13.03
CA VAL O 376 20.04 -86.93 -11.94
C VAL O 376 21.15 -88.00 -12.00
N MET O 377 21.42 -88.49 -13.21
CA MET O 377 22.42 -89.53 -13.45
C MET O 377 23.85 -89.07 -13.23
N THR O 378 24.21 -87.91 -13.79
CA THR O 378 25.56 -87.36 -13.65
C THR O 378 25.86 -87.10 -12.17
N THR O 379 24.87 -86.62 -11.44
CA THR O 379 25.02 -86.24 -10.04
C THR O 379 25.16 -87.45 -9.11
N LEU O 380 24.29 -88.44 -9.29
CA LEU O 380 24.34 -89.66 -8.47
C LEU O 380 25.69 -90.38 -8.60
N SER O 381 26.14 -90.55 -9.84
CA SER O 381 27.41 -91.23 -10.10
C SER O 381 28.63 -90.42 -9.67
N ALA O 382 28.47 -89.09 -9.58
CA ALA O 382 29.53 -88.22 -9.07
C ALA O 382 29.61 -88.28 -7.55
N LEU O 383 28.46 -88.21 -6.89
CA LEU O 383 28.39 -88.28 -5.44
C LEU O 383 28.97 -89.60 -4.94
N GLU O 384 28.54 -90.70 -5.54
CA GLU O 384 29.04 -92.03 -5.19
C GLU O 384 30.56 -92.12 -5.43
N ALA O 385 31.04 -91.53 -6.51
CA ALA O 385 32.47 -91.49 -6.82
C ALA O 385 33.26 -90.71 -5.76
N VAL O 386 32.75 -89.53 -5.39
CA VAL O 386 33.36 -88.71 -4.35
C VAL O 386 33.35 -89.43 -2.99
N LEU O 387 32.21 -90.02 -2.64
CA LEU O 387 32.06 -90.76 -1.38
C LEU O 387 33.01 -91.95 -1.26
N ASN O 388 33.08 -92.76 -2.31
CA ASN O 388 34.03 -93.89 -2.38
C ASN O 388 35.47 -93.42 -2.21
N TYR O 389 35.81 -92.35 -2.93
CA TYR O 389 37.12 -91.71 -2.87
C TYR O 389 37.42 -91.18 -1.48
N LEU O 390 36.37 -90.78 -0.76
CA LEU O 390 36.51 -90.28 0.61
C LEU O 390 36.67 -91.37 1.68
N LYS O 391 36.34 -92.61 1.32
CA LYS O 391 36.45 -93.79 2.20
C LYS O 391 35.11 -94.50 2.45
N PHE O 392 34.00 -93.77 2.24
CA PHE O 392 32.67 -94.31 2.48
C PHE O 392 32.33 -95.47 1.54
N PRO O 393 32.12 -96.67 2.11
CA PRO O 393 31.88 -97.87 1.31
C PRO O 393 30.42 -98.01 0.87
N THR O 394 30.23 -98.40 -0.39
CA THR O 394 28.90 -98.69 -0.94
C THR O 394 28.94 -100.00 -1.73
N THR O 395 27.76 -100.52 -2.08
CA THR O 395 27.65 -101.68 -2.95
C THR O 395 27.75 -101.22 -4.41
N GLN O 396 28.72 -101.78 -5.14
CA GLN O 396 28.99 -101.37 -6.52
C GLN O 396 27.77 -101.54 -7.43
N GLY O 397 27.35 -100.43 -8.04
CA GLY O 397 26.26 -100.43 -9.00
C GLY O 397 24.87 -100.22 -8.42
N ALA O 398 24.72 -100.45 -7.11
CA ALA O 398 23.43 -100.43 -6.44
C ALA O 398 22.64 -99.12 -6.59
N ALA O 399 23.33 -97.99 -6.44
CA ALA O 399 22.71 -96.67 -6.50
C ALA O 399 22.19 -96.34 -7.91
N MET O 400 23.04 -96.55 -8.91
CA MET O 400 22.68 -96.30 -10.30
C MET O 400 21.61 -97.28 -10.78
N GLN O 401 21.75 -98.54 -10.35
CA GLN O 401 20.78 -99.59 -10.64
C GLN O 401 19.37 -99.19 -10.19
N ALA O 402 19.28 -98.57 -9.01
CA ALA O 402 18.01 -98.12 -8.46
C ALA O 402 17.34 -97.05 -9.31
N ALA O 403 18.09 -96.01 -9.67
CA ALA O 403 17.59 -94.92 -10.51
C ALA O 403 17.18 -95.42 -11.90
N TRP O 404 17.99 -96.30 -12.47
CA TRP O 404 17.69 -96.92 -13.76
C TRP O 404 16.38 -97.71 -13.76
N ASP O 405 16.18 -98.53 -12.73
CA ASP O 405 14.95 -99.32 -12.56
C ASP O 405 13.71 -98.42 -12.47
N HIS O 406 13.89 -97.23 -11.91
CA HIS O 406 12.83 -96.25 -11.77
C HIS O 406 12.37 -95.70 -13.12
N TYR O 407 13.33 -95.29 -13.95
CA TYR O 407 13.04 -94.72 -15.27
C TYR O 407 12.47 -95.75 -16.25
N ARG O 408 12.87 -97.01 -16.08
CA ARG O 408 12.39 -98.10 -16.93
C ARG O 408 10.97 -98.52 -16.57
N SER O 409 10.63 -98.46 -15.27
CA SER O 409 9.29 -98.81 -14.79
C SER O 409 8.26 -97.74 -15.14
N GLU O 410 8.68 -96.48 -15.12
CA GLU O 410 7.80 -95.36 -15.44
C GLU O 410 7.54 -95.24 -16.95
N ARG O 411 8.52 -95.66 -17.74
CA ARG O 411 8.42 -95.62 -19.21
C ARG O 411 7.45 -96.67 -19.75
N ASP P 2 -4.32 -67.52 -26.97
CA ASP P 2 -3.79 -68.90 -26.86
C ASP P 2 -2.27 -68.92 -26.76
N ILE P 3 -1.73 -70.07 -26.32
CA ILE P 3 -0.29 -70.23 -26.12
C ILE P 3 0.54 -70.09 -27.41
N THR P 4 0.00 -70.56 -28.53
CA THR P 4 0.69 -70.51 -29.83
C THR P 4 0.86 -69.10 -30.39
N GLN P 5 0.01 -68.16 -29.97
CA GLN P 5 0.11 -66.77 -30.44
C GLN P 5 0.96 -65.88 -29.51
N PHE P 6 1.59 -66.49 -28.51
CA PHE P 6 2.65 -65.83 -27.74
C PHE P 6 3.99 -66.26 -28.34
N SER P 7 4.47 -65.49 -29.30
CA SER P 7 5.67 -65.84 -30.05
C SER P 7 6.96 -65.44 -29.32
N GLN P 8 8.11 -65.82 -29.91
CA GLN P 8 9.42 -65.47 -29.36
C GLN P 8 9.61 -63.95 -29.29
N LEU P 9 10.49 -63.51 -28.40
CA LEU P 9 10.74 -62.11 -28.16
C LEU P 9 11.30 -61.43 -29.42
N ASN P 10 10.69 -60.31 -29.80
CA ASN P 10 11.06 -59.59 -31.02
C ASN P 10 10.74 -58.09 -30.95
N PRO P 11 11.52 -57.33 -30.17
CA PRO P 11 11.27 -55.90 -30.03
C PRO P 11 11.70 -55.14 -31.29
N PRO P 12 10.95 -54.08 -31.66
CA PRO P 12 11.28 -53.32 -32.86
C PRO P 12 12.57 -52.53 -32.70
N SER P 13 13.24 -52.27 -33.82
CA SER P 13 14.48 -51.50 -33.82
C SER P 13 14.17 -50.05 -33.45
N ARG P 14 14.89 -49.55 -32.45
CA ARG P 14 14.65 -48.21 -31.92
C ARG P 14 15.94 -47.47 -31.61
N LEU P 15 16.00 -46.20 -32.01
CA LEU P 15 17.08 -45.32 -31.59
C LEU P 15 16.55 -44.45 -30.44
N LEU P 16 16.84 -44.88 -29.22
CA LEU P 16 16.32 -44.23 -28.03
C LEU P 16 17.12 -42.98 -27.66
N MET P 17 16.59 -41.82 -28.06
CA MET P 17 17.23 -40.54 -27.81
C MET P 17 16.41 -39.69 -26.84
N GLY P 18 15.74 -40.37 -25.90
CA GLY P 18 14.96 -39.71 -24.87
C GLY P 18 15.79 -39.51 -23.60
N PRO P 19 15.12 -39.49 -22.44
CA PRO P 19 15.80 -39.36 -21.16
C PRO P 19 16.00 -40.71 -20.44
N GLY P 20 15.87 -41.80 -21.19
CA GLY P 20 16.00 -43.14 -20.63
C GLY P 20 14.71 -43.94 -20.73
N PRO P 21 14.83 -45.28 -20.83
CA PRO P 21 16.09 -45.99 -21.01
C PRO P 21 16.64 -45.77 -22.42
N ILE P 22 17.96 -45.83 -22.57
CA ILE P 22 18.58 -45.66 -23.88
C ILE P 22 19.18 -47.00 -24.34
N ASN P 23 19.34 -47.15 -25.66
CA ASN P 23 19.88 -48.38 -26.24
C ASN P 23 21.07 -48.93 -25.48
N ALA P 24 21.06 -50.23 -25.24
CA ALA P 24 22.15 -50.88 -24.52
C ALA P 24 23.35 -51.05 -25.44
N ASP P 25 24.53 -51.10 -24.83
CA ASP P 25 25.74 -51.48 -25.54
C ASP P 25 25.66 -52.99 -25.82
N PRO P 26 25.92 -53.38 -27.08
CA PRO P 26 25.83 -54.79 -27.51
C PRO P 26 26.65 -55.75 -26.66
N ARG P 27 27.84 -55.32 -26.21
CA ARG P 27 28.70 -56.14 -25.35
C ARG P 27 28.06 -56.44 -23.99
N VAL P 28 27.27 -55.48 -23.51
CA VAL P 28 26.57 -55.61 -22.23
C VAL P 28 25.41 -56.59 -22.36
N LEU P 29 24.67 -56.51 -23.47
CA LEU P 29 23.58 -57.44 -23.76
C LEU P 29 24.09 -58.87 -23.94
N ARG P 30 25.24 -59.02 -24.59
CA ARG P 30 25.83 -60.34 -24.82
C ARG P 30 26.33 -60.97 -23.51
N ALA P 31 26.91 -60.15 -22.62
CA ALA P 31 27.34 -60.61 -21.31
C ALA P 31 26.18 -61.11 -20.44
N MET P 32 25.00 -60.55 -20.66
CA MET P 32 23.79 -60.95 -19.94
C MET P 32 23.23 -62.31 -20.35
N SER P 33 23.61 -62.77 -21.55
CA SER P 33 23.16 -64.08 -22.04
C SER P 33 24.06 -65.22 -21.55
N SER P 34 25.06 -64.87 -20.75
CA SER P 34 26.01 -65.84 -20.22
C SER P 34 25.35 -66.74 -19.17
N GLN P 35 25.76 -68.01 -19.13
CA GLN P 35 25.20 -68.99 -18.19
C GLN P 35 25.61 -68.67 -16.75
N LEU P 36 24.78 -69.10 -15.80
CA LEU P 36 24.91 -68.71 -14.40
C LEU P 36 25.78 -69.64 -13.57
N ILE P 37 26.12 -69.20 -12.35
CA ILE P 37 26.83 -70.01 -11.37
C ILE P 37 26.14 -69.91 -10.01
N GLY P 38 26.54 -70.76 -9.07
CA GLY P 38 25.98 -70.78 -7.72
C GLY P 38 26.20 -69.48 -6.97
N GLN P 39 25.45 -69.29 -5.89
CA GLN P 39 25.52 -68.06 -5.08
C GLN P 39 26.91 -67.87 -4.47
N TYR P 40 27.50 -68.95 -3.99
CA TYR P 40 28.79 -68.89 -3.31
C TYR P 40 29.92 -69.61 -4.05
N ASP P 41 29.72 -69.81 -5.35
CA ASP P 41 30.77 -70.28 -6.25
C ASP P 41 31.93 -69.29 -6.19
N PRO P 42 33.18 -69.80 -6.08
CA PRO P 42 34.37 -68.95 -6.04
C PRO P 42 34.46 -67.94 -7.19
N ALA P 43 33.81 -68.24 -8.31
CA ALA P 43 33.74 -67.32 -9.44
C ALA P 43 32.75 -66.18 -9.19
N MET P 44 31.63 -66.51 -8.53
CA MET P 44 30.60 -65.52 -8.22
C MET P 44 31.11 -64.46 -7.25
N THR P 45 31.74 -64.90 -6.17
CA THR P 45 32.29 -63.98 -5.18
C THR P 45 33.50 -63.20 -5.70
N HIS P 46 34.17 -63.75 -6.71
CA HIS P 46 35.25 -63.03 -7.39
C HIS P 46 34.70 -61.90 -8.27
N TYR P 47 33.63 -62.20 -9.02
CA TYR P 47 32.98 -61.21 -9.86
C TYR P 47 32.31 -60.10 -9.06
N MET P 48 31.81 -60.43 -7.87
CA MET P 48 31.28 -59.43 -6.93
C MET P 48 32.39 -58.50 -6.48
N ASN P 49 33.54 -59.07 -6.11
CA ASN P 49 34.73 -58.31 -5.73
C ASN P 49 35.27 -57.44 -6.86
N GLU P 50 35.14 -57.93 -8.09
CA GLU P 50 35.51 -57.15 -9.27
C GLU P 50 34.58 -55.96 -9.46
N VAL P 51 33.28 -56.19 -9.26
CA VAL P 51 32.26 -55.13 -9.35
C VAL P 51 32.50 -54.02 -8.32
N MET P 52 32.90 -54.40 -7.10
CA MET P 52 33.25 -53.45 -6.05
C MET P 52 34.43 -52.60 -6.48
N ALA P 53 35.50 -53.25 -6.95
CA ALA P 53 36.71 -52.58 -7.38
C ALA P 53 36.49 -51.67 -8.58
N LEU P 54 35.70 -52.15 -9.54
CA LEU P 54 35.44 -51.40 -10.78
C LEU P 54 34.63 -50.12 -10.56
N TYR P 55 33.58 -50.22 -9.77
CA TYR P 55 32.71 -49.06 -9.54
C TYR P 55 33.31 -47.98 -8.63
N ARG P 56 34.31 -48.37 -7.83
CA ARG P 56 35.13 -47.39 -7.11
C ARG P 56 35.79 -46.45 -8.11
N GLY P 57 36.36 -47.02 -9.17
CA GLY P 57 37.02 -46.25 -10.23
C GLY P 57 36.08 -45.36 -11.02
N VAL P 58 34.83 -45.79 -11.16
CA VAL P 58 33.81 -45.04 -11.90
C VAL P 58 33.21 -43.92 -11.03
N PHE P 59 32.95 -44.22 -9.76
CA PHE P 59 32.46 -43.21 -8.81
C PHE P 59 33.57 -42.24 -8.40
N ARG P 60 34.82 -42.59 -8.71
CA ARG P 60 35.99 -41.81 -8.31
C ARG P 60 36.10 -41.74 -6.79
N THR P 61 36.19 -42.93 -6.19
CA THR P 61 36.23 -43.07 -4.73
C THR P 61 37.17 -44.20 -4.30
N GLU P 62 37.51 -44.21 -3.02
CA GLU P 62 38.25 -45.30 -2.41
C GLU P 62 37.41 -46.00 -1.35
N ASN P 63 36.12 -45.68 -1.33
CA ASN P 63 35.18 -46.26 -0.37
C ASN P 63 35.13 -47.77 -0.43
N ARG P 64 35.42 -48.42 0.69
CA ARG P 64 35.36 -49.87 0.81
C ARG P 64 33.98 -50.39 0.37
N TRP P 65 32.93 -49.67 0.74
CA TRP P 65 31.56 -50.11 0.46
C TRP P 65 30.99 -49.49 -0.82
N THR P 66 31.33 -50.12 -1.93
CA THR P 66 30.88 -49.73 -3.25
C THR P 66 30.34 -51.00 -3.91
N MET P 67 29.02 -51.06 -4.10
CA MET P 67 28.35 -52.31 -4.43
C MET P 67 27.09 -52.06 -5.28
N LEU P 68 26.21 -53.05 -5.33
CA LEU P 68 24.97 -52.93 -6.09
C LEU P 68 23.73 -53.26 -5.26
N VAL P 69 22.72 -52.42 -5.40
CA VAL P 69 21.38 -52.71 -4.87
C VAL P 69 20.59 -53.37 -6.00
N ASP P 70 20.02 -54.53 -5.73
CA ASP P 70 19.25 -55.27 -6.73
C ASP P 70 17.86 -54.68 -6.93
N GLY P 71 17.76 -53.74 -7.88
CA GLY P 71 16.53 -53.02 -8.18
C GLY P 71 16.85 -51.77 -8.99
N THR P 72 15.85 -51.19 -9.66
CA THR P 72 16.04 -49.99 -10.49
C THR P 72 16.61 -48.81 -9.69
N SER P 73 16.93 -47.72 -10.36
CA SER P 73 17.66 -46.60 -9.76
C SER P 73 17.07 -46.08 -8.44
N ARG P 74 15.75 -45.96 -8.36
CA ARG P 74 15.11 -45.44 -7.15
C ARG P 74 15.05 -46.44 -6.00
N ALA P 75 15.35 -47.71 -6.30
CA ALA P 75 15.52 -48.72 -5.27
C ALA P 75 16.82 -48.47 -4.51
N GLY P 76 17.83 -47.94 -5.20
CA GLY P 76 19.09 -47.53 -4.58
C GLY P 76 18.94 -46.25 -3.78
N ILE P 77 18.12 -45.33 -4.29
CA ILE P 77 17.80 -44.10 -3.55
C ILE P 77 17.11 -44.45 -2.25
N GLU P 78 16.07 -45.30 -2.35
CA GLU P 78 15.32 -45.74 -1.17
C GLU P 78 16.18 -46.54 -0.21
N ALA P 79 17.05 -47.39 -0.74
CA ALA P 79 17.96 -48.19 0.09
C ALA P 79 18.81 -47.32 1.02
N ILE P 80 19.38 -46.25 0.47
CA ILE P 80 20.22 -45.33 1.24
C ILE P 80 19.37 -44.53 2.23
N LEU P 81 18.20 -44.08 1.80
CA LEU P 81 17.33 -43.23 2.62
C LEU P 81 16.73 -43.96 3.83
N VAL P 82 16.24 -45.17 3.64
CA VAL P 82 15.66 -45.96 4.74
C VAL P 82 16.75 -46.44 5.71
N SER P 83 17.98 -46.52 5.21
CA SER P 83 19.12 -46.98 6.02
C SER P 83 19.78 -45.85 6.82
N ALA P 84 19.64 -44.62 6.33
CA ALA P 84 20.24 -43.44 6.97
C ALA P 84 19.25 -42.67 7.82
N ILE P 85 17.98 -42.68 7.41
CA ILE P 85 16.94 -41.90 8.08
C ILE P 85 16.18 -42.73 9.12
N ARG P 86 16.25 -42.28 10.37
CA ARG P 86 15.36 -42.76 11.43
C ARG P 86 14.12 -41.87 11.45
N PRO P 87 12.96 -42.43 11.83
CA PRO P 87 11.73 -41.62 11.94
C PRO P 87 11.96 -40.31 12.71
N GLY P 88 11.44 -39.21 12.17
CA GLY P 88 11.57 -37.90 12.80
C GLY P 88 12.83 -37.13 12.44
N ASP P 89 13.80 -37.82 11.83
CA ASP P 89 15.06 -37.20 11.41
C ASP P 89 14.80 -36.08 10.40
N LYS P 90 15.51 -34.97 10.58
CA LYS P 90 15.37 -33.83 9.69
C LYS P 90 16.15 -34.04 8.39
N VAL P 91 15.48 -33.74 7.29
CA VAL P 91 16.02 -33.97 5.96
C VAL P 91 15.85 -32.70 5.12
N LEU P 92 16.91 -32.29 4.45
CA LEU P 92 16.87 -31.13 3.56
C LEU P 92 17.05 -31.54 2.10
N VAL P 93 16.14 -31.05 1.26
CA VAL P 93 16.17 -31.35 -0.18
C VAL P 93 16.10 -30.05 -0.99
N PRO P 94 17.21 -29.68 -1.66
CA PRO P 94 17.16 -28.58 -2.61
C PRO P 94 16.52 -29.04 -3.92
N VAL P 95 15.22 -28.75 -4.06
CA VAL P 95 14.44 -29.19 -5.22
C VAL P 95 14.61 -28.23 -6.41
N PHE P 96 15.07 -28.77 -7.54
CA PHE P 96 15.19 -28.00 -8.78
C PHE P 96 14.56 -28.70 -9.98
N GLY P 97 13.77 -29.74 -9.72
CA GLY P 97 13.08 -30.48 -10.78
C GLY P 97 12.23 -31.63 -10.26
N ARG P 98 11.63 -32.38 -11.19
CA ARG P 98 10.79 -33.53 -10.88
C ARG P 98 11.45 -34.51 -9.90
N PHE P 99 12.75 -34.73 -10.08
CA PHE P 99 13.49 -35.69 -9.24
C PHE P 99 13.85 -35.17 -7.85
N GLY P 100 13.63 -33.87 -7.63
CA GLY P 100 13.66 -33.31 -6.29
C GLY P 100 12.43 -33.74 -5.53
N HIS P 101 11.31 -33.84 -6.24
CA HIS P 101 10.03 -34.27 -5.68
C HIS P 101 9.99 -35.79 -5.40
N LEU P 102 10.84 -36.55 -6.10
CA LEU P 102 10.99 -37.98 -5.85
C LEU P 102 11.74 -38.25 -4.55
N LEU P 103 12.82 -37.51 -4.34
CA LEU P 103 13.60 -37.59 -3.10
C LEU P 103 12.76 -37.22 -1.89
N CYS P 104 11.80 -36.32 -2.09
CA CYS P 104 10.88 -35.89 -1.04
C CYS P 104 9.92 -37.00 -0.62
N GLU P 105 9.36 -37.71 -1.60
CA GLU P 105 8.40 -38.78 -1.33
C GLU P 105 9.02 -40.00 -0.67
N ILE P 106 10.17 -40.43 -1.18
CA ILE P 106 10.90 -41.55 -0.59
C ILE P 106 11.23 -41.25 0.87
N ALA P 107 11.73 -40.04 1.14
CA ALA P 107 12.04 -39.59 2.49
C ALA P 107 10.81 -39.49 3.39
N ARG P 108 9.65 -39.19 2.80
CA ARG P 108 8.38 -39.16 3.54
C ARG P 108 7.96 -40.56 4.00
N ARG P 109 8.12 -41.55 3.13
CA ARG P 109 7.82 -42.95 3.47
C ARG P 109 8.78 -43.46 4.53
N CYS P 110 9.97 -42.86 4.58
CA CYS P 110 10.97 -43.15 5.61
C CYS P 110 10.63 -42.46 6.93
N ARG P 111 9.57 -41.65 6.93
CA ARG P 111 9.05 -40.96 8.11
C ARG P 111 9.98 -39.85 8.64
N ALA P 112 10.72 -39.24 7.72
CA ALA P 112 11.53 -38.07 8.01
C ALA P 112 10.68 -36.82 8.00
N GLU P 113 11.11 -35.79 8.74
CA GLU P 113 10.57 -34.45 8.59
C GLU P 113 11.27 -33.84 7.38
N VAL P 114 10.48 -33.57 6.32
CA VAL P 114 11.04 -33.17 5.03
C VAL P 114 10.98 -31.66 4.80
N HIS P 115 12.16 -31.05 4.72
CA HIS P 115 12.30 -29.63 4.43
C HIS P 115 12.79 -29.44 3.00
N THR P 116 12.32 -28.38 2.33
CA THR P 116 12.69 -28.11 0.94
C THR P 116 13.02 -26.65 0.66
N ILE P 117 13.96 -26.43 -0.25
CA ILE P 117 14.16 -25.13 -0.89
C ILE P 117 14.02 -25.28 -2.40
N GLU P 118 13.59 -24.21 -3.07
CA GLU P 118 13.26 -24.26 -4.50
C GLU P 118 13.93 -23.19 -5.35
N VAL P 119 14.36 -23.58 -6.54
CA VAL P 119 14.65 -22.66 -7.63
C VAL P 119 13.75 -23.03 -8.80
N PRO P 120 13.48 -22.07 -9.72
CA PRO P 120 12.61 -22.40 -10.85
C PRO P 120 13.23 -23.37 -11.85
N TRP P 121 12.38 -23.99 -12.67
CA TRP P 121 12.82 -24.85 -13.76
C TRP P 121 13.06 -23.95 -14.97
N GLY P 122 14.22 -24.07 -15.62
CA GLY P 122 15.28 -24.97 -15.21
C GLY P 122 16.51 -24.18 -14.80
N GLU P 123 16.62 -23.93 -13.50
CA GLU P 123 17.77 -23.22 -12.95
C GLU P 123 18.50 -24.12 -11.94
N VAL P 124 19.55 -23.59 -11.33
CA VAL P 124 20.41 -24.38 -10.46
C VAL P 124 20.67 -23.64 -9.14
N PHE P 125 21.06 -24.39 -8.10
CA PHE P 125 21.30 -23.80 -6.77
C PHE P 125 22.71 -23.21 -6.62
N THR P 126 22.78 -22.12 -5.86
CA THR P 126 24.02 -21.50 -5.42
C THR P 126 24.41 -22.11 -4.06
N PRO P 127 25.71 -22.33 -3.82
CA PRO P 127 26.22 -22.79 -2.53
C PRO P 127 25.75 -21.96 -1.32
N ASP P 128 25.63 -20.65 -1.49
CA ASP P 128 25.13 -19.76 -0.43
C ASP P 128 23.68 -20.09 -0.04
N GLN P 129 22.87 -20.43 -1.04
CA GLN P 129 21.46 -20.77 -0.84
C GLN P 129 21.26 -22.02 0.00
N VAL P 130 22.13 -23.02 -0.20
CA VAL P 130 22.03 -24.27 0.56
C VAL P 130 22.60 -24.14 1.97
N GLU P 131 23.61 -23.27 2.12
CA GLU P 131 24.23 -23.04 3.44
C GLU P 131 23.28 -22.31 4.38
N ASP P 132 22.49 -21.39 3.83
CA ASP P 132 21.43 -20.71 4.58
C ASP P 132 20.39 -21.71 5.09
N ALA P 133 19.96 -22.60 4.19
CA ALA P 133 18.97 -23.63 4.51
C ALA P 133 19.51 -24.62 5.54
N VAL P 134 20.79 -24.99 5.40
CA VAL P 134 21.48 -25.82 6.40
C VAL P 134 21.52 -25.11 7.76
N LYS P 135 21.88 -23.81 7.74
CA LYS P 135 21.93 -23.00 8.95
C LYS P 135 20.57 -22.89 9.64
N ARG P 136 19.51 -22.76 8.84
CA ARG P 136 18.14 -22.62 9.37
C ARG P 136 17.61 -23.90 10.01
N ILE P 137 17.44 -24.95 9.21
CA ILE P 137 16.73 -26.15 9.69
C ILE P 137 17.61 -27.18 10.39
N ARG P 138 18.94 -27.01 10.31
CA ARG P 138 19.90 -27.92 10.95
C ARG P 138 19.65 -29.40 10.61
N PRO P 139 19.92 -29.77 9.33
CA PRO P 139 19.54 -31.10 8.87
C PRO P 139 20.55 -32.19 9.22
N ARG P 140 20.10 -33.43 9.16
CA ARG P 140 20.96 -34.59 9.31
C ARG P 140 21.47 -35.02 7.93
N LEU P 141 20.61 -34.85 6.93
CA LEU P 141 20.91 -35.25 5.55
C LEU P 141 20.62 -34.11 4.59
N LEU P 142 21.58 -33.83 3.71
CA LEU P 142 21.33 -33.01 2.53
C LEU P 142 21.14 -33.95 1.35
N LEU P 143 19.93 -33.99 0.82
CA LEU P 143 19.59 -34.89 -0.28
C LEU P 143 19.47 -34.12 -1.58
N THR P 144 20.42 -34.36 -2.48
CA THR P 144 20.45 -33.68 -3.77
C THR P 144 20.36 -34.63 -4.95
N VAL P 145 19.90 -34.10 -6.07
CA VAL P 145 20.03 -34.76 -7.37
C VAL P 145 21.18 -34.05 -8.07
N GLN P 146 22.06 -34.81 -8.72
CA GLN P 146 23.12 -34.18 -9.50
C GLN P 146 22.57 -33.76 -10.87
N GLY P 147 22.12 -34.73 -11.65
CA GLY P 147 21.53 -34.46 -12.96
C GLY P 147 20.04 -34.76 -13.00
N ASP P 148 19.24 -33.71 -13.11
CA ASP P 148 17.78 -33.85 -13.18
C ASP P 148 17.30 -33.76 -14.62
N THR P 149 17.03 -34.92 -15.22
CA THR P 149 16.64 -35.03 -16.63
C THR P 149 15.36 -34.27 -17.01
N SER P 150 14.53 -33.96 -16.02
CA SER P 150 13.28 -33.23 -16.26
C SER P 150 13.53 -31.78 -16.70
N THR P 151 14.67 -31.22 -16.27
CA THR P 151 15.03 -29.84 -16.59
C THR P 151 16.32 -29.75 -17.39
N THR P 152 17.02 -30.88 -17.50
CA THR P 152 18.34 -30.99 -18.15
C THR P 152 19.46 -30.26 -17.40
N MET P 153 19.18 -29.89 -16.15
CA MET P 153 20.13 -29.13 -15.35
C MET P 153 21.01 -30.01 -14.46
N LEU P 154 22.29 -29.72 -14.48
CA LEU P 154 23.29 -30.45 -13.71
C LEU P 154 23.76 -29.57 -12.55
N GLN P 155 23.40 -29.96 -11.33
CA GLN P 155 23.73 -29.20 -10.13
C GLN P 155 25.22 -29.32 -9.79
N PRO P 156 25.91 -28.18 -9.62
CA PRO P 156 27.30 -28.20 -9.16
C PRO P 156 27.39 -28.71 -7.74
N LEU P 157 28.15 -29.78 -7.54
CA LEU P 157 28.25 -30.45 -6.25
C LEU P 157 29.57 -30.15 -5.53
N ALA P 158 30.51 -29.54 -6.25
CA ALA P 158 31.88 -29.33 -5.77
C ALA P 158 31.99 -28.62 -4.40
N GLU P 159 31.21 -27.57 -4.22
CA GLU P 159 31.33 -26.72 -3.02
C GLU P 159 30.40 -27.11 -1.86
N LEU P 160 29.52 -28.08 -2.10
CA LEU P 160 28.51 -28.48 -1.12
C LEU P 160 29.03 -29.41 -0.02
N GLY P 161 29.99 -30.27 -0.37
CA GLY P 161 30.57 -31.21 0.59
C GLY P 161 31.39 -30.53 1.67
N GLU P 162 32.01 -29.41 1.31
CA GLU P 162 32.78 -28.60 2.26
C GLU P 162 31.83 -27.95 3.27
N ILE P 163 30.68 -27.48 2.79
CA ILE P 163 29.64 -26.90 3.63
C ILE P 163 29.08 -27.96 4.59
N CYS P 164 28.79 -29.15 4.04
CA CYS P 164 28.30 -30.29 4.83
C CYS P 164 29.29 -30.73 5.91
N ARG P 165 30.58 -30.57 5.62
CA ARG P 165 31.64 -30.96 6.55
C ARG P 165 31.67 -30.03 7.78
N ARG P 166 31.57 -28.73 7.53
CA ARG P 166 31.54 -27.72 8.60
C ARG P 166 30.37 -27.92 9.55
N TYR P 167 29.19 -28.17 8.99
CA TYR P 167 27.94 -28.23 9.75
C TYR P 167 27.55 -29.65 10.16
N ASP P 168 28.43 -30.61 9.89
CA ASP P 168 28.25 -32.02 10.26
C ASP P 168 26.93 -32.60 9.75
N ALA P 169 26.60 -32.27 8.49
CA ALA P 169 25.43 -32.82 7.82
C ALA P 169 25.89 -33.81 6.76
N LEU P 170 25.12 -34.89 6.57
CA LEU P 170 25.48 -35.94 5.62
C LEU P 170 25.11 -35.59 4.17
N PHE P 171 26.08 -35.72 3.28
CA PHE P 171 25.94 -35.33 1.87
C PHE P 171 25.66 -36.52 0.95
N TYR P 172 24.43 -36.61 0.46
CA TYR P 172 24.04 -37.62 -0.52
C TYR P 172 23.65 -36.98 -1.85
N THR P 173 23.90 -37.68 -2.95
CA THR P 173 23.41 -37.25 -4.26
C THR P 173 22.89 -38.41 -5.12
N ASP P 174 21.87 -38.12 -5.92
CA ASP P 174 21.33 -39.03 -6.91
C ASP P 174 22.00 -38.76 -8.25
N ALA P 175 22.89 -39.66 -8.66
CA ALA P 175 23.70 -39.44 -9.87
C ALA P 175 23.37 -40.39 -11.02
N THR P 176 22.19 -41.02 -10.97
CA THR P 176 21.81 -42.03 -11.96
C THR P 176 21.90 -41.53 -13.41
N ALA P 177 21.50 -40.29 -13.62
CA ALA P 177 21.47 -39.68 -14.95
C ALA P 177 22.83 -39.12 -15.37
N SER P 178 23.60 -38.66 -14.39
CA SER P 178 24.84 -37.92 -14.66
C SER P 178 26.10 -38.79 -14.71
N LEU P 179 26.12 -39.86 -13.91
CA LEU P 179 27.29 -40.74 -13.81
C LEU P 179 27.79 -41.21 -15.18
N GLY P 180 29.08 -41.08 -15.40
CA GLY P 180 29.72 -41.54 -16.64
C GLY P 180 29.68 -40.57 -17.80
N GLY P 181 28.72 -39.65 -17.78
CA GLY P 181 28.56 -38.64 -18.83
C GLY P 181 28.96 -37.25 -18.39
N ASN P 182 28.96 -37.05 -17.07
CA ASN P 182 29.37 -35.80 -16.45
C ASN P 182 30.40 -36.09 -15.37
N PRO P 183 31.22 -35.08 -15.01
CA PRO P 183 32.16 -35.24 -13.89
C PRO P 183 31.44 -35.60 -12.59
N LEU P 184 32.06 -36.47 -11.79
CA LEU P 184 31.61 -36.78 -10.43
C LEU P 184 32.78 -37.30 -9.61
N GLU P 185 33.27 -36.47 -8.69
CA GLU P 185 34.37 -36.84 -7.83
C GLU P 185 33.83 -37.08 -6.42
N THR P 186 33.52 -38.34 -6.12
CA THR P 186 32.88 -38.72 -4.86
C THR P 186 33.69 -38.29 -3.62
N ASP P 187 34.96 -38.68 -3.58
CA ASP P 187 35.81 -38.40 -2.41
C ASP P 187 36.29 -36.96 -2.35
N VAL P 188 36.61 -36.38 -3.49
CA VAL P 188 37.10 -34.99 -3.57
C VAL P 188 36.03 -33.97 -3.22
N TRP P 189 34.76 -34.34 -3.42
CA TRP P 189 33.65 -33.44 -3.12
C TRP P 189 32.97 -33.73 -1.78
N GLY P 190 33.61 -34.58 -0.97
CA GLY P 190 33.14 -34.89 0.38
C GLY P 190 31.79 -35.58 0.47
N LEU P 191 31.42 -36.32 -0.58
CA LEU P 191 30.14 -37.04 -0.62
C LEU P 191 30.14 -38.25 0.31
N ASP P 192 29.01 -38.47 0.97
CA ASP P 192 28.86 -39.56 1.92
C ASP P 192 28.13 -40.77 1.31
N ALA P 193 27.23 -40.49 0.36
CA ALA P 193 26.49 -41.54 -0.34
C ALA P 193 26.11 -41.13 -1.75
N VAL P 194 26.32 -42.04 -2.70
CA VAL P 194 25.88 -41.84 -4.08
C VAL P 194 25.19 -43.10 -4.58
N SER P 195 24.07 -42.91 -5.27
CA SER P 195 23.35 -44.00 -5.93
C SER P 195 23.17 -43.67 -7.41
N ALA P 196 23.26 -44.70 -8.25
CA ALA P 196 23.19 -44.52 -9.70
C ALA P 196 22.23 -45.50 -10.38
N GLY P 197 22.29 -45.55 -11.71
CA GLY P 197 21.46 -46.46 -12.51
C GLY P 197 22.17 -46.90 -13.77
N MET P 198 21.57 -47.84 -14.49
CA MET P 198 22.19 -48.42 -15.69
C MET P 198 21.73 -47.77 -16.99
N GLN P 199 20.43 -47.49 -17.07
CA GLN P 199 19.77 -47.16 -18.34
C GLN P 199 20.04 -45.77 -18.93
N1 LLP P 200 16.90 -40.62 -11.05
C2 LLP P 200 17.11 -39.73 -12.04
C2' LLP P 200 17.77 -38.45 -11.72
C3 LLP P 200 16.75 -40.02 -13.37
O3 LLP P 200 16.96 -39.13 -14.36
C4 LLP P 200 16.12 -41.24 -13.64
C4' LLP P 200 15.70 -41.58 -15.04
C5 LLP P 200 15.93 -42.14 -12.57
C6 LLP P 200 16.32 -41.80 -11.28
C5' LLP P 200 15.28 -43.49 -12.82
OP4 LLP P 200 14.89 -44.25 -11.72
P LLP P 200 14.45 -45.75 -11.93
OP1 LLP P 200 13.21 -45.81 -12.81
OP2 LLP P 200 14.11 -46.36 -10.58
OP3 LLP P 200 15.56 -46.54 -12.56
N LLP P 200 20.95 -45.01 -18.33
CA LLP P 200 21.21 -43.65 -18.76
CB LLP P 200 21.11 -42.60 -17.63
CG LLP P 200 19.84 -41.78 -17.55
CD LLP P 200 18.51 -42.51 -17.37
CE LLP P 200 17.78 -42.24 -16.10
NZ LLP P 200 16.66 -41.28 -16.15
C LLP P 200 22.53 -43.57 -19.55
O LLP P 200 22.50 -43.75 -20.78
N CYS P 201 23.65 -43.34 -18.87
CA CYS P 201 24.95 -43.21 -19.55
C CYS P 201 25.80 -44.48 -19.42
N LEU P 202 25.29 -45.50 -18.73
CA LEU P 202 26.06 -46.71 -18.46
C LEU P 202 25.88 -47.84 -19.49
N GLY P 203 24.65 -48.04 -19.94
CA GLY P 203 24.33 -48.88 -21.10
C GLY P 203 24.39 -50.40 -21.01
N GLY P 204 23.52 -51.04 -20.21
CA GLY P 204 22.59 -50.36 -19.33
C GLY P 204 21.10 -50.60 -19.52
N PRO P 205 20.61 -51.78 -19.12
CA PRO P 205 19.16 -51.90 -18.88
C PRO P 205 18.84 -51.63 -17.41
N SER P 206 17.70 -51.01 -17.13
CA SER P 206 17.32 -50.70 -15.74
C SER P 206 17.13 -51.98 -14.92
N GLY P 207 17.35 -51.87 -13.61
CA GLY P 207 17.18 -53.02 -12.72
C GLY P 207 18.27 -53.19 -11.68
N THR P 208 19.25 -52.29 -11.70
CA THR P 208 20.34 -52.29 -10.74
C THR P 208 20.73 -50.85 -10.39
N SER P 209 21.04 -50.62 -9.11
CA SER P 209 21.48 -49.31 -8.66
C SER P 209 22.83 -49.39 -7.94
N PRO P 210 23.92 -49.02 -8.64
CA PRO P 210 25.22 -48.95 -8.00
C PRO P 210 25.24 -47.86 -6.94
N ILE P 211 25.69 -48.20 -5.74
CA ILE P 211 25.80 -47.24 -4.65
C ILE P 211 27.20 -47.24 -4.05
N THR P 212 27.61 -46.10 -3.53
CA THR P 212 28.86 -46.00 -2.79
C THR P 212 28.64 -45.27 -1.47
N LEU P 213 29.31 -45.75 -0.42
CA LEU P 213 29.08 -45.25 0.94
C LEU P 213 30.41 -44.93 1.62
N SER P 214 30.53 -43.69 2.10
CA SER P 214 31.74 -43.25 2.80
C SER P 214 31.83 -43.86 4.19
N ALA P 215 33.00 -43.76 4.81
CA ALA P 215 33.23 -44.25 6.17
C ALA P 215 32.25 -43.66 7.17
N ARG P 216 31.90 -42.39 6.97
CA ARG P 216 30.95 -41.68 7.81
C ARG P 216 29.53 -42.26 7.69
N MET P 217 29.18 -42.73 6.50
CA MET P 217 27.88 -43.36 6.27
C MET P 217 27.77 -44.77 6.86
N GLU P 218 28.79 -45.61 6.63
CA GLU P 218 28.76 -46.98 7.11
C GLU P 218 28.60 -47.06 8.63
N GLU P 219 29.26 -46.14 9.33
CA GLU P 219 29.15 -45.98 10.77
C GLU P 219 27.69 -45.73 11.18
N ALA P 220 27.05 -44.77 10.51
CA ALA P 220 25.66 -44.42 10.77
C ALA P 220 24.71 -45.59 10.51
N ILE P 221 24.99 -46.35 9.47
CA ILE P 221 24.21 -47.54 9.11
C ILE P 221 24.47 -48.69 10.10
N ARG P 222 25.74 -48.89 10.47
CA ARG P 222 26.12 -49.94 11.42
C ARG P 222 25.54 -49.75 12.83
N ARG P 223 25.17 -48.51 13.17
CA ARG P 223 24.45 -48.23 14.42
C ARG P 223 23.03 -48.81 14.37
N ARG P 224 22.51 -49.00 13.16
CA ARG P 224 21.14 -49.46 12.94
C ARG P 224 21.08 -50.97 12.74
N LYS P 225 22.21 -51.65 12.91
CA LYS P 225 22.33 -53.08 12.64
C LYS P 225 21.30 -53.93 13.38
N CYS P 226 20.64 -54.80 12.62
CA CYS P 226 19.71 -55.79 13.14
C CYS P 226 19.61 -56.93 12.13
N VAL P 227 20.35 -58.01 12.40
CA VAL P 227 20.45 -59.12 11.46
C VAL P 227 19.16 -59.94 11.42
N GLU P 228 18.66 -60.17 10.20
CA GLU P 228 17.44 -60.94 9.95
C GLU P 228 17.42 -62.27 10.72
N GLU P 229 16.25 -62.60 11.26
CA GLU P 229 16.07 -63.76 12.16
C GLU P 229 16.59 -65.08 11.61
N GLY P 230 16.23 -65.40 10.37
CA GLY P 230 16.60 -66.67 9.74
C GLY P 230 18.08 -66.90 9.52
N ILE P 231 18.87 -65.82 9.49
CA ILE P 231 20.31 -65.90 9.31
C ILE P 231 21.09 -65.31 10.49
N ARG P 232 20.43 -65.24 11.64
CA ARG P 232 21.02 -64.65 12.83
C ARG P 232 21.72 -65.71 13.70
N THR P 233 22.99 -65.46 14.02
CA THR P 233 23.74 -66.29 14.95
C THR P 233 23.83 -65.61 16.31
N ASP P 234 24.21 -66.38 17.34
CA ASP P 234 24.34 -65.83 18.69
C ASP P 234 25.59 -64.95 18.86
N ALA P 235 26.38 -64.84 17.80
CA ALA P 235 27.50 -63.90 17.75
C ALA P 235 27.05 -62.52 17.26
N HIS P 236 25.79 -62.44 16.83
CA HIS P 236 25.22 -61.18 16.34
C HIS P 236 24.58 -60.35 17.45
N ARG P 237 24.82 -59.04 17.38
CA ARG P 237 24.23 -58.09 18.32
C ARG P 237 23.74 -56.84 17.59
N ASP P 238 22.58 -56.35 18.00
CA ASP P 238 21.98 -55.14 17.44
C ASP P 238 22.87 -53.93 17.70
N GLY P 239 22.66 -52.88 16.91
CA GLY P 239 23.32 -51.60 17.14
C GLY P 239 22.59 -50.80 18.22
N ASP P 240 23.10 -49.60 18.50
CA ASP P 240 22.52 -48.72 19.52
C ASP P 240 21.26 -48.00 19.02
N GLU P 241 21.18 -47.79 17.71
CA GLU P 241 20.04 -47.10 17.11
C GLU P 241 19.01 -48.07 16.56
N GLU P 242 17.80 -47.56 16.31
CA GLU P 242 16.68 -48.38 15.83
C GLU P 242 16.95 -49.03 14.49
N MET P 243 16.33 -50.19 14.28
CA MET P 243 16.49 -50.98 13.06
C MET P 243 15.95 -50.26 11.84
N ILE P 244 16.51 -50.61 10.67
CA ILE P 244 16.04 -50.12 9.38
C ILE P 244 14.70 -50.78 9.05
N TYR P 245 13.68 -49.98 8.78
CA TYR P 245 12.32 -50.49 8.55
C TYR P 245 12.14 -51.06 7.14
N SER P 246 12.84 -52.17 6.92
CA SER P 246 12.89 -52.87 5.64
C SER P 246 13.95 -53.96 5.78
N ASN P 247 13.59 -55.19 5.40
CA ASN P 247 14.55 -56.28 5.36
C ASN P 247 15.46 -56.14 4.14
N TYR P 248 14.83 -55.95 2.98
CA TYR P 248 15.51 -55.88 1.69
C TYR P 248 16.40 -54.65 1.54
N PHE P 249 15.94 -53.51 2.04
CA PHE P 249 16.67 -52.24 1.90
C PHE P 249 17.53 -51.88 3.11
N ASP P 250 17.80 -52.87 3.96
CA ASP P 250 18.74 -52.74 5.07
C ASP P 250 20.15 -52.92 4.52
N LEU P 251 20.80 -51.80 4.19
CA LEU P 251 22.12 -51.83 3.56
C LEU P 251 23.22 -52.35 4.48
N GLY P 252 22.97 -52.32 5.78
CA GLY P 252 23.87 -52.93 6.77
C GLY P 252 24.08 -54.40 6.49
N MET P 253 22.98 -55.11 6.26
CA MET P 253 23.02 -56.53 5.92
C MET P 253 23.51 -56.79 4.49
N VAL P 254 23.22 -55.86 3.58
CA VAL P 254 23.71 -55.94 2.20
C VAL P 254 25.24 -55.84 2.19
N MET P 255 25.78 -54.89 2.97
CA MET P 255 27.23 -54.78 3.16
C MET P 255 27.82 -56.08 3.72
N ASP P 256 27.11 -56.70 4.66
CA ASP P 256 27.52 -57.98 5.25
C ASP P 256 27.50 -59.12 4.23
N TYR P 257 26.63 -59.00 3.22
CA TYR P 257 26.57 -59.96 2.12
C TYR P 257 27.79 -59.84 1.22
N TRP P 258 28.11 -58.62 0.80
CA TRP P 258 29.22 -58.35 -0.11
C TRP P 258 30.59 -58.43 0.56
N GLY P 259 30.62 -58.27 1.90
CA GLY P 259 31.85 -58.34 2.67
C GLY P 259 32.30 -59.78 2.94
N PRO P 260 33.44 -59.94 3.65
CA PRO P 260 34.02 -61.26 3.96
C PRO P 260 33.11 -62.23 4.69
N GLU P 261 32.15 -61.72 5.48
CA GLU P 261 31.17 -62.57 6.16
C GLU P 261 30.29 -63.36 5.19
N ARG P 262 29.95 -62.72 4.06
CA ARG P 262 29.09 -63.32 3.02
C ARG P 262 27.70 -63.69 3.55
N LEU P 263 27.15 -62.80 4.37
CA LEU P 263 25.85 -62.99 5.02
C LEU P 263 24.73 -63.17 3.99
N ASN P 264 23.99 -64.26 4.11
CA ASN P 264 22.98 -64.62 3.11
C ASN P 264 21.71 -63.76 3.19
N HIS P 265 21.83 -62.52 2.72
CA HIS P 265 20.71 -61.57 2.72
C HIS P 265 19.70 -61.92 1.64
N HIS P 266 20.19 -62.12 0.42
CA HIS P 266 19.36 -62.49 -0.73
C HIS P 266 20.24 -63.12 -1.80
N THR P 267 19.62 -63.67 -2.84
CA THR P 267 20.35 -64.20 -3.97
C THR P 267 20.67 -63.09 -4.97
N GLU P 268 21.95 -62.70 -5.03
CA GLU P 268 22.42 -61.69 -5.96
C GLU P 268 21.97 -62.01 -7.38
N ALA P 269 21.36 -61.03 -8.03
CA ALA P 269 20.89 -61.17 -9.41
C ALA P 269 22.07 -61.35 -10.35
N THR P 270 22.40 -62.62 -10.61
CA THR P 270 23.61 -63.00 -11.35
C THR P 270 23.72 -62.31 -12.71
N THR P 271 22.65 -62.38 -13.49
CA THR P 271 22.55 -61.79 -14.81
C THR P 271 22.84 -60.29 -14.79
N ALA P 272 22.18 -59.58 -13.88
CA ALA P 272 22.32 -58.12 -13.75
C ALA P 272 23.73 -57.72 -13.30
N LEU P 273 24.36 -58.59 -12.50
CA LEU P 273 25.74 -58.37 -12.07
C LEU P 273 26.70 -58.48 -13.25
N PHE P 274 26.47 -59.46 -14.14
CA PHE P 274 27.25 -59.59 -15.37
C PHE P 274 27.17 -58.31 -16.19
N GLY P 275 25.96 -57.76 -16.30
CA GLY P 275 25.70 -56.53 -17.04
C GLY P 275 26.38 -55.31 -16.43
N ALA P 276 26.15 -55.09 -15.14
CA ALA P 276 26.77 -53.99 -14.41
C ALA P 276 28.30 -54.03 -14.43
N ARG P 277 28.85 -55.25 -14.34
CA ARG P 277 30.30 -55.46 -14.44
C ARG P 277 30.82 -54.97 -15.79
N GLU P 278 30.11 -55.31 -16.86
CA GLU P 278 30.47 -54.89 -18.21
C GLU P 278 30.38 -53.38 -18.42
N CYS P 279 29.30 -52.77 -17.94
CA CYS P 279 29.09 -51.33 -18.05
C CYS P 279 30.30 -50.55 -17.51
N ALA P 280 30.72 -50.87 -16.29
CA ALA P 280 31.87 -50.23 -15.66
C ALA P 280 33.19 -50.60 -16.35
N ARG P 281 33.29 -51.86 -16.79
CA ARG P 281 34.48 -52.35 -17.47
C ARG P 281 34.72 -51.61 -18.78
N LEU P 282 33.66 -51.40 -19.54
CA LEU P 282 33.73 -50.69 -20.82
C LEU P 282 34.04 -49.21 -20.64
N ILE P 283 33.40 -48.59 -19.64
CA ILE P 283 33.62 -47.18 -19.31
C ILE P 283 35.09 -46.91 -18.92
N LEU P 284 35.66 -47.78 -18.10
CA LEU P 284 37.05 -47.64 -17.67
C LEU P 284 38.05 -48.03 -18.77
N GLN P 285 37.66 -48.95 -19.64
CA GLN P 285 38.45 -49.32 -20.82
C GLN P 285 38.60 -48.15 -21.80
N GLU P 286 37.51 -47.40 -21.98
CA GLU P 286 37.53 -46.16 -22.74
C GLU P 286 38.27 -45.10 -21.94
N GLY P 287 38.08 -45.12 -20.62
CA GLY P 287 38.60 -44.08 -19.74
C GLY P 287 37.46 -43.15 -19.35
N LEU P 288 37.36 -42.83 -18.07
CA LEU P 288 36.27 -42.00 -17.55
C LEU P 288 36.31 -40.56 -18.07
N ASP P 289 37.51 -39.97 -18.11
CA ASP P 289 37.71 -38.62 -18.66
C ASP P 289 37.32 -38.58 -20.13
N TYR P 290 37.79 -39.56 -20.89
CA TYR P 290 37.46 -39.70 -22.30
C TYR P 290 35.97 -39.96 -22.50
N GLY P 291 35.36 -40.64 -21.54
CA GLY P 291 33.92 -40.92 -21.54
C GLY P 291 33.06 -39.68 -21.39
N ILE P 292 33.43 -38.82 -20.44
CA ILE P 292 32.73 -37.55 -20.21
C ILE P 292 32.91 -36.60 -21.40
N ALA P 293 34.16 -36.48 -21.88
CA ALA P 293 34.49 -35.67 -23.06
C ALA P 293 33.68 -36.08 -24.30
N ARG P 294 33.41 -37.39 -24.42
CA ARG P 294 32.59 -37.91 -25.50
C ARG P 294 31.15 -37.41 -25.41
N HIS P 295 30.57 -37.44 -24.21
CA HIS P 295 29.22 -36.96 -23.97
C HIS P 295 29.07 -35.46 -24.25
N LYS P 296 30.05 -34.68 -23.79
CA LYS P 296 30.07 -33.24 -24.00
C LYS P 296 30.09 -32.88 -25.49
N LEU P 297 31.01 -33.51 -26.22
CA LEU P 297 31.19 -33.25 -27.66
C LEU P 297 29.91 -33.46 -28.47
N HIS P 298 29.24 -34.58 -28.23
CA HIS P 298 28.05 -34.94 -28.97
C HIS P 298 26.80 -34.20 -28.48
N GLY P 299 26.80 -33.85 -27.20
CA GLY P 299 25.77 -32.97 -26.64
C GLY P 299 25.89 -31.57 -27.24
N ASP P 300 27.12 -31.09 -27.37
CA ASP P 300 27.40 -29.76 -27.95
C ASP P 300 27.12 -29.70 -29.46
N ALA P 301 27.23 -30.84 -30.13
CA ALA P 301 26.91 -30.94 -31.55
C ALA P 301 25.39 -30.84 -31.77
N LEU P 302 24.63 -31.56 -30.94
CA LEU P 302 23.17 -31.53 -30.99
C LEU P 302 22.62 -30.11 -30.76
N VAL P 303 23.15 -29.44 -29.73
CA VAL P 303 22.74 -28.07 -29.39
C VAL P 303 22.97 -27.10 -30.57
N LYS P 304 24.16 -27.18 -31.16
CA LYS P 304 24.54 -26.30 -32.27
C LYS P 304 23.68 -26.50 -33.52
N GLY P 305 23.25 -27.75 -33.72
CA GLY P 305 22.32 -28.08 -34.81
C GLY P 305 20.91 -27.64 -34.50
N ILE P 306 20.53 -27.69 -33.22
CA ILE P 306 19.22 -27.25 -32.75
C ILE P 306 19.10 -25.73 -32.83
N GLN P 307 20.11 -25.01 -32.33
CA GLN P 307 20.16 -23.56 -32.38
C GLN P 307 20.07 -23.04 -33.82
N ALA P 308 20.73 -23.74 -34.73
CA ALA P 308 20.76 -23.37 -36.15
C ALA P 308 19.55 -23.88 -36.94
N MET P 309 18.69 -24.65 -36.29
CA MET P 309 17.43 -25.09 -36.91
C MET P 309 16.30 -24.09 -36.62
N GLY P 310 16.64 -23.03 -35.88
CA GLY P 310 15.66 -22.00 -35.50
C GLY P 310 14.87 -22.37 -34.27
N LEU P 311 15.40 -23.33 -33.50
CA LEU P 311 14.74 -23.80 -32.29
C LEU P 311 15.39 -23.20 -31.06
N GLU P 312 14.55 -22.76 -30.12
CA GLU P 312 15.02 -22.27 -28.83
C GLU P 312 15.41 -23.45 -27.95
N THR P 313 16.24 -23.19 -26.94
CA THR P 313 16.63 -24.21 -25.97
C THR P 313 16.13 -23.85 -24.57
N PHE P 314 16.03 -24.85 -23.70
CA PHE P 314 15.45 -24.67 -22.36
C PHE P 314 16.47 -24.71 -21.23
N GLY P 315 16.35 -23.74 -20.32
CA GLY P 315 17.14 -23.72 -19.09
C GLY P 315 18.38 -22.85 -19.16
N ASP P 316 19.29 -23.07 -18.21
CA ASP P 316 20.55 -22.32 -18.13
C ASP P 316 21.69 -23.17 -18.67
N LEU P 317 22.11 -22.85 -19.90
CA LEU P 317 23.09 -23.65 -20.64
C LEU P 317 24.49 -23.68 -20.01
N LYS P 318 24.71 -22.84 -19.00
CA LYS P 318 25.95 -22.86 -18.22
C LYS P 318 26.05 -24.11 -17.34
N HIS P 319 24.89 -24.69 -17.00
CA HIS P 319 24.85 -25.88 -16.16
C HIS P 319 24.07 -27.05 -16.78
N LYS P 320 23.98 -27.06 -18.11
CA LYS P 320 23.30 -28.13 -18.84
C LYS P 320 24.06 -29.45 -18.69
N MET P 321 23.31 -30.56 -18.68
CA MET P 321 23.90 -31.89 -18.73
C MET P 321 24.48 -32.15 -20.12
N ASN P 322 25.70 -32.70 -20.14
CA ASN P 322 26.34 -33.10 -21.39
C ASN P 322 25.48 -34.07 -22.19
N ASN P 323 24.67 -34.85 -21.47
CA ASN P 323 23.94 -35.97 -22.06
C ASN P 323 22.46 -35.74 -22.35
N VAL P 324 21.93 -34.56 -22.03
CA VAL P 324 20.52 -34.23 -22.34
C VAL P 324 20.32 -32.78 -22.78
N LEU P 325 19.39 -32.56 -23.71
CA LEU P 325 19.04 -31.23 -24.19
C LEU P 325 17.54 -30.98 -24.09
N GLY P 326 17.17 -29.79 -23.62
CA GLY P 326 15.78 -29.35 -23.60
C GLY P 326 15.47 -28.48 -24.80
N VAL P 327 14.68 -29.03 -25.74
CA VAL P 327 14.35 -28.33 -26.97
C VAL P 327 12.94 -27.76 -26.89
N VAL P 328 12.85 -26.43 -26.94
CA VAL P 328 11.56 -25.73 -26.85
C VAL P 328 10.74 -26.00 -28.11
N ILE P 329 9.57 -26.62 -27.91
CA ILE P 329 8.64 -26.90 -28.99
C ILE P 329 8.17 -25.58 -29.59
N PRO P 330 8.41 -25.39 -30.90
CA PRO P 330 8.05 -24.16 -31.58
C PRO P 330 6.54 -23.98 -31.57
N GLN P 331 6.08 -22.84 -32.07
CA GLN P 331 4.67 -22.50 -31.98
C GLN P 331 3.91 -22.81 -33.26
N GLY P 332 2.70 -23.33 -33.10
CA GLY P 332 1.93 -23.87 -34.22
C GLY P 332 2.31 -25.31 -34.50
N ILE P 333 3.08 -25.89 -33.59
CA ILE P 333 3.57 -27.26 -33.72
C ILE P 333 3.09 -28.09 -32.53
N ASN P 334 2.42 -29.19 -32.84
CA ASN P 334 1.99 -30.14 -31.81
C ASN P 334 3.12 -31.09 -31.44
N GLY P 335 3.54 -31.04 -30.17
CA GLY P 335 4.65 -31.85 -29.67
C GLY P 335 4.43 -33.35 -29.77
N ASP P 336 3.23 -33.81 -29.43
CA ASP P 336 2.86 -35.22 -29.54
C ASP P 336 2.93 -35.73 -30.97
N GLN P 337 2.52 -34.88 -31.92
CA GLN P 337 2.51 -35.23 -33.33
C GLN P 337 3.92 -35.45 -33.88
N ALA P 338 4.86 -34.62 -33.44
CA ALA P 338 6.25 -34.73 -33.85
C ALA P 338 6.90 -35.98 -33.28
N ARG P 339 6.66 -36.25 -31.99
CA ARG P 339 7.16 -37.45 -31.32
C ARG P 339 6.59 -38.73 -31.95
N LYS P 340 5.35 -38.66 -32.43
CA LYS P 340 4.70 -39.80 -33.07
C LYS P 340 5.34 -40.13 -34.42
N LEU P 341 5.61 -39.09 -35.21
CA LEU P 341 6.22 -39.25 -36.53
C LEU P 341 7.67 -39.72 -36.44
N MET P 342 8.40 -39.21 -35.46
CA MET P 342 9.78 -39.61 -35.20
C MET P 342 9.88 -41.10 -34.89
N LEU P 343 8.97 -41.59 -34.05
CA LEU P 343 8.98 -42.98 -33.60
C LEU P 343 8.46 -43.93 -34.67
N GLU P 344 7.33 -43.58 -35.28
CA GLU P 344 6.67 -44.46 -36.24
C GLU P 344 7.31 -44.47 -37.62
N ASP P 345 7.83 -43.32 -38.04
CA ASP P 345 8.39 -43.19 -39.40
C ASP P 345 9.92 -43.25 -39.46
N PHE P 346 10.59 -42.91 -38.37
CA PHE P 346 12.06 -42.93 -38.33
C PHE P 346 12.64 -43.96 -37.37
N GLY P 347 11.82 -44.43 -36.43
CA GLY P 347 12.27 -45.37 -35.41
C GLY P 347 13.11 -44.72 -34.33
N ILE P 348 12.90 -43.42 -34.12
CA ILE P 348 13.65 -42.66 -33.13
C ILE P 348 12.71 -42.15 -32.03
N GLU P 349 13.07 -42.42 -30.78
CA GLU P 349 12.33 -41.88 -29.66
C GLU P 349 13.00 -40.65 -29.09
N ILE P 350 12.26 -39.55 -29.04
CA ILE P 350 12.67 -38.37 -28.26
C ILE P 350 11.68 -38.17 -27.12
N GLY P 351 12.15 -37.58 -26.02
CA GLY P 351 11.36 -37.50 -24.80
C GLY P 351 10.36 -36.36 -24.73
N THR P 352 9.16 -36.67 -24.28
CA THR P 352 8.17 -35.66 -23.90
C THR P 352 8.51 -35.15 -22.50
N SER P 353 7.99 -33.98 -22.15
CA SER P 353 8.17 -33.43 -20.82
C SER P 353 6.91 -33.62 -19.98
N PHE P 354 7.07 -33.53 -18.65
CA PHE P 354 5.95 -33.69 -17.72
C PHE P 354 5.71 -32.44 -16.89
N GLY P 355 4.50 -32.36 -16.33
CA GLY P 355 4.13 -31.27 -15.42
C GLY P 355 4.01 -29.93 -16.12
N PRO P 356 4.73 -28.91 -15.60
CA PRO P 356 4.67 -27.56 -16.15
C PRO P 356 5.24 -27.45 -17.58
N LEU P 357 5.99 -28.45 -18.01
CA LEU P 357 6.73 -28.38 -19.27
C LEU P 357 6.13 -29.16 -20.45
N HIS P 358 5.12 -29.98 -20.20
CA HIS P 358 4.49 -30.75 -21.28
C HIS P 358 3.93 -29.82 -22.35
N GLY P 359 4.20 -30.15 -23.61
CA GLY P 359 3.74 -29.35 -24.75
C GLY P 359 4.61 -28.13 -25.03
N LYS P 360 5.63 -27.93 -24.20
CA LYS P 360 6.55 -26.81 -24.35
C LYS P 360 7.96 -27.28 -24.70
N VAL P 361 8.35 -28.41 -24.14
CA VAL P 361 9.74 -28.86 -24.17
C VAL P 361 9.88 -30.33 -24.58
N TRP P 362 10.76 -30.59 -25.54
CA TRP P 362 11.23 -31.95 -25.81
C TRP P 362 12.53 -32.17 -25.04
N ARG P 363 12.78 -33.42 -24.69
CA ARG P 363 14.06 -33.79 -24.09
C ARG P 363 14.77 -34.83 -24.94
N ILE P 364 15.87 -34.41 -25.56
CA ILE P 364 16.66 -35.30 -26.40
C ILE P 364 17.99 -35.63 -25.74
N GLY P 365 18.16 -36.91 -25.42
CA GLY P 365 19.38 -37.37 -24.77
C GLY P 365 20.42 -37.85 -25.77
N THR P 366 21.68 -37.70 -25.37
CA THR P 366 22.82 -38.25 -26.09
C THR P 366 23.67 -38.96 -25.06
N MET P 367 23.27 -40.19 -24.74
CA MET P 367 23.80 -40.92 -23.59
C MET P 367 24.48 -42.24 -23.95
N GLY P 368 25.49 -42.59 -23.16
CA GLY P 368 26.15 -43.89 -23.22
C GLY P 368 26.57 -44.37 -24.59
N TYR P 369 26.04 -45.52 -24.98
CA TYR P 369 26.31 -46.12 -26.28
C TYR P 369 25.82 -45.26 -27.44
N ASN P 370 24.76 -44.50 -27.20
CA ASN P 370 24.19 -43.60 -28.21
C ASN P 370 24.76 -42.18 -28.21
N ALA P 371 25.71 -41.92 -27.32
CA ALA P 371 26.51 -40.69 -27.41
C ALA P 371 27.48 -40.86 -28.58
N ARG P 372 26.93 -40.68 -29.79
CA ARG P 372 27.65 -40.92 -31.03
C ARG P 372 27.32 -39.85 -32.06
N LYS P 373 28.25 -39.65 -32.99
CA LYS P 373 28.05 -38.74 -34.11
C LYS P 373 26.86 -39.16 -34.98
N ASP P 374 26.79 -40.45 -35.30
CA ASP P 374 25.73 -40.95 -36.20
C ASP P 374 24.33 -40.92 -35.59
N CYS P 375 24.26 -41.04 -34.25
CA CYS P 375 23.00 -40.87 -33.53
C CYS P 375 22.55 -39.41 -33.57
N VAL P 376 23.50 -38.49 -33.40
CA VAL P 376 23.23 -37.06 -33.45
C VAL P 376 22.77 -36.64 -34.85
N MET P 377 23.56 -36.99 -35.86
CA MET P 377 23.23 -36.69 -37.25
C MET P 377 21.86 -37.23 -37.68
N THR P 378 21.59 -38.49 -37.35
CA THR P 378 20.31 -39.15 -37.69
C THR P 378 19.12 -38.41 -37.07
N THR P 379 19.23 -38.06 -35.80
CA THR P 379 18.16 -37.40 -35.06
C THR P 379 17.88 -35.97 -35.55
N LEU P 380 18.95 -35.22 -35.82
CA LEU P 380 18.83 -33.85 -36.34
C LEU P 380 18.13 -33.78 -37.69
N SER P 381 18.56 -34.65 -38.62
CA SER P 381 18.00 -34.67 -39.97
C SER P 381 16.55 -35.16 -39.98
N ALA P 382 16.24 -36.10 -39.08
CA ALA P 382 14.89 -36.63 -38.93
C ALA P 382 13.95 -35.61 -38.31
N LEU P 383 14.45 -34.86 -37.33
CA LEU P 383 13.68 -33.81 -36.67
C LEU P 383 13.29 -32.75 -37.69
N GLU P 384 14.29 -32.29 -38.45
CA GLU P 384 14.08 -31.28 -39.49
C GLU P 384 13.12 -31.78 -40.58
N ALA P 385 13.28 -33.05 -40.99
CA ALA P 385 12.39 -33.67 -41.96
C ALA P 385 10.93 -33.64 -41.48
N VAL P 386 10.72 -34.02 -40.23
CA VAL P 386 9.39 -34.02 -39.61
C VAL P 386 8.83 -32.59 -39.45
N LEU P 387 9.68 -31.67 -39.01
CA LEU P 387 9.30 -30.26 -38.86
C LEU P 387 8.99 -29.60 -40.21
N ASN P 388 9.78 -29.91 -41.23
CA ASN P 388 9.53 -29.43 -42.59
C ASN P 388 8.24 -30.00 -43.17
N TYR P 389 7.97 -31.27 -42.85
CA TYR P 389 6.74 -31.96 -43.25
C TYR P 389 5.52 -31.29 -42.64
N LEU P 390 5.69 -30.77 -41.43
CA LEU P 390 4.63 -30.09 -40.69
C LEU P 390 4.58 -28.58 -41.00
N LYS P 391 5.23 -28.20 -42.10
CA LYS P 391 5.22 -26.82 -42.61
C LYS P 391 5.90 -25.81 -41.68
N PHE P 392 6.98 -26.23 -41.01
CA PHE P 392 7.78 -25.34 -40.18
C PHE P 392 9.06 -24.94 -40.93
N PRO P 393 9.16 -23.67 -41.36
CA PRO P 393 10.29 -23.17 -42.13
C PRO P 393 11.64 -23.23 -41.42
N THR P 394 12.64 -23.72 -42.14
CA THR P 394 14.03 -23.74 -41.72
C THR P 394 14.89 -23.38 -42.92
N THR P 395 16.05 -22.77 -42.67
CA THR P 395 17.02 -22.51 -43.74
C THR P 395 17.70 -23.83 -44.12
N GLN P 396 17.44 -24.29 -45.35
CA GLN P 396 17.89 -25.59 -45.83
C GLN P 396 19.39 -25.81 -45.63
N GLY P 397 19.75 -26.92 -44.99
CA GLY P 397 21.14 -27.30 -44.77
C GLY P 397 21.77 -26.77 -43.50
N ALA P 398 21.28 -25.63 -43.01
CA ALA P 398 21.86 -24.93 -41.86
C ALA P 398 22.07 -25.81 -40.63
N ALA P 399 21.03 -26.56 -40.25
CA ALA P 399 21.09 -27.45 -39.09
C ALA P 399 22.23 -28.46 -39.19
N MET P 400 22.32 -29.14 -40.33
CA MET P 400 23.39 -30.13 -40.55
C MET P 400 24.76 -29.47 -40.71
N GLN P 401 24.79 -28.31 -41.37
CA GLN P 401 26.02 -27.53 -41.54
C GLN P 401 26.62 -27.18 -40.18
N ALA P 402 25.79 -26.63 -39.29
CA ALA P 402 26.22 -26.25 -37.94
C ALA P 402 26.79 -27.43 -37.16
N ALA P 403 26.18 -28.60 -37.33
CA ALA P 403 26.65 -29.83 -36.69
C ALA P 403 27.98 -30.29 -37.28
N TRP P 404 28.05 -30.36 -38.62
CA TRP P 404 29.27 -30.74 -39.33
C TRP P 404 30.46 -29.83 -38.99
N ASP P 405 30.22 -28.53 -38.99
CA ASP P 405 31.26 -27.54 -38.66
C ASP P 405 31.85 -27.77 -37.27
N HIS P 406 31.00 -28.11 -36.32
CA HIS P 406 31.43 -28.40 -34.95
C HIS P 406 32.33 -29.65 -34.90
N TYR P 407 31.93 -30.70 -35.62
CA TYR P 407 32.72 -31.93 -35.70
C TYR P 407 34.06 -31.72 -36.41
N ARG P 408 34.08 -30.84 -37.40
CA ARG P 408 35.30 -30.51 -38.13
C ARG P 408 36.26 -29.66 -37.29
N SER P 409 35.72 -28.71 -36.53
CA SER P 409 36.52 -27.83 -35.68
C SER P 409 37.21 -28.56 -34.54
N GLU P 410 36.52 -29.55 -33.96
CA GLU P 410 37.04 -30.33 -32.84
C GLU P 410 38.12 -31.33 -33.26
N ARG P 411 38.09 -31.75 -34.52
CA ARG P 411 39.05 -32.71 -35.05
C ARG P 411 40.36 -32.03 -35.48
#